data_8ZIT
#
_entry.id   8ZIT
#
_cell.length_a   1.00
_cell.length_b   1.00
_cell.length_c   1.00
_cell.angle_alpha   90.00
_cell.angle_beta   90.00
_cell.angle_gamma   90.00
#
_symmetry.space_group_name_H-M   'P 1'
#
loop_
_entity.id
_entity.type
_entity.pdbx_description
1 polymer DUF4297
2 polymer HerA
3 polymer "DNA (5'-D(P*TP*AP*TP*AP*TP*AP*TP*AP*TP*AP*TP*AP*TP*AP*TP*A)-3')"
4 polymer "DNA (5'-D(*TP*AP*TP*AP*TP*AP*TP*AP*TP*AP*TP*AP*TP*AP*TP*AP*T)-3')"
5 non-polymer 'PHOSPHOTHIOPHOSPHORIC ACID-ADENYLATE ESTER'
6 non-polymer 'MAGNESIUM ION'
#
loop_
_entity_poly.entity_id
_entity_poly.type
_entity_poly.pdbx_seq_one_letter_code
_entity_poly.pdbx_strand_id
1 'polypeptide(L)'
;MARTAEYSIKGYLYQFLKYLSEILAAGDGARITIEGAIEDVDVIAAGLTTAVQCKYHEQAEKYTLGKIYKPILLMLEHFS
KNSGTDLHVSYRLFCHFPGESGTKALTKDDLETVLSTKGEVLRAIVARIDTSVDYEAFLDRFAIEFGPSAEDLQVAVLAS
LKDKGFDPDDIDAVIFPNAIQRIVDLATRSDVNDRTVEPKTFLAGLREVRRVTFTRWTRELATKGRMFSSLRKSLRSCLA
HNSRWRVFVINPLTIENFDDDIVRFIKAFVQRYSSKYLHSNPPLFMLTGDYDLSVLQKRLYDAGLRCETGKVGGTDVIIK
ELFRRPILIRNPFRMEFSLRLAKRDEVIGGPQRRPDELFLINVADDEWKHEDVNVHGFKIERLSDLEYILQLRSDYA
;
A,B,C,D,E,F,G,H,I,J,K,L
2 'polypeptide(L)'
;MPDLGTPIGSVTDSSPSLIRIEISSAEDFEKYKSMLGVGQYLLVASGNNLYLLASITGVRATHVERRSLGPSSEVHSEEG
SDGISGNFRFQIDTQPIGTLSEDGEFSRGSHSLPVPTEYAYVTPPAVLEGIFSHQIKSPFALGTLGISPDIKLKIDGDRF
FSKHVAVVGSTGSGKSCAVAKILQTAVGIESKANAHKAAQKNSHIVIFDIHAEYAAAFNLEAGEAFTLNLLGVDNLRLPY
WLMNAQELEQIFIESNEHNSHNQISQFRHAVVRNKCKHNPTLTNLSFDTPVYFSIDEVVTYLENMNNEVIGKLAGEGKPK
LANETLVSDRDELYFDAVQSFIVASQAAATKASNGPFNGEFDRMILRLHTRLADPRLQFLFYPKKEDGEDLATGDFADVV
RQFVGYMTKSNVSIIDLSGIPFEVLSIVVSLISRMIFDFGFHYSKNRHVGGAVSDVPILVVCEEAHNYLPRSGGAAYDAS
RKSIERIAKEGRKYGVTLMVVSQRPSEVSETIFSQCSNFISLRLTNAVDQTYVKSLLPDLSAGLGDLLPNLAQGEFLIVG
DAPLMPTVGHFALPVPEPHSRSVNYLQEWNSGWRHVDFDSVIDRWRGKVLTKSEKGV
;
M,N,O,P,Q,R
3 'polydeoxyribonucleotide' (DT)(DA)(DT)(DA)(DT)(DA)(DT)(DA)(DT)(DA)(DT)(DA)(DT)(DA)(DT)(DA) U
4 'polydeoxyribonucleotide' (DT)(DA)(DT)(DA)(DT)(DA)(DT)(DA)(DT)(DA)(DT)(DA)(DT)(DA)(DT)(DA)(DT) V
#
loop_
_chem_comp.id
_chem_comp.type
_chem_comp.name
_chem_comp.formula
AGS non-polymer 'PHOSPHOTHIOPHOSPHORIC ACID-ADENYLATE ESTER' 'C10 H16 N5 O12 P3 S'
DA DNA linking 2'-DEOXYADENOSINE-5'-MONOPHOSPHATE 'C10 H14 N5 O6 P'
DT DNA linking THYMIDINE-5'-MONOPHOSPHATE 'C10 H15 N2 O8 P'
MG non-polymer 'MAGNESIUM ION' 'Mg 2'
#
# COMPACT_ATOMS: atom_id res chain seq x y z
N ALA A 5 88.20 -7.99 0.46
CA ALA A 5 87.49 -7.04 1.31
C ALA A 5 86.07 -7.52 1.59
N GLU A 6 85.96 -8.76 2.11
CA GLU A 6 84.65 -9.31 2.42
C GLU A 6 83.93 -8.47 3.46
N TYR A 7 84.67 -7.90 4.41
CA TYR A 7 84.21 -6.99 5.45
C TYR A 7 83.46 -7.71 6.56
N SER A 8 83.05 -8.96 6.37
CA SER A 8 82.56 -9.83 7.45
C SER A 8 81.72 -9.06 8.46
N ILE A 9 80.79 -8.25 7.94
CA ILE A 9 80.02 -7.36 8.80
C ILE A 9 79.44 -8.14 9.96
N LYS A 10 79.01 -9.37 9.71
CA LYS A 10 78.49 -10.20 10.79
C LYS A 10 79.52 -10.38 11.89
N GLY A 11 80.81 -10.18 11.59
CA GLY A 11 81.80 -10.32 12.62
C GLY A 11 81.75 -9.16 13.60
N TYR A 12 81.83 -7.94 13.08
CA TYR A 12 81.60 -6.77 13.91
C TYR A 12 80.29 -6.93 14.68
N LEU A 13 79.32 -7.59 14.06
CA LEU A 13 78.02 -7.71 14.69
C LEU A 13 78.09 -8.61 15.92
N TYR A 14 78.67 -9.80 15.73
CA TYR A 14 78.84 -10.71 16.87
C TYR A 14 79.64 -10.03 17.98
N GLN A 15 80.64 -9.25 17.59
CA GLN A 15 81.45 -8.58 18.59
C GLN A 15 80.63 -7.58 19.39
N PHE A 16 79.83 -6.78 18.69
CA PHE A 16 78.99 -5.82 19.39
C PHE A 16 77.96 -6.54 20.24
N LEU A 17 77.56 -7.73 19.81
CA LEU A 17 76.59 -8.48 20.60
C LEU A 17 77.22 -8.96 21.90
N LYS A 18 78.47 -9.41 21.81
CA LYS A 18 79.19 -9.79 23.02
C LYS A 18 79.31 -8.60 23.95
N TYR A 19 79.69 -7.46 23.39
CA TYR A 19 79.81 -6.26 24.20
C TYR A 19 78.48 -5.91 24.84
N LEU A 20 77.38 -6.14 24.13
CA LEU A 20 76.07 -5.82 24.68
C LEU A 20 75.74 -6.75 25.84
N SER A 21 76.06 -8.03 25.69
CA SER A 21 75.85 -8.97 26.78
C SER A 21 76.64 -8.52 27.99
N GLU A 22 77.88 -8.07 27.76
CA GLU A 22 78.71 -7.63 28.86
C GLU A 22 78.11 -6.39 29.51
N ILE A 23 77.62 -5.47 28.70
CA ILE A 23 77.06 -4.22 29.24
C ILE A 23 75.82 -4.52 30.06
N LEU A 24 75.06 -5.53 29.66
CA LEU A 24 73.89 -5.92 30.43
C LEU A 24 74.30 -6.57 31.75
N ALA A 25 75.31 -7.44 31.70
CA ALA A 25 75.76 -8.11 32.91
C ALA A 25 76.82 -7.32 33.67
N ALA A 26 77.36 -6.26 33.07
CA ALA A 26 78.39 -5.47 33.74
C ALA A 26 77.87 -4.94 35.07
N GLY A 27 78.74 -4.96 36.08
CA GLY A 27 78.39 -4.43 37.37
C GLY A 27 78.55 -2.92 37.44
N ASP A 28 77.95 -2.33 38.47
CA ASP A 28 78.00 -0.89 38.65
C ASP A 28 79.46 -0.42 38.72
N GLY A 29 79.75 0.67 38.01
CA GLY A 29 81.09 1.21 37.95
C GLY A 29 82.01 0.52 36.98
N ALA A 30 81.57 -0.55 36.34
CA ALA A 30 82.40 -1.32 35.42
C ALA A 30 82.03 -0.97 33.99
N ARG A 31 82.96 -0.34 33.27
CA ARG A 31 82.73 0.13 31.91
C ARG A 31 83.65 -0.64 30.97
N ILE A 32 83.07 -1.46 30.11
CA ILE A 32 83.84 -2.22 29.16
C ILE A 32 84.14 -1.34 27.95
N THR A 33 85.35 -1.48 27.43
CA THR A 33 85.84 -0.64 26.35
C THR A 33 85.87 -1.42 25.05
N ILE A 34 86.02 -0.67 23.95
CA ILE A 34 85.85 -1.22 22.61
C ILE A 34 86.94 -0.65 21.70
N GLU A 35 87.08 -1.26 20.53
CA GLU A 35 88.05 -0.84 19.53
C GLU A 35 87.46 -1.07 18.15
N GLY A 36 87.33 0.00 17.37
CA GLY A 36 86.90 -0.13 15.99
C GLY A 36 88.08 -0.38 15.09
N ALA A 37 88.04 -1.49 14.35
CA ALA A 37 89.19 -1.95 13.59
C ALA A 37 89.45 -1.01 12.42
N ILE A 38 90.51 -1.29 11.66
CA ILE A 38 90.89 -0.42 10.55
C ILE A 38 89.73 -0.19 9.59
N GLU A 39 88.72 -1.05 9.62
CA GLU A 39 87.51 -0.80 8.85
C GLU A 39 86.99 0.60 9.11
N ASP A 40 87.07 1.05 10.37
CA ASP A 40 86.82 2.45 10.68
C ASP A 40 88.09 3.26 10.42
N VAL A 41 87.95 4.36 9.69
CA VAL A 41 89.07 5.23 9.35
C VAL A 41 89.15 6.30 10.42
N ASP A 42 90.19 6.24 11.25
CA ASP A 42 90.39 7.20 12.33
C ASP A 42 91.86 7.60 12.36
N VAL A 43 92.14 8.85 11.99
CA VAL A 43 93.51 9.36 12.12
C VAL A 43 93.91 9.45 13.58
N ILE A 44 92.93 9.65 14.47
CA ILE A 44 93.24 9.75 15.90
C ILE A 44 93.81 8.43 16.40
N ALA A 45 93.20 7.31 16.00
CA ALA A 45 93.64 5.99 16.44
C ALA A 45 93.65 5.90 17.96
N ALA A 46 92.60 6.42 18.59
CA ALA A 46 92.52 6.44 20.04
C ALA A 46 92.59 5.02 20.60
N GLY A 47 92.74 4.93 21.91
CA GLY A 47 92.89 3.64 22.55
C GLY A 47 94.27 3.04 22.41
N LEU A 48 95.30 3.87 22.25
CA LEU A 48 96.68 3.41 22.11
C LEU A 48 96.84 2.52 20.88
N THR A 49 96.11 2.83 19.81
CA THR A 49 96.19 2.07 18.57
C THR A 49 95.90 0.59 18.83
N THR A 50 94.80 0.34 19.54
CA THR A 50 94.38 -1.00 19.91
C THR A 50 93.14 -1.45 19.14
N ALA A 51 92.95 -0.93 17.92
CA ALA A 51 91.85 -1.39 17.07
C ALA A 51 91.93 -2.89 16.90
N VAL A 52 90.77 -3.53 16.76
CA VAL A 52 90.68 -4.98 16.70
C VAL A 52 89.83 -5.37 15.50
N GLN A 53 90.43 -6.11 14.57
CA GLN A 53 89.71 -6.71 13.46
C GLN A 53 89.15 -8.06 13.88
N CYS A 54 88.28 -8.62 13.04
CA CYS A 54 87.63 -9.87 13.38
C CYS A 54 87.07 -10.53 12.12
N LYS A 55 86.56 -11.74 12.29
CA LYS A 55 86.00 -12.52 11.20
C LYS A 55 85.19 -13.66 11.80
N TYR A 56 84.33 -14.24 10.97
CA TYR A 56 83.38 -15.25 11.40
C TYR A 56 83.36 -16.40 10.41
N HIS A 57 83.29 -17.62 10.92
CA HIS A 57 83.22 -18.80 10.08
C HIS A 57 82.46 -19.88 10.83
N GLU A 58 81.82 -20.77 10.08
CA GLU A 58 81.01 -21.84 10.67
C GLU A 58 80.91 -22.99 9.67
N GLN A 59 80.12 -23.99 10.03
CA GLN A 59 79.88 -25.17 9.19
C GLN A 59 81.11 -26.05 9.15
N ALA A 60 81.94 -25.98 10.20
CA ALA A 60 83.09 -26.86 10.36
C ALA A 60 82.85 -27.75 11.57
N GLU A 61 82.84 -29.07 11.33
CA GLU A 61 82.48 -30.00 12.38
C GLU A 61 83.59 -30.11 13.43
N LYS A 62 84.78 -30.55 13.02
CA LYS A 62 85.91 -30.70 13.92
C LYS A 62 87.03 -29.80 13.45
N TYR A 63 87.82 -29.33 14.41
CA TYR A 63 88.86 -28.35 14.11
C TYR A 63 89.91 -28.95 13.19
N THR A 64 90.05 -28.37 12.00
CA THR A 64 91.13 -28.71 11.09
C THR A 64 91.63 -27.43 10.45
N LEU A 65 92.95 -27.34 10.27
CA LEU A 65 93.51 -26.22 9.53
C LEU A 65 92.87 -26.10 8.17
N GLY A 66 92.40 -27.23 7.61
CA GLY A 66 91.74 -27.20 6.32
C GLY A 66 90.44 -26.41 6.35
N LYS A 67 89.67 -26.54 7.43
CA LYS A 67 88.43 -25.80 7.54
C LYS A 67 88.66 -24.32 7.82
N ILE A 68 89.85 -23.96 8.28
CA ILE A 68 90.15 -22.58 8.64
C ILE A 68 91.28 -22.06 7.75
N TYR A 69 91.40 -22.58 6.54
CA TYR A 69 92.40 -22.09 5.60
C TYR A 69 92.30 -20.61 5.33
N LYS A 70 91.20 -20.19 4.71
CA LYS A 70 91.14 -18.83 4.17
C LYS A 70 91.34 -17.76 5.24
N PRO A 71 90.69 -17.81 6.39
CA PRO A 71 90.75 -16.67 7.31
C PRO A 71 92.16 -16.39 7.81
N ILE A 72 92.91 -17.44 8.13
CA ILE A 72 94.27 -17.25 8.63
C ILE A 72 95.11 -16.57 7.56
N LEU A 73 95.06 -17.14 6.36
CA LEU A 73 95.82 -16.60 5.24
C LEU A 73 95.43 -15.15 4.99
N LEU A 74 94.17 -14.81 5.24
CA LEU A 74 93.71 -13.44 5.03
C LEU A 74 94.31 -12.51 6.08
N MET A 75 94.17 -12.86 7.35
CA MET A 75 94.73 -12.03 8.40
C MET A 75 96.22 -11.81 8.19
N LEU A 76 96.87 -12.80 7.58
CA LEU A 76 98.31 -12.71 7.40
C LEU A 76 98.68 -11.48 6.58
N GLU A 77 97.94 -11.19 5.51
CA GLU A 77 98.28 -10.04 4.68
C GLU A 77 98.03 -8.75 5.44
N HIS A 78 96.89 -8.66 6.12
CA HIS A 78 96.56 -7.45 6.86
C HIS A 78 97.66 -7.12 7.86
N PHE A 79 98.20 -8.12 8.52
CA PHE A 79 99.34 -7.86 9.40
C PHE A 79 100.59 -7.56 8.59
N SER A 80 100.75 -8.20 7.44
CA SER A 80 101.88 -7.91 6.58
C SER A 80 101.99 -6.43 6.30
N LYS A 81 100.84 -5.77 6.12
CA LYS A 81 100.86 -4.32 5.96
C LYS A 81 101.55 -3.66 7.14
N ASN A 82 101.20 -4.08 8.35
CA ASN A 82 101.80 -3.58 9.58
C ASN A 82 101.19 -4.29 10.78
N HIS A 88 98.36 -1.25 16.98
CA HIS A 88 98.31 -2.62 17.48
C HIS A 88 96.98 -3.28 17.11
N VAL A 89 97.02 -4.14 16.09
CA VAL A 89 95.82 -4.78 15.57
C VAL A 89 95.75 -6.18 16.18
N SER A 90 95.07 -6.30 17.31
CA SER A 90 94.92 -7.58 18.01
C SER A 90 93.83 -8.37 17.32
N TYR A 91 94.18 -9.01 16.21
CA TYR A 91 93.26 -9.89 15.51
C TYR A 91 92.58 -10.84 16.50
N ARG A 92 91.26 -10.94 16.37
CA ARG A 92 90.48 -11.89 17.15
C ARG A 92 89.49 -12.57 16.22
N LEU A 93 89.38 -13.89 16.34
CA LEU A 93 88.49 -14.68 15.49
C LEU A 93 87.42 -15.35 16.36
N PHE A 94 86.19 -15.28 15.89
CA PHE A 94 85.04 -15.89 16.56
C PHE A 94 84.56 -17.06 15.70
N CYS A 95 84.47 -18.24 16.30
CA CYS A 95 84.03 -19.42 15.58
C CYS A 95 83.35 -20.38 16.55
N HIS A 96 82.56 -21.28 15.99
CA HIS A 96 81.81 -22.26 16.78
C HIS A 96 82.05 -23.64 16.20
N PHE A 97 82.68 -24.51 16.99
CA PHE A 97 82.86 -25.91 16.65
C PHE A 97 82.13 -26.76 17.68
N PRO A 98 81.26 -27.69 17.27
CA PRO A 98 80.52 -28.47 18.26
C PRO A 98 81.45 -29.33 19.11
N GLY A 99 81.39 -29.14 20.42
CA GLY A 99 82.16 -29.92 21.35
C GLY A 99 83.50 -29.33 21.74
N GLU A 100 83.87 -28.16 21.22
CA GLU A 100 85.12 -27.50 21.57
C GLU A 100 84.81 -26.07 22.00
N SER A 101 85.13 -25.74 23.25
CA SER A 101 84.94 -24.41 23.81
C SER A 101 86.17 -23.96 24.57
N GLY A 102 87.34 -24.17 23.96
CA GLY A 102 88.60 -23.83 24.58
C GLY A 102 89.38 -22.85 23.72
N THR A 103 90.21 -22.06 24.39
CA THR A 103 91.02 -21.04 23.74
C THR A 103 92.50 -21.40 23.92
N LYS A 104 93.25 -21.36 22.82
CA LYS A 104 94.67 -21.69 22.86
C LYS A 104 95.40 -20.89 21.79
N ALA A 105 96.73 -20.82 21.95
CA ALA A 105 97.59 -20.11 21.02
C ALA A 105 98.34 -21.12 20.16
N LEU A 106 98.32 -20.89 18.85
CA LEU A 106 99.01 -21.78 17.93
C LEU A 106 100.52 -21.62 18.06
N THR A 107 101.24 -22.67 17.68
CA THR A 107 102.69 -22.72 17.77
C THR A 107 103.30 -22.59 16.37
N LYS A 108 104.63 -22.72 16.31
CA LYS A 108 105.35 -22.43 15.08
C LYS A 108 105.11 -23.49 14.02
N ASP A 109 105.20 -24.77 14.38
CA ASP A 109 105.06 -25.81 13.37
C ASP A 109 103.70 -25.71 12.68
N ASP A 110 102.66 -25.32 13.41
CA ASP A 110 101.37 -25.07 12.79
C ASP A 110 101.45 -23.89 11.83
N LEU A 111 102.22 -22.86 12.19
CA LEU A 111 102.41 -21.75 11.28
C LEU A 111 103.06 -22.21 9.98
N GLU A 112 104.05 -23.09 10.08
CA GLU A 112 104.70 -23.62 8.88
C GLU A 112 103.73 -24.48 8.09
N THR A 113 102.94 -25.29 8.79
CA THR A 113 101.85 -26.02 8.16
C THR A 113 100.99 -25.09 7.34
N VAL A 114 100.67 -23.92 7.89
CA VAL A 114 99.94 -22.92 7.14
C VAL A 114 100.75 -22.51 5.91
N LEU A 115 102.03 -22.20 6.12
CA LEU A 115 102.87 -21.74 5.02
C LEU A 115 102.90 -22.74 3.88
N SER A 116 102.68 -24.02 4.19
CA SER A 116 102.59 -25.03 3.13
C SER A 116 101.29 -24.81 2.38
N THR A 117 101.38 -24.20 1.21
CA THR A 117 100.22 -23.74 0.46
C THR A 117 99.91 -24.74 -0.64
N LYS A 118 98.76 -25.41 -0.52
CA LYS A 118 98.33 -26.35 -1.54
C LYS A 118 97.60 -25.64 -2.67
N GLY A 119 96.97 -24.50 -2.40
CA GLY A 119 96.31 -23.71 -3.41
C GLY A 119 97.22 -22.61 -3.91
N GLU A 120 97.47 -22.61 -5.22
CA GLU A 120 98.44 -21.69 -5.78
C GLU A 120 97.92 -20.25 -5.77
N VAL A 121 96.60 -20.06 -5.82
CA VAL A 121 96.06 -18.72 -5.72
C VAL A 121 96.34 -18.14 -4.34
N LEU A 122 96.28 -18.98 -3.31
CA LEU A 122 96.66 -18.51 -1.98
C LEU A 122 98.10 -18.04 -1.98
N ARG A 123 98.97 -18.76 -2.68
CA ARG A 123 100.37 -18.36 -2.74
C ARG A 123 100.53 -17.07 -3.51
N ALA A 124 99.71 -16.86 -4.55
CA ALA A 124 99.73 -15.60 -5.27
C ALA A 124 99.35 -14.45 -4.35
N ILE A 125 98.36 -14.66 -3.48
CA ILE A 125 97.96 -13.61 -2.56
C ILE A 125 99.04 -13.40 -1.50
N VAL A 126 99.68 -14.48 -1.08
CA VAL A 126 100.68 -14.38 -0.02
C VAL A 126 101.94 -13.72 -0.52
N ALA A 127 102.27 -13.92 -1.79
CA ALA A 127 103.47 -13.29 -2.35
C ALA A 127 103.47 -11.80 -2.13
N ARG A 128 102.29 -11.20 -2.02
CA ARG A 128 102.20 -9.79 -1.66
C ARG A 128 102.72 -9.56 -0.24
N ILE A 129 102.68 -10.60 0.59
CA ILE A 129 103.14 -10.48 1.97
C ILE A 129 104.65 -10.30 1.99
N ASP A 130 105.11 -9.32 2.75
CA ASP A 130 106.55 -9.15 2.95
C ASP A 130 107.08 -10.25 3.85
N THR A 131 108.13 -10.94 3.40
CA THR A 131 108.66 -12.06 4.17
C THR A 131 109.15 -11.61 5.53
N SER A 132 109.77 -10.44 5.59
CA SER A 132 110.35 -9.95 6.84
C SER A 132 109.24 -9.52 7.79
N VAL A 133 108.84 -10.42 8.67
CA VAL A 133 107.78 -10.13 9.64
C VAL A 133 108.01 -10.99 10.87
N ASP A 134 107.81 -10.40 12.04
CA ASP A 134 107.96 -11.11 13.31
C ASP A 134 106.76 -12.02 13.49
N TYR A 135 106.79 -13.15 12.78
CA TYR A 135 105.68 -14.09 12.83
C TYR A 135 105.35 -14.46 14.26
N GLU A 136 106.35 -14.50 15.14
CA GLU A 136 106.09 -14.83 16.54
C GLU A 136 105.23 -13.77 17.21
N ALA A 137 105.47 -12.50 16.88
CA ALA A 137 104.62 -11.43 17.41
C ALA A 137 103.20 -11.59 16.92
N PHE A 138 103.02 -11.97 15.66
CA PHE A 138 101.69 -12.30 15.15
C PHE A 138 101.06 -13.38 16.00
N LEU A 139 101.78 -14.47 16.23
CA LEU A 139 101.22 -15.61 16.94
C LEU A 139 100.81 -15.22 18.35
N ASP A 140 101.68 -14.52 19.07
CA ASP A 140 101.36 -14.17 20.45
C ASP A 140 100.36 -13.03 20.52
N ARG A 141 100.16 -12.31 19.42
CA ARG A 141 99.16 -11.25 19.38
C ARG A 141 97.80 -11.79 18.96
N PHE A 142 97.76 -12.71 18.01
CA PHE A 142 96.51 -13.32 17.60
C PHE A 142 95.99 -14.27 18.68
N ALA A 143 94.68 -14.47 18.69
CA ALA A 143 94.03 -15.43 19.56
C ALA A 143 92.90 -16.11 18.79
N ILE A 144 92.69 -17.39 19.10
CA ILE A 144 91.62 -18.18 18.49
C ILE A 144 90.54 -18.39 19.53
N GLU A 145 89.28 -18.25 19.12
CA GLU A 145 88.15 -18.34 20.04
C GLU A 145 87.08 -19.22 19.43
N PHE A 146 86.66 -20.23 20.19
CA PHE A 146 85.56 -21.11 19.82
C PHE A 146 84.35 -20.68 20.66
N GLY A 147 83.43 -19.95 20.03
CA GLY A 147 82.32 -19.36 20.74
C GLY A 147 80.98 -19.88 20.28
N PRO A 148 79.92 -19.51 20.98
CA PRO A 148 78.57 -20.00 20.64
C PRO A 148 78.11 -19.45 19.31
N SER A 149 76.91 -19.87 18.91
CA SER A 149 76.33 -19.47 17.64
C SER A 149 75.76 -18.06 17.73
N ALA A 150 75.72 -17.39 16.57
CA ALA A 150 75.29 -16.00 16.53
C ALA A 150 73.80 -15.88 16.80
N GLU A 151 73.00 -16.71 16.13
CA GLU A 151 71.56 -16.58 16.27
C GLU A 151 71.11 -16.90 17.68
N ASP A 152 71.64 -17.96 18.26
CA ASP A 152 71.27 -18.28 19.62
C ASP A 152 71.76 -17.21 20.57
N LEU A 153 72.89 -16.58 20.24
CA LEU A 153 73.36 -15.47 21.04
C LEU A 153 72.36 -14.34 21.01
N GLN A 154 71.81 -14.05 19.83
CA GLN A 154 70.82 -13.00 19.72
C GLN A 154 69.58 -13.35 20.52
N VAL A 155 69.22 -14.63 20.54
CA VAL A 155 68.03 -15.04 21.27
C VAL A 155 68.23 -14.83 22.76
N ALA A 156 69.37 -15.29 23.28
CA ALA A 156 69.68 -15.08 24.68
C ALA A 156 69.73 -13.59 24.99
N VAL A 157 70.20 -12.80 24.03
CA VAL A 157 70.33 -11.37 24.27
C VAL A 157 68.96 -10.74 24.33
N LEU A 158 68.05 -11.20 23.49
CA LEU A 158 66.68 -10.69 23.54
C LEU A 158 66.05 -11.04 24.88
N ALA A 159 66.25 -12.27 25.32
CA ALA A 159 65.71 -12.68 26.61
C ALA A 159 66.26 -11.81 27.73
N SER A 160 67.56 -11.50 27.66
CA SER A 160 68.17 -10.70 28.72
C SER A 160 67.67 -9.27 28.68
N LEU A 161 67.60 -8.68 27.49
CA LEU A 161 67.03 -7.35 27.36
C LEU A 161 65.63 -7.30 27.93
N LYS A 162 64.89 -8.40 27.82
CA LYS A 162 63.58 -8.44 28.45
C LYS A 162 63.71 -8.52 29.95
N ASP A 163 64.64 -9.32 30.44
CA ASP A 163 64.81 -9.52 31.88
C ASP A 163 64.82 -8.19 32.63
N LYS A 164 65.42 -7.17 32.04
CA LYS A 164 65.40 -5.86 32.67
C LYS A 164 63.97 -5.42 32.94
N GLY A 165 63.07 -5.67 31.99
CA GLY A 165 61.69 -5.30 32.16
C GLY A 165 61.28 -4.14 31.29
N PHE A 166 60.43 -4.40 30.30
CA PHE A 166 59.92 -3.37 29.42
C PHE A 166 58.58 -3.85 28.84
N ASP A 167 57.93 -2.95 28.12
CA ASP A 167 56.73 -3.32 27.39
C ASP A 167 57.08 -4.42 26.41
N PRO A 168 56.59 -5.65 26.59
CA PRO A 168 57.10 -6.75 25.77
C PRO A 168 56.90 -6.54 24.28
N ASP A 169 55.96 -5.69 23.88
CA ASP A 169 55.70 -5.50 22.45
C ASP A 169 56.72 -4.55 21.83
N ASP A 170 57.29 -3.64 22.62
CA ASP A 170 58.16 -2.61 22.06
C ASP A 170 59.57 -3.14 21.84
N ILE A 171 60.06 -3.98 22.74
CA ILE A 171 61.45 -4.42 22.70
C ILE A 171 61.80 -5.00 21.35
N ASP A 172 60.81 -5.48 20.61
CA ASP A 172 61.08 -6.20 19.37
C ASP A 172 61.68 -5.29 18.31
N ALA A 173 61.16 -4.07 18.19
CA ALA A 173 61.42 -3.24 17.01
C ALA A 173 61.90 -1.83 17.28
N VAL A 174 62.01 -1.41 18.55
CA VAL A 174 62.37 -0.04 18.84
C VAL A 174 63.42 0.07 19.92
N ILE A 175 63.96 -1.05 20.41
CA ILE A 175 64.88 -1.02 21.53
C ILE A 175 66.20 -1.68 21.18
N PHE A 176 66.14 -2.96 20.85
CA PHE A 176 67.36 -3.72 20.61
C PHE A 176 68.19 -3.10 19.49
N PRO A 177 67.61 -2.75 18.34
CA PRO A 177 68.40 -2.14 17.29
C PRO A 177 68.90 -0.78 17.70
N ASN A 178 68.13 -0.07 18.50
CA ASN A 178 68.56 1.25 18.94
C ASN A 178 69.80 1.16 19.81
N ALA A 179 69.84 0.16 20.67
CA ALA A 179 71.00 -0.03 21.53
C ALA A 179 72.20 -0.45 20.72
N ILE A 180 72.00 -1.41 19.82
CA ILE A 180 73.09 -1.83 18.96
C ILE A 180 73.64 -0.63 18.20
N GLN A 181 72.76 0.27 17.78
CA GLN A 181 73.20 1.41 16.99
C GLN A 181 73.98 2.39 17.84
N ARG A 182 73.56 2.58 19.08
CA ARG A 182 74.31 3.47 19.94
C ARG A 182 75.71 2.91 20.20
N ILE A 183 75.80 1.60 20.37
CA ILE A 183 77.10 0.99 20.59
C ILE A 183 77.95 1.10 19.33
N VAL A 184 77.33 0.98 18.16
CA VAL A 184 78.09 1.04 16.92
C VAL A 184 78.61 2.45 16.71
N ASP A 185 77.76 3.45 16.93
CA ASP A 185 78.22 4.82 16.87
C ASP A 185 79.40 5.01 17.79
N LEU A 186 79.31 4.46 19.00
CA LEU A 186 80.44 4.51 19.92
C LEU A 186 81.68 3.88 19.32
N ALA A 187 81.49 2.83 18.52
CA ALA A 187 82.63 2.08 18.02
C ALA A 187 83.34 2.84 16.90
N THR A 188 82.57 3.42 15.98
CA THR A 188 83.11 4.10 14.81
C THR A 188 82.59 5.53 14.80
N ARG A 189 83.34 6.44 15.40
CA ARG A 189 83.04 7.86 15.36
C ARG A 189 84.35 8.63 15.43
N SER A 190 84.63 9.41 14.38
CA SER A 190 85.84 10.23 14.38
C SER A 190 85.82 11.22 15.54
N ASP A 191 84.64 11.66 15.95
CA ASP A 191 84.54 12.60 17.06
C ASP A 191 85.10 11.99 18.33
N VAL A 192 85.66 12.85 19.19
CA VAL A 192 86.25 12.40 20.44
C VAL A 192 85.24 11.54 21.19
N ASN A 193 85.70 10.42 21.72
CA ASN A 193 84.79 9.49 22.37
C ASN A 193 85.56 8.62 23.35
N ASP A 194 84.83 8.10 24.32
CA ASP A 194 85.38 7.22 25.35
C ASP A 194 84.56 5.95 25.38
N ARG A 195 85.20 4.83 25.05
CA ARG A 195 84.51 3.55 25.04
C ARG A 195 83.95 3.20 26.42
N THR A 196 84.56 3.73 27.48
CA THR A 196 84.04 3.53 28.82
C THR A 196 82.72 4.27 28.97
N VAL A 197 81.64 3.52 29.14
CA VAL A 197 80.30 4.08 29.30
C VAL A 197 79.64 3.39 30.49
N GLU A 198 79.13 4.18 31.41
CA GLU A 198 78.51 3.62 32.60
C GLU A 198 77.31 2.76 32.20
N PRO A 199 77.28 1.48 32.59
CA PRO A 199 76.14 0.65 32.20
C PRO A 199 74.82 1.09 32.81
N LYS A 200 74.85 1.84 33.92
CA LYS A 200 73.61 2.23 34.56
C LYS A 200 72.90 3.33 33.79
N THR A 201 73.64 4.25 33.19
CA THR A 201 73.02 5.28 32.37
C THR A 201 72.34 4.67 31.15
N PHE A 202 73.09 3.86 30.40
CA PHE A 202 72.58 3.22 29.19
C PHE A 202 71.11 2.85 29.30
N LEU A 203 70.75 2.20 30.41
CA LEU A 203 69.39 1.74 30.59
C LEU A 203 68.40 2.88 30.46
N ALA A 204 68.49 3.88 31.35
CA ALA A 204 67.51 4.96 31.32
C ALA A 204 67.63 5.78 30.03
N GLY A 205 68.86 6.02 29.60
CA GLY A 205 69.07 6.73 28.34
C GLY A 205 68.27 6.12 27.21
N LEU A 206 68.16 4.80 27.19
CA LEU A 206 67.29 4.15 26.21
C LEU A 206 65.82 4.23 26.63
N ARG A 207 65.55 4.12 27.92
CA ARG A 207 64.19 4.23 28.41
C ARG A 207 63.53 5.52 27.91
N GLU A 208 64.33 6.52 27.58
CA GLU A 208 63.77 7.81 27.18
C GLU A 208 63.39 7.82 25.70
N VAL A 209 64.35 7.58 24.81
CA VAL A 209 64.15 7.86 23.40
C VAL A 209 63.07 6.94 22.82
N ARG A 210 62.38 7.45 21.79
CA ARG A 210 61.29 6.73 21.15
C ARG A 210 61.35 6.89 19.62
N ARG A 211 62.55 6.74 19.06
CA ARG A 211 62.75 6.86 17.62
C ARG A 211 63.38 5.60 17.06
N VAL A 212 62.94 5.19 15.89
CA VAL A 212 63.42 3.96 15.25
C VAL A 212 64.63 4.27 14.39
N THR A 213 65.39 3.22 14.04
CA THR A 213 66.59 3.36 13.22
C THR A 213 66.61 2.29 12.15
N PHE A 214 67.20 2.63 11.01
CA PHE A 214 67.21 1.74 9.84
C PHE A 214 68.59 1.73 9.17
N THR A 215 69.64 1.61 9.96
CA THR A 215 70.99 1.72 9.40
C THR A 215 71.38 0.43 8.68
N ARG A 216 72.58 0.44 8.12
CA ARG A 216 73.08 -0.75 7.43
C ARG A 216 73.28 -1.91 8.39
N TRP A 217 73.83 -1.63 9.57
CA TRP A 217 74.02 -2.67 10.55
C TRP A 217 72.70 -3.33 10.92
N THR A 218 71.71 -2.53 11.32
CA THR A 218 70.43 -3.10 11.71
C THR A 218 69.83 -3.95 10.61
N ARG A 219 70.25 -3.74 9.37
CA ARG A 219 69.70 -4.50 8.26
C ARG A 219 69.93 -6.00 8.45
N GLU A 220 71.09 -6.37 8.98
CA GLU A 220 71.45 -7.78 9.08
C GLU A 220 70.99 -8.44 10.37
N LEU A 221 70.61 -7.67 11.37
CA LEU A 221 70.09 -8.26 12.59
C LEU A 221 68.90 -9.16 12.28
N ALA A 222 68.71 -10.19 13.11
CA ALA A 222 67.63 -11.13 12.88
C ALA A 222 66.27 -10.51 13.14
N THR A 223 66.22 -9.39 13.83
CA THR A 223 64.94 -8.77 14.15
C THR A 223 64.29 -8.15 12.92
N LYS A 224 65.05 -7.93 11.85
CA LYS A 224 64.43 -7.48 10.61
C LYS A 224 63.31 -8.44 10.21
N GLY A 225 62.25 -7.89 9.64
CA GLY A 225 61.07 -8.67 9.35
C GLY A 225 59.94 -8.23 10.25
N ARG A 226 60.28 -7.87 11.49
CA ARG A 226 59.33 -7.24 12.39
C ARG A 226 59.56 -5.74 12.49
N MET A 227 60.83 -5.31 12.41
CA MET A 227 61.16 -3.89 12.39
C MET A 227 60.31 -3.15 11.38
N PHE A 228 60.01 -3.79 10.26
CA PHE A 228 59.21 -3.15 9.24
C PHE A 228 57.72 -3.22 9.56
N SER A 229 57.25 -4.41 9.92
CA SER A 229 55.81 -4.64 9.95
C SER A 229 55.16 -3.92 11.12
N SER A 230 55.84 -3.89 12.27
CA SER A 230 55.26 -3.16 13.39
C SER A 230 55.02 -1.71 13.02
N LEU A 231 55.98 -1.10 12.33
CA LEU A 231 55.82 0.28 11.90
C LEU A 231 54.69 0.39 10.88
N ARG A 232 54.65 -0.52 9.92
CA ARG A 232 53.61 -0.47 8.91
C ARG A 232 52.23 -0.47 9.55
N LYS A 233 52.06 -1.25 10.61
CA LYS A 233 50.78 -1.28 11.29
C LYS A 233 50.60 -0.05 12.17
N SER A 234 51.69 0.58 12.57
CA SER A 234 51.57 1.74 13.45
C SER A 234 51.09 2.96 12.70
N LEU A 235 51.43 3.08 11.43
CA LEU A 235 51.15 4.26 10.64
C LEU A 235 49.95 4.12 9.75
N ARG A 236 49.26 2.99 9.78
CA ARG A 236 48.16 2.75 8.87
C ARG A 236 47.00 3.69 9.14
N SER A 237 46.63 3.83 10.40
CA SER A 237 45.38 4.52 10.73
C SER A 237 45.47 6.00 10.44
N CYS A 238 46.67 6.55 10.35
CA CYS A 238 46.80 7.97 10.08
C CYS A 238 46.60 8.26 8.60
N LEU A 239 47.40 7.62 7.75
CA LEU A 239 47.33 7.87 6.33
C LEU A 239 45.99 7.47 5.73
N ALA A 240 45.30 6.53 6.36
CA ALA A 240 44.03 6.05 5.79
C ALA A 240 43.07 7.20 5.54
N HIS A 241 43.25 8.31 6.24
CA HIS A 241 42.34 9.42 6.10
C HIS A 241 42.58 10.14 4.78
N ASN A 242 41.69 11.08 4.50
CA ASN A 242 41.68 11.80 3.23
C ASN A 242 42.21 13.22 3.37
N SER A 243 41.71 13.96 4.35
CA SER A 243 42.07 15.36 4.55
C SER A 243 42.78 15.50 5.88
N ARG A 244 44.09 15.73 5.83
CA ARG A 244 44.88 15.93 7.02
C ARG A 244 46.08 16.79 6.68
N TRP A 245 46.66 17.38 7.73
CA TRP A 245 47.80 18.25 7.61
C TRP A 245 49.05 17.47 7.98
N ARG A 246 49.95 17.32 7.03
CA ARG A 246 51.17 16.56 7.19
C ARG A 246 52.37 17.45 6.92
N VAL A 247 53.44 17.21 7.68
CA VAL A 247 54.65 18.00 7.58
C VAL A 247 55.85 17.08 7.63
N PHE A 248 56.89 17.46 6.90
CA PHE A 248 58.11 16.69 6.76
C PHE A 248 59.32 17.59 6.99
N VAL A 249 60.39 17.00 7.50
CA VAL A 249 61.65 17.70 7.72
C VAL A 249 62.78 16.71 7.50
N ILE A 250 63.73 17.08 6.65
CA ILE A 250 64.81 16.18 6.28
C ILE A 250 66.15 16.90 6.39
N ASN A 251 67.18 16.11 6.67
CA ASN A 251 68.57 16.54 6.61
C ASN A 251 69.24 15.82 5.47
N PRO A 252 69.71 16.52 4.43
CA PRO A 252 70.28 15.84 3.27
C PRO A 252 71.77 15.56 3.36
N LEU A 253 72.39 15.72 4.53
CA LEU A 253 73.82 15.52 4.63
C LEU A 253 74.20 14.08 4.35
N THR A 254 73.73 13.15 5.18
CA THR A 254 74.20 11.78 5.17
C THR A 254 73.39 10.89 4.24
N ILE A 255 72.22 11.33 3.79
CA ILE A 255 71.37 10.46 3.00
C ILE A 255 72.14 10.03 1.76
N GLU A 256 71.92 8.79 1.35
CA GLU A 256 72.65 8.21 0.23
C GLU A 256 71.88 8.45 -1.06
N ASN A 257 72.53 9.11 -2.01
CA ASN A 257 71.99 9.32 -3.33
C ASN A 257 70.70 10.14 -3.27
N PHE A 258 70.81 11.32 -2.66
CA PHE A 258 69.65 12.18 -2.46
C PHE A 258 69.15 12.75 -3.78
N ASP A 259 69.98 13.56 -4.43
CA ASP A 259 69.54 14.35 -5.57
C ASP A 259 69.03 13.49 -6.72
N ASP A 260 69.20 12.17 -6.64
CA ASP A 260 68.77 11.30 -7.71
C ASP A 260 67.42 10.65 -7.44
N ASP A 261 67.02 10.50 -6.17
CA ASP A 261 65.80 9.79 -5.83
C ASP A 261 64.79 10.62 -5.05
N ILE A 262 65.16 11.82 -4.59
CA ILE A 262 64.19 12.66 -3.89
C ILE A 262 63.00 12.94 -4.78
N VAL A 263 63.24 13.12 -6.07
CA VAL A 263 62.16 13.40 -7.01
C VAL A 263 61.22 12.22 -7.09
N ARG A 264 61.78 11.02 -7.21
CA ARG A 264 60.96 9.84 -7.27
C ARG A 264 60.10 9.72 -6.03
N PHE A 265 60.68 10.05 -4.88
CA PHE A 265 59.91 10.02 -3.64
C PHE A 265 58.72 10.96 -3.72
N ILE A 266 58.98 12.23 -4.00
CA ILE A 266 57.92 13.22 -3.99
C ILE A 266 56.83 12.83 -4.97
N LYS A 267 57.21 12.29 -6.12
CA LYS A 267 56.21 11.96 -7.13
C LYS A 267 55.38 10.76 -6.71
N ALA A 268 56.03 9.72 -6.21
CA ALA A 268 55.30 8.54 -5.78
C ALA A 268 54.40 8.85 -4.61
N PHE A 269 54.73 9.89 -3.85
CA PHE A 269 53.85 10.32 -2.77
C PHE A 269 52.65 11.07 -3.31
N VAL A 270 52.91 12.17 -4.03
CA VAL A 270 51.83 13.00 -4.53
C VAL A 270 50.91 12.25 -5.47
N GLN A 271 51.31 11.07 -5.94
CA GLN A 271 50.45 10.34 -6.87
C GLN A 271 49.38 9.54 -6.14
N ARG A 272 49.59 9.21 -4.88
CA ARG A 272 48.66 8.36 -4.15
C ARG A 272 47.97 9.07 -3.01
N TYR A 273 48.48 10.23 -2.57
CA TYR A 273 47.97 10.91 -1.40
C TYR A 273 47.46 12.32 -1.67
N SER A 274 47.89 12.97 -2.74
CA SER A 274 47.50 14.35 -2.97
C SER A 274 47.19 14.66 -4.43
N SER A 275 46.63 13.69 -5.17
CA SER A 275 46.16 13.93 -6.53
C SER A 275 44.74 13.39 -6.62
N LYS A 276 43.79 14.20 -6.16
CA LYS A 276 42.38 13.87 -6.18
C LYS A 276 41.62 15.04 -5.58
N TYR A 277 40.31 15.04 -5.79
CA TYR A 277 39.48 16.18 -5.41
C TYR A 277 39.50 16.40 -3.91
N LEU A 278 38.94 15.46 -3.16
CA LEU A 278 38.70 15.68 -1.75
C LEU A 278 39.98 16.04 -1.01
N HIS A 279 41.14 15.67 -1.54
CA HIS A 279 42.37 16.02 -0.89
C HIS A 279 42.49 17.54 -0.93
N SER A 280 42.26 18.18 0.21
CA SER A 280 42.14 19.63 0.27
C SER A 280 43.18 20.25 1.20
N ASN A 281 44.28 19.58 1.43
CA ASN A 281 45.35 20.16 2.21
C ASN A 281 46.65 19.45 1.85
N PRO A 282 47.30 19.86 0.77
CA PRO A 282 48.47 19.17 0.31
C PRO A 282 49.57 19.18 1.35
N PRO A 283 50.60 18.39 1.14
CA PRO A 283 51.66 18.28 2.14
C PRO A 283 52.69 19.38 2.01
N LEU A 284 53.68 19.30 2.89
CA LEU A 284 54.81 20.20 2.89
C LEU A 284 56.09 19.42 3.08
N PHE A 285 57.14 19.89 2.45
CA PHE A 285 58.48 19.34 2.58
C PHE A 285 59.43 20.46 2.94
N MET A 286 60.22 20.25 3.99
CA MET A 286 61.20 21.22 4.44
C MET A 286 62.56 20.54 4.48
N LEU A 287 63.53 21.18 3.84
CA LEU A 287 64.90 20.70 3.78
C LEU A 287 65.80 21.64 4.55
N THR A 288 66.68 21.08 5.38
CA THR A 288 67.58 21.86 6.22
C THR A 288 69.00 21.80 5.68
N GLY A 289 69.72 22.89 5.88
CA GLY A 289 71.07 23.00 5.39
C GLY A 289 71.22 24.15 4.43
N ASP A 290 72.22 24.07 3.55
CA ASP A 290 72.46 25.08 2.53
C ASP A 290 72.10 24.59 1.13
N TYR A 291 71.13 23.69 1.04
CA TYR A 291 70.77 23.11 -0.24
C TYR A 291 69.95 24.09 -1.07
N ASP A 292 70.23 24.13 -2.36
CA ASP A 292 69.42 24.89 -3.30
C ASP A 292 68.13 24.14 -3.60
N LEU A 293 67.11 24.90 -3.98
CA LEU A 293 65.80 24.35 -4.28
C LEU A 293 65.35 24.59 -5.70
N SER A 294 65.93 25.58 -6.39
CA SER A 294 65.49 25.90 -7.73
C SER A 294 65.64 24.71 -8.66
N VAL A 295 66.72 23.96 -8.50
CA VAL A 295 66.97 22.81 -9.36
C VAL A 295 65.87 21.78 -9.19
N LEU A 296 65.54 21.47 -7.94
CA LEU A 296 64.49 20.51 -7.66
C LEU A 296 63.16 20.99 -8.21
N GLN A 297 62.88 22.28 -8.05
CA GLN A 297 61.60 22.81 -8.50
C GLN A 297 61.46 22.65 -10.00
N LYS A 298 62.50 22.99 -10.75
CA LYS A 298 62.42 22.86 -12.20
C LYS A 298 62.32 21.41 -12.60
N ARG A 299 63.11 20.55 -11.96
CA ARG A 299 63.10 19.14 -12.32
C ARG A 299 61.76 18.51 -12.02
N LEU A 300 61.02 19.07 -11.07
CA LEU A 300 59.68 18.56 -10.80
C LEU A 300 58.69 19.09 -11.81
N TYR A 301 58.72 20.39 -12.06
CA TYR A 301 57.82 20.95 -13.06
C TYR A 301 57.95 20.20 -14.37
N ASP A 302 59.16 19.72 -14.68
CA ASP A 302 59.33 18.91 -15.88
C ASP A 302 58.40 17.71 -15.86
N ALA A 303 57.98 17.27 -14.67
CA ALA A 303 57.18 16.07 -14.57
C ALA A 303 55.69 16.36 -14.72
N GLY A 304 55.24 17.48 -14.17
CA GLY A 304 53.84 17.84 -14.27
C GLY A 304 53.32 18.54 -13.03
N LEU A 305 54.02 18.36 -11.93
CA LEU A 305 53.61 18.95 -10.67
C LEU A 305 54.02 20.42 -10.59
N ARG A 306 53.28 21.17 -9.78
CA ARG A 306 53.54 22.58 -9.54
C ARG A 306 53.61 22.82 -8.04
N CYS A 307 54.50 23.72 -7.65
CA CYS A 307 54.80 23.98 -6.25
C CYS A 307 54.20 25.30 -5.79
N GLU A 308 54.38 25.60 -4.50
CA GLU A 308 53.81 26.76 -3.82
C GLU A 308 54.87 27.44 -2.95
N THR A 309 56.02 27.75 -3.55
CA THR A 309 57.20 28.23 -2.83
C THR A 309 56.86 29.17 -1.70
N GLY A 310 55.87 30.01 -1.89
CA GLY A 310 55.44 30.95 -0.90
C GLY A 310 55.94 32.36 -1.10
N LYS A 311 57.06 32.51 -1.79
CA LYS A 311 57.68 33.82 -1.95
C LYS A 311 56.96 34.61 -3.04
N VAL A 312 56.44 35.76 -2.67
CA VAL A 312 56.00 36.77 -3.61
C VAL A 312 57.05 37.87 -3.56
N GLY A 313 58.05 37.78 -4.42
CA GLY A 313 59.14 38.74 -4.46
C GLY A 313 60.52 38.15 -4.30
N GLY A 314 60.65 36.86 -4.01
CA GLY A 314 61.94 36.23 -3.89
C GLY A 314 62.78 36.66 -2.70
N THR A 315 62.39 37.74 -2.00
CA THR A 315 63.19 38.21 -0.88
C THR A 315 63.03 37.29 0.33
N ASP A 316 61.82 37.20 0.86
CA ASP A 316 61.57 36.47 2.08
C ASP A 316 60.22 35.78 2.01
N VAL A 317 59.98 34.91 2.98
CA VAL A 317 58.77 34.10 3.02
C VAL A 317 57.66 34.87 3.70
N ILE A 318 56.44 34.60 3.29
CA ILE A 318 55.24 35.17 3.87
C ILE A 318 54.44 34.03 4.47
N ILE A 319 54.35 34.02 5.80
CA ILE A 319 53.83 32.86 6.50
C ILE A 319 52.41 32.56 6.07
N LYS A 320 51.67 33.59 5.67
CA LYS A 320 50.24 33.43 5.44
C LYS A 320 49.95 32.82 4.09
N GLU A 321 50.82 33.05 3.11
CA GLU A 321 50.55 32.53 1.77
C GLU A 321 50.91 31.08 1.65
N LEU A 322 51.97 30.64 2.33
CA LEU A 322 52.39 29.26 2.22
C LEU A 322 51.29 28.30 2.62
N PHE A 323 50.39 28.75 3.50
CA PHE A 323 49.42 27.87 4.13
C PHE A 323 48.01 28.09 3.60
N ARG A 324 47.87 28.71 2.44
CA ARG A 324 46.55 28.99 1.94
C ARG A 324 45.87 27.72 1.45
N ARG A 325 44.62 27.85 1.13
CA ARG A 325 43.84 26.73 0.65
C ARG A 325 43.59 26.88 -0.84
N PRO A 326 43.77 25.82 -1.60
CA PRO A 326 43.82 25.94 -3.06
C PRO A 326 42.48 25.85 -3.74
N ILE A 327 42.47 26.33 -4.98
CA ILE A 327 41.31 26.20 -5.83
C ILE A 327 41.21 24.77 -6.33
N LEU A 328 39.98 24.27 -6.40
CA LEU A 328 39.74 22.93 -6.88
C LEU A 328 38.55 22.94 -7.83
N ILE A 329 38.59 22.03 -8.79
CA ILE A 329 37.58 21.94 -9.83
C ILE A 329 37.43 20.48 -10.23
N ARG A 330 36.19 20.03 -10.37
CA ARG A 330 35.89 18.60 -10.44
C ARG A 330 36.10 18.01 -11.82
N ASN A 331 35.30 18.45 -12.79
CA ASN A 331 35.27 17.84 -14.12
C ASN A 331 35.69 18.85 -15.16
N PRO A 332 36.90 18.77 -15.72
CA PRO A 332 37.98 17.84 -15.41
C PRO A 332 38.76 18.28 -14.19
N PHE A 333 39.60 17.40 -13.65
CA PHE A 333 40.32 17.75 -12.44
C PHE A 333 41.48 18.67 -12.75
N ARG A 334 41.70 19.63 -11.86
CA ARG A 334 42.76 20.60 -11.99
C ARG A 334 43.05 21.15 -10.61
N MET A 335 44.33 21.19 -10.26
CA MET A 335 44.76 21.51 -8.90
C MET A 335 45.87 22.54 -8.99
N GLU A 336 45.61 23.71 -8.41
CA GLU A 336 46.55 24.81 -8.53
C GLU A 336 47.95 24.42 -8.06
N PHE A 337 48.04 23.85 -6.87
CA PHE A 337 49.30 23.31 -6.40
C PHE A 337 49.06 21.98 -5.73
N SER A 338 50.02 21.09 -5.90
CA SER A 338 49.97 19.77 -5.32
C SER A 338 51.02 19.55 -4.25
N LEU A 339 51.97 20.45 -4.10
CA LEU A 339 52.94 20.33 -3.03
C LEU A 339 53.48 21.69 -2.67
N ARG A 340 53.99 21.77 -1.45
CA ARG A 340 54.70 22.93 -0.92
C ARG A 340 56.17 22.60 -0.80
N LEU A 341 56.97 23.65 -0.57
CA LEU A 341 58.41 23.45 -0.46
C LEU A 341 59.05 24.73 0.03
N ALA A 342 59.96 24.60 0.99
CA ALA A 342 60.67 25.74 1.56
C ALA A 342 61.73 25.21 2.52
N LYS A 343 62.51 26.14 3.06
CA LYS A 343 63.58 25.83 3.99
C LYS A 343 63.21 26.29 5.39
N ARG A 344 63.86 25.68 6.39
CA ARG A 344 63.47 25.92 7.77
C ARG A 344 64.11 27.20 8.31
N ASP A 345 65.37 27.43 7.97
CA ASP A 345 66.06 28.60 8.50
C ASP A 345 65.34 29.89 8.13
N GLU A 346 64.51 29.85 7.10
CA GLU A 346 63.81 31.03 6.65
C GLU A 346 62.44 31.14 7.31
N VAL A 347 61.64 30.09 7.19
CA VAL A 347 60.30 30.10 7.76
C VAL A 347 60.39 30.45 9.23
N ILE A 348 59.63 31.46 9.64
CA ILE A 348 59.73 32.04 10.97
C ILE A 348 58.33 32.15 11.54
N GLY A 349 58.04 31.33 12.54
CA GLY A 349 56.81 31.40 13.27
C GLY A 349 56.11 30.06 13.24
N GLY A 350 54.83 30.10 13.57
CA GLY A 350 53.98 28.94 13.52
C GLY A 350 52.64 29.27 12.91
N PRO A 351 51.89 28.24 12.56
CA PRO A 351 50.62 28.43 11.87
C PRO A 351 49.51 28.88 12.80
N GLN A 352 48.31 28.97 12.22
CA GLN A 352 47.11 29.16 13.02
C GLN A 352 46.61 27.85 13.59
N ARG A 353 46.49 26.83 12.74
CA ARG A 353 46.13 25.49 13.18
C ARG A 353 47.36 24.62 13.22
N ARG A 354 47.34 23.65 14.09
CA ARG A 354 48.51 22.85 14.35
C ARG A 354 48.52 21.60 13.50
N PRO A 355 49.68 20.99 13.34
CA PRO A 355 49.76 19.74 12.58
C PRO A 355 49.15 18.57 13.31
N ASP A 356 48.89 17.52 12.53
CA ASP A 356 48.46 16.24 13.06
C ASP A 356 49.51 15.16 12.90
N GLU A 357 50.52 15.39 12.05
CA GLU A 357 51.64 14.48 11.90
C GLU A 357 52.87 15.28 11.49
N LEU A 358 53.98 15.03 12.15
CA LEU A 358 55.25 15.71 11.88
C LEU A 358 56.36 14.67 11.85
N PHE A 359 56.59 14.12 10.68
CA PHE A 359 57.68 13.19 10.51
C PHE A 359 59.01 13.94 10.47
N LEU A 360 59.99 13.39 11.16
CA LEU A 360 61.32 13.96 11.23
C LEU A 360 62.33 12.91 10.79
N ILE A 361 63.00 13.18 9.68
CA ILE A 361 64.00 12.28 9.12
C ILE A 361 65.36 12.87 9.40
N ASN A 362 66.15 12.19 10.22
CA ASN A 362 67.53 12.57 10.49
C ASN A 362 67.61 13.95 11.11
N VAL A 363 66.80 14.16 12.14
CA VAL A 363 66.82 15.40 12.91
C VAL A 363 66.42 15.08 14.34
N ALA A 364 66.91 15.89 15.28
CA ALA A 364 66.70 15.61 16.70
C ALA A 364 65.42 16.25 17.21
N ASP A 365 65.28 17.57 17.03
CA ASP A 365 64.13 18.27 17.57
C ASP A 365 63.80 19.47 16.70
N ASP A 366 62.60 20.00 16.91
CA ASP A 366 62.07 21.11 16.14
C ASP A 366 61.16 21.93 17.03
N GLU A 367 60.92 23.17 16.62
CA GLU A 367 60.18 24.09 17.47
C GLU A 367 58.69 23.77 17.50
N TRP A 368 58.14 23.23 16.41
CA TRP A 368 56.72 22.95 16.37
C TRP A 368 56.31 21.86 17.33
N LYS A 369 57.26 21.05 17.78
CA LYS A 369 56.95 19.95 18.68
C LYS A 369 56.05 20.40 19.81
N HIS A 370 55.23 19.48 20.30
CA HIS A 370 54.18 19.79 21.25
C HIS A 370 53.66 18.48 21.82
N GLU A 371 52.54 18.56 22.50
CA GLU A 371 51.86 17.39 23.03
C GLU A 371 50.79 16.87 22.08
N ASP A 372 49.96 17.78 21.55
CA ASP A 372 48.89 17.37 20.67
C ASP A 372 49.43 16.78 19.37
N VAL A 373 50.59 17.22 18.93
CA VAL A 373 51.13 16.83 17.63
C VAL A 373 51.80 15.47 17.75
N ASN A 374 51.18 14.44 17.19
CA ASN A 374 51.83 13.14 17.07
C ASN A 374 53.13 13.30 16.31
N VAL A 375 54.24 12.97 16.95
CA VAL A 375 55.56 13.09 16.37
C VAL A 375 56.14 11.70 16.18
N HIS A 376 56.60 11.43 14.96
CA HIS A 376 57.26 10.18 14.62
C HIS A 376 58.62 10.52 14.05
N GLY A 377 59.64 9.84 14.52
CA GLY A 377 61.01 10.08 14.09
C GLY A 377 61.62 8.83 13.49
N PHE A 378 62.60 9.03 12.62
CA PHE A 378 63.31 7.94 11.99
C PHE A 378 64.78 8.31 11.85
N LYS A 379 65.55 7.35 11.35
CA LYS A 379 66.94 7.54 10.99
C LYS A 379 67.25 6.58 9.86
N ILE A 380 67.67 7.12 8.72
CA ILE A 380 67.74 6.34 7.48
C ILE A 380 68.96 6.74 6.67
N GLU A 381 69.36 5.83 5.79
CA GLU A 381 70.39 6.05 4.80
C GLU A 381 69.86 5.85 3.38
N ARG A 382 69.15 4.76 3.13
CA ARG A 382 68.47 4.53 1.86
C ARG A 382 67.03 4.99 1.99
N LEU A 383 66.62 5.90 1.11
CA LEU A 383 65.25 6.38 1.17
C LEU A 383 64.26 5.29 0.80
N SER A 384 64.66 4.38 -0.07
CA SER A 384 63.73 3.38 -0.57
C SER A 384 63.19 2.51 0.56
N ASP A 385 63.78 2.59 1.75
CA ASP A 385 63.26 1.83 2.87
C ASP A 385 62.03 2.50 3.46
N LEU A 386 61.93 3.82 3.34
CA LEU A 386 60.82 4.55 3.93
C LEU A 386 59.54 4.33 3.14
N GLU A 387 59.66 4.22 1.82
CA GLU A 387 58.49 3.98 0.99
C GLU A 387 57.72 2.76 1.47
N TYR A 388 58.43 1.73 1.91
CA TYR A 388 57.76 0.54 2.42
C TYR A 388 56.96 0.86 3.66
N ILE A 389 57.47 1.77 4.50
CA ILE A 389 56.74 2.16 5.69
C ILE A 389 55.49 2.93 5.32
N LEU A 390 55.56 3.74 4.27
CA LEU A 390 54.46 4.58 3.87
C LEU A 390 53.59 3.95 2.78
N GLN A 391 53.62 2.63 2.63
CA GLN A 391 52.74 1.87 1.75
C GLN A 391 52.90 2.22 0.27
N LEU A 392 53.87 3.05 -0.09
CA LEU A 392 53.99 3.46 -1.48
C LEU A 392 54.26 2.27 -2.39
N ARG A 393 55.09 1.33 -1.94
CA ARG A 393 55.44 0.17 -2.75
C ARG A 393 55.26 -1.11 -1.94
N SER A 394 55.71 -2.21 -2.53
CA SER A 394 55.40 -3.53 -2.01
C SER A 394 56.51 -4.12 -1.16
N ASP A 395 57.69 -4.30 -1.74
CA ASP A 395 58.73 -5.10 -1.12
C ASP A 395 60.01 -4.29 -0.96
N TYR A 396 60.89 -4.79 -0.10
CA TYR A 396 62.20 -4.22 0.10
C TYR A 396 63.27 -4.96 -0.69
N LYS B 224 45.77 70.93 -31.19
CA LYS B 224 46.76 71.09 -30.15
C LYS B 224 46.18 70.72 -28.78
N GLY B 225 46.66 69.62 -28.23
CA GLY B 225 46.20 69.17 -26.93
C GLY B 225 44.85 68.48 -26.91
N ARG B 226 44.12 68.47 -28.03
CA ARG B 226 42.80 67.86 -28.08
C ARG B 226 42.78 66.56 -28.88
N MET B 227 43.87 66.24 -29.57
CA MET B 227 43.93 64.96 -30.27
C MET B 227 43.63 63.80 -29.35
N PHE B 228 43.85 63.99 -28.05
CA PHE B 228 43.49 62.98 -27.08
C PHE B 228 42.03 62.59 -27.18
N SER B 229 41.17 63.53 -27.53
CA SER B 229 39.74 63.22 -27.64
C SER B 229 39.50 62.26 -28.80
N SER B 230 40.06 62.57 -29.96
CA SER B 230 39.96 61.66 -31.08
C SER B 230 40.46 60.28 -30.69
N LEU B 231 41.62 60.24 -30.03
CA LEU B 231 42.17 58.95 -29.65
C LEU B 231 41.20 58.22 -28.74
N ARG B 232 40.61 58.93 -27.79
CA ARG B 232 39.63 58.32 -26.92
C ARG B 232 38.47 57.77 -27.72
N LYS B 233 38.19 58.37 -28.86
CA LYS B 233 37.07 57.90 -29.65
C LYS B 233 37.46 56.67 -30.44
N SER B 234 38.72 56.57 -30.84
CA SER B 234 39.14 55.47 -31.70
C SER B 234 38.98 54.12 -31.02
N LEU B 235 39.47 54.01 -29.79
CA LEU B 235 39.56 52.74 -29.11
C LEU B 235 38.23 52.25 -28.55
N ARG B 236 37.19 53.06 -28.64
CA ARG B 236 35.94 52.72 -27.96
C ARG B 236 35.42 51.37 -28.41
N SER B 237 35.62 51.04 -29.69
CA SER B 237 35.06 49.80 -30.21
C SER B 237 35.86 48.60 -29.72
N CYS B 238 37.14 48.81 -29.42
CA CYS B 238 38.01 47.68 -29.09
C CYS B 238 37.83 47.27 -27.64
N LEU B 239 38.00 48.22 -26.71
CA LEU B 239 37.88 47.90 -25.30
C LEU B 239 36.55 47.22 -24.99
N ALA B 240 35.53 47.47 -25.80
CA ALA B 240 34.19 47.01 -25.46
C ALA B 240 34.13 45.51 -25.38
N HIS B 241 34.80 44.81 -26.29
CA HIS B 241 34.73 43.36 -26.31
C HIS B 241 35.18 42.79 -24.99
N ASN B 242 34.49 41.75 -24.54
CA ASN B 242 34.69 41.26 -23.19
C ASN B 242 35.89 40.35 -23.10
N SER B 243 36.21 39.65 -24.19
CA SER B 243 37.33 38.72 -24.24
C SER B 243 38.29 39.18 -25.33
N ARG B 244 39.53 39.46 -24.96
CA ARG B 244 40.50 39.94 -25.91
C ARG B 244 41.89 39.81 -25.32
N TRP B 245 42.87 39.67 -26.20
CA TRP B 245 44.27 39.56 -25.82
C TRP B 245 44.94 40.91 -26.03
N ARG B 246 45.32 41.54 -24.93
CA ARG B 246 45.93 42.86 -24.96
C ARG B 246 47.35 42.78 -24.42
N VAL B 247 48.18 43.70 -24.88
CA VAL B 247 49.59 43.74 -24.52
C VAL B 247 50.04 45.20 -24.47
N PHE B 248 50.76 45.55 -23.40
CA PHE B 248 51.31 46.87 -23.21
C PHE B 248 52.81 46.79 -23.07
N VAL B 249 53.51 47.72 -23.70
CA VAL B 249 54.95 47.91 -23.52
C VAL B 249 55.18 49.36 -23.15
N ILE B 250 55.93 49.59 -22.08
CA ILE B 250 56.09 50.92 -21.51
C ILE B 250 57.55 51.18 -21.16
N ASN B 251 57.89 52.46 -21.11
CA ASN B 251 59.19 52.93 -20.70
C ASN B 251 59.02 53.98 -19.61
N PRO B 252 59.71 53.86 -18.50
CA PRO B 252 59.44 54.76 -17.38
C PRO B 252 60.36 55.96 -17.30
N LEU B 253 61.41 55.97 -18.14
CA LEU B 253 62.44 56.99 -18.00
C LEU B 253 61.89 58.38 -18.25
N THR B 254 60.99 58.51 -19.22
CA THR B 254 60.54 59.82 -19.68
C THR B 254 59.11 60.13 -19.25
N ILE B 255 58.63 59.47 -18.22
CA ILE B 255 57.31 59.73 -17.67
C ILE B 255 57.48 60.24 -16.25
N GLU B 256 56.63 61.19 -15.86
CA GLU B 256 56.75 61.82 -14.57
C GLU B 256 56.06 60.99 -13.50
N ASN B 257 56.78 60.74 -12.41
CA ASN B 257 56.21 60.14 -11.22
C ASN B 257 55.57 58.80 -11.53
N PHE B 258 56.31 57.99 -12.29
CA PHE B 258 55.82 56.67 -12.64
C PHE B 258 55.69 55.80 -11.40
N ASP B 259 56.75 55.77 -10.60
CA ASP B 259 56.79 54.94 -9.42
C ASP B 259 55.74 55.33 -8.39
N ASP B 260 55.08 56.45 -8.59
CA ASP B 260 54.11 56.94 -7.62
C ASP B 260 52.68 56.63 -8.02
N ASP B 261 52.40 56.41 -9.31
CA ASP B 261 51.03 56.24 -9.78
C ASP B 261 50.80 54.95 -10.55
N ILE B 262 51.85 54.15 -10.78
CA ILE B 262 51.66 52.91 -11.52
C ILE B 262 50.64 52.02 -10.81
N VAL B 263 50.67 52.02 -9.48
CA VAL B 263 49.80 51.13 -8.73
C VAL B 263 48.35 51.50 -8.91
N ARG B 264 48.03 52.78 -8.80
CA ARG B 264 46.65 53.21 -8.99
C ARG B 264 46.20 52.90 -10.41
N PHE B 265 47.07 53.11 -11.39
CA PHE B 265 46.71 52.78 -12.76
C PHE B 265 46.33 51.31 -12.88
N ILE B 266 47.25 50.44 -12.50
CA ILE B 266 47.02 49.01 -12.62
C ILE B 266 45.74 48.62 -11.91
N LYS B 267 45.49 49.22 -10.76
CA LYS B 267 44.33 48.84 -9.99
C LYS B 267 43.05 49.20 -10.73
N ALA B 268 43.01 50.39 -11.31
CA ALA B 268 41.80 50.78 -12.03
C ALA B 268 41.58 49.87 -13.21
N PHE B 269 42.64 49.54 -13.93
CA PHE B 269 42.48 48.72 -15.12
C PHE B 269 42.02 47.32 -14.76
N VAL B 270 42.51 46.80 -13.64
CA VAL B 270 42.08 45.48 -13.22
C VAL B 270 40.67 45.52 -12.66
N GLN B 271 40.23 46.68 -12.19
CA GLN B 271 38.91 46.76 -11.59
C GLN B 271 37.82 46.90 -12.64
N ARG B 272 38.12 47.57 -13.74
CA ARG B 272 37.10 47.83 -14.75
C ARG B 272 37.11 46.82 -15.89
N TYR B 273 38.26 46.27 -16.25
CA TYR B 273 38.37 45.40 -17.40
C TYR B 273 38.72 43.96 -17.09
N SER B 274 39.11 43.64 -15.86
CA SER B 274 39.50 42.28 -15.52
C SER B 274 38.94 41.88 -14.17
N SER B 275 37.65 42.15 -13.94
CA SER B 275 36.99 41.84 -12.68
C SER B 275 35.84 40.86 -12.85
N LYS B 276 35.10 40.97 -13.95
CA LYS B 276 33.98 40.10 -14.16
C LYS B 276 34.43 38.73 -14.67
N TYR B 277 33.53 37.75 -14.52
CA TYR B 277 33.84 36.38 -14.89
C TYR B 277 34.17 36.27 -16.38
N LEU B 278 33.27 36.78 -17.22
CA LEU B 278 33.44 36.62 -18.66
C LEU B 278 34.77 37.14 -19.16
N HIS B 279 35.51 37.88 -18.35
CA HIS B 279 36.83 38.35 -18.74
C HIS B 279 37.77 37.17 -18.61
N SER B 280 37.90 36.43 -19.70
CA SER B 280 38.60 35.15 -19.66
C SER B 280 40.10 35.33 -19.64
N ASN B 281 40.63 36.19 -20.47
CA ASN B 281 42.06 36.33 -20.63
C ASN B 281 42.52 37.64 -20.05
N PRO B 282 43.44 37.63 -19.10
CA PRO B 282 43.88 38.86 -18.52
C PRO B 282 45.04 39.46 -19.28
N PRO B 283 45.27 40.75 -19.10
CA PRO B 283 46.26 41.47 -19.89
C PRO B 283 47.69 41.14 -19.49
N LEU B 284 48.59 41.86 -20.11
CA LEU B 284 50.02 41.74 -19.87
C LEU B 284 50.65 43.12 -19.90
N PHE B 285 51.75 43.24 -19.18
CA PHE B 285 52.52 44.46 -19.12
C PHE B 285 53.99 44.10 -19.32
N MET B 286 54.75 45.09 -19.79
CA MET B 286 56.18 44.90 -19.99
C MET B 286 56.87 46.24 -19.77
N LEU B 287 57.60 46.34 -18.69
CA LEU B 287 58.37 47.53 -18.37
C LEU B 287 59.81 47.31 -18.78
N THR B 288 60.24 48.00 -19.83
CA THR B 288 61.60 47.88 -20.31
C THR B 288 62.56 48.65 -19.42
N GLY B 289 63.79 48.75 -19.88
CA GLY B 289 64.82 49.44 -19.14
C GLY B 289 65.33 48.62 -17.97
N ASP B 290 65.79 49.34 -16.96
CA ASP B 290 66.27 48.75 -15.71
C ASP B 290 65.29 49.15 -14.61
N TYR B 291 64.59 48.15 -14.08
CA TYR B 291 63.61 48.38 -13.04
C TYR B 291 63.51 47.12 -12.20
N ASP B 292 63.42 47.31 -10.88
CA ASP B 292 63.28 46.19 -9.95
C ASP B 292 61.81 45.83 -9.83
N LEU B 293 61.45 44.65 -10.32
CA LEU B 293 60.06 44.22 -10.30
C LEU B 293 59.61 43.79 -8.92
N SER B 294 60.54 43.35 -8.07
CA SER B 294 60.16 42.81 -6.78
C SER B 294 59.34 43.80 -5.98
N VAL B 295 59.74 45.06 -5.98
CA VAL B 295 59.06 46.07 -5.19
C VAL B 295 57.62 46.23 -5.67
N LEU B 296 57.45 46.35 -6.98
CA LEU B 296 56.12 46.51 -7.54
C LEU B 296 55.26 45.31 -7.21
N GLN B 297 55.86 44.13 -7.21
CA GLN B 297 55.10 42.92 -6.94
C GLN B 297 54.60 42.92 -5.51
N LYS B 298 55.48 43.28 -4.58
CA LYS B 298 55.09 43.29 -3.18
C LYS B 298 54.00 44.31 -2.93
N ARG B 299 54.14 45.49 -3.52
CA ARG B 299 53.13 46.52 -3.31
C ARG B 299 51.79 46.09 -3.88
N LEU B 300 51.79 45.52 -5.08
CA LEU B 300 50.54 45.10 -5.68
C LEU B 300 49.89 44.01 -4.86
N TYR B 301 50.69 43.12 -4.27
CA TYR B 301 50.14 42.16 -3.33
C TYR B 301 49.46 42.86 -2.18
N ASP B 302 50.15 43.84 -1.59
CA ASP B 302 49.56 44.57 -0.47
C ASP B 302 48.24 45.21 -0.87
N ALA B 303 48.11 45.58 -2.14
CA ALA B 303 46.87 46.22 -2.59
C ALA B 303 45.73 45.23 -2.66
N GLY B 304 46.03 43.95 -2.87
CA GLY B 304 45.00 42.94 -2.92
C GLY B 304 44.95 42.14 -4.20
N LEU B 305 45.96 42.28 -5.06
CA LEU B 305 46.01 41.61 -6.35
C LEU B 305 47.22 40.70 -6.44
N ARG B 306 47.01 39.53 -7.05
CA ARG B 306 48.09 38.61 -7.34
C ARG B 306 48.53 38.75 -8.79
N CYS B 307 49.65 38.12 -9.11
CA CYS B 307 50.26 38.26 -10.42
C CYS B 307 50.99 37.00 -10.79
N GLU B 308 51.34 36.90 -12.06
CA GLU B 308 52.13 35.81 -12.60
C GLU B 308 53.38 36.39 -13.23
N THR B 309 54.53 35.79 -12.92
CA THR B 309 55.82 36.27 -13.39
C THR B 309 56.55 35.23 -14.22
N GLY B 310 55.85 34.17 -14.61
CA GLY B 310 56.45 33.17 -15.48
C GLY B 310 57.76 32.63 -14.97
N LYS B 311 57.82 32.32 -13.69
CA LYS B 311 59.02 31.76 -13.08
C LYS B 311 58.66 30.51 -12.30
N VAL B 312 59.61 29.60 -12.23
CA VAL B 312 59.46 28.36 -11.48
C VAL B 312 60.53 28.33 -10.40
N GLY B 313 61.01 29.51 -10.03
CA GLY B 313 61.93 29.66 -8.93
C GLY B 313 63.28 30.21 -9.33
N GLY B 314 63.71 29.95 -10.55
CA GLY B 314 65.04 30.32 -10.99
C GLY B 314 65.15 31.79 -11.31
N THR B 315 65.93 32.09 -12.35
CA THR B 315 66.16 33.45 -12.78
C THR B 315 65.78 33.68 -14.23
N ASP B 316 65.30 32.66 -14.92
CA ASP B 316 64.94 32.75 -16.32
C ASP B 316 63.44 32.55 -16.49
N VAL B 317 62.90 33.16 -17.52
CA VAL B 317 61.48 33.10 -17.78
C VAL B 317 61.17 31.95 -18.72
N ILE B 318 59.96 31.44 -18.61
CA ILE B 318 59.42 30.44 -19.52
C ILE B 318 58.19 31.02 -20.17
N ILE B 319 58.04 30.76 -21.46
CA ILE B 319 57.03 31.45 -22.23
C ILE B 319 55.71 30.73 -22.17
N LYS B 320 55.71 29.45 -21.81
CA LYS B 320 54.48 28.68 -21.87
C LYS B 320 53.57 28.99 -20.70
N GLU B 321 54.15 29.21 -19.52
CA GLU B 321 53.35 29.62 -18.37
C GLU B 321 53.06 31.10 -18.39
N LEU B 322 53.95 31.89 -18.98
CA LEU B 322 53.69 33.31 -19.13
C LEU B 322 52.37 33.56 -19.84
N PHE B 323 51.97 32.65 -20.70
CA PHE B 323 50.70 32.71 -21.40
C PHE B 323 49.94 31.44 -21.07
N ARG B 324 48.88 31.58 -20.29
CA ARG B 324 48.02 30.43 -20.02
C ARG B 324 46.70 30.92 -19.47
N ARG B 325 45.79 29.99 -19.32
CA ARG B 325 44.45 30.31 -18.90
C ARG B 325 44.29 30.06 -17.41
N PRO B 326 43.71 31.00 -16.69
CA PRO B 326 43.50 30.83 -15.26
C PRO B 326 42.35 29.89 -14.96
N ILE B 327 42.26 29.52 -13.68
CA ILE B 327 41.16 28.72 -13.17
C ILE B 327 40.10 29.67 -12.65
N LEU B 328 38.93 29.68 -13.29
CA LEU B 328 37.84 30.58 -12.96
C LEU B 328 36.67 29.81 -12.40
N ILE B 329 36.15 30.29 -11.28
CA ILE B 329 34.98 29.73 -10.63
C ILE B 329 33.91 30.81 -10.57
N ARG B 330 32.66 30.40 -10.80
CA ARG B 330 31.58 31.37 -10.94
C ARG B 330 30.98 31.75 -9.60
N ASN B 331 30.42 30.76 -8.90
CA ASN B 331 29.74 30.99 -7.63
C ASN B 331 30.39 30.14 -6.56
N PRO B 332 31.10 30.75 -5.59
CA PRO B 332 31.40 32.17 -5.48
C PRO B 332 32.48 32.60 -6.46
N PHE B 333 32.53 33.89 -6.79
CA PHE B 333 33.52 34.36 -7.73
C PHE B 333 34.91 34.15 -7.19
N ARG B 334 35.85 33.95 -8.10
CA ARG B 334 37.25 33.80 -7.75
C ARG B 334 38.06 33.72 -9.02
N MET B 335 39.33 34.09 -8.91
CA MET B 335 40.20 34.20 -10.06
C MET B 335 41.64 34.11 -9.58
N GLU B 336 42.44 33.34 -10.29
CA GLU B 336 43.77 32.98 -9.82
C GLU B 336 44.75 34.13 -9.99
N PHE B 337 45.04 34.49 -11.23
CA PHE B 337 45.92 35.60 -11.52
C PHE B 337 45.19 36.59 -12.42
N SER B 338 45.20 37.85 -12.01
CA SER B 338 44.48 38.90 -12.71
C SER B 338 45.36 39.72 -13.63
N LEU B 339 46.62 39.94 -13.26
CA LEU B 339 47.54 40.66 -14.11
C LEU B 339 48.84 39.89 -14.26
N ARG B 340 49.56 40.19 -15.32
CA ARG B 340 50.81 39.54 -15.66
C ARG B 340 51.89 40.59 -15.90
N LEU B 341 53.07 40.36 -15.31
CA LEU B 341 54.18 41.28 -15.39
C LEU B 341 55.45 40.55 -15.78
N ALA B 342 56.32 41.27 -16.47
CA ALA B 342 57.62 40.76 -16.88
C ALA B 342 58.35 41.86 -17.60
N LYS B 343 59.67 41.70 -17.70
CA LYS B 343 60.52 42.58 -18.48
C LYS B 343 60.73 42.01 -19.88
N ARG B 344 61.04 42.91 -20.80
CA ARG B 344 61.13 42.52 -22.20
C ARG B 344 62.43 41.78 -22.47
N ASP B 345 63.56 42.34 -22.04
CA ASP B 345 64.86 41.75 -22.32
C ASP B 345 64.91 40.30 -21.87
N GLU B 346 64.01 39.88 -20.98
CA GLU B 346 64.02 38.52 -20.49
C GLU B 346 63.17 37.60 -21.35
N VAL B 347 62.09 38.13 -21.90
CA VAL B 347 61.17 37.33 -22.69
C VAL B 347 61.72 37.20 -24.10
N ILE B 348 62.01 35.97 -24.51
CA ILE B 348 62.56 35.67 -25.82
C ILE B 348 61.69 34.63 -26.48
N GLY B 349 61.17 34.94 -27.64
CA GLY B 349 60.30 34.07 -28.39
C GLY B 349 59.06 34.82 -28.82
N GLY B 350 58.03 34.06 -29.15
CA GLY B 350 56.77 34.63 -29.52
C GLY B 350 55.60 33.77 -29.13
N PRO B 351 54.45 34.38 -28.92
CA PRO B 351 53.28 33.63 -28.45
C PRO B 351 52.85 32.59 -29.45
N GLN B 352 52.21 31.54 -28.93
CA GLN B 352 51.61 30.54 -29.80
C GLN B 352 50.59 31.14 -30.74
N ARG B 353 50.01 32.28 -30.36
CA ARG B 353 49.03 32.96 -31.18
C ARG B 353 49.36 34.45 -31.24
N ARG B 354 48.93 35.08 -32.32
CA ARG B 354 49.18 36.49 -32.48
C ARG B 354 48.24 37.29 -31.58
N PRO B 355 48.72 38.39 -31.02
CA PRO B 355 47.85 39.27 -30.25
C PRO B 355 46.91 40.05 -31.15
N ASP B 356 46.07 40.85 -30.50
CA ASP B 356 45.07 41.65 -31.18
C ASP B 356 45.35 43.14 -31.07
N GLU B 357 45.62 43.62 -29.87
CA GLU B 357 45.85 45.03 -29.61
C GLU B 357 47.15 45.19 -28.83
N LEU B 358 48.18 45.69 -29.51
CA LEU B 358 49.48 45.93 -28.90
C LEU B 358 49.68 47.43 -28.78
N PHE B 359 49.22 47.99 -27.67
CA PHE B 359 49.54 49.37 -27.38
C PHE B 359 51.04 49.52 -27.12
N LEU B 360 51.53 50.72 -27.36
CA LEU B 360 52.92 51.08 -27.14
C LEU B 360 52.97 52.48 -26.58
N ILE B 361 53.79 52.69 -25.56
CA ILE B 361 53.91 53.97 -24.90
C ILE B 361 55.38 54.36 -24.87
N ASN B 362 55.73 55.39 -25.63
CA ASN B 362 57.06 55.96 -25.65
C ASN B 362 58.12 54.98 -26.08
N VAL B 363 57.71 53.94 -26.81
CA VAL B 363 58.62 52.99 -27.41
C VAL B 363 58.43 53.03 -28.91
N ALA B 364 59.52 53.17 -29.65
CA ALA B 364 59.45 53.37 -31.08
C ALA B 364 59.12 52.07 -31.80
N ASP B 365 59.99 51.08 -31.69
CA ASP B 365 59.87 49.85 -32.45
C ASP B 365 60.05 48.64 -31.55
N ASP B 366 59.34 47.58 -31.91
CA ASP B 366 59.40 46.31 -31.19
C ASP B 366 59.27 45.19 -32.20
N GLU B 367 59.61 43.98 -31.76
CA GLU B 367 59.71 42.86 -32.68
C GLU B 367 58.34 42.33 -33.07
N TRP B 368 57.47 42.08 -32.09
CA TRP B 368 56.19 41.47 -32.37
C TRP B 368 55.41 42.23 -33.44
N LYS B 369 55.73 43.51 -33.62
CA LYS B 369 55.10 44.34 -34.63
C LYS B 369 55.02 43.60 -35.95
N HIS B 370 53.81 43.54 -36.50
CA HIS B 370 53.54 42.82 -37.72
C HIS B 370 52.44 43.53 -38.48
N GLU B 371 52.08 42.98 -39.62
CA GLU B 371 51.04 43.59 -40.45
C GLU B 371 49.66 43.22 -39.95
N ASP B 372 49.45 41.95 -39.66
CA ASP B 372 48.15 41.45 -39.23
C ASP B 372 47.83 41.72 -37.77
N VAL B 373 48.58 42.60 -37.12
CA VAL B 373 48.29 42.98 -35.73
C VAL B 373 48.16 44.49 -35.66
N ASN B 374 47.31 44.95 -34.75
CA ASN B 374 47.02 46.37 -34.60
C ASN B 374 48.02 47.00 -33.65
N VAL B 375 48.67 48.06 -34.10
CA VAL B 375 49.61 48.83 -33.30
C VAL B 375 49.02 50.21 -33.08
N HIS B 376 48.52 50.46 -31.88
CA HIS B 376 47.99 51.76 -31.51
C HIS B 376 49.05 52.56 -30.75
N GLY B 377 50.11 52.89 -31.46
CA GLY B 377 51.21 53.61 -30.85
C GLY B 377 50.79 55.01 -30.44
N PHE B 378 51.23 55.41 -29.25
CA PHE B 378 50.87 56.68 -28.65
C PHE B 378 52.10 57.44 -28.18
N LYS B 379 51.88 58.51 -27.42
CA LYS B 379 52.94 59.23 -26.74
C LYS B 379 52.33 60.08 -25.64
N ILE B 380 52.97 60.08 -24.46
CA ILE B 380 52.43 60.74 -23.29
C ILE B 380 53.53 61.46 -22.54
N GLU B 381 53.10 62.34 -21.63
CA GLU B 381 53.98 63.10 -20.77
C GLU B 381 53.88 62.67 -19.31
N ARG B 382 52.67 62.49 -18.82
CA ARG B 382 52.42 61.97 -17.49
C ARG B 382 51.39 60.85 -17.56
N LEU B 383 51.30 60.10 -16.47
CA LEU B 383 50.48 58.89 -16.46
C LEU B 383 49.00 59.21 -16.43
N SER B 384 48.61 60.28 -15.77
CA SER B 384 47.19 60.58 -15.59
C SER B 384 46.47 60.74 -16.91
N ASP B 385 47.22 60.97 -17.99
CA ASP B 385 46.58 61.17 -19.28
C ASP B 385 46.04 59.85 -19.85
N LEU B 386 46.80 58.77 -19.68
CA LEU B 386 46.36 57.50 -20.25
C LEU B 386 45.05 57.06 -19.64
N GLU B 387 44.81 57.45 -18.39
CA GLU B 387 43.54 57.11 -17.75
C GLU B 387 42.39 57.81 -18.45
N TYR B 388 42.67 58.94 -19.10
CA TYR B 388 41.66 59.63 -19.88
C TYR B 388 41.56 59.01 -21.26
N ILE B 389 42.64 58.38 -21.70
CA ILE B 389 42.62 57.73 -23.01
C ILE B 389 41.94 56.37 -22.94
N LEU B 390 41.81 55.79 -21.76
CA LEU B 390 41.31 54.43 -21.61
C LEU B 390 40.04 54.37 -20.77
N GLN B 391 39.26 55.43 -20.77
CA GLN B 391 37.92 55.42 -20.21
C GLN B 391 37.92 55.03 -18.73
N LEU B 392 38.81 55.64 -17.97
CA LEU B 392 38.83 55.49 -16.52
C LEU B 392 38.51 56.77 -15.77
N ARG B 393 39.00 57.90 -16.26
CA ARG B 393 38.78 59.20 -15.64
C ARG B 393 38.12 60.13 -16.65
N SER B 394 37.30 61.04 -16.15
CA SER B 394 36.47 61.86 -17.04
C SER B 394 37.20 63.13 -17.45
N ASP B 395 37.58 63.97 -16.50
CA ASP B 395 38.27 65.20 -16.83
C ASP B 395 39.60 64.88 -17.49
N TYR B 396 40.12 65.85 -18.22
CA TYR B 396 41.42 65.67 -18.85
C TYR B 396 42.43 65.18 -17.83
N ALA C 5 48.62 -19.38 -74.57
CA ALA C 5 47.97 -20.60 -75.02
C ALA C 5 47.06 -21.17 -73.94
N GLU C 6 47.05 -22.49 -73.81
CA GLU C 6 46.20 -23.14 -72.83
C GLU C 6 46.67 -22.82 -71.40
N TYR C 7 47.98 -22.91 -71.16
CA TYR C 7 48.57 -22.51 -69.88
C TYR C 7 47.96 -23.28 -68.71
N SER C 8 48.16 -24.60 -68.74
CA SER C 8 47.68 -25.47 -67.66
C SER C 8 48.54 -25.24 -66.42
N ILE C 9 48.02 -24.45 -65.49
CA ILE C 9 48.82 -24.01 -64.35
C ILE C 9 49.03 -25.13 -63.35
N LYS C 10 48.02 -26.00 -63.18
CA LYS C 10 48.08 -27.00 -62.12
C LYS C 10 49.36 -27.82 -62.22
N GLY C 11 49.84 -28.06 -63.43
CA GLY C 11 51.06 -28.81 -63.59
C GLY C 11 52.23 -28.00 -63.06
N TYR C 12 52.15 -26.68 -63.24
CA TYR C 12 53.23 -25.83 -62.79
C TYR C 12 53.27 -25.79 -61.27
N LEU C 13 52.10 -25.69 -60.64
CA LEU C 13 52.11 -25.65 -59.19
C LEU C 13 52.55 -26.98 -58.62
N TYR C 14 52.22 -28.09 -59.30
CA TYR C 14 52.74 -29.38 -58.88
C TYR C 14 54.25 -29.42 -59.00
N GLN C 15 54.80 -28.85 -60.07
CA GLN C 15 56.23 -28.89 -60.26
C GLN C 15 56.94 -28.08 -59.18
N PHE C 16 56.38 -26.92 -58.86
CA PHE C 16 56.94 -26.11 -57.80
C PHE C 16 56.79 -26.80 -56.46
N LEU C 17 55.69 -27.52 -56.25
CA LEU C 17 55.52 -28.20 -54.99
C LEU C 17 56.49 -29.35 -54.89
N LYS C 18 56.91 -29.90 -56.02
CA LYS C 18 57.96 -30.91 -56.01
C LYS C 18 59.28 -30.30 -55.58
N TYR C 19 59.65 -29.18 -56.20
CA TYR C 19 60.77 -28.42 -55.66
C TYR C 19 60.66 -28.35 -54.15
N LEU C 20 59.49 -27.93 -53.66
CA LEU C 20 59.36 -27.62 -52.25
C LEU C 20 59.44 -28.87 -51.38
N SER C 21 58.88 -29.98 -51.87
CA SER C 21 58.93 -31.21 -51.10
C SER C 21 60.37 -31.68 -50.97
N GLU C 22 61.13 -31.60 -52.06
CA GLU C 22 62.53 -31.96 -51.97
C GLU C 22 63.26 -31.00 -51.04
N ILE C 23 62.86 -29.73 -51.06
CA ILE C 23 63.54 -28.73 -50.24
C ILE C 23 63.31 -29.02 -48.77
N LEU C 24 62.09 -29.40 -48.42
CA LEU C 24 61.78 -29.69 -47.04
C LEU C 24 62.44 -30.98 -46.60
N ALA C 25 62.42 -31.99 -47.46
CA ALA C 25 63.07 -33.24 -47.12
C ALA C 25 64.58 -33.14 -47.20
N ALA C 26 65.10 -32.06 -47.77
CA ALA C 26 66.53 -31.95 -48.00
C ALA C 26 67.28 -31.83 -46.69
N GLY C 27 68.52 -32.32 -46.70
CA GLY C 27 69.41 -32.19 -45.56
C GLY C 27 70.31 -30.97 -45.68
N ASP C 28 71.18 -30.82 -44.70
CA ASP C 28 72.08 -29.68 -44.67
C ASP C 28 73.00 -29.69 -45.89
N GLY C 29 73.40 -28.48 -46.31
CA GLY C 29 74.34 -28.32 -47.40
C GLY C 29 73.72 -28.16 -48.77
N ALA C 30 72.46 -28.57 -48.94
CA ALA C 30 71.83 -28.51 -50.25
C ALA C 30 71.72 -27.06 -50.72
N ARG C 31 71.94 -26.86 -52.01
CA ARG C 31 71.89 -25.53 -52.62
C ARG C 31 71.33 -25.68 -54.02
N ILE C 32 70.17 -25.06 -54.26
CA ILE C 32 69.52 -25.12 -55.57
C ILE C 32 68.89 -23.76 -55.84
N THR C 33 68.70 -23.49 -57.13
CA THR C 33 67.90 -22.36 -57.57
C THR C 33 66.85 -22.87 -58.54
N ILE C 34 65.79 -22.08 -58.71
CA ILE C 34 64.64 -22.52 -59.49
C ILE C 34 65.03 -22.57 -60.97
N GLU C 35 64.62 -23.64 -61.64
CA GLU C 35 64.71 -23.70 -63.09
C GLU C 35 63.59 -22.86 -63.68
N GLY C 36 63.95 -21.76 -64.33
CA GLY C 36 62.96 -20.83 -64.84
C GLY C 36 61.99 -21.42 -65.85
N ALA C 37 60.71 -21.27 -65.59
CA ALA C 37 59.68 -21.76 -66.49
C ALA C 37 59.45 -20.77 -67.62
N ILE C 38 59.05 -21.29 -68.78
CA ILE C 38 58.89 -20.44 -69.95
C ILE C 38 57.82 -19.38 -69.70
N GLU C 39 56.79 -19.72 -68.95
CA GLU C 39 55.63 -18.84 -68.82
C GLU C 39 55.91 -17.60 -67.98
N ASP C 40 57.16 -17.34 -67.61
CA ASP C 40 57.50 -16.16 -66.82
C ASP C 40 56.94 -14.89 -67.46
N ILE C 44 63.18 -12.28 -71.24
CA ILE C 44 64.63 -12.16 -71.35
C ILE C 44 65.27 -13.54 -71.48
N ALA C 45 64.67 -14.55 -70.85
CA ALA C 45 65.19 -15.91 -70.85
C ALA C 45 66.61 -15.94 -70.28
N ALA C 46 66.71 -15.57 -69.00
CA ALA C 46 68.01 -15.53 -68.34
C ALA C 46 68.71 -16.87 -68.46
N GLY C 47 70.02 -16.82 -68.69
CA GLY C 47 70.79 -18.03 -68.87
C GLY C 47 70.89 -18.43 -70.33
N LEU C 48 72.06 -18.96 -70.71
CA LEU C 48 72.28 -19.36 -72.10
C LEU C 48 71.23 -20.37 -72.55
N THR C 49 71.10 -21.48 -71.82
CA THR C 49 70.02 -22.45 -72.05
C THR C 49 69.71 -23.07 -70.68
N THR C 50 68.74 -22.48 -69.98
CA THR C 50 68.25 -22.99 -68.70
C THR C 50 66.77 -22.65 -68.62
N ALA C 51 65.94 -23.58 -69.09
CA ALA C 51 64.50 -23.38 -69.09
C ALA C 51 63.82 -24.71 -68.79
N VAL C 52 62.53 -24.63 -68.47
CA VAL C 52 61.75 -25.80 -68.09
C VAL C 52 60.28 -25.52 -68.37
N GLN C 53 59.49 -26.59 -68.41
CA GLN C 53 58.07 -26.49 -68.72
C GLN C 53 57.43 -27.81 -68.35
N CYS C 54 56.12 -27.76 -68.09
CA CYS C 54 55.42 -28.93 -67.57
C CYS C 54 53.93 -28.77 -67.76
N LYS C 55 53.25 -29.91 -67.80
CA LYS C 55 51.79 -29.98 -67.86
C LYS C 55 51.38 -31.26 -67.15
N TYR C 56 50.07 -31.48 -67.03
CA TYR C 56 49.60 -32.54 -66.15
C TYR C 56 48.30 -33.15 -66.65
N HIS C 57 48.12 -34.44 -66.35
CA HIS C 57 46.87 -35.14 -66.54
C HIS C 57 46.92 -36.42 -65.70
N GLU C 58 45.82 -36.71 -65.01
CA GLU C 58 45.87 -37.72 -63.95
C GLU C 58 44.61 -38.58 -63.87
N GLN C 59 43.73 -38.52 -64.86
CA GLN C 59 42.44 -39.21 -64.81
C GLN C 59 42.56 -40.53 -65.56
N ALA C 60 42.48 -41.63 -64.84
CA ALA C 60 42.51 -42.94 -65.47
C ALA C 60 42.23 -44.02 -64.44
N GLU C 61 41.60 -45.10 -64.90
CA GLU C 61 41.45 -46.31 -64.13
C GLU C 61 42.56 -47.32 -64.38
N LYS C 62 43.24 -47.19 -65.52
CA LYS C 62 44.44 -47.97 -65.82
C LYS C 62 45.18 -47.26 -66.93
N TYR C 63 46.46 -47.60 -67.08
CA TYR C 63 47.28 -46.93 -68.09
C TYR C 63 46.61 -47.02 -69.45
N THR C 64 46.70 -45.93 -70.22
CA THR C 64 46.23 -45.92 -71.60
C THR C 64 47.13 -45.02 -72.42
N LEU C 65 47.91 -45.64 -73.29
CA LEU C 65 48.75 -44.90 -74.23
C LEU C 65 47.95 -44.08 -75.21
N GLY C 66 46.63 -44.24 -75.25
CA GLY C 66 45.84 -43.59 -76.29
C GLY C 66 45.70 -42.10 -76.09
N LYS C 67 45.40 -41.67 -74.86
CA LYS C 67 44.99 -40.28 -74.66
C LYS C 67 46.18 -39.33 -74.59
N ILE C 68 47.32 -39.81 -74.13
CA ILE C 68 48.42 -38.96 -73.65
C ILE C 68 49.06 -38.10 -74.73
N TYR C 69 48.58 -38.16 -75.96
CA TYR C 69 49.35 -37.64 -77.08
C TYR C 69 49.44 -36.11 -77.05
N LYS C 70 48.30 -35.43 -76.93
CA LYS C 70 48.22 -33.99 -77.21
C LYS C 70 49.35 -33.19 -76.59
N PRO C 71 49.70 -33.37 -75.32
CA PRO C 71 50.81 -32.59 -74.75
C PRO C 71 52.07 -32.67 -75.58
N ILE C 72 52.39 -33.86 -76.07
CA ILE C 72 53.63 -34.02 -76.81
C ILE C 72 53.57 -33.24 -78.11
N LEU C 73 52.39 -33.20 -78.74
CA LEU C 73 52.28 -32.50 -80.02
C LEU C 73 52.40 -30.99 -79.81
N LEU C 74 51.67 -30.46 -78.83
CA LEU C 74 51.77 -29.03 -78.60
C LEU C 74 53.17 -28.64 -78.12
N MET C 75 53.86 -29.52 -77.38
CA MET C 75 55.20 -29.21 -76.96
C MET C 75 56.20 -29.30 -78.10
N LEU C 76 55.98 -30.23 -79.03
CA LEU C 76 56.78 -30.23 -80.25
C LEU C 76 56.61 -28.93 -81.01
N GLU C 77 55.38 -28.42 -81.07
CA GLU C 77 55.16 -27.15 -81.72
C GLU C 77 55.94 -26.04 -81.00
N HIS C 78 55.85 -26.03 -79.67
CA HIS C 78 56.59 -25.03 -78.89
C HIS C 78 58.07 -25.12 -79.18
N PHE C 79 58.61 -26.35 -79.21
CA PHE C 79 60.00 -26.56 -79.56
C PHE C 79 60.30 -25.98 -80.93
N SER C 80 59.37 -26.16 -81.86
CA SER C 80 59.55 -25.63 -83.21
C SER C 80 59.71 -24.13 -83.19
N LYS C 81 58.82 -23.43 -82.48
CA LYS C 81 58.85 -21.98 -82.50
C LYS C 81 60.18 -21.44 -82.01
N ASN C 82 60.78 -22.08 -81.01
CA ASN C 82 62.04 -21.63 -80.46
C ASN C 82 62.84 -22.81 -79.94
N SER C 83 64.16 -22.74 -80.14
CA SER C 83 65.09 -23.70 -79.57
C SER C 83 66.50 -23.21 -79.85
N GLY C 84 67.41 -23.51 -78.92
CA GLY C 84 68.79 -23.08 -79.05
C GLY C 84 68.93 -21.56 -79.02
N VAL C 89 67.52 -25.52 -72.22
CA VAL C 89 66.14 -25.41 -72.70
C VAL C 89 65.46 -26.77 -72.55
N SER C 90 65.53 -27.34 -71.35
CA SER C 90 64.96 -28.65 -71.10
C SER C 90 63.44 -28.60 -71.00
N TYR C 91 62.84 -29.79 -71.00
CA TYR C 91 61.41 -29.98 -70.93
C TYR C 91 61.10 -31.07 -69.92
N ARG C 92 59.81 -31.34 -69.72
CA ARG C 92 59.38 -32.25 -68.67
C ARG C 92 57.91 -32.56 -68.87
N LEU C 93 57.38 -33.44 -68.03
CA LEU C 93 55.96 -33.72 -67.99
C LEU C 93 55.65 -34.54 -66.76
N PHE C 94 54.40 -34.41 -66.29
CA PHE C 94 53.91 -35.16 -65.14
C PHE C 94 52.50 -35.63 -65.43
N CYS C 95 52.16 -36.81 -64.91
CA CYS C 95 50.85 -37.38 -65.12
C CYS C 95 50.71 -38.61 -64.24
N HIS C 96 49.47 -38.98 -63.95
CA HIS C 96 49.17 -40.07 -63.03
C HIS C 96 48.23 -41.08 -63.68
N PHE C 97 48.56 -42.36 -63.54
CA PHE C 97 47.67 -43.47 -63.79
C PHE C 97 47.88 -44.51 -62.70
N PRO C 98 46.85 -45.26 -62.35
CA PRO C 98 46.98 -46.20 -61.23
C PRO C 98 48.06 -47.24 -61.50
N GLY C 99 48.84 -47.52 -60.46
CA GLY C 99 49.85 -48.55 -60.53
C GLY C 99 51.16 -48.07 -61.12
N GLU C 100 51.18 -47.86 -62.43
CA GLU C 100 52.41 -47.50 -63.11
C GLU C 100 53.01 -46.23 -62.52
N SER C 101 54.32 -46.21 -62.41
CA SER C 101 55.04 -45.06 -61.86
C SER C 101 56.45 -45.07 -62.45
N GLY C 102 57.28 -44.14 -61.97
CA GLY C 102 58.65 -44.06 -62.39
C GLY C 102 58.81 -43.28 -63.68
N THR C 103 60.07 -43.16 -64.10
CA THR C 103 60.44 -42.45 -65.31
C THR C 103 61.04 -43.42 -66.31
N LYS C 104 60.60 -43.32 -67.56
CA LYS C 104 61.07 -44.18 -68.63
C LYS C 104 61.46 -43.31 -69.82
N ALA C 105 62.56 -43.66 -70.49
CA ALA C 105 62.98 -42.95 -71.69
C ALA C 105 62.31 -43.59 -72.90
N LEU C 106 61.55 -42.80 -73.64
CA LEU C 106 60.87 -43.30 -74.82
C LEU C 106 61.87 -43.65 -75.91
N THR C 107 61.53 -44.64 -76.71
CA THR C 107 62.39 -45.09 -77.80
C THR C 107 62.09 -44.32 -79.08
N LYS C 108 63.05 -44.35 -80.01
CA LYS C 108 62.85 -43.69 -81.29
C LYS C 108 61.65 -44.27 -82.03
N ASP C 109 61.43 -45.58 -81.92
CA ASP C 109 60.25 -46.17 -82.54
C ASP C 109 58.97 -45.67 -81.89
N ASP C 110 59.01 -45.48 -80.57
CA ASP C 110 57.87 -44.87 -79.89
C ASP C 110 57.65 -43.46 -80.37
N LEU C 111 58.72 -42.71 -80.62
CA LEU C 111 58.56 -41.35 -81.11
C LEU C 111 57.94 -41.34 -82.50
N GLU C 112 58.39 -42.25 -83.36
CA GLU C 112 57.74 -42.39 -84.66
C GLU C 112 56.24 -42.66 -84.49
N THR C 113 55.91 -43.62 -83.63
CA THR C 113 54.49 -43.89 -83.38
C THR C 113 53.78 -42.61 -82.98
N VAL C 114 54.42 -41.79 -82.15
CA VAL C 114 53.84 -40.51 -81.79
C VAL C 114 53.64 -39.66 -83.04
N LEU C 115 54.57 -39.76 -83.98
CA LEU C 115 54.37 -39.11 -85.28
C LEU C 115 53.06 -39.59 -85.89
N SER C 116 52.70 -40.84 -85.65
CA SER C 116 51.45 -41.36 -86.18
C SER C 116 50.29 -40.70 -85.46
N THR C 117 49.28 -40.33 -86.24
CA THR C 117 48.11 -39.65 -85.69
C THR C 117 46.85 -40.16 -86.38
N LYS C 118 45.81 -40.38 -85.59
CA LYS C 118 44.53 -40.87 -86.09
C LYS C 118 43.41 -39.87 -85.86
N GLY C 119 43.72 -38.66 -85.40
CA GLY C 119 42.71 -37.68 -85.06
C GLY C 119 42.87 -36.42 -85.88
N GLU C 120 41.74 -35.73 -86.09
CA GLU C 120 41.76 -34.50 -86.89
C GLU C 120 42.60 -33.43 -86.22
N VAL C 121 42.47 -33.28 -84.90
CA VAL C 121 43.20 -32.22 -84.20
C VAL C 121 44.69 -32.53 -84.16
N LEU C 122 45.03 -33.79 -83.89
CA LEU C 122 46.44 -34.16 -83.83
C LEU C 122 47.09 -34.00 -85.20
N ARG C 123 46.44 -34.51 -86.25
CA ARG C 123 46.99 -34.37 -87.59
C ARG C 123 47.04 -32.90 -88.01
N ALA C 124 46.08 -32.11 -87.54
CA ALA C 124 46.10 -30.69 -87.85
C ALA C 124 47.30 -30.00 -87.21
N ILE C 125 47.57 -30.30 -85.94
CA ILE C 125 48.74 -29.74 -85.29
C ILE C 125 50.01 -30.22 -85.99
N VAL C 126 50.02 -31.48 -86.42
CA VAL C 126 51.18 -32.01 -87.15
C VAL C 126 51.42 -31.19 -88.41
N ALA C 127 50.36 -30.98 -89.20
CA ALA C 127 50.47 -30.13 -90.38
C ALA C 127 50.98 -28.75 -90.00
N ARG C 128 50.51 -28.21 -88.87
CA ARG C 128 51.00 -26.92 -88.41
C ARG C 128 52.45 -27.03 -87.94
N ILE C 129 52.82 -28.15 -87.34
CA ILE C 129 54.18 -28.30 -86.84
C ILE C 129 55.16 -28.23 -88.00
N ASP C 130 56.29 -27.55 -87.76
CA ASP C 130 57.31 -27.44 -88.79
C ASP C 130 57.79 -28.82 -89.21
N THR C 131 57.99 -29.00 -90.52
CA THR C 131 58.43 -30.29 -91.03
C THR C 131 59.74 -30.72 -90.38
N SER C 132 60.68 -29.79 -90.23
CA SER C 132 61.98 -30.13 -89.68
C SER C 132 61.85 -30.52 -88.21
N VAL C 133 62.58 -31.56 -87.81
CA VAL C 133 62.50 -32.09 -86.46
C VAL C 133 63.80 -32.81 -86.16
N ASP C 134 64.09 -32.98 -84.87
CA ASP C 134 65.19 -33.81 -84.40
C ASP C 134 64.59 -34.73 -83.35
N TYR C 135 63.95 -35.80 -83.84
CA TYR C 135 63.34 -36.76 -82.93
C TYR C 135 64.35 -37.31 -81.95
N GLU C 136 65.62 -37.43 -82.36
CA GLU C 136 66.63 -37.91 -81.44
C GLU C 136 66.93 -36.86 -80.37
N ALA C 137 67.00 -35.59 -80.77
CA ALA C 137 67.15 -34.52 -79.78
C ALA C 137 65.90 -34.43 -78.91
N PHE C 138 64.74 -34.83 -79.43
CA PHE C 138 63.53 -34.87 -78.63
C PHE C 138 63.61 -35.96 -77.58
N LEU C 139 63.99 -37.17 -77.99
CA LEU C 139 64.15 -38.26 -77.03
C LEU C 139 65.17 -37.90 -75.97
N ASP C 140 66.28 -37.30 -76.36
CA ASP C 140 67.30 -36.91 -75.39
C ASP C 140 66.80 -35.78 -74.50
N ARG C 141 65.96 -34.90 -75.04
CA ARG C 141 65.57 -33.67 -74.36
C ARG C 141 64.17 -33.73 -73.76
N PHE C 142 63.28 -34.52 -74.32
CA PHE C 142 61.91 -34.65 -73.83
C PHE C 142 61.73 -35.96 -73.10
N ALA C 143 60.74 -35.99 -72.20
CA ALA C 143 60.49 -37.16 -71.37
C ALA C 143 59.01 -37.20 -71.01
N ILE C 144 58.57 -38.35 -70.50
CA ILE C 144 57.19 -38.55 -70.07
C ILE C 144 57.24 -39.33 -68.75
N GLU C 145 57.09 -38.62 -67.64
CA GLU C 145 57.09 -39.23 -66.32
C GLU C 145 55.67 -39.43 -65.82
N PHE C 146 55.54 -40.29 -64.81
CA PHE C 146 54.24 -40.58 -64.22
C PHE C 146 54.36 -40.56 -62.70
N GLY C 147 53.42 -39.90 -62.04
CA GLY C 147 53.47 -39.75 -60.61
C GLY C 147 52.11 -39.86 -59.94
N PRO C 148 52.07 -39.64 -58.63
CA PRO C 148 50.80 -39.67 -57.91
C PRO C 148 50.05 -38.35 -58.04
N SER C 149 48.79 -38.38 -57.61
CA SER C 149 47.98 -37.17 -57.61
C SER C 149 48.57 -36.12 -56.67
N ALA C 150 48.07 -34.90 -56.82
CA ALA C 150 48.66 -33.77 -56.11
C ALA C 150 48.25 -33.74 -54.64
N GLU C 151 46.94 -33.75 -54.39
CA GLU C 151 46.45 -33.65 -53.03
C GLU C 151 47.24 -34.53 -52.07
N ASP C 152 47.68 -35.69 -52.54
CA ASP C 152 48.54 -36.53 -51.71
C ASP C 152 49.83 -35.81 -51.38
N LEU C 153 50.42 -35.16 -52.37
CA LEU C 153 51.65 -34.41 -52.13
C LEU C 153 51.41 -33.28 -51.14
N GLN C 154 50.26 -32.60 -51.29
CA GLN C 154 49.96 -31.50 -50.38
C GLN C 154 49.84 -32.00 -48.95
N VAL C 155 49.11 -33.09 -48.75
CA VAL C 155 48.92 -33.60 -47.39
C VAL C 155 50.23 -34.11 -46.83
N ALA C 156 51.10 -34.64 -47.69
CA ALA C 156 52.40 -35.06 -47.19
C ALA C 156 53.24 -33.87 -46.79
N VAL C 157 53.10 -32.77 -47.54
CA VAL C 157 53.82 -31.55 -47.20
C VAL C 157 53.32 -31.01 -45.88
N LEU C 158 52.03 -31.19 -45.62
CA LEU C 158 51.47 -30.78 -44.34
C LEU C 158 52.16 -31.51 -43.19
N ALA C 159 52.29 -32.83 -43.33
CA ALA C 159 52.96 -33.60 -42.28
C ALA C 159 54.40 -33.16 -42.14
N SER C 160 55.05 -32.86 -43.26
CA SER C 160 56.44 -32.39 -43.19
C SER C 160 56.52 -31.11 -42.37
N LEU C 161 55.71 -30.12 -42.73
CA LEU C 161 55.72 -28.86 -41.99
C LEU C 161 55.43 -29.10 -40.52
N LYS C 162 54.58 -30.07 -40.21
CA LYS C 162 54.34 -30.42 -38.82
C LYS C 162 55.62 -30.91 -38.17
N ASP C 163 56.31 -31.83 -38.84
CA ASP C 163 57.58 -32.33 -38.30
C ASP C 163 58.57 -31.19 -38.10
N LYS C 164 58.46 -30.14 -38.90
CA LYS C 164 59.38 -29.01 -38.76
C LYS C 164 59.22 -28.31 -37.43
N GLY C 165 58.12 -28.54 -36.73
CA GLY C 165 57.94 -27.97 -35.42
C GLY C 165 57.55 -26.50 -35.47
N PHE C 166 56.40 -26.22 -36.06
CA PHE C 166 55.84 -24.88 -36.11
C PHE C 166 54.47 -24.87 -35.48
N ASP C 167 54.05 -23.69 -35.04
CA ASP C 167 52.77 -23.53 -34.38
C ASP C 167 51.67 -24.11 -35.26
N PRO C 168 51.05 -25.22 -34.88
CA PRO C 168 50.13 -25.90 -35.81
C PRO C 168 48.94 -25.06 -36.21
N ASP C 169 48.44 -24.21 -35.31
CA ASP C 169 47.24 -23.44 -35.62
C ASP C 169 47.48 -22.49 -36.78
N ASP C 170 48.71 -22.01 -36.94
CA ASP C 170 49.04 -21.00 -37.94
C ASP C 170 49.72 -21.56 -39.17
N ILE C 171 49.93 -22.87 -39.24
CA ILE C 171 50.66 -23.45 -40.36
C ILE C 171 49.94 -23.16 -41.67
N ASP C 172 48.62 -23.31 -41.67
CA ASP C 172 47.87 -23.31 -42.91
C ASP C 172 47.66 -21.90 -43.45
N ALA C 173 47.70 -20.90 -42.57
CA ALA C 173 47.31 -19.56 -42.96
C ALA C 173 48.48 -18.77 -43.52
N VAL C 174 49.63 -18.86 -42.88
CA VAL C 174 50.78 -18.00 -43.16
C VAL C 174 51.94 -18.78 -43.73
N ILE C 175 52.38 -19.83 -43.05
CA ILE C 175 53.60 -20.55 -43.44
C ILE C 175 53.42 -21.15 -44.82
N PHE C 176 52.41 -21.98 -44.99
CA PHE C 176 52.25 -22.72 -46.23
C PHE C 176 52.00 -21.81 -47.42
N PRO C 177 51.00 -20.93 -47.40
CA PRO C 177 50.74 -20.11 -48.60
C PRO C 177 51.89 -19.19 -48.94
N ASN C 178 52.68 -18.80 -47.95
CA ASN C 178 53.81 -17.92 -48.20
C ASN C 178 55.03 -18.69 -48.70
N ALA C 179 55.15 -19.97 -48.34
CA ALA C 179 56.28 -20.77 -48.78
C ALA C 179 56.30 -20.87 -50.30
N ILE C 180 55.25 -21.47 -50.87
CA ILE C 180 55.13 -21.61 -52.31
C ILE C 180 55.34 -20.28 -53.00
N GLN C 181 54.90 -19.18 -52.38
CA GLN C 181 55.06 -17.89 -53.00
C GLN C 181 56.52 -17.48 -53.05
N ARG C 182 57.24 -17.69 -51.94
CA ARG C 182 58.67 -17.43 -51.95
C ARG C 182 59.34 -18.26 -53.03
N ILE C 183 58.93 -19.51 -53.16
CA ILE C 183 59.55 -20.41 -54.12
C ILE C 183 59.31 -19.92 -55.54
N VAL C 184 58.12 -19.36 -55.78
CA VAL C 184 57.79 -18.90 -57.12
C VAL C 184 58.42 -17.56 -57.41
N ASP C 185 58.76 -16.79 -56.37
CA ASP C 185 59.40 -15.50 -56.59
C ASP C 185 60.66 -15.67 -57.44
N LEU C 186 61.32 -16.82 -57.31
CA LEU C 186 62.53 -17.06 -58.07
C LEU C 186 62.22 -17.48 -59.50
N ALA C 187 61.06 -18.07 -59.72
CA ALA C 187 60.72 -18.54 -61.05
C ALA C 187 60.63 -17.39 -62.05
N THR C 188 60.25 -16.21 -61.58
CA THR C 188 60.03 -15.04 -62.43
C THR C 188 60.59 -13.81 -61.74
N ARG C 189 61.72 -13.31 -62.23
CA ARG C 189 62.39 -12.18 -61.61
C ARG C 189 63.56 -11.76 -62.49
N SER C 190 63.95 -10.49 -62.36
CA SER C 190 65.11 -9.94 -63.05
C SER C 190 65.88 -9.06 -62.07
N ASP C 191 67.02 -9.56 -61.58
CA ASP C 191 67.88 -8.80 -60.68
C ASP C 191 69.21 -9.54 -60.57
N VAL C 192 70.20 -8.84 -60.02
CA VAL C 192 71.55 -9.37 -59.85
C VAL C 192 71.73 -9.67 -58.37
N ASN C 193 71.78 -10.96 -58.03
CA ASN C 193 71.97 -11.40 -56.65
C ASN C 193 72.13 -12.91 -56.65
N ASP C 194 72.53 -13.44 -55.49
CA ASP C 194 72.70 -14.88 -55.34
C ASP C 194 71.41 -15.60 -55.69
N ARG C 195 71.52 -16.65 -56.49
CA ARG C 195 70.35 -17.33 -57.02
C ARG C 195 69.89 -18.46 -56.10
N THR C 196 70.76 -19.44 -55.87
CA THR C 196 70.40 -20.62 -55.09
C THR C 196 69.88 -20.22 -53.71
N VAL C 197 69.14 -21.15 -53.10
CA VAL C 197 68.50 -20.93 -51.80
C VAL C 197 68.92 -22.04 -50.86
N GLU C 198 69.58 -21.68 -49.77
CA GLU C 198 69.92 -22.66 -48.75
C GLU C 198 68.70 -22.92 -47.87
N PRO C 199 68.56 -24.12 -47.34
CA PRO C 199 67.35 -24.46 -46.59
C PRO C 199 67.30 -23.81 -45.24
N LYS C 200 68.42 -23.85 -44.51
CA LYS C 200 68.39 -23.49 -43.11
C LYS C 200 68.01 -22.03 -42.93
N THR C 201 68.69 -21.13 -43.64
CA THR C 201 68.33 -19.73 -43.56
C THR C 201 66.92 -19.50 -44.09
N PHE C 202 66.53 -20.26 -45.10
CA PHE C 202 65.17 -20.18 -45.63
C PHE C 202 64.15 -20.35 -44.51
N LEU C 203 64.26 -21.46 -43.76
CA LEU C 203 63.30 -21.73 -42.70
C LEU C 203 63.43 -20.73 -41.56
N ALA C 204 64.66 -20.44 -41.14
CA ALA C 204 64.84 -19.49 -40.05
C ALA C 204 64.24 -18.14 -40.40
N GLY C 205 64.22 -17.78 -41.69
CA GLY C 205 63.65 -16.51 -42.08
C GLY C 205 62.13 -16.56 -42.17
N LEU C 206 61.60 -17.58 -42.85
CA LEU C 206 60.16 -17.68 -43.00
C LEU C 206 59.47 -17.86 -41.66
N ARG C 207 60.17 -18.35 -40.65
CA ARG C 207 59.54 -18.58 -39.36
C ARG C 207 59.15 -17.26 -38.69
N GLU C 208 59.68 -16.14 -39.18
CA GLU C 208 59.50 -14.85 -38.53
C GLU C 208 58.65 -13.88 -39.33
N VAL C 209 58.02 -14.33 -40.41
CA VAL C 209 57.25 -13.46 -41.29
C VAL C 209 55.77 -13.78 -41.09
N ARG C 210 54.97 -12.74 -40.87
CA ARG C 210 53.52 -12.89 -40.68
C ARG C 210 52.82 -11.92 -41.62
N ARG C 211 52.46 -12.39 -42.81
CA ARG C 211 51.76 -11.55 -43.77
C ARG C 211 50.99 -12.45 -44.72
N VAL C 212 49.67 -12.52 -44.55
CA VAL C 212 48.86 -13.34 -45.44
C VAL C 212 49.16 -12.97 -46.87
N THR C 213 49.09 -13.96 -47.75
CA THR C 213 49.47 -13.78 -49.15
C THR C 213 48.45 -14.48 -50.04
N PHE C 214 47.70 -13.69 -50.81
CA PHE C 214 46.83 -14.21 -51.85
C PHE C 214 47.39 -13.82 -53.21
N THR C 215 47.12 -14.64 -54.21
CA THR C 215 47.57 -14.37 -55.57
C THR C 215 47.01 -15.46 -56.47
N ARG C 216 47.23 -15.29 -57.78
CA ARG C 216 46.79 -16.31 -58.71
C ARG C 216 47.34 -17.67 -58.33
N TRP C 217 48.60 -17.71 -57.89
CA TRP C 217 49.20 -18.99 -57.55
C TRP C 217 48.49 -19.62 -56.37
N THR C 218 48.44 -18.93 -55.23
CA THR C 218 47.84 -19.52 -54.06
C THR C 218 46.36 -19.79 -54.29
N ARG C 219 45.72 -19.00 -55.16
CA ARG C 219 44.29 -19.19 -55.39
C ARG C 219 43.99 -20.61 -55.83
N GLU C 220 44.80 -21.16 -56.74
CA GLU C 220 44.62 -22.53 -57.17
C GLU C 220 45.12 -23.52 -56.15
N LEU C 221 45.84 -23.07 -55.13
CA LEU C 221 46.30 -24.00 -54.10
C LEU C 221 45.11 -24.75 -53.53
N ALA C 222 45.32 -26.03 -53.24
CA ALA C 222 44.21 -26.90 -52.86
C ALA C 222 43.50 -26.38 -51.63
N THR C 223 44.24 -26.16 -50.55
CA THR C 223 43.64 -25.78 -49.28
C THR C 223 43.67 -24.27 -49.14
N LYS C 224 42.66 -23.62 -49.71
CA LYS C 224 42.44 -22.20 -49.56
C LYS C 224 41.28 -21.86 -48.64
N GLY C 225 40.30 -22.74 -48.51
CA GLY C 225 39.09 -22.40 -47.80
C GLY C 225 39.36 -21.97 -46.37
N ARG C 226 40.20 -22.73 -45.67
CA ARG C 226 40.42 -22.44 -44.26
C ARG C 226 41.08 -21.09 -44.06
N MET C 227 41.81 -20.62 -45.06
CA MET C 227 42.57 -19.38 -44.90
C MET C 227 41.62 -18.19 -44.76
N PHE C 228 40.68 -18.06 -45.69
CA PHE C 228 39.71 -16.99 -45.61
C PHE C 228 39.00 -16.99 -44.27
N SER C 229 38.51 -18.16 -43.87
CA SER C 229 37.71 -18.24 -42.65
C SER C 229 38.52 -17.84 -41.44
N SER C 230 39.77 -18.29 -41.38
CA SER C 230 40.61 -17.94 -40.24
C SER C 230 40.84 -16.43 -40.20
N LEU C 231 41.23 -15.86 -41.34
CA LEU C 231 41.57 -14.44 -41.34
C LEU C 231 40.33 -13.59 -41.12
N ARG C 232 39.16 -14.14 -41.38
CA ARG C 232 37.93 -13.41 -41.12
C ARG C 232 37.55 -13.45 -39.66
N LYS C 233 37.62 -14.64 -39.07
CA LYS C 233 37.33 -14.79 -37.65
C LYS C 233 38.36 -14.06 -36.79
N SER C 234 39.51 -13.72 -37.37
CA SER C 234 40.51 -12.99 -36.60
C SER C 234 40.15 -11.53 -36.45
N LEU C 235 39.72 -10.90 -37.53
CA LEU C 235 39.47 -9.47 -37.56
C LEU C 235 38.09 -9.08 -37.06
N ARG C 236 37.32 -10.03 -36.54
CA ARG C 236 35.94 -9.72 -36.14
C ARG C 236 35.91 -8.64 -35.08
N SER C 237 36.61 -8.87 -33.96
CA SER C 237 36.61 -7.90 -32.88
C SER C 237 37.24 -6.59 -33.31
N CYS C 238 38.12 -6.63 -34.30
CA CYS C 238 38.78 -5.41 -34.75
C CYS C 238 37.85 -4.54 -35.56
N LEU C 239 36.77 -5.12 -36.10
CA LEU C 239 35.83 -4.40 -36.95
C LEU C 239 34.42 -4.47 -36.40
N ALA C 240 34.29 -4.66 -35.09
CA ALA C 240 33.00 -4.66 -34.42
C ALA C 240 32.72 -3.37 -33.66
N HIS C 241 33.72 -2.84 -32.97
CA HIS C 241 33.54 -1.60 -32.25
C HIS C 241 33.10 -0.50 -33.21
N ASN C 242 32.53 0.55 -32.64
CA ASN C 242 32.07 1.70 -33.40
C ASN C 242 33.12 2.79 -33.49
N SER C 243 33.61 3.26 -32.35
CA SER C 243 34.60 4.31 -32.29
C SER C 243 36.00 3.72 -32.18
N ARG C 244 36.82 3.97 -33.19
CA ARG C 244 38.21 3.57 -33.24
C ARG C 244 38.89 4.43 -34.29
N TRP C 245 40.20 4.24 -34.43
CA TRP C 245 41.00 4.94 -35.41
C TRP C 245 41.66 3.90 -36.30
N ARG C 246 41.41 3.99 -37.60
CA ARG C 246 41.92 3.05 -38.57
C ARG C 246 42.70 3.78 -39.65
N VAL C 247 43.75 3.13 -40.14
CA VAL C 247 44.70 3.73 -41.06
C VAL C 247 45.04 2.70 -42.13
N PHE C 248 44.57 2.93 -43.34
CA PHE C 248 44.92 2.10 -44.48
C PHE C 248 46.11 2.69 -45.22
N VAL C 249 46.86 1.83 -45.89
CA VAL C 249 47.97 2.25 -46.74
C VAL C 249 48.06 1.28 -47.91
N ILE C 250 48.27 1.81 -49.11
CA ILE C 250 48.18 1.04 -50.33
C ILE C 250 49.26 1.46 -51.31
N ASN C 251 49.70 0.48 -52.11
CA ASN C 251 50.56 0.70 -53.27
C ASN C 251 49.81 0.24 -54.51
N PRO C 252 49.56 1.10 -55.49
CA PRO C 252 48.73 0.71 -56.64
C PRO C 252 49.50 0.24 -57.87
N LEU C 253 50.83 0.18 -57.81
CA LEU C 253 51.61 -0.15 -59.00
C LEU C 253 51.32 -1.56 -59.48
N THR C 254 51.11 -2.49 -58.56
CA THR C 254 51.05 -3.91 -58.89
C THR C 254 49.65 -4.50 -58.82
N ILE C 255 48.65 -3.73 -58.43
CA ILE C 255 47.31 -4.26 -58.32
C ILE C 255 46.61 -4.18 -59.68
N GLU C 256 45.56 -4.99 -59.82
CA GLU C 256 44.85 -5.10 -61.08
C GLU C 256 43.61 -4.22 -61.10
N ASN C 257 43.52 -3.37 -62.12
CA ASN C 257 42.30 -2.61 -62.40
C ASN C 257 41.97 -1.65 -61.26
N PHE C 258 42.98 -0.97 -60.75
CA PHE C 258 42.82 -0.09 -59.60
C PHE C 258 41.81 1.03 -59.89
N ASP C 259 42.04 1.74 -60.99
CA ASP C 259 41.37 3.02 -61.20
C ASP C 259 39.86 2.90 -61.20
N ASP C 260 39.34 1.71 -61.46
CA ASP C 260 37.91 1.52 -61.60
C ASP C 260 37.29 0.71 -60.47
N ASP C 261 38.10 0.16 -59.57
CA ASP C 261 37.59 -0.66 -58.48
C ASP C 261 37.94 -0.12 -57.11
N ILE C 262 38.80 0.89 -57.01
CA ILE C 262 39.05 1.50 -55.71
C ILE C 262 37.81 2.18 -55.19
N VAL C 263 37.05 2.81 -56.08
CA VAL C 263 35.93 3.64 -55.67
C VAL C 263 34.86 2.81 -55.00
N ARG C 264 34.58 1.63 -55.57
CA ARG C 264 33.54 0.78 -55.00
C ARG C 264 33.93 0.35 -53.59
N PHE C 265 35.19 -0.01 -53.40
CA PHE C 265 35.68 -0.39 -52.09
C PHE C 265 35.50 0.74 -51.10
N ILE C 266 35.96 1.93 -51.48
CA ILE C 266 35.86 3.08 -50.60
C ILE C 266 34.42 3.34 -50.22
N LYS C 267 33.51 3.23 -51.19
CA LYS C 267 32.12 3.52 -50.93
C LYS C 267 31.52 2.51 -49.98
N ALA C 268 31.78 1.23 -50.22
CA ALA C 268 31.24 0.21 -49.32
C ALA C 268 31.73 0.43 -47.89
N PHE C 269 33.04 0.63 -47.74
CA PHE C 269 33.59 0.87 -46.42
C PHE C 269 32.93 2.07 -45.75
N VAL C 270 32.94 3.22 -46.42
CA VAL C 270 32.40 4.43 -45.83
C VAL C 270 30.90 4.35 -45.65
N GLN C 271 30.23 3.40 -46.29
CA GLN C 271 28.80 3.26 -46.19
C GLN C 271 28.38 2.22 -45.19
N ARG C 272 29.31 1.46 -44.65
CA ARG C 272 29.01 0.63 -43.50
C ARG C 272 29.60 1.13 -42.20
N TYR C 273 30.81 1.68 -42.22
CA TYR C 273 31.50 2.00 -40.99
C TYR C 273 31.47 3.48 -40.63
N SER C 274 31.05 4.37 -41.52
CA SER C 274 31.05 5.79 -41.25
C SER C 274 29.79 6.45 -41.78
N SER C 275 28.63 5.87 -41.49
CA SER C 275 27.35 6.42 -41.92
C SER C 275 26.41 6.74 -40.78
N LYS C 276 26.79 6.46 -39.54
CA LYS C 276 25.96 6.70 -38.38
C LYS C 276 26.53 7.82 -37.52
N TYR C 277 25.85 8.05 -36.41
CA TYR C 277 26.18 9.16 -35.51
C TYR C 277 27.34 8.81 -34.60
N LEU C 278 27.28 7.64 -33.96
CA LEU C 278 28.27 7.24 -32.99
C LEU C 278 29.61 6.90 -33.63
N HIS C 279 29.71 6.95 -34.94
CA HIS C 279 30.98 6.77 -35.63
C HIS C 279 31.67 8.11 -35.68
N SER C 280 32.57 8.35 -34.74
CA SER C 280 33.11 9.66 -34.47
C SER C 280 34.63 9.70 -34.59
N ASN C 281 35.17 8.99 -35.54
CA ASN C 281 36.59 9.11 -35.88
C ASN C 281 36.81 8.52 -37.25
N PRO C 282 36.48 9.26 -38.30
CA PRO C 282 36.54 8.69 -39.64
C PRO C 282 37.94 8.23 -39.97
N PRO C 283 38.07 7.29 -40.89
CA PRO C 283 39.37 6.70 -41.19
C PRO C 283 40.24 7.61 -42.03
N LEU C 284 41.41 7.07 -42.36
CA LEU C 284 42.40 7.74 -43.17
C LEU C 284 42.95 6.75 -44.17
N PHE C 285 42.82 7.08 -45.45
CA PHE C 285 43.37 6.28 -46.53
C PHE C 285 44.60 6.99 -47.08
N MET C 286 45.63 6.23 -47.37
CA MET C 286 46.88 6.76 -47.86
C MET C 286 47.36 5.95 -49.06
N LEU C 287 47.83 6.65 -50.07
CA LEU C 287 48.35 6.02 -51.28
C LEU C 287 49.78 6.47 -51.52
N THR C 288 50.63 5.54 -51.93
CA THR C 288 52.03 5.79 -52.21
C THR C 288 52.31 5.63 -53.69
N GLY C 289 53.24 6.43 -54.21
CA GLY C 289 53.55 6.41 -55.62
C GLY C 289 53.43 7.78 -56.26
N ASP C 290 52.79 7.83 -57.43
CA ASP C 290 52.64 9.06 -58.20
C ASP C 290 51.21 9.30 -58.64
N TYR C 291 50.23 8.81 -57.88
CA TYR C 291 48.84 8.95 -58.25
C TYR C 291 48.37 10.37 -58.03
N ASP C 292 47.35 10.76 -58.77
CA ASP C 292 46.78 12.11 -58.70
C ASP C 292 45.45 12.04 -57.97
N LEU C 293 45.36 12.76 -56.85
CA LEU C 293 44.19 12.66 -55.99
C LEU C 293 42.98 13.40 -56.56
N SER C 294 43.20 14.27 -57.53
CA SER C 294 42.13 15.15 -58.00
C SER C 294 40.97 14.35 -58.55
N VAL C 295 41.26 13.47 -59.50
CA VAL C 295 40.20 12.74 -60.18
C VAL C 295 39.41 11.89 -59.20
N LEU C 296 40.12 11.27 -58.25
CA LEU C 296 39.44 10.43 -57.28
C LEU C 296 38.55 11.25 -56.39
N GLN C 297 39.04 12.40 -55.94
CA GLN C 297 38.22 13.29 -55.13
C GLN C 297 36.96 13.68 -55.88
N LYS C 298 37.12 13.95 -57.17
CA LYS C 298 35.99 14.42 -57.96
C LYS C 298 34.94 13.35 -58.08
N ARG C 299 35.35 12.13 -58.37
CA ARG C 299 34.38 11.05 -58.52
C ARG C 299 33.70 10.75 -57.20
N LEU C 300 34.45 10.76 -56.10
CA LEU C 300 33.84 10.50 -54.81
C LEU C 300 32.82 11.57 -54.45
N TYR C 301 33.06 12.80 -54.89
CA TYR C 301 32.03 13.82 -54.73
C TYR C 301 30.83 13.50 -55.59
N ASP C 302 31.07 13.14 -56.84
CA ASP C 302 29.96 12.80 -57.73
C ASP C 302 29.13 11.66 -57.17
N ALA C 303 29.71 10.86 -56.29
CA ALA C 303 28.97 9.73 -55.73
C ALA C 303 28.09 10.18 -54.57
N GLY C 304 28.57 11.11 -53.76
CA GLY C 304 27.79 11.60 -52.63
C GLY C 304 28.60 11.91 -51.40
N LEU C 305 29.84 11.48 -51.38
CA LEU C 305 30.70 11.66 -50.22
C LEU C 305 31.58 12.90 -50.36
N ARG C 306 32.03 13.41 -49.22
CA ARG C 306 32.95 14.54 -49.15
C ARG C 306 34.22 14.14 -48.43
N CYS C 307 35.30 14.85 -48.73
CA CYS C 307 36.63 14.49 -48.29
C CYS C 307 37.33 15.64 -47.60
N GLU C 308 38.32 15.31 -46.79
CA GLU C 308 39.18 16.27 -46.09
C GLU C 308 40.61 16.10 -46.60
N THR C 309 40.97 16.85 -47.63
CA THR C 309 42.30 16.73 -48.20
C THR C 309 43.38 17.09 -47.20
N GLY C 310 43.03 17.87 -46.19
CA GLY C 310 43.98 18.33 -45.21
C GLY C 310 44.64 19.64 -45.53
N LYS C 311 44.42 20.18 -46.71
CA LYS C 311 45.19 21.32 -47.18
C LYS C 311 44.50 22.63 -46.86
N VAL C 312 45.29 23.70 -46.89
CA VAL C 312 44.80 25.05 -46.80
C VAL C 312 45.57 25.86 -47.83
N GLY C 313 44.94 26.12 -48.97
CA GLY C 313 45.55 26.90 -50.02
C GLY C 313 46.41 26.11 -50.98
N GLY C 314 46.46 24.80 -50.84
CA GLY C 314 47.09 23.95 -51.82
C GLY C 314 48.59 24.11 -51.93
N THR C 315 49.28 24.09 -50.80
CA THR C 315 50.73 24.05 -50.78
C THR C 315 51.27 22.83 -50.05
N ASP C 316 50.84 22.59 -48.81
CA ASP C 316 51.36 21.50 -48.02
C ASP C 316 50.33 21.09 -46.98
N VAL C 317 50.55 19.91 -46.41
CA VAL C 317 49.61 19.33 -45.47
C VAL C 317 49.92 19.80 -44.06
N ILE C 318 48.87 19.98 -43.28
CA ILE C 318 48.98 20.33 -41.87
C ILE C 318 48.53 19.13 -41.06
N ILE C 319 49.39 18.68 -40.16
CA ILE C 319 49.12 17.46 -39.43
C ILE C 319 47.97 17.67 -38.45
N LYS C 320 47.64 18.91 -38.14
CA LYS C 320 46.60 19.19 -37.17
C LYS C 320 45.23 18.96 -37.75
N GLU C 321 44.88 19.74 -38.78
CA GLU C 321 43.51 19.73 -39.29
C GLU C 321 43.12 18.35 -39.80
N LEU C 322 44.07 17.58 -40.30
CA LEU C 322 43.74 16.28 -40.86
C LEU C 322 43.15 15.37 -39.80
N PHE C 323 43.61 15.49 -38.57
CA PHE C 323 43.25 14.56 -37.51
C PHE C 323 42.10 15.05 -36.64
N ARG C 324 41.50 16.19 -36.96
CA ARG C 324 40.51 16.75 -36.06
C ARG C 324 39.24 15.91 -36.06
N ARG C 325 38.36 16.25 -35.15
CA ARG C 325 37.05 15.65 -35.06
C ARG C 325 36.05 16.43 -35.89
N PRO C 326 35.04 15.77 -36.41
CA PRO C 326 34.04 16.45 -37.23
C PRO C 326 32.83 16.91 -36.45
N ILE C 327 32.09 17.82 -37.08
CA ILE C 327 30.80 18.23 -36.56
C ILE C 327 29.75 17.20 -36.94
N LEU C 328 28.78 17.00 -36.05
CA LEU C 328 27.74 16.03 -36.25
C LEU C 328 26.42 16.52 -35.69
N ILE C 329 25.34 16.33 -36.45
CA ILE C 329 24.00 16.70 -36.05
C ILE C 329 23.07 15.52 -36.31
N ARG C 330 22.11 15.33 -35.40
CA ARG C 330 21.33 14.10 -35.40
C ARG C 330 20.19 14.12 -36.40
N ASN C 331 19.24 15.03 -36.21
CA ASN C 331 17.98 14.98 -36.94
C ASN C 331 17.83 16.19 -37.85
N PRO C 332 18.03 16.05 -39.17
CA PRO C 332 18.52 14.88 -39.89
C PRO C 332 20.02 14.71 -39.78
N PHE C 333 20.55 13.60 -40.27
CA PHE C 333 21.98 13.36 -40.13
C PHE C 333 22.77 14.09 -41.20
N ARG C 334 23.83 14.76 -40.77
CA ARG C 334 24.81 15.36 -41.65
C ARG C 334 26.18 15.17 -41.03
N MET C 335 27.18 15.03 -41.89
CA MET C 335 28.54 14.86 -41.41
C MET C 335 29.48 15.55 -42.37
N GLU C 336 30.28 16.47 -41.83
CA GLU C 336 31.12 17.32 -42.67
C GLU C 336 32.05 16.50 -43.53
N PHE C 337 32.95 15.74 -42.93
CA PHE C 337 33.83 14.85 -43.67
C PHE C 337 33.63 13.42 -43.20
N SER C 338 33.56 12.52 -44.18
CA SER C 338 33.37 11.10 -43.96
C SER C 338 34.63 10.28 -44.18
N LEU C 339 35.55 10.75 -45.00
CA LEU C 339 36.82 10.08 -45.20
C LEU C 339 37.93 11.10 -45.29
N ARG C 340 39.16 10.60 -45.25
CA ARG C 340 40.37 11.40 -45.22
C ARG C 340 41.38 10.83 -46.20
N LEU C 341 41.98 11.69 -47.02
CA LEU C 341 42.91 11.28 -48.04
C LEU C 341 44.18 12.10 -47.98
N ALA C 342 45.31 11.45 -48.24
CA ALA C 342 46.59 12.13 -48.33
C ALA C 342 47.64 11.14 -48.80
N LYS C 343 48.57 11.63 -49.61
CA LYS C 343 49.71 10.83 -50.01
C LYS C 343 50.72 10.74 -48.88
N ARG C 344 51.48 9.66 -48.86
CA ARG C 344 52.36 9.38 -47.73
C ARG C 344 53.57 10.31 -47.73
N ASP C 345 54.26 10.39 -48.87
CA ASP C 345 55.49 11.17 -48.93
C ASP C 345 55.28 12.59 -48.42
N GLU C 346 54.07 13.13 -48.58
CA GLU C 346 53.81 14.50 -48.19
C GLU C 346 53.56 14.63 -46.70
N VAL C 347 53.11 13.56 -46.06
CA VAL C 347 52.76 13.60 -44.64
C VAL C 347 54.02 13.38 -43.83
N ILE C 348 54.50 14.44 -43.19
CA ILE C 348 55.72 14.40 -42.40
C ILE C 348 55.36 14.77 -40.97
N GLY C 349 55.42 13.79 -40.10
CA GLY C 349 55.09 13.97 -38.71
C GLY C 349 54.54 12.70 -38.11
N GLY C 350 53.71 12.88 -37.10
CA GLY C 350 53.08 11.76 -36.43
C GLY C 350 51.82 12.17 -35.72
N PRO C 351 51.00 11.19 -35.35
CA PRO C 351 49.76 11.48 -34.63
C PRO C 351 49.96 11.52 -33.12
N GLN C 352 49.18 12.38 -32.48
CA GLN C 352 49.23 12.48 -31.03
C GLN C 352 48.76 11.18 -30.39
N ARG C 353 47.66 10.64 -30.88
CA ARG C 353 47.15 9.35 -30.42
C ARG C 353 47.62 8.27 -31.38
N ARG C 354 48.16 7.23 -30.82
CA ARG C 354 48.70 6.17 -31.65
C ARG C 354 47.56 5.27 -32.11
N PRO C 355 47.47 4.97 -33.41
CA PRO C 355 46.31 4.26 -33.92
C PRO C 355 46.06 2.93 -33.26
N ASP C 356 44.85 2.43 -33.48
CA ASP C 356 44.42 1.16 -32.90
C ASP C 356 44.60 0.02 -33.89
N GLU C 357 44.49 0.30 -35.17
CA GLU C 357 44.70 -0.69 -36.21
C GLU C 357 45.31 -0.04 -37.44
N LEU C 358 46.36 -0.66 -37.97
CA LEU C 358 47.12 -0.14 -39.10
C LEU C 358 47.26 -1.22 -40.14
N PHE C 359 46.47 -1.13 -41.20
CA PHE C 359 46.48 -2.13 -42.24
C PHE C 359 47.39 -1.72 -43.37
N LEU C 360 48.09 -2.70 -43.94
CA LEU C 360 49.03 -2.48 -45.02
C LEU C 360 48.72 -3.42 -46.16
N ILE C 361 48.70 -2.88 -47.37
CA ILE C 361 48.47 -3.66 -48.58
C ILE C 361 49.67 -3.48 -49.50
N ASN C 362 50.37 -4.57 -49.77
CA ASN C 362 51.49 -4.59 -50.69
C ASN C 362 52.55 -3.57 -50.30
N VAL C 363 53.00 -3.65 -49.05
CA VAL C 363 54.07 -2.80 -48.55
C VAL C 363 54.85 -3.57 -47.50
N ALA C 364 56.11 -3.18 -47.31
CA ALA C 364 57.01 -3.90 -46.42
C ALA C 364 57.07 -3.27 -45.03
N ASP C 365 57.48 -2.01 -44.95
CA ASP C 365 57.71 -1.37 -43.66
C ASP C 365 57.25 0.07 -43.70
N ASP C 366 56.88 0.57 -42.53
CA ASP C 366 56.50 1.96 -42.33
C ASP C 366 57.04 2.45 -41.01
N GLU C 367 57.16 3.76 -40.89
CA GLU C 367 57.74 4.35 -39.69
C GLU C 367 56.81 4.24 -38.49
N TRP C 368 55.50 4.22 -38.72
CA TRP C 368 54.54 4.30 -37.64
C TRP C 368 54.45 3.03 -36.81
N LYS C 369 55.00 1.92 -37.29
CA LYS C 369 54.92 0.67 -36.55
C LYS C 369 55.39 0.87 -35.12
N HIS C 370 54.97 -0.03 -34.24
CA HIS C 370 55.20 0.11 -32.81
C HIS C 370 54.80 -1.21 -32.16
N GLU C 371 54.87 -1.22 -30.84
CA GLU C 371 54.48 -2.41 -30.08
C GLU C 371 52.99 -2.42 -29.79
N ASP C 372 52.48 -1.31 -29.26
CA ASP C 372 51.06 -1.23 -28.94
C ASP C 372 50.22 -1.30 -30.20
N VAL C 373 50.63 -0.60 -31.25
CA VAL C 373 49.87 -0.59 -32.48
C VAL C 373 49.87 -1.98 -33.11
N ASN C 374 48.69 -2.43 -33.50
CA ASN C 374 48.53 -3.70 -34.18
C ASN C 374 48.75 -3.53 -35.67
N VAL C 375 49.52 -4.44 -36.24
CA VAL C 375 49.79 -4.45 -37.68
C VAL C 375 49.09 -5.64 -38.30
N HIS C 376 48.77 -5.49 -39.58
CA HIS C 376 48.12 -6.55 -40.36
C HIS C 376 48.61 -6.42 -41.79
N GLY C 377 49.43 -7.36 -42.22
CA GLY C 377 50.07 -7.27 -43.51
C GLY C 377 49.56 -8.26 -44.53
N PHE C 378 49.02 -7.74 -45.62
CA PHE C 378 48.44 -8.54 -46.68
C PHE C 378 49.17 -8.31 -47.99
N LYS C 379 48.88 -9.17 -48.97
CA LYS C 379 49.50 -9.11 -50.28
C LYS C 379 48.48 -9.37 -51.37
N ILE C 380 47.31 -8.75 -51.26
CA ILE C 380 46.25 -8.98 -52.22
C ILE C 380 46.73 -8.62 -53.62
N GLU C 381 46.29 -9.41 -54.59
CA GLU C 381 46.60 -9.13 -56.00
C GLU C 381 45.47 -8.36 -56.65
N ARG C 382 44.24 -8.70 -56.30
CA ARG C 382 43.07 -7.92 -56.66
C ARG C 382 42.42 -7.40 -55.39
N LEU C 383 41.54 -6.41 -55.55
CA LEU C 383 40.94 -5.75 -54.41
C LEU C 383 39.62 -6.38 -53.99
N SER C 384 39.03 -7.20 -54.84
CA SER C 384 37.73 -7.77 -54.53
C SER C 384 37.81 -8.86 -53.47
N ASP C 385 39.01 -9.39 -53.22
CA ASP C 385 39.15 -10.44 -52.23
C ASP C 385 39.05 -9.88 -50.82
N LEU C 386 39.75 -8.79 -50.55
CA LEU C 386 39.73 -8.18 -49.24
C LEU C 386 38.31 -7.88 -48.79
N GLU C 387 37.40 -7.68 -49.74
CA GLU C 387 36.03 -7.35 -49.41
C GLU C 387 35.36 -8.46 -48.62
N TYR C 388 35.77 -9.71 -48.85
CA TYR C 388 35.26 -10.81 -48.05
C TYR C 388 35.95 -10.86 -46.70
N ILE C 389 37.17 -10.34 -46.63
CA ILE C 389 37.92 -10.40 -45.39
C ILE C 389 37.37 -9.37 -44.41
N LEU C 390 36.78 -8.30 -44.92
CA LEU C 390 36.26 -7.23 -44.08
C LEU C 390 34.74 -7.17 -44.06
N GLN C 391 34.07 -8.29 -44.33
CA GLN C 391 32.63 -8.40 -44.18
C GLN C 391 31.89 -7.36 -45.03
N LEU C 392 32.01 -7.48 -46.34
CA LEU C 392 31.26 -6.66 -47.27
C LEU C 392 30.62 -7.45 -48.40
N ARG C 393 30.91 -8.74 -48.52
CA ARG C 393 30.23 -9.60 -49.48
C ARG C 393 30.33 -11.03 -49.01
N SER C 394 29.26 -11.79 -49.24
CA SER C 394 29.16 -13.14 -48.68
C SER C 394 30.07 -14.11 -49.42
N ASP C 395 30.08 -14.06 -50.74
CA ASP C 395 30.87 -14.97 -51.55
C ASP C 395 32.21 -14.35 -51.93
N TYR C 396 33.11 -15.20 -52.41
CA TYR C 396 34.43 -14.76 -52.87
C TYR C 396 34.61 -15.20 -54.32
N ALA C 397 34.19 -14.33 -55.23
CA ALA C 397 34.38 -14.52 -56.66
C ALA C 397 33.87 -15.89 -57.13
N GLY D 225 34.57 64.91 -49.41
CA GLY D 225 34.95 64.27 -48.16
C GLY D 225 33.82 64.22 -47.15
N ARG D 226 32.78 65.00 -47.39
CA ARG D 226 31.64 65.00 -46.49
C ARG D 226 30.56 64.04 -46.93
N MET D 227 30.47 63.77 -48.24
CA MET D 227 29.43 62.88 -48.74
C MET D 227 29.45 61.53 -48.05
N PHE D 228 30.57 61.17 -47.42
CA PHE D 228 30.70 59.83 -46.87
C PHE D 228 29.86 59.68 -45.61
N SER D 229 29.94 60.65 -44.71
CA SER D 229 29.10 60.61 -43.53
C SER D 229 27.62 60.61 -43.93
N SER D 230 27.32 61.07 -45.13
CA SER D 230 25.95 61.03 -45.62
C SER D 230 25.60 59.62 -46.08
N LEU D 231 26.48 59.03 -46.89
CA LEU D 231 26.24 57.67 -47.34
C LEU D 231 26.05 56.74 -46.15
N ARG D 232 26.78 57.00 -45.07
CA ARG D 232 26.79 56.08 -43.94
C ARG D 232 25.38 55.89 -43.39
N LYS D 233 24.49 56.84 -43.62
CA LYS D 233 23.14 56.70 -43.11
C LYS D 233 22.30 55.83 -44.03
N SER D 234 22.58 55.89 -45.32
CA SER D 234 21.77 55.14 -46.28
C SER D 234 21.88 53.65 -46.01
N LEU D 235 23.05 53.19 -45.62
CA LEU D 235 23.28 51.78 -45.38
C LEU D 235 22.95 51.36 -43.97
N ARG D 236 22.63 52.30 -43.07
CA ARG D 236 22.43 51.93 -41.68
C ARG D 236 21.31 50.91 -41.54
N SER D 237 20.28 51.01 -42.36
CA SER D 237 19.16 50.09 -42.25
C SER D 237 19.52 48.74 -42.83
N CYS D 238 20.03 48.72 -44.06
CA CYS D 238 20.30 47.47 -44.74
C CYS D 238 21.12 46.52 -43.89
N LEU D 239 21.95 47.05 -43.01
CA LEU D 239 22.81 46.22 -42.19
C LEU D 239 22.16 45.78 -40.90
N ALA D 240 21.04 46.38 -40.52
CA ALA D 240 20.43 46.06 -39.24
C ALA D 240 20.02 44.60 -39.19
N HIS D 241 19.40 44.10 -40.25
CA HIS D 241 18.89 42.73 -40.25
C HIS D 241 20.00 41.75 -39.93
N ASN D 242 19.58 40.55 -39.51
CA ASN D 242 20.53 39.52 -39.13
C ASN D 242 20.89 38.63 -40.31
N SER D 243 19.91 38.28 -41.14
CA SER D 243 20.10 37.33 -42.23
C SER D 243 19.88 38.00 -43.57
N ARG D 244 20.86 37.92 -44.45
CA ARG D 244 20.78 38.46 -45.80
C ARG D 244 21.95 37.92 -46.60
N TRP D 245 21.99 38.32 -47.87
CA TRP D 245 23.03 37.89 -48.80
C TRP D 245 23.81 39.11 -49.24
N ARG D 246 25.13 39.01 -49.23
CA ARG D 246 26.02 40.12 -49.49
C ARG D 246 27.21 39.65 -50.30
N VAL D 247 27.56 40.43 -51.33
CA VAL D 247 28.61 40.07 -52.26
C VAL D 247 29.41 41.32 -52.61
N PHE D 248 30.68 41.34 -52.23
CA PHE D 248 31.60 42.38 -52.64
C PHE D 248 32.39 41.97 -53.87
N VAL D 249 32.78 42.96 -54.67
CA VAL D 249 33.65 42.77 -55.83
C VAL D 249 34.62 43.94 -55.83
N ILE D 250 35.86 43.69 -55.43
CA ILE D 250 36.86 44.73 -55.30
C ILE D 250 37.86 44.64 -56.44
N ASN D 251 38.61 45.72 -56.63
CA ASN D 251 39.77 45.76 -57.50
C ASN D 251 40.90 46.37 -56.69
N PRO D 252 42.01 45.68 -56.48
CA PRO D 252 43.01 46.13 -55.53
C PRO D 252 44.13 47.00 -56.10
N LEU D 253 44.26 47.07 -57.42
CA LEU D 253 45.36 47.83 -58.00
C LEU D 253 45.35 49.26 -57.51
N THR D 254 44.20 49.90 -57.57
CA THR D 254 44.11 51.32 -57.21
C THR D 254 44.28 51.53 -55.72
N ILE D 255 43.84 50.58 -54.90
CA ILE D 255 43.84 50.78 -53.46
C ILE D 255 45.27 50.90 -52.97
N GLU D 256 45.47 51.77 -51.99
CA GLU D 256 46.78 52.05 -51.43
C GLU D 256 46.96 51.29 -50.14
N ASN D 257 48.06 50.56 -50.04
CA ASN D 257 48.37 49.76 -48.87
C ASN D 257 47.26 48.73 -48.62
N PHE D 258 47.11 47.84 -49.60
CA PHE D 258 46.07 46.82 -49.56
C PHE D 258 46.50 45.60 -48.75
N ASP D 259 47.59 44.97 -49.20
CA ASP D 259 48.04 43.72 -48.62
C ASP D 259 48.28 43.82 -47.13
N ASP D 260 48.38 45.03 -46.60
CA ASP D 260 48.71 45.19 -45.20
C ASP D 260 47.47 45.29 -44.31
N ASP D 261 46.33 45.61 -44.90
CA ASP D 261 45.12 45.89 -44.13
C ASP D 261 43.93 45.05 -44.54
N ILE D 262 44.04 44.25 -45.60
CA ILE D 262 42.90 43.46 -46.04
C ILE D 262 42.45 42.50 -44.95
N VAL D 263 43.42 41.88 -44.28
CA VAL D 263 43.09 40.90 -43.24
C VAL D 263 42.34 41.56 -42.11
N ARG D 264 42.83 42.72 -41.66
CA ARG D 264 42.16 43.42 -40.59
C ARG D 264 40.75 43.77 -40.99
N PHE D 265 40.57 44.22 -42.23
CA PHE D 265 39.23 44.48 -42.74
C PHE D 265 38.34 43.26 -42.58
N ILE D 266 38.76 42.14 -43.16
CA ILE D 266 37.92 40.95 -43.19
C ILE D 266 37.58 40.51 -41.77
N LYS D 267 38.55 40.56 -40.88
CA LYS D 267 38.31 40.06 -39.53
C LYS D 267 37.37 40.96 -38.76
N ALA D 268 37.58 42.27 -38.85
CA ALA D 268 36.69 43.18 -38.15
C ALA D 268 35.29 43.08 -38.69
N PHE D 269 35.14 42.79 -39.98
CA PHE D 269 33.81 42.64 -40.53
C PHE D 269 33.15 41.37 -40.02
N VAL D 270 33.90 40.28 -39.99
CA VAL D 270 33.33 39.02 -39.56
C VAL D 270 32.96 39.07 -38.09
N GLN D 271 33.67 39.87 -37.29
CA GLN D 271 33.44 39.85 -35.86
C GLN D 271 32.13 40.49 -35.45
N ARG D 272 31.40 41.10 -36.39
CA ARG D 272 30.16 41.77 -36.10
C ARG D 272 28.94 41.06 -36.66
N TYR D 273 28.90 40.87 -37.98
CA TYR D 273 27.74 40.33 -38.65
C TYR D 273 27.79 38.82 -38.87
N SER D 274 28.88 38.15 -38.49
CA SER D 274 28.97 36.72 -38.74
C SER D 274 29.57 35.95 -37.57
N SER D 275 29.33 36.40 -36.34
CA SER D 275 29.91 35.77 -35.17
C SER D 275 28.87 35.20 -34.22
N LYS D 276 27.59 35.39 -34.49
CA LYS D 276 26.53 34.85 -33.67
C LYS D 276 25.72 33.83 -34.47
N TYR D 277 24.88 33.10 -33.76
CA TYR D 277 24.07 32.06 -34.36
C TYR D 277 23.13 32.63 -35.40
N LEU D 278 22.19 33.47 -34.95
CA LEU D 278 21.12 33.98 -35.79
C LEU D 278 21.63 34.33 -37.18
N HIS D 279 22.81 34.91 -37.24
CA HIS D 279 23.41 35.21 -38.53
C HIS D 279 23.67 33.93 -39.27
N SER D 280 22.98 33.74 -40.39
CA SER D 280 22.90 32.45 -41.06
C SER D 280 23.68 32.40 -42.37
N ASN D 281 23.41 33.29 -43.29
CA ASN D 281 24.04 33.24 -44.60
C ASN D 281 25.21 34.19 -44.63
N PRO D 282 26.44 33.69 -44.66
CA PRO D 282 27.58 34.58 -44.60
C PRO D 282 27.80 35.30 -45.91
N PRO D 283 28.80 36.14 -45.95
CA PRO D 283 29.06 36.93 -47.15
C PRO D 283 30.01 36.27 -48.12
N LEU D 284 30.31 36.98 -49.20
CA LEU D 284 31.25 36.53 -50.21
C LEU D 284 32.10 37.70 -50.64
N PHE D 285 33.39 37.42 -50.86
CA PHE D 285 34.36 38.41 -51.31
C PHE D 285 35.02 37.87 -52.56
N MET D 286 34.93 38.63 -53.65
CA MET D 286 35.52 38.25 -54.92
C MET D 286 36.45 39.36 -55.36
N LEU D 287 37.70 39.00 -55.63
CA LEU D 287 38.74 39.94 -55.98
C LEU D 287 39.08 39.77 -57.46
N THR D 288 39.03 40.87 -58.19
CA THR D 288 39.27 40.84 -59.62
C THR D 288 40.76 40.84 -59.93
N GLY D 289 41.10 40.24 -61.06
CA GLY D 289 42.47 40.26 -61.53
C GLY D 289 43.28 39.09 -61.01
N ASP D 290 44.58 39.19 -61.27
CA ASP D 290 45.53 38.12 -60.97
C ASP D 290 46.16 38.41 -59.61
N TYR D 291 45.58 37.82 -58.59
CA TYR D 291 46.06 37.96 -57.22
C TYR D 291 46.30 36.57 -56.63
N ASP D 292 47.38 36.44 -55.89
CA ASP D 292 47.72 35.19 -55.22
C ASP D 292 46.82 35.01 -54.02
N LEU D 293 45.87 34.09 -54.14
CA LEU D 293 44.87 33.90 -53.09
C LEU D 293 45.37 32.95 -52.02
N SER D 294 46.16 31.96 -52.41
CA SER D 294 46.61 30.94 -51.47
C SER D 294 47.29 31.55 -50.26
N VAL D 295 48.03 32.64 -50.45
CA VAL D 295 48.72 33.25 -49.33
C VAL D 295 47.72 33.87 -48.37
N LEU D 296 46.67 34.47 -48.91
CA LEU D 296 45.70 35.13 -48.07
C LEU D 296 44.91 34.10 -47.28
N GLN D 297 44.67 32.95 -47.89
CA GLN D 297 43.95 31.90 -47.18
C GLN D 297 44.72 31.48 -45.94
N LYS D 298 46.04 31.41 -46.05
CA LYS D 298 46.86 30.95 -44.95
C LYS D 298 46.95 32.01 -43.88
N ARG D 299 47.08 33.27 -44.29
CA ARG D 299 47.10 34.34 -43.30
C ARG D 299 45.79 34.35 -42.53
N LEU D 300 44.69 34.06 -43.20
CA LEU D 300 43.40 34.05 -42.54
C LEU D 300 43.31 32.88 -41.56
N TYR D 301 43.76 31.70 -41.98
CA TYR D 301 43.78 30.57 -41.06
C TYR D 301 44.57 30.90 -39.82
N ASP D 302 45.73 31.51 -40.00
CA ASP D 302 46.54 31.90 -38.85
C ASP D 302 45.81 32.92 -37.99
N ALA D 303 44.99 33.76 -38.60
CA ALA D 303 44.27 34.76 -37.83
C ALA D 303 43.25 34.11 -36.91
N GLY D 304 42.68 32.99 -37.33
CA GLY D 304 41.67 32.30 -36.54
C GLY D 304 40.50 31.82 -37.35
N LEU D 305 40.16 32.54 -38.40
CA LEU D 305 39.00 32.22 -39.20
C LEU D 305 39.29 31.10 -40.19
N ARG D 306 38.22 30.59 -40.78
CA ARG D 306 38.28 29.54 -41.79
C ARG D 306 37.43 29.93 -42.98
N CYS D 307 37.77 29.37 -44.13
CA CYS D 307 37.22 29.80 -45.40
C CYS D 307 36.58 28.65 -46.14
N GLU D 308 35.83 29.00 -47.19
CA GLU D 308 35.28 28.06 -48.15
C GLU D 308 35.53 28.60 -49.54
N THR D 309 36.17 27.81 -50.38
CA THR D 309 36.60 28.26 -51.69
C THR D 309 35.99 27.45 -52.83
N GLY D 310 35.17 26.46 -52.52
CA GLY D 310 34.49 25.72 -53.56
C GLY D 310 35.39 25.09 -54.59
N LYS D 311 36.48 24.48 -54.15
CA LYS D 311 37.40 23.78 -55.03
C LYS D 311 37.61 22.38 -54.47
N VAL D 312 37.06 21.39 -55.15
CA VAL D 312 37.31 19.99 -54.81
C VAL D 312 38.60 19.61 -55.51
N GLY D 313 39.71 19.81 -54.80
CA GLY D 313 41.00 19.36 -55.26
C GLY D 313 41.54 20.16 -56.41
N GLY D 314 40.85 20.12 -57.53
CA GLY D 314 41.32 20.79 -58.71
C GLY D 314 41.06 22.29 -58.68
N THR D 315 41.41 22.93 -59.80
CA THR D 315 41.33 24.38 -59.88
C THR D 315 39.88 24.84 -60.04
N ASP D 316 39.09 24.13 -60.83
CA ASP D 316 37.75 24.55 -61.16
C ASP D 316 36.97 24.94 -59.92
N VAL D 317 36.12 25.95 -60.06
CA VAL D 317 35.29 26.46 -58.98
C VAL D 317 33.85 26.13 -59.30
N ILE D 318 33.31 25.13 -58.61
CA ILE D 318 31.92 24.77 -58.76
C ILE D 318 31.05 25.81 -58.09
N ILE D 319 29.82 25.96 -58.61
CA ILE D 319 28.91 26.96 -58.07
C ILE D 319 28.16 26.41 -56.87
N LYS D 320 27.68 25.17 -56.98
CA LYS D 320 26.77 24.66 -55.96
C LYS D 320 27.44 24.53 -54.61
N GLU D 321 28.72 24.18 -54.60
CA GLU D 321 29.41 23.98 -53.32
C GLU D 321 29.76 25.31 -52.67
N LEU D 322 29.78 26.39 -53.45
CA LEU D 322 30.19 27.67 -52.91
C LEU D 322 29.08 28.30 -52.09
N PHE D 323 27.85 28.21 -52.57
CA PHE D 323 26.73 28.94 -52.00
C PHE D 323 25.91 28.06 -51.06
N ARG D 324 26.46 26.94 -50.64
CA ARG D 324 25.69 26.01 -49.83
C ARG D 324 25.49 26.56 -48.43
N ARG D 325 24.39 26.14 -47.82
CA ARG D 325 24.12 26.54 -46.47
C ARG D 325 25.06 25.80 -45.51
N PRO D 326 25.47 26.45 -44.45
CA PRO D 326 26.45 25.85 -43.54
C PRO D 326 25.82 25.06 -42.41
N ILE D 327 26.69 24.36 -41.70
CA ILE D 327 26.31 23.66 -40.48
C ILE D 327 26.39 24.63 -39.32
N LEU D 328 25.40 24.57 -38.44
CA LEU D 328 25.33 25.46 -37.30
C LEU D 328 24.84 24.69 -36.08
N ILE D 329 25.46 24.96 -34.94
CA ILE D 329 25.08 24.37 -33.66
C ILE D 329 24.92 25.49 -32.66
N ARG D 330 23.80 25.47 -31.93
CA ARG D 330 23.45 26.59 -31.07
C ARG D 330 24.34 26.68 -29.85
N ASN D 331 24.29 25.68 -28.98
CA ASN D 331 25.01 25.69 -27.71
C ASN D 331 25.93 24.49 -27.61
N PRO D 332 27.25 24.69 -27.68
CA PRO D 332 27.97 25.92 -27.96
C PRO D 332 27.93 26.33 -29.42
N PHE D 333 28.37 27.56 -29.69
CA PHE D 333 28.39 28.08 -31.04
C PHE D 333 29.54 27.49 -31.82
N ARG D 334 29.22 26.80 -32.91
CA ARG D 334 30.22 26.33 -33.84
C ARG D 334 29.70 26.58 -35.25
N MET D 335 30.62 26.95 -36.15
CA MET D 335 30.26 27.36 -37.49
C MET D 335 31.33 26.88 -38.45
N GLU D 336 30.92 26.12 -39.45
CA GLU D 336 31.88 25.46 -40.34
C GLU D 336 32.73 26.47 -41.08
N PHE D 337 32.10 27.37 -41.81
CA PHE D 337 32.81 28.47 -42.42
C PHE D 337 32.16 29.78 -42.00
N SER D 338 32.94 30.84 -42.09
CA SER D 338 32.48 32.17 -41.79
C SER D 338 32.53 33.10 -43.00
N LEU D 339 33.55 33.00 -43.82
CA LEU D 339 33.67 33.81 -45.02
C LEU D 339 33.86 32.94 -46.26
N ARG D 340 33.65 33.57 -47.41
CA ARG D 340 33.81 32.96 -48.71
C ARG D 340 34.81 33.75 -49.54
N LEU D 341 35.49 33.06 -50.44
CA LEU D 341 36.47 33.67 -51.32
C LEU D 341 36.43 32.98 -52.67
N ALA D 342 36.43 33.78 -53.73
CA ALA D 342 36.50 33.24 -55.08
C ALA D 342 36.92 34.33 -56.04
N LYS D 343 38.03 34.11 -56.74
CA LYS D 343 38.45 35.00 -57.79
C LYS D 343 37.46 34.93 -58.96
N ARG D 344 37.20 36.09 -59.56
CA ARG D 344 36.06 36.22 -60.47
C ARG D 344 36.21 35.33 -61.69
N ASP D 345 37.30 35.50 -62.42
CA ASP D 345 37.47 34.79 -63.68
C ASP D 345 37.19 33.30 -63.53
N GLU D 346 37.37 32.77 -62.33
CA GLU D 346 37.12 31.35 -62.12
C GLU D 346 35.65 31.05 -61.95
N VAL D 347 34.85 32.05 -61.58
CA VAL D 347 33.44 31.87 -61.29
C VAL D 347 32.65 32.39 -62.49
N ILE D 348 32.07 31.48 -63.26
CA ILE D 348 31.30 31.81 -64.44
C ILE D 348 29.93 31.17 -64.30
N GLY D 349 28.91 31.94 -64.62
CA GLY D 349 27.56 31.43 -64.53
C GLY D 349 26.61 32.39 -63.86
N GLY D 350 25.80 31.88 -62.95
CA GLY D 350 24.82 32.68 -62.26
C GLY D 350 24.26 31.94 -61.07
N PRO D 351 23.88 32.68 -60.03
CA PRO D 351 23.32 32.04 -58.84
C PRO D 351 21.85 31.73 -58.98
N GLN D 352 21.46 30.61 -58.38
CA GLN D 352 20.05 30.26 -58.33
C GLN D 352 19.24 31.36 -57.68
N ARG D 353 19.80 32.00 -56.65
CA ARG D 353 19.13 33.06 -55.91
C ARG D 353 19.86 34.38 -56.13
N ARG D 354 19.12 35.46 -56.04
CA ARG D 354 19.68 36.77 -56.23
C ARG D 354 20.20 37.32 -54.91
N PRO D 355 21.13 38.27 -54.98
CA PRO D 355 21.65 38.89 -53.77
C PRO D 355 20.83 40.10 -53.33
N ASP D 356 20.66 40.22 -52.01
CA ASP D 356 19.91 41.34 -51.47
C ASP D 356 20.69 42.63 -51.64
N GLU D 357 22.01 42.57 -51.62
CA GLU D 357 22.85 43.73 -51.74
C GLU D 357 24.14 43.33 -52.44
N LEU D 358 24.67 44.24 -53.25
CA LEU D 358 25.85 43.96 -54.07
C LEU D 358 26.71 45.23 -54.11
N PHE D 359 27.66 45.30 -53.19
CA PHE D 359 28.55 46.44 -53.11
C PHE D 359 29.74 46.25 -54.03
N LEU D 360 29.94 47.20 -54.92
CA LEU D 360 31.07 47.20 -55.85
C LEU D 360 32.06 48.27 -55.44
N ILE D 361 33.34 47.94 -55.48
CA ILE D 361 34.41 48.83 -55.10
C ILE D 361 35.39 48.92 -56.27
N ASN D 362 35.38 50.05 -56.96
CA ASN D 362 36.35 50.37 -57.99
C ASN D 362 36.20 49.45 -59.19
N VAL D 363 34.96 49.29 -59.64
CA VAL D 363 34.66 48.58 -60.87
C VAL D 363 33.51 49.30 -61.56
N ALA D 364 33.62 49.45 -62.87
CA ALA D 364 32.62 50.20 -63.61
C ALA D 364 31.31 49.45 -63.71
N ASP D 365 31.36 48.15 -63.95
CA ASP D 365 30.15 47.37 -64.14
C ASP D 365 30.46 45.89 -64.06
N ASP D 366 29.42 45.12 -63.80
CA ASP D 366 29.50 43.67 -63.74
C ASP D 366 28.22 43.07 -64.26
N GLU D 367 28.28 41.78 -64.58
CA GLU D 367 27.15 41.13 -65.22
C GLU D 367 25.96 41.05 -64.29
N TRP D 368 26.21 40.86 -63.00
CA TRP D 368 25.13 40.63 -62.06
C TRP D 368 24.34 41.89 -61.77
N LYS D 369 24.67 42.99 -62.41
CA LYS D 369 23.89 44.21 -62.27
C LYS D 369 22.49 44.00 -62.79
N HIS D 370 21.51 44.13 -61.92
CA HIS D 370 20.12 43.93 -62.29
C HIS D 370 19.28 45.03 -61.64
N GLU D 371 18.05 45.16 -62.14
CA GLU D 371 17.16 46.19 -61.64
C GLU D 371 16.67 45.88 -60.24
N ASP D 372 16.08 44.70 -60.05
CA ASP D 372 15.56 44.28 -58.75
C ASP D 372 16.64 44.02 -57.72
N VAL D 373 17.91 44.15 -58.08
CA VAL D 373 19.02 43.96 -57.15
C VAL D 373 19.68 45.30 -56.92
N ASN D 374 19.84 45.67 -55.66
CA ASN D 374 20.47 46.94 -55.32
C ASN D 374 21.94 46.91 -55.69
N VAL D 375 22.39 47.98 -56.33
CA VAL D 375 23.75 48.08 -56.84
C VAL D 375 24.32 49.38 -56.27
N HIS D 376 24.92 49.30 -55.10
CA HIS D 376 25.64 50.41 -54.54
C HIS D 376 27.01 50.52 -55.18
N GLY D 377 27.62 51.68 -55.01
CA GLY D 377 28.88 51.97 -55.68
C GLY D 377 29.64 53.02 -54.91
N PHE D 378 30.94 53.08 -55.19
CA PHE D 378 31.84 53.95 -54.45
C PHE D 378 33.11 54.16 -55.26
N LYS D 379 33.92 55.11 -54.80
CA LYS D 379 35.30 55.24 -55.19
C LYS D 379 36.10 55.58 -53.95
N ILE D 380 37.27 54.96 -53.80
CA ILE D 380 38.04 55.06 -52.58
C ILE D 380 39.51 55.28 -52.89
N GLU D 381 40.25 55.58 -51.83
CA GLU D 381 41.69 55.76 -51.88
C GLU D 381 42.41 54.76 -50.98
N ARG D 382 41.86 54.49 -49.80
CA ARG D 382 42.38 53.48 -48.91
C ARG D 382 41.21 52.84 -48.17
N LEU D 383 41.51 51.76 -47.46
CA LEU D 383 40.46 50.94 -46.88
C LEU D 383 39.80 51.64 -45.69
N SER D 384 40.53 52.54 -45.02
CA SER D 384 39.98 53.17 -43.83
C SER D 384 38.65 53.83 -44.14
N ASP D 385 38.54 54.46 -45.29
CA ASP D 385 37.29 55.09 -45.67
C ASP D 385 36.16 54.07 -45.67
N LEU D 386 36.44 52.86 -46.15
CA LEU D 386 35.41 51.84 -46.18
C LEU D 386 35.12 51.32 -44.78
N GLU D 387 36.17 51.19 -43.98
CA GLU D 387 35.98 50.81 -42.58
C GLU D 387 35.05 51.78 -41.89
N TYR D 388 35.02 53.03 -42.37
CA TYR D 388 34.10 54.02 -41.83
C TYR D 388 32.72 53.84 -42.44
N ILE D 389 32.67 53.57 -43.74
CA ILE D 389 31.41 53.47 -44.44
C ILE D 389 30.60 52.26 -44.03
N LEU D 390 31.20 51.32 -43.32
CA LEU D 390 30.48 50.11 -42.90
C LEU D 390 30.60 49.89 -41.40
N GLN D 391 30.56 50.97 -40.64
CA GLN D 391 30.38 50.92 -39.19
C GLN D 391 31.40 50.03 -38.49
N LEU D 392 32.68 50.34 -38.69
CA LEU D 392 33.76 49.66 -38.00
C LEU D 392 34.67 50.60 -37.21
N ARG D 393 34.81 51.84 -37.65
CA ARG D 393 35.75 52.79 -37.08
C ARG D 393 35.06 54.13 -36.96
N SER D 394 34.67 54.49 -35.75
CA SER D 394 33.87 55.70 -35.55
C SER D 394 34.64 56.95 -35.91
N ASP D 395 35.95 56.86 -36.07
CA ASP D 395 36.80 58.01 -36.30
C ASP D 395 37.41 57.93 -37.69
N TYR D 396 36.93 58.76 -38.59
CA TYR D 396 37.43 58.83 -39.95
C TYR D 396 38.95 58.95 -40.01
N ALA E 5 -36.05 2.89 -84.62
CA ALA E 5 -35.57 1.56 -84.97
C ALA E 5 -35.25 0.74 -83.72
N GLU E 6 -35.32 -0.58 -83.84
CA GLU E 6 -35.00 -1.50 -82.75
C GLU E 6 -33.69 -2.21 -83.09
N TYR E 7 -32.73 -2.12 -82.17
CA TYR E 7 -31.37 -2.55 -82.48
C TYR E 7 -31.18 -4.05 -82.25
N SER E 8 -31.78 -4.59 -81.20
CA SER E 8 -31.64 -6.01 -80.87
C SER E 8 -30.17 -6.37 -80.68
N ILE E 9 -29.52 -5.64 -79.78
CA ILE E 9 -28.09 -5.78 -79.57
C ILE E 9 -27.70 -7.25 -79.42
N LYS E 10 -28.60 -8.04 -78.86
CA LYS E 10 -28.27 -9.43 -78.57
C LYS E 10 -28.08 -10.22 -79.85
N GLY E 11 -28.95 -9.99 -80.83
CA GLY E 11 -28.84 -10.69 -82.09
C GLY E 11 -27.52 -10.41 -82.77
N TYR E 12 -27.00 -9.19 -82.59
CA TYR E 12 -25.70 -8.87 -83.18
C TYR E 12 -24.59 -9.52 -82.39
N LEU E 13 -24.65 -9.42 -81.07
CA LEU E 13 -23.58 -9.98 -80.25
C LEU E 13 -23.45 -11.47 -80.48
N TYR E 14 -24.54 -12.12 -80.88
CA TYR E 14 -24.48 -13.57 -81.04
C TYR E 14 -23.54 -13.96 -82.16
N GLN E 15 -23.68 -13.32 -83.31
CA GLN E 15 -22.79 -13.64 -84.42
C GLN E 15 -21.36 -13.32 -84.07
N PHE E 16 -21.15 -12.28 -83.27
CA PHE E 16 -19.80 -11.93 -82.88
C PHE E 16 -19.20 -13.00 -81.99
N LEU E 17 -19.98 -13.50 -81.05
CA LEU E 17 -19.52 -14.59 -80.21
C LEU E 17 -19.16 -15.79 -81.07
N LYS E 18 -20.02 -16.10 -82.04
CA LYS E 18 -19.75 -17.22 -82.92
C LYS E 18 -18.47 -16.99 -83.70
N TYR E 19 -18.23 -15.75 -84.10
CA TYR E 19 -17.08 -15.47 -84.94
C TYR E 19 -15.79 -15.58 -84.14
N LEU E 20 -15.82 -15.15 -82.88
CA LEU E 20 -14.68 -15.39 -82.01
C LEU E 20 -14.43 -16.87 -81.84
N SER E 21 -15.51 -17.63 -81.64
CA SER E 21 -15.37 -19.07 -81.54
C SER E 21 -14.69 -19.63 -82.77
N GLU E 22 -15.13 -19.17 -83.94
CA GLU E 22 -14.58 -19.66 -85.19
C GLU E 22 -13.09 -19.33 -85.28
N ILE E 23 -12.74 -18.08 -85.03
CA ILE E 23 -11.34 -17.68 -85.07
C ILE E 23 -10.53 -18.54 -84.13
N LEU E 24 -11.13 -18.98 -83.03
CA LEU E 24 -10.42 -19.86 -82.11
C LEU E 24 -10.26 -21.25 -82.71
N ALA E 25 -11.28 -21.71 -83.42
CA ALA E 25 -11.25 -23.03 -84.03
C ALA E 25 -10.68 -23.02 -85.44
N ALA E 26 -10.47 -21.84 -86.02
CA ALA E 26 -9.93 -21.76 -87.36
C ALA E 26 -8.48 -22.21 -87.39
N GLY E 27 -8.07 -22.74 -88.54
CA GLY E 27 -6.69 -23.17 -88.70
C GLY E 27 -5.74 -21.99 -88.85
N ASP E 28 -4.49 -22.23 -88.49
CA ASP E 28 -3.48 -21.17 -88.58
C ASP E 28 -3.34 -20.69 -90.02
N GLY E 29 -3.24 -19.38 -90.19
CA GLY E 29 -3.17 -18.78 -91.50
C GLY E 29 -4.49 -18.70 -92.23
N ALA E 30 -5.53 -19.34 -91.73
CA ALA E 30 -6.85 -19.33 -92.35
C ALA E 30 -7.69 -18.26 -91.69
N ARG E 31 -8.31 -17.43 -92.52
CA ARG E 31 -9.00 -16.23 -92.06
C ARG E 31 -10.43 -16.20 -92.60
N ILE E 32 -11.23 -15.26 -92.07
CA ILE E 32 -12.68 -15.28 -92.22
C ILE E 32 -13.15 -13.99 -92.89
N THR E 33 -14.16 -14.11 -93.75
CA THR E 33 -14.70 -12.98 -94.51
C THR E 33 -16.20 -13.11 -94.63
N ILE E 34 -16.94 -12.10 -94.12
CA ILE E 34 -18.37 -11.99 -94.34
C ILE E 34 -18.72 -10.52 -94.48
N GLU E 35 -19.80 -10.23 -95.20
CA GLU E 35 -20.26 -8.86 -95.38
C GLU E 35 -20.81 -8.31 -94.06
N GLY E 36 -21.14 -7.02 -94.06
CA GLY E 36 -21.52 -6.36 -92.83
C GLY E 36 -22.64 -5.34 -92.91
N ALA E 37 -23.63 -5.49 -92.03
CA ALA E 37 -24.67 -4.48 -91.90
C ALA E 37 -24.11 -3.26 -91.19
N ILE E 38 -24.32 -2.09 -91.80
CA ILE E 38 -23.74 -0.84 -91.28
C ILE E 38 -24.76 -0.26 -90.32
N GLU E 39 -24.72 -0.76 -89.08
CA GLU E 39 -25.44 -0.08 -88.01
C GLU E 39 -24.82 1.28 -87.73
N ASP E 40 -23.51 1.38 -87.89
CA ASP E 40 -22.85 2.66 -88.03
C ASP E 40 -22.79 3.02 -89.51
N VAL E 41 -23.10 4.28 -89.83
CA VAL E 41 -23.11 4.71 -91.22
C VAL E 41 -21.73 4.52 -91.84
N ASP E 42 -21.67 3.79 -92.94
CA ASP E 42 -20.42 3.49 -93.63
C ASP E 42 -20.52 3.96 -95.07
N VAL E 43 -19.71 4.95 -95.43
CA VAL E 43 -19.59 5.34 -96.83
C VAL E 43 -18.79 4.30 -97.60
N ILE E 44 -17.86 3.61 -96.94
CA ILE E 44 -17.07 2.59 -97.60
C ILE E 44 -17.96 1.50 -98.16
N ALA E 45 -19.14 1.29 -97.56
CA ALA E 45 -20.16 0.39 -98.08
C ALA E 45 -19.58 -0.99 -98.38
N ALA E 46 -19.11 -1.66 -97.32
CA ALA E 46 -18.61 -3.01 -97.45
C ALA E 46 -19.75 -3.97 -97.79
N GLY E 47 -19.48 -4.92 -98.67
CA GLY E 47 -20.48 -5.87 -99.10
C GLY E 47 -21.26 -5.50 -100.33
N LEU E 48 -20.97 -4.35 -100.94
CA LEU E 48 -21.65 -3.92 -102.17
C LEU E 48 -23.16 -3.86 -101.96
N THR E 49 -23.57 -2.95 -101.08
CA THR E 49 -24.96 -2.80 -100.68
C THR E 49 -25.53 -4.06 -100.04
N THR E 50 -24.69 -5.05 -99.79
CA THR E 50 -25.10 -6.30 -99.17
C THR E 50 -24.56 -6.32 -97.74
N ALA E 51 -25.48 -6.38 -96.78
CA ALA E 51 -25.13 -6.23 -95.36
C ALA E 51 -25.82 -7.33 -94.57
N VAL E 52 -25.28 -7.62 -93.39
CA VAL E 52 -25.74 -8.72 -92.56
C VAL E 52 -26.34 -8.15 -91.29
N GLN E 53 -27.66 -8.25 -91.16
CA GLN E 53 -28.38 -7.86 -89.97
C GLN E 53 -29.03 -9.09 -89.37
N CYS E 54 -29.25 -9.05 -88.05
CA CYS E 54 -29.60 -10.25 -87.29
C CYS E 54 -30.63 -9.92 -86.22
N LYS E 55 -31.13 -10.97 -85.59
CA LYS E 55 -32.10 -10.84 -84.50
C LYS E 55 -32.08 -12.14 -83.70
N TYR E 56 -32.68 -12.07 -82.51
CA TYR E 56 -32.64 -13.16 -81.55
C TYR E 56 -34.01 -13.37 -80.95
N HIS E 57 -34.43 -14.63 -80.85
CA HIS E 57 -35.73 -14.95 -80.32
C HIS E 57 -35.65 -16.27 -79.58
N GLU E 58 -36.45 -16.39 -78.53
CA GLU E 58 -36.46 -17.60 -77.71
C GLU E 58 -37.86 -17.79 -77.15
N GLN E 59 -38.06 -18.94 -76.51
CA GLN E 59 -39.36 -19.32 -75.96
C GLN E 59 -40.36 -19.58 -77.08
N ALA E 60 -39.88 -20.19 -78.16
CA ALA E 60 -40.72 -20.66 -79.26
C ALA E 60 -40.56 -22.17 -79.32
N GLU E 61 -41.62 -22.89 -78.90
CA GLU E 61 -41.49 -24.33 -78.70
C GLU E 61 -41.21 -25.05 -80.02
N LYS E 62 -42.06 -24.85 -81.02
CA LYS E 62 -41.93 -25.55 -82.29
C LYS E 62 -41.70 -24.53 -83.41
N TYR E 63 -41.56 -25.06 -84.62
CA TYR E 63 -41.33 -24.28 -85.84
C TYR E 63 -42.60 -23.68 -86.39
N THR E 64 -43.64 -23.55 -85.57
CA THR E 64 -44.95 -23.10 -86.03
C THR E 64 -44.85 -21.98 -87.05
N LEU E 65 -43.91 -21.05 -86.83
CA LEU E 65 -43.74 -19.83 -87.62
C LEU E 65 -44.78 -18.79 -87.22
N GLY E 66 -45.67 -19.11 -86.29
CA GLY E 66 -46.56 -18.09 -85.75
C GLY E 66 -45.81 -17.01 -85.01
N LYS E 67 -44.59 -17.30 -84.58
CA LYS E 67 -43.76 -16.29 -83.92
C LYS E 67 -42.83 -15.60 -84.91
N ILE E 68 -42.24 -16.37 -85.83
CA ILE E 68 -41.26 -15.83 -86.77
C ILE E 68 -41.85 -14.79 -87.71
N TYR E 69 -43.16 -14.60 -87.70
CA TYR E 69 -43.78 -13.70 -88.67
C TYR E 69 -43.22 -12.30 -88.53
N LYS E 70 -43.36 -11.70 -87.35
CA LYS E 70 -42.92 -10.32 -87.16
C LYS E 70 -41.48 -10.11 -87.63
N PRO E 71 -40.51 -10.90 -87.18
CA PRO E 71 -39.12 -10.67 -87.61
C PRO E 71 -38.94 -10.49 -89.11
N ILE E 72 -39.47 -11.40 -89.92
CA ILE E 72 -39.29 -11.25 -91.35
C ILE E 72 -39.96 -9.98 -91.84
N LEU E 73 -41.02 -9.54 -91.18
CA LEU E 73 -41.66 -8.30 -91.58
C LEU E 73 -40.78 -7.11 -91.26
N LEU E 74 -40.15 -7.13 -90.08
CA LEU E 74 -39.17 -6.10 -89.77
C LEU E 74 -38.08 -6.07 -90.83
N MET E 75 -37.63 -7.24 -91.26
CA MET E 75 -36.60 -7.31 -92.30
C MET E 75 -37.12 -6.72 -93.60
N LEU E 76 -38.37 -7.04 -93.93
CA LEU E 76 -38.92 -6.56 -95.18
C LEU E 76 -39.15 -5.07 -95.14
N GLU E 77 -39.27 -4.49 -93.94
CA GLU E 77 -39.31 -3.04 -93.85
C GLU E 77 -38.02 -2.44 -94.39
N HIS E 78 -36.90 -2.89 -93.84
CA HIS E 78 -35.61 -2.38 -94.30
C HIS E 78 -35.46 -2.62 -95.80
N PHE E 79 -35.84 -3.81 -96.27
CA PHE E 79 -35.70 -4.05 -97.70
C PHE E 79 -36.60 -3.14 -98.52
N SER E 80 -37.81 -2.90 -98.05
CA SER E 80 -38.67 -1.90 -98.69
C SER E 80 -37.96 -0.57 -98.76
N LYS E 81 -37.11 -0.29 -97.79
CA LYS E 81 -36.22 0.85 -97.94
C LYS E 81 -35.22 0.58 -99.05
N ASN E 82 -34.68 -0.63 -99.08
CA ASN E 82 -33.87 -1.09 -100.21
C ASN E 82 -33.48 -2.55 -100.02
N HIS E 88 -29.80 -5.57 -100.88
CA HIS E 88 -29.06 -6.82 -100.69
C HIS E 88 -28.79 -7.08 -99.21
N VAL E 89 -29.66 -6.56 -98.34
CA VAL E 89 -29.43 -6.66 -96.91
C VAL E 89 -29.61 -8.12 -96.51
N SER E 90 -28.50 -8.81 -96.27
CA SER E 90 -28.51 -10.25 -95.99
C SER E 90 -29.08 -10.49 -94.60
N TYR E 91 -30.39 -10.31 -94.48
CA TYR E 91 -31.07 -10.59 -93.23
C TYR E 91 -30.79 -12.03 -92.82
N ARG E 92 -30.35 -12.21 -91.58
CA ARG E 92 -30.01 -13.52 -91.05
C ARG E 92 -30.46 -13.55 -89.59
N LEU E 93 -31.67 -14.02 -89.37
CA LEU E 93 -32.18 -14.16 -88.02
C LEU E 93 -31.59 -15.40 -87.34
N PHE E 94 -31.49 -15.33 -86.03
CA PHE E 94 -31.00 -16.43 -85.21
C PHE E 94 -31.97 -16.67 -84.07
N CYS E 95 -32.20 -17.94 -83.75
CA CYS E 95 -33.04 -18.29 -82.61
C CYS E 95 -32.89 -19.78 -82.34
N HIS E 96 -33.40 -20.20 -81.19
CA HIS E 96 -33.32 -21.59 -80.74
C HIS E 96 -34.73 -22.12 -80.51
N PHE E 97 -35.08 -23.17 -81.25
CA PHE E 97 -36.33 -23.88 -81.05
C PHE E 97 -36.02 -25.26 -80.48
N PRO E 98 -36.65 -25.67 -79.39
CA PRO E 98 -36.32 -26.98 -78.80
C PRO E 98 -36.39 -28.09 -79.84
N GLY E 99 -35.28 -28.83 -79.96
CA GLY E 99 -35.22 -29.97 -80.85
C GLY E 99 -35.07 -29.65 -82.32
N GLU E 100 -34.74 -28.40 -82.67
CA GLU E 100 -34.60 -27.98 -84.05
C GLU E 100 -33.29 -27.21 -84.20
N SER E 101 -32.40 -27.72 -85.05
CA SER E 101 -31.10 -27.09 -85.30
C SER E 101 -30.76 -27.30 -86.78
N GLY E 102 -31.03 -26.29 -87.59
CA GLY E 102 -30.77 -26.40 -89.02
C GLY E 102 -30.86 -25.05 -89.69
N THR E 103 -30.63 -25.06 -91.01
CA THR E 103 -30.69 -23.87 -91.85
C THR E 103 -31.43 -24.22 -93.12
N LYS E 104 -32.56 -23.54 -93.36
CA LYS E 104 -33.38 -23.80 -94.54
C LYS E 104 -33.81 -22.47 -95.14
N ALA E 105 -33.54 -22.28 -96.43
CA ALA E 105 -33.95 -21.07 -97.11
C ALA E 105 -35.47 -21.01 -97.23
N LEU E 106 -36.01 -19.80 -97.20
CA LEU E 106 -37.46 -19.63 -97.27
C LEU E 106 -37.97 -20.01 -98.65
N THR E 107 -39.19 -20.55 -98.67
CA THR E 107 -39.83 -21.02 -99.88
C THR E 107 -41.05 -20.17 -100.20
N LYS E 108 -41.41 -20.16 -101.48
CA LYS E 108 -42.39 -19.19 -101.98
C LYS E 108 -43.71 -19.28 -101.22
N ASP E 109 -44.33 -20.46 -101.24
CA ASP E 109 -45.61 -20.61 -100.53
C ASP E 109 -45.53 -19.99 -99.14
N ASP E 110 -44.40 -20.17 -98.46
CA ASP E 110 -44.23 -19.51 -97.18
C ASP E 110 -44.14 -17.99 -97.33
N LEU E 111 -43.64 -17.52 -98.46
CA LEU E 111 -43.64 -16.08 -98.70
C LEU E 111 -45.05 -15.55 -98.81
N GLU E 112 -45.87 -16.17 -99.66
CA GLU E 112 -47.28 -15.81 -99.75
C GLU E 112 -47.94 -15.90 -98.39
N THR E 113 -47.57 -16.92 -97.61
CA THR E 113 -48.08 -17.03 -96.25
C THR E 113 -47.76 -15.77 -95.45
N VAL E 114 -46.49 -15.42 -95.39
CA VAL E 114 -46.09 -14.22 -94.65
C VAL E 114 -46.86 -13.01 -95.16
N LEU E 115 -46.99 -12.89 -96.48
CA LEU E 115 -47.69 -11.75 -97.06
C LEU E 115 -49.13 -11.66 -96.56
N SER E 116 -49.65 -12.73 -95.96
CA SER E 116 -50.96 -12.66 -95.34
C SER E 116 -50.84 -12.01 -93.96
N THR E 117 -51.58 -10.92 -93.77
CA THR E 117 -51.50 -10.11 -92.55
C THR E 117 -52.89 -10.04 -91.93
N LYS E 118 -53.11 -10.84 -90.89
CA LYS E 118 -54.38 -10.87 -90.19
C LYS E 118 -54.39 -9.98 -88.95
N GLY E 119 -53.27 -9.91 -88.24
CA GLY E 119 -53.22 -9.14 -87.02
C GLY E 119 -53.22 -7.65 -87.30
N GLU E 120 -53.91 -6.91 -86.41
CA GLU E 120 -54.06 -5.48 -86.61
C GLU E 120 -52.71 -4.78 -86.52
N VAL E 121 -51.91 -5.11 -85.51
CA VAL E 121 -50.57 -4.54 -85.42
C VAL E 121 -49.71 -5.04 -86.56
N LEU E 122 -49.85 -6.31 -86.91
CA LEU E 122 -49.15 -6.83 -88.08
C LEU E 122 -49.61 -6.12 -89.35
N ARG E 123 -50.91 -5.86 -89.43
CA ARG E 123 -51.45 -5.10 -90.55
C ARG E 123 -50.78 -3.74 -90.63
N ALA E 124 -50.59 -3.07 -89.49
CA ALA E 124 -49.93 -1.78 -89.49
C ALA E 124 -48.49 -1.92 -89.95
N ILE E 125 -47.77 -2.89 -89.39
CA ILE E 125 -46.38 -3.09 -89.78
C ILE E 125 -46.27 -3.26 -91.29
N VAL E 126 -47.15 -4.07 -91.86
CA VAL E 126 -47.16 -4.21 -93.31
C VAL E 126 -47.49 -2.90 -93.97
N ALA E 127 -48.37 -2.12 -93.36
CA ALA E 127 -48.71 -0.81 -93.91
C ALA E 127 -47.48 0.03 -94.07
N ARG E 128 -46.53 -0.09 -93.15
CA ARG E 128 -45.27 0.62 -93.29
C ARG E 128 -44.52 0.14 -94.53
N ILE E 129 -44.82 -1.05 -95.02
CA ILE E 129 -44.07 -1.66 -96.11
C ILE E 129 -44.66 -1.23 -97.46
N ASP E 130 -43.80 -1.20 -98.47
CA ASP E 130 -44.20 -1.02 -99.86
C ASP E 130 -44.08 -2.35 -100.58
N THR E 131 -45.09 -2.68 -101.39
CA THR E 131 -45.13 -3.98 -102.04
C THR E 131 -44.11 -4.08 -103.17
N SER E 132 -43.79 -2.96 -103.82
CA SER E 132 -43.02 -2.98 -105.06
C SER E 132 -41.57 -3.33 -104.74
N VAL E 133 -41.35 -4.63 -104.51
CA VAL E 133 -40.01 -5.15 -104.28
C VAL E 133 -39.85 -6.49 -104.98
N ASP E 134 -38.61 -6.78 -105.38
CA ASP E 134 -38.28 -8.04 -106.03
C ASP E 134 -38.11 -9.09 -104.95
N TYR E 135 -39.19 -9.80 -104.65
CA TYR E 135 -39.19 -10.74 -103.54
C TYR E 135 -38.25 -11.92 -103.78
N GLU E 136 -38.13 -12.36 -105.03
CA GLU E 136 -37.32 -13.54 -105.31
C GLU E 136 -35.87 -13.33 -104.92
N ALA E 137 -35.32 -12.15 -105.19
CA ALA E 137 -33.93 -11.89 -104.87
C ALA E 137 -33.71 -11.86 -103.37
N PHE E 138 -34.62 -11.21 -102.64
CA PHE E 138 -34.57 -11.26 -101.18
C PHE E 138 -34.57 -12.70 -100.68
N LEU E 139 -35.48 -13.51 -101.20
CA LEU E 139 -35.56 -14.91 -100.80
C LEU E 139 -34.22 -15.60 -101.00
N ASP E 140 -33.74 -15.60 -102.24
CA ASP E 140 -32.45 -16.23 -102.52
C ASP E 140 -31.34 -15.61 -101.68
N ARG E 141 -31.56 -14.42 -101.14
CA ARG E 141 -30.54 -13.76 -100.33
C ARG E 141 -30.63 -14.16 -98.87
N PHE E 142 -31.84 -14.20 -98.32
CA PHE E 142 -32.02 -14.55 -96.91
C PHE E 142 -31.80 -16.04 -96.71
N ALA E 143 -31.34 -16.39 -95.51
CA ALA E 143 -31.15 -17.80 -95.13
C ALA E 143 -31.25 -17.89 -93.61
N ILE E 144 -32.35 -18.45 -93.12
CA ILE E 144 -32.52 -18.62 -91.70
C ILE E 144 -31.57 -19.70 -91.20
N GLU E 145 -31.24 -19.64 -89.91
CA GLU E 145 -30.38 -20.63 -89.27
C GLU E 145 -30.86 -20.82 -87.84
N PHE E 146 -31.23 -22.05 -87.50
CA PHE E 146 -31.56 -22.37 -86.13
C PHE E 146 -30.29 -22.52 -85.31
N GLY E 147 -30.35 -22.13 -84.04
CA GLY E 147 -29.18 -22.11 -83.21
C GLY E 147 -29.40 -22.62 -81.81
N PRO E 148 -28.32 -22.84 -81.08
CA PRO E 148 -28.42 -23.23 -79.67
C PRO E 148 -28.68 -22.04 -78.77
N SER E 149 -28.85 -22.34 -77.49
CA SER E 149 -29.00 -21.29 -76.49
C SER E 149 -27.71 -20.50 -76.36
N ALA E 150 -27.86 -19.18 -76.17
CA ALA E 150 -26.69 -18.29 -76.15
C ALA E 150 -25.80 -18.57 -74.97
N GLU E 151 -26.37 -18.65 -73.77
CA GLU E 151 -25.56 -18.75 -72.57
C GLU E 151 -24.66 -19.98 -72.62
N ASP E 152 -25.17 -21.09 -73.14
CA ASP E 152 -24.33 -22.26 -73.28
C ASP E 152 -23.20 -21.99 -74.26
N LEU E 153 -23.47 -21.18 -75.28
CA LEU E 153 -22.42 -20.82 -76.22
C LEU E 153 -21.33 -20.04 -75.50
N GLN E 154 -21.71 -19.08 -74.68
CA GLN E 154 -20.71 -18.31 -73.94
C GLN E 154 -19.92 -19.21 -73.01
N VAL E 155 -20.60 -20.15 -72.37
CA VAL E 155 -19.92 -21.04 -71.44
C VAL E 155 -18.87 -21.87 -72.18
N ALA E 156 -19.27 -22.45 -73.31
CA ALA E 156 -18.32 -23.22 -74.09
C ALA E 156 -17.19 -22.35 -74.59
N VAL E 157 -17.49 -21.08 -74.87
CA VAL E 157 -16.46 -20.18 -75.36
C VAL E 157 -15.41 -19.94 -74.28
N LEU E 158 -15.88 -19.73 -73.05
CA LEU E 158 -14.95 -19.57 -71.94
C LEU E 158 -14.14 -20.84 -71.74
N ALA E 159 -14.78 -22.00 -71.85
CA ALA E 159 -14.08 -23.26 -71.68
C ALA E 159 -12.99 -23.40 -72.74
N SER E 160 -13.29 -23.03 -73.97
CA SER E 160 -12.31 -23.12 -75.04
C SER E 160 -11.18 -22.12 -74.82
N LEU E 161 -11.52 -20.92 -74.36
CA LEU E 161 -10.48 -19.96 -74.02
C LEU E 161 -9.50 -20.55 -73.02
N LYS E 162 -10.03 -21.22 -72.00
CA LYS E 162 -9.15 -21.92 -71.07
C LYS E 162 -8.34 -22.98 -71.78
N ASP E 163 -9.00 -23.76 -72.64
CA ASP E 163 -8.32 -24.88 -73.30
C ASP E 163 -7.11 -24.39 -74.08
N LYS E 164 -7.22 -23.23 -74.73
CA LYS E 164 -6.08 -22.70 -75.48
C LYS E 164 -4.86 -22.59 -74.59
N GLY E 165 -5.05 -22.16 -73.35
CA GLY E 165 -3.96 -21.92 -72.44
C GLY E 165 -3.80 -20.47 -72.07
N PHE E 166 -4.33 -20.12 -70.91
CA PHE E 166 -4.22 -18.78 -70.36
C PHE E 166 -4.23 -18.88 -68.84
N ASP E 167 -3.80 -17.80 -68.19
CA ASP E 167 -3.89 -17.75 -66.74
C ASP E 167 -5.35 -17.69 -66.35
N PRO E 168 -5.92 -18.75 -65.76
CA PRO E 168 -7.36 -18.75 -65.48
C PRO E 168 -7.81 -17.59 -64.61
N ASP E 169 -6.90 -16.93 -63.91
CA ASP E 169 -7.31 -15.88 -62.98
C ASP E 169 -7.86 -14.67 -63.71
N ASP E 170 -7.42 -14.45 -64.94
CA ASP E 170 -7.78 -13.25 -65.69
C ASP E 170 -8.59 -13.54 -66.96
N ILE E 171 -9.02 -14.78 -67.17
CA ILE E 171 -9.75 -15.10 -68.39
C ILE E 171 -11.12 -14.47 -68.39
N ASP E 172 -11.67 -14.21 -67.21
CA ASP E 172 -13.02 -13.68 -67.13
C ASP E 172 -13.04 -12.16 -67.30
N ALA E 173 -11.99 -11.48 -66.85
CA ALA E 173 -12.01 -10.02 -66.79
C ALA E 173 -11.32 -9.38 -67.98
N VAL E 174 -10.05 -9.71 -68.20
CA VAL E 174 -9.26 -8.98 -69.18
C VAL E 174 -9.42 -9.58 -70.57
N ILE E 175 -9.41 -10.90 -70.68
CA ILE E 175 -9.21 -11.54 -71.98
C ILE E 175 -10.50 -11.52 -72.80
N PHE E 176 -11.53 -12.17 -72.30
CA PHE E 176 -12.74 -12.38 -73.10
C PHE E 176 -13.37 -11.06 -73.54
N PRO E 177 -13.63 -10.11 -72.65
CA PRO E 177 -14.30 -8.88 -73.10
C PRO E 177 -13.41 -8.04 -73.98
N ASN E 178 -12.11 -8.02 -73.71
CA ASN E 178 -11.21 -7.25 -74.55
C ASN E 178 -11.17 -7.81 -75.95
N ALA E 179 -11.22 -9.13 -76.08
CA ALA E 179 -11.23 -9.75 -77.40
C ALA E 179 -12.51 -9.39 -78.14
N ILE E 180 -13.64 -9.56 -77.46
CA ILE E 180 -14.91 -9.18 -78.07
C ILE E 180 -14.87 -7.72 -78.50
N GLN E 181 -14.21 -6.87 -77.71
CA GLN E 181 -14.18 -5.45 -78.02
C GLN E 181 -13.37 -5.18 -79.27
N ARG E 182 -12.17 -5.75 -79.34
CA ARG E 182 -11.36 -5.57 -80.53
C ARG E 182 -12.10 -6.08 -81.77
N ILE E 183 -12.80 -7.21 -81.63
CA ILE E 183 -13.50 -7.76 -82.77
C ILE E 183 -14.61 -6.83 -83.22
N VAL E 184 -15.44 -6.37 -82.29
CA VAL E 184 -16.54 -5.52 -82.68
C VAL E 184 -16.02 -4.20 -83.22
N ASP E 185 -14.81 -3.83 -82.82
CA ASP E 185 -14.22 -2.61 -83.38
C ASP E 185 -13.80 -2.85 -84.82
N LEU E 186 -13.25 -4.02 -85.10
CA LEU E 186 -13.00 -4.40 -86.48
C LEU E 186 -14.27 -4.38 -87.30
N ALA E 187 -15.38 -4.80 -86.69
CA ALA E 187 -16.62 -4.93 -87.44
C ALA E 187 -17.17 -3.57 -87.86
N THR E 188 -17.40 -2.69 -86.89
CA THR E 188 -18.08 -1.41 -87.12
C THR E 188 -17.13 -0.28 -86.77
N ARG E 189 -16.50 0.30 -87.78
CA ARG E 189 -15.53 1.35 -87.60
C ARG E 189 -15.41 2.13 -88.89
N SER E 190 -15.43 3.46 -88.77
CA SER E 190 -15.28 4.30 -89.95
C SER E 190 -14.00 3.95 -90.71
N ASP E 191 -12.91 3.71 -89.99
CA ASP E 191 -11.67 3.30 -90.61
C ASP E 191 -11.84 1.97 -91.33
N VAL E 192 -10.95 1.70 -92.27
CA VAL E 192 -11.00 0.43 -93.00
C VAL E 192 -10.78 -0.71 -92.02
N ASN E 193 -11.69 -1.68 -92.04
CA ASN E 193 -11.59 -2.85 -91.19
C ASN E 193 -12.15 -4.04 -91.93
N ASP E 194 -11.58 -5.21 -91.66
CA ASP E 194 -11.77 -6.38 -92.50
C ASP E 194 -11.93 -7.64 -91.65
N ARG E 195 -13.03 -8.37 -91.85
CA ARG E 195 -13.27 -9.60 -91.09
C ARG E 195 -12.07 -10.52 -91.17
N THR E 196 -11.56 -10.71 -92.38
CA THR E 196 -10.31 -11.39 -92.65
C THR E 196 -9.25 -11.06 -91.61
N VAL E 197 -8.79 -12.06 -90.85
CA VAL E 197 -7.85 -11.83 -89.75
C VAL E 197 -7.03 -13.10 -89.51
N GLU E 198 -5.78 -12.90 -89.13
CA GLU E 198 -4.84 -13.96 -88.84
C GLU E 198 -5.11 -14.58 -87.48
N PRO E 199 -5.63 -15.82 -87.40
CA PRO E 199 -5.86 -16.42 -86.07
C PRO E 199 -4.60 -16.80 -85.33
N LYS E 200 -3.42 -16.51 -85.89
CA LYS E 200 -2.18 -16.90 -85.23
C LYS E 200 -1.64 -15.76 -84.37
N THR E 201 -1.80 -14.52 -84.82
CA THR E 201 -1.28 -13.37 -84.10
C THR E 201 -2.30 -12.80 -83.13
N PHE E 202 -3.59 -12.98 -83.43
CA PHE E 202 -4.64 -12.46 -82.58
C PHE E 202 -4.46 -12.94 -81.14
N LEU E 203 -4.23 -14.24 -80.95
CA LEU E 203 -4.11 -14.77 -79.60
C LEU E 203 -2.88 -14.23 -78.90
N ALA E 204 -1.74 -14.23 -79.60
CA ALA E 204 -0.52 -13.71 -79.01
C ALA E 204 -0.66 -12.24 -78.65
N GLY E 205 -1.53 -11.52 -79.37
CA GLY E 205 -1.74 -10.12 -79.05
C GLY E 205 -2.63 -9.94 -77.83
N LEU E 206 -3.73 -10.69 -77.78
CA LEU E 206 -4.62 -10.59 -76.63
C LEU E 206 -3.91 -11.01 -75.35
N ARG E 207 -2.94 -11.92 -75.46
CA ARG E 207 -2.24 -12.35 -74.26
C ARG E 207 -1.51 -11.19 -73.59
N GLU E 208 -1.03 -10.23 -74.39
CA GLU E 208 -0.23 -9.14 -73.85
C GLU E 208 -1.10 -7.98 -73.38
N VAL E 209 -2.02 -7.53 -74.23
CA VAL E 209 -2.78 -6.31 -73.92
C VAL E 209 -3.41 -6.42 -72.54
N ARG E 210 -3.35 -5.32 -71.78
CA ARG E 210 -3.83 -5.33 -70.41
C ARG E 210 -4.46 -3.97 -70.11
N ARG E 211 -5.76 -3.88 -70.32
CA ARG E 211 -6.53 -2.71 -69.92
C ARG E 211 -8.00 -3.10 -69.93
N VAL E 212 -8.63 -3.13 -68.76
CA VAL E 212 -10.02 -3.53 -68.71
C VAL E 212 -10.85 -2.53 -69.49
N THR E 213 -11.74 -3.03 -70.35
CA THR E 213 -12.48 -2.19 -71.28
C THR E 213 -13.98 -2.33 -71.02
N PHE E 214 -14.66 -1.19 -70.91
CA PHE E 214 -16.11 -1.14 -70.81
C PHE E 214 -16.65 -0.44 -72.05
N THR E 215 -17.89 -0.74 -72.40
CA THR E 215 -18.54 -0.08 -73.52
C THR E 215 -20.02 -0.44 -73.52
N ARG E 216 -20.71 -0.01 -74.57
CA ARG E 216 -22.10 -0.42 -74.75
C ARG E 216 -22.21 -1.93 -74.82
N TRP E 217 -21.34 -2.56 -75.59
CA TRP E 217 -21.17 -4.00 -75.51
C TRP E 217 -20.43 -4.29 -74.20
N THR E 218 -20.06 -5.54 -73.98
CA THR E 218 -19.28 -5.88 -72.81
C THR E 218 -20.11 -5.67 -71.54
N ARG E 219 -21.31 -5.15 -71.70
CA ARG E 219 -22.27 -5.13 -70.60
C ARG E 219 -23.30 -6.25 -70.76
N GLU E 220 -23.84 -6.39 -71.97
CA GLU E 220 -24.77 -7.50 -72.21
C GLU E 220 -24.10 -8.83 -72.01
N LEU E 221 -22.80 -8.93 -72.27
CA LEU E 221 -22.07 -10.15 -71.97
C LEU E 221 -22.36 -10.56 -70.54
N ALA E 222 -22.79 -11.81 -70.37
CA ALA E 222 -23.14 -12.29 -69.05
C ALA E 222 -21.98 -12.18 -68.07
N THR E 223 -20.76 -12.02 -68.56
CA THR E 223 -19.62 -11.91 -67.67
C THR E 223 -19.69 -10.64 -66.84
N LYS E 224 -20.30 -9.58 -67.37
CA LYS E 224 -20.57 -8.40 -66.57
C LYS E 224 -21.32 -8.83 -65.32
N GLY E 225 -20.75 -8.51 -64.16
CA GLY E 225 -21.19 -9.04 -62.88
C GLY E 225 -20.08 -9.67 -62.09
N ARG E 226 -19.03 -10.13 -62.77
CA ARG E 226 -17.83 -10.60 -62.08
C ARG E 226 -16.60 -9.77 -62.37
N MET E 227 -16.48 -9.18 -63.56
CA MET E 227 -15.36 -8.29 -63.82
C MET E 227 -15.41 -7.08 -62.90
N PHE E 228 -16.61 -6.56 -62.65
CA PHE E 228 -16.76 -5.45 -61.72
C PHE E 228 -16.12 -5.77 -60.39
N SER E 229 -16.55 -6.86 -59.76
CA SER E 229 -16.04 -7.20 -58.44
C SER E 229 -14.56 -7.55 -58.49
N SER E 230 -14.13 -8.22 -59.56
CA SER E 230 -12.73 -8.61 -59.66
C SER E 230 -11.84 -7.39 -59.76
N LEU E 231 -12.36 -6.28 -60.27
CA LEU E 231 -11.59 -5.05 -60.27
C LEU E 231 -11.69 -4.35 -58.93
N ARG E 232 -12.90 -4.30 -58.38
CA ARG E 232 -13.12 -3.60 -57.12
C ARG E 232 -12.22 -4.15 -56.03
N LYS E 233 -12.11 -5.47 -55.95
CA LYS E 233 -11.33 -6.07 -54.89
C LYS E 233 -9.84 -5.87 -55.08
N SER E 234 -9.43 -5.35 -56.23
CA SER E 234 -8.01 -5.13 -56.46
C SER E 234 -7.57 -3.76 -55.98
N LEU E 235 -8.37 -2.74 -56.25
CA LEU E 235 -8.02 -1.36 -55.93
C LEU E 235 -8.35 -0.97 -54.51
N ARG E 236 -8.63 -1.95 -53.64
CA ARG E 236 -8.99 -1.64 -52.28
C ARG E 236 -7.80 -1.09 -51.50
N SER E 237 -6.69 -1.81 -51.53
CA SER E 237 -5.53 -1.41 -50.73
C SER E 237 -4.92 -0.13 -51.25
N CYS E 238 -4.84 0.04 -52.56
CA CYS E 238 -4.22 1.22 -53.12
C CYS E 238 -5.00 2.50 -52.86
N LEU E 239 -6.19 2.39 -52.29
CA LEU E 239 -6.98 3.54 -51.93
C LEU E 239 -7.27 3.65 -50.44
N ALA E 240 -6.82 2.68 -49.66
CA ALA E 240 -7.05 2.73 -48.22
C ALA E 240 -6.16 3.77 -47.56
N HIS E 241 -4.88 3.79 -47.91
CA HIS E 241 -3.95 4.72 -47.29
C HIS E 241 -4.48 6.14 -47.39
N ASN E 242 -4.00 6.99 -46.49
CA ASN E 242 -4.38 8.39 -46.49
C ASN E 242 -3.47 9.21 -47.39
N SER E 243 -2.17 9.18 -47.12
CA SER E 243 -1.19 9.99 -47.82
C SER E 243 -0.54 9.16 -48.91
N ARG E 244 -0.72 9.59 -50.15
CA ARG E 244 -0.11 8.93 -51.28
C ARG E 244 -0.33 9.77 -52.52
N TRP E 245 0.55 9.62 -53.48
CA TRP E 245 0.42 10.31 -54.76
C TRP E 245 -0.68 9.68 -55.58
N ARG E 246 -1.32 10.50 -56.41
CA ARG E 246 -2.31 10.02 -57.36
C ARG E 246 -2.38 11.00 -58.51
N VAL E 247 -2.15 10.50 -59.72
CA VAL E 247 -2.19 11.29 -60.93
C VAL E 247 -3.16 10.66 -61.91
N PHE E 248 -3.97 11.50 -62.55
CA PHE E 248 -5.01 11.07 -63.46
C PHE E 248 -4.80 11.70 -64.84
N VAL E 249 -5.19 10.97 -65.88
CA VAL E 249 -5.17 11.47 -67.24
C VAL E 249 -6.43 11.00 -67.96
N ILE E 250 -7.06 11.90 -68.70
CA ILE E 250 -8.33 11.62 -69.37
C ILE E 250 -8.32 12.23 -70.77
N ASN E 251 -9.18 11.68 -71.62
CA ASN E 251 -9.41 12.19 -72.98
C ASN E 251 -10.91 12.25 -73.21
N PRO E 252 -11.53 13.42 -73.22
CA PRO E 252 -13.00 13.51 -73.20
C PRO E 252 -13.69 13.48 -74.55
N LEU E 253 -12.97 13.21 -75.64
CA LEU E 253 -13.58 13.32 -76.96
C LEU E 253 -14.70 12.31 -77.12
N THR E 254 -14.54 11.12 -76.55
CA THR E 254 -15.48 10.03 -76.76
C THR E 254 -16.43 9.84 -75.60
N ILE E 255 -16.16 10.43 -74.45
CA ILE E 255 -17.02 10.24 -73.30
C ILE E 255 -18.34 10.93 -73.52
N GLU E 256 -19.37 10.44 -72.84
CA GLU E 256 -20.72 10.93 -72.99
C GLU E 256 -21.08 11.87 -71.85
N ASN E 257 -21.54 13.06 -72.21
CA ASN E 257 -22.02 14.04 -71.24
C ASN E 257 -20.92 14.39 -70.25
N PHE E 258 -19.87 14.99 -70.80
CA PHE E 258 -18.68 15.31 -70.02
C PHE E 258 -18.89 16.56 -69.19
N ASP E 259 -19.15 17.67 -69.87
CA ASP E 259 -19.20 18.96 -69.22
C ASP E 259 -20.18 18.99 -68.06
N ASP E 260 -21.09 18.02 -68.00
CA ASP E 260 -22.16 18.03 -67.02
C ASP E 260 -21.89 17.14 -65.83
N ASP E 261 -21.01 16.14 -65.97
CA ASP E 261 -20.74 15.20 -64.89
C ASP E 261 -19.32 15.29 -64.36
N ILE E 262 -18.41 15.93 -65.09
CA ILE E 262 -17.03 16.03 -64.63
C ILE E 262 -16.99 16.68 -63.26
N VAL E 263 -17.78 17.73 -63.06
CA VAL E 263 -17.78 18.46 -61.81
C VAL E 263 -18.24 17.56 -60.68
N ARG E 264 -19.33 16.83 -60.91
CA ARG E 264 -19.85 15.95 -59.88
C ARG E 264 -18.84 14.89 -59.50
N PHE E 265 -18.14 14.36 -60.50
CA PHE E 265 -17.13 13.33 -60.23
C PHE E 265 -15.99 13.89 -59.40
N ILE E 266 -15.40 15.01 -59.85
CA ILE E 266 -14.30 15.61 -59.11
C ILE E 266 -14.72 15.91 -57.69
N LYS E 267 -15.94 16.38 -57.51
CA LYS E 267 -16.41 16.75 -56.19
C LYS E 267 -16.56 15.52 -55.31
N ALA E 268 -17.16 14.46 -55.83
CA ALA E 268 -17.34 13.24 -55.06
C ALA E 268 -16.01 12.57 -54.77
N PHE E 269 -14.97 12.90 -55.53
CA PHE E 269 -13.65 12.39 -55.24
C PHE E 269 -13.00 13.20 -54.13
N VAL E 270 -12.98 14.53 -54.28
CA VAL E 270 -12.29 15.37 -53.32
C VAL E 270 -13.01 15.37 -51.98
N GLN E 271 -14.26 14.93 -51.93
CA GLN E 271 -14.99 14.96 -50.67
C GLN E 271 -14.77 13.72 -49.83
N ARG E 272 -14.15 12.68 -50.39
CA ARG E 272 -13.92 11.45 -49.66
C ARG E 272 -12.45 11.11 -49.50
N TYR E 273 -11.59 11.62 -50.36
CA TYR E 273 -10.16 11.35 -50.27
C TYR E 273 -9.29 12.58 -50.03
N SER E 274 -9.84 13.79 -50.08
CA SER E 274 -9.02 14.98 -49.95
C SER E 274 -9.65 16.06 -49.09
N SER E 275 -10.43 15.67 -48.08
CA SER E 275 -11.03 16.63 -47.15
C SER E 275 -10.75 16.17 -45.74
N LYS E 276 -9.59 16.51 -45.23
CA LYS E 276 -9.17 16.15 -43.88
C LYS E 276 -7.76 16.68 -43.67
N TYR E 277 -7.29 16.58 -42.43
CA TYR E 277 -5.94 17.02 -42.08
C TYR E 277 -4.90 16.14 -42.74
N LEU E 278 -4.89 14.86 -42.38
CA LEU E 278 -3.79 13.98 -42.71
C LEU E 278 -3.55 13.81 -44.20
N HIS E 279 -4.49 14.22 -45.04
CA HIS E 279 -4.31 14.13 -46.48
C HIS E 279 -3.45 15.29 -46.93
N SER E 280 -2.17 15.01 -47.19
CA SER E 280 -1.15 16.03 -47.38
C SER E 280 -0.52 15.98 -48.77
N ASN E 281 -1.20 15.42 -49.74
CA ASN E 281 -0.71 15.44 -51.11
C ASN E 281 -1.87 15.17 -52.05
N PRO E 282 -2.60 16.19 -52.43
CA PRO E 282 -3.81 15.99 -53.19
C PRO E 282 -3.50 15.55 -54.61
N PRO E 283 -4.52 15.16 -55.35
CA PRO E 283 -4.33 14.57 -56.67
C PRO E 283 -4.16 15.61 -57.75
N LEU E 284 -3.77 15.12 -58.92
CA LEU E 284 -3.57 15.94 -60.10
C LEU E 284 -4.40 15.36 -61.23
N PHE E 285 -5.14 16.21 -61.90
CA PHE E 285 -5.99 15.83 -63.01
C PHE E 285 -5.49 16.53 -64.26
N MET E 286 -5.03 15.76 -65.23
CA MET E 286 -4.48 16.29 -66.46
C MET E 286 -5.30 15.80 -67.62
N LEU E 287 -5.94 16.72 -68.32
CA LEU E 287 -6.73 16.42 -69.49
C LEU E 287 -5.89 16.58 -70.75
N THR E 288 -6.29 15.88 -71.80
CA THR E 288 -5.58 15.89 -73.07
C THR E 288 -6.56 16.17 -74.19
N GLY E 289 -6.21 17.11 -75.05
CA GLY E 289 -7.07 17.50 -76.14
C GLY E 289 -7.07 18.99 -76.39
N ASP E 290 -8.26 19.55 -76.63
CA ASP E 290 -8.46 20.96 -76.91
C ASP E 290 -9.54 21.53 -76.02
N TYR E 291 -9.45 21.26 -74.72
CA TYR E 291 -10.47 21.66 -73.78
C TYR E 291 -10.10 22.98 -73.12
N ASP E 292 -11.12 23.70 -72.66
CA ASP E 292 -10.96 24.99 -72.02
C ASP E 292 -11.18 24.83 -70.52
N LEU E 293 -10.32 25.44 -69.72
CA LEU E 293 -10.26 25.14 -68.31
C LEU E 293 -11.05 26.12 -67.46
N SER E 294 -10.91 27.41 -67.76
CA SER E 294 -11.51 28.43 -66.90
C SER E 294 -12.97 28.16 -66.63
N VAL E 295 -13.69 27.68 -67.64
CA VAL E 295 -15.10 27.40 -67.49
C VAL E 295 -15.34 26.37 -66.40
N LEU E 296 -14.41 25.43 -66.23
CA LEU E 296 -14.57 24.39 -65.21
C LEU E 296 -14.05 24.86 -63.87
N GLN E 297 -12.96 25.62 -63.90
CA GLN E 297 -12.43 26.17 -62.67
C GLN E 297 -13.49 26.99 -61.95
N LYS E 298 -14.27 27.74 -62.72
CA LYS E 298 -15.30 28.58 -62.12
C LYS E 298 -16.37 27.74 -61.46
N ARG E 299 -16.87 26.74 -62.18
CA ARG E 299 -17.94 25.93 -61.62
C ARG E 299 -17.46 25.15 -60.41
N LEU E 300 -16.18 24.83 -60.37
CA LEU E 300 -15.64 24.13 -59.20
C LEU E 300 -15.57 25.08 -58.02
N TYR E 301 -15.18 26.33 -58.27
CA TYR E 301 -15.15 27.30 -57.18
C TYR E 301 -16.54 27.52 -56.63
N ASP E 302 -17.55 27.51 -57.50
CA ASP E 302 -18.91 27.75 -57.05
C ASP E 302 -19.31 26.76 -55.97
N ALA E 303 -18.76 25.55 -56.04
CA ALA E 303 -19.12 24.52 -55.08
C ALA E 303 -18.35 24.65 -53.78
N GLY E 304 -17.38 25.55 -53.73
CA GLY E 304 -16.56 25.78 -52.55
C GLY E 304 -15.12 25.36 -52.71
N LEU E 305 -14.86 24.38 -53.56
CA LEU E 305 -13.52 23.84 -53.72
C LEU E 305 -12.61 24.85 -54.39
N ARG E 306 -11.39 24.96 -53.87
CA ARG E 306 -10.39 25.88 -54.37
C ARG E 306 -9.27 25.09 -55.03
N CYS E 307 -8.90 25.49 -56.25
CA CYS E 307 -7.93 24.75 -57.03
C CYS E 307 -6.56 25.44 -57.02
N GLU E 308 -5.62 24.78 -57.70
CA GLU E 308 -4.29 25.32 -57.97
C GLU E 308 -4.08 25.26 -59.48
N THR E 309 -4.36 26.37 -60.16
CA THR E 309 -4.20 26.40 -61.60
C THR E 309 -2.79 26.05 -62.02
N GLY E 310 -1.85 26.02 -61.08
CA GLY E 310 -0.48 25.74 -61.41
C GLY E 310 0.25 26.86 -62.11
N LYS E 311 -0.34 28.04 -62.19
CA LYS E 311 0.21 29.15 -62.94
C LYS E 311 0.45 30.35 -62.03
N VAL E 312 1.52 31.06 -62.28
CA VAL E 312 1.78 32.35 -61.67
C VAL E 312 1.96 33.34 -62.82
N GLY E 313 0.87 33.96 -63.25
CA GLY E 313 0.86 34.92 -64.33
C GLY E 313 -0.05 34.58 -65.48
N GLY E 314 -0.33 33.30 -65.70
CA GLY E 314 -1.24 32.89 -66.74
C GLY E 314 -0.62 32.58 -68.09
N THR E 315 0.69 32.81 -68.25
CA THR E 315 1.34 32.47 -69.50
C THR E 315 1.63 30.97 -69.59
N ASP E 316 2.41 30.44 -68.66
CA ASP E 316 2.85 29.06 -68.73
C ASP E 316 3.02 28.51 -67.33
N VAL E 317 3.57 27.31 -67.26
CA VAL E 317 3.59 26.54 -66.03
C VAL E 317 4.97 26.60 -65.40
N ILE E 318 5.03 26.34 -64.11
CA ILE E 318 6.26 26.30 -63.34
C ILE E 318 6.21 25.04 -62.48
N ILE E 319 6.99 24.04 -62.85
CA ILE E 319 6.86 22.72 -62.25
C ILE E 319 6.94 22.81 -60.73
N LYS E 320 7.72 23.74 -60.21
CA LYS E 320 7.98 23.78 -58.78
C LYS E 320 6.78 24.27 -57.99
N GLU E 321 5.83 24.93 -58.62
CA GLU E 321 4.67 25.44 -57.91
C GLU E 321 3.51 24.46 -57.93
N LEU E 322 3.45 23.60 -58.94
CA LEU E 322 2.32 22.71 -59.12
C LEU E 322 2.40 21.45 -58.29
N PHE E 323 3.48 21.28 -57.52
CA PHE E 323 3.66 20.09 -56.71
C PHE E 323 3.96 20.41 -55.25
N ARG E 324 3.90 21.67 -54.85
CA ARG E 324 4.22 22.01 -53.48
C ARG E 324 3.19 21.47 -52.51
N ARG E 325 3.60 21.40 -51.27
CA ARG E 325 2.72 20.94 -50.21
C ARG E 325 1.97 22.11 -49.61
N PRO E 326 0.70 21.93 -49.29
CA PRO E 326 -0.14 23.04 -48.84
C PRO E 326 -0.04 23.31 -47.35
N ILE E 327 -0.55 24.48 -46.99
CA ILE E 327 -0.65 24.88 -45.60
C ILE E 327 -1.91 24.27 -45.03
N LEU E 328 -1.76 23.58 -43.90
CA LEU E 328 -2.85 22.85 -43.27
C LEU E 328 -2.97 23.29 -41.82
N ILE E 329 -4.05 23.96 -41.50
CA ILE E 329 -4.36 24.35 -40.14
C ILE E 329 -5.49 23.48 -39.63
N ARG E 330 -5.45 23.14 -38.35
CA ARG E 330 -6.32 22.10 -37.80
C ARG E 330 -7.65 22.64 -37.33
N ASN E 331 -7.64 23.53 -36.35
CA ASN E 331 -8.86 23.99 -35.70
C ASN E 331 -9.00 25.50 -35.83
N PRO E 332 -9.95 25.99 -36.63
CA PRO E 332 -10.86 25.23 -37.46
C PRO E 332 -10.19 24.71 -38.71
N PHE E 333 -10.74 23.63 -39.27
CA PHE E 333 -10.17 23.06 -40.47
C PHE E 333 -10.11 24.08 -41.59
N ARG E 334 -9.02 24.07 -42.34
CA ARG E 334 -8.89 24.92 -43.50
C ARG E 334 -7.74 24.43 -44.35
N MET E 335 -7.90 24.53 -45.66
CA MET E 335 -6.93 24.05 -46.62
C MET E 335 -6.71 25.07 -47.71
N GLU E 336 -5.46 25.22 -48.12
CA GLU E 336 -5.12 26.18 -49.15
C GLU E 336 -5.59 25.71 -50.52
N PHE E 337 -5.28 24.46 -50.87
CA PHE E 337 -5.79 23.89 -52.09
C PHE E 337 -6.17 22.45 -51.85
N SER E 338 -7.09 21.97 -52.69
CA SER E 338 -7.58 20.61 -52.60
C SER E 338 -7.50 19.84 -53.90
N LEU E 339 -7.42 20.49 -55.05
CA LEU E 339 -7.31 19.79 -56.31
C LEU E 339 -6.37 20.55 -57.23
N ARG E 340 -5.60 19.78 -57.98
CA ARG E 340 -4.70 20.28 -59.01
C ARG E 340 -5.30 20.00 -60.38
N LEU E 341 -4.95 20.84 -61.35
CA LEU E 341 -5.58 20.77 -62.67
C LEU E 341 -4.73 21.51 -63.68
N ALA E 342 -4.43 20.83 -64.78
CA ALA E 342 -3.67 21.44 -65.86
C ALA E 342 -3.62 20.50 -67.05
N LYS E 343 -3.61 21.08 -68.24
CA LYS E 343 -3.48 20.30 -69.47
C LYS E 343 -2.09 19.70 -69.58
N ARG E 344 -1.97 18.70 -70.44
CA ARG E 344 -0.77 17.88 -70.49
C ARG E 344 0.30 18.49 -71.38
N ASP E 345 -0.05 18.79 -72.62
CA ASP E 345 0.94 19.28 -73.57
C ASP E 345 1.74 20.44 -73.01
N GLU E 346 1.17 21.17 -72.05
CA GLU E 346 1.85 22.31 -71.47
C GLU E 346 2.93 21.88 -70.48
N VAL E 347 2.71 20.77 -69.79
CA VAL E 347 3.65 20.31 -68.77
C VAL E 347 4.86 19.73 -69.47
N ILE E 348 5.98 20.45 -69.43
CA ILE E 348 7.23 20.02 -70.03
C ILE E 348 8.19 19.73 -68.90
N GLY E 349 8.41 18.46 -68.63
CA GLY E 349 9.34 18.01 -67.62
C GLY E 349 8.71 16.93 -66.77
N GLY E 350 9.31 16.70 -65.62
CA GLY E 350 8.83 15.73 -64.69
C GLY E 350 9.07 16.14 -63.25
N PRO E 351 8.50 15.40 -62.31
CA PRO E 351 8.63 15.76 -60.90
C PRO E 351 9.93 15.29 -60.29
N GLN E 352 10.07 15.62 -59.00
CA GLN E 352 11.21 15.15 -58.23
C GLN E 352 10.94 13.80 -57.61
N ARG E 353 9.71 13.57 -57.18
CA ARG E 353 9.28 12.30 -56.63
C ARG E 353 8.35 11.60 -57.60
N ARG E 354 8.46 10.29 -57.64
CA ARG E 354 7.75 9.51 -58.62
C ARG E 354 6.32 9.23 -58.16
N PRO E 355 5.43 8.93 -59.09
CA PRO E 355 4.07 8.57 -58.71
C PRO E 355 3.91 7.15 -58.21
N ASP E 356 3.03 6.97 -57.24
CA ASP E 356 2.74 5.64 -56.74
C ASP E 356 1.63 4.99 -57.56
N GLU E 357 0.62 5.74 -57.92
CA GLU E 357 -0.47 5.26 -58.78
C GLU E 357 -0.70 6.25 -59.90
N LEU E 358 -0.97 5.72 -61.10
CA LEU E 358 -1.23 6.54 -62.28
C LEU E 358 -2.36 5.89 -63.06
N PHE E 359 -3.57 6.38 -62.85
CA PHE E 359 -4.70 5.92 -63.61
C PHE E 359 -4.78 6.65 -64.94
N LEU E 360 -5.25 5.95 -65.96
CA LEU E 360 -5.38 6.49 -67.31
C LEU E 360 -6.76 6.17 -67.84
N ILE E 361 -7.37 7.14 -68.50
CA ILE E 361 -8.71 7.00 -69.05
C ILE E 361 -8.65 7.32 -70.55
N ASN E 362 -8.96 6.32 -71.36
CA ASN E 362 -9.08 6.49 -72.81
C ASN E 362 -7.78 7.01 -73.41
N VAL E 363 -6.67 6.41 -72.99
CA VAL E 363 -5.37 6.71 -73.56
C VAL E 363 -4.52 5.45 -73.51
N ALA E 364 -3.60 5.34 -74.45
CA ALA E 364 -2.84 4.12 -74.60
C ALA E 364 -1.49 4.20 -73.90
N ASP E 365 -0.77 5.29 -74.07
CA ASP E 365 0.56 5.40 -73.50
C ASP E 365 0.86 6.85 -73.14
N ASP E 366 1.72 7.00 -72.13
CA ASP E 366 2.19 8.30 -71.69
C ASP E 366 3.61 8.13 -71.19
N GLU E 367 4.32 9.25 -71.08
CA GLU E 367 5.75 9.19 -70.84
C GLU E 367 6.08 8.63 -69.47
N TRP E 368 5.27 8.96 -68.47
CA TRP E 368 5.65 8.68 -67.10
C TRP E 368 5.69 7.20 -66.77
N LYS E 369 5.19 6.34 -67.65
CA LYS E 369 5.22 4.91 -67.38
C LYS E 369 6.61 4.46 -67.01
N HIS E 370 6.69 3.49 -66.12
CA HIS E 370 7.95 3.04 -65.55
C HIS E 370 7.76 1.65 -64.99
N GLU E 371 8.74 1.20 -64.22
CA GLU E 371 8.68 -0.13 -63.64
C GLU E 371 8.17 -0.07 -62.21
N ASP E 372 8.56 0.98 -61.47
CA ASP E 372 8.13 1.09 -60.09
C ASP E 372 6.69 1.55 -59.98
N VAL E 373 6.28 2.46 -60.87
CA VAL E 373 4.94 3.01 -60.80
C VAL E 373 3.93 1.98 -61.29
N ASN E 374 2.95 1.68 -60.45
CA ASN E 374 1.82 0.89 -60.88
C ASN E 374 1.01 1.67 -61.92
N VAL E 375 0.55 0.97 -62.95
CA VAL E 375 -0.22 1.58 -64.02
C VAL E 375 -1.46 0.76 -64.26
N HIS E 376 -2.63 1.37 -64.04
CA HIS E 376 -3.91 0.80 -64.40
C HIS E 376 -4.52 1.64 -65.49
N GLY E 377 -4.92 1.01 -66.58
CA GLY E 377 -5.44 1.73 -67.72
C GLY E 377 -6.78 1.17 -68.18
N PHE E 378 -7.78 2.03 -68.21
CA PHE E 378 -9.14 1.61 -68.49
C PHE E 378 -9.67 2.31 -69.73
N LYS E 379 -10.74 1.73 -70.28
CA LYS E 379 -11.55 2.35 -71.31
C LYS E 379 -12.98 2.46 -70.79
N ILE E 380 -13.64 3.56 -71.10
CA ILE E 380 -14.92 3.88 -70.49
C ILE E 380 -15.74 4.76 -71.41
N GLU E 381 -17.05 4.62 -71.33
CA GLU E 381 -17.99 5.45 -72.07
C GLU E 381 -18.64 6.49 -71.16
N ARG E 382 -19.30 6.05 -70.09
CA ARG E 382 -19.83 6.94 -69.08
C ARG E 382 -18.91 6.95 -67.85
N LEU E 383 -18.97 8.04 -67.11
CA LEU E 383 -18.16 8.17 -65.91
C LEU E 383 -18.84 7.58 -64.68
N SER E 384 -20.13 7.32 -64.74
CA SER E 384 -20.82 6.76 -63.60
C SER E 384 -20.27 5.39 -63.24
N ASP E 385 -19.84 4.64 -64.23
CA ASP E 385 -19.37 3.28 -63.97
C ASP E 385 -18.03 3.29 -63.24
N LEU E 386 -17.15 4.22 -63.62
CA LEU E 386 -15.85 4.28 -62.96
C LEU E 386 -16.01 4.50 -61.46
N GLU E 387 -17.08 5.19 -61.07
CA GLU E 387 -17.32 5.44 -59.66
C GLU E 387 -17.60 4.15 -58.91
N TYR E 388 -18.02 3.11 -59.62
CA TYR E 388 -18.21 1.81 -58.98
C TYR E 388 -16.89 1.12 -58.71
N ILE E 389 -15.81 1.58 -59.31
CA ILE E 389 -14.53 0.94 -59.14
C ILE E 389 -13.79 1.49 -57.94
N LEU E 390 -14.22 2.65 -57.43
CA LEU E 390 -13.49 3.35 -56.39
C LEU E 390 -14.33 3.63 -55.14
N GLN E 391 -15.48 2.97 -55.02
CA GLN E 391 -16.26 3.00 -53.79
C GLN E 391 -16.82 4.39 -53.50
N LEU E 392 -17.39 5.02 -54.53
CA LEU E 392 -18.04 6.31 -54.36
C LEU E 392 -19.54 6.26 -54.49
N ARG E 393 -20.09 5.23 -55.12
CA ARG E 393 -21.53 5.07 -55.21
C ARG E 393 -21.89 3.62 -54.93
N SER E 394 -23.16 3.41 -54.59
CA SER E 394 -23.59 2.12 -54.11
C SER E 394 -23.58 1.07 -55.21
N ASP E 395 -24.41 1.26 -56.25
CA ASP E 395 -24.57 0.23 -57.27
C ASP E 395 -24.81 0.87 -58.62
N TYR E 396 -24.53 0.10 -59.67
CA TYR E 396 -24.79 0.51 -61.04
C TYR E 396 -26.26 0.32 -61.41
N GLY F 225 10.63 70.25 -50.56
CA GLY F 225 10.97 69.31 -49.51
C GLY F 225 10.58 69.82 -48.15
N ARG F 226 10.38 71.14 -48.07
CA ARG F 226 9.93 71.74 -46.82
C ARG F 226 8.62 71.10 -46.37
N MET F 227 7.65 71.02 -47.27
CA MET F 227 6.38 70.38 -46.93
C MET F 227 6.58 68.91 -46.59
N PHE F 228 7.55 68.26 -47.22
CA PHE F 228 7.76 66.84 -47.00
C PHE F 228 8.24 66.58 -45.59
N SER F 229 9.18 67.41 -45.13
CA SER F 229 9.72 67.23 -43.78
C SER F 229 8.59 67.19 -42.76
N SER F 230 7.49 67.87 -43.04
CA SER F 230 6.38 67.91 -42.11
C SER F 230 5.40 66.79 -42.38
N LEU F 231 5.12 66.51 -43.65
CA LEU F 231 4.21 65.44 -44.00
C LEU F 231 4.68 64.13 -43.39
N ARG F 232 5.98 63.95 -43.30
CA ARG F 232 6.51 62.73 -42.68
C ARG F 232 6.01 62.59 -41.25
N LYS F 233 5.81 63.72 -40.57
CA LYS F 233 5.52 63.65 -39.15
C LYS F 233 4.08 63.26 -38.90
N SER F 234 3.17 63.64 -39.81
CA SER F 234 1.77 63.25 -39.66
C SER F 234 1.63 61.74 -39.65
N LEU F 235 2.00 61.12 -40.76
CA LEU F 235 1.78 59.69 -40.93
C LEU F 235 2.51 58.85 -39.91
N ARG F 236 3.31 59.47 -39.05
CA ARG F 236 4.02 58.72 -38.04
C ARG F 236 3.07 58.11 -37.03
N SER F 237 1.86 58.65 -36.94
CA SER F 237 0.90 58.14 -35.97
C SER F 237 0.16 56.93 -36.52
N CYS F 238 -0.45 57.09 -37.70
CA CYS F 238 -1.25 56.01 -38.26
C CYS F 238 -0.39 54.81 -38.59
N LEU F 239 0.59 55.01 -39.46
CA LEU F 239 1.40 53.91 -39.96
C LEU F 239 1.96 53.06 -38.82
N ALA F 240 2.21 53.67 -37.67
CA ALA F 240 2.84 52.94 -36.57
C ALA F 240 1.96 51.84 -36.05
N HIS F 241 0.64 51.99 -36.18
CA HIS F 241 -0.28 50.94 -35.77
C HIS F 241 0.10 49.63 -36.43
N ASN F 242 -0.31 48.53 -35.81
CA ASN F 242 0.07 47.21 -36.29
C ASN F 242 -0.95 46.62 -37.24
N SER F 243 -2.21 46.57 -36.83
CA SER F 243 -3.27 45.94 -37.61
C SER F 243 -4.20 47.00 -38.18
N ARG F 244 -4.21 47.13 -39.50
CA ARG F 244 -5.06 48.08 -40.19
C ARG F 244 -5.23 47.61 -41.63
N TRP F 245 -6.00 48.38 -42.38
CA TRP F 245 -6.31 48.09 -43.78
C TRP F 245 -5.96 49.32 -44.61
N ARG F 246 -5.00 49.17 -45.49
CA ARG F 246 -4.47 50.27 -46.28
C ARG F 246 -4.70 50.03 -47.76
N VAL F 247 -5.06 51.09 -48.46
CA VAL F 247 -5.28 51.07 -49.89
C VAL F 247 -4.41 52.15 -50.54
N PHE F 248 -3.75 51.79 -51.62
CA PHE F 248 -2.85 52.67 -52.34
C PHE F 248 -3.26 52.72 -53.80
N VAL F 249 -3.24 53.91 -54.38
CA VAL F 249 -3.51 54.12 -55.79
C VAL F 249 -2.34 54.87 -56.40
N ILE F 250 -1.89 54.42 -57.57
CA ILE F 250 -0.71 54.97 -58.23
C ILE F 250 -1.00 55.10 -59.72
N ASN F 251 -0.29 56.03 -60.35
CA ASN F 251 -0.39 56.29 -61.77
C ASN F 251 1.01 56.49 -62.33
N PRO F 252 1.42 55.72 -63.34
CA PRO F 252 2.82 55.74 -63.78
C PRO F 252 3.13 56.69 -64.92
N LEU F 253 2.12 57.31 -65.53
CA LEU F 253 2.38 58.08 -66.74
C LEU F 253 3.23 59.30 -66.45
N THR F 254 3.21 59.79 -65.22
CA THR F 254 3.95 61.00 -64.85
C THR F 254 4.91 60.75 -63.70
N ILE F 255 5.27 59.50 -63.45
CA ILE F 255 6.26 59.14 -62.45
C ILE F 255 7.44 58.55 -63.19
N GLU F 256 8.61 59.15 -62.99
CA GLU F 256 9.77 58.79 -63.79
C GLU F 256 10.50 57.61 -63.19
N ASN F 257 11.02 56.74 -64.07
CA ASN F 257 11.76 55.56 -63.67
C ASN F 257 10.94 54.68 -62.75
N PHE F 258 9.85 54.14 -63.30
CA PHE F 258 8.91 53.33 -62.55
C PHE F 258 9.35 51.88 -62.53
N ASP F 259 9.47 51.29 -63.72
CA ASP F 259 9.74 49.87 -63.84
C ASP F 259 11.03 49.47 -63.14
N ASP F 260 11.86 50.45 -62.77
CA ASP F 260 13.15 50.14 -62.20
C ASP F 260 13.17 50.20 -60.69
N ASP F 261 12.16 50.78 -60.07
CA ASP F 261 12.11 50.95 -58.63
C ASP F 261 10.86 50.37 -57.98
N ILE F 262 9.87 50.00 -58.77
CA ILE F 262 8.61 49.51 -58.20
C ILE F 262 8.86 48.31 -57.31
N VAL F 263 9.67 47.38 -57.79
CA VAL F 263 9.87 46.13 -57.06
C VAL F 263 10.58 46.39 -55.75
N ARG F 264 11.61 47.22 -55.77
CA ARG F 264 12.34 47.50 -54.55
C ARG F 264 11.43 48.19 -53.55
N PHE F 265 10.53 49.05 -54.02
CA PHE F 265 9.62 49.73 -53.11
C PHE F 265 8.69 48.73 -52.45
N ILE F 266 8.05 47.89 -53.26
CA ILE F 266 7.15 46.89 -52.72
C ILE F 266 7.89 46.01 -51.73
N LYS F 267 9.14 45.70 -52.02
CA LYS F 267 9.89 44.79 -51.17
C LYS F 267 10.21 45.44 -49.83
N ALA F 268 10.64 46.69 -49.87
CA ALA F 268 10.97 47.39 -48.64
C ALA F 268 9.73 47.57 -47.79
N PHE F 269 8.58 47.68 -48.41
CA PHE F 269 7.35 47.77 -47.65
C PHE F 269 7.03 46.44 -46.99
N VAL F 270 7.06 45.37 -47.77
CA VAL F 270 6.63 44.08 -47.26
C VAL F 270 7.56 43.60 -46.15
N GLN F 271 8.82 44.06 -46.15
CA GLN F 271 9.74 43.57 -45.13
C GLN F 271 9.55 44.27 -43.80
N ARG F 272 8.99 45.47 -43.80
CA ARG F 272 8.85 46.23 -42.57
C ARG F 272 7.43 46.34 -42.07
N TYR F 273 6.43 46.15 -42.92
CA TYR F 273 5.05 46.27 -42.52
C TYR F 273 4.23 45.01 -42.66
N SER F 274 4.75 43.96 -43.28
CA SER F 274 4.00 42.73 -43.48
C SER F 274 4.87 41.50 -43.29
N SER F 275 5.66 41.46 -42.23
CA SER F 275 6.58 40.35 -42.00
C SER F 275 6.54 39.89 -40.55
N LYS F 276 5.36 39.86 -39.96
CA LYS F 276 5.19 39.30 -38.63
C LYS F 276 3.77 38.80 -38.46
N TYR F 277 3.57 38.02 -37.40
CA TYR F 277 2.27 37.41 -37.15
C TYR F 277 1.21 38.47 -36.85
N LEU F 278 1.54 39.41 -35.98
CA LEU F 278 0.57 40.43 -35.59
C LEU F 278 0.04 41.20 -36.78
N HIS F 279 0.75 41.18 -37.90
CA HIS F 279 0.31 41.85 -39.12
C HIS F 279 -0.69 40.95 -39.80
N SER F 280 -1.98 41.25 -39.60
CA SER F 280 -3.02 40.34 -40.05
C SER F 280 -3.48 40.67 -41.47
N ASN F 281 -3.99 41.87 -41.67
CA ASN F 281 -4.53 42.26 -42.95
C ASN F 281 -3.50 43.04 -43.73
N PRO F 282 -3.05 42.56 -44.88
CA PRO F 282 -2.07 43.29 -45.63
C PRO F 282 -2.69 44.31 -46.56
N PRO F 283 -1.88 44.98 -47.35
CA PRO F 283 -2.37 46.06 -48.22
C PRO F 283 -2.77 45.57 -49.61
N LEU F 284 -3.24 46.53 -50.40
CA LEU F 284 -3.52 46.31 -51.81
C LEU F 284 -3.08 47.53 -52.59
N PHE F 285 -2.24 47.31 -53.58
CA PHE F 285 -1.84 48.34 -54.52
C PHE F 285 -2.71 48.24 -55.76
N MET F 286 -3.04 49.40 -56.33
CA MET F 286 -3.80 49.46 -57.55
C MET F 286 -3.15 50.46 -58.48
N LEU F 287 -3.10 50.12 -59.75
CA LEU F 287 -2.38 50.90 -60.75
C LEU F 287 -3.31 51.17 -61.93
N THR F 288 -3.61 52.44 -62.15
CA THR F 288 -4.52 52.84 -63.22
C THR F 288 -3.78 53.00 -64.54
N GLY F 289 -4.51 52.81 -65.63
CA GLY F 289 -3.98 52.95 -66.96
C GLY F 289 -4.04 51.66 -67.74
N ASP F 290 -2.95 51.29 -68.37
CA ASP F 290 -2.86 50.15 -69.27
C ASP F 290 -1.59 49.34 -69.01
N TYR F 291 -1.32 49.03 -67.76
CA TYR F 291 -0.12 48.28 -67.41
C TYR F 291 -0.35 46.79 -67.58
N ASP F 292 0.72 46.07 -67.88
CA ASP F 292 0.70 44.62 -67.95
C ASP F 292 1.07 44.07 -66.58
N LEU F 293 0.10 43.46 -65.92
CA LEU F 293 0.32 42.99 -64.56
C LEU F 293 1.06 41.66 -64.54
N SER F 294 0.91 40.86 -65.58
CA SER F 294 1.53 39.54 -65.60
C SER F 294 3.03 39.63 -65.38
N VAL F 295 3.68 40.57 -66.08
CA VAL F 295 5.13 40.69 -65.99
C VAL F 295 5.55 41.07 -64.59
N LEU F 296 4.81 41.96 -63.96
CA LEU F 296 5.16 42.39 -62.61
C LEU F 296 4.98 41.25 -61.64
N GLN F 297 3.92 40.47 -61.84
CA GLN F 297 3.68 39.32 -60.98
C GLN F 297 4.82 38.33 -61.08
N LYS F 298 5.32 38.12 -62.30
CA LYS F 298 6.38 37.14 -62.50
C LYS F 298 7.65 37.60 -61.84
N ARG F 299 7.99 38.87 -62.03
CA ARG F 299 9.20 39.38 -61.40
C ARG F 299 9.10 39.28 -59.89
N LEU F 300 7.92 39.59 -59.35
CA LEU F 300 7.76 39.58 -57.91
C LEU F 300 7.91 38.17 -57.36
N TYR F 301 7.45 37.17 -58.12
CA TYR F 301 7.71 35.80 -57.70
C TYR F 301 9.19 35.50 -57.72
N ASP F 302 9.86 35.82 -58.82
CA ASP F 302 11.30 35.61 -58.88
C ASP F 302 12.00 36.25 -57.70
N ALA F 303 11.39 37.29 -57.12
CA ALA F 303 12.03 37.95 -55.99
C ALA F 303 11.90 37.13 -54.72
N GLY F 304 10.75 36.52 -54.49
CA GLY F 304 10.54 35.74 -53.29
C GLY F 304 9.14 35.86 -52.70
N LEU F 305 8.37 36.81 -53.19
CA LEU F 305 7.05 37.09 -52.65
C LEU F 305 5.95 36.44 -53.48
N ARG F 306 4.78 36.35 -52.89
CA ARG F 306 3.58 35.89 -53.55
C ARG F 306 2.47 36.90 -53.41
N CYS F 307 1.59 36.96 -54.40
CA CYS F 307 0.50 37.92 -54.45
C CYS F 307 -0.82 37.23 -54.76
N GLU F 308 -1.91 37.92 -54.45
CA GLU F 308 -3.26 37.42 -54.61
C GLU F 308 -4.05 38.38 -55.50
N THR F 309 -3.99 38.12 -56.81
CA THR F 309 -4.75 38.93 -57.75
C THR F 309 -6.25 38.73 -57.59
N GLY F 310 -6.67 37.71 -56.86
CA GLY F 310 -8.06 37.45 -56.61
C GLY F 310 -8.79 36.77 -57.74
N LYS F 311 -8.27 36.83 -58.95
CA LYS F 311 -8.97 36.30 -60.10
C LYS F 311 -8.85 34.78 -60.13
N VAL F 312 -9.97 34.12 -60.37
CA VAL F 312 -10.06 32.67 -60.47
C VAL F 312 -10.52 32.34 -61.87
N GLY F 313 -9.60 31.96 -62.73
CA GLY F 313 -9.94 31.58 -64.09
C GLY F 313 -9.09 32.26 -65.14
N GLY F 314 -8.76 33.52 -64.92
CA GLY F 314 -7.98 34.28 -65.86
C GLY F 314 -8.75 35.26 -66.70
N THR F 315 -9.97 35.60 -66.33
CA THR F 315 -10.81 36.51 -67.10
C THR F 315 -11.14 37.80 -66.34
N ASP F 316 -11.69 37.68 -65.14
CA ASP F 316 -12.20 38.83 -64.43
C ASP F 316 -11.96 38.69 -62.93
N VAL F 317 -12.21 39.77 -62.22
CA VAL F 317 -11.91 39.85 -60.80
C VAL F 317 -13.17 39.63 -60.00
N ILE F 318 -13.11 38.71 -59.05
CA ILE F 318 -14.17 38.48 -58.09
C ILE F 318 -13.80 39.21 -56.81
N ILE F 319 -14.71 40.04 -56.32
CA ILE F 319 -14.37 40.97 -55.26
C ILE F 319 -14.13 40.22 -53.95
N LYS F 320 -15.09 39.39 -53.56
CA LYS F 320 -15.05 38.79 -52.23
C LYS F 320 -13.83 37.92 -52.02
N GLU F 321 -13.11 37.59 -53.09
CA GLU F 321 -11.96 36.71 -52.96
C GLU F 321 -10.68 37.50 -52.74
N LEU F 322 -10.67 38.77 -53.13
CA LEU F 322 -9.47 39.57 -53.03
C LEU F 322 -9.22 40.01 -51.60
N PHE F 323 -10.27 40.10 -50.80
CA PHE F 323 -10.20 40.72 -49.49
C PHE F 323 -10.11 39.72 -48.35
N ARG F 324 -9.90 38.45 -48.65
CA ARG F 324 -10.04 37.44 -47.62
C ARG F 324 -8.90 37.50 -46.62
N ARG F 325 -9.20 37.09 -45.40
CA ARG F 325 -8.22 37.09 -44.35
C ARG F 325 -7.17 36.03 -44.64
N PRO F 326 -5.90 36.35 -44.53
CA PRO F 326 -4.87 35.39 -44.93
C PRO F 326 -4.54 34.41 -43.82
N ILE F 327 -4.29 33.18 -44.23
CA ILE F 327 -3.88 32.15 -43.29
C ILE F 327 -2.57 32.54 -42.64
N LEU F 328 -2.46 32.31 -41.34
CA LEU F 328 -1.26 32.67 -40.60
C LEU F 328 -0.91 31.57 -39.61
N ILE F 329 0.32 31.08 -39.68
CA ILE F 329 0.86 30.14 -38.73
C ILE F 329 1.93 30.84 -37.91
N ARG F 330 2.09 30.41 -36.66
CA ARG F 330 3.01 31.08 -35.74
C ARG F 330 4.40 30.48 -35.84
N ASN F 331 4.54 29.20 -35.54
CA ASN F 331 5.84 28.54 -35.48
C ASN F 331 5.89 27.39 -36.48
N PRO F 332 6.63 27.50 -37.57
CA PRO F 332 7.37 28.67 -38.06
C PRO F 332 6.48 29.66 -38.81
N PHE F 333 6.95 30.89 -38.91
CA PHE F 333 6.19 31.93 -39.60
C PHE F 333 6.02 31.59 -41.07
N ARG F 334 4.78 31.40 -41.48
CA ARG F 334 4.47 31.26 -42.89
C ARG F 334 3.18 32.01 -43.18
N MET F 335 3.20 32.81 -44.24
CA MET F 335 2.10 33.68 -44.59
C MET F 335 1.72 33.43 -46.03
N GLU F 336 0.45 33.11 -46.25
CA GLU F 336 0.02 32.67 -47.57
C GLU F 336 0.28 33.72 -48.63
N PHE F 337 -0.30 34.90 -48.46
CA PHE F 337 -0.07 35.97 -49.41
C PHE F 337 0.22 37.26 -48.65
N SER F 338 1.22 37.98 -49.15
CA SER F 338 1.74 39.17 -48.52
C SER F 338 1.17 40.46 -49.10
N LEU F 339 1.05 40.54 -50.42
CA LEU F 339 0.55 41.74 -51.06
C LEU F 339 -0.57 41.40 -52.04
N ARG F 340 -1.47 42.35 -52.20
CA ARG F 340 -2.52 42.31 -53.20
C ARG F 340 -2.17 43.26 -54.33
N LEU F 341 -2.66 42.95 -55.52
CA LEU F 341 -2.35 43.76 -56.69
C LEU F 341 -3.40 43.53 -57.76
N ALA F 342 -4.02 44.61 -58.21
CA ALA F 342 -5.04 44.52 -59.24
C ALA F 342 -5.31 45.90 -59.80
N LYS F 343 -5.62 45.94 -61.09
CA LYS F 343 -5.97 47.19 -61.74
C LYS F 343 -7.30 47.71 -61.25
N ARG F 344 -7.53 49.00 -61.49
CA ARG F 344 -8.74 49.65 -61.02
C ARG F 344 -9.87 49.48 -62.01
N ASP F 345 -9.57 49.65 -63.29
CA ASP F 345 -10.61 49.60 -64.31
C ASP F 345 -11.35 48.28 -64.27
N GLU F 346 -10.68 47.21 -63.85
CA GLU F 346 -11.33 45.91 -63.80
C GLU F 346 -12.28 45.80 -62.63
N VAL F 347 -11.87 46.32 -61.48
CA VAL F 347 -12.69 46.21 -60.28
C VAL F 347 -13.92 47.07 -60.43
N ILE F 348 -15.06 46.52 -60.01
CA ILE F 348 -16.34 47.22 -60.06
C ILE F 348 -17.07 46.95 -58.75
N GLY F 349 -17.49 48.01 -58.09
CA GLY F 349 -18.16 47.91 -56.82
C GLY F 349 -17.35 48.53 -55.70
N GLY F 350 -17.56 48.00 -54.51
CA GLY F 350 -16.92 48.50 -53.33
C GLY F 350 -16.62 47.39 -52.34
N PRO F 351 -15.97 47.75 -51.24
CA PRO F 351 -15.61 46.78 -50.22
C PRO F 351 -16.69 46.57 -49.17
N GLN F 352 -16.68 45.37 -48.59
CA GLN F 352 -17.65 45.05 -47.56
C GLN F 352 -17.40 45.88 -46.30
N ARG F 353 -16.16 46.27 -46.06
CA ARG F 353 -15.79 47.09 -44.93
C ARG F 353 -14.91 48.22 -45.41
N ARG F 354 -15.15 49.41 -44.89
CA ARG F 354 -14.51 50.59 -45.42
C ARG F 354 -13.10 50.72 -44.88
N PRO F 355 -12.19 51.30 -45.66
CA PRO F 355 -10.78 51.32 -45.31
C PRO F 355 -10.41 52.48 -44.43
N ASP F 356 -9.34 52.28 -43.67
CA ASP F 356 -8.92 53.28 -42.70
C ASP F 356 -8.06 54.36 -43.35
N GLU F 357 -7.17 53.98 -44.25
CA GLU F 357 -6.26 54.90 -44.91
C GLU F 357 -6.27 54.63 -46.40
N LEU F 358 -6.45 55.69 -47.18
CA LEU F 358 -6.58 55.60 -48.63
C LEU F 358 -5.63 56.61 -49.27
N PHE F 359 -4.39 56.20 -49.46
CA PHE F 359 -3.41 57.05 -50.12
C PHE F 359 -3.70 57.12 -51.61
N LEU F 360 -3.82 58.34 -52.12
CA LEU F 360 -4.02 58.59 -53.54
C LEU F 360 -2.76 59.27 -54.07
N ILE F 361 -1.86 58.47 -54.63
CA ILE F 361 -0.60 58.96 -55.17
C ILE F 361 -0.82 59.36 -56.62
N ASN F 362 -0.89 60.66 -56.85
CA ASN F 362 -0.91 61.23 -58.19
C ASN F 362 -2.23 60.93 -58.91
N VAL F 363 -3.33 61.04 -58.20
CA VAL F 363 -4.65 61.05 -58.79
C VAL F 363 -5.48 62.12 -58.10
N ALA F 364 -6.51 62.57 -58.79
CA ALA F 364 -7.31 63.67 -58.28
C ALA F 364 -8.50 63.17 -57.46
N ASP F 365 -9.31 62.30 -58.04
CA ASP F 365 -10.54 61.84 -57.40
C ASP F 365 -10.69 60.34 -57.58
N ASP F 366 -11.66 59.79 -56.85
CA ASP F 366 -11.95 58.37 -56.89
C ASP F 366 -13.35 58.16 -56.33
N GLU F 367 -13.85 56.94 -56.49
CA GLU F 367 -15.20 56.61 -56.04
C GLU F 367 -15.24 56.28 -54.56
N TRP F 368 -14.31 55.44 -54.10
CA TRP F 368 -14.33 55.01 -52.71
C TRP F 368 -14.17 56.17 -51.74
N LYS F 369 -13.74 57.32 -52.22
CA LYS F 369 -13.57 58.48 -51.37
C LYS F 369 -14.86 58.82 -50.64
N HIS F 370 -14.81 58.79 -49.33
CA HIS F 370 -15.93 59.15 -48.49
C HIS F 370 -15.46 60.14 -47.44
N GLU F 371 -16.41 60.66 -46.66
CA GLU F 371 -16.03 61.61 -45.63
C GLU F 371 -15.46 60.91 -44.41
N ASP F 372 -15.92 59.69 -44.15
CA ASP F 372 -15.50 58.92 -42.99
C ASP F 372 -14.33 57.98 -43.29
N VAL F 373 -13.59 58.25 -44.35
CA VAL F 373 -12.40 57.48 -44.69
C VAL F 373 -11.26 58.47 -44.90
N ASN F 374 -10.21 58.33 -44.10
CA ASN F 374 -9.07 59.22 -44.22
C ASN F 374 -8.63 59.30 -45.68
N VAL F 375 -8.28 60.51 -46.11
CA VAL F 375 -7.82 60.76 -47.45
C VAL F 375 -6.58 61.61 -47.37
N HIS F 376 -5.44 61.05 -47.75
CA HIS F 376 -4.21 61.79 -47.93
C HIS F 376 -3.87 61.80 -49.41
N GLY F 377 -3.29 62.90 -49.86
CA GLY F 377 -3.01 63.05 -51.27
C GLY F 377 -1.78 63.89 -51.55
N PHE F 378 -0.94 63.40 -52.45
CA PHE F 378 0.37 63.99 -52.67
C PHE F 378 0.62 64.25 -54.15
N LYS F 379 1.86 64.59 -54.48
CA LYS F 379 2.40 64.49 -55.82
C LYS F 379 3.85 64.10 -55.71
N ILE F 380 4.28 63.23 -56.61
CA ILE F 380 5.65 62.71 -56.60
C ILE F 380 6.16 62.65 -58.03
N GLU F 381 7.42 63.05 -58.21
CA GLU F 381 8.05 62.93 -59.50
C GLU F 381 8.85 61.65 -59.58
N ARG F 382 9.54 61.32 -58.50
CA ARG F 382 10.34 60.11 -58.40
C ARG F 382 9.73 59.21 -57.32
N LEU F 383 10.05 57.93 -57.41
CA LEU F 383 9.53 56.97 -56.44
C LEU F 383 10.28 57.04 -55.12
N SER F 384 11.43 57.69 -55.10
CA SER F 384 12.18 57.80 -53.85
C SER F 384 11.41 58.58 -52.80
N ASP F 385 10.97 59.79 -53.14
CA ASP F 385 10.38 60.68 -52.15
C ASP F 385 9.38 59.95 -51.27
N LEU F 386 8.75 58.92 -51.80
CA LEU F 386 7.80 58.19 -51.01
C LEU F 386 8.50 57.28 -50.02
N GLU F 387 9.69 56.81 -50.36
CA GLU F 387 10.47 56.02 -49.41
C GLU F 387 10.82 56.85 -48.19
N TYR F 388 10.74 58.17 -48.29
CA TYR F 388 10.90 59.04 -47.15
C TYR F 388 9.56 59.28 -46.47
N ILE F 389 8.53 59.56 -47.27
CA ILE F 389 7.23 59.87 -46.70
C ILE F 389 6.69 58.68 -45.92
N LEU F 390 7.26 57.50 -46.12
CA LEU F 390 6.72 56.28 -45.54
C LEU F 390 7.71 55.57 -44.64
N GLN F 391 8.73 56.28 -44.17
CA GLN F 391 9.67 55.75 -43.18
C GLN F 391 10.38 54.48 -43.67
N LEU F 392 11.02 54.59 -44.83
CA LEU F 392 11.88 53.53 -45.34
C LEU F 392 13.29 53.98 -45.60
N ARG F 393 13.47 55.11 -46.26
CA ARG F 393 14.78 55.66 -46.60
C ARG F 393 14.94 57.01 -45.94
N SER F 394 15.96 57.14 -45.10
CA SER F 394 16.24 58.38 -44.39
C SER F 394 17.24 59.19 -45.21
N ASP F 395 16.71 59.91 -46.20
CA ASP F 395 17.51 60.71 -47.10
C ASP F 395 16.66 61.88 -47.57
N TYR F 396 17.04 62.48 -48.68
CA TYR F 396 16.33 63.63 -49.21
C TYR F 396 14.85 63.37 -49.38
N ALA G 5 -78.71 36.85 -16.90
CA ALA G 5 -78.07 36.46 -18.15
C ALA G 5 -77.36 35.12 -18.00
N GLU G 6 -78.10 34.11 -17.55
CA GLU G 6 -77.52 32.78 -17.40
C GLU G 6 -76.95 32.28 -18.72
N TYR G 7 -77.70 32.45 -19.80
CA TYR G 7 -77.22 32.19 -21.15
C TYR G 7 -77.16 30.69 -21.45
N SER G 8 -77.29 29.85 -20.42
CA SER G 8 -77.51 28.42 -20.57
C SER G 8 -76.76 27.82 -21.76
N ILE G 9 -75.44 28.02 -21.80
CA ILE G 9 -74.67 27.61 -22.97
C ILE G 9 -74.87 26.12 -23.26
N LYS G 10 -75.14 25.32 -22.23
CA LYS G 10 -75.24 23.89 -22.43
C LYS G 10 -76.26 23.56 -23.50
N GLY G 11 -77.31 24.37 -23.61
CA GLY G 11 -78.32 24.11 -24.62
C GLY G 11 -77.76 24.24 -26.02
N TYR G 12 -77.07 25.35 -26.29
CA TYR G 12 -76.45 25.52 -27.59
C TYR G 12 -75.44 24.41 -27.84
N LEU G 13 -74.80 23.94 -26.77
CA LEU G 13 -73.84 22.86 -26.93
C LEU G 13 -74.53 21.59 -27.40
N TYR G 14 -75.59 21.22 -26.70
CA TYR G 14 -76.36 20.05 -27.10
C TYR G 14 -76.82 20.18 -28.53
N GLN G 15 -77.22 21.39 -28.92
CA GLN G 15 -77.80 21.57 -30.24
C GLN G 15 -76.73 21.39 -31.31
N PHE G 16 -75.61 22.08 -31.15
CA PHE G 16 -74.52 21.91 -32.11
C PHE G 16 -74.08 20.46 -32.14
N LEU G 17 -74.21 19.76 -31.02
CA LEU G 17 -73.77 18.38 -30.98
C LEU G 17 -74.70 17.50 -31.80
N LYS G 18 -76.01 17.71 -31.63
CA LYS G 18 -76.97 16.99 -32.45
C LYS G 18 -76.73 17.29 -33.92
N TYR G 19 -76.44 18.55 -34.24
CA TYR G 19 -76.13 18.89 -35.61
C TYR G 19 -74.96 18.06 -36.10
N LEU G 20 -73.89 18.01 -35.30
CA LEU G 20 -72.71 17.28 -35.71
C LEU G 20 -73.03 15.82 -35.92
N SER G 21 -73.90 15.27 -35.07
CA SER G 21 -74.30 13.88 -35.26
C SER G 21 -74.93 13.71 -36.63
N GLU G 22 -75.80 14.64 -37.01
CA GLU G 22 -76.42 14.56 -38.33
C GLU G 22 -75.36 14.63 -39.42
N ILE G 23 -74.53 15.67 -39.37
CA ILE G 23 -73.48 15.82 -40.39
C ILE G 23 -72.67 14.54 -40.47
N LEU G 24 -72.54 13.85 -39.35
CA LEU G 24 -71.80 12.60 -39.33
C LEU G 24 -72.59 11.52 -40.06
N ALA G 25 -73.89 11.47 -39.82
CA ALA G 25 -74.78 10.56 -40.52
C ALA G 25 -75.39 11.21 -41.76
N ALA G 26 -75.09 12.47 -42.01
CA ALA G 26 -75.60 13.13 -43.21
C ALA G 26 -75.07 12.45 -44.46
N GLY G 27 -75.96 12.22 -45.42
CA GLY G 27 -75.57 11.56 -46.65
C GLY G 27 -74.91 12.51 -47.63
N ASP G 28 -74.16 11.92 -48.56
CA ASP G 28 -73.47 12.71 -49.56
C ASP G 28 -74.47 13.52 -50.38
N GLY G 29 -74.08 14.74 -50.73
CA GLY G 29 -74.93 15.63 -51.50
C GLY G 29 -76.07 16.24 -50.72
N ALA G 30 -76.15 16.01 -49.41
CA ALA G 30 -77.19 16.57 -48.57
C ALA G 30 -76.64 17.73 -47.78
N ARG G 31 -77.38 18.84 -47.76
CA ARG G 31 -76.95 20.06 -47.12
C ARG G 31 -77.92 20.42 -46.01
N ILE G 32 -77.46 21.28 -45.10
CA ILE G 32 -78.21 21.65 -43.91
C ILE G 32 -78.06 23.13 -43.66
N THR G 33 -79.06 23.71 -42.99
CA THR G 33 -79.10 25.12 -42.66
C THR G 33 -79.00 25.30 -41.15
N ILE G 34 -78.26 26.32 -40.72
CA ILE G 34 -78.04 26.60 -39.32
C ILE G 34 -78.32 28.06 -39.05
N GLU G 35 -78.91 28.36 -37.90
CA GLU G 35 -79.20 29.73 -37.49
C GLU G 35 -78.97 29.82 -35.99
N GLY G 36 -77.95 30.58 -35.59
CA GLY G 36 -77.62 30.71 -34.19
C GLY G 36 -78.49 31.71 -33.46
N ALA G 37 -78.54 31.54 -32.14
CA ALA G 37 -79.40 32.37 -31.32
C ALA G 37 -78.92 33.82 -31.34
N ILE G 38 -79.83 34.74 -30.98
CA ILE G 38 -79.52 36.16 -30.99
C ILE G 38 -78.46 36.50 -29.94
N GLU G 39 -78.17 35.57 -29.03
CA GLU G 39 -77.14 35.82 -28.03
C GLU G 39 -75.85 36.27 -28.69
N ASP G 40 -75.46 35.62 -29.77
CA ASP G 40 -74.34 36.10 -30.58
C ASP G 40 -74.82 37.20 -31.52
N VAL G 41 -73.88 38.05 -31.94
CA VAL G 41 -74.23 39.22 -32.73
C VAL G 41 -74.91 38.79 -34.02
N ASP G 42 -76.17 39.18 -34.19
CA ASP G 42 -76.94 38.93 -35.40
C ASP G 42 -77.62 40.20 -35.89
N VAL G 43 -76.89 41.32 -35.82
CA VAL G 43 -77.44 42.58 -36.30
C VAL G 43 -77.91 42.44 -37.74
N ILE G 44 -77.13 41.75 -38.57
CA ILE G 44 -77.58 41.44 -39.91
C ILE G 44 -78.80 40.52 -39.86
N ALA G 45 -78.88 39.69 -38.83
CA ALA G 45 -80.01 38.79 -38.62
C ALA G 45 -80.29 37.96 -39.86
N ALA G 46 -79.22 37.44 -40.45
CA ALA G 46 -79.35 36.61 -41.64
C ALA G 46 -80.01 35.27 -41.30
N GLY G 47 -80.30 34.50 -42.34
CA GLY G 47 -80.94 33.21 -42.16
C GLY G 47 -82.44 33.25 -42.03
N LEU G 48 -83.08 34.30 -42.52
CA LEU G 48 -84.54 34.44 -42.51
C LEU G 48 -85.10 34.44 -41.10
N THR G 49 -84.26 34.68 -40.09
CA THR G 49 -84.69 34.72 -38.71
C THR G 49 -85.32 33.40 -38.30
N THR G 50 -84.51 32.35 -38.36
CA THR G 50 -84.96 31.00 -38.02
C THR G 50 -84.04 30.35 -36.98
N ALA G 51 -83.38 31.16 -36.17
CA ALA G 51 -82.56 30.61 -35.09
C ALA G 51 -83.40 29.77 -34.15
N VAL G 52 -82.75 28.84 -33.47
CA VAL G 52 -83.40 27.86 -32.60
C VAL G 52 -82.71 27.90 -31.24
N GLN G 53 -83.26 28.69 -30.33
CA GLN G 53 -82.74 28.76 -28.97
C GLN G 53 -83.08 27.49 -28.21
N CYS G 54 -82.36 27.26 -27.11
CA CYS G 54 -82.49 26.00 -26.38
C CYS G 54 -81.98 26.16 -24.96
N LYS G 55 -82.45 25.25 -24.10
CA LYS G 55 -81.99 25.14 -22.72
C LYS G 55 -81.88 23.66 -22.40
N TYR G 56 -81.33 23.36 -21.22
CA TYR G 56 -81.10 21.98 -20.82
C TYR G 56 -81.61 21.75 -19.39
N HIS G 57 -82.24 20.60 -19.19
CA HIS G 57 -82.72 20.19 -17.87
C HIS G 57 -82.61 18.68 -17.77
N GLU G 58 -82.35 18.19 -16.56
CA GLU G 58 -82.15 16.77 -16.35
C GLU G 58 -82.65 16.40 -14.96
N GLN G 59 -82.65 15.09 -14.68
CA GLN G 59 -83.12 14.55 -13.41
C GLN G 59 -84.64 14.63 -13.29
N ALA G 60 -85.33 14.54 -14.41
CA ALA G 60 -86.79 14.51 -14.46
C ALA G 60 -87.17 13.13 -14.97
N GLU G 61 -87.59 12.26 -14.05
CA GLU G 61 -87.89 10.88 -14.44
C GLU G 61 -89.13 10.82 -15.32
N LYS G 62 -90.19 11.54 -14.94
CA LYS G 62 -91.44 11.55 -15.67
C LYS G 62 -91.72 12.95 -16.19
N TYR G 63 -92.61 13.03 -17.16
CA TYR G 63 -92.96 14.29 -17.81
C TYR G 63 -94.04 14.98 -16.96
N THR G 64 -93.66 16.04 -16.27
CA THR G 64 -94.57 16.83 -15.46
C THR G 64 -94.20 18.29 -15.58
N LEU G 65 -95.22 19.16 -15.63
CA LEU G 65 -94.97 20.59 -15.79
C LEU G 65 -94.12 21.14 -14.65
N GLY G 66 -94.25 20.57 -13.45
CA GLY G 66 -93.51 21.11 -12.32
C GLY G 66 -92.01 20.90 -12.44
N LYS G 67 -91.60 19.70 -12.85
CA LYS G 67 -90.18 19.41 -12.94
C LYS G 67 -89.48 20.29 -13.97
N ILE G 68 -90.22 20.75 -14.98
CA ILE G 68 -89.65 21.57 -16.05
C ILE G 68 -90.30 22.95 -16.01
N TYR G 69 -90.64 23.39 -14.80
CA TYR G 69 -91.44 24.62 -14.65
C TYR G 69 -90.68 25.85 -15.10
N LYS G 70 -89.40 25.94 -14.77
CA LYS G 70 -88.68 27.20 -14.99
C LYS G 70 -88.49 27.55 -16.45
N PRO G 71 -87.91 26.70 -17.30
CA PRO G 71 -87.58 27.14 -18.66
C PRO G 71 -88.81 27.48 -19.51
N ILE G 72 -89.90 26.76 -19.29
CA ILE G 72 -91.12 27.04 -20.04
C ILE G 72 -91.57 28.46 -19.80
N LEU G 73 -91.32 28.98 -18.59
CA LEU G 73 -91.60 30.37 -18.31
C LEU G 73 -90.51 31.27 -18.90
N LEU G 74 -89.25 30.91 -18.68
CA LEU G 74 -88.16 31.75 -19.19
C LEU G 74 -88.35 32.10 -20.65
N MET G 75 -88.88 31.16 -21.44
CA MET G 75 -89.05 31.42 -22.86
C MET G 75 -90.01 32.58 -23.13
N LEU G 76 -90.92 32.85 -22.20
CA LEU G 76 -91.98 33.82 -22.48
C LEU G 76 -91.42 35.24 -22.50
N GLU G 77 -90.47 35.53 -21.61
CA GLU G 77 -89.90 36.87 -21.60
C GLU G 77 -89.22 37.20 -22.92
N HIS G 78 -88.63 36.19 -23.55
CA HIS G 78 -88.00 36.40 -24.85
C HIS G 78 -89.04 36.48 -25.95
N PHE G 79 -90.05 35.60 -25.90
CA PHE G 79 -91.15 35.71 -26.85
C PHE G 79 -91.80 37.08 -26.80
N SER G 80 -91.72 37.72 -25.64
CA SER G 80 -92.33 39.05 -25.47
C SER G 80 -91.87 40.01 -26.57
N LYS G 81 -90.57 40.04 -26.85
CA LYS G 81 -90.06 40.99 -27.81
C LYS G 81 -90.55 40.65 -29.22
N ASN G 82 -90.59 39.37 -29.56
CA ASN G 82 -91.09 38.93 -30.85
C ASN G 82 -91.16 37.41 -30.90
N HIS G 88 -87.98 36.12 -34.95
CA HIS G 88 -88.70 34.92 -35.32
C HIS G 88 -87.94 33.68 -34.89
N VAL G 89 -87.31 33.77 -33.71
CA VAL G 89 -86.54 32.66 -33.18
C VAL G 89 -87.48 31.52 -32.85
N SER G 90 -87.35 30.42 -33.59
CA SER G 90 -88.17 29.25 -33.36
C SER G 90 -87.63 28.49 -32.15
N TYR G 91 -88.26 28.70 -31.00
CA TYR G 91 -87.78 28.10 -29.78
C TYR G 91 -87.86 26.58 -29.86
N ARG G 92 -86.96 25.92 -29.13
CA ARG G 92 -86.90 24.46 -29.11
C ARG G 92 -86.05 24.04 -27.91
N LEU G 93 -86.55 23.08 -27.15
CA LEU G 93 -85.95 22.66 -25.89
C LEU G 93 -85.43 21.24 -26.01
N PHE G 94 -84.25 21.00 -25.44
CA PHE G 94 -83.63 19.69 -25.43
C PHE G 94 -83.47 19.22 -23.99
N CYS G 95 -84.20 18.18 -23.63
CA CYS G 95 -84.11 17.59 -22.29
C CYS G 95 -84.34 16.09 -22.41
N HIS G 96 -83.85 15.36 -21.42
CA HIS G 96 -83.88 13.90 -21.42
C HIS G 96 -84.68 13.41 -20.23
N PHE G 97 -85.72 12.63 -20.49
CA PHE G 97 -86.47 11.93 -19.46
C PHE G 97 -86.31 10.44 -19.66
N PRO G 98 -85.93 9.68 -18.64
CA PRO G 98 -85.77 8.22 -18.83
C PRO G 98 -87.09 7.57 -19.20
N GLY G 99 -87.16 7.07 -20.43
CA GLY G 99 -88.33 6.37 -20.92
C GLY G 99 -89.27 7.18 -21.78
N GLU G 100 -88.91 8.40 -22.16
CA GLU G 100 -89.73 9.23 -23.03
C GLU G 100 -88.86 9.76 -24.17
N SER G 101 -89.22 9.37 -25.39
CA SER G 101 -88.52 9.76 -26.60
C SER G 101 -89.50 10.21 -27.68
N GLY G 102 -90.45 11.05 -27.28
CA GLY G 102 -91.48 11.50 -28.18
C GLY G 102 -91.62 13.01 -28.17
N THR G 103 -92.11 13.54 -29.29
CA THR G 103 -92.31 14.97 -29.48
C THR G 103 -93.80 15.25 -29.60
N LYS G 104 -94.27 16.27 -28.88
CA LYS G 104 -95.69 16.60 -28.87
C LYS G 104 -95.87 18.10 -28.67
N ALA G 105 -96.95 18.62 -29.23
CA ALA G 105 -97.32 20.03 -29.09
C ALA G 105 -98.47 20.16 -28.10
N LEU G 106 -98.28 20.99 -27.09
CA LEU G 106 -99.30 21.16 -26.06
C LEU G 106 -100.56 21.78 -26.64
N THR G 107 -101.71 21.35 -26.13
CA THR G 107 -103.00 21.84 -26.59
C THR G 107 -103.38 23.12 -25.85
N LYS G 108 -104.59 23.62 -26.12
CA LYS G 108 -105.02 24.88 -25.51
C LYS G 108 -105.20 24.72 -24.00
N ASP G 109 -105.78 23.60 -23.56
CA ASP G 109 -105.90 23.36 -22.13
C ASP G 109 -104.52 23.29 -21.49
N ASP G 110 -103.58 22.60 -22.13
CA ASP G 110 -102.21 22.57 -21.63
C ASP G 110 -101.59 23.95 -21.65
N LEU G 111 -101.97 24.79 -22.63
CA LEU G 111 -101.45 26.15 -22.66
C LEU G 111 -101.91 26.93 -21.44
N GLU G 112 -103.22 26.88 -21.15
CA GLU G 112 -103.72 27.56 -19.96
C GLU G 112 -103.05 27.00 -18.70
N THR G 113 -102.83 25.69 -18.66
CA THR G 113 -102.14 25.11 -17.52
C THR G 113 -100.74 25.69 -17.37
N VAL G 114 -100.02 25.82 -18.48
CA VAL G 114 -98.72 26.47 -18.46
C VAL G 114 -98.85 27.88 -17.91
N LEU G 115 -99.85 28.61 -18.38
CA LEU G 115 -100.14 29.93 -17.83
C LEU G 115 -100.58 29.83 -16.38
N SER G 116 -101.05 28.67 -15.95
CA SER G 116 -101.35 28.45 -14.55
C SER G 116 -100.06 28.41 -13.75
N THR G 117 -99.98 29.26 -12.73
CA THR G 117 -98.76 29.43 -11.95
C THR G 117 -99.08 29.33 -10.47
N LYS G 118 -98.33 28.48 -9.76
CA LYS G 118 -98.47 28.37 -8.32
C LYS G 118 -97.42 29.20 -7.58
N GLY G 119 -96.28 29.42 -8.21
CA GLY G 119 -95.21 30.20 -7.59
C GLY G 119 -95.46 31.70 -7.73
N GLU G 120 -95.10 32.43 -6.67
CA GLU G 120 -95.32 33.87 -6.66
C GLU G 120 -94.16 34.62 -7.32
N VAL G 121 -92.93 34.17 -7.11
CA VAL G 121 -91.80 34.84 -7.73
C VAL G 121 -91.81 34.65 -9.24
N LEU G 122 -92.23 33.47 -9.70
CA LEU G 122 -92.39 33.28 -11.15
C LEU G 122 -93.44 34.22 -11.70
N ARG G 123 -94.51 34.46 -10.93
CA ARG G 123 -95.51 35.42 -11.37
C ARG G 123 -94.95 36.84 -11.39
N ALA G 124 -94.06 37.16 -10.45
CA ALA G 124 -93.39 38.44 -10.50
C ALA G 124 -92.57 38.57 -11.78
N ILE G 125 -91.91 37.50 -12.18
CA ILE G 125 -91.19 37.51 -13.46
C ILE G 125 -92.16 37.74 -14.61
N VAL G 126 -93.29 37.01 -14.60
CA VAL G 126 -94.31 37.19 -15.63
C VAL G 126 -94.76 38.63 -15.71
N ALA G 127 -94.79 39.32 -14.58
CA ALA G 127 -95.30 40.69 -14.55
C ALA G 127 -94.65 41.56 -15.63
N ARG G 128 -93.39 41.28 -15.96
CA ARG G 128 -92.72 42.07 -16.99
C ARG G 128 -93.37 41.86 -18.36
N ILE G 129 -93.94 40.67 -18.60
CA ILE G 129 -94.51 40.35 -19.90
C ILE G 129 -95.71 41.25 -20.17
N ASP G 130 -95.86 41.65 -21.43
CA ASP G 130 -97.00 42.45 -21.83
C ASP G 130 -98.25 41.57 -21.95
N THR G 131 -99.41 42.19 -21.73
CA THR G 131 -100.66 41.43 -21.75
C THR G 131 -100.99 40.93 -23.15
N SER G 132 -100.83 41.78 -24.15
CA SER G 132 -101.21 41.44 -25.53
C SER G 132 -100.17 40.49 -26.10
N VAL G 133 -100.43 39.19 -25.94
CA VAL G 133 -99.57 38.14 -26.47
C VAL G 133 -100.44 37.06 -27.08
N ASP G 134 -99.93 36.42 -28.12
CA ASP G 134 -100.64 35.33 -28.80
C ASP G 134 -100.10 34.02 -28.26
N TYR G 135 -100.73 33.53 -27.19
CA TYR G 135 -100.29 32.26 -26.60
C TYR G 135 -100.44 31.12 -27.58
N GLU G 136 -101.43 31.19 -28.47
CA GLU G 136 -101.57 30.16 -29.49
C GLU G 136 -100.43 30.23 -30.48
N ALA G 137 -100.09 31.43 -30.93
CA ALA G 137 -98.90 31.58 -31.78
C ALA G 137 -97.65 31.15 -31.04
N PHE G 138 -97.67 31.22 -29.70
CA PHE G 138 -96.54 30.69 -28.93
C PHE G 138 -96.50 29.16 -29.03
N LEU G 139 -97.64 28.51 -28.82
CA LEU G 139 -97.71 27.07 -29.04
C LEU G 139 -97.20 26.72 -30.42
N ASP G 140 -97.49 27.57 -31.40
CA ASP G 140 -97.02 27.31 -32.76
C ASP G 140 -95.51 27.51 -32.86
N ARG G 141 -94.97 28.50 -32.15
CA ARG G 141 -93.53 28.74 -32.19
C ARG G 141 -92.78 27.72 -31.36
N PHE G 142 -93.35 27.31 -30.23
CA PHE G 142 -92.65 26.43 -29.30
C PHE G 142 -92.61 25.00 -29.84
N ALA G 143 -91.63 24.24 -29.36
CA ALA G 143 -91.52 22.83 -29.66
C ALA G 143 -90.72 22.16 -28.55
N ILE G 144 -91.02 20.88 -28.29
CA ILE G 144 -90.36 20.11 -27.25
C ILE G 144 -89.91 18.78 -27.86
N GLU G 145 -88.73 18.32 -27.45
CA GLU G 145 -88.17 17.07 -27.94
C GLU G 145 -87.34 16.44 -26.83
N PHE G 146 -87.27 15.11 -26.86
CA PHE G 146 -86.52 14.34 -25.88
C PHE G 146 -85.35 13.66 -26.57
N GLY G 147 -84.15 13.83 -25.99
CA GLY G 147 -82.96 13.22 -26.53
C GLY G 147 -82.17 12.48 -25.47
N PRO G 148 -81.23 11.63 -25.91
CA PRO G 148 -80.42 10.89 -24.95
C PRO G 148 -79.43 11.80 -24.24
N SER G 149 -78.76 11.24 -23.23
CA SER G 149 -77.80 12.00 -22.44
C SER G 149 -76.64 12.46 -23.32
N ALA G 150 -76.46 13.78 -23.40
CA ALA G 150 -75.40 14.33 -24.25
C ALA G 150 -74.06 13.71 -23.93
N GLU G 151 -73.71 13.65 -22.64
CA GLU G 151 -72.46 13.03 -22.25
C GLU G 151 -72.37 11.62 -22.80
N ASP G 152 -73.51 10.95 -22.97
CA ASP G 152 -73.50 9.62 -23.56
C ASP G 152 -73.41 9.70 -25.07
N LEU G 153 -74.11 10.66 -25.66
CA LEU G 153 -74.03 10.87 -27.10
C LEU G 153 -72.59 11.04 -27.53
N GLN G 154 -71.76 11.60 -26.65
CA GLN G 154 -70.37 11.84 -27.00
C GLN G 154 -69.67 10.53 -27.35
N VAL G 155 -69.99 9.47 -26.63
CA VAL G 155 -69.29 8.21 -26.83
C VAL G 155 -69.64 7.63 -28.20
N ALA G 156 -70.92 7.60 -28.53
CA ALA G 156 -71.31 7.13 -29.84
C ALA G 156 -70.74 8.03 -30.94
N VAL G 157 -70.63 9.32 -30.66
CA VAL G 157 -70.09 10.24 -31.65
C VAL G 157 -68.64 9.90 -31.92
N LEU G 158 -67.85 9.67 -30.87
CA LEU G 158 -66.46 9.32 -31.05
C LEU G 158 -66.33 7.98 -31.75
N ALA G 159 -67.18 7.02 -31.39
CA ALA G 159 -67.14 5.73 -32.06
C ALA G 159 -67.42 5.89 -33.54
N SER G 160 -68.36 6.75 -33.89
CA SER G 160 -68.67 6.97 -35.30
C SER G 160 -67.52 7.67 -36.00
N LEU G 161 -66.84 8.56 -35.27
CA LEU G 161 -65.66 9.21 -35.82
C LEU G 161 -64.60 8.17 -36.17
N LYS G 162 -64.43 7.19 -35.29
CA LYS G 162 -63.55 6.08 -35.59
C LYS G 162 -64.04 5.33 -36.82
N ASP G 163 -65.35 5.17 -36.93
CA ASP G 163 -65.92 4.40 -38.03
C ASP G 163 -65.64 5.06 -39.37
N LYS G 164 -65.72 6.40 -39.42
CA LYS G 164 -65.53 7.10 -40.68
C LYS G 164 -64.13 6.86 -41.24
N GLY G 165 -63.19 6.52 -40.38
CA GLY G 165 -61.82 6.27 -40.79
C GLY G 165 -60.87 7.35 -40.32
N PHE G 166 -60.19 7.09 -39.22
CA PHE G 166 -59.31 8.07 -38.60
C PHE G 166 -58.33 7.35 -37.68
N ASP G 167 -57.43 8.11 -37.09
CA ASP G 167 -56.50 7.56 -36.12
C ASP G 167 -57.22 7.39 -34.77
N PRO G 168 -56.85 6.38 -33.99
CA PRO G 168 -57.43 6.26 -32.64
C PRO G 168 -56.88 7.27 -31.65
N ASP G 169 -55.70 7.85 -31.91
CA ASP G 169 -55.09 8.76 -30.95
C ASP G 169 -55.45 10.20 -31.25
N ASP G 170 -55.42 10.61 -32.51
CA ASP G 170 -55.63 12.01 -32.85
C ASP G 170 -57.07 12.44 -32.59
N ILE G 171 -58.03 11.56 -32.88
CA ILE G 171 -59.45 11.94 -32.78
C ILE G 171 -59.77 12.46 -31.39
N ASP G 172 -58.99 12.09 -30.39
CA ASP G 172 -59.30 12.49 -29.03
C ASP G 172 -59.21 14.00 -28.84
N ALA G 173 -58.16 14.62 -29.38
CA ALA G 173 -57.91 16.04 -29.18
C ALA G 173 -57.86 16.85 -30.47
N VAL G 174 -57.17 16.35 -31.48
CA VAL G 174 -56.88 17.17 -32.65
C VAL G 174 -58.15 17.45 -33.43
N ILE G 175 -58.98 16.44 -33.65
CA ILE G 175 -60.02 16.46 -34.68
C ILE G 175 -61.37 16.87 -34.11
N PHE G 176 -61.84 16.17 -33.08
CA PHE G 176 -63.20 16.38 -32.60
C PHE G 176 -63.48 17.83 -32.27
N PRO G 177 -62.72 18.49 -31.40
CA PRO G 177 -63.02 19.87 -31.06
C PRO G 177 -62.77 20.83 -32.20
N ASN G 178 -61.78 20.53 -33.04
CA ASN G 178 -61.56 21.37 -34.21
C ASN G 178 -62.80 21.37 -35.10
N ALA G 179 -63.44 20.22 -35.24
CA ALA G 179 -64.64 20.13 -36.05
C ALA G 179 -65.80 20.84 -35.38
N ILE G 180 -65.96 20.60 -34.08
CA ILE G 180 -66.93 21.35 -33.30
C ILE G 180 -66.74 22.84 -33.56
N GLN G 181 -65.50 23.25 -33.78
CA GLN G 181 -65.22 24.67 -33.87
C GLN G 181 -65.59 25.21 -35.24
N ARG G 182 -65.24 24.48 -36.30
CA ARG G 182 -65.73 24.88 -37.63
C ARG G 182 -67.24 25.02 -37.59
N ILE G 183 -67.92 24.07 -36.95
CA ILE G 183 -69.37 24.07 -36.93
C ILE G 183 -69.90 25.27 -36.18
N VAL G 184 -69.45 25.45 -34.94
CA VAL G 184 -69.97 26.54 -34.14
C VAL G 184 -69.53 27.87 -34.70
N ASP G 185 -68.52 27.86 -35.57
CA ASP G 185 -68.08 29.10 -36.20
C ASP G 185 -69.01 29.46 -37.34
N LEU G 186 -69.39 28.47 -38.14
CA LEU G 186 -70.39 28.70 -39.17
C LEU G 186 -71.73 29.06 -38.54
N ALA G 187 -71.96 28.62 -37.31
CA ALA G 187 -73.22 28.91 -36.64
C ALA G 187 -73.36 30.38 -36.33
N THR G 188 -72.28 31.01 -35.85
CA THR G 188 -72.28 32.42 -35.45
C THR G 188 -71.10 33.08 -36.13
N ARG G 189 -71.34 33.58 -37.34
CA ARG G 189 -70.35 34.30 -38.12
C ARG G 189 -71.02 35.58 -38.65
N SER G 190 -70.94 36.65 -37.86
CA SER G 190 -71.56 37.90 -38.28
C SER G 190 -71.08 38.32 -39.65
N ASP G 191 -69.87 37.93 -40.03
CA ASP G 191 -69.37 38.18 -41.37
C ASP G 191 -70.22 37.43 -42.39
N VAL G 192 -70.41 38.05 -43.56
CA VAL G 192 -71.22 37.44 -44.61
C VAL G 192 -70.70 36.03 -44.88
N ASN G 193 -71.61 35.06 -44.90
CA ASN G 193 -71.22 33.67 -45.08
C ASN G 193 -72.45 32.85 -45.44
N ASP G 194 -72.20 31.64 -45.93
CA ASP G 194 -73.25 30.71 -46.33
C ASP G 194 -73.30 29.55 -45.34
N ARG G 195 -74.50 29.24 -44.86
CA ARG G 195 -74.65 28.24 -43.82
C ARG G 195 -74.55 26.83 -44.36
N THR G 196 -74.80 26.63 -45.64
CA THR G 196 -74.82 25.29 -46.20
C THR G 196 -73.49 24.60 -46.00
N VAL G 197 -73.54 23.30 -45.74
CA VAL G 197 -72.35 22.47 -45.58
C VAL G 197 -72.59 21.14 -46.27
N GLU G 198 -71.55 20.64 -46.94
CA GLU G 198 -71.62 19.38 -47.64
C GLU G 198 -70.71 18.39 -46.94
N PRO G 199 -71.24 17.27 -46.43
CA PRO G 199 -70.37 16.35 -45.68
C PRO G 199 -69.31 15.70 -46.52
N LYS G 200 -69.33 15.88 -47.84
CA LYS G 200 -68.35 15.22 -48.68
C LYS G 200 -66.99 15.91 -48.60
N THR G 201 -66.97 17.19 -48.26
CA THR G 201 -65.72 17.91 -48.10
C THR G 201 -65.23 17.89 -46.66
N PHE G 202 -66.11 18.26 -45.73
CA PHE G 202 -65.73 18.45 -44.33
C PHE G 202 -64.68 17.45 -43.86
N LEU G 203 -64.90 16.17 -44.13
CA LEU G 203 -64.01 15.14 -43.60
C LEU G 203 -62.59 15.30 -44.13
N ALA G 204 -62.42 15.21 -45.45
CA ALA G 204 -61.09 15.32 -46.03
C ALA G 204 -60.49 16.70 -45.80
N GLY G 205 -61.33 17.72 -45.72
CA GLY G 205 -60.83 19.06 -45.49
C GLY G 205 -60.22 19.23 -44.11
N LEU G 206 -60.84 18.62 -43.10
CA LEU G 206 -60.30 18.67 -41.76
C LEU G 206 -59.25 17.61 -41.51
N ARG G 207 -59.11 16.64 -42.40
CA ARG G 207 -57.99 15.71 -42.30
C ARG G 207 -56.65 16.42 -42.48
N GLU G 208 -56.66 17.68 -42.90
CA GLU G 208 -55.41 18.41 -43.12
C GLU G 208 -55.01 19.20 -41.89
N VAL G 209 -55.91 20.02 -41.35
CA VAL G 209 -55.57 20.95 -40.29
C VAL G 209 -55.02 20.20 -39.08
N ARG G 210 -54.03 20.79 -38.43
CA ARG G 210 -53.42 20.23 -37.23
C ARG G 210 -53.16 21.33 -36.21
N ARG G 211 -54.13 22.21 -36.03
CA ARG G 211 -54.05 23.30 -35.07
C ARG G 211 -55.04 23.03 -33.94
N VAL G 212 -54.56 23.10 -32.71
CA VAL G 212 -55.40 22.79 -31.57
C VAL G 212 -56.23 24.01 -31.19
N THR G 213 -57.32 23.77 -30.48
CA THR G 213 -58.27 24.82 -30.12
C THR G 213 -58.57 24.78 -28.64
N PHE G 214 -58.69 25.96 -28.04
CA PHE G 214 -58.98 26.10 -26.61
C PHE G 214 -59.97 27.23 -26.37
N THR G 215 -61.02 27.28 -27.18
CA THR G 215 -61.99 28.36 -27.06
C THR G 215 -62.78 28.22 -25.76
N ARG G 216 -63.71 29.14 -25.55
CA ARG G 216 -64.59 29.03 -24.39
C ARG G 216 -65.51 27.83 -24.51
N TRP G 217 -65.99 27.55 -25.73
CA TRP G 217 -66.93 26.46 -25.91
C TRP G 217 -66.30 25.12 -25.57
N THR G 218 -65.06 24.90 -26.00
CA THR G 218 -64.49 23.56 -25.91
C THR G 218 -64.40 23.08 -24.48
N ARG G 219 -63.88 23.92 -23.58
CA ARG G 219 -63.57 23.45 -22.23
C ARG G 219 -64.75 22.74 -21.60
N GLU G 220 -65.95 23.34 -21.67
CA GLU G 220 -67.10 22.71 -21.05
C GLU G 220 -67.34 21.31 -21.59
N LEU G 221 -66.91 21.05 -22.82
CA LEU G 221 -67.01 19.70 -23.37
C LEU G 221 -66.38 18.71 -22.39
N ALA G 222 -66.93 17.50 -22.38
CA ALA G 222 -66.45 16.49 -21.45
C ALA G 222 -65.05 16.01 -21.77
N THR G 223 -64.53 16.37 -22.94
CA THR G 223 -63.18 15.92 -23.30
C THR G 223 -62.11 16.78 -22.64
N LYS G 224 -62.39 18.06 -22.41
CA LYS G 224 -61.42 18.94 -21.80
C LYS G 224 -60.83 18.27 -20.56
N GLY G 225 -59.55 17.91 -20.66
CA GLY G 225 -58.86 17.15 -19.63
C GLY G 225 -57.91 16.10 -20.18
N ARG G 226 -58.18 15.61 -21.39
CA ARG G 226 -57.26 14.70 -22.03
C ARG G 226 -56.43 15.35 -23.12
N MET G 227 -57.03 16.26 -23.90
CA MET G 227 -56.25 16.98 -24.89
C MET G 227 -55.14 17.78 -24.23
N PHE G 228 -55.46 18.45 -23.12
CA PHE G 228 -54.47 19.23 -22.40
C PHE G 228 -53.26 18.38 -22.06
N SER G 229 -53.50 17.21 -21.49
CA SER G 229 -52.39 16.38 -21.03
C SER G 229 -51.62 15.81 -22.20
N SER G 230 -52.30 15.39 -23.25
CA SER G 230 -51.58 14.87 -24.40
C SER G 230 -50.66 15.94 -24.97
N LEU G 231 -51.13 17.18 -25.01
CA LEU G 231 -50.28 18.25 -25.52
C LEU G 231 -49.11 18.49 -24.59
N ARG G 232 -49.39 18.63 -23.29
CA ARG G 232 -48.33 18.80 -22.30
C ARG G 232 -47.27 17.72 -22.47
N LYS G 233 -47.67 16.55 -22.92
CA LYS G 233 -46.72 15.47 -23.12
C LYS G 233 -45.97 15.59 -24.44
N SER G 234 -46.58 16.21 -25.44
CA SER G 234 -45.91 16.31 -26.73
C SER G 234 -44.70 17.23 -26.66
N LEU G 235 -44.81 18.32 -25.91
CA LEU G 235 -43.80 19.37 -25.93
C LEU G 235 -42.71 19.18 -24.89
N ARG G 236 -42.80 18.15 -24.05
CA ARG G 236 -41.86 17.99 -22.96
C ARG G 236 -40.42 17.96 -23.46
N SER G 237 -40.18 17.31 -24.59
CA SER G 237 -38.80 17.08 -25.01
C SER G 237 -38.21 18.30 -25.67
N CYS G 238 -39.04 19.17 -26.24
CA CYS G 238 -38.52 20.37 -26.88
C CYS G 238 -37.98 21.34 -25.84
N LEU G 239 -38.80 21.66 -24.85
CA LEU G 239 -38.42 22.61 -23.82
C LEU G 239 -37.29 22.10 -22.95
N ALA G 240 -37.14 20.79 -22.83
CA ALA G 240 -36.22 20.23 -21.84
C ALA G 240 -34.82 20.80 -22.00
N HIS G 241 -34.32 20.84 -23.23
CA HIS G 241 -32.93 21.18 -23.45
C HIS G 241 -32.65 22.60 -23.02
N ASN G 242 -31.36 22.89 -22.84
CA ASN G 242 -30.94 24.23 -22.42
C ASN G 242 -30.86 25.17 -23.61
N SER G 243 -29.98 24.89 -24.55
CA SER G 243 -29.69 25.79 -25.66
C SER G 243 -30.50 25.41 -26.87
N ARG G 244 -31.44 26.27 -27.25
CA ARG G 244 -32.23 26.11 -28.44
C ARG G 244 -32.69 27.48 -28.90
N TRP G 245 -33.38 27.49 -30.04
CA TRP G 245 -33.85 28.71 -30.68
C TRP G 245 -35.36 28.62 -30.77
N ARG G 246 -36.05 29.55 -30.11
CA ARG G 246 -37.49 29.55 -30.04
C ARG G 246 -38.04 30.89 -30.49
N VAL G 247 -39.09 30.84 -31.29
CA VAL G 247 -39.69 32.02 -31.88
C VAL G 247 -41.19 31.95 -31.70
N PHE G 248 -41.77 33.03 -31.22
CA PHE G 248 -43.21 33.15 -31.01
C PHE G 248 -43.76 34.27 -31.89
N VAL G 249 -45.04 34.13 -32.24
CA VAL G 249 -45.78 35.16 -32.96
C VAL G 249 -47.21 35.18 -32.42
N ILE G 250 -47.72 36.36 -32.14
CA ILE G 250 -49.02 36.52 -31.52
C ILE G 250 -49.80 37.64 -32.19
N ASN G 251 -51.12 37.50 -32.17
CA ASN G 251 -52.05 38.54 -32.55
C ASN G 251 -52.89 38.93 -31.35
N PRO G 252 -52.90 40.19 -30.93
CA PRO G 252 -53.54 40.57 -29.68
C PRO G 252 -54.99 41.02 -29.81
N LEU G 253 -55.57 40.93 -31.01
CA LEU G 253 -56.87 41.55 -31.22
C LEU G 253 -57.95 40.88 -30.39
N THR G 254 -57.99 39.55 -30.40
CA THR G 254 -59.10 38.82 -29.81
C THR G 254 -58.76 38.20 -28.47
N ILE G 255 -57.52 38.28 -28.03
CA ILE G 255 -57.15 37.76 -26.72
C ILE G 255 -57.68 38.70 -25.66
N GLU G 256 -58.21 38.13 -24.60
CA GLU G 256 -58.83 38.91 -23.55
C GLU G 256 -57.79 39.44 -22.57
N ASN G 257 -57.99 40.67 -22.14
CA ASN G 257 -57.21 41.28 -21.08
C ASN G 257 -55.71 41.11 -21.34
N PHE G 258 -55.29 41.51 -22.52
CA PHE G 258 -53.90 41.35 -22.94
C PHE G 258 -52.97 42.13 -22.03
N ASP G 259 -53.13 43.44 -22.00
CA ASP G 259 -52.13 44.32 -21.40
C ASP G 259 -51.84 43.95 -19.96
N ASP G 260 -52.71 43.18 -19.31
CA ASP G 260 -52.52 42.86 -17.91
C ASP G 260 -51.81 41.53 -17.71
N ASP G 261 -51.86 40.64 -18.71
CA ASP G 261 -51.31 39.32 -18.58
C ASP G 261 -50.04 39.11 -19.39
N ILE G 262 -49.81 39.93 -20.41
CA ILE G 262 -48.66 39.72 -21.27
C ILE G 262 -47.38 39.84 -20.48
N VAL G 263 -47.31 40.82 -19.59
CA VAL G 263 -46.12 41.05 -18.79
C VAL G 263 -45.87 39.88 -17.87
N ARG G 264 -46.92 39.40 -17.22
CA ARG G 264 -46.78 38.28 -16.30
C ARG G 264 -46.29 37.05 -17.04
N PHE G 265 -46.78 36.84 -18.24
CA PHE G 265 -46.36 35.68 -19.03
C PHE G 265 -44.90 35.78 -19.41
N ILE G 266 -44.51 36.89 -20.03
CA ILE G 266 -43.13 37.04 -20.46
C ILE G 266 -42.19 36.90 -19.28
N LYS G 267 -42.61 37.38 -18.12
CA LYS G 267 -41.76 37.32 -16.95
C LYS G 267 -41.62 35.89 -16.46
N ALA G 268 -42.73 35.20 -16.27
CA ALA G 268 -42.68 33.84 -15.78
C ALA G 268 -41.94 32.94 -16.74
N PHE G 269 -41.90 33.30 -18.01
CA PHE G 269 -41.16 32.50 -18.98
C PHE G 269 -39.67 32.79 -18.92
N VAL G 270 -39.30 34.05 -19.03
CA VAL G 270 -37.90 34.40 -19.02
C VAL G 270 -37.25 34.13 -17.68
N GLN G 271 -38.03 33.83 -16.65
CA GLN G 271 -37.43 33.50 -15.37
C GLN G 271 -37.02 32.05 -15.26
N ARG G 272 -37.63 31.16 -16.04
CA ARG G 272 -37.34 29.73 -15.94
C ARG G 272 -36.56 29.19 -17.12
N TYR G 273 -36.64 29.83 -18.29
CA TYR G 273 -36.02 29.31 -19.48
C TYR G 273 -34.88 30.16 -20.02
N SER G 274 -34.74 31.41 -19.58
CA SER G 274 -33.64 32.26 -20.01
C SER G 274 -33.07 33.04 -18.83
N SER G 275 -32.80 32.35 -17.74
CA SER G 275 -32.28 32.97 -16.53
C SER G 275 -31.16 32.12 -15.95
N LYS G 276 -30.23 31.72 -16.81
CA LYS G 276 -29.14 30.87 -16.41
C LYS G 276 -28.04 30.91 -17.45
N TYR G 277 -26.86 30.45 -17.03
CA TYR G 277 -25.66 30.61 -17.85
C TYR G 277 -25.81 29.92 -19.19
N LEU G 278 -25.92 28.60 -19.16
CA LEU G 278 -25.85 27.79 -20.37
C LEU G 278 -26.94 28.14 -21.36
N HIS G 279 -27.86 29.00 -20.95
CA HIS G 279 -28.88 29.52 -21.84
C HIS G 279 -28.25 30.60 -22.71
N SER G 280 -28.05 30.27 -23.99
CA SER G 280 -27.20 31.05 -24.87
C SER G 280 -27.89 31.47 -26.16
N ASN G 281 -29.20 31.45 -26.18
CA ASN G 281 -29.95 31.93 -27.33
C ASN G 281 -31.35 32.31 -26.87
N PRO G 282 -31.52 33.54 -26.42
CA PRO G 282 -32.81 33.95 -25.90
C PRO G 282 -33.86 33.99 -26.99
N PRO G 283 -35.12 33.86 -26.64
CA PRO G 283 -36.18 33.78 -27.63
C PRO G 283 -36.56 35.13 -28.19
N LEU G 284 -37.49 35.09 -29.13
CA LEU G 284 -37.95 36.25 -29.87
C LEU G 284 -39.47 36.29 -29.84
N PHE G 285 -40.01 37.45 -29.54
CA PHE G 285 -41.44 37.67 -29.45
C PHE G 285 -41.82 38.71 -30.50
N MET G 286 -42.72 38.32 -31.41
CA MET G 286 -43.15 39.20 -32.49
C MET G 286 -44.66 39.31 -32.46
N LEU G 287 -45.15 40.53 -32.37
CA LEU G 287 -46.57 40.82 -32.38
C LEU G 287 -46.98 41.35 -33.75
N THR G 288 -48.18 41.00 -34.17
CA THR G 288 -48.71 41.40 -35.46
C THR G 288 -49.96 42.25 -35.26
N GLY G 289 -49.92 43.47 -35.75
CA GLY G 289 -51.04 44.36 -35.61
C GLY G 289 -50.54 45.81 -35.55
N ASP G 290 -51.17 46.59 -34.68
CA ASP G 290 -50.89 48.01 -34.54
C ASP G 290 -50.52 48.36 -33.10
N TYR G 291 -49.82 47.48 -32.42
CA TYR G 291 -49.45 47.68 -31.03
C TYR G 291 -48.30 48.68 -30.92
N ASP G 292 -48.17 49.25 -29.73
CA ASP G 292 -47.10 50.19 -29.41
C ASP G 292 -46.21 49.56 -28.36
N LEU G 293 -44.93 49.40 -28.69
CA LEU G 293 -44.03 48.59 -27.89
C LEU G 293 -43.34 49.38 -26.80
N SER G 294 -43.36 50.70 -26.88
CA SER G 294 -42.67 51.51 -25.88
C SER G 294 -43.17 51.20 -24.47
N VAL G 295 -44.49 51.13 -24.29
CA VAL G 295 -45.06 50.89 -22.97
C VAL G 295 -44.62 49.54 -22.43
N LEU G 296 -44.66 48.52 -23.28
CA LEU G 296 -44.28 47.18 -22.84
C LEU G 296 -42.83 47.15 -22.43
N GLN G 297 -41.98 47.78 -23.23
CA GLN G 297 -40.56 47.80 -22.92
C GLN G 297 -40.31 48.52 -21.60
N LYS G 298 -41.04 49.59 -21.36
CA LYS G 298 -40.86 50.35 -20.13
C LYS G 298 -41.20 49.51 -18.92
N ARG G 299 -42.36 48.86 -18.96
CA ARG G 299 -42.76 48.04 -17.83
C ARG G 299 -41.77 46.91 -17.61
N LEU G 300 -41.33 46.29 -18.70
CA LEU G 300 -40.42 45.16 -18.58
C LEU G 300 -39.10 45.60 -17.98
N TYR G 301 -38.63 46.79 -18.32
CA TYR G 301 -37.44 47.30 -17.65
C TYR G 301 -37.73 47.52 -16.18
N ASP G 302 -38.93 47.98 -15.85
CA ASP G 302 -39.27 48.19 -14.45
C ASP G 302 -39.17 46.88 -13.69
N ALA G 303 -39.54 45.78 -14.33
CA ALA G 303 -39.45 44.48 -13.66
C ALA G 303 -38.02 44.14 -13.31
N GLY G 304 -37.09 44.45 -14.21
CA GLY G 304 -35.70 44.14 -13.99
C GLY G 304 -34.99 43.67 -15.24
N LEU G 305 -35.76 43.14 -16.17
CA LEU G 305 -35.23 42.60 -17.40
C LEU G 305 -34.89 43.71 -18.39
N ARG G 306 -34.13 43.34 -19.41
CA ARG G 306 -33.70 44.26 -20.45
C ARG G 306 -33.85 43.63 -21.81
N CYS G 307 -34.27 44.42 -22.79
CA CYS G 307 -34.61 43.96 -24.12
C CYS G 307 -33.59 44.43 -25.16
N GLU G 308 -33.72 43.86 -26.36
CA GLU G 308 -32.90 44.22 -27.53
C GLU G 308 -33.84 44.40 -28.71
N THR G 309 -34.35 45.61 -28.88
CA THR G 309 -35.32 45.86 -29.94
C THR G 309 -34.73 45.62 -31.31
N GLY G 310 -33.42 45.51 -31.40
CA GLY G 310 -32.73 45.36 -32.66
C GLY G 310 -32.41 46.66 -33.33
N LYS G 311 -33.08 47.74 -32.95
CA LYS G 311 -32.89 49.01 -33.62
C LYS G 311 -31.63 49.71 -33.17
N VAL G 312 -31.12 50.56 -34.06
CA VAL G 312 -30.15 51.59 -33.70
C VAL G 312 -30.63 52.87 -34.37
N GLY G 313 -31.41 53.66 -33.64
CA GLY G 313 -31.94 54.91 -34.16
C GLY G 313 -33.45 55.04 -34.14
N GLY G 314 -34.19 53.97 -33.91
CA GLY G 314 -35.64 54.05 -33.90
C GLY G 314 -36.28 54.15 -35.26
N THR G 315 -35.50 54.20 -36.34
CA THR G 315 -36.07 54.30 -37.67
C THR G 315 -36.54 52.95 -38.18
N ASP G 316 -35.63 52.00 -38.31
CA ASP G 316 -35.95 50.70 -38.90
C ASP G 316 -35.11 49.63 -38.22
N VAL G 317 -35.29 48.42 -38.68
CA VAL G 317 -34.70 47.25 -38.07
C VAL G 317 -33.52 46.78 -38.88
N ILE G 318 -32.64 46.03 -38.22
CA ILE G 318 -31.49 45.40 -38.84
C ILE G 318 -31.46 43.95 -38.41
N ILE G 319 -31.18 43.06 -39.35
CA ILE G 319 -31.34 41.64 -39.07
C ILE G 319 -30.14 41.09 -38.33
N LYS G 320 -29.03 41.82 -38.32
CA LYS G 320 -27.79 41.27 -37.79
C LYS G 320 -27.66 41.47 -36.29
N GLU G 321 -28.31 42.49 -35.75
CA GLU G 321 -28.22 42.74 -34.32
C GLU G 321 -29.26 41.93 -33.55
N LEU G 322 -30.44 41.76 -34.13
CA LEU G 322 -31.51 41.08 -33.43
C LEU G 322 -31.14 39.65 -33.10
N PHE G 323 -30.24 39.07 -33.87
CA PHE G 323 -29.99 37.63 -33.82
C PHE G 323 -28.59 37.30 -33.33
N ARG G 324 -27.92 38.22 -32.64
CA ARG G 324 -26.56 37.95 -32.21
C ARG G 324 -26.55 37.21 -30.88
N ARG G 325 -25.39 36.67 -30.57
CA ARG G 325 -25.19 35.99 -29.31
C ARG G 325 -24.78 37.00 -28.23
N PRO G 326 -25.25 36.82 -27.02
CA PRO G 326 -25.03 37.81 -25.98
C PRO G 326 -23.80 37.54 -25.14
N ILE G 327 -23.40 38.56 -24.41
CA ILE G 327 -22.29 38.45 -23.47
C ILE G 327 -22.79 37.87 -22.16
N LEU G 328 -21.99 36.98 -21.59
CA LEU G 328 -22.33 36.30 -20.34
C LEU G 328 -21.12 36.29 -19.43
N ILE G 329 -21.38 36.41 -18.13
CA ILE G 329 -20.35 36.37 -17.11
C ILE G 329 -20.88 35.59 -15.91
N ARG G 330 -20.02 34.78 -15.32
CA ARG G 330 -20.47 33.78 -14.35
C ARG G 330 -20.58 34.35 -12.94
N ASN G 331 -19.49 34.80 -12.37
CA ASN G 331 -19.44 35.18 -10.96
C ASN G 331 -19.13 36.66 -10.81
N PRO G 332 -20.13 37.50 -10.50
CA PRO G 332 -21.54 37.17 -10.37
C PRO G 332 -22.22 37.01 -11.72
N PHE G 333 -23.46 36.53 -11.69
CA PHE G 333 -24.17 36.25 -12.91
C PHE G 333 -24.91 37.48 -13.40
N ARG G 334 -24.76 37.76 -14.69
CA ARG G 334 -25.43 38.89 -15.33
C ARG G 334 -25.53 38.61 -16.82
N MET G 335 -26.38 39.39 -17.48
CA MET G 335 -26.70 39.16 -18.88
C MET G 335 -26.91 40.49 -19.57
N GLU G 336 -26.41 40.58 -20.81
CA GLU G 336 -26.62 41.78 -21.59
C GLU G 336 -28.07 41.95 -21.99
N PHE G 337 -28.69 40.89 -22.50
CA PHE G 337 -30.12 40.91 -22.74
C PHE G 337 -30.69 39.52 -22.50
N SER G 338 -31.94 39.51 -22.05
CA SER G 338 -32.65 38.30 -21.73
C SER G 338 -33.84 38.02 -22.63
N LEU G 339 -34.21 38.95 -23.51
CA LEU G 339 -35.31 38.72 -24.42
C LEU G 339 -35.17 39.61 -25.63
N ARG G 340 -35.92 39.27 -26.66
CA ARG G 340 -35.95 39.99 -27.92
C ARG G 340 -37.39 40.33 -28.28
N LEU G 341 -37.55 41.44 -28.99
CA LEU G 341 -38.87 41.96 -29.28
C LEU G 341 -38.83 42.84 -30.52
N ALA G 342 -39.84 42.67 -31.38
CA ALA G 342 -39.99 43.51 -32.55
C ALA G 342 -41.30 43.17 -33.23
N LYS G 343 -41.91 44.18 -33.84
CA LYS G 343 -43.07 43.95 -34.69
C LYS G 343 -42.69 43.13 -35.91
N ARG G 344 -43.70 42.51 -36.50
CA ARG G 344 -43.45 41.55 -37.58
C ARG G 344 -43.19 42.26 -38.90
N ASP G 345 -44.06 43.19 -39.27
CA ASP G 345 -43.98 43.79 -40.59
C ASP G 345 -42.63 44.46 -40.82
N GLU G 346 -41.96 44.88 -39.75
CA GLU G 346 -40.72 45.63 -39.89
C GLU G 346 -39.56 44.71 -40.23
N VAL G 347 -39.54 43.52 -39.62
CA VAL G 347 -38.52 42.55 -39.96
C VAL G 347 -38.73 42.10 -41.40
N ILE G 348 -37.65 42.08 -42.16
CA ILE G 348 -37.70 41.75 -43.58
C ILE G 348 -36.56 40.79 -43.87
N GLY G 349 -36.88 39.56 -44.19
CA GLY G 349 -35.89 38.59 -44.58
C GLY G 349 -35.91 37.34 -43.73
N GLY G 350 -34.75 36.73 -43.56
CA GLY G 350 -34.62 35.55 -42.74
C GLY G 350 -33.21 35.40 -42.21
N PRO G 351 -33.07 34.68 -41.11
CA PRO G 351 -31.75 34.51 -40.50
C PRO G 351 -30.90 33.51 -41.28
N GLN G 352 -29.72 33.26 -40.72
CA GLN G 352 -28.81 32.30 -41.32
C GLN G 352 -29.15 30.88 -40.90
N ARG G 353 -29.49 30.71 -39.64
CA ARG G 353 -29.83 29.40 -39.09
C ARG G 353 -31.33 29.33 -38.84
N ARG G 354 -31.94 28.31 -39.38
CA ARG G 354 -33.37 28.18 -39.29
C ARG G 354 -33.79 27.74 -37.89
N PRO G 355 -34.98 28.12 -37.45
CA PRO G 355 -35.39 27.80 -36.08
C PRO G 355 -35.57 26.31 -35.87
N ASP G 356 -35.94 25.98 -34.63
CA ASP G 356 -36.28 24.64 -34.22
C ASP G 356 -37.63 24.55 -33.53
N GLU G 357 -38.24 25.69 -33.22
CA GLU G 357 -39.57 25.74 -32.67
C GLU G 357 -40.18 27.09 -33.04
N LEU G 358 -41.38 27.07 -33.61
CA LEU G 358 -42.01 28.25 -34.19
C LEU G 358 -43.44 28.36 -33.73
N PHE G 359 -43.65 28.25 -32.43
CA PHE G 359 -45.00 28.33 -31.90
C PHE G 359 -45.70 29.57 -32.38
N LEU G 360 -46.85 29.37 -33.02
CA LEU G 360 -47.64 30.44 -33.63
C LEU G 360 -48.98 30.51 -32.93
N ILE G 361 -49.29 31.67 -32.36
CA ILE G 361 -50.58 31.92 -31.73
C ILE G 361 -51.44 32.70 -32.71
N ASN G 362 -52.51 32.08 -33.18
CA ASN G 362 -53.55 32.77 -33.91
C ASN G 362 -53.01 33.44 -35.17
N VAL G 363 -52.09 32.76 -35.84
CA VAL G 363 -51.55 33.19 -37.13
C VAL G 363 -51.73 32.06 -38.11
N ALA G 364 -52.23 32.38 -39.30
CA ALA G 364 -52.55 31.36 -40.28
C ALA G 364 -51.29 30.80 -40.92
N ASP G 365 -50.54 31.65 -41.61
CA ASP G 365 -49.32 31.22 -42.27
C ASP G 365 -48.30 32.35 -42.21
N ASP G 366 -47.04 31.96 -42.08
CA ASP G 366 -45.94 32.90 -41.95
C ASP G 366 -44.77 32.42 -42.79
N GLU G 367 -44.08 33.39 -43.40
CA GLU G 367 -43.06 33.07 -44.39
C GLU G 367 -42.04 32.08 -43.85
N TRP G 368 -41.63 32.25 -42.58
CA TRP G 368 -40.56 31.42 -42.04
C TRP G 368 -40.91 29.94 -42.06
N LYS G 369 -42.18 29.60 -42.27
CA LYS G 369 -42.57 28.21 -42.28
C LYS G 369 -41.81 27.43 -43.33
N HIS G 370 -41.46 26.20 -42.99
CA HIS G 370 -40.60 25.36 -43.80
C HIS G 370 -40.96 23.91 -43.53
N GLU G 371 -40.05 23.01 -43.87
CA GLU G 371 -40.25 21.58 -43.64
C GLU G 371 -39.41 21.08 -42.48
N ASP G 372 -38.15 21.46 -42.42
CA ASP G 372 -37.24 21.03 -41.37
C ASP G 372 -37.40 21.82 -40.08
N VAL G 373 -38.46 22.61 -39.96
CA VAL G 373 -38.69 23.44 -38.79
C VAL G 373 -40.02 23.04 -38.19
N ASN G 374 -39.97 22.46 -37.00
CA ASN G 374 -41.19 22.11 -36.28
C ASN G 374 -42.14 23.29 -36.26
N VAL G 375 -43.43 22.99 -36.45
CA VAL G 375 -44.48 24.00 -36.42
C VAL G 375 -45.59 23.47 -35.53
N HIS G 376 -45.73 24.05 -34.36
CA HIS G 376 -46.90 23.85 -33.51
C HIS G 376 -47.81 25.05 -33.65
N GLY G 377 -49.11 24.81 -33.53
CA GLY G 377 -50.08 25.86 -33.64
C GLY G 377 -51.06 25.81 -32.49
N PHE G 378 -51.80 26.91 -32.33
CA PHE G 378 -52.75 27.03 -31.25
C PHE G 378 -53.84 28.00 -31.66
N LYS G 379 -54.89 28.06 -30.85
CA LYS G 379 -55.95 29.04 -31.00
C LYS G 379 -56.55 29.28 -29.62
N ILE G 380 -56.24 30.42 -29.04
CA ILE G 380 -56.54 30.70 -27.64
C ILE G 380 -57.36 31.97 -27.53
N GLU G 381 -58.09 32.05 -26.43
CA GLU G 381 -58.83 33.24 -26.04
C GLU G 381 -58.38 33.78 -24.70
N ARG G 382 -58.24 32.92 -23.70
CA ARG G 382 -57.67 33.28 -22.40
C ARG G 382 -56.21 32.84 -22.38
N LEU G 383 -55.34 33.76 -21.99
CA LEU G 383 -53.91 33.51 -22.15
C LEU G 383 -53.40 32.45 -21.18
N SER G 384 -54.04 32.30 -20.04
CA SER G 384 -53.51 31.40 -19.01
C SER G 384 -53.49 29.97 -19.49
N ASP G 385 -54.28 29.63 -20.50
CA ASP G 385 -54.41 28.24 -20.91
C ASP G 385 -53.11 27.72 -21.51
N LEU G 386 -52.20 28.61 -21.89
CA LEU G 386 -50.95 28.18 -22.49
C LEU G 386 -49.90 27.85 -21.43
N GLU G 387 -50.02 28.46 -20.25
CA GLU G 387 -49.03 28.24 -19.21
C GLU G 387 -49.00 26.78 -18.78
N TYR G 388 -50.13 26.10 -18.84
CA TYR G 388 -50.14 24.69 -18.48
C TYR G 388 -49.44 23.86 -19.54
N ILE G 389 -49.63 24.23 -20.80
CA ILE G 389 -48.94 23.55 -21.89
C ILE G 389 -47.45 23.77 -21.80
N LEU G 390 -47.04 24.87 -21.17
CA LEU G 390 -45.62 25.20 -21.07
C LEU G 390 -45.05 24.96 -19.68
N GLN G 391 -45.73 24.18 -18.85
CA GLN G 391 -45.22 23.75 -17.55
C GLN G 391 -44.92 24.91 -16.61
N LEU G 392 -45.38 26.12 -16.94
CA LEU G 392 -45.12 27.25 -16.06
C LEU G 392 -45.84 27.10 -14.73
N ARG G 393 -47.10 26.71 -14.74
CA ARG G 393 -47.88 26.57 -13.52
C ARG G 393 -48.43 25.14 -13.43
N SER G 394 -49.26 24.92 -12.43
CA SER G 394 -49.72 23.58 -12.10
C SER G 394 -51.09 23.25 -12.70
N ASP G 395 -52.12 23.99 -12.30
CA ASP G 395 -53.49 23.60 -12.60
C ASP G 395 -54.26 24.76 -13.19
N TYR G 396 -55.23 24.42 -14.02
CA TYR G 396 -56.12 25.40 -14.62
C TYR G 396 -57.37 25.63 -13.78
N GLY H 225 -2.36 81.42 -32.07
CA GLY H 225 -0.91 81.41 -32.18
C GLY H 225 -0.27 80.34 -31.33
N ARG H 226 0.34 80.77 -30.22
CA ARG H 226 0.98 79.85 -29.28
C ARG H 226 0.09 79.51 -28.10
N MET H 227 -1.11 80.07 -28.03
CA MET H 227 -2.01 79.74 -26.93
C MET H 227 -2.25 78.24 -26.87
N PHE H 228 -2.35 77.61 -28.04
CA PHE H 228 -2.61 76.18 -28.06
C PHE H 228 -1.43 75.40 -27.51
N SER H 229 -0.22 75.77 -27.91
CA SER H 229 0.96 75.08 -27.43
C SER H 229 1.15 75.30 -25.94
N SER H 230 0.66 76.41 -25.43
CA SER H 230 0.75 76.67 -24.00
C SER H 230 -0.35 75.94 -23.25
N LEU H 231 -1.44 75.62 -23.94
CA LEU H 231 -2.55 74.94 -23.29
C LEU H 231 -2.31 73.45 -23.21
N ARG H 232 -1.79 72.87 -24.29
CA ARG H 232 -1.67 71.42 -24.37
C ARG H 232 -0.89 70.87 -23.20
N LYS H 233 0.13 71.58 -22.75
CA LYS H 233 0.97 71.06 -21.69
C LYS H 233 0.18 70.85 -20.41
N SER H 234 -0.93 71.55 -20.26
CA SER H 234 -1.69 71.44 -19.02
C SER H 234 -2.27 70.06 -18.84
N LEU H 235 -2.92 69.53 -19.87
CA LEU H 235 -3.58 68.25 -19.80
C LEU H 235 -2.62 67.09 -19.94
N ARG H 236 -1.32 67.38 -20.02
CA ARG H 236 -0.33 66.33 -20.10
C ARG H 236 -0.51 65.30 -18.99
N SER H 237 -1.12 65.70 -17.88
CA SER H 237 -1.24 64.84 -16.72
C SER H 237 -2.61 64.18 -16.63
N CYS H 238 -3.66 64.92 -16.96
CA CYS H 238 -5.02 64.41 -16.75
C CYS H 238 -5.27 63.17 -17.61
N LEU H 239 -4.80 63.18 -18.85
CA LEU H 239 -5.07 62.09 -19.75
C LEU H 239 -4.14 60.91 -19.57
N ALA H 240 -3.06 61.06 -18.82
CA ALA H 240 -2.16 59.93 -18.61
C ALA H 240 -2.82 58.85 -17.78
N HIS H 241 -3.80 59.21 -16.96
CA HIS H 241 -4.48 58.24 -16.13
C HIS H 241 -5.21 57.23 -16.99
N ASN H 242 -5.67 56.17 -16.34
CA ASN H 242 -6.40 55.12 -17.02
C ASN H 242 -7.91 55.29 -16.86
N SER H 243 -8.38 55.37 -15.61
CA SER H 243 -9.79 55.41 -15.30
C SER H 243 -10.13 56.74 -14.67
N ARG H 244 -11.03 57.48 -15.30
CA ARG H 244 -11.42 58.77 -14.79
C ARG H 244 -12.62 59.27 -15.58
N TRP H 245 -13.62 59.77 -14.87
CA TRP H 245 -14.85 60.22 -15.51
C TRP H 245 -14.60 61.52 -16.25
N ARG H 246 -14.81 61.49 -17.55
CA ARG H 246 -14.65 62.64 -18.41
C ARG H 246 -15.98 63.00 -19.05
N VAL H 247 -16.15 64.29 -19.33
CA VAL H 247 -17.38 64.80 -19.90
C VAL H 247 -17.06 65.92 -20.87
N PHE H 248 -17.63 65.85 -22.06
CA PHE H 248 -17.51 66.87 -23.08
C PHE H 248 -18.87 67.48 -23.38
N VAL H 249 -18.86 68.78 -23.68
CA VAL H 249 -20.07 69.52 -24.06
C VAL H 249 -19.70 70.43 -25.22
N ILE H 250 -20.08 70.05 -26.42
CA ILE H 250 -19.74 70.80 -27.62
C ILE H 250 -20.98 71.52 -28.12
N ASN H 251 -20.77 72.42 -29.06
CA ASN H 251 -21.80 73.18 -29.72
C ASN H 251 -21.41 73.37 -31.19
N PRO H 252 -22.27 72.99 -32.13
CA PRO H 252 -21.89 73.03 -33.54
C PRO H 252 -22.27 74.30 -34.29
N LEU H 253 -22.87 75.28 -33.62
CA LEU H 253 -23.38 76.43 -34.35
C LEU H 253 -22.26 77.25 -34.97
N THR H 254 -21.03 77.08 -34.50
CA THR H 254 -19.91 77.88 -34.97
C THR H 254 -18.64 77.06 -35.12
N ILE H 255 -18.75 75.74 -35.02
CA ILE H 255 -17.63 74.84 -35.32
C ILE H 255 -17.82 74.34 -36.73
N GLU H 256 -16.84 74.62 -37.58
CA GLU H 256 -17.00 74.43 -39.02
C GLU H 256 -16.68 73.00 -39.43
N ASN H 257 -17.29 72.59 -40.54
CA ASN H 257 -17.03 71.29 -41.14
C ASN H 257 -17.28 70.16 -40.15
N PHE H 258 -18.24 70.36 -39.26
CA PHE H 258 -18.55 69.36 -38.25
C PHE H 258 -18.95 68.06 -38.89
N ASP H 259 -19.93 68.11 -39.78
CA ASP H 259 -20.56 66.92 -40.30
C ASP H 259 -19.57 66.02 -41.03
N ASP H 260 -18.38 66.52 -41.31
CA ASP H 260 -17.41 65.78 -42.10
C ASP H 260 -16.32 65.16 -41.26
N ASP H 261 -16.02 65.73 -40.10
CA ASP H 261 -14.87 65.33 -39.30
C ASP H 261 -15.22 64.82 -37.91
N ILE H 262 -16.48 64.95 -37.48
CA ILE H 262 -16.82 64.59 -36.11
C ILE H 262 -16.57 63.12 -35.88
N VAL H 263 -16.92 62.28 -36.85
CA VAL H 263 -16.78 60.84 -36.67
C VAL H 263 -15.32 60.46 -36.55
N ARG H 264 -14.46 61.09 -37.34
CA ARG H 264 -13.04 60.81 -37.25
C ARG H 264 -12.53 61.20 -35.88
N PHE H 265 -12.97 62.35 -35.39
CA PHE H 265 -12.59 62.75 -34.04
C PHE H 265 -12.95 61.67 -33.05
N ILE H 266 -14.19 61.22 -33.11
CA ILE H 266 -14.70 60.30 -32.10
C ILE H 266 -13.94 58.99 -32.16
N LYS H 267 -13.60 58.56 -33.37
CA LYS H 267 -12.95 57.27 -33.51
C LYS H 267 -11.51 57.34 -33.03
N ALA H 268 -10.79 58.39 -33.43
CA ALA H 268 -9.43 58.56 -32.98
C ALA H 268 -9.36 58.71 -31.48
N PHE H 269 -10.42 59.21 -30.87
CA PHE H 269 -10.45 59.32 -29.42
C PHE H 269 -10.72 57.97 -28.77
N VAL H 270 -11.66 57.21 -29.33
CA VAL H 270 -12.03 55.94 -28.72
C VAL H 270 -10.90 54.94 -28.85
N GLN H 271 -10.06 55.08 -29.87
CA GLN H 271 -9.02 54.08 -30.08
C GLN H 271 -7.88 54.24 -29.09
N ARG H 272 -7.57 55.48 -28.70
CA ARG H 272 -6.42 55.72 -27.85
C ARG H 272 -6.75 55.61 -26.37
N TYR H 273 -7.93 56.06 -25.97
CA TYR H 273 -8.23 56.23 -24.56
C TYR H 273 -9.30 55.29 -24.01
N SER H 274 -9.98 54.51 -24.84
CA SER H 274 -11.04 53.65 -24.36
C SER H 274 -11.07 52.29 -25.05
N SER H 275 -9.90 51.76 -25.43
CA SER H 275 -9.84 50.53 -26.19
C SER H 275 -9.22 49.37 -25.44
N LYS H 276 -8.50 49.61 -24.36
CA LYS H 276 -7.90 48.55 -23.58
C LYS H 276 -8.78 48.21 -22.39
N TYR H 277 -8.39 47.15 -21.68
CA TYR H 277 -9.21 46.63 -20.59
C TYR H 277 -9.26 47.61 -19.43
N LEU H 278 -8.09 48.04 -18.96
CA LEU H 278 -8.03 48.82 -17.74
C LEU H 278 -8.99 50.01 -17.77
N HIS H 279 -9.29 50.51 -18.95
CA HIS H 279 -10.19 51.65 -19.07
C HIS H 279 -11.60 51.20 -18.71
N SER H 280 -12.17 51.83 -17.69
CA SER H 280 -13.36 51.30 -17.04
C SER H 280 -14.39 52.37 -16.75
N ASN H 281 -14.35 53.47 -17.45
CA ASN H 281 -15.40 54.46 -17.32
C ASN H 281 -15.37 55.37 -18.54
N PRO H 282 -16.06 54.99 -19.61
CA PRO H 282 -15.97 55.72 -20.85
C PRO H 282 -16.48 57.14 -20.72
N PRO H 283 -16.31 57.93 -21.75
CA PRO H 283 -16.69 59.33 -21.74
C PRO H 283 -18.14 59.56 -22.13
N LEU H 284 -18.48 60.85 -22.25
CA LEU H 284 -19.82 61.30 -22.57
C LEU H 284 -19.71 62.56 -23.39
N PHE H 285 -20.20 62.50 -24.63
CA PHE H 285 -20.33 63.67 -25.48
C PHE H 285 -21.77 64.12 -25.49
N MET H 286 -21.99 65.42 -25.35
CA MET H 286 -23.32 65.98 -25.42
C MET H 286 -23.28 67.24 -26.26
N LEU H 287 -24.35 67.47 -27.01
CA LEU H 287 -24.42 68.56 -27.96
C LEU H 287 -25.61 69.44 -27.65
N THR H 288 -25.46 70.74 -27.95
CA THR H 288 -26.47 71.74 -27.71
C THR H 288 -27.00 72.27 -29.04
N GLY H 289 -28.31 72.49 -29.10
CA GLY H 289 -28.93 72.99 -30.30
C GLY H 289 -30.11 72.14 -30.74
N ASP H 290 -30.30 72.03 -32.05
CA ASP H 290 -31.36 71.21 -32.63
C ASP H 290 -30.81 70.11 -33.52
N TYR H 291 -29.68 69.53 -33.13
CA TYR H 291 -29.02 68.54 -33.96
C TYR H 291 -29.73 67.20 -33.82
N ASP H 292 -29.54 66.35 -34.83
CA ASP H 292 -30.19 65.05 -34.91
C ASP H 292 -29.15 63.96 -34.72
N LEU H 293 -29.42 63.06 -33.79
CA LEU H 293 -28.43 62.07 -33.37
C LEU H 293 -28.61 60.73 -34.05
N SER H 294 -29.76 60.49 -34.67
CA SER H 294 -29.99 59.22 -35.34
C SER H 294 -28.93 58.97 -36.40
N VAL H 295 -28.70 59.96 -37.26
CA VAL H 295 -27.79 59.79 -38.37
C VAL H 295 -26.37 59.54 -37.86
N LEU H 296 -25.97 60.28 -36.83
CA LEU H 296 -24.64 60.11 -36.30
C LEU H 296 -24.48 58.73 -35.71
N GLN H 297 -25.51 58.24 -35.05
CA GLN H 297 -25.46 56.90 -34.49
C GLN H 297 -25.30 55.87 -35.58
N LYS H 298 -26.01 56.06 -36.69
CA LYS H 298 -25.94 55.09 -37.78
C LYS H 298 -24.56 55.08 -38.40
N ARG H 299 -24.00 56.26 -38.66
CA ARG H 299 -22.65 56.31 -39.21
C ARG H 299 -21.66 55.67 -38.27
N LEU H 300 -21.76 55.95 -36.97
CA LEU H 300 -20.82 55.40 -36.02
C LEU H 300 -20.92 53.89 -35.96
N TYR H 301 -22.13 53.36 -36.08
CA TYR H 301 -22.27 51.91 -36.16
C TYR H 301 -21.56 51.38 -37.39
N ASP H 302 -21.89 51.93 -38.55
CA ASP H 302 -21.26 51.48 -39.78
C ASP H 302 -19.74 51.45 -39.64
N ALA H 303 -19.18 52.41 -38.90
CA ALA H 303 -17.74 52.48 -38.81
C ALA H 303 -17.16 51.37 -37.97
N GLY H 304 -17.90 50.90 -36.97
CA GLY H 304 -17.42 49.82 -36.14
C GLY H 304 -17.80 49.89 -34.68
N LEU H 305 -18.10 51.09 -34.19
CA LEU H 305 -18.35 51.29 -32.78
C LEU H 305 -19.80 51.02 -32.42
N ARG H 306 -20.06 50.99 -31.11
CA ARG H 306 -21.38 50.79 -30.55
C ARG H 306 -21.65 51.82 -29.48
N CYS H 307 -22.82 52.44 -29.54
CA CYS H 307 -23.16 53.57 -28.69
C CYS H 307 -24.01 53.15 -27.50
N GLU H 308 -24.34 54.13 -26.66
CA GLU H 308 -25.25 53.96 -25.53
C GLU H 308 -25.98 55.29 -25.30
N THR H 309 -27.29 55.28 -25.52
CA THR H 309 -28.08 56.49 -25.43
C THR H 309 -28.90 56.55 -24.16
N GLY H 310 -29.24 55.40 -23.59
CA GLY H 310 -30.04 55.33 -22.40
C GLY H 310 -31.52 55.23 -22.65
N LYS H 311 -31.97 55.56 -23.84
CA LYS H 311 -33.39 55.56 -24.13
C LYS H 311 -33.94 54.15 -24.19
N VAL H 312 -34.99 53.92 -23.41
CA VAL H 312 -35.86 52.76 -23.56
C VAL H 312 -37.21 53.31 -23.94
N GLY H 313 -37.48 53.38 -25.24
CA GLY H 313 -38.74 53.92 -25.74
C GLY H 313 -38.60 55.14 -26.62
N GLY H 314 -37.39 55.62 -26.87
CA GLY H 314 -37.22 56.77 -27.74
C GLY H 314 -38.11 57.95 -27.37
N THR H 315 -38.48 58.06 -26.10
CA THR H 315 -39.24 59.19 -25.62
C THR H 315 -38.45 60.06 -24.64
N ASP H 316 -37.96 59.48 -23.55
CA ASP H 316 -37.30 60.24 -22.51
C ASP H 316 -36.10 59.48 -21.99
N VAL H 317 -35.06 60.23 -21.65
CA VAL H 317 -33.81 59.64 -21.19
C VAL H 317 -33.84 59.48 -19.69
N ILE H 318 -33.23 58.42 -19.22
CA ILE H 318 -33.12 58.11 -17.80
C ILE H 318 -31.69 58.37 -17.36
N ILE H 319 -31.54 58.96 -16.19
CA ILE H 319 -30.22 59.38 -15.73
C ILE H 319 -29.45 58.20 -15.19
N LYS H 320 -30.15 57.18 -14.71
CA LYS H 320 -29.49 56.09 -14.00
C LYS H 320 -28.91 55.06 -14.95
N GLU H 321 -29.48 54.92 -16.14
CA GLU H 321 -29.04 53.86 -17.05
C GLU H 321 -27.95 54.32 -17.98
N LEU H 322 -27.91 55.61 -18.29
CA LEU H 322 -26.90 56.15 -19.17
C LEU H 322 -25.52 56.10 -18.55
N PHE H 323 -25.43 56.05 -17.23
CA PHE H 323 -24.17 56.21 -16.52
C PHE H 323 -23.61 54.90 -16.02
N ARG H 324 -24.24 53.78 -16.35
CA ARG H 324 -23.86 52.51 -15.76
C ARG H 324 -22.48 52.06 -16.22
N ARG H 325 -21.91 51.17 -15.45
CA ARG H 325 -20.62 50.60 -15.76
C ARG H 325 -20.75 49.49 -16.78
N PRO H 326 -19.78 49.34 -17.66
CA PRO H 326 -19.88 48.35 -18.72
C PRO H 326 -19.38 46.98 -18.31
N ILE H 327 -19.87 45.98 -19.02
CA ILE H 327 -19.30 44.66 -18.95
C ILE H 327 -17.94 44.67 -19.61
N LEU H 328 -16.99 43.93 -19.05
CA LEU H 328 -15.66 43.84 -19.61
C LEU H 328 -15.10 42.44 -19.38
N ILE H 329 -14.55 41.87 -20.44
CA ILE H 329 -13.90 40.57 -20.39
C ILE H 329 -12.45 40.72 -20.81
N ARG H 330 -11.57 39.99 -20.14
CA ARG H 330 -10.13 40.19 -20.33
C ARG H 330 -9.58 39.33 -21.44
N ASN H 331 -9.96 38.06 -21.49
CA ASN H 331 -9.41 37.13 -22.45
C ASN H 331 -10.50 36.31 -23.09
N PRO H 332 -10.89 36.59 -24.33
CA PRO H 332 -10.49 37.71 -25.19
C PRO H 332 -11.22 39.00 -24.87
N PHE H 333 -10.75 40.09 -25.47
CA PHE H 333 -11.31 41.41 -25.18
C PHE H 333 -12.63 41.59 -25.91
N ARG H 334 -13.69 41.85 -25.15
CA ARG H 334 -14.94 42.31 -25.71
C ARG H 334 -15.50 43.37 -24.79
N MET H 335 -15.84 44.51 -25.36
CA MET H 335 -16.32 45.67 -24.62
C MET H 335 -17.72 46.01 -25.09
N GLU H 336 -18.67 46.00 -24.17
CA GLU H 336 -20.07 46.17 -24.54
C GLU H 336 -20.28 47.46 -25.30
N PHE H 337 -20.12 48.58 -24.61
CA PHE H 337 -20.21 49.89 -25.25
C PHE H 337 -18.99 50.70 -24.88
N SER H 338 -18.58 51.56 -25.80
CA SER H 338 -17.38 52.34 -25.66
C SER H 338 -17.60 53.84 -25.70
N LEU H 339 -18.78 54.31 -26.08
CA LEU H 339 -19.05 55.73 -26.11
C LEU H 339 -20.48 55.99 -25.66
N ARG H 340 -20.70 57.23 -25.25
CA ARG H 340 -21.99 57.74 -24.85
C ARG H 340 -22.33 58.95 -25.70
N LEU H 341 -23.61 59.29 -25.77
CA LEU H 341 -24.07 60.40 -26.58
C LEU H 341 -25.50 60.73 -26.20
N ALA H 342 -25.79 62.03 -26.05
CA ALA H 342 -27.11 62.46 -25.66
C ALA H 342 -27.20 63.97 -25.74
N LYS H 343 -28.37 64.46 -26.12
CA LYS H 343 -28.62 65.88 -26.18
C LYS H 343 -28.80 66.45 -24.77
N ARG H 344 -28.49 67.73 -24.63
CA ARG H 344 -28.44 68.33 -23.30
C ARG H 344 -29.82 68.58 -22.74
N ASP H 345 -30.68 69.21 -23.53
CA ASP H 345 -32.00 69.60 -23.04
C ASP H 345 -32.76 68.41 -22.47
N GLU H 346 -32.38 67.19 -22.85
CA GLU H 346 -33.11 66.01 -22.41
C GLU H 346 -32.55 65.44 -21.11
N VAL H 347 -31.34 65.81 -20.72
CA VAL H 347 -30.73 65.32 -19.50
C VAL H 347 -31.05 66.31 -18.38
N ILE H 348 -32.06 65.97 -17.58
CA ILE H 348 -32.50 66.81 -16.49
C ILE H 348 -32.13 66.11 -15.19
N GLY H 349 -31.09 66.62 -14.55
CA GLY H 349 -30.62 66.06 -13.31
C GLY H 349 -29.11 66.02 -13.26
N GLY H 350 -28.56 65.50 -12.17
CA GLY H 350 -27.13 65.43 -12.02
C GLY H 350 -26.67 64.06 -11.62
N PRO H 351 -25.40 63.79 -11.86
CA PRO H 351 -24.86 62.47 -11.52
C PRO H 351 -24.70 62.30 -10.03
N GLN H 352 -24.67 61.05 -9.60
CA GLN H 352 -24.45 60.75 -8.20
C GLN H 352 -23.03 61.14 -7.81
N ARG H 353 -22.06 60.85 -8.67
CA ARG H 353 -20.67 61.19 -8.46
C ARG H 353 -20.26 62.23 -9.48
N ARG H 354 -19.53 63.21 -9.03
CA ARG H 354 -19.30 64.34 -9.89
C ARG H 354 -18.13 64.08 -10.83
N PRO H 355 -18.15 64.72 -11.99
CA PRO H 355 -17.12 64.45 -12.99
C PRO H 355 -15.80 65.10 -12.65
N ASP H 356 -14.73 64.36 -12.92
CA ASP H 356 -13.41 64.82 -12.55
C ASP H 356 -12.96 65.97 -13.42
N GLU H 357 -13.22 65.90 -14.72
CA GLU H 357 -12.82 66.93 -15.65
C GLU H 357 -13.91 67.17 -16.68
N LEU H 358 -14.30 68.43 -16.82
CA LEU H 358 -15.36 68.86 -17.73
C LEU H 358 -14.79 69.86 -18.71
N PHE H 359 -14.81 69.51 -19.99
CA PHE H 359 -14.27 70.35 -21.04
C PHE H 359 -15.40 70.94 -21.85
N LEU H 360 -15.52 72.25 -21.81
CA LEU H 360 -16.53 72.99 -22.53
C LEU H 360 -15.92 73.59 -23.79
N ILE H 361 -16.58 73.39 -24.93
CA ILE H 361 -16.11 73.86 -26.21
C ILE H 361 -17.16 74.78 -26.79
N ASN H 362 -16.88 76.08 -26.76
CA ASN H 362 -17.74 77.10 -27.34
C ASN H 362 -19.08 77.19 -26.64
N VAL H 363 -19.05 77.20 -25.31
CA VAL H 363 -20.21 77.51 -24.48
C VAL H 363 -19.74 78.30 -23.28
N ALA H 364 -20.50 79.34 -22.94
CA ALA H 364 -20.08 80.24 -21.87
C ALA H 364 -20.32 79.63 -20.51
N ASP H 365 -21.56 79.27 -20.21
CA ASP H 365 -21.95 78.81 -18.89
C ASP H 365 -22.68 77.48 -18.98
N ASP H 366 -22.79 76.82 -17.83
CA ASP H 366 -23.47 75.54 -17.72
C ASP H 366 -24.00 75.40 -16.30
N GLU H 367 -24.74 74.32 -16.08
CA GLU H 367 -25.37 74.06 -14.79
C GLU H 367 -24.60 73.06 -13.95
N TRP H 368 -23.56 72.45 -14.49
CA TRP H 368 -22.75 71.49 -13.76
C TRP H 368 -21.43 72.07 -13.29
N LYS H 369 -21.23 73.37 -13.42
CA LYS H 369 -20.01 73.97 -12.90
C LYS H 369 -20.07 73.96 -11.40
N HIS H 370 -19.01 73.43 -10.79
CA HIS H 370 -18.90 73.32 -9.36
C HIS H 370 -17.47 73.61 -8.98
N GLU H 371 -17.24 73.78 -7.69
CA GLU H 371 -15.93 74.15 -7.21
C GLU H 371 -14.99 72.96 -7.19
N ASP H 372 -15.50 71.78 -6.90
CA ASP H 372 -14.70 70.57 -6.80
C ASP H 372 -14.63 69.79 -8.11
N VAL H 373 -14.95 70.42 -9.22
CA VAL H 373 -14.87 69.80 -10.54
C VAL H 373 -14.01 70.70 -11.42
N ASN H 374 -12.92 70.16 -11.91
CA ASN H 374 -12.04 70.93 -12.77
C ASN H 374 -12.77 71.40 -14.00
N VAL H 375 -12.45 72.61 -14.44
CA VAL H 375 -13.10 73.25 -15.57
C VAL H 375 -12.03 73.79 -16.49
N HIS H 376 -12.07 73.38 -17.74
CA HIS H 376 -11.23 73.92 -18.79
C HIS H 376 -12.14 74.44 -19.89
N GLY H 377 -12.02 75.72 -20.21
CA GLY H 377 -12.89 76.36 -21.16
C GLY H 377 -12.14 76.93 -22.33
N PHE H 378 -12.58 76.61 -23.53
CA PHE H 378 -11.87 76.93 -24.74
C PHE H 378 -12.76 77.72 -25.69
N LYS H 379 -12.21 77.96 -26.88
CA LYS H 379 -12.94 78.57 -27.99
C LYS H 379 -12.18 78.26 -29.25
N ILE H 380 -12.86 77.69 -30.24
CA ILE H 380 -12.20 77.14 -31.42
C ILE H 380 -12.92 77.59 -32.68
N GLU H 381 -12.16 77.62 -33.77
CA GLU H 381 -12.65 77.97 -35.09
C GLU H 381 -12.77 76.76 -35.98
N ARG H 382 -12.03 75.71 -35.67
CA ARG H 382 -12.04 74.48 -36.44
C ARG H 382 -11.71 73.32 -35.53
N LEU H 383 -11.93 72.11 -36.03
CA LEU H 383 -11.86 70.94 -35.18
C LEU H 383 -10.44 70.43 -35.04
N SER H 384 -9.65 70.52 -36.09
CA SER H 384 -8.33 69.90 -36.09
C SER H 384 -7.51 70.34 -34.89
N ASP H 385 -7.77 71.54 -34.38
CA ASP H 385 -6.96 72.06 -33.28
C ASP H 385 -7.14 71.21 -32.04
N LEU H 386 -8.30 70.61 -31.89
CA LEU H 386 -8.53 69.82 -30.69
C LEU H 386 -7.77 68.51 -30.76
N GLU H 387 -7.58 67.98 -31.95
CA GLU H 387 -6.74 66.80 -32.11
C GLU H 387 -5.34 67.08 -31.64
N TYR H 388 -4.95 68.35 -31.59
CA TYR H 388 -3.67 68.74 -31.06
C TYR H 388 -3.74 68.92 -29.56
N ILE H 389 -4.78 69.63 -29.11
CA ILE H 389 -4.92 69.93 -27.70
C ILE H 389 -5.07 68.66 -26.89
N LEU H 390 -5.45 67.55 -27.54
CA LEU H 390 -5.80 66.32 -26.86
C LEU H 390 -4.94 65.14 -27.29
N GLN H 391 -3.73 65.42 -27.75
CA GLN H 391 -2.77 64.36 -28.08
C GLN H 391 -3.37 63.33 -29.02
N LEU H 392 -3.82 63.79 -30.18
CA LEU H 392 -4.30 62.91 -31.22
C LEU H 392 -3.59 63.09 -32.55
N ARG H 393 -2.71 64.09 -32.67
CA ARG H 393 -1.96 64.29 -33.90
C ARG H 393 -0.73 65.12 -33.59
N SER H 394 0.04 65.40 -34.63
CA SER H 394 1.42 65.86 -34.47
C SER H 394 1.54 67.37 -34.44
N ASP H 395 1.01 68.08 -35.44
CA ASP H 395 1.33 69.48 -35.61
C ASP H 395 0.10 70.27 -36.01
N TYR H 396 0.10 71.54 -35.62
CA TYR H 396 -1.01 72.44 -35.87
C TYR H 396 -1.51 72.35 -37.30
N ALA I 5 -38.05 50.80 58.06
CA ALA I 5 -39.12 49.86 58.37
C ALA I 5 -38.75 48.46 57.91
N GLU I 6 -39.36 47.46 58.54
CA GLU I 6 -39.11 46.07 58.15
C GLU I 6 -39.43 45.85 56.68
N TYR I 7 -40.56 46.39 56.22
CA TYR I 7 -40.96 46.28 54.82
C TYR I 7 -41.16 44.82 54.41
N SER I 8 -41.98 44.11 55.19
CA SER I 8 -42.20 42.70 54.94
C SER I 8 -42.73 42.49 53.52
N ILE I 9 -41.91 41.92 52.65
CA ILE I 9 -42.24 41.89 51.23
C ILE I 9 -43.33 40.87 50.98
N LYS I 10 -43.15 39.66 51.47
CA LYS I 10 -44.14 38.62 51.22
C LYS I 10 -45.47 38.99 51.85
N GLY I 11 -45.43 39.58 53.04
CA GLY I 11 -46.66 40.01 53.67
C GLY I 11 -47.36 41.08 52.85
N TYR I 12 -46.59 41.89 52.14
CA TYR I 12 -47.19 42.90 51.30
C TYR I 12 -47.78 42.31 50.03
N LEU I 13 -47.12 41.30 49.46
CA LEU I 13 -47.56 40.80 48.16
C LEU I 13 -48.69 39.81 48.29
N TYR I 14 -48.65 38.97 49.32
CA TYR I 14 -49.71 38.00 49.56
C TYR I 14 -51.06 38.64 49.28
N GLN I 15 -51.21 39.90 49.67
CA GLN I 15 -52.50 40.53 49.55
C GLN I 15 -52.84 40.75 48.09
N PHE I 16 -51.82 41.00 47.28
CA PHE I 16 -52.05 41.14 45.85
C PHE I 16 -52.38 39.80 45.23
N LEU I 17 -51.69 38.76 45.68
CA LEU I 17 -52.04 37.42 45.23
C LEU I 17 -53.51 37.18 45.47
N LYS I 18 -54.00 37.63 46.62
CA LYS I 18 -55.42 37.48 46.92
C LYS I 18 -56.26 38.33 45.98
N TYR I 19 -55.83 39.55 45.70
CA TYR I 19 -56.49 40.36 44.68
C TYR I 19 -56.70 39.53 43.43
N LEU I 20 -55.66 38.84 42.99
CA LEU I 20 -55.71 38.15 41.70
C LEU I 20 -56.58 36.91 41.78
N SER I 21 -56.52 36.20 42.91
CA SER I 21 -57.42 35.06 43.10
C SER I 21 -58.85 35.51 42.94
N GLU I 22 -59.19 36.65 43.53
CA GLU I 22 -60.55 37.14 43.44
C GLU I 22 -60.88 37.56 42.02
N ILE I 23 -59.96 38.29 41.38
CA ILE I 23 -60.23 38.82 40.04
C ILE I 23 -60.48 37.67 39.08
N LEU I 24 -59.76 36.57 39.25
CA LEU I 24 -60.00 35.40 38.42
C LEU I 24 -61.34 34.75 38.78
N ALA I 25 -61.49 34.37 40.05
CA ALA I 25 -62.76 33.80 40.49
C ALA I 25 -63.92 34.78 40.30
N ALA I 26 -63.63 36.06 40.13
CA ALA I 26 -64.68 37.05 39.98
C ALA I 26 -65.44 36.85 38.67
N GLY I 27 -66.68 37.33 38.64
CA GLY I 27 -67.48 37.29 37.44
C GLY I 27 -67.60 38.63 36.75
N ASP I 28 -68.32 38.63 35.64
CA ASP I 28 -68.49 39.85 34.86
C ASP I 28 -69.16 40.93 35.69
N GLY I 29 -68.79 42.18 35.41
CA GLY I 29 -69.36 43.34 36.05
C GLY I 29 -68.64 43.80 37.30
N ALA I 30 -68.07 42.87 38.06
CA ALA I 30 -67.33 43.25 39.25
C ALA I 30 -66.25 44.26 38.90
N ARG I 31 -66.11 45.27 39.75
CA ARG I 31 -65.16 46.35 39.53
C ARG I 31 -64.50 46.74 40.85
N ILE I 32 -63.23 47.10 40.76
CA ILE I 32 -62.45 47.46 41.94
C ILE I 32 -61.37 48.45 41.50
N THR I 33 -60.83 49.17 42.48
CA THR I 33 -59.51 49.75 42.38
C THR I 33 -58.71 49.27 43.58
N ILE I 34 -57.40 49.10 43.37
CA ILE I 34 -56.56 48.55 44.41
C ILE I 34 -56.48 49.51 45.58
N GLU I 35 -56.50 48.96 46.78
CA GLU I 35 -56.17 49.74 47.96
C GLU I 35 -54.71 50.14 47.90
N GLY I 36 -54.45 51.43 47.75
CA GLY I 36 -53.09 51.92 47.66
C GLY I 36 -52.30 51.75 48.94
N ALA I 37 -51.16 51.07 48.86
CA ALA I 37 -50.37 50.83 50.06
C ALA I 37 -49.76 52.14 50.55
N ILE I 38 -49.59 52.22 51.88
CA ILE I 38 -49.04 53.44 52.48
C ILE I 38 -47.68 53.76 51.91
N GLU I 39 -46.87 52.73 51.61
CA GLU I 39 -45.54 52.96 51.08
C GLU I 39 -45.57 53.72 49.76
N ASP I 40 -46.72 53.77 49.10
CA ASP I 40 -46.84 54.49 47.83
C ASP I 40 -46.28 55.90 47.94
N ILE I 44 -48.32 61.10 48.35
CA ILE I 44 -49.23 62.09 47.81
C ILE I 44 -50.65 61.82 48.28
N ALA I 45 -50.91 60.57 48.62
CA ALA I 45 -52.23 60.14 49.06
C ALA I 45 -53.29 60.50 48.02
N ALA I 46 -53.11 59.94 46.83
CA ALA I 46 -54.11 60.11 45.78
C ALA I 46 -55.47 59.65 46.28
N GLY I 47 -56.48 60.47 46.07
CA GLY I 47 -57.77 60.25 46.69
C GLY I 47 -57.87 60.93 48.05
N LEU I 48 -59.09 60.94 48.59
CA LEU I 48 -59.34 61.65 49.84
C LEU I 48 -58.53 61.05 50.98
N THR I 49 -58.84 59.80 51.37
CA THR I 49 -58.09 59.12 52.41
C THR I 49 -57.91 57.64 52.14
N THR I 50 -58.25 57.17 50.95
CA THR I 50 -58.17 55.74 50.66
C THR I 50 -56.74 55.26 50.77
N ALA I 51 -56.53 54.16 51.49
CA ALA I 51 -55.19 53.63 51.69
C ALA I 51 -55.30 52.24 52.29
N VAL I 52 -54.16 51.57 52.39
CA VAL I 52 -54.09 50.21 52.93
C VAL I 52 -52.65 49.95 53.34
N GLN I 53 -52.47 48.90 54.13
CA GLN I 53 -51.16 48.48 54.59
C GLN I 53 -51.32 47.15 55.30
N CYS I 54 -50.24 46.41 55.42
CA CYS I 54 -50.31 45.05 55.94
C CYS I 54 -48.90 44.56 56.25
N LYS I 55 -48.83 43.40 56.90
CA LYS I 55 -47.59 42.69 57.20
C LYS I 55 -47.89 41.21 57.20
N TYR I 56 -46.98 40.41 57.76
CA TYR I 56 -47.19 38.96 57.74
C TYR I 56 -46.17 38.29 58.64
N HIS I 57 -46.59 37.14 59.20
CA HIS I 57 -45.76 36.32 60.08
C HIS I 57 -46.48 35.00 60.31
N GLU I 58 -45.77 33.88 60.14
CA GLU I 58 -46.45 32.58 60.12
C GLU I 58 -45.73 31.49 60.89
N GLN I 59 -44.62 31.81 61.56
CA GLN I 59 -43.77 30.78 62.13
C GLN I 59 -44.44 30.25 63.39
N ALA I 60 -45.08 29.10 63.28
CA ALA I 60 -45.82 28.53 64.40
C ALA I 60 -46.13 27.08 64.13
N GLU I 61 -46.35 26.34 65.22
CA GLU I 61 -46.80 24.95 65.19
C GLU I 61 -48.18 24.77 65.79
N LYS I 62 -48.45 25.43 66.92
CA LYS I 62 -49.78 25.52 67.49
C LYS I 62 -50.09 26.99 67.73
N TYR I 63 -51.35 27.36 67.53
CA TYR I 63 -51.73 28.77 67.63
C TYR I 63 -51.35 29.35 68.99
N THR I 64 -50.99 30.62 68.98
CA THR I 64 -50.83 31.38 70.22
C THR I 64 -51.05 32.85 69.92
N LEU I 65 -51.91 33.48 70.71
CA LEU I 65 -52.20 34.90 70.54
C LEU I 65 -51.04 35.78 70.98
N GLY I 66 -50.02 35.21 71.61
CA GLY I 66 -48.98 36.02 72.22
C GLY I 66 -47.97 36.61 71.27
N LYS I 67 -47.40 35.78 70.40
CA LYS I 67 -46.24 36.20 69.62
C LYS I 67 -46.58 37.38 68.72
N ILE I 68 -47.85 37.59 68.39
CA ILE I 68 -48.22 38.61 67.44
C ILE I 68 -48.00 40.02 67.96
N TYR I 69 -47.64 40.16 69.24
CA TYR I 69 -47.54 41.49 69.82
C TYR I 69 -46.54 42.35 69.06
N LYS I 70 -45.34 41.81 68.83
CA LYS I 70 -44.26 42.59 68.26
C LYS I 70 -44.77 43.32 67.02
N PRO I 71 -45.18 42.60 65.98
CA PRO I 71 -45.72 43.30 64.81
C PRO I 71 -46.94 44.13 65.15
N ILE I 72 -47.69 43.73 66.17
CA ILE I 72 -48.84 44.52 66.59
C ILE I 72 -48.38 45.87 67.10
N LEU I 73 -47.34 45.86 67.94
CA LEU I 73 -46.81 47.12 68.44
C LEU I 73 -46.22 47.94 67.30
N LEU I 74 -45.62 47.27 66.33
CA LEU I 74 -45.04 47.98 65.18
C LEU I 74 -46.12 48.71 64.41
N MET I 75 -47.21 48.01 64.08
CA MET I 75 -48.30 48.65 63.35
C MET I 75 -48.92 49.75 64.18
N LEU I 76 -48.99 49.55 65.49
CA LEU I 76 -49.55 50.58 66.36
C LEU I 76 -48.71 51.84 66.28
N GLU I 77 -47.39 51.68 66.25
CA GLU I 77 -46.52 52.84 66.15
C GLU I 77 -46.68 53.51 64.80
N HIS I 78 -46.71 52.71 63.73
CA HIS I 78 -46.86 53.25 62.39
C HIS I 78 -48.11 54.11 62.31
N PHE I 79 -49.19 53.68 62.95
CA PHE I 79 -50.39 54.51 63.00
C PHE I 79 -50.17 55.72 63.88
N SER I 80 -49.58 55.50 65.06
CA SER I 80 -49.48 56.57 66.04
C SER I 80 -48.79 57.78 65.46
N LYS I 81 -47.83 57.56 64.57
CA LYS I 81 -47.09 58.67 64.00
C LYS I 81 -48.04 59.70 63.41
N ASN I 82 -49.10 59.25 62.74
CA ASN I 82 -50.09 60.18 62.21
C ASN I 82 -51.28 59.40 61.69
N SER I 83 -52.36 60.12 61.46
CA SER I 83 -53.58 59.56 60.88
C SER I 83 -54.32 60.67 60.13
N GLY I 84 -55.55 60.35 59.74
CA GLY I 84 -56.39 61.30 59.03
C GLY I 84 -55.74 61.87 57.79
N VAL I 89 -58.49 55.35 55.44
CA VAL I 89 -57.18 54.92 55.92
C VAL I 89 -57.34 53.66 56.74
N SER I 90 -57.44 52.52 56.05
CA SER I 90 -57.64 51.25 56.71
C SER I 90 -56.30 50.62 57.09
N TYR I 91 -56.38 49.66 58.00
CA TYR I 91 -55.25 48.82 58.38
C TYR I 91 -55.69 47.37 58.30
N ARG I 92 -54.75 46.49 57.98
CA ARG I 92 -55.06 45.07 57.82
C ARG I 92 -53.83 44.25 58.16
N LEU I 93 -54.07 42.94 58.29
CA LEU I 93 -52.99 42.00 58.55
C LEU I 93 -53.47 40.61 58.18
N PHE I 94 -52.63 39.88 57.46
CA PHE I 94 -52.92 38.51 57.07
C PHE I 94 -51.76 37.63 57.52
N CYS I 95 -52.07 36.56 58.22
CA CYS I 95 -51.03 35.70 58.76
C CYS I 95 -51.56 34.27 58.85
N HIS I 96 -50.63 33.32 58.82
CA HIS I 96 -50.95 31.89 58.84
C HIS I 96 -50.36 31.26 60.10
N PHE I 97 -51.23 30.87 61.01
CA PHE I 97 -50.85 30.03 62.12
C PHE I 97 -51.46 28.66 61.94
N PRO I 98 -50.69 27.59 62.07
CA PRO I 98 -51.20 26.26 61.69
C PRO I 98 -52.48 25.89 62.42
N GLY I 99 -53.17 24.89 61.87
CA GLY I 99 -54.35 24.34 62.49
C GLY I 99 -55.59 25.20 62.32
N GLU I 100 -55.60 26.36 62.96
CA GLU I 100 -56.77 27.23 62.94
C GLU I 100 -56.73 28.16 61.75
N SER I 101 -57.81 28.92 61.57
CA SER I 101 -57.93 29.86 60.47
C SER I 101 -59.10 30.78 60.76
N GLY I 102 -59.41 31.64 59.80
CA GLY I 102 -60.54 32.53 59.92
C GLY I 102 -60.15 33.87 60.51
N THR I 103 -61.18 34.70 60.71
CA THR I 103 -61.02 36.05 61.26
C THR I 103 -61.81 36.15 62.54
N LYS I 104 -61.20 36.72 63.57
CA LYS I 104 -61.83 36.92 64.87
C LYS I 104 -61.68 38.39 65.24
N ALA I 105 -62.81 39.06 65.46
CA ALA I 105 -62.78 40.46 65.85
C ALA I 105 -62.26 40.59 67.27
N LEU I 106 -61.39 41.57 67.48
CA LEU I 106 -60.78 41.80 68.79
C LEU I 106 -61.64 42.77 69.60
N THR I 107 -62.01 42.35 70.80
CA THR I 107 -62.86 43.16 71.66
C THR I 107 -62.02 44.19 72.43
N LYS I 108 -62.71 45.12 73.08
CA LYS I 108 -62.02 46.11 73.89
C LYS I 108 -61.22 45.45 75.00
N ASP I 109 -61.83 44.52 75.73
CA ASP I 109 -61.08 43.77 76.72
C ASP I 109 -59.90 43.04 76.08
N ASP I 110 -60.03 42.66 74.81
CA ASP I 110 -58.91 42.05 74.12
C ASP I 110 -57.78 43.05 73.93
N LEU I 111 -58.11 44.31 73.64
CA LEU I 111 -57.08 45.34 73.60
C LEU I 111 -56.43 45.50 74.97
N GLU I 112 -57.23 45.45 76.03
CA GLU I 112 -56.66 45.54 77.37
C GLU I 112 -55.67 44.42 77.62
N THR I 113 -56.02 43.20 77.20
CA THR I 113 -55.09 42.09 77.29
C THR I 113 -53.83 42.39 76.49
N VAL I 114 -53.99 42.87 75.26
CA VAL I 114 -52.86 43.18 74.40
C VAL I 114 -51.97 44.21 75.07
N LEU I 115 -52.54 45.06 75.92
CA LEU I 115 -51.74 46.07 76.61
C LEU I 115 -50.61 45.44 77.42
N SER I 116 -50.69 44.15 77.69
CA SER I 116 -49.63 43.47 78.41
C SER I 116 -48.32 43.56 77.65
N THR I 117 -47.25 43.93 78.36
CA THR I 117 -45.93 44.06 77.77
C THR I 117 -44.90 43.47 78.72
N LYS I 118 -44.19 42.45 78.26
CA LYS I 118 -43.24 41.71 79.09
C LYS I 118 -41.83 41.69 78.50
N GLY I 119 -41.50 42.62 77.63
CA GLY I 119 -40.20 42.63 76.98
C GLY I 119 -39.64 44.02 76.85
N GLU I 120 -38.31 44.10 76.84
CA GLU I 120 -37.64 45.39 76.75
C GLU I 120 -37.80 46.01 75.37
N VAL I 121 -37.84 45.18 74.32
CA VAL I 121 -37.94 45.72 72.97
C VAL I 121 -39.35 46.16 72.66
N LEU I 122 -40.35 45.38 73.09
CA LEU I 122 -41.73 45.86 73.00
C LEU I 122 -41.89 47.16 73.77
N ARG I 123 -41.30 47.24 74.96
CA ARG I 123 -41.38 48.46 75.73
C ARG I 123 -40.65 49.60 75.02
N ALA I 124 -39.63 49.26 74.24
CA ALA I 124 -38.95 50.28 73.45
C ALA I 124 -39.88 50.81 72.37
N ILE I 125 -40.58 49.91 71.69
CA ILE I 125 -41.58 50.33 70.70
C ILE I 125 -42.63 51.22 71.36
N VAL I 126 -42.99 50.90 72.60
CA VAL I 126 -43.96 51.72 73.32
C VAL I 126 -43.38 53.10 73.58
N ALA I 127 -42.15 53.15 74.09
CA ALA I 127 -41.50 54.43 74.32
C ALA I 127 -41.49 55.27 73.04
N ARG I 128 -41.21 54.64 71.90
CA ARG I 128 -41.34 55.34 70.63
C ARG I 128 -42.80 55.71 70.36
N ILE I 129 -43.74 54.89 70.82
CA ILE I 129 -45.15 55.16 70.59
C ILE I 129 -45.58 56.40 71.39
N ASP I 130 -46.40 57.23 70.77
CA ASP I 130 -46.84 58.47 71.41
C ASP I 130 -47.70 58.17 72.64
N THR I 131 -47.83 59.18 73.50
CA THR I 131 -48.60 59.02 74.73
C THR I 131 -50.08 58.85 74.43
N SER I 132 -50.62 59.64 73.50
CA SER I 132 -52.03 59.58 73.18
C SER I 132 -52.34 58.37 72.32
N VAL I 133 -53.43 57.67 72.67
CA VAL I 133 -53.88 56.50 71.92
C VAL I 133 -55.39 56.55 71.78
N ASP I 134 -55.88 55.87 70.75
CA ASP I 134 -57.32 55.73 70.50
C ASP I 134 -57.56 54.23 70.29
N TYR I 135 -57.73 53.52 71.39
CA TYR I 135 -57.94 52.08 71.32
C TYR I 135 -59.30 51.76 70.71
N GLU I 136 -60.35 52.44 71.20
CA GLU I 136 -61.69 52.16 70.70
C GLU I 136 -61.80 52.43 69.21
N ALA I 137 -61.05 53.41 68.72
CA ALA I 137 -61.09 53.75 67.30
C ALA I 137 -60.24 52.81 66.47
N PHE I 138 -59.12 52.37 67.02
CA PHE I 138 -58.25 51.45 66.30
C PHE I 138 -58.88 50.06 66.19
N LEU I 139 -59.65 49.67 67.19
CA LEU I 139 -60.30 48.36 67.18
C LEU I 139 -61.09 48.14 65.89
N ASP I 140 -61.92 49.12 65.53
CA ASP I 140 -62.79 48.94 64.37
C ASP I 140 -61.97 48.80 63.09
N ARG I 141 -60.83 49.47 63.02
CA ARG I 141 -60.00 49.48 61.83
C ARG I 141 -58.75 48.61 62.00
N PHE I 142 -58.78 47.64 62.90
CA PHE I 142 -57.68 46.71 63.10
C PHE I 142 -58.23 45.30 63.13
N ALA I 143 -57.71 44.44 62.25
CA ALA I 143 -58.13 43.05 62.17
C ALA I 143 -56.89 42.17 62.00
N ILE I 144 -56.99 40.94 62.50
CA ILE I 144 -55.89 39.97 62.46
C ILE I 144 -56.49 38.65 62.02
N GLU I 145 -56.35 38.33 60.73
CA GLU I 145 -56.88 37.10 60.18
C GLU I 145 -55.82 36.00 60.17
N PHE I 146 -56.29 34.75 60.20
CA PHE I 146 -55.42 33.58 60.22
C PHE I 146 -55.79 32.70 59.02
N GLY I 147 -54.83 32.50 58.13
CA GLY I 147 -55.12 31.85 56.87
C GLY I 147 -54.06 30.87 56.42
N PRO I 148 -54.17 30.44 55.16
CA PRO I 148 -53.27 29.40 54.64
C PRO I 148 -51.91 29.95 54.26
N SER I 149 -51.00 29.02 53.98
CA SER I 149 -49.67 29.37 53.51
C SER I 149 -49.76 29.98 52.12
N ALA I 150 -48.66 30.64 51.72
CA ALA I 150 -48.66 31.35 50.45
C ALA I 150 -48.48 30.40 49.28
N GLU I 151 -47.39 29.65 49.27
CA GLU I 151 -47.04 28.84 48.11
C GLU I 151 -48.21 27.94 47.69
N ASP I 152 -48.95 27.44 48.66
CA ASP I 152 -50.12 26.63 48.31
C ASP I 152 -51.16 27.46 47.58
N LEU I 153 -51.40 28.68 48.06
CA LEU I 153 -52.30 29.57 47.35
C LEU I 153 -51.79 29.82 45.94
N GLN I 154 -50.47 29.98 45.80
CA GLN I 154 -49.90 30.26 44.49
C GLN I 154 -50.12 29.11 43.53
N VAL I 155 -49.89 27.89 44.00
CA VAL I 155 -50.05 26.73 43.12
C VAL I 155 -51.51 26.54 42.78
N ALA I 156 -52.40 26.78 43.73
CA ALA I 156 -53.82 26.74 43.42
C ALA I 156 -54.15 27.79 42.36
N VAL I 157 -53.45 28.92 42.42
CA VAL I 157 -53.70 29.98 41.45
C VAL I 157 -53.25 29.54 40.07
N LEU I 158 -52.12 28.85 40.00
CA LEU I 158 -51.68 28.33 38.72
C LEU I 158 -52.69 27.34 38.18
N ALA I 159 -53.22 26.49 39.06
CA ALA I 159 -54.22 25.52 38.63
C ALA I 159 -55.45 26.22 38.09
N SER I 160 -55.83 27.32 38.73
CA SER I 160 -57.02 28.04 38.30
C SER I 160 -56.78 28.73 36.96
N LEU I 161 -55.60 29.31 36.80
CA LEU I 161 -55.24 29.92 35.53
C LEU I 161 -55.29 28.91 34.42
N LYS I 162 -54.83 27.69 34.69
CA LYS I 162 -54.96 26.62 33.72
C LYS I 162 -56.42 26.33 33.43
N ASP I 163 -57.23 26.19 34.49
CA ASP I 163 -58.65 25.93 34.30
C ASP I 163 -59.27 26.97 33.38
N LYS I 164 -58.80 28.22 33.46
CA LYS I 164 -59.27 29.22 32.52
C LYS I 164 -58.94 28.82 31.08
N GLY I 165 -57.77 28.23 30.87
CA GLY I 165 -57.39 27.75 29.56
C GLY I 165 -56.56 28.72 28.75
N PHE I 166 -55.25 28.51 28.72
CA PHE I 166 -54.31 29.29 27.91
C PHE I 166 -53.25 28.35 27.38
N ASP I 167 -52.32 28.90 26.61
CA ASP I 167 -51.17 28.13 26.16
C ASP I 167 -50.46 27.57 27.39
N PRO I 168 -50.59 26.27 27.66
CA PRO I 168 -50.14 25.77 28.96
C PRO I 168 -48.64 25.77 29.13
N ASP I 169 -47.88 25.75 28.04
CA ASP I 169 -46.44 25.70 28.16
C ASP I 169 -45.86 27.06 28.51
N ASP I 170 -46.52 28.14 28.11
CA ASP I 170 -46.02 29.49 28.32
C ASP I 170 -46.62 30.18 29.53
N ILE I 171 -47.53 29.51 30.26
CA ILE I 171 -48.20 30.15 31.38
C ILE I 171 -47.20 30.65 32.39
N ASP I 172 -46.11 29.92 32.57
CA ASP I 172 -45.19 30.21 33.66
C ASP I 172 -44.19 31.28 33.29
N ALA I 173 -43.82 31.36 32.02
CA ALA I 173 -42.78 32.29 31.61
C ALA I 173 -43.29 33.72 31.58
N VAL I 174 -44.40 33.95 30.88
CA VAL I 174 -44.86 35.29 30.56
C VAL I 174 -46.22 35.57 31.18
N ILE I 175 -47.15 34.61 31.10
CA ILE I 175 -48.54 34.88 31.44
C ILE I 175 -48.67 35.29 32.89
N PHE I 176 -48.35 34.38 33.81
CA PHE I 176 -48.61 34.65 35.22
C PHE I 176 -47.79 35.81 35.74
N PRO I 177 -46.50 35.91 35.46
CA PRO I 177 -45.73 37.04 36.00
C PRO I 177 -46.24 38.38 35.49
N ASN I 178 -46.54 38.48 34.20
CA ASN I 178 -47.01 39.74 33.66
C ASN I 178 -48.38 40.09 34.23
N ALA I 179 -49.22 39.08 34.43
CA ALA I 179 -50.51 39.33 35.03
C ALA I 179 -50.35 39.90 36.43
N ILE I 180 -49.51 39.26 37.25
CA ILE I 180 -49.34 39.74 38.61
C ILE I 180 -48.64 41.08 38.61
N GLN I 181 -47.91 41.39 37.56
CA GLN I 181 -47.20 42.66 37.52
C GLN I 181 -48.13 43.80 37.18
N ARG I 182 -49.13 43.56 36.33
CA ARG I 182 -50.02 44.65 35.97
C ARG I 182 -50.67 45.26 37.19
N ILE I 183 -50.85 44.46 38.23
CA ILE I 183 -51.47 44.95 39.46
C ILE I 183 -50.61 46.04 40.09
N VAL I 184 -49.35 45.75 40.38
CA VAL I 184 -48.53 46.68 41.13
C VAL I 184 -48.41 48.01 40.40
N ASP I 185 -48.71 48.02 39.10
CA ASP I 185 -48.70 49.28 38.38
C ASP I 185 -49.89 50.13 38.79
N LEU I 186 -50.99 49.49 39.14
CA LEU I 186 -52.15 50.19 39.64
C LEU I 186 -51.97 50.52 41.11
N ALA I 187 -51.29 49.65 41.84
CA ALA I 187 -51.23 49.77 43.29
C ALA I 187 -50.40 50.97 43.71
N THR I 188 -49.22 51.13 43.13
CA THR I 188 -48.26 52.16 43.54
C THR I 188 -47.85 52.94 42.30
N ARG I 189 -48.65 53.92 41.93
CA ARG I 189 -48.33 54.79 40.82
C ARG I 189 -49.36 55.91 40.76
N SER I 190 -48.91 57.08 40.33
CA SER I 190 -49.76 58.26 40.22
C SER I 190 -50.22 58.39 38.78
N ASP I 191 -51.51 58.13 38.55
CA ASP I 191 -52.10 58.21 37.22
C ASP I 191 -53.35 59.09 37.29
N VAL I 192 -53.38 60.12 36.46
CA VAL I 192 -54.53 61.04 36.43
C VAL I 192 -55.52 60.45 35.44
N ASN I 193 -56.27 59.45 35.92
CA ASN I 193 -57.23 58.70 35.13
C ASN I 193 -58.08 57.88 36.09
N ASP I 194 -59.03 57.15 35.54
CA ASP I 194 -59.79 56.20 36.35
C ASP I 194 -58.89 55.04 36.75
N ARG I 195 -59.05 54.58 37.99
CA ARG I 195 -58.21 53.53 38.55
C ARG I 195 -59.00 52.27 38.85
N THR I 196 -60.04 52.00 38.07
CA THR I 196 -60.87 50.83 38.27
C THR I 196 -60.26 49.62 37.60
N VAL I 197 -60.71 48.44 38.02
CA VAL I 197 -60.28 47.17 37.45
C VAL I 197 -61.51 46.41 36.99
N GLU I 198 -61.43 45.83 35.79
CA GLU I 198 -62.46 44.95 35.28
C GLU I 198 -61.83 43.61 34.95
N PRO I 199 -62.50 42.51 35.26
CA PRO I 199 -61.91 41.19 35.02
C PRO I 199 -61.98 40.80 33.56
N LYS I 200 -63.08 41.14 32.91
CA LYS I 200 -63.32 40.70 31.55
C LYS I 200 -62.22 41.20 30.61
N THR I 201 -62.09 42.51 30.49
CA THR I 201 -61.17 43.09 29.51
C THR I 201 -59.73 42.73 29.84
N PHE I 202 -59.36 42.74 31.12
CA PHE I 202 -57.99 42.40 31.48
C PHE I 202 -57.68 40.95 31.15
N LEU I 203 -58.48 40.01 31.66
CA LEU I 203 -58.21 38.60 31.41
C LEU I 203 -58.25 38.28 29.93
N ALA I 204 -59.02 39.03 29.15
CA ALA I 204 -59.08 38.77 27.71
C ALA I 204 -57.87 39.35 26.99
N GLY I 205 -57.55 40.62 27.23
CA GLY I 205 -56.49 41.25 26.48
C GLY I 205 -55.12 40.74 26.84
N LEU I 206 -54.87 40.49 28.13
CA LEU I 206 -53.54 40.08 28.55
C LEU I 206 -53.05 38.86 27.78
N ARG I 207 -53.96 38.07 27.22
CA ARG I 207 -53.55 36.87 26.51
C ARG I 207 -52.67 37.20 25.31
N GLU I 208 -52.81 38.40 24.74
CA GLU I 208 -52.11 38.73 23.51
C GLU I 208 -50.68 39.20 23.77
N VAL I 209 -50.51 40.18 24.66
CA VAL I 209 -49.20 40.80 24.84
C VAL I 209 -48.19 39.78 25.29
N ARG I 210 -46.96 39.90 24.79
CA ARG I 210 -45.85 39.02 25.15
C ARG I 210 -44.59 39.86 25.36
N ARG I 211 -44.23 40.08 26.63
CA ARG I 211 -42.98 40.77 26.95
C ARG I 211 -42.60 40.38 28.39
N VAL I 212 -41.67 39.43 28.52
CA VAL I 212 -41.34 38.93 29.85
C VAL I 212 -40.87 40.06 30.74
N THR I 213 -41.14 39.92 32.04
CA THR I 213 -40.89 40.97 33.01
C THR I 213 -40.18 40.41 34.21
N PHE I 214 -39.03 41.00 34.55
CA PHE I 214 -38.33 40.71 35.78
C PHE I 214 -38.37 41.97 36.65
N THR I 215 -38.73 41.79 37.92
CA THR I 215 -38.85 42.92 38.84
C THR I 215 -38.33 42.48 40.19
N ARG I 216 -38.38 43.40 41.16
CA ARG I 216 -38.29 43.00 42.55
C ARG I 216 -39.45 42.11 42.92
N TRP I 217 -40.56 42.24 42.22
CA TRP I 217 -41.76 41.47 42.57
C TRP I 217 -41.65 40.03 42.09
N THR I 218 -41.49 39.84 40.78
CA THR I 218 -41.36 38.48 40.28
C THR I 218 -40.25 37.74 41.00
N ARG I 219 -39.15 38.42 41.29
CA ARG I 219 -38.05 37.80 42.00
C ARG I 219 -38.55 37.17 43.30
N GLU I 220 -39.21 37.96 44.14
CA GLU I 220 -39.74 37.40 45.37
C GLU I 220 -40.74 36.29 45.09
N LEU I 221 -41.38 36.31 43.92
CA LEU I 221 -42.34 35.28 43.56
C LEU I 221 -41.69 33.91 43.67
N ALA I 222 -42.50 32.85 43.63
CA ALA I 222 -41.99 31.54 43.96
C ALA I 222 -41.23 30.90 42.81
N THR I 223 -41.73 31.05 41.59
CA THR I 223 -41.21 30.34 40.44
C THR I 223 -40.25 31.19 39.61
N LYS I 224 -39.62 32.18 40.23
CA LYS I 224 -38.68 33.03 39.50
C LYS I 224 -37.56 32.21 38.88
N GLY I 225 -37.09 31.19 39.60
CA GLY I 225 -35.92 30.46 39.14
C GLY I 225 -36.15 29.76 37.81
N ARG I 226 -37.38 29.36 37.55
CA ARG I 226 -37.66 28.56 36.36
C ARG I 226 -37.84 29.44 35.14
N MET I 227 -38.32 30.67 35.33
CA MET I 227 -38.48 31.58 34.21
C MET I 227 -37.14 31.87 33.57
N PHE I 228 -36.12 32.09 34.39
CA PHE I 228 -34.77 32.30 33.89
C PHE I 228 -34.36 31.15 32.99
N SER I 229 -34.54 29.92 33.46
CA SER I 229 -34.03 28.77 32.73
C SER I 229 -34.79 28.56 31.44
N SER I 230 -36.09 28.81 31.47
CA SER I 230 -36.89 28.65 30.27
C SER I 230 -36.43 29.64 29.21
N LEU I 231 -36.33 30.92 29.58
CA LEU I 231 -35.93 31.92 28.62
C LEU I 231 -34.53 31.66 28.11
N ARG I 232 -33.65 31.15 28.97
CA ARG I 232 -32.30 30.86 28.54
C ARG I 232 -32.30 29.79 27.46
N LYS I 233 -32.85 28.62 27.79
CA LYS I 233 -32.95 27.57 26.81
C LYS I 233 -33.70 28.01 25.57
N SER I 234 -34.44 29.11 25.63
CA SER I 234 -35.18 29.55 24.45
C SER I 234 -34.26 30.23 23.45
N LEU I 235 -33.35 31.08 23.92
CA LEU I 235 -32.55 31.92 23.06
C LEU I 235 -31.19 31.32 22.74
N ARG I 236 -30.99 30.04 22.99
CA ARG I 236 -29.69 29.43 22.72
C ARG I 236 -29.34 29.56 21.25
N SER I 237 -30.23 29.13 20.36
CA SER I 237 -29.90 29.06 18.95
C SER I 237 -29.75 30.43 18.33
N CYS I 238 -30.53 31.40 18.77
CA CYS I 238 -30.48 32.72 18.18
C CYS I 238 -29.12 33.38 18.35
N LEU I 239 -28.23 32.79 19.15
CA LEU I 239 -26.95 33.40 19.45
C LEU I 239 -25.75 32.59 18.99
N ALA I 240 -25.88 31.27 18.88
CA ALA I 240 -24.73 30.45 18.55
C ALA I 240 -24.07 30.89 17.26
N HIS I 241 -24.86 31.30 16.27
CA HIS I 241 -24.30 31.67 14.98
C HIS I 241 -23.33 32.82 15.11
N ASN I 242 -22.36 32.87 14.20
CA ASN I 242 -21.36 33.92 14.21
C ASN I 242 -21.85 35.16 13.49
N SER I 243 -22.32 35.00 12.28
CA SER I 243 -22.68 36.10 11.41
C SER I 243 -24.17 36.37 11.51
N ARG I 244 -24.52 37.54 12.01
CA ARG I 244 -25.91 37.96 12.16
C ARG I 244 -25.92 39.47 12.31
N TRP I 245 -27.11 40.04 12.23
CA TRP I 245 -27.33 41.46 12.42
C TRP I 245 -28.22 41.62 13.65
N ARG I 246 -27.60 42.04 14.75
CA ARG I 246 -28.28 42.17 16.03
C ARG I 246 -28.31 43.64 16.44
N VAL I 247 -29.43 44.07 16.98
CA VAL I 247 -29.70 45.47 17.25
C VAL I 247 -30.42 45.59 18.58
N PHE I 248 -29.92 46.46 19.44
CA PHE I 248 -30.50 46.74 20.74
C PHE I 248 -31.03 48.16 20.80
N VAL I 249 -31.98 48.38 21.70
CA VAL I 249 -32.48 49.72 22.01
C VAL I 249 -32.87 49.74 23.48
N ILE I 250 -32.40 50.74 24.22
CA ILE I 250 -32.58 50.80 25.65
C ILE I 250 -33.01 52.19 26.07
N ASN I 251 -33.79 52.25 27.15
CA ASN I 251 -34.17 53.48 27.82
C ASN I 251 -33.74 53.38 29.28
N PRO I 252 -32.90 54.27 29.79
CA PRO I 252 -32.31 54.06 31.11
C PRO I 252 -33.06 54.72 32.26
N LEU I 253 -34.05 55.56 31.98
CA LEU I 253 -34.70 56.33 33.04
C LEU I 253 -35.05 55.45 34.23
N THR I 254 -35.45 54.22 33.97
CA THR I 254 -35.93 53.34 35.02
C THR I 254 -34.88 52.38 35.52
N ILE I 255 -33.72 52.32 34.88
CA ILE I 255 -32.70 51.38 35.29
C ILE I 255 -31.97 51.92 36.51
N GLU I 256 -31.32 51.03 37.23
CA GLU I 256 -30.61 51.38 38.46
C GLU I 256 -29.11 51.24 38.23
N ASN I 257 -28.39 52.34 38.45
CA ASN I 257 -26.93 52.34 38.38
C ASN I 257 -26.45 52.10 36.95
N PHE I 258 -26.94 52.94 36.05
CA PHE I 258 -26.71 52.74 34.62
C PHE I 258 -25.29 53.11 34.22
N ASP I 259 -24.89 54.34 34.57
CA ASP I 259 -23.69 54.93 33.98
C ASP I 259 -22.43 54.19 34.38
N ASP I 260 -22.49 53.27 35.34
CA ASP I 260 -21.31 52.58 35.80
C ASP I 260 -21.35 51.07 35.59
N ASP I 261 -22.46 50.52 35.10
CA ASP I 261 -22.52 49.12 34.75
C ASP I 261 -22.78 48.87 33.27
N ILE I 262 -23.33 49.85 32.55
CA ILE I 262 -23.51 49.69 31.11
C ILE I 262 -22.19 49.42 30.45
N VAL I 263 -21.13 50.09 30.90
CA VAL I 263 -19.81 49.89 30.33
C VAL I 263 -19.41 48.43 30.46
N ARG I 264 -19.57 47.88 31.66
CA ARG I 264 -19.19 46.50 31.90
C ARG I 264 -19.99 45.56 31.01
N PHE I 265 -21.30 45.78 30.92
CA PHE I 265 -22.15 44.91 30.13
C PHE I 265 -21.73 44.92 28.66
N ILE I 266 -21.58 46.12 28.10
CA ILE I 266 -21.17 46.26 26.71
C ILE I 266 -19.83 45.58 26.50
N LYS I 267 -18.91 45.76 27.44
CA LYS I 267 -17.58 45.22 27.29
C LYS I 267 -17.62 43.71 27.21
N ALA I 268 -18.38 43.09 28.10
CA ALA I 268 -18.46 41.64 28.11
C ALA I 268 -19.08 41.13 26.82
N PHE I 269 -20.19 41.74 26.41
CA PHE I 269 -20.87 41.26 25.22
C PHE I 269 -19.97 41.37 24.01
N VAL I 270 -19.27 42.49 23.88
CA VAL I 270 -18.35 42.65 22.76
C VAL I 270 -17.20 41.66 22.89
N GLN I 271 -16.93 41.18 24.10
CA GLN I 271 -15.83 40.25 24.27
C GLN I 271 -16.20 38.86 23.82
N ARG I 272 -17.47 38.48 23.94
CA ARG I 272 -17.86 37.14 23.56
C ARG I 272 -18.63 37.07 22.25
N TYR I 273 -18.74 38.16 21.51
CA TYR I 273 -19.35 38.06 20.19
C TYR I 273 -18.75 38.94 19.10
N SER I 274 -17.68 39.69 19.38
CA SER I 274 -17.12 40.53 18.33
C SER I 274 -15.59 40.59 18.39
N SER I 275 -14.95 39.52 18.84
CA SER I 275 -13.49 39.45 18.87
C SER I 275 -13.09 38.16 18.17
N LYS I 276 -13.03 38.22 16.84
CA LYS I 276 -12.68 37.08 16.01
C LYS I 276 -12.73 37.53 14.56
N TYR I 277 -12.19 36.70 13.69
CA TYR I 277 -12.24 36.95 12.25
C TYR I 277 -13.65 36.83 11.72
N LEU I 278 -14.23 35.63 11.82
CA LEU I 278 -15.50 35.36 11.18
C LEU I 278 -16.56 36.37 11.54
N HIS I 279 -16.54 36.87 12.76
CA HIS I 279 -17.54 37.84 13.17
C HIS I 279 -17.47 39.06 12.28
N SER I 280 -18.51 39.25 11.48
CA SER I 280 -18.48 40.22 10.40
C SER I 280 -19.72 41.10 10.37
N ASN I 281 -20.35 41.31 11.49
CA ASN I 281 -21.49 42.20 11.58
C ASN I 281 -21.66 42.65 13.02
N PRO I 282 -20.94 43.70 13.42
CA PRO I 282 -20.98 44.13 14.80
C PRO I 282 -22.33 44.74 15.15
N PRO I 283 -22.72 44.67 16.40
CA PRO I 283 -24.05 45.14 16.78
C PRO I 283 -24.14 46.65 16.86
N LEU I 284 -25.36 47.10 17.12
CA LEU I 284 -25.69 48.51 17.21
C LEU I 284 -26.44 48.73 18.50
N PHE I 285 -25.77 49.34 19.46
CA PHE I 285 -26.39 49.74 20.71
C PHE I 285 -26.92 51.15 20.54
N MET I 286 -28.21 51.33 20.78
CA MET I 286 -28.87 52.61 20.67
C MET I 286 -29.53 52.95 21.98
N LEU I 287 -29.47 54.23 22.35
CA LEU I 287 -30.08 54.72 23.56
C LEU I 287 -31.12 55.77 23.24
N THR I 288 -32.21 55.75 24.00
CA THR I 288 -33.32 56.68 23.83
C THR I 288 -33.35 57.64 25.02
N GLY I 289 -33.74 58.89 24.74
CA GLY I 289 -33.75 59.89 25.77
C GLY I 289 -32.91 61.11 25.44
N ASP I 290 -32.20 61.62 26.44
CA ASP I 290 -31.32 62.76 26.27
C ASP I 290 -29.87 62.45 26.62
N TYR I 291 -29.58 61.22 27.01
CA TYR I 291 -28.24 60.83 27.39
C TYR I 291 -27.22 61.30 26.36
N ASP I 292 -26.00 61.53 26.81
CA ASP I 292 -24.91 61.97 25.97
C ASP I 292 -23.95 60.83 25.71
N LEU I 293 -23.38 60.81 24.51
CA LEU I 293 -22.52 59.72 24.08
C LEU I 293 -21.05 60.04 24.23
N SER I 294 -20.71 61.30 24.46
CA SER I 294 -19.31 61.70 24.52
C SER I 294 -18.57 60.93 25.60
N VAL I 295 -19.10 60.97 26.82
CA VAL I 295 -18.43 60.33 27.93
C VAL I 295 -18.29 58.84 27.69
N LEU I 296 -19.33 58.22 27.18
CA LEU I 296 -19.31 56.77 27.03
C LEU I 296 -18.30 56.36 25.97
N GLN I 297 -18.21 57.13 24.91
CA GLN I 297 -17.24 56.83 23.87
C GLN I 297 -15.84 56.99 24.40
N LYS I 298 -15.61 58.02 25.21
CA LYS I 298 -14.28 58.22 25.78
C LYS I 298 -13.91 57.06 26.67
N ARG I 299 -14.86 56.59 27.47
CA ARG I 299 -14.57 55.47 28.35
C ARG I 299 -14.25 54.22 27.56
N LEU I 300 -15.10 53.90 26.57
CA LEU I 300 -14.88 52.70 25.79
C LEU I 300 -13.56 52.77 25.06
N TYR I 301 -13.10 53.97 24.73
CA TYR I 301 -11.76 54.11 24.17
C TYR I 301 -10.71 53.79 25.23
N ASP I 302 -10.95 54.23 26.46
CA ASP I 302 -9.99 53.93 27.51
C ASP I 302 -9.87 52.43 27.74
N ALA I 303 -10.94 51.69 27.49
CA ALA I 303 -10.95 50.27 27.82
C ALA I 303 -10.12 49.46 26.84
N GLY I 304 -10.11 49.86 25.58
CA GLY I 304 -9.38 49.12 24.56
C GLY I 304 -10.16 48.95 23.28
N LEU I 305 -11.43 49.35 23.28
CA LEU I 305 -12.33 49.14 22.17
C LEU I 305 -12.66 50.48 21.50
N ARG I 306 -12.83 50.44 20.19
CA ARG I 306 -13.23 51.60 19.41
C ARG I 306 -14.71 51.54 19.06
N CYS I 307 -15.22 52.65 18.56
CA CYS I 307 -16.64 52.79 18.25
C CYS I 307 -16.81 53.54 16.94
N GLU I 308 -17.90 53.22 16.23
CA GLU I 308 -18.28 53.90 14.99
C GLU I 308 -19.50 54.76 15.27
N THR I 309 -19.26 56.05 15.49
CA THR I 309 -20.35 56.94 15.85
C THR I 309 -21.38 57.04 14.74
N GLY I 310 -20.92 57.00 13.50
CA GLY I 310 -21.76 57.22 12.36
C GLY I 310 -21.60 58.58 11.70
N LYS I 311 -20.87 59.48 12.34
CA LYS I 311 -20.83 60.87 11.88
C LYS I 311 -19.64 61.12 10.97
N VAL I 312 -19.81 62.10 10.09
CA VAL I 312 -18.75 62.68 9.30
C VAL I 312 -18.96 64.18 9.32
N GLY I 313 -18.28 64.86 10.24
CA GLY I 313 -18.43 66.29 10.38
C GLY I 313 -19.21 66.75 11.59
N GLY I 314 -19.37 65.90 12.59
CA GLY I 314 -19.93 66.35 13.87
C GLY I 314 -21.21 67.13 13.77
N THR I 315 -22.04 66.86 12.77
CA THR I 315 -23.37 67.44 12.71
C THR I 315 -24.48 66.39 12.77
N ASP I 316 -24.49 65.42 11.86
CA ASP I 316 -25.63 64.53 11.72
C ASP I 316 -25.17 63.13 11.40
N VAL I 317 -26.14 62.24 11.21
CA VAL I 317 -25.90 60.83 10.97
C VAL I 317 -26.21 60.49 9.53
N ILE I 318 -25.38 59.66 8.93
CA ILE I 318 -25.53 59.19 7.57
C ILE I 318 -25.79 57.71 7.62
N ILE I 319 -26.99 57.31 7.18
CA ILE I 319 -27.42 55.93 7.36
C ILE I 319 -26.46 54.97 6.67
N LYS I 320 -25.80 55.44 5.61
CA LYS I 320 -24.96 54.54 4.83
C LYS I 320 -23.63 54.26 5.53
N GLU I 321 -23.05 55.27 6.16
CA GLU I 321 -21.76 55.14 6.79
C GLU I 321 -21.86 54.65 8.22
N LEU I 322 -22.95 53.95 8.54
CA LEU I 322 -23.17 53.39 9.86
C LEU I 322 -23.50 51.91 9.79
N PHE I 323 -23.48 51.33 8.60
CA PHE I 323 -23.83 49.93 8.41
C PHE I 323 -22.81 49.18 7.57
N ARG I 324 -21.64 49.76 7.34
CA ARG I 324 -20.69 49.17 6.42
C ARG I 324 -20.00 47.96 7.04
N ARG I 325 -19.28 47.28 6.21
CA ARG I 325 -18.51 46.11 6.60
C ARG I 325 -17.11 46.54 7.01
N PRO I 326 -16.63 46.10 8.18
CA PRO I 326 -15.33 46.55 8.65
C PRO I 326 -14.19 45.77 8.07
N ILE I 327 -13.02 46.41 8.05
CA ILE I 327 -11.82 45.76 7.59
C ILE I 327 -11.35 44.78 8.65
N LEU I 328 -10.87 43.63 8.21
CA LEU I 328 -10.41 42.59 9.11
C LEU I 328 -9.13 41.98 8.58
N ILE I 329 -8.15 41.82 9.46
CA ILE I 329 -6.90 41.14 9.14
C ILE I 329 -6.73 39.97 10.07
N ARG I 330 -6.13 38.90 9.57
CA ARG I 330 -6.12 37.62 10.26
C ARG I 330 -5.01 37.52 11.30
N ASN I 331 -3.76 37.55 10.85
CA ASN I 331 -2.62 37.27 11.70
C ASN I 331 -1.62 38.41 11.62
N PRO I 332 -1.52 39.25 12.66
CA PRO I 332 -2.27 39.18 13.92
C PRO I 332 -3.73 39.55 13.74
N PHE I 333 -4.51 39.40 14.81
CA PHE I 333 -5.91 39.79 14.75
C PHE I 333 -6.05 41.28 15.01
N ARG I 334 -6.96 41.91 14.26
CA ARG I 334 -7.22 43.32 14.42
C ARG I 334 -8.49 43.67 13.67
N MET I 335 -9.13 44.74 14.12
CA MET I 335 -10.40 45.16 13.60
C MET I 335 -10.45 46.67 13.55
N GLU I 336 -11.21 47.19 12.60
CA GLU I 336 -11.40 48.64 12.51
C GLU I 336 -12.34 49.13 13.60
N PHE I 337 -13.44 48.41 13.83
CA PHE I 337 -14.32 48.75 14.93
C PHE I 337 -15.00 47.50 15.45
N SER I 338 -15.38 47.55 16.71
CA SER I 338 -16.02 46.44 17.41
C SER I 338 -17.48 46.66 17.72
N LEU I 339 -17.94 47.90 17.74
CA LEU I 339 -19.34 48.16 18.01
C LEU I 339 -19.77 49.48 17.39
N ARG I 340 -21.08 49.67 17.33
CA ARG I 340 -21.71 50.85 16.76
C ARG I 340 -22.60 51.50 17.81
N LEU I 341 -22.65 52.82 17.81
CA LEU I 341 -23.44 53.57 18.78
C LEU I 341 -24.10 54.76 18.10
N ALA I 342 -25.33 55.05 18.50
CA ALA I 342 -26.05 56.19 17.98
C ALA I 342 -27.37 56.34 18.70
N LYS I 343 -27.77 57.58 18.93
CA LYS I 343 -29.09 57.87 19.47
C LYS I 343 -30.17 57.55 18.45
N ARG I 344 -31.36 57.24 18.96
CA ARG I 344 -32.43 56.80 18.08
C ARG I 344 -32.97 57.95 17.24
N ASP I 345 -33.22 59.10 17.85
CA ASP I 345 -33.93 60.16 17.16
C ASP I 345 -33.21 60.57 15.89
N GLU I 346 -31.88 60.52 15.90
CA GLU I 346 -31.12 60.98 14.75
C GLU I 346 -31.20 59.98 13.61
N VAL I 347 -31.37 58.71 13.92
CA VAL I 347 -31.35 57.65 12.92
C VAL I 347 -32.71 57.67 12.24
N ILE I 348 -32.81 58.41 11.14
CA ILE I 348 -34.05 58.61 10.42
C ILE I 348 -33.87 57.94 9.07
N GLY I 349 -34.40 56.73 8.94
CA GLY I 349 -34.29 56.00 7.70
C GLY I 349 -34.50 54.52 7.95
N GLY I 350 -34.07 53.73 6.96
CA GLY I 350 -34.13 52.30 7.07
C GLY I 350 -32.94 51.65 6.41
N PRO I 351 -32.53 50.50 6.94
CA PRO I 351 -31.35 49.82 6.41
C PRO I 351 -31.63 49.06 5.12
N GLN I 352 -30.56 48.46 4.61
CA GLN I 352 -30.66 47.68 3.39
C GLN I 352 -31.24 46.30 3.64
N ARG I 353 -30.94 45.71 4.78
CA ARG I 353 -31.47 44.42 5.17
C ARG I 353 -32.17 44.53 6.50
N ARG I 354 -33.16 43.72 6.68
CA ARG I 354 -33.91 43.77 7.90
C ARG I 354 -33.22 42.93 8.97
N PRO I 355 -33.13 43.42 10.19
CA PRO I 355 -32.40 42.70 11.23
C PRO I 355 -33.00 41.34 11.52
N ASP I 356 -32.13 40.41 11.87
CA ASP I 356 -32.57 39.07 12.20
C ASP I 356 -33.09 38.99 13.62
N GLU I 357 -32.63 39.88 14.49
CA GLU I 357 -33.09 39.92 15.87
C GLU I 357 -33.05 41.35 16.37
N LEU I 358 -34.07 41.73 17.13
CA LEU I 358 -34.25 43.10 17.61
C LEU I 358 -34.73 43.05 19.05
N PHE I 359 -33.79 43.11 19.98
CA PHE I 359 -34.14 43.22 21.38
C PHE I 359 -34.52 44.65 21.72
N LEU I 360 -35.55 44.79 22.54
CA LEU I 360 -36.03 46.09 22.98
C LEU I 360 -36.27 46.03 24.49
N ILE I 361 -35.45 46.74 25.25
CA ILE I 361 -35.56 46.78 26.70
C ILE I 361 -36.31 48.03 27.10
N ASN I 362 -37.39 47.86 27.84
CA ASN I 362 -38.16 48.95 28.41
C ASN I 362 -38.53 50.00 27.37
N VAL I 363 -38.97 49.52 26.22
CA VAL I 363 -39.61 50.35 25.21
C VAL I 363 -40.79 49.58 24.64
N ALA I 364 -41.85 50.29 24.30
CA ALA I 364 -43.10 49.64 23.96
C ALA I 364 -43.17 49.26 22.49
N ASP I 365 -42.90 50.21 21.61
CA ASP I 365 -43.03 49.96 20.18
C ASP I 365 -41.93 50.72 19.46
N ASP I 366 -41.53 50.16 18.32
CA ASP I 366 -40.48 50.73 17.49
C ASP I 366 -40.85 50.55 16.03
N GLU I 367 -40.35 51.46 15.21
CA GLU I 367 -40.76 51.52 13.81
C GLU I 367 -40.22 50.36 12.99
N TRP I 368 -39.27 49.62 13.51
CA TRP I 368 -38.60 48.58 12.75
C TRP I 368 -39.27 47.22 12.90
N LYS I 369 -40.33 47.12 13.70
CA LYS I 369 -41.04 45.87 13.79
C LYS I 369 -41.53 45.46 12.41
N HIS I 370 -41.67 44.16 12.21
CA HIS I 370 -42.09 43.63 10.93
C HIS I 370 -42.43 42.16 11.10
N GLU I 371 -42.71 41.50 9.99
CA GLU I 371 -43.08 40.10 10.05
C GLU I 371 -41.85 39.21 10.08
N ASP I 372 -40.84 39.56 9.27
CA ASP I 372 -39.65 38.72 9.19
C ASP I 372 -38.78 38.86 10.43
N VAL I 373 -38.59 40.09 10.91
CA VAL I 373 -37.71 40.34 12.03
C VAL I 373 -38.34 39.77 13.30
N ASN I 374 -37.63 38.87 13.96
CA ASN I 374 -38.08 38.41 15.25
C ASN I 374 -38.01 39.54 16.26
N VAL I 375 -38.70 39.36 17.36
CA VAL I 375 -38.75 40.37 18.40
C VAL I 375 -38.60 39.69 19.74
N HIS I 376 -38.08 40.45 20.69
CA HIS I 376 -37.84 39.96 22.03
C HIS I 376 -37.79 41.19 22.94
N GLY I 377 -38.88 41.44 23.64
CA GLY I 377 -38.99 42.66 24.43
C GLY I 377 -39.21 42.40 25.89
N PHE I 378 -38.25 42.83 26.71
CA PHE I 378 -38.22 42.51 28.12
C PHE I 378 -38.59 43.74 28.95
N LYS I 379 -38.47 43.62 30.27
CA LYS I 379 -38.71 44.72 31.21
C LYS I 379 -37.86 44.49 32.45
N ILE I 380 -36.75 45.20 32.54
CA ILE I 380 -35.73 44.91 33.52
C ILE I 380 -35.51 46.10 34.43
N GLU I 381 -34.81 45.84 35.53
CA GLU I 381 -34.46 46.83 36.54
C GLU I 381 -32.98 46.86 36.83
N ARG I 382 -32.32 45.71 36.87
CA ARG I 382 -30.93 45.58 37.22
C ARG I 382 -30.21 44.79 36.15
N LEU I 383 -29.30 45.45 35.42
CA LEU I 383 -28.70 44.86 34.23
C LEU I 383 -27.94 43.57 34.52
N SER I 384 -27.73 43.25 35.79
CA SER I 384 -27.06 42.01 36.11
C SER I 384 -27.90 40.79 35.75
N ASP I 385 -29.18 40.99 35.44
CA ASP I 385 -30.07 39.87 35.14
C ASP I 385 -29.91 39.40 33.71
N LEU I 386 -30.06 40.31 32.76
CA LEU I 386 -30.00 39.95 31.35
C LEU I 386 -28.74 39.19 31.01
N GLU I 387 -27.67 39.44 31.73
CA GLU I 387 -26.40 38.80 31.45
C GLU I 387 -26.50 37.29 31.58
N TYR I 388 -27.31 36.82 32.52
CA TYR I 388 -27.50 35.39 32.68
C TYR I 388 -28.24 34.82 31.49
N ILE I 389 -29.35 35.47 31.11
CA ILE I 389 -30.14 34.99 30.00
C ILE I 389 -29.29 34.90 28.75
N LEU I 390 -28.35 35.82 28.58
CA LEU I 390 -27.49 35.86 27.41
C LEU I 390 -26.22 35.06 27.59
N GLN I 391 -26.11 34.27 28.64
CA GLN I 391 -25.04 33.31 28.87
C GLN I 391 -23.71 33.95 29.26
N LEU I 392 -23.68 35.24 29.53
CA LEU I 392 -22.40 35.87 29.86
C LEU I 392 -21.84 35.35 31.17
N ARG I 393 -22.65 35.30 32.22
CA ARG I 393 -22.20 34.91 33.54
C ARG I 393 -23.01 33.71 34.04
N SER I 394 -22.56 33.15 35.16
CA SER I 394 -22.98 31.82 35.55
C SER I 394 -24.25 31.81 36.38
N ASP I 395 -24.21 32.46 37.55
CA ASP I 395 -25.26 32.32 38.54
C ASP I 395 -25.75 33.67 39.02
N TYR I 396 -27.05 33.74 39.32
CA TYR I 396 -27.66 34.96 39.81
C TYR I 396 -27.49 35.06 41.32
N ALA I 397 -27.67 36.28 41.83
CA ALA I 397 -27.56 36.56 43.26
C ALA I 397 -26.29 35.96 43.85
N ALA J 222 11.27 88.69 -14.24
CA ALA J 222 10.38 89.22 -13.21
C ALA J 222 10.96 88.97 -11.82
N THR J 223 11.90 88.04 -11.73
CA THR J 223 12.57 87.61 -10.51
C THR J 223 11.68 86.71 -9.66
N LYS J 224 10.43 86.47 -10.07
CA LYS J 224 9.55 85.55 -9.35
C LYS J 224 9.54 84.16 -9.95
N GLY J 225 9.41 84.05 -11.27
CA GLY J 225 9.34 82.74 -11.89
C GLY J 225 10.59 81.90 -11.63
N ARG J 226 11.75 82.52 -11.74
CA ARG J 226 12.98 81.77 -11.55
C ARG J 226 13.15 81.31 -10.11
N MET J 227 12.66 82.10 -9.16
CA MET J 227 12.62 81.64 -7.78
C MET J 227 11.90 80.31 -7.69
N PHE J 228 10.69 80.25 -8.27
CA PHE J 228 9.89 79.05 -8.18
C PHE J 228 10.55 77.90 -8.90
N SER J 229 11.22 78.18 -10.01
CA SER J 229 11.90 77.11 -10.74
C SER J 229 13.02 76.51 -9.91
N SER J 230 13.87 77.36 -9.35
CA SER J 230 14.94 76.86 -8.51
C SER J 230 14.39 76.06 -7.35
N LEU J 231 13.30 76.53 -6.76
CA LEU J 231 12.67 75.78 -5.69
C LEU J 231 12.26 74.41 -6.16
N ARG J 232 11.50 74.36 -7.25
CA ARG J 232 11.01 73.08 -7.76
C ARG J 232 12.16 72.13 -8.00
N LYS J 233 13.31 72.67 -8.37
CA LYS J 233 14.46 71.81 -8.57
C LYS J 233 15.05 71.34 -7.26
N SER J 234 14.93 72.16 -6.21
CA SER J 234 15.54 71.82 -4.94
C SER J 234 14.86 70.63 -4.27
N LEU J 235 13.58 70.42 -4.54
CA LEU J 235 12.76 69.49 -3.77
C LEU J 235 12.57 68.15 -4.45
N ARG J 236 13.20 67.91 -5.59
CA ARG J 236 12.86 66.76 -6.40
C ARG J 236 13.16 65.46 -5.66
N SER J 237 14.15 65.47 -4.78
CA SER J 237 14.55 64.25 -4.11
C SER J 237 13.71 63.96 -2.89
N CYS J 238 13.30 65.00 -2.16
CA CYS J 238 12.52 64.79 -0.95
C CYS J 238 11.19 64.15 -1.25
N LEU J 239 10.76 64.17 -2.52
CA LEU J 239 9.50 63.60 -2.93
C LEU J 239 9.67 62.35 -3.77
N ALA J 240 10.89 61.84 -3.90
CA ALA J 240 11.07 60.59 -4.63
C ALA J 240 10.84 59.38 -3.73
N HIS J 241 11.26 59.48 -2.47
CA HIS J 241 11.03 58.38 -1.55
C HIS J 241 9.54 58.11 -1.41
N ASN J 242 9.23 56.91 -0.92
CA ASN J 242 7.85 56.50 -0.74
C ASN J 242 7.36 56.77 0.68
N SER J 243 8.10 56.30 1.66
CA SER J 243 7.67 56.32 3.05
C SER J 243 8.40 57.43 3.79
N ARG J 244 7.69 58.51 4.07
CA ARG J 244 8.24 59.61 4.86
C ARG J 244 7.09 60.31 5.56
N TRP J 245 7.45 61.16 6.52
CA TRP J 245 6.51 61.84 7.38
C TRP J 245 6.56 63.33 7.07
N ARG J 246 5.59 63.80 6.31
CA ARG J 246 5.51 65.18 5.87
C ARG J 246 4.44 65.95 6.64
N VAL J 247 4.59 67.26 6.68
CA VAL J 247 3.68 68.14 7.40
C VAL J 247 3.52 69.46 6.66
N PHE J 248 2.35 70.06 6.81
CA PHE J 248 2.02 71.36 6.26
C PHE J 248 1.33 72.20 7.32
N VAL J 249 1.59 73.50 7.29
CA VAL J 249 0.96 74.46 8.20
C VAL J 249 0.59 75.69 7.37
N ILE J 250 -0.69 75.87 7.11
CA ILE J 250 -1.16 76.90 6.22
C ILE J 250 -1.95 77.95 6.99
N ASN J 251 -2.14 79.10 6.37
CA ASN J 251 -2.93 80.20 6.90
C ASN J 251 -3.65 80.90 5.76
N PRO J 252 -4.98 80.94 5.77
CA PRO J 252 -5.71 81.45 4.61
C PRO J 252 -5.95 82.94 4.57
N LEU J 253 -5.75 83.65 5.68
CA LEU J 253 -6.06 85.08 5.71
C LEU J 253 -5.15 85.90 4.84
N THR J 254 -4.24 85.28 4.09
CA THR J 254 -3.33 86.00 3.21
C THR J 254 -3.22 85.32 1.86
N ILE J 255 -4.16 84.46 1.51
CA ILE J 255 -4.16 83.75 0.24
C ILE J 255 -5.47 84.03 -0.48
N GLU J 256 -5.39 84.05 -1.79
CA GLU J 256 -6.56 84.33 -2.62
C GLU J 256 -7.30 83.06 -2.95
N ASN J 257 -8.62 83.09 -2.74
CA ASN J 257 -9.51 82.03 -3.20
C ASN J 257 -9.11 80.67 -2.62
N PHE J 258 -9.18 80.57 -1.29
CA PHE J 258 -8.76 79.35 -0.63
C PHE J 258 -9.89 78.32 -0.63
N ASP J 259 -11.08 78.76 -0.22
CA ASP J 259 -12.21 77.88 -0.07
C ASP J 259 -12.62 77.21 -1.38
N ASP J 260 -12.07 77.68 -2.50
CA ASP J 260 -12.45 77.17 -3.80
C ASP J 260 -11.47 76.14 -4.34
N ASP J 261 -10.21 76.20 -3.91
CA ASP J 261 -9.15 75.40 -4.50
C ASP J 261 -8.52 74.41 -3.54
N ILE J 262 -8.80 74.54 -2.23
CA ILE J 262 -8.19 73.64 -1.26
C ILE J 262 -8.51 72.20 -1.59
N VAL J 263 -9.77 71.93 -1.96
CA VAL J 263 -10.20 70.55 -2.17
C VAL J 263 -9.45 69.92 -3.32
N ARG J 264 -9.40 70.63 -4.46
CA ARG J 264 -8.67 70.11 -5.61
C ARG J 264 -7.22 69.86 -5.27
N PHE J 265 -6.59 70.80 -4.57
CA PHE J 265 -5.20 70.61 -4.18
C PHE J 265 -5.03 69.33 -3.38
N ILE J 266 -5.83 69.18 -2.32
CA ILE J 266 -5.70 68.02 -1.47
C ILE J 266 -5.92 66.74 -2.27
N LYS J 267 -6.90 66.75 -3.16
CA LYS J 267 -7.25 65.53 -3.87
C LYS J 267 -6.13 65.13 -4.80
N ALA J 268 -5.53 66.09 -5.48
CA ALA J 268 -4.43 65.76 -6.38
C ALA J 268 -3.27 65.20 -5.59
N PHE J 269 -2.92 65.84 -4.48
CA PHE J 269 -1.80 65.38 -3.68
C PHE J 269 -2.05 63.97 -3.18
N VAL J 270 -3.28 63.68 -2.77
CA VAL J 270 -3.60 62.35 -2.28
C VAL J 270 -3.61 61.35 -3.41
N GLN J 271 -3.86 61.80 -4.63
CA GLN J 271 -3.94 60.85 -5.74
C GLN J 271 -2.57 60.50 -6.28
N ARG J 272 -1.60 61.40 -6.15
CA ARG J 272 -0.27 61.06 -6.65
C ARG J 272 0.60 60.42 -5.58
N TYR J 273 0.60 60.95 -4.37
CA TYR J 273 1.58 60.60 -3.36
C TYR J 273 1.05 59.70 -2.25
N SER J 274 -0.23 59.36 -2.26
CA SER J 274 -0.77 58.56 -1.17
C SER J 274 -1.83 57.56 -1.65
N SER J 275 -1.67 57.03 -2.86
CA SER J 275 -2.68 56.14 -3.42
C SER J 275 -2.07 54.80 -3.84
N LYS J 276 -1.13 54.29 -3.06
CA LYS J 276 -0.51 53.01 -3.34
C LYS J 276 -0.06 52.36 -2.05
N TYR J 277 0.24 51.07 -2.14
CA TYR J 277 0.55 50.29 -0.96
C TYR J 277 1.84 50.77 -0.31
N LEU J 278 2.91 50.85 -1.10
CA LEU J 278 4.20 51.24 -0.55
C LEU J 278 4.12 52.57 0.20
N HIS J 279 3.16 53.42 -0.14
CA HIS J 279 3.00 54.72 0.52
C HIS J 279 2.34 54.49 1.87
N SER J 280 3.17 54.24 2.87
CA SER J 280 2.66 53.83 4.17
C SER J 280 2.14 55.02 4.96
N ASN J 281 3.02 55.96 5.30
CA ASN J 281 2.65 57.05 6.20
C ASN J 281 2.08 58.20 5.40
N PRO J 282 0.84 58.61 5.65
CA PRO J 282 0.32 59.77 4.99
C PRO J 282 0.70 61.04 5.72
N PRO J 283 0.27 62.18 5.21
CA PRO J 283 0.66 63.47 5.76
C PRO J 283 -0.30 64.02 6.80
N LEU J 284 0.05 65.18 7.32
CA LEU J 284 -0.75 65.93 8.26
C LEU J 284 -0.93 67.34 7.76
N PHE J 285 -2.15 67.68 7.38
CA PHE J 285 -2.49 69.02 6.96
C PHE J 285 -3.08 69.75 8.16
N MET J 286 -2.44 70.82 8.57
CA MET J 286 -2.89 71.64 9.68
C MET J 286 -3.18 73.05 9.20
N LEU J 287 -3.95 73.78 9.99
CA LEU J 287 -4.35 75.13 9.67
C LEU J 287 -4.30 76.01 10.90
N THR J 288 -4.24 77.32 10.67
CA THR J 288 -4.12 78.32 11.71
C THR J 288 -5.18 79.39 11.52
N GLY J 289 -5.93 79.66 12.59
CA GLY J 289 -6.95 80.68 12.59
C GLY J 289 -8.23 80.17 13.22
N ASP J 290 -9.34 80.79 12.84
CA ASP J 290 -10.66 80.45 13.36
C ASP J 290 -11.47 79.64 12.37
N TYR J 291 -10.82 78.90 11.48
CA TYR J 291 -11.51 78.18 10.43
C TYR J 291 -12.27 76.99 10.99
N ASP J 292 -13.29 76.57 10.25
CA ASP J 292 -14.14 75.45 10.64
C ASP J 292 -13.81 74.26 9.75
N LEU J 293 -13.40 73.16 10.37
CA LEU J 293 -12.99 71.99 9.62
C LEU J 293 -14.20 71.18 9.15
N SER J 294 -15.36 71.42 9.74
CA SER J 294 -16.51 70.56 9.50
C SER J 294 -16.91 70.57 8.02
N VAL J 295 -17.07 71.75 7.47
CA VAL J 295 -17.55 71.86 6.09
C VAL J 295 -16.56 71.22 5.15
N LEU J 296 -15.27 71.46 5.38
CA LEU J 296 -14.26 70.92 4.50
C LEU J 296 -14.25 69.41 4.58
N GLN J 297 -14.51 68.87 5.78
CA GLN J 297 -14.54 67.42 5.94
C GLN J 297 -15.70 66.83 5.16
N LYS J 298 -16.87 67.44 5.27
CA LYS J 298 -18.02 66.94 4.53
C LYS J 298 -17.76 66.99 3.04
N ARG J 299 -17.19 68.08 2.57
CA ARG J 299 -16.90 68.20 1.15
C ARG J 299 -15.95 67.11 0.70
N LEU J 300 -14.86 66.91 1.44
CA LEU J 300 -13.88 65.92 1.04
C LEU J 300 -14.51 64.54 1.01
N TYR J 301 -15.41 64.25 1.94
CA TYR J 301 -16.12 62.98 1.87
C TYR J 301 -16.91 62.89 0.59
N ASP J 302 -17.64 63.94 0.26
CA ASP J 302 -18.46 63.92 -0.95
C ASP J 302 -17.58 63.77 -2.19
N ALA J 303 -16.32 64.15 -2.10
CA ALA J 303 -15.41 63.95 -3.23
C ALA J 303 -14.93 62.51 -3.32
N GLY J 304 -14.85 61.82 -2.19
CA GLY J 304 -14.46 60.42 -2.19
C GLY J 304 -13.44 60.02 -1.16
N LEU J 305 -12.78 60.98 -0.53
CA LEU J 305 -11.72 60.70 0.42
C LEU J 305 -12.25 60.64 1.85
N ARG J 306 -11.55 59.87 2.68
CA ARG J 306 -11.90 59.68 4.08
C ARG J 306 -10.73 60.13 4.94
N CYS J 307 -11.03 60.79 6.06
CA CYS J 307 -10.04 61.48 6.86
C CYS J 307 -10.04 61.00 8.30
N GLU J 308 -8.94 61.27 8.99
CA GLU J 308 -8.75 60.95 10.40
C GLU J 308 -8.55 62.25 11.16
N THR J 309 -9.52 62.60 12.00
CA THR J 309 -9.52 63.91 12.64
C THR J 309 -8.71 63.88 13.92
N GLY J 310 -8.64 62.73 14.55
CA GLY J 310 -7.97 62.57 15.82
C GLY J 310 -8.90 62.53 17.00
N LYS J 311 -10.10 63.05 16.86
CA LYS J 311 -11.02 63.13 17.97
C LYS J 311 -11.76 61.82 18.17
N VAL J 312 -12.18 61.60 19.41
CA VAL J 312 -13.03 60.46 19.77
C VAL J 312 -14.20 61.07 20.54
N GLY J 313 -15.24 61.45 19.82
CA GLY J 313 -16.42 62.03 20.43
C GLY J 313 -16.26 63.47 20.81
N GLY J 314 -15.41 63.73 21.79
CA GLY J 314 -15.33 65.05 22.36
C GLY J 314 -14.59 66.05 21.50
N THR J 315 -14.70 67.31 21.90
CA THR J 315 -14.04 68.40 21.18
C THR J 315 -12.53 68.33 21.34
N ASP J 316 -12.05 67.79 22.45
CA ASP J 316 -10.63 67.68 22.69
C ASP J 316 -9.95 66.89 21.58
N VAL J 317 -8.61 66.89 21.62
CA VAL J 317 -7.79 66.21 20.65
C VAL J 317 -6.78 65.33 21.37
N ILE J 318 -6.48 64.18 20.77
CA ILE J 318 -5.54 63.22 21.32
C ILE J 318 -4.50 62.93 20.26
N ILE J 319 -3.27 62.69 20.70
CA ILE J 319 -2.15 62.59 19.79
C ILE J 319 -1.87 61.14 19.40
N LYS J 320 -1.98 60.22 20.35
CA LYS J 320 -1.61 58.84 20.08
C LYS J 320 -2.43 58.24 18.95
N GLU J 321 -3.65 58.74 18.75
CA GLU J 321 -4.47 58.23 17.66
C GLU J 321 -4.05 58.84 16.33
N LEU J 322 -3.96 60.16 16.28
CA LEU J 322 -3.61 60.85 15.04
C LEU J 322 -2.37 60.23 14.42
N PHE J 323 -1.35 59.98 15.22
CA PHE J 323 -0.08 59.51 14.72
C PHE J 323 -0.05 57.98 14.71
N ARG J 324 -1.02 57.42 14.03
CA ARG J 324 -1.25 55.98 14.01
C ARG J 324 -0.92 55.41 12.64
N ARG J 325 -0.47 54.18 12.63
CA ARG J 325 -0.25 53.48 11.38
C ARG J 325 -1.57 52.96 10.85
N PRO J 326 -1.89 53.23 9.58
CA PRO J 326 -3.17 52.78 9.04
C PRO J 326 -3.16 51.31 8.68
N ILE J 327 -4.38 50.75 8.65
CA ILE J 327 -4.55 49.39 8.19
C ILE J 327 -4.46 49.37 6.68
N LEU J 328 -3.66 48.45 6.15
CA LEU J 328 -3.48 48.31 4.72
C LEU J 328 -3.65 46.87 4.31
N ILE J 329 -4.20 46.67 3.11
CA ILE J 329 -4.28 45.36 2.49
C ILE J 329 -3.64 45.45 1.12
N ARG J 330 -3.01 44.35 0.69
CA ARG J 330 -2.23 44.37 -0.53
C ARG J 330 -3.10 44.16 -1.77
N ASN J 331 -3.75 43.02 -1.85
CA ASN J 331 -4.54 42.68 -3.03
C ASN J 331 -5.88 42.09 -2.60
N PRO J 332 -6.97 42.83 -2.73
CA PRO J 332 -7.06 44.19 -3.26
C PRO J 332 -6.45 45.26 -2.37
N PHE J 333 -6.66 46.51 -2.75
CA PHE J 333 -6.04 47.67 -2.14
C PHE J 333 -7.11 48.48 -1.43
N ARG J 334 -6.92 48.70 -0.14
CA ARG J 334 -7.86 49.49 0.63
C ARG J 334 -7.14 50.15 1.79
N MET J 335 -7.35 51.44 1.93
CA MET J 335 -6.75 52.24 2.99
C MET J 335 -7.85 52.80 3.86
N GLU J 336 -7.64 52.76 5.17
CA GLU J 336 -8.63 53.28 6.10
C GLU J 336 -8.65 54.79 6.07
N PHE J 337 -7.56 55.41 6.49
CA PHE J 337 -7.43 56.86 6.44
C PHE J 337 -6.31 57.24 5.50
N SER J 338 -6.62 58.19 4.62
CA SER J 338 -5.67 58.66 3.62
C SER J 338 -5.06 60.01 3.94
N LEU J 339 -5.77 60.87 4.67
CA LEU J 339 -5.22 62.17 5.02
C LEU J 339 -5.64 62.53 6.43
N ARG J 340 -4.97 63.53 6.97
CA ARG J 340 -5.15 63.99 8.33
C ARG J 340 -5.47 65.48 8.35
N LEU J 341 -6.26 65.89 9.32
CA LEU J 341 -6.63 67.29 9.48
C LEU J 341 -6.83 67.62 10.95
N ALA J 342 -6.33 68.79 11.34
CA ALA J 342 -6.57 69.30 12.69
C ALA J 342 -6.05 70.72 12.76
N LYS J 343 -6.79 71.58 13.44
CA LYS J 343 -6.31 72.92 13.70
C LYS J 343 -5.08 72.89 14.59
N ARG J 344 -4.26 73.94 14.49
CA ARG J 344 -3.03 73.99 15.25
C ARG J 344 -3.29 74.29 16.71
N ASP J 345 -3.97 75.40 16.99
CA ASP J 345 -4.24 75.80 18.36
C ASP J 345 -4.97 74.74 19.15
N GLU J 346 -5.48 73.70 18.49
CA GLU J 346 -6.16 72.60 19.15
C GLU J 346 -5.28 71.37 19.24
N VAL J 347 -3.98 71.51 19.01
CA VAL J 347 -3.03 70.41 19.10
C VAL J 347 -1.93 70.82 20.06
N ILE J 348 -1.85 70.12 21.18
CA ILE J 348 -0.83 70.35 22.20
C ILE J 348 0.09 69.15 22.23
N GLY J 349 1.38 69.42 22.22
CA GLY J 349 2.39 68.39 22.30
C GLY J 349 3.19 68.29 21.01
N GLY J 350 4.13 67.35 21.05
CA GLY J 350 4.98 67.09 19.92
C GLY J 350 4.95 65.62 19.59
N PRO J 351 5.46 65.27 18.42
CA PRO J 351 5.33 63.89 17.95
C PRO J 351 6.30 62.96 18.65
N GLN J 352 5.84 61.72 18.83
CA GLN J 352 6.70 60.69 19.38
C GLN J 352 7.93 60.50 18.51
N ARG J 353 7.77 60.64 17.22
CA ARG J 353 8.86 60.54 16.26
C ARG J 353 9.03 61.88 15.57
N ARG J 354 10.26 62.31 15.42
CA ARG J 354 10.51 63.63 14.89
C ARG J 354 10.30 63.64 13.38
N PRO J 355 9.65 64.67 12.86
CA PRO J 355 9.34 64.71 11.43
C PRO J 355 10.55 65.02 10.58
N ASP J 356 10.40 64.76 9.29
CA ASP J 356 11.48 64.97 8.35
C ASP J 356 11.37 66.33 7.66
N GLU J 357 10.29 66.54 6.92
CA GLU J 357 10.03 67.80 6.24
C GLU J 357 8.84 68.51 6.89
N LEU J 358 8.98 69.81 7.09
CA LEU J 358 7.96 70.66 7.70
C LEU J 358 7.75 71.87 6.82
N PHE J 359 6.92 71.73 5.80
CA PHE J 359 6.57 72.86 4.96
C PHE J 359 5.74 73.86 5.75
N LEU J 360 6.04 75.14 5.53
CA LEU J 360 5.30 76.23 6.15
C LEU J 360 4.99 77.27 5.08
N ILE J 361 3.71 77.66 5.00
CA ILE J 361 3.24 78.57 3.98
C ILE J 361 2.57 79.75 4.65
N ASN J 362 3.23 80.90 4.59
CA ASN J 362 2.70 82.16 5.09
C ASN J 362 2.62 82.17 6.60
N VAL J 363 3.64 81.66 7.25
CA VAL J 363 3.78 81.71 8.70
C VAL J 363 5.23 81.98 9.03
N ALA J 364 5.45 82.61 10.19
CA ALA J 364 6.80 83.01 10.56
C ALA J 364 7.55 81.86 11.24
N ASP J 365 7.06 81.41 12.39
CA ASP J 365 7.74 80.39 13.14
C ASP J 365 6.74 79.59 13.96
N ASP J 366 7.18 78.40 14.36
CA ASP J 366 6.35 77.49 15.13
C ASP J 366 7.25 76.70 16.06
N GLU J 367 6.63 76.08 17.07
CA GLU J 367 7.39 75.37 18.08
C GLU J 367 8.19 74.23 17.47
N TRP J 368 7.66 73.59 16.45
CA TRP J 368 8.27 72.38 15.92
C TRP J 368 9.53 72.64 15.12
N LYS J 369 10.00 73.88 15.06
CA LYS J 369 11.24 74.15 14.37
C LYS J 369 12.41 73.65 15.19
N HIS J 370 13.23 72.79 14.60
CA HIS J 370 14.37 72.19 15.28
C HIS J 370 15.52 72.14 14.30
N GLU J 371 16.73 72.11 14.84
CA GLU J 371 17.89 72.16 13.98
C GLU J 371 18.02 70.90 13.14
N ASP J 372 17.38 69.82 13.56
CA ASP J 372 17.51 68.52 12.93
C ASP J 372 16.30 68.16 12.09
N VAL J 373 15.43 69.12 11.80
CA VAL J 373 14.30 68.92 10.92
C VAL J 373 14.38 69.93 9.80
N ASN J 374 14.37 69.45 8.56
CA ASN J 374 14.41 70.34 7.43
C ASN J 374 13.21 71.29 7.48
N VAL J 375 13.41 72.48 6.94
CA VAL J 375 12.38 73.51 6.94
C VAL J 375 12.41 74.23 5.61
N HIS J 376 11.27 74.27 4.94
CA HIS J 376 11.10 75.01 3.70
C HIS J 376 9.96 76.01 3.88
N GLY J 377 10.27 77.29 3.76
CA GLY J 377 9.28 78.33 3.92
C GLY J 377 9.15 79.16 2.65
N PHE J 378 7.96 79.72 2.46
CA PHE J 378 7.62 80.37 1.20
C PHE J 378 6.60 81.47 1.45
N LYS J 379 6.13 82.05 0.35
CA LYS J 379 4.92 82.88 0.33
C LYS J 379 4.25 82.69 -1.01
N ILE J 380 2.96 82.35 -0.99
CA ILE J 380 2.20 82.09 -2.19
C ILE J 380 0.99 83.00 -2.22
N GLU J 381 0.76 83.62 -3.38
CA GLU J 381 -0.39 84.50 -3.52
C GLU J 381 -1.62 83.74 -3.99
N ARG J 382 -1.40 82.63 -4.69
CA ARG J 382 -2.48 81.74 -5.11
C ARG J 382 -2.00 80.31 -4.97
N LEU J 383 -2.96 79.38 -5.07
CA LEU J 383 -2.65 78.01 -4.71
C LEU J 383 -1.98 77.26 -5.85
N SER J 384 -2.22 77.67 -7.08
CA SER J 384 -1.58 76.99 -8.20
C SER J 384 -0.07 77.05 -8.08
N ASP J 385 0.45 78.12 -7.50
CA ASP J 385 1.88 78.26 -7.36
C ASP J 385 2.46 77.07 -6.61
N LEU J 386 1.82 76.68 -5.52
CA LEU J 386 2.30 75.55 -4.76
C LEU J 386 2.11 74.26 -5.52
N GLU J 387 1.06 74.20 -6.35
CA GLU J 387 0.86 73.01 -7.16
C GLU J 387 2.00 72.85 -8.14
N TYR J 388 2.62 73.95 -8.53
CA TYR J 388 3.82 73.90 -9.35
C TYR J 388 5.00 73.47 -8.52
N ILE J 389 5.20 74.13 -7.38
CA ILE J 389 6.35 73.86 -6.55
C ILE J 389 6.39 72.40 -6.14
N LEU J 390 5.24 71.75 -6.12
CA LEU J 390 5.13 70.40 -5.59
C LEU J 390 4.92 69.37 -6.68
N GLN J 391 5.05 69.75 -7.94
CA GLN J 391 5.16 68.84 -9.07
C GLN J 391 3.82 68.26 -9.52
N LEU J 392 2.72 68.67 -8.91
CA LEU J 392 1.42 68.21 -9.39
C LEU J 392 1.09 68.82 -10.73
N ARG J 393 1.00 70.14 -10.80
CA ARG J 393 0.77 70.86 -12.04
C ARG J 393 2.10 71.09 -12.74
N SER J 394 2.06 71.08 -14.08
CA SER J 394 3.30 71.01 -14.83
C SER J 394 3.83 72.39 -15.16
N ASP J 395 2.94 73.32 -15.51
CA ASP J 395 3.35 74.63 -15.99
C ASP J 395 2.51 75.71 -15.34
N TYR J 396 3.18 76.77 -14.92
CA TYR J 396 2.54 77.89 -14.26
C TYR J 396 1.73 78.73 -15.23
N ALA K 5 42.72 32.20 68.34
CA ALA K 5 43.80 31.30 67.96
C ALA K 5 43.31 30.21 67.01
N GLU K 6 43.20 28.99 67.53
CA GLU K 6 42.73 27.88 66.70
C GLU K 6 41.25 28.03 66.38
N TYR K 7 40.42 28.28 67.39
CA TYR K 7 38.99 28.52 67.19
C TYR K 7 38.33 27.30 66.54
N SER K 8 38.27 26.22 67.31
CA SER K 8 37.63 25.01 66.80
C SER K 8 36.12 25.20 66.74
N ILE K 9 35.64 25.78 65.66
CA ILE K 9 34.22 26.06 65.51
C ILE K 9 33.40 24.80 65.75
N LYS K 10 33.92 23.66 65.30
CA LYS K 10 33.21 22.40 65.52
C LYS K 10 32.90 22.23 67.00
N GLY K 11 33.80 22.72 67.86
CA GLY K 11 33.59 22.62 69.28
C GLY K 11 32.81 23.77 69.87
N TYR K 12 32.57 24.81 69.06
CA TYR K 12 31.92 26.01 69.56
C TYR K 12 30.45 26.05 69.20
N LEU K 13 30.08 25.41 68.10
CA LEU K 13 28.70 25.49 67.65
C LEU K 13 27.76 24.95 68.72
N TYR K 14 28.22 23.98 69.51
CA TYR K 14 27.36 23.33 70.48
C TYR K 14 26.79 24.35 71.45
N GLN K 15 27.54 25.41 71.73
CA GLN K 15 27.07 26.44 72.63
C GLN K 15 25.80 27.06 72.09
N PHE K 16 25.81 27.40 70.80
CA PHE K 16 24.67 28.06 70.22
C PHE K 16 23.54 27.09 70.00
N LEU K 17 23.85 25.82 69.73
CA LEU K 17 22.80 24.82 69.66
C LEU K 17 22.01 24.81 70.96
N LYS K 18 22.71 24.75 72.09
CA LYS K 18 22.01 24.72 73.37
C LYS K 18 21.29 26.04 73.63
N TYR K 19 21.95 27.15 73.30
CA TYR K 19 21.31 28.45 73.51
C TYR K 19 19.98 28.52 72.76
N LEU K 20 19.96 27.99 71.55
CA LEU K 20 18.72 28.02 70.77
C LEU K 20 17.70 27.07 71.35
N SER K 21 18.16 25.91 71.83
CA SER K 21 17.25 25.00 72.50
C SER K 21 16.55 25.72 73.64
N GLU K 22 17.30 26.54 74.37
CA GLU K 22 16.73 27.25 75.51
C GLU K 22 15.81 28.36 75.03
N ILE K 23 16.25 29.12 74.03
CA ILE K 23 15.43 30.22 73.52
C ILE K 23 14.10 29.67 73.06
N LEU K 24 14.06 28.40 72.66
CA LEU K 24 12.81 27.79 72.28
C LEU K 24 12.04 27.36 73.51
N ALA K 25 12.68 26.56 74.37
CA ALA K 25 12.01 26.03 75.55
C ALA K 25 11.49 27.16 76.44
N ALA K 26 12.06 28.35 76.33
CA ALA K 26 11.67 29.46 77.19
C ALA K 26 10.19 29.78 77.01
N GLY K 27 9.52 30.07 78.12
CA GLY K 27 8.12 30.45 78.07
C GLY K 27 7.93 31.90 77.68
N ASP K 28 6.72 32.19 77.19
CA ASP K 28 6.39 33.53 76.75
C ASP K 28 6.50 34.52 77.91
N GLY K 29 6.68 35.80 77.55
CA GLY K 29 6.78 36.85 78.54
C GLY K 29 8.14 37.00 79.19
N ALA K 30 9.08 36.11 78.90
CA ALA K 30 10.39 36.13 79.52
C ALA K 30 11.34 37.04 78.75
N ARG K 31 12.54 37.18 79.29
CA ARG K 31 13.63 37.94 78.66
C ARG K 31 14.92 37.17 78.83
N ILE K 32 15.49 36.70 77.72
CA ILE K 32 16.72 35.94 77.73
C ILE K 32 17.70 36.58 76.77
N THR K 33 18.99 36.37 77.02
CA THR K 33 20.02 36.89 76.14
C THR K 33 21.27 36.02 76.23
N ILE K 34 22.16 36.21 75.26
CA ILE K 34 23.36 35.41 75.11
C ILE K 34 24.58 36.28 75.37
N GLU K 35 25.61 35.68 75.94
CA GLU K 35 26.86 36.38 76.19
C GLU K 35 27.54 36.72 74.87
N GLY K 36 28.15 37.90 74.82
CA GLY K 36 28.87 38.31 73.63
C GLY K 36 29.99 37.38 73.27
N ALA K 37 30.02 36.93 72.02
CA ALA K 37 31.04 35.96 71.61
C ALA K 37 32.42 36.58 71.66
N ILE K 38 33.42 35.74 71.94
CA ILE K 38 34.78 36.22 72.06
C ILE K 38 35.51 36.21 70.73
N GLU K 39 35.03 35.46 69.74
CA GLU K 39 35.72 35.41 68.46
C GLU K 39 35.76 36.78 67.79
N ASP K 40 34.93 37.71 68.22
CA ASP K 40 35.01 39.07 67.73
C ASP K 40 36.37 39.66 68.06
N ILE K 44 35.61 48.19 69.67
CA ILE K 44 34.51 48.74 70.46
C ILE K 44 34.44 48.05 71.81
N ALA K 45 34.84 46.79 71.85
CA ALA K 45 34.75 45.99 73.06
C ALA K 45 33.32 46.00 73.62
N ALA K 46 32.40 45.49 72.80
CA ALA K 46 31.00 45.43 73.19
C ALA K 46 30.87 44.75 74.56
N GLY K 47 30.00 45.30 75.39
CA GLY K 47 29.88 44.81 76.74
C GLY K 47 31.01 45.32 77.60
N LEU K 48 30.71 45.68 78.85
CA LEU K 48 31.71 46.30 79.70
C LEU K 48 32.88 45.35 79.96
N THR K 49 32.61 44.27 80.68
CA THR K 49 33.62 43.26 81.00
C THR K 49 32.98 41.88 80.91
N THR K 50 32.22 41.65 79.86
CA THR K 50 31.47 40.41 79.66
C THR K 50 31.96 39.73 78.39
N ALA K 51 32.21 38.43 78.49
CA ALA K 51 32.69 37.64 77.35
C ALA K 51 32.49 36.17 77.66
N VAL K 52 32.81 35.33 76.69
CA VAL K 52 32.58 33.90 76.80
C VAL K 52 33.43 33.17 75.78
N GLN K 53 33.70 31.90 76.05
CA GLN K 53 34.53 31.06 75.20
C GLN K 53 34.44 29.63 75.69
N CYS K 54 34.56 28.68 74.77
CA CYS K 54 34.30 27.29 75.08
C CYS K 54 34.85 26.40 73.97
N LYS K 55 34.83 25.10 74.22
CA LYS K 55 35.26 24.10 73.24
C LYS K 55 34.50 22.80 73.52
N TYR K 56 34.87 21.73 72.81
CA TYR K 56 34.14 20.49 72.92
C TYR K 56 34.98 19.33 72.38
N HIS K 57 34.98 18.23 73.12
CA HIS K 57 35.64 16.99 72.71
C HIS K 57 34.82 15.81 73.18
N GLU K 58 34.72 14.78 72.35
CA GLU K 58 33.77 13.70 72.61
C GLU K 58 34.34 12.33 72.27
N GLN K 59 35.66 12.20 72.11
CA GLN K 59 36.30 10.94 71.77
C GLN K 59 36.78 10.28 73.04
N ALA K 60 36.08 9.23 73.47
CA ALA K 60 36.43 8.55 74.71
C ALA K 60 35.63 7.26 74.81
N GLU K 61 36.31 6.19 75.22
CA GLU K 61 35.61 4.95 75.56
C GLU K 61 35.16 4.96 77.01
N LYS K 62 35.98 5.53 77.89
CA LYS K 62 35.61 5.78 79.27
C LYS K 62 36.32 7.04 79.72
N TYR K 63 35.74 7.70 80.72
CA TYR K 63 36.27 8.98 81.18
C TYR K 63 37.64 8.79 81.81
N THR K 64 38.62 9.55 81.33
CA THR K 64 39.93 9.64 81.95
C THR K 64 40.38 11.09 81.91
N LEU K 65 40.45 11.72 83.08
CA LEU K 65 40.79 13.13 83.18
C LEU K 65 42.14 13.44 82.54
N GLY K 66 42.95 12.40 82.30
CA GLY K 66 44.29 12.62 81.81
C GLY K 66 44.31 13.15 80.38
N LYS K 67 43.52 12.54 79.51
CA LYS K 67 43.58 12.87 78.09
C LYS K 67 43.04 14.26 77.79
N ILE K 68 42.25 14.83 78.70
CA ILE K 68 41.66 16.14 78.48
C ILE K 68 42.64 17.22 78.92
N TYR K 69 43.90 16.83 79.15
CA TYR K 69 44.89 17.79 79.63
C TYR K 69 45.11 18.90 78.61
N LYS K 70 45.44 18.55 77.37
CA LYS K 70 46.01 19.50 76.43
C LYS K 70 45.13 20.74 76.24
N PRO K 71 43.83 20.60 75.96
CA PRO K 71 43.01 21.81 75.79
C PRO K 71 43.02 22.71 77.01
N ILE K 72 42.96 22.11 78.20
CA ILE K 72 43.02 22.91 79.40
C ILE K 72 44.41 23.49 79.56
N LEU K 73 45.43 22.77 79.09
CA LEU K 73 46.79 23.28 79.15
C LEU K 73 46.91 24.57 78.36
N LEU K 74 46.27 24.63 77.19
CA LEU K 74 46.37 25.82 76.37
C LEU K 74 45.38 26.91 76.80
N MET K 75 44.26 26.52 77.41
CA MET K 75 43.22 27.48 77.76
C MET K 75 43.76 28.60 78.65
N LEU K 76 44.50 28.25 79.68
CA LEU K 76 44.85 29.23 80.69
C LEU K 76 45.65 30.39 80.12
N GLU K 77 46.37 30.16 79.02
CA GLU K 77 47.18 31.23 78.45
C GLU K 77 46.32 32.43 78.07
N HIS K 78 45.16 32.16 77.46
CA HIS K 78 44.29 33.25 77.05
C HIS K 78 43.90 34.10 78.26
N PHE K 79 43.47 33.44 79.34
CA PHE K 79 43.22 34.15 80.58
C PHE K 79 44.45 34.95 81.00
N SER K 80 45.63 34.38 80.78
CA SER K 80 46.86 35.08 81.14
C SER K 80 47.01 36.36 80.36
N LYS K 81 46.50 36.38 79.13
CA LYS K 81 46.85 37.47 78.21
C LYS K 81 46.32 38.81 78.69
N ASN K 82 45.02 38.87 79.00
CA ASN K 82 44.36 40.14 79.19
C ASN K 82 43.56 40.15 80.48
N SER K 83 43.27 41.35 80.95
CA SER K 83 42.42 41.56 82.12
C SER K 83 42.09 43.04 82.22
N GLY K 84 40.82 43.33 82.46
CA GLY K 84 40.35 44.70 82.56
C GLY K 84 38.94 44.89 82.06
N VAL K 89 33.72 39.31 82.74
CA VAL K 89 34.44 38.45 81.82
C VAL K 89 34.42 37.03 82.38
N SER K 90 34.13 36.06 81.52
CA SER K 90 33.96 34.67 81.93
C SER K 90 34.75 33.74 81.03
N TYR K 91 34.55 32.45 81.28
CA TYR K 91 35.08 31.37 80.46
C TYR K 91 34.10 30.21 80.56
N ARG K 92 34.30 29.20 79.73
CA ARG K 92 33.42 28.06 79.68
C ARG K 92 34.15 26.90 79.04
N LEU K 93 33.47 25.76 78.98
CA LEU K 93 33.96 24.61 78.23
C LEU K 93 32.85 23.58 78.15
N PHE K 94 32.89 22.78 77.09
CA PHE K 94 32.00 21.66 76.91
C PHE K 94 32.81 20.44 76.50
N CYS K 95 32.22 19.26 76.67
CA CYS K 95 32.87 18.02 76.31
C CYS K 95 31.90 16.87 76.57
N HIS K 96 32.24 15.70 76.05
CA HIS K 96 31.40 14.51 76.19
C HIS K 96 32.27 13.30 76.47
N PHE K 97 31.85 12.49 77.44
CA PHE K 97 32.48 11.21 77.73
C PHE K 97 31.38 10.22 78.08
N PRO K 98 31.55 8.95 77.72
CA PRO K 98 30.48 7.98 77.98
C PRO K 98 30.26 7.77 79.47
N GLY K 99 28.99 7.57 79.83
CA GLY K 99 28.62 7.28 81.20
C GLY K 99 28.50 8.51 82.08
N GLU K 100 29.61 9.19 82.31
CA GLU K 100 29.61 10.34 83.20
C GLU K 100 28.71 11.44 82.65
N SER K 101 28.07 12.16 83.58
CA SER K 101 27.17 13.25 83.22
C SER K 101 27.23 14.31 84.31
N GLY K 102 26.67 15.47 84.01
CA GLY K 102 26.63 16.57 84.96
C GLY K 102 27.76 17.55 84.75
N THR K 103 27.89 18.44 85.74
CA THR K 103 28.90 19.49 85.72
C THR K 103 29.82 19.34 86.93
N LYS K 104 31.10 19.69 86.74
CA LYS K 104 32.10 19.57 87.80
C LYS K 104 33.07 20.74 87.71
N ALA K 105 33.58 21.15 88.87
CA ALA K 105 34.56 22.22 88.98
C ALA K 105 35.88 21.66 89.49
N LEU K 106 36.98 22.11 88.90
CA LEU K 106 38.29 21.56 89.20
C LEU K 106 38.88 22.22 90.44
N THR K 107 39.65 21.44 91.19
CA THR K 107 40.26 21.92 92.42
C THR K 107 41.61 22.57 92.13
N LYS K 108 42.08 23.37 93.10
CA LYS K 108 43.38 24.01 92.95
C LYS K 108 44.50 22.97 92.93
N ASP K 109 44.45 22.01 93.85
CA ASP K 109 45.39 20.90 93.79
C ASP K 109 45.35 20.22 92.45
N ASP K 110 44.14 20.04 91.90
CA ASP K 110 44.03 19.51 90.55
C ASP K 110 44.71 20.42 89.54
N LEU K 111 44.67 21.73 89.77
CA LEU K 111 45.36 22.66 88.87
C LEU K 111 46.86 22.41 88.91
N GLU K 112 47.42 22.33 90.12
CA GLU K 112 48.84 22.03 90.26
C GLU K 112 49.18 20.72 89.54
N THR K 113 48.36 19.69 89.74
CA THR K 113 48.62 18.41 89.07
C THR K 113 48.61 18.57 87.56
N VAL K 114 47.60 19.27 87.03
CA VAL K 114 47.55 19.53 85.60
C VAL K 114 48.82 20.24 85.15
N LEU K 115 49.40 21.07 86.00
CA LEU K 115 50.64 21.73 85.65
C LEU K 115 51.70 20.70 85.27
N SER K 116 51.63 19.51 85.85
CA SER K 116 52.57 18.46 85.51
C SER K 116 52.47 18.12 84.02
N THR K 117 53.62 18.06 83.35
CA THR K 117 53.68 17.75 81.94
C THR K 117 54.50 16.49 81.72
N LYS K 118 53.94 15.55 80.95
CA LYS K 118 54.63 14.31 80.63
C LYS K 118 55.35 14.36 79.28
N GLY K 119 55.10 15.39 78.48
CA GLY K 119 55.72 15.49 77.18
C GLY K 119 56.27 16.88 76.95
N GLU K 120 57.17 16.97 75.96
CA GLU K 120 57.81 18.25 75.66
C GLU K 120 56.86 19.19 74.95
N VAL K 121 55.97 18.64 74.11
CA VAL K 121 54.97 19.48 73.45
C VAL K 121 54.07 20.14 74.49
N LEU K 122 53.58 19.35 75.45
CA LEU K 122 52.75 19.91 76.50
C LEU K 122 53.52 20.92 77.33
N ARG K 123 54.81 20.67 77.55
CA ARG K 123 55.64 21.60 78.29
C ARG K 123 55.87 22.89 77.51
N ALA K 124 55.76 22.83 76.18
CA ALA K 124 56.00 24.02 75.39
C ALA K 124 54.96 25.10 75.69
N ILE K 125 53.70 24.70 75.80
CA ILE K 125 52.64 25.67 76.11
C ILE K 125 52.89 26.28 77.49
N VAL K 126 53.32 25.47 78.45
CA VAL K 126 53.63 26.00 79.77
C VAL K 126 54.77 27.01 79.66
N ALA K 127 55.74 26.72 78.81
CA ALA K 127 56.81 27.68 78.57
C ALA K 127 56.25 28.98 77.99
N ARG K 128 55.30 28.86 77.06
CA ARG K 128 54.66 30.04 76.50
C ARG K 128 53.86 30.80 77.54
N ILE K 129 53.29 30.09 78.52
CA ILE K 129 52.44 30.74 79.50
C ILE K 129 53.27 31.67 80.37
N ASP K 130 52.66 32.80 80.75
CA ASP K 130 53.33 33.76 81.62
C ASP K 130 53.34 33.26 83.06
N THR K 131 54.38 33.66 83.80
CA THR K 131 54.50 33.24 85.19
C THR K 131 53.45 33.92 86.07
N SER K 132 53.16 35.19 85.79
CA SER K 132 52.17 35.92 86.57
C SER K 132 50.79 35.35 86.32
N VAL K 133 50.10 34.99 87.40
CA VAL K 133 48.79 34.35 87.31
C VAL K 133 47.97 34.69 88.56
N ASP K 134 46.67 34.46 88.45
CA ASP K 134 45.78 34.36 89.61
C ASP K 134 45.02 33.04 89.43
N TYR K 135 45.66 31.95 89.84
CA TYR K 135 45.06 30.64 89.63
C TYR K 135 43.67 30.56 90.24
N GLU K 136 43.51 31.11 91.45
CA GLU K 136 42.25 30.97 92.16
C GLU K 136 41.11 31.66 91.41
N ALA K 137 41.37 32.85 90.90
CA ALA K 137 40.34 33.59 90.18
C ALA K 137 39.87 32.80 88.97
N PHE K 138 40.77 32.59 88.01
CA PHE K 138 40.44 31.82 86.81
C PHE K 138 39.71 30.54 87.18
N LEU K 139 40.17 29.86 88.23
CA LEU K 139 39.52 28.63 88.66
C LEU K 139 38.07 28.88 89.05
N ASP K 140 37.84 29.92 89.86
CA ASP K 140 36.48 30.24 90.27
C ASP K 140 35.61 30.59 89.08
N ARG K 141 36.21 31.11 88.02
CA ARG K 141 35.46 31.53 86.84
C ARG K 141 35.61 30.58 85.66
N PHE K 142 36.38 29.51 85.81
CA PHE K 142 36.49 28.47 84.79
C PHE K 142 35.73 27.23 85.26
N ALA K 143 35.24 26.46 84.30
CA ALA K 143 34.43 25.30 84.61
C ALA K 143 34.58 24.27 83.50
N ILE K 144 34.03 23.08 83.74
CA ILE K 144 34.02 21.99 82.78
C ILE K 144 32.62 21.40 82.76
N GLU K 145 32.02 21.34 81.57
CA GLU K 145 30.66 20.84 81.39
C GLU K 145 30.70 19.62 80.49
N PHE K 146 30.14 18.51 80.99
CA PHE K 146 30.04 17.27 80.24
C PHE K 146 28.62 17.14 79.71
N GLY K 147 28.49 16.75 78.45
CA GLY K 147 27.20 16.66 77.82
C GLY K 147 27.11 15.55 76.79
N PRO K 148 25.93 15.38 76.20
CA PRO K 148 25.75 14.36 75.17
C PRO K 148 26.33 14.79 73.83
N SER K 149 26.43 13.81 72.93
CA SER K 149 26.90 14.10 71.58
C SER K 149 25.94 15.06 70.89
N ALA K 150 26.51 15.98 70.12
CA ALA K 150 25.72 17.09 69.58
C ALA K 150 24.64 16.60 68.64
N GLU K 151 25.03 15.82 67.64
CA GLU K 151 24.08 15.38 66.61
C GLU K 151 22.79 14.86 67.23
N ASP K 152 22.89 14.18 68.37
CA ASP K 152 21.69 13.79 69.09
C ASP K 152 20.90 15.02 69.52
N LEU K 153 21.61 16.06 69.95
CA LEU K 153 20.93 17.30 70.32
C LEU K 153 20.27 17.92 69.12
N GLN K 154 20.89 17.80 67.95
CA GLN K 154 20.33 18.41 66.75
C GLN K 154 19.06 17.70 66.34
N VAL K 155 19.05 16.37 66.40
CA VAL K 155 17.84 15.64 66.05
C VAL K 155 16.75 15.93 67.07
N ALA K 156 17.13 16.07 68.34
CA ALA K 156 16.16 16.47 69.34
C ALA K 156 15.59 17.84 69.01
N VAL K 157 16.44 18.72 68.49
CA VAL K 157 16.00 20.08 68.18
C VAL K 157 15.03 20.06 67.02
N LEU K 158 15.33 19.27 66.00
CA LEU K 158 14.40 19.11 64.89
C LEU K 158 13.06 18.57 65.37
N ALA K 159 13.10 17.61 66.29
CA ALA K 159 11.86 17.08 66.85
C ALA K 159 11.08 18.16 67.57
N SER K 160 11.77 18.95 68.39
CA SER K 160 11.10 20.03 69.10
C SER K 160 10.51 21.04 68.13
N LEU K 161 11.20 21.28 67.02
CA LEU K 161 10.70 22.21 66.02
C LEU K 161 9.43 21.70 65.40
N LYS K 162 9.43 20.43 64.98
CA LYS K 162 8.20 19.79 64.52
C LYS K 162 7.09 20.01 65.53
N ASP K 163 7.38 19.73 66.79
CA ASP K 163 6.37 19.89 67.84
C ASP K 163 5.87 21.32 67.90
N LYS K 164 6.74 22.29 67.63
CA LYS K 164 6.34 23.69 67.69
C LYS K 164 5.32 24.01 66.61
N GLY K 165 5.40 23.35 65.47
CA GLY K 165 4.42 23.52 64.43
C GLY K 165 4.92 24.34 63.25
N PHE K 166 5.29 23.64 62.19
CA PHE K 166 5.78 24.29 60.97
C PHE K 166 5.60 23.30 59.83
N ASP K 167 5.76 23.79 58.61
CA ASP K 167 5.76 22.93 57.45
C ASP K 167 6.89 21.92 57.59
N PRO K 168 6.61 20.61 57.57
CA PRO K 168 7.66 19.65 57.96
C PRO K 168 8.83 19.60 57.00
N ASP K 169 8.57 19.69 55.70
CA ASP K 169 9.66 19.56 54.73
C ASP K 169 10.54 20.80 54.72
N ASP K 170 9.96 21.98 54.94
CA ASP K 170 10.73 23.22 54.89
C ASP K 170 11.67 23.36 56.08
N ILE K 171 11.38 22.68 57.19
CA ILE K 171 12.15 22.90 58.41
C ILE K 171 13.64 22.76 58.14
N ASP K 172 14.05 21.59 57.66
CA ASP K 172 15.46 21.35 57.43
C ASP K 172 16.01 22.19 56.29
N ALA K 173 15.12 22.79 55.49
CA ALA K 173 15.56 23.54 54.32
C ALA K 173 15.86 24.99 54.65
N VAL K 174 14.96 25.65 55.38
CA VAL K 174 15.06 27.08 55.59
C VAL K 174 15.13 27.44 57.07
N ILE K 175 14.08 27.08 57.80
CA ILE K 175 13.88 27.61 59.15
C ILE K 175 15.09 27.34 60.03
N PHE K 176 15.43 26.08 60.21
CA PHE K 176 16.51 25.75 61.15
C PHE K 176 17.83 26.34 60.71
N PRO K 177 18.29 26.15 59.47
CA PRO K 177 19.51 26.85 59.05
C PRO K 177 19.41 28.34 59.20
N ASN K 178 18.21 28.89 59.31
CA ASN K 178 18.05 30.34 59.30
C ASN K 178 18.12 30.93 60.69
N ALA K 179 17.31 30.44 61.62
CA ALA K 179 17.18 31.09 62.92
C ALA K 179 18.53 31.17 63.61
N ILE K 180 19.31 30.09 63.51
CA ILE K 180 20.64 30.08 64.10
C ILE K 180 21.45 31.23 63.56
N GLN K 181 21.16 31.67 62.34
CA GLN K 181 21.90 32.78 61.76
C GLN K 181 21.61 34.06 62.53
N ARG K 182 20.34 34.32 62.82
CA ARG K 182 19.99 35.51 63.59
C ARG K 182 20.59 35.43 64.98
N ILE K 183 20.62 34.24 65.55
CA ILE K 183 21.18 34.09 66.89
C ILE K 183 22.65 34.44 66.88
N VAL K 184 23.43 33.79 66.03
CA VAL K 184 24.86 34.05 65.97
C VAL K 184 25.11 35.47 65.52
N ASP K 185 24.11 36.10 64.91
CA ASP K 185 24.25 37.49 64.51
C ASP K 185 24.15 38.41 65.73
N LEU K 186 23.12 38.19 66.55
CA LEU K 186 23.01 38.94 67.80
C LEU K 186 24.24 38.73 68.66
N ALA K 187 24.65 37.48 68.84
CA ALA K 187 25.76 37.19 69.73
C ALA K 187 27.06 37.82 69.27
N THR K 188 27.15 38.16 67.99
CA THR K 188 28.39 38.72 67.44
C THR K 188 28.04 39.76 66.39
N ARG K 189 28.35 41.02 66.67
CA ARG K 189 28.20 42.12 65.72
C ARG K 189 28.67 43.39 66.42
N SER K 190 28.98 44.39 65.61
CA SER K 190 29.50 45.66 66.11
C SER K 190 28.41 46.61 66.59
N ASP K 191 27.15 46.22 66.49
CA ASP K 191 26.04 47.08 66.89
C ASP K 191 25.51 46.67 68.27
N VAL K 192 25.20 47.66 69.08
CA VAL K 192 24.67 47.42 70.43
C VAL K 192 23.15 47.35 70.30
N ASN K 193 22.67 46.16 69.95
CA ASN K 193 21.23 45.93 69.90
C ASN K 193 20.76 45.38 71.23
N ASP K 194 19.44 45.39 71.42
CA ASP K 194 18.89 44.90 72.67
C ASP K 194 19.24 43.42 72.82
N ARG K 195 20.17 43.13 73.72
CA ARG K 195 20.65 41.76 73.88
C ARG K 195 19.52 40.82 74.25
N THR K 196 18.40 41.35 74.74
CA THR K 196 17.28 40.51 75.10
C THR K 196 16.54 40.02 73.85
N VAL K 197 16.07 38.78 73.91
CA VAL K 197 15.35 38.16 72.80
C VAL K 197 14.08 37.54 73.39
N GLU K 198 13.01 38.30 73.39
CA GLU K 198 11.73 37.80 73.88
C GLU K 198 11.19 36.79 72.88
N PRO K 199 10.97 35.53 73.27
CA PRO K 199 10.62 34.53 72.28
C PRO K 199 9.30 34.82 71.58
N LYS K 200 8.45 35.65 72.16
CA LYS K 200 7.13 35.86 71.60
C LYS K 200 7.21 36.45 70.20
N THR K 201 8.04 37.47 70.02
CA THR K 201 8.15 38.12 68.72
C THR K 201 9.07 37.33 67.81
N PHE K 202 10.13 36.74 68.36
CA PHE K 202 11.09 36.01 67.55
C PHE K 202 10.43 34.82 66.86
N LEU K 203 9.67 34.03 67.61
CA LEU K 203 9.06 32.84 67.05
C LEU K 203 8.09 33.20 65.91
N ALA K 204 7.30 34.25 66.10
CA ALA K 204 6.37 34.64 65.06
C ALA K 204 7.07 35.28 63.87
N GLY K 205 8.16 35.99 64.11
CA GLY K 205 8.82 36.72 63.03
C GLY K 205 9.62 35.81 62.12
N LEU K 206 10.31 34.83 62.69
CA LEU K 206 11.05 33.90 61.86
C LEU K 206 10.11 33.14 60.92
N ARG K 207 8.84 33.07 61.28
CA ARG K 207 7.91 32.22 60.54
C ARG K 207 7.63 32.76 59.15
N GLU K 208 7.70 34.09 58.98
CA GLU K 208 7.30 34.69 57.70
C GLU K 208 8.46 34.73 56.72
N VAL K 209 9.63 35.18 57.16
CA VAL K 209 10.76 35.31 56.25
C VAL K 209 11.00 34.01 55.52
N ARG K 210 11.39 34.11 54.24
CA ARG K 210 11.59 32.94 53.41
C ARG K 210 12.79 33.18 52.51
N ARG K 211 13.96 32.72 52.96
CA ARG K 211 15.17 32.83 52.15
C ARG K 211 16.29 31.97 52.74
N VAL K 212 16.89 31.13 51.92
CA VAL K 212 17.98 30.29 52.39
C VAL K 212 19.16 31.17 52.77
N THR K 213 20.03 30.65 53.62
CA THR K 213 21.19 31.40 54.09
C THR K 213 22.39 30.48 54.14
N PHE K 214 23.41 30.80 53.36
CA PHE K 214 24.65 30.04 53.34
C PHE K 214 25.76 30.88 53.97
N THR K 215 26.48 30.29 54.92
CA THR K 215 27.59 30.98 55.55
C THR K 215 28.50 29.94 56.19
N ARG K 216 29.64 30.41 56.68
CA ARG K 216 30.59 29.50 57.33
C ARG K 216 29.91 28.70 58.43
N TRP K 217 29.02 29.33 59.20
CA TRP K 217 28.37 28.63 60.29
C TRP K 217 27.36 27.63 59.76
N THR K 218 26.42 28.07 58.94
CA THR K 218 25.42 27.14 58.40
C THR K 218 26.09 25.92 57.79
N ARG K 219 27.25 26.12 57.16
CA ARG K 219 27.95 25.00 56.54
C ARG K 219 28.53 24.06 57.58
N GLU K 220 28.74 24.53 58.80
CA GLU K 220 29.36 23.68 59.82
C GLU K 220 28.41 22.59 60.29
N LEU K 221 27.11 22.82 60.22
CA LEU K 221 26.14 21.85 60.70
C LEU K 221 26.32 20.52 59.99
N ALA K 222 25.61 19.52 60.50
CA ALA K 222 25.68 18.16 59.99
C ALA K 222 24.40 17.72 59.30
N THR K 223 23.43 18.61 59.14
CA THR K 223 22.17 18.32 58.48
C THR K 223 21.98 19.21 57.27
N LYS K 224 23.02 19.32 56.44
CA LYS K 224 23.00 20.25 55.32
C LYS K 224 22.64 19.61 53.99
N GLY K 225 23.27 18.49 53.64
CA GLY K 225 23.13 17.98 52.28
C GLY K 225 21.71 18.04 51.78
N ARG K 226 20.76 17.82 52.68
CA ARG K 226 19.37 18.00 52.32
C ARG K 226 19.12 19.41 51.84
N MET K 227 19.77 20.39 52.46
CA MET K 227 19.55 21.78 52.09
C MET K 227 19.96 22.01 50.64
N PHE K 228 21.24 21.82 50.35
CA PHE K 228 21.74 21.91 48.99
C PHE K 228 20.84 21.19 48.01
N SER K 229 20.65 19.90 48.23
CA SER K 229 19.97 19.08 47.22
C SER K 229 18.53 19.52 47.02
N SER K 230 17.79 19.68 48.11
CA SER K 230 16.38 20.00 48.00
C SER K 230 16.17 21.37 47.41
N LEU K 231 17.13 22.27 47.58
CA LEU K 231 16.99 23.57 46.96
C LEU K 231 17.30 23.49 45.48
N ARG K 232 18.30 22.70 45.12
CA ARG K 232 18.59 22.47 43.71
C ARG K 232 17.38 21.88 43.00
N LYS K 233 16.62 21.07 43.72
CA LYS K 233 15.47 20.44 43.12
C LYS K 233 14.34 21.42 42.86
N SER K 234 14.39 22.60 43.47
CA SER K 234 13.35 23.59 43.24
C SER K 234 13.55 24.32 41.94
N LEU K 235 14.78 24.69 41.63
CA LEU K 235 15.10 25.47 40.45
C LEU K 235 15.22 24.63 39.19
N ARG K 236 14.84 23.36 39.24
CA ARG K 236 14.99 22.51 38.06
C ARG K 236 14.08 22.97 36.93
N SER K 237 12.81 23.16 37.22
CA SER K 237 11.85 23.52 36.19
C SER K 237 11.95 24.99 35.80
N CYS K 238 12.36 25.84 36.72
CA CYS K 238 12.49 27.25 36.42
C CYS K 238 13.59 27.52 35.41
N LEU K 239 14.60 26.66 35.37
CA LEU K 239 15.74 26.87 34.51
C LEU K 239 15.75 25.97 33.28
N ALA K 240 14.85 24.99 33.22
CA ALA K 240 14.85 24.09 32.07
C ALA K 240 14.53 24.83 30.78
N HIS K 241 13.59 25.76 30.82
CA HIS K 241 13.13 26.38 29.60
C HIS K 241 14.26 27.17 28.93
N ASN K 242 14.04 27.50 27.66
CA ASN K 242 15.00 28.27 26.89
C ASN K 242 14.78 29.76 27.02
N SER K 243 13.58 30.23 26.73
CA SER K 243 13.28 31.65 26.62
C SER K 243 12.59 32.12 27.88
N ARG K 244 13.28 32.96 28.65
CA ARG K 244 12.74 33.56 29.86
C ARG K 244 13.57 34.80 30.18
N TRP K 245 12.92 35.73 30.88
CA TRP K 245 13.54 36.98 31.28
C TRP K 245 13.97 36.85 32.73
N ARG K 246 15.26 36.93 32.96
CA ARG K 246 15.85 36.78 34.27
C ARG K 246 16.61 38.05 34.65
N VAL K 247 16.77 38.24 35.96
CA VAL K 247 17.37 39.45 36.50
C VAL K 247 18.05 39.11 37.82
N PHE K 248 19.28 39.57 37.99
CA PHE K 248 20.06 39.36 39.20
C PHE K 248 20.33 40.69 39.88
N VAL K 249 20.53 40.64 41.20
CA VAL K 249 20.94 41.79 41.98
C VAL K 249 21.95 41.33 43.01
N ILE K 250 23.09 42.01 43.07
CA ILE K 250 24.19 41.62 43.95
C ILE K 250 24.75 42.86 44.63
N ASN K 251 25.28 42.65 45.84
CA ASN K 251 25.89 43.71 46.63
C ASN K 251 27.25 43.25 47.09
N PRO K 252 28.32 43.66 46.44
CA PRO K 252 29.65 43.10 46.70
C PRO K 252 30.36 43.75 47.88
N LEU K 253 29.74 43.72 49.05
CA LEU K 253 30.39 44.24 50.24
C LEU K 253 31.16 43.16 50.97
N THR K 254 30.47 42.10 51.36
CA THR K 254 31.02 41.07 52.21
C THR K 254 31.37 39.79 51.46
N ILE K 255 31.16 39.75 50.15
CA ILE K 255 31.53 38.57 49.39
C ILE K 255 33.04 38.39 49.43
N GLU K 256 33.47 37.16 49.24
CA GLU K 256 34.88 36.83 49.33
C GLU K 256 35.51 36.76 47.95
N ASN K 257 36.72 37.30 47.86
CA ASN K 257 37.51 37.26 46.64
C ASN K 257 36.67 37.61 45.42
N PHE K 258 36.06 38.78 45.46
CA PHE K 258 35.11 39.20 44.43
C PHE K 258 35.77 39.87 43.24
N ASP K 259 37.00 40.36 43.40
CA ASP K 259 37.61 41.11 42.31
C ASP K 259 37.95 40.21 41.14
N ASP K 260 38.16 38.92 41.38
CA ASP K 260 38.62 37.99 40.36
C ASP K 260 37.92 36.65 40.44
N ASP K 261 36.64 36.65 40.80
CA ASP K 261 35.83 35.45 40.80
C ASP K 261 34.52 35.60 40.04
N ILE K 262 34.06 36.83 39.84
CA ILE K 262 32.77 37.05 39.19
C ILE K 262 32.85 36.75 37.71
N VAL K 263 34.01 36.98 37.11
CA VAL K 263 34.18 36.73 35.68
C VAL K 263 33.89 35.27 35.40
N ARG K 264 34.37 34.38 36.26
CA ARG K 264 34.14 32.96 36.10
C ARG K 264 32.65 32.66 36.05
N PHE K 265 31.90 33.19 37.01
CA PHE K 265 30.47 32.90 37.09
C PHE K 265 29.75 33.42 35.87
N ILE K 266 29.95 34.70 35.56
CA ILE K 266 29.27 35.29 34.41
C ILE K 266 29.59 34.49 33.16
N LYS K 267 30.85 34.06 33.02
CA LYS K 267 31.26 33.38 31.82
C LYS K 267 30.56 32.05 31.70
N ALA K 268 30.61 31.24 32.75
CA ALA K 268 30.01 29.92 32.69
C ALA K 268 28.51 30.03 32.46
N PHE K 269 27.88 30.96 33.16
CA PHE K 269 26.44 31.12 33.04
C PHE K 269 26.06 31.50 31.62
N VAL K 270 26.72 32.51 31.07
CA VAL K 270 26.43 32.91 29.71
C VAL K 270 26.80 31.82 28.73
N GLN K 271 27.61 30.85 29.17
CA GLN K 271 27.97 29.77 28.28
C GLN K 271 26.92 28.68 28.23
N ARG K 272 26.28 28.39 29.36
CA ARG K 272 25.36 27.27 29.40
C ARG K 272 23.93 27.66 29.16
N TYR K 273 23.60 28.94 29.23
CA TYR K 273 22.22 29.39 29.12
C TYR K 273 21.97 30.43 28.04
N SER K 274 23.00 31.08 27.51
CA SER K 274 22.78 32.13 26.51
C SER K 274 23.78 32.04 25.39
N SER K 275 24.04 30.84 24.89
CA SER K 275 24.82 30.65 23.68
C SER K 275 24.07 29.67 22.79
N LYS K 276 23.11 30.20 22.03
CA LYS K 276 22.28 29.38 21.16
C LYS K 276 21.28 30.28 20.45
N TYR K 277 20.79 29.79 19.32
CA TYR K 277 19.82 30.52 18.53
C TYR K 277 18.51 30.70 19.27
N LEU K 278 17.92 29.60 19.71
CA LEU K 278 16.61 29.65 20.33
C LEU K 278 16.56 30.68 21.44
N HIS K 279 17.62 30.78 22.21
CA HIS K 279 17.70 31.76 23.28
C HIS K 279 17.53 33.16 22.71
N SER K 280 16.56 33.89 23.24
CA SER K 280 16.16 35.15 22.63
C SER K 280 15.86 36.23 23.66
N ASN K 281 16.27 36.06 24.91
CA ASN K 281 16.10 37.08 25.93
C ASN K 281 17.15 36.86 27.00
N PRO K 282 18.29 37.50 26.86
CA PRO K 282 19.36 37.30 27.80
C PRO K 282 19.10 38.03 29.10
N PRO K 283 19.91 37.75 30.11
CA PRO K 283 19.71 38.32 31.44
C PRO K 283 20.36 39.68 31.60
N LEU K 284 20.12 40.26 32.76
CA LEU K 284 20.73 41.52 33.15
C LEU K 284 21.20 41.42 34.59
N PHE K 285 22.46 41.74 34.81
CA PHE K 285 23.04 41.80 36.14
C PHE K 285 23.06 43.24 36.60
N MET K 286 22.67 43.47 37.85
CA MET K 286 22.56 44.81 38.41
C MET K 286 23.32 44.83 39.73
N LEU K 287 24.53 45.36 39.70
CA LEU K 287 25.31 45.55 40.90
C LEU K 287 24.89 46.81 41.63
N THR K 288 24.90 46.74 42.95
CA THR K 288 24.59 47.88 43.81
C THR K 288 25.79 48.16 44.70
N GLY K 289 26.19 49.41 44.79
CA GLY K 289 27.30 49.80 45.61
C GLY K 289 28.01 51.00 45.02
N ASP K 290 29.34 50.94 45.05
CA ASP K 290 30.21 51.96 44.46
C ASP K 290 31.25 51.31 43.58
N TYR K 291 30.90 50.20 42.96
CA TYR K 291 31.80 49.47 42.09
C TYR K 291 32.05 50.25 40.80
N ASP K 292 33.04 49.80 40.05
CA ASP K 292 33.38 50.35 38.75
C ASP K 292 33.14 49.27 37.69
N LEU K 293 32.28 49.58 36.72
CA LEU K 293 31.91 48.58 35.72
C LEU K 293 32.95 48.44 34.63
N SER K 294 33.65 49.53 34.30
CA SER K 294 34.53 49.53 33.15
C SER K 294 35.51 48.37 33.20
N VAL K 295 36.03 48.05 34.38
CA VAL K 295 37.05 47.02 34.49
C VAL K 295 36.46 45.67 34.15
N LEU K 296 35.26 45.40 34.64
CA LEU K 296 34.61 44.13 34.37
C LEU K 296 34.29 44.00 32.89
N GLN K 297 33.87 45.10 32.28
CA GLN K 297 33.53 45.07 30.87
C GLN K 297 34.76 44.76 30.04
N LYS K 298 35.86 45.44 30.35
CA LYS K 298 37.09 45.22 29.60
C LYS K 298 37.58 43.80 29.77
N ARG K 299 37.44 43.24 30.96
CA ARG K 299 37.89 41.87 31.17
C ARG K 299 37.03 40.90 30.40
N LEU K 300 35.71 41.07 30.46
CA LEU K 300 34.83 40.14 29.78
C LEU K 300 34.99 40.21 28.28
N TYR K 301 35.40 41.36 27.75
CA TYR K 301 35.63 41.45 26.32
C TYR K 301 36.75 40.52 25.89
N ASP K 302 37.72 40.28 26.77
CA ASP K 302 38.88 39.49 26.38
C ASP K 302 38.49 38.06 26.08
N ALA K 303 37.48 37.56 26.78
CA ALA K 303 37.03 36.19 26.55
C ALA K 303 36.29 36.07 25.23
N GLY K 304 35.65 37.14 24.78
CA GLY K 304 34.94 37.12 23.51
C GLY K 304 33.54 37.67 23.62
N LEU K 305 33.04 37.82 24.84
CA LEU K 305 31.69 38.26 25.06
C LEU K 305 31.54 39.76 24.84
N ARG K 306 30.31 40.17 24.59
CA ARG K 306 29.97 41.57 24.37
C ARG K 306 28.77 41.94 25.22
N CYS K 307 28.85 43.10 25.86
CA CYS K 307 27.81 43.58 26.74
C CYS K 307 26.97 44.66 26.07
N GLU K 308 25.86 45.01 26.72
CA GLU K 308 24.95 46.07 26.30
C GLU K 308 24.59 46.90 27.51
N THR K 309 25.32 47.99 27.73
CA THR K 309 25.17 48.77 28.94
C THR K 309 24.08 49.82 28.80
N GLY K 310 23.80 50.25 27.59
CA GLY K 310 22.76 51.23 27.35
C GLY K 310 23.23 52.66 27.43
N LYS K 311 24.52 52.91 27.45
CA LYS K 311 25.04 54.25 27.65
C LYS K 311 25.42 54.86 26.31
N VAL K 312 24.39 55.28 25.59
CA VAL K 312 24.56 56.12 24.41
C VAL K 312 24.75 57.55 24.92
N GLY K 313 26.00 57.94 25.09
CA GLY K 313 26.33 59.24 25.65
C GLY K 313 27.23 59.17 26.87
N GLY K 314 27.49 57.98 27.39
CA GLY K 314 28.34 57.81 28.55
C GLY K 314 27.96 58.67 29.73
N THR K 315 26.73 59.17 29.74
CA THR K 315 26.25 60.03 30.81
C THR K 315 25.06 59.45 31.56
N ASP K 316 24.03 59.02 30.85
CA ASP K 316 22.82 58.51 31.48
C ASP K 316 22.27 57.37 30.67
N VAL K 317 21.57 56.46 31.36
CA VAL K 317 21.07 55.26 30.72
C VAL K 317 19.69 55.51 30.16
N ILE K 318 19.43 54.90 29.01
CA ILE K 318 18.11 54.91 28.40
C ILE K 318 17.48 53.54 28.61
N ILE K 319 16.28 53.53 29.17
CA ILE K 319 15.67 52.30 29.63
C ILE K 319 15.36 51.38 28.46
N LYS K 320 14.96 51.97 27.34
CA LYS K 320 14.42 51.15 26.25
C LYS K 320 15.51 50.36 25.55
N GLU K 321 16.70 50.92 25.41
CA GLU K 321 17.74 50.24 24.66
C GLU K 321 18.21 48.99 25.38
N LEU K 322 18.24 49.03 26.70
CA LEU K 322 18.76 47.90 27.45
C LEU K 322 17.90 46.67 27.26
N PHE K 323 16.64 46.86 26.86
CA PHE K 323 15.66 45.79 26.87
C PHE K 323 15.32 45.30 25.48
N ARG K 324 16.10 45.66 24.47
CA ARG K 324 15.74 45.34 23.11
C ARG K 324 16.06 43.89 22.78
N ARG K 325 15.36 43.38 21.81
CA ARG K 325 15.62 42.05 21.29
C ARG K 325 16.75 42.09 20.29
N PRO K 326 17.73 41.21 20.39
CA PRO K 326 18.92 41.31 19.56
C PRO K 326 18.76 40.64 18.20
N ILE K 327 19.80 40.76 17.43
CA ILE K 327 19.90 40.16 16.11
C ILE K 327 20.58 38.81 16.23
N LEU K 328 20.09 37.84 15.48
CA LEU K 328 20.58 36.48 15.56
C LEU K 328 20.63 35.88 14.16
N ILE K 329 21.77 35.31 13.80
CA ILE K 329 21.96 34.65 12.53
C ILE K 329 22.46 33.23 12.78
N ARG K 330 21.95 32.29 11.99
CA ARG K 330 22.16 30.87 12.26
C ARG K 330 23.50 30.37 11.74
N ASN K 331 23.70 30.42 10.43
CA ASN K 331 24.87 29.81 9.81
C ASN K 331 25.78 30.87 9.25
N PRO K 332 26.89 31.21 9.91
CA PRO K 332 27.31 30.73 11.23
C PRO K 332 26.70 31.51 12.38
N PHE K 333 26.79 30.93 13.58
CA PHE K 333 26.22 31.54 14.76
C PHE K 333 26.92 32.84 15.10
N ARG K 334 26.12 33.86 15.41
CA ARG K 334 26.66 35.12 15.86
C ARG K 334 25.56 35.88 16.58
N MET K 335 25.90 36.45 17.72
CA MET K 335 24.98 37.24 18.51
C MET K 335 25.55 38.63 18.69
N GLU K 336 24.67 39.62 18.74
CA GLU K 336 25.10 40.98 18.98
C GLU K 336 25.58 41.16 20.40
N PHE K 337 24.71 40.87 21.36
CA PHE K 337 25.09 40.88 22.76
C PHE K 337 24.57 39.61 23.43
N SER K 338 25.33 39.16 24.42
CA SER K 338 24.98 38.00 25.20
C SER K 338 24.74 38.29 26.67
N LEU K 339 25.04 39.50 27.14
CA LEU K 339 24.76 39.85 28.51
C LEU K 339 24.51 41.35 28.64
N ARG K 340 23.63 41.68 29.57
CA ARG K 340 23.28 43.04 29.90
C ARG K 340 23.89 43.42 31.24
N LEU K 341 24.32 44.67 31.37
CA LEU K 341 24.92 45.15 32.60
C LEU K 341 24.53 46.59 32.86
N ALA K 342 24.29 46.90 34.14
CA ALA K 342 24.03 48.26 34.56
C ALA K 342 23.87 48.35 36.07
N LYS K 343 24.27 49.47 36.64
CA LYS K 343 24.05 49.71 38.06
C LYS K 343 22.60 50.06 38.33
N ARG K 344 22.23 50.00 39.60
CA ARG K 344 20.82 50.10 39.96
C ARG K 344 20.39 51.54 40.13
N ASP K 345 21.19 52.32 40.85
CA ASP K 345 20.82 53.70 41.12
C ASP K 345 20.56 54.46 39.83
N GLU K 346 21.17 54.04 38.74
CA GLU K 346 20.98 54.73 37.48
C GLU K 346 19.69 54.31 36.80
N VAL K 347 19.36 53.03 36.86
CA VAL K 347 18.15 52.53 36.22
C VAL K 347 16.96 53.13 36.94
N ILE K 348 16.29 54.05 36.26
CA ILE K 348 15.17 54.80 36.83
C ILE K 348 13.95 54.50 36.00
N GLY K 349 13.02 53.74 36.56
CA GLY K 349 11.82 53.38 35.85
C GLY K 349 11.51 51.91 35.94
N GLY K 350 10.88 51.39 34.90
CA GLY K 350 10.48 50.00 34.89
C GLY K 350 10.38 49.44 33.50
N PRO K 351 10.30 48.12 33.40
CA PRO K 351 10.25 47.46 32.10
C PRO K 351 8.87 47.51 31.47
N GLN K 352 8.85 47.22 30.17
CA GLN K 352 7.59 47.08 29.47
C GLN K 352 6.84 45.83 29.91
N ARG K 353 7.59 44.79 30.29
CA ARG K 353 7.02 43.55 30.77
C ARG K 353 7.59 43.22 32.14
N ARG K 354 7.11 42.20 32.68
CA ARG K 354 7.55 41.78 33.99
C ARG K 354 8.50 40.60 33.89
N PRO K 355 9.39 40.46 34.84
CA PRO K 355 10.32 39.33 34.85
C PRO K 355 9.73 38.09 35.48
N ASP K 356 10.05 36.94 34.89
CA ASP K 356 9.51 35.68 35.39
C ASP K 356 10.24 35.25 36.66
N GLU K 357 11.50 35.63 36.79
CA GLU K 357 12.31 35.21 37.91
C GLU K 357 13.30 36.30 38.27
N LEU K 358 13.48 36.53 39.56
CA LEU K 358 14.26 37.65 40.07
C LEU K 358 15.06 37.17 41.28
N PHE K 359 16.26 36.70 41.01
CA PHE K 359 17.14 36.27 42.06
C PHE K 359 17.82 37.46 42.72
N LEU K 360 17.88 37.43 44.04
CA LEU K 360 18.48 38.49 44.84
C LEU K 360 19.53 37.89 45.76
N ILE K 361 20.73 38.43 45.70
CA ILE K 361 21.85 37.97 46.50
C ILE K 361 22.29 39.09 47.42
N ASN K 362 22.23 38.85 48.72
CA ASN K 362 22.71 39.79 49.73
C ASN K 362 21.98 41.13 49.64
N VAL K 363 20.66 41.06 49.57
CA VAL K 363 19.81 42.24 49.51
C VAL K 363 18.48 41.92 50.17
N ALA K 364 17.80 42.95 50.65
CA ALA K 364 16.59 42.76 51.44
C ALA K 364 15.34 42.92 50.61
N ASP K 365 15.18 44.07 49.97
CA ASP K 365 13.96 44.33 49.22
C ASP K 365 14.26 45.28 48.07
N ASP K 366 13.60 45.04 46.95
CA ASP K 366 13.71 45.88 45.77
C ASP K 366 12.32 46.23 45.29
N GLU K 367 12.23 47.32 44.53
CA GLU K 367 10.95 47.89 44.19
C GLU K 367 10.17 47.01 43.22
N TRP K 368 10.87 46.19 42.44
CA TRP K 368 10.19 45.42 41.41
C TRP K 368 9.49 44.20 41.94
N LYS K 369 9.57 43.93 43.24
CA LYS K 369 8.81 42.82 43.80
C LYS K 369 7.34 42.94 43.42
N HIS K 370 6.65 41.81 43.47
CA HIS K 370 5.26 41.74 43.06
C HIS K 370 4.77 40.33 43.35
N GLU K 371 3.46 40.15 43.23
CA GLU K 371 2.86 38.84 43.41
C GLU K 371 3.09 37.97 42.18
N ASP K 372 2.80 38.51 41.00
CA ASP K 372 2.98 37.75 39.77
C ASP K 372 4.42 37.32 39.57
N VAL K 373 5.38 38.11 40.03
CA VAL K 373 6.79 37.82 39.83
C VAL K 373 7.32 37.01 41.00
N ASN K 374 8.04 35.95 40.70
CA ASN K 374 8.65 35.12 41.72
C ASN K 374 9.95 35.74 42.21
N VAL K 375 10.27 35.48 43.47
CA VAL K 375 11.45 36.05 44.09
C VAL K 375 12.18 35.01 44.93
N HIS K 376 13.23 34.43 44.36
CA HIS K 376 14.09 33.53 45.10
C HIS K 376 15.25 34.32 45.68
N GLY K 377 15.20 34.56 46.98
CA GLY K 377 16.18 35.38 47.64
C GLY K 377 17.15 34.60 48.48
N PHE K 378 18.44 34.71 48.16
CA PHE K 378 19.50 34.00 48.83
C PHE K 378 20.43 34.97 49.54
N LYS K 379 21.26 34.43 50.42
CA LYS K 379 22.28 35.19 51.15
C LYS K 379 23.54 34.35 51.24
N ILE K 380 24.47 34.61 50.31
CA ILE K 380 25.67 33.78 50.18
C ILE K 380 26.86 34.48 50.80
N GLU K 381 27.94 33.73 51.00
CA GLU K 381 29.22 34.25 51.43
C GLU K 381 30.29 34.07 50.36
N ARG K 382 30.49 32.85 49.90
CA ARG K 382 31.39 32.56 48.79
C ARG K 382 30.57 32.12 47.59
N LEU K 383 30.97 32.58 46.40
CA LEU K 383 30.14 32.37 45.22
C LEU K 383 30.06 30.91 44.84
N SER K 384 31.19 30.20 44.89
CA SER K 384 31.25 28.85 44.36
C SER K 384 30.11 27.99 44.88
N ASP K 385 29.56 28.32 46.04
CA ASP K 385 28.47 27.53 46.57
C ASP K 385 27.23 27.67 45.72
N LEU K 386 27.10 28.80 45.02
CA LEU K 386 25.90 29.03 44.22
C LEU K 386 25.94 28.25 42.93
N GLU K 387 27.14 27.98 42.40
CA GLU K 387 27.24 27.27 41.14
C GLU K 387 26.55 25.92 41.21
N TYR K 388 26.44 25.35 42.40
CA TYR K 388 25.82 24.04 42.54
C TYR K 388 24.33 24.12 42.34
N ILE K 389 23.71 25.19 42.83
CA ILE K 389 22.27 25.31 42.78
C ILE K 389 21.79 25.47 41.35
N LEU K 390 22.69 25.76 40.42
CA LEU K 390 22.31 26.05 39.05
C LEU K 390 22.94 25.11 38.03
N GLN K 391 23.55 24.03 38.50
CA GLN K 391 24.00 22.96 37.63
C GLN K 391 25.16 23.39 36.74
N LEU K 392 26.01 24.25 37.28
CA LEU K 392 27.26 24.61 36.63
C LEU K 392 28.45 23.82 37.17
N ARG K 393 28.30 23.16 38.31
CA ARG K 393 29.37 22.41 38.93
C ARG K 393 28.79 21.18 39.58
N SER K 394 29.64 20.19 39.83
CA SER K 394 29.19 18.91 40.36
C SER K 394 29.43 18.77 41.86
N ASP K 395 30.54 19.29 42.37
CA ASP K 395 30.95 19.06 43.75
C ASP K 395 31.09 20.38 44.49
N TYR K 396 30.50 20.44 45.69
CA TYR K 396 30.57 21.62 46.53
C TYR K 396 31.79 21.64 47.44
N ALA K 397 32.53 20.54 47.53
CA ALA K 397 33.70 20.46 48.37
C ALA K 397 33.33 20.67 49.85
N LYS L 224 34.95 81.32 -11.12
CA LYS L 224 35.55 80.80 -9.90
C LYS L 224 34.65 79.77 -9.25
N GLY L 225 33.39 80.15 -9.02
CA GLY L 225 32.45 79.25 -8.38
C GLY L 225 32.26 77.95 -9.10
N ARG L 226 32.48 77.92 -10.42
CA ARG L 226 32.38 76.68 -11.17
C ARG L 226 33.59 75.78 -10.96
N MET L 227 34.56 76.20 -10.15
CA MET L 227 35.65 75.30 -9.80
C MET L 227 35.13 74.01 -9.20
N PHE L 228 33.90 74.02 -8.69
CA PHE L 228 33.28 72.83 -8.15
C PHE L 228 32.65 71.98 -9.23
N SER L 229 32.20 72.60 -10.31
CA SER L 229 31.49 71.86 -11.35
C SER L 229 32.39 70.79 -11.95
N SER L 230 33.70 70.94 -11.81
CA SER L 230 34.61 69.94 -12.33
C SER L 230 34.89 68.87 -11.30
N LEU L 231 35.29 69.30 -10.11
CA LEU L 231 35.48 68.37 -9.01
C LEU L 231 34.30 67.44 -8.85
N ARG L 232 33.11 67.90 -9.20
CA ARG L 232 31.94 67.04 -9.14
C ARG L 232 32.10 65.85 -10.07
N LYS L 233 32.28 66.13 -11.36
CA LYS L 233 32.38 65.04 -12.32
C LYS L 233 33.60 64.18 -12.07
N SER L 234 34.58 64.74 -11.38
CA SER L 234 35.76 63.95 -11.03
C SER L 234 35.38 62.66 -10.32
N LEU L 235 34.52 62.75 -9.33
CA LEU L 235 34.26 61.65 -8.41
C LEU L 235 33.06 60.81 -8.78
N ARG L 236 32.49 60.98 -9.96
CA ARG L 236 31.29 60.23 -10.31
C ARG L 236 31.58 58.75 -10.38
N SER L 237 32.78 58.37 -10.76
CA SER L 237 33.08 56.96 -10.96
C SER L 237 33.32 56.24 -9.64
N CYS L 238 33.84 56.96 -8.64
CA CYS L 238 34.21 56.31 -7.40
C CYS L 238 32.99 56.01 -6.55
N LEU L 239 32.13 57.00 -6.35
CA LEU L 239 30.93 56.82 -5.56
C LEU L 239 29.88 55.98 -6.24
N ALA L 240 30.15 55.46 -7.42
CA ALA L 240 29.18 54.62 -8.09
C ALA L 240 29.18 53.22 -7.51
N HIS L 241 30.36 52.68 -7.21
CA HIS L 241 30.45 51.33 -6.67
C HIS L 241 29.60 51.21 -5.42
N ASN L 242 29.29 49.98 -5.06
CA ASN L 242 28.43 49.75 -3.91
C ASN L 242 29.24 49.57 -2.64
N SER L 243 30.34 48.85 -2.72
CA SER L 243 31.14 48.48 -1.55
C SER L 243 32.54 49.05 -1.69
N ARG L 244 32.92 49.91 -0.75
CA ARG L 244 34.27 50.43 -0.71
C ARG L 244 34.50 51.06 0.65
N TRP L 245 35.77 51.27 0.98
CA TRP L 245 36.20 51.76 2.27
C TRP L 245 36.49 53.25 2.14
N ARG L 246 35.70 54.07 2.81
CA ARG L 246 35.80 55.51 2.71
C ARG L 246 36.11 56.12 4.06
N VAL L 247 36.74 57.28 4.03
CA VAL L 247 37.19 57.98 5.23
C VAL L 247 37.09 59.49 5.01
N PHE L 248 36.77 60.20 6.08
CA PHE L 248 36.75 61.65 6.11
C PHE L 248 37.48 62.14 7.34
N VAL L 249 38.13 63.29 7.24
CA VAL L 249 38.79 63.93 8.37
C VAL L 249 38.50 65.44 8.28
N ILE L 250 37.56 65.89 9.08
CA ILE L 250 37.12 67.28 9.06
C ILE L 250 37.76 68.05 10.20
N ASN L 251 37.70 69.37 10.10
CA ASN L 251 38.08 70.28 11.19
C ASN L 251 37.04 71.37 11.27
N PRO L 252 36.23 71.42 12.33
CA PRO L 252 35.10 72.33 12.35
C PRO L 252 35.39 73.74 12.86
N LEU L 253 36.59 73.97 13.42
CA LEU L 253 36.89 75.28 13.96
C LEU L 253 36.84 76.36 12.91
N THR L 254 37.20 76.04 11.67
CA THR L 254 37.26 77.01 10.59
C THR L 254 36.05 76.97 9.69
N ILE L 255 35.11 76.11 9.96
CA ILE L 255 33.91 76.03 9.14
C ILE L 255 32.86 77.00 9.67
N GLU L 256 32.00 77.44 8.78
CA GLU L 256 30.94 78.39 9.13
C GLU L 256 29.65 77.64 9.42
N ASN L 257 29.10 77.86 10.60
CA ASN L 257 27.79 77.33 10.96
C ASN L 257 27.74 75.83 10.73
N PHE L 258 28.55 75.12 11.52
CA PHE L 258 28.80 73.70 11.35
C PHE L 258 27.91 72.85 12.25
N ASP L 259 27.99 73.10 13.55
CA ASP L 259 27.22 72.34 14.52
C ASP L 259 25.77 72.22 14.14
N ASP L 260 25.25 73.19 13.39
CA ASP L 260 23.82 73.23 13.16
C ASP L 260 23.38 72.32 12.03
N ASP L 261 24.29 71.96 11.12
CA ASP L 261 23.93 71.19 9.94
C ASP L 261 24.70 69.89 9.82
N ILE L 262 25.59 69.59 10.77
CA ILE L 262 26.32 68.34 10.71
C ILE L 262 25.37 67.16 10.69
N VAL L 263 24.30 67.23 11.48
CA VAL L 263 23.40 66.11 11.62
C VAL L 263 22.69 65.84 10.30
N ARG L 264 22.19 66.89 9.66
CA ARG L 264 21.52 66.72 8.37
C ARG L 264 22.48 66.14 7.35
N PHE L 265 23.72 66.61 7.36
CA PHE L 265 24.73 66.06 6.47
C PHE L 265 24.83 64.55 6.64
N ILE L 266 25.15 64.13 7.85
CA ILE L 266 25.39 62.72 8.10
C ILE L 266 24.15 61.93 7.75
N LYS L 267 22.98 62.53 7.95
CA LYS L 267 21.74 61.82 7.70
C LYS L 267 21.56 61.55 6.22
N ALA L 268 21.72 62.59 5.40
CA ALA L 268 21.54 62.40 3.97
C ALA L 268 22.55 61.40 3.43
N PHE L 269 23.79 61.50 3.90
CA PHE L 269 24.80 60.59 3.41
C PHE L 269 24.47 59.15 3.78
N VAL L 270 24.18 58.90 5.05
CA VAL L 270 23.87 57.54 5.48
C VAL L 270 22.65 57.03 4.74
N GLN L 271 21.79 57.92 4.26
CA GLN L 271 20.60 57.46 3.57
C GLN L 271 20.91 57.04 2.15
N ARG L 272 21.68 57.84 1.43
CA ARG L 272 21.78 57.64 -0.01
C ARG L 272 22.91 56.69 -0.41
N TYR L 273 23.80 56.34 0.49
CA TYR L 273 24.93 55.48 0.15
C TYR L 273 25.05 54.22 0.99
N SER L 274 24.43 54.15 2.16
CA SER L 274 24.59 53.01 3.06
C SER L 274 23.27 52.61 3.68
N SER L 275 22.22 52.50 2.87
CA SER L 275 20.91 52.10 3.35
C SER L 275 20.40 50.87 2.60
N LYS L 276 21.31 49.99 2.17
CA LYS L 276 20.93 48.78 1.47
C LYS L 276 21.89 47.66 1.82
N TYR L 277 21.51 46.45 1.38
CA TYR L 277 22.34 45.27 1.61
C TYR L 277 23.70 45.41 0.96
N LEU L 278 23.71 45.49 -0.38
CA LEU L 278 24.95 45.48 -1.12
C LEU L 278 25.96 46.51 -0.64
N HIS L 279 25.52 47.49 0.14
CA HIS L 279 26.43 48.45 0.75
C HIS L 279 26.96 47.82 2.03
N SER L 280 28.13 47.20 1.92
CA SER L 280 28.64 46.39 3.02
C SER L 280 29.34 47.23 4.09
N ASN L 281 30.40 47.91 3.72
CA ASN L 281 31.25 48.59 4.69
C ASN L 281 30.84 50.03 4.84
N PRO L 282 30.34 50.44 6.00
CA PRO L 282 29.96 51.83 6.17
C PRO L 282 31.16 52.71 6.38
N PRO L 283 30.95 54.02 6.34
CA PRO L 283 32.06 54.97 6.37
C PRO L 283 32.55 55.25 7.77
N LEU L 284 33.51 56.16 7.83
CA LEU L 284 34.18 56.55 9.06
C LEU L 284 34.38 58.04 9.03
N PHE L 285 33.73 58.74 9.95
CA PHE L 285 33.86 60.17 10.07
C PHE L 285 34.73 60.45 11.28
N MET L 286 35.90 61.02 11.03
CA MET L 286 36.82 61.40 12.09
C MET L 286 36.97 62.90 12.11
N LEU L 287 37.17 63.43 13.30
CA LEU L 287 37.29 64.86 13.52
C LEU L 287 38.58 65.20 14.24
N THR L 288 38.96 66.46 14.17
CA THR L 288 40.17 66.95 14.79
C THR L 288 39.84 68.15 15.65
N GLY L 289 40.56 68.28 16.75
CA GLY L 289 40.34 69.35 17.69
C GLY L 289 39.38 68.95 18.80
N ASP L 290 39.41 69.74 19.87
CA ASP L 290 38.53 69.49 20.99
C ASP L 290 37.07 69.67 20.58
N TYR L 291 36.28 68.63 20.80
CA TYR L 291 34.87 68.67 20.49
C TYR L 291 34.21 67.46 21.13
N ASP L 292 33.01 67.65 21.65
CA ASP L 292 32.36 66.64 22.49
C ASP L 292 31.47 65.78 21.61
N LEU L 293 31.75 64.47 21.60
CA LEU L 293 31.03 63.57 20.73
C LEU L 293 29.69 63.17 21.32
N SER L 294 29.65 62.97 22.63
CA SER L 294 28.45 62.47 23.28
C SER L 294 27.20 63.18 22.79
N VAL L 295 27.30 64.49 22.60
CA VAL L 295 26.12 65.27 22.22
C VAL L 295 25.66 64.88 20.84
N LEU L 296 26.61 64.71 19.92
CA LEU L 296 26.24 64.35 18.56
C LEU L 296 25.73 62.94 18.51
N GLN L 297 26.25 62.08 19.37
CA GLN L 297 25.76 60.71 19.46
C GLN L 297 24.30 60.71 19.86
N LYS L 298 23.96 61.50 20.86
CA LYS L 298 22.59 61.53 21.32
C LYS L 298 21.67 62.08 20.24
N ARG L 299 22.12 63.14 19.57
CA ARG L 299 21.27 63.74 18.56
C ARG L 299 21.05 62.78 17.41
N LEU L 300 22.07 62.02 17.04
CA LEU L 300 21.92 61.08 15.94
C LEU L 300 21.05 59.91 16.35
N TYR L 301 21.08 59.55 17.62
CA TYR L 301 20.15 58.55 18.10
C TYR L 301 18.72 59.04 17.96
N ASP L 302 18.48 60.29 18.33
CA ASP L 302 17.13 60.83 18.23
C ASP L 302 16.70 60.90 16.78
N ALA L 303 17.62 61.23 15.88
CA ALA L 303 17.27 61.37 14.48
C ALA L 303 16.81 60.04 13.89
N GLY L 304 17.27 58.94 14.46
CA GLY L 304 16.86 57.63 13.99
C GLY L 304 17.97 56.79 13.43
N LEU L 305 19.18 56.95 13.95
CA LEU L 305 20.33 56.18 13.50
C LEU L 305 21.12 55.66 14.68
N ARG L 306 21.98 54.68 14.40
CA ARG L 306 22.85 54.06 15.37
C ARG L 306 24.29 54.16 14.92
N CYS L 307 25.18 54.38 15.88
CA CYS L 307 26.60 54.55 15.60
C CYS L 307 27.46 53.69 16.50
N GLU L 308 28.67 53.43 16.03
CA GLU L 308 29.69 52.72 16.79
C GLU L 308 30.87 53.65 17.03
N THR L 309 31.53 53.46 18.17
CA THR L 309 32.61 54.34 18.60
C THR L 309 33.83 53.57 19.06
N GLY L 310 33.89 52.29 18.73
CA GLY L 310 35.05 51.48 19.04
C GLY L 310 35.48 51.55 20.49
N LYS L 311 34.54 51.91 21.37
CA LYS L 311 34.81 51.99 22.79
C LYS L 311 34.18 50.80 23.49
N VAL L 312 34.87 50.32 24.53
CA VAL L 312 34.37 49.27 25.40
C VAL L 312 34.58 49.77 26.83
N GLY L 313 33.58 50.46 27.36
CA GLY L 313 33.61 50.91 28.74
C GLY L 313 34.48 52.12 28.98
N GLY L 314 35.71 52.08 28.51
CA GLY L 314 36.68 53.09 28.85
C GLY L 314 36.90 54.11 27.76
N THR L 315 37.80 55.06 28.06
CA THR L 315 38.14 56.10 27.11
C THR L 315 38.92 55.55 25.93
N ASP L 316 39.78 54.56 26.17
CA ASP L 316 40.62 54.01 25.11
C ASP L 316 39.77 53.48 23.97
N VAL L 317 40.35 53.52 22.78
CA VAL L 317 39.70 53.04 21.56
C VAL L 317 40.48 51.86 21.01
N ILE L 318 39.79 50.75 20.79
CA ILE L 318 40.41 49.54 20.28
C ILE L 318 40.26 49.51 18.78
N ILE L 319 41.38 49.60 18.08
CA ILE L 319 41.36 49.75 16.62
C ILE L 319 40.63 48.58 15.98
N LYS L 320 40.79 47.39 16.54
CA LYS L 320 40.25 46.20 15.90
C LYS L 320 38.74 46.20 15.87
N GLU L 321 38.10 46.83 16.86
CA GLU L 321 36.65 46.78 16.93
C GLU L 321 36.00 47.84 16.06
N LEU L 322 36.55 49.06 16.08
CA LEU L 322 35.95 50.14 15.32
C LEU L 322 35.80 49.78 13.85
N PHE L 323 36.63 48.89 13.36
CA PHE L 323 36.72 48.61 11.93
C PHE L 323 36.16 47.25 11.57
N ARG L 324 35.40 46.62 12.44
CA ARG L 324 34.89 45.29 12.14
C ARG L 324 33.85 45.35 11.02
N ARG L 325 33.47 44.18 10.58
CA ARG L 325 32.46 44.02 9.55
C ARG L 325 31.10 43.80 10.20
N PRO L 326 30.08 44.55 9.80
CA PRO L 326 28.83 44.52 10.52
C PRO L 326 27.97 43.30 10.17
N ILE L 327 26.93 43.13 10.96
CA ILE L 327 25.97 42.06 10.79
C ILE L 327 24.82 42.56 9.94
N LEU L 328 24.45 41.78 8.94
CA LEU L 328 23.43 42.17 7.97
C LEU L 328 22.47 41.02 7.73
N ILE L 329 21.18 41.31 7.81
CA ILE L 329 20.13 40.38 7.44
C ILE L 329 19.40 40.96 6.24
N ARG L 330 19.17 40.14 5.22
CA ARG L 330 18.67 40.65 3.94
C ARG L 330 17.20 41.00 4.05
N ASN L 331 16.36 40.00 4.31
CA ASN L 331 14.92 40.19 4.35
C ASN L 331 14.41 39.68 5.68
N PRO L 332 13.86 40.54 6.55
CA PRO L 332 13.77 42.00 6.43
C PRO L 332 15.09 42.70 6.70
N PHE L 333 15.27 43.88 6.12
CA PHE L 333 16.55 44.58 6.21
C PHE L 333 16.79 45.11 7.61
N ARG L 334 18.01 44.94 8.08
CA ARG L 334 18.43 45.47 9.37
C ARG L 334 19.94 45.52 9.40
N MET L 335 20.46 46.55 10.05
CA MET L 335 21.89 46.76 10.19
C MET L 335 22.21 47.11 11.62
N GLU L 336 23.41 46.72 12.05
CA GLU L 336 23.83 46.98 13.42
C GLU L 336 24.33 48.40 13.56
N PHE L 337 25.28 48.80 12.72
CA PHE L 337 25.71 50.17 12.67
C PHE L 337 25.68 50.66 11.24
N SER L 338 25.44 51.96 11.09
CA SER L 338 25.44 52.63 9.80
C SER L 338 26.50 53.69 9.67
N LEU L 339 27.05 54.20 10.78
CA LEU L 339 28.12 55.17 10.72
C LEU L 339 29.12 54.93 11.82
N ARG L 340 30.37 55.20 11.52
CA ARG L 340 31.48 55.09 12.45
C ARG L 340 31.99 56.49 12.78
N LEU L 341 32.35 56.69 14.04
CA LEU L 341 32.68 58.03 14.53
C LEU L 341 33.64 57.91 15.70
N ALA L 342 34.69 58.71 15.66
CA ALA L 342 35.69 58.73 16.71
C ALA L 342 36.66 59.86 16.43
N LYS L 343 37.20 60.42 17.50
CA LYS L 343 38.17 61.49 17.38
C LYS L 343 39.52 60.94 16.94
N ARG L 344 40.35 61.85 16.43
CA ARG L 344 41.62 61.45 15.85
C ARG L 344 42.65 61.16 16.94
N ASP L 345 42.86 62.10 17.84
CA ASP L 345 43.90 61.95 18.85
C ASP L 345 43.79 60.64 19.58
N GLU L 346 42.59 60.08 19.66
CA GLU L 346 42.40 58.82 20.37
C GLU L 346 42.86 57.64 19.54
N VAL L 347 42.68 57.73 18.23
CA VAL L 347 43.10 56.66 17.32
C VAL L 347 44.60 56.78 17.10
N ILE L 348 45.35 55.79 17.55
CA ILE L 348 46.79 55.74 17.39
C ILE L 348 47.13 54.47 16.65
N GLY L 349 47.90 54.61 15.57
CA GLY L 349 48.26 53.49 14.73
C GLY L 349 47.68 53.64 13.33
N GLY L 350 47.40 52.49 12.72
CA GLY L 350 46.80 52.46 11.42
C GLY L 350 45.93 51.24 11.24
N PRO L 351 45.21 51.19 10.13
CA PRO L 351 44.27 50.10 9.91
C PRO L 351 44.93 48.85 9.36
N GLN L 352 44.13 47.78 9.32
CA GLN L 352 44.62 46.49 8.86
C GLN L 352 44.75 46.47 7.35
N ARG L 353 43.69 46.86 6.66
CA ARG L 353 43.71 47.06 5.22
C ARG L 353 43.62 48.55 4.92
N ARG L 354 44.16 48.93 3.78
CA ARG L 354 44.30 50.33 3.47
C ARG L 354 43.00 50.89 2.93
N PRO L 355 42.80 52.19 3.07
CA PRO L 355 41.58 52.82 2.56
C PRO L 355 41.69 53.19 1.09
N ASP L 356 40.57 53.04 0.40
CA ASP L 356 40.53 53.36 -1.01
C ASP L 356 40.43 54.86 -1.24
N GLU L 357 39.68 55.56 -0.41
CA GLU L 357 39.48 56.99 -0.53
C GLU L 357 39.66 57.68 0.81
N LEU L 358 40.27 58.85 0.78
CA LEU L 358 40.51 59.66 1.97
C LEU L 358 40.28 61.13 1.62
N PHE L 359 39.05 61.57 1.78
CA PHE L 359 38.75 62.98 1.61
C PHE L 359 39.21 63.75 2.84
N LEU L 360 39.99 64.79 2.61
CA LEU L 360 40.51 65.65 3.68
C LEU L 360 39.93 67.04 3.49
N ILE L 361 39.09 67.45 4.43
CA ILE L 361 38.43 68.74 4.39
C ILE L 361 39.08 69.65 5.41
N ASN L 362 39.67 70.74 4.93
CA ASN L 362 40.22 71.78 5.78
C ASN L 362 41.29 71.24 6.70
N VAL L 363 42.06 70.28 6.21
CA VAL L 363 43.23 69.78 6.92
C VAL L 363 44.35 69.55 5.91
N ALA L 364 45.57 69.74 6.36
CA ALA L 364 46.73 69.72 5.48
C ALA L 364 47.26 68.30 5.26
N ASP L 365 47.72 67.66 6.32
CA ASP L 365 48.39 66.38 6.21
C ASP L 365 48.00 65.48 7.38
N ASP L 366 48.08 64.17 7.13
CA ASP L 366 47.79 63.16 8.13
C ASP L 366 48.70 61.97 7.90
N GLU L 367 48.63 61.03 8.83
CA GLU L 367 49.54 59.89 8.80
C GLU L 367 49.08 58.83 7.82
N TRP L 368 47.77 58.58 7.76
CA TRP L 368 47.25 57.54 6.89
C TRP L 368 47.61 57.78 5.44
N LYS L 369 48.07 58.97 5.09
CA LYS L 369 48.37 59.31 3.71
C LYS L 369 49.49 58.42 3.17
N HIS L 370 49.35 58.01 1.92
CA HIS L 370 50.26 57.06 1.30
C HIS L 370 50.26 57.31 -0.20
N GLU L 371 51.04 56.51 -0.91
CA GLU L 371 51.16 56.66 -2.35
C GLU L 371 50.05 55.92 -3.07
N ASP L 372 49.64 54.78 -2.53
CA ASP L 372 48.63 53.92 -3.14
C ASP L 372 47.26 54.12 -2.51
N VAL L 373 47.01 55.29 -1.95
CA VAL L 373 45.74 55.62 -1.31
C VAL L 373 45.26 56.92 -1.92
N ASN L 374 44.22 56.84 -2.74
CA ASN L 374 43.70 58.03 -3.38
C ASN L 374 43.43 59.10 -2.34
N VAL L 375 43.91 60.31 -2.61
CA VAL L 375 43.79 61.42 -1.69
C VAL L 375 43.25 62.60 -2.47
N HIS L 376 42.07 63.06 -2.09
CA HIS L 376 41.47 64.26 -2.64
C HIS L 376 41.30 65.27 -1.51
N GLY L 377 41.92 66.44 -1.67
CA GLY L 377 41.91 67.46 -0.66
C GLY L 377 41.29 68.75 -1.13
N PHE L 378 40.33 69.26 -0.36
CA PHE L 378 39.53 70.40 -0.76
C PHE L 378 39.58 71.48 0.31
N LYS L 379 38.91 72.59 0.00
CA LYS L 379 38.66 73.65 0.97
C LYS L 379 37.24 74.14 0.77
N ILE L 380 36.54 74.38 1.87
CA ILE L 380 35.14 74.78 1.83
C ILE L 380 34.86 75.81 2.91
N GLU L 381 33.70 76.45 2.80
CA GLU L 381 33.24 77.46 3.73
C GLU L 381 31.95 77.10 4.41
N ARG L 382 31.02 76.47 3.70
CA ARG L 382 29.80 75.95 4.28
C ARG L 382 29.68 74.47 3.94
N LEU L 383 28.71 73.82 4.57
CA LEU L 383 28.52 72.39 4.37
C LEU L 383 27.69 72.08 3.14
N SER L 384 26.99 73.06 2.60
CA SER L 384 26.23 72.82 1.38
C SER L 384 27.15 72.50 0.22
N ASP L 385 28.31 73.14 0.17
CA ASP L 385 29.23 72.91 -0.93
C ASP L 385 29.56 71.43 -1.04
N LEU L 386 29.72 70.76 0.09
CA LEU L 386 30.01 69.34 0.05
C LEU L 386 28.76 68.56 -0.35
N GLU L 387 27.60 69.07 0.05
CA GLU L 387 26.36 68.42 -0.35
C GLU L 387 26.19 68.47 -1.86
N TYR L 388 26.91 69.38 -2.52
CA TYR L 388 26.94 69.40 -3.97
C TYR L 388 28.03 68.50 -4.50
N ILE L 389 29.21 68.57 -3.89
CA ILE L 389 30.34 67.81 -4.39
C ILE L 389 30.09 66.32 -4.29
N LEU L 390 29.13 65.91 -3.47
CA LEU L 390 28.85 64.50 -3.26
C LEU L 390 27.46 64.09 -3.71
N GLN L 391 26.84 64.87 -4.59
CA GLN L 391 25.60 64.54 -5.26
C GLN L 391 24.41 64.43 -4.32
N LEU L 392 24.52 64.89 -3.09
CA LEU L 392 23.40 64.82 -2.17
C LEU L 392 22.24 65.68 -2.65
N ARG L 393 22.50 66.90 -3.09
CA ARG L 393 21.47 67.77 -3.62
C ARG L 393 22.00 68.56 -4.81
N SER L 394 21.16 68.73 -5.81
CA SER L 394 21.56 69.25 -7.11
C SER L 394 21.16 70.70 -7.23
N ASP L 395 22.08 71.60 -6.91
CA ASP L 395 21.87 73.02 -7.12
C ASP L 395 23.09 73.82 -6.70
N TYR L 396 23.08 75.11 -6.95
CA TYR L 396 24.17 75.97 -6.56
C TYR L 396 25.45 75.51 -7.24
N MET M 1 45.66 -5.24 -5.33
CA MET M 1 46.93 -4.55 -5.36
C MET M 1 47.43 -4.27 -6.78
N PRO M 2 47.08 -5.12 -7.75
CA PRO M 2 47.54 -4.88 -9.13
C PRO M 2 47.07 -3.56 -9.70
N ASP M 3 47.46 -3.29 -10.93
CA ASP M 3 47.12 -2.03 -11.58
C ASP M 3 45.68 -2.08 -12.05
N LEU M 4 44.78 -1.47 -11.27
CA LEU M 4 43.38 -1.46 -11.63
C LEU M 4 43.17 -0.83 -12.99
N GLY M 5 43.99 0.14 -13.34
CA GLY M 5 43.91 0.78 -14.62
C GLY M 5 43.20 2.13 -14.54
N THR M 6 42.62 2.49 -15.66
CA THR M 6 41.90 3.74 -15.72
C THR M 6 40.46 3.55 -15.27
N PRO M 7 39.83 4.60 -14.77
CA PRO M 7 38.48 4.48 -14.23
C PRO M 7 37.42 4.62 -15.31
N ILE M 8 36.17 4.47 -14.87
CA ILE M 8 35.02 4.49 -15.76
C ILE M 8 34.01 5.54 -15.38
N GLY M 9 34.00 6.00 -14.14
CA GLY M 9 33.02 6.99 -13.75
C GLY M 9 33.16 7.34 -12.28
N SER M 10 32.31 8.27 -11.87
CA SER M 10 32.32 8.81 -10.53
C SER M 10 30.97 8.57 -9.85
N VAL M 11 30.98 8.64 -8.53
CA VAL M 11 29.81 8.34 -7.73
C VAL M 11 28.93 9.55 -7.59
N THR M 12 27.62 9.32 -7.52
CA THR M 12 26.63 10.36 -7.35
C THR M 12 25.63 10.08 -6.24
N ASP M 13 25.53 8.84 -5.78
CA ASP M 13 24.75 8.59 -4.56
C ASP M 13 25.30 7.39 -3.83
N SER M 14 25.23 7.45 -2.50
CA SER M 14 25.91 6.52 -1.62
C SER M 14 25.01 6.19 -0.45
N SER M 15 24.95 4.91 -0.11
CA SER M 15 24.15 4.45 1.01
C SER M 15 24.51 3.00 1.30
N PRO M 16 24.04 2.46 2.41
CA PRO M 16 24.40 1.09 2.76
C PRO M 16 23.85 0.06 1.80
N SER M 17 22.70 0.33 1.19
CA SER M 17 22.05 -0.63 0.32
C SER M 17 22.20 -0.32 -1.16
N LEU M 18 22.48 0.92 -1.53
CA LEU M 18 22.52 1.31 -2.92
C LEU M 18 23.68 2.25 -3.18
N ILE M 19 24.40 2.01 -4.27
CA ILE M 19 25.39 2.92 -4.78
C ILE M 19 25.03 3.25 -6.22
N ARG M 20 25.00 4.54 -6.54
CA ARG M 20 24.56 5.02 -7.84
C ARG M 20 25.70 5.76 -8.49
N ILE M 21 26.21 5.18 -9.58
CA ILE M 21 27.30 5.70 -10.37
C ILE M 21 26.77 6.20 -11.71
N GLU M 22 27.51 7.14 -12.28
CA GLU M 22 27.18 7.78 -13.54
C GLU M 22 28.42 7.80 -14.43
N ILE M 23 28.22 7.57 -15.72
CA ILE M 23 29.27 7.66 -16.72
C ILE M 23 28.92 8.81 -17.66
N SER M 24 29.94 9.53 -18.11
CA SER M 24 29.73 10.76 -18.86
C SER M 24 29.71 10.54 -20.36
N SER M 25 30.71 9.84 -20.89
CA SER M 25 30.84 9.61 -22.32
C SER M 25 30.41 8.19 -22.68
N ALA M 26 30.13 8.01 -23.96
CA ALA M 26 29.64 6.73 -24.45
C ALA M 26 30.78 5.83 -24.91
N GLU M 27 31.91 6.41 -25.28
CA GLU M 27 33.06 5.61 -25.67
C GLU M 27 33.46 4.65 -24.56
N ASP M 28 33.48 5.14 -23.32
CA ASP M 28 33.85 4.28 -22.20
C ASP M 28 32.88 3.12 -22.06
N PHE M 29 31.59 3.40 -22.21
CA PHE M 29 30.60 2.34 -22.05
C PHE M 29 30.74 1.30 -23.14
N GLU M 30 30.94 1.74 -24.37
CA GLU M 30 31.05 0.78 -25.47
C GLU M 30 32.37 0.04 -25.39
N LYS M 31 33.34 0.60 -24.65
CA LYS M 31 34.61 -0.08 -24.46
C LYS M 31 34.50 -1.17 -23.40
N TYR M 32 33.83 -0.87 -22.28
CA TYR M 32 33.78 -1.77 -21.15
C TYR M 32 32.44 -2.47 -20.98
N LYS M 33 31.65 -2.52 -22.05
CA LYS M 33 30.37 -3.22 -22.01
C LYS M 33 30.48 -4.59 -21.36
N SER M 34 31.30 -5.46 -21.93
CA SER M 34 31.27 -6.86 -21.59
C SER M 34 31.52 -7.12 -20.11
N MET M 35 32.01 -6.14 -19.37
CA MET M 35 32.29 -6.30 -17.95
C MET M 35 31.34 -5.51 -17.06
N LEU M 36 30.17 -5.11 -17.56
CA LEU M 36 29.26 -4.27 -16.80
C LEU M 36 27.83 -4.79 -16.83
N GLY M 37 27.62 -5.97 -17.35
CA GLY M 37 26.32 -6.60 -17.23
C GLY M 37 26.05 -7.05 -15.81
N VAL M 38 24.85 -7.58 -15.61
CA VAL M 38 24.46 -7.99 -14.28
C VAL M 38 25.34 -9.13 -13.82
N GLY M 39 25.59 -9.17 -12.51
CA GLY M 39 26.33 -10.21 -11.88
C GLY M 39 27.79 -9.89 -11.65
N GLN M 40 28.39 -9.12 -12.54
CA GLN M 40 29.79 -8.81 -12.44
C GLN M 40 30.06 -7.93 -11.23
N TYR M 41 31.32 -7.59 -11.03
CA TYR M 41 31.77 -6.94 -9.82
C TYR M 41 32.62 -5.72 -10.16
N LEU M 42 32.49 -4.69 -9.35
CA LEU M 42 33.26 -3.47 -9.48
C LEU M 42 33.89 -3.10 -8.16
N LEU M 43 34.87 -2.20 -8.23
CA LEU M 43 35.56 -1.72 -7.05
C LEU M 43 35.39 -0.21 -6.93
N VAL M 44 35.23 0.25 -5.69
CA VAL M 44 35.05 1.65 -5.39
C VAL M 44 36.01 2.04 -4.28
N ALA M 45 36.52 3.25 -4.37
CA ALA M 45 37.41 3.76 -3.34
C ALA M 45 36.60 4.29 -2.16
N SER M 46 37.11 4.06 -0.97
CA SER M 46 36.48 4.50 0.27
C SER M 46 37.51 5.05 1.22
N GLY M 47 38.57 5.63 0.66
CA GLY M 47 39.72 6.01 1.44
C GLY M 47 40.98 5.64 0.70
N ASN M 48 42.07 6.32 1.07
CA ASN M 48 43.31 6.27 0.30
C ASN M 48 43.69 4.87 -0.14
N ASN M 49 43.68 3.92 0.80
CA ASN M 49 44.18 2.58 0.54
C ASN M 49 43.08 1.56 0.30
N LEU M 50 42.03 1.57 1.10
CA LEU M 50 41.03 0.52 1.05
C LEU M 50 40.28 0.52 -0.27
N TYR M 51 39.41 -0.48 -0.41
CA TYR M 51 38.52 -0.59 -1.55
C TYR M 51 37.29 -1.38 -1.13
N LEU M 52 36.22 -1.21 -1.90
CA LEU M 52 34.93 -1.82 -1.64
C LEU M 52 34.48 -2.55 -2.88
N LEU M 53 33.99 -3.78 -2.70
CA LEU M 53 33.53 -4.60 -3.80
C LEU M 53 32.02 -4.53 -3.90
N ALA M 54 31.52 -4.28 -5.09
CA ALA M 54 30.10 -4.05 -5.31
C ALA M 54 29.60 -4.89 -6.46
N SER M 55 28.36 -5.34 -6.32
CA SER M 55 27.68 -6.15 -7.31
C SER M 55 26.65 -5.31 -8.05
N ILE M 56 26.56 -5.52 -9.36
CA ILE M 56 25.65 -4.76 -10.19
C ILE M 56 24.25 -5.32 -10.02
N THR M 57 23.27 -4.43 -10.00
CA THR M 57 21.87 -4.79 -9.91
C THR M 57 21.02 -4.09 -10.94
N GLY M 58 21.48 -2.99 -11.52
CA GLY M 58 20.71 -2.34 -12.56
C GLY M 58 21.56 -1.44 -13.42
N VAL M 59 21.21 -1.38 -14.70
CA VAL M 59 21.85 -0.53 -15.67
C VAL M 59 20.78 0.25 -16.41
N ARG M 60 21.16 1.41 -16.91
CA ARG M 60 20.18 2.24 -17.60
C ARG M 60 20.88 3.35 -18.37
N ALA M 61 20.15 3.90 -19.34
CA ALA M 61 20.68 4.88 -20.26
C ALA M 61 19.60 5.82 -20.70
N THR M 62 19.99 7.05 -21.02
CA THR M 62 19.05 8.07 -21.45
C THR M 62 19.77 9.09 -22.31
N HIS M 63 18.96 9.79 -23.12
CA HIS M 63 19.44 10.77 -24.09
C HIS M 63 18.83 12.13 -23.77
N VAL M 64 19.69 13.10 -23.49
CA VAL M 64 19.23 14.47 -23.27
C VAL M 64 18.26 14.50 -22.10
N ASN M 87 23.18 15.96 -24.14
CA ASN M 87 24.20 14.92 -24.02
C ASN M 87 23.60 13.70 -23.33
N PHE M 88 24.41 12.68 -23.13
CA PHE M 88 23.93 11.37 -22.68
C PHE M 88 23.99 11.26 -21.16
N ARG M 89 23.35 10.20 -20.66
CA ARG M 89 23.47 9.83 -19.26
C ARG M 89 23.39 8.32 -19.13
N PHE M 90 24.42 7.75 -18.50
CA PHE M 90 24.51 6.32 -18.25
C PHE M 90 24.56 6.09 -16.75
N GLN M 91 23.59 5.36 -16.22
CA GLN M 91 23.49 5.10 -14.79
C GLN M 91 23.68 3.63 -14.47
N ILE M 92 24.35 3.39 -13.34
CA ILE M 92 24.58 2.06 -12.81
C ILE M 92 24.21 2.05 -11.33
N ASP M 93 23.51 1.01 -10.91
CA ASP M 93 23.03 0.86 -9.55
C ASP M 93 23.52 -0.47 -8.99
N THR M 94 24.23 -0.40 -7.86
CA THR M 94 24.97 -1.52 -7.31
C THR M 94 24.72 -1.67 -5.82
N GLN M 95 25.24 -2.77 -5.28
CA GLN M 95 25.02 -3.21 -3.92
C GLN M 95 26.34 -3.70 -3.32
N PRO M 96 26.62 -3.39 -2.06
CA PRO M 96 27.92 -3.74 -1.48
C PRO M 96 27.97 -5.13 -0.90
N ILE M 97 29.19 -5.68 -0.87
CA ILE M 97 29.44 -7.01 -0.33
C ILE M 97 30.53 -7.00 0.72
N GLY M 98 31.47 -6.07 0.64
CA GLY M 98 32.55 -6.05 1.61
C GLY M 98 33.71 -5.19 1.16
N THR M 99 34.80 -5.29 1.93
CA THR M 99 35.95 -4.42 1.81
C THR M 99 37.23 -5.22 1.67
N LEU M 100 38.19 -4.63 0.97
CA LEU M 100 39.46 -5.27 0.65
C LEU M 100 40.58 -4.25 0.74
N SER M 101 41.69 -4.66 1.32
CA SER M 101 42.83 -3.78 1.53
C SER M 101 43.95 -4.10 0.55
N GLU M 102 45.00 -3.30 0.64
CA GLU M 102 46.15 -3.48 -0.26
C GLU M 102 46.88 -4.77 0.05
N ASP M 103 47.18 -5.01 1.32
CA ASP M 103 47.85 -6.25 1.70
C ASP M 103 47.07 -7.45 1.22
N GLY M 104 45.75 -7.41 1.33
CA GLY M 104 44.91 -8.47 0.81
C GLY M 104 43.79 -8.85 1.76
N GLU M 105 43.74 -8.23 2.93
CA GLU M 105 42.74 -8.58 3.91
C GLU M 105 41.34 -8.26 3.43
N PHE M 106 40.49 -9.27 3.45
CA PHE M 106 39.07 -9.12 3.19
C PHE M 106 38.30 -8.99 4.49
N SER M 107 37.22 -8.22 4.45
CA SER M 107 36.37 -8.05 5.62
C SER M 107 34.95 -7.79 5.17
N ARG M 108 34.02 -8.52 5.74
CA ARG M 108 32.64 -8.46 5.31
C ARG M 108 31.85 -7.45 6.14
N GLY M 109 30.79 -6.95 5.54
CA GLY M 109 29.94 -5.96 6.15
C GLY M 109 30.03 -4.61 5.47
N SER M 110 28.89 -3.92 5.40
CA SER M 110 28.83 -2.55 4.88
C SER M 110 29.43 -1.63 5.93
N HIS M 111 30.75 -1.62 5.97
CA HIS M 111 31.46 -0.93 7.05
C HIS M 111 31.50 0.56 6.82
N SER M 112 32.12 0.99 5.73
CA SER M 112 32.41 2.40 5.51
C SER M 112 31.86 2.83 4.16
N LEU M 113 30.91 3.75 4.17
CA LEU M 113 30.31 4.19 2.94
C LEU M 113 31.34 4.90 2.06
N PRO M 114 31.22 4.80 0.74
CA PRO M 114 32.05 5.61 -0.14
C PRO M 114 31.41 6.97 -0.37
N VAL M 115 32.21 8.03 -0.24
CA VAL M 115 31.70 9.38 -0.39
C VAL M 115 31.61 9.74 -1.86
N PRO M 116 30.87 10.77 -2.20
CA PRO M 116 30.80 11.22 -3.59
C PRO M 116 32.12 11.75 -4.09
N THR M 117 32.25 11.77 -5.41
CA THR M 117 33.44 12.20 -6.12
C THR M 117 34.58 11.21 -6.01
N GLU M 118 34.30 9.98 -5.62
CA GLU M 118 35.29 8.92 -5.64
C GLU M 118 35.12 8.05 -6.87
N TYR M 119 36.22 7.45 -7.30
CA TYR M 119 36.26 6.78 -8.58
C TYR M 119 35.89 5.32 -8.48
N ALA M 120 35.44 4.77 -9.61
CA ALA M 120 35.12 3.37 -9.75
C ALA M 120 36.09 2.71 -10.72
N TYR M 121 36.35 1.43 -10.48
CA TYR M 121 37.23 0.65 -11.33
C TYR M 121 36.60 -0.71 -11.59
N VAL M 122 37.10 -1.36 -12.63
CA VAL M 122 36.66 -2.67 -13.04
C VAL M 122 37.52 -3.73 -12.36
N THR M 123 36.95 -4.92 -12.18
CA THR M 123 37.56 -5.94 -11.34
C THR M 123 38.28 -6.97 -12.20
N PRO M 124 39.59 -7.09 -12.09
CA PRO M 124 40.28 -8.17 -12.78
C PRO M 124 39.96 -9.50 -12.15
N PRO M 125 40.11 -10.60 -12.89
CA PRO M 125 39.78 -11.91 -12.33
C PRO M 125 40.72 -12.33 -11.22
N ALA M 126 41.98 -11.92 -11.31
CA ALA M 126 42.97 -12.34 -10.34
C ALA M 126 42.53 -12.01 -8.92
N VAL M 127 41.89 -10.86 -8.74
CA VAL M 127 41.50 -10.44 -7.41
C VAL M 127 40.43 -11.36 -6.86
N LEU M 128 39.41 -11.66 -7.66
CA LEU M 128 38.36 -12.56 -7.18
C LEU M 128 38.94 -13.94 -6.92
N GLU M 129 39.93 -14.34 -7.70
CA GLU M 129 40.58 -15.62 -7.45
C GLU M 129 41.24 -15.61 -6.09
N GLY M 130 42.00 -14.55 -5.80
CA GLY M 130 42.64 -14.47 -4.51
C GLY M 130 41.63 -14.52 -3.38
N ILE M 131 40.52 -13.82 -3.55
CA ILE M 131 39.50 -13.79 -2.51
C ILE M 131 38.96 -15.18 -2.26
N PHE M 132 38.44 -15.81 -3.30
CA PHE M 132 37.77 -17.09 -3.13
C PHE M 132 38.74 -18.26 -3.00
N SER M 133 40.04 -18.01 -2.99
CA SER M 133 41.01 -19.09 -2.87
C SER M 133 41.94 -18.99 -1.68
N HIS M 134 42.17 -17.81 -1.12
CA HIS M 134 43.18 -17.66 -0.09
C HIS M 134 42.66 -16.93 1.15
N GLN M 135 41.36 -16.87 1.35
CA GLN M 135 40.76 -16.27 2.53
C GLN M 135 39.71 -17.18 3.10
N ILE M 136 39.99 -18.48 3.09
CA ILE M 136 39.13 -19.49 3.68
C ILE M 136 40.03 -20.50 4.38
N LYS M 137 39.60 -20.93 5.58
CA LYS M 137 40.44 -21.79 6.40
C LYS M 137 40.87 -23.05 5.65
N SER M 138 39.91 -23.83 5.17
CA SER M 138 40.18 -25.09 4.50
C SER M 138 39.39 -25.18 3.21
N PRO M 139 39.96 -24.73 2.10
CA PRO M 139 39.18 -24.62 0.87
C PRO M 139 38.73 -25.97 0.35
N PHE M 140 37.55 -25.97 -0.25
CA PHE M 140 36.99 -27.15 -0.89
C PHE M 140 36.28 -26.70 -2.16
N ALA M 141 36.57 -27.36 -3.26
CA ALA M 141 36.13 -26.93 -4.58
C ALA M 141 34.81 -27.59 -4.91
N LEU M 142 33.81 -26.78 -5.22
CA LEU M 142 32.47 -27.24 -5.54
C LEU M 142 32.17 -27.09 -7.02
N GLY M 143 32.48 -25.93 -7.59
CA GLY M 143 32.32 -25.74 -9.01
C GLY M 143 32.63 -24.30 -9.39
N THR M 144 32.27 -23.99 -10.62
CA THR M 144 32.49 -22.68 -11.20
C THR M 144 31.24 -21.82 -11.13
N LEU M 145 31.45 -20.52 -11.02
CA LEU M 145 30.37 -19.56 -11.03
C LEU M 145 29.76 -19.43 -12.41
N GLY M 146 28.73 -18.60 -12.50
CA GLY M 146 28.01 -18.38 -13.73
C GLY M 146 28.33 -17.05 -14.36
N ILE M 147 28.64 -16.08 -13.52
CA ILE M 147 29.07 -14.78 -14.01
C ILE M 147 30.22 -14.94 -15.00
N SER M 148 31.33 -15.51 -14.53
CA SER M 148 32.47 -15.82 -15.36
C SER M 148 32.78 -17.30 -15.17
N PRO M 149 32.68 -18.13 -16.21
CA PRO M 149 32.81 -19.57 -16.01
C PRO M 149 34.21 -20.02 -15.69
N ASP M 150 35.22 -19.21 -16.00
CA ASP M 150 36.59 -19.66 -15.81
C ASP M 150 36.97 -19.68 -14.34
N ILE M 151 36.38 -18.78 -13.56
CA ILE M 151 36.70 -18.73 -12.14
C ILE M 151 36.27 -20.03 -11.49
N LYS M 152 36.86 -20.28 -10.32
CA LYS M 152 36.58 -21.48 -9.54
C LYS M 152 36.14 -21.08 -8.15
N LEU M 153 35.06 -21.69 -7.69
CA LEU M 153 34.54 -21.40 -6.37
C LEU M 153 35.17 -22.31 -5.34
N LYS M 154 35.06 -21.91 -4.09
CA LYS M 154 35.60 -22.67 -2.99
C LYS M 154 34.85 -22.30 -1.73
N ILE M 155 34.77 -23.25 -0.81
CA ILE M 155 33.95 -23.11 0.38
C ILE M 155 34.64 -23.76 1.55
N ASP M 156 34.17 -23.40 2.75
CA ASP M 156 34.62 -24.00 3.99
C ASP M 156 34.01 -25.38 4.15
N GLY M 157 34.88 -26.37 4.35
CA GLY M 157 34.39 -27.73 4.46
C GLY M 157 34.05 -28.10 5.89
N ASP M 158 34.84 -27.59 6.82
CA ASP M 158 34.62 -27.91 8.22
C ASP M 158 33.21 -27.50 8.65
N ARG M 159 32.75 -26.36 8.16
CA ARG M 159 31.40 -25.91 8.48
C ARG M 159 30.36 -26.59 7.60
N PHE M 160 30.74 -26.96 6.38
CA PHE M 160 29.80 -27.59 5.47
C PHE M 160 29.36 -28.95 6.01
N PHE M 161 30.33 -29.80 6.29
CA PHE M 161 30.04 -31.18 6.67
C PHE M 161 29.79 -31.35 8.15
N SER M 162 30.36 -30.50 9.00
CA SER M 162 30.19 -30.67 10.43
C SER M 162 28.77 -30.41 10.85
N LYS M 163 28.06 -29.62 10.07
CA LYS M 163 26.65 -29.37 10.30
C LYS M 163 25.88 -29.89 9.10
N HIS M 164 24.67 -30.33 9.38
CA HIS M 164 23.89 -31.08 8.42
C HIS M 164 23.58 -30.27 7.19
N VAL M 165 23.70 -30.92 6.03
CA VAL M 165 23.49 -30.34 4.72
C VAL M 165 22.23 -30.91 4.11
N ALA M 166 21.60 -30.13 3.23
CA ALA M 166 20.35 -30.50 2.59
C ALA M 166 20.36 -30.09 1.12
N VAL M 167 19.62 -30.84 0.32
CA VAL M 167 19.56 -30.61 -1.13
C VAL M 167 18.15 -30.85 -1.63
N VAL M 168 17.43 -29.77 -1.92
CA VAL M 168 16.06 -29.83 -2.37
C VAL M 168 15.98 -29.25 -3.76
N GLY M 169 15.39 -30.00 -4.68
CA GLY M 169 15.26 -29.57 -6.04
C GLY M 169 14.32 -30.44 -6.84
N SER M 170 13.76 -29.90 -7.91
CA SER M 170 12.74 -30.57 -8.68
C SER M 170 13.35 -31.64 -9.57
N THR M 171 12.53 -32.17 -10.47
CA THR M 171 12.93 -33.23 -11.36
C THR M 171 13.71 -32.68 -12.53
N GLY M 172 14.72 -33.43 -12.95
CA GLY M 172 15.56 -32.96 -14.02
C GLY M 172 16.28 -31.68 -13.66
N SER M 173 16.95 -31.68 -12.52
CA SER M 173 17.61 -30.50 -12.02
C SER M 173 19.05 -30.75 -11.62
N GLY M 174 19.46 -32.00 -11.47
CA GLY M 174 20.84 -32.32 -11.28
C GLY M 174 21.23 -32.68 -9.87
N LYS M 175 20.37 -33.37 -9.13
CA LYS M 175 20.66 -33.67 -7.74
C LYS M 175 21.68 -34.79 -7.64
N SER M 176 21.29 -35.97 -8.11
CA SER M 176 22.13 -37.15 -7.96
C SER M 176 23.54 -36.87 -8.45
N CYS M 177 23.65 -36.19 -9.59
CA CYS M 177 24.96 -35.89 -10.13
C CYS M 177 25.73 -34.98 -9.20
N ALA M 178 25.04 -34.04 -8.57
CA ALA M 178 25.70 -33.09 -7.70
C ALA M 178 26.26 -33.80 -6.48
N VAL M 179 25.45 -34.66 -5.88
CA VAL M 179 25.91 -35.40 -4.72
C VAL M 179 27.08 -36.28 -5.09
N ALA M 180 27.01 -36.89 -6.27
CA ALA M 180 28.09 -37.75 -6.71
C ALA M 180 29.37 -36.96 -6.87
N LYS M 181 29.25 -35.74 -7.37
CA LYS M 181 30.43 -34.91 -7.58
C LYS M 181 31.06 -34.55 -6.24
N ILE M 182 30.25 -34.10 -5.30
CA ILE M 182 30.79 -33.74 -3.99
C ILE M 182 31.53 -34.91 -3.39
N LEU M 183 30.91 -36.08 -3.42
CA LEU M 183 31.54 -37.23 -2.80
C LEU M 183 32.81 -37.63 -3.53
N GLN M 184 32.79 -37.56 -4.86
CA GLN M 184 33.97 -37.90 -5.64
C GLN M 184 35.11 -36.99 -5.27
N THR M 185 34.82 -35.71 -5.09
CA THR M 185 35.87 -34.76 -4.76
C THR M 185 36.42 -35.03 -3.37
N ALA M 186 35.56 -35.46 -2.47
CA ALA M 186 36.03 -35.74 -1.12
C ALA M 186 36.96 -36.94 -1.10
N VAL M 187 36.63 -37.98 -1.87
CA VAL M 187 37.42 -39.21 -1.82
C VAL M 187 38.59 -39.21 -2.78
N GLY M 188 38.74 -38.19 -3.61
CA GLY M 188 39.89 -38.03 -4.45
C GLY M 188 39.67 -38.39 -5.90
N ILE M 189 38.61 -39.13 -6.21
CA ILE M 189 38.40 -39.63 -7.57
C ILE M 189 38.10 -38.47 -8.51
N GLU M 190 39.06 -38.15 -9.36
CA GLU M 190 38.92 -37.13 -10.37
C GLU M 190 39.59 -37.58 -11.67
N SER M 191 39.00 -37.19 -12.79
CA SER M 191 39.55 -37.51 -14.10
C SER M 191 39.64 -39.02 -14.31
N LYS M 192 38.63 -39.74 -13.83
CA LYS M 192 38.56 -41.18 -13.97
C LYS M 192 39.78 -41.87 -13.41
N ALA M 193 40.44 -41.25 -12.44
CA ALA M 193 41.61 -41.85 -11.84
C ALA M 193 41.69 -41.50 -10.36
N ASN M 194 42.33 -42.37 -9.61
CA ASN M 194 42.63 -42.16 -8.20
C ASN M 194 43.97 -41.47 -8.07
N ALA M 195 44.01 -40.40 -7.28
CA ALA M 195 45.26 -39.72 -6.99
C ALA M 195 46.01 -40.42 -5.87
N HIS M 196 45.30 -41.04 -4.95
CA HIS M 196 45.91 -41.72 -3.80
C HIS M 196 46.00 -43.22 -4.07
N LYS M 197 46.79 -43.60 -5.08
CA LYS M 197 46.99 -45.03 -5.33
C LYS M 197 47.94 -45.64 -4.32
N ALA M 198 48.82 -44.84 -3.73
CA ALA M 198 49.84 -45.37 -2.84
C ALA M 198 49.35 -45.45 -1.41
N ALA M 199 48.66 -44.41 -0.95
CA ALA M 199 48.16 -44.35 0.40
C ALA M 199 46.64 -44.36 0.39
N GLN M 200 46.08 -44.87 1.49
CA GLN M 200 44.64 -44.98 1.66
C GLN M 200 44.22 -44.06 2.80
N LYS M 201 43.41 -43.07 2.48
CA LYS M 201 43.05 -42.03 3.42
C LYS M 201 41.75 -42.37 4.14
N ASN M 202 41.34 -41.46 5.03
CA ASN M 202 40.14 -41.62 5.82
C ASN M 202 38.99 -40.91 5.12
N SER M 203 37.94 -41.67 4.80
CA SER M 203 36.70 -41.08 4.30
C SER M 203 35.61 -42.12 4.42
N HIS M 204 34.65 -41.88 5.30
CA HIS M 204 33.64 -42.87 5.66
C HIS M 204 32.24 -42.34 5.36
N ILE M 205 31.65 -42.88 4.31
CA ILE M 205 30.34 -42.52 3.85
C ILE M 205 29.46 -43.75 3.81
N VAL M 206 28.19 -43.58 4.13
CA VAL M 206 27.18 -44.59 3.90
C VAL M 206 26.07 -43.93 3.11
N ILE M 207 25.54 -44.65 2.13
CA ILE M 207 24.66 -44.08 1.13
C ILE M 207 23.47 -45.02 0.96
N PHE M 208 22.28 -44.52 1.27
CA PHE M 208 21.08 -45.28 1.00
C PHE M 208 20.65 -45.07 -0.44
N ASP M 209 20.25 -46.16 -1.10
CA ASP M 209 19.87 -46.11 -2.51
C ASP M 209 18.66 -47.00 -2.73
N ILE M 210 17.56 -46.39 -3.15
CA ILE M 210 16.36 -47.14 -3.47
C ILE M 210 16.33 -47.51 -4.94
N HIS M 211 16.69 -46.57 -5.81
CA HIS M 211 16.68 -46.81 -7.24
C HIS M 211 17.85 -47.66 -7.73
N ALA M 212 18.86 -47.88 -6.90
CA ALA M 212 20.08 -48.56 -7.31
C ALA M 212 20.73 -47.84 -8.49
N GLU M 213 21.20 -46.62 -8.21
CA GLU M 213 21.76 -45.75 -9.21
C GLU M 213 23.17 -45.26 -8.88
N TYR M 214 23.71 -45.63 -7.73
CA TYR M 214 24.93 -45.02 -7.22
C TYR M 214 26.13 -45.94 -7.30
N ALA M 215 26.01 -47.11 -7.89
CA ALA M 215 27.13 -48.02 -7.97
C ALA M 215 28.09 -47.65 -9.08
N ALA M 216 27.57 -47.38 -10.27
CA ALA M 216 28.43 -47.17 -11.42
C ALA M 216 29.35 -45.98 -11.23
N ALA M 217 28.98 -45.04 -10.37
CA ALA M 217 29.81 -43.87 -10.14
C ALA M 217 31.18 -44.27 -9.62
N PHE M 218 31.21 -44.84 -8.42
CA PHE M 218 32.45 -45.30 -7.83
C PHE M 218 32.76 -46.74 -8.26
N ASN M 219 32.88 -46.92 -9.58
CA ASN M 219 33.23 -48.21 -10.17
C ASN M 219 34.36 -47.97 -11.18
N LEU M 220 35.58 -47.98 -10.68
CA LEU M 220 36.74 -47.83 -11.53
C LEU M 220 37.27 -49.19 -11.96
N GLU M 221 38.28 -49.17 -12.82
CA GLU M 221 38.97 -50.38 -13.19
C GLU M 221 39.78 -50.89 -12.01
N ALA M 222 40.50 -51.99 -12.24
CA ALA M 222 41.20 -52.64 -11.14
C ALA M 222 42.42 -51.85 -10.72
N GLY M 223 43.19 -51.35 -11.68
CA GLY M 223 44.44 -50.70 -11.35
C GLY M 223 44.31 -49.61 -10.31
N GLU M 224 43.16 -48.93 -10.29
CA GLU M 224 43.01 -47.76 -9.43
C GLU M 224 42.94 -48.12 -7.95
N ALA M 225 42.63 -49.38 -7.63
CA ALA M 225 42.62 -49.87 -6.26
C ALA M 225 41.66 -49.05 -5.38
N PHE M 226 40.37 -49.18 -5.71
CA PHE M 226 39.30 -48.62 -4.88
C PHE M 226 38.23 -49.69 -4.69
N THR M 227 38.08 -50.16 -3.47
CA THR M 227 37.15 -51.23 -3.14
C THR M 227 35.87 -50.63 -2.58
N LEU M 228 34.74 -51.06 -3.12
CA LEU M 228 33.42 -50.55 -2.76
C LEU M 228 32.68 -51.63 -1.99
N ASN M 229 32.53 -51.42 -0.69
CA ASN M 229 31.79 -52.36 0.15
C ASN M 229 30.31 -52.29 -0.15
N LEU M 230 29.85 -53.16 -1.02
CA LEU M 230 28.44 -53.22 -1.40
C LEU M 230 27.72 -54.24 -0.54
N LEU M 231 26.40 -54.08 -0.45
CA LEU M 231 25.59 -54.91 0.43
C LEU M 231 24.17 -54.96 -0.10
N GLY M 232 23.51 -56.08 0.20
CA GLY M 232 22.13 -56.27 -0.19
C GLY M 232 21.49 -57.34 0.66
N VAL M 233 20.18 -57.51 0.46
CA VAL M 233 19.42 -58.42 1.29
C VAL M 233 19.97 -59.83 1.23
N ASP M 234 20.64 -60.18 0.15
CA ASP M 234 21.16 -61.53 0.03
C ASP M 234 22.45 -61.70 0.83
N ASN M 235 23.32 -60.70 0.84
CA ASN M 235 24.64 -60.82 1.43
C ASN M 235 24.77 -60.06 2.74
N LEU M 236 23.68 -59.88 3.46
CA LEU M 236 23.74 -59.12 4.71
C LEU M 236 23.74 -60.05 5.90
N ARG M 237 24.10 -59.48 7.05
CA ARG M 237 24.19 -60.21 8.31
C ARG M 237 23.82 -59.24 9.41
N LEU M 238 22.60 -59.35 9.90
CA LEU M 238 22.04 -58.47 10.90
C LEU M 238 21.11 -59.26 11.80
N PRO M 239 21.51 -59.56 13.02
CA PRO M 239 20.71 -60.46 13.85
C PRO M 239 19.66 -59.74 14.67
N TYR M 240 18.94 -60.50 15.50
CA TYR M 240 17.88 -59.94 16.31
C TYR M 240 18.29 -59.65 17.73
N TRP M 241 19.38 -60.22 18.21
CA TRP M 241 19.80 -60.01 19.59
C TRP M 241 20.56 -58.72 19.76
N LEU M 242 20.40 -57.79 18.85
CA LEU M 242 21.07 -56.50 18.90
C LEU M 242 20.11 -55.36 19.13
N MET M 243 18.82 -55.64 19.17
CA MET M 243 17.84 -54.59 19.37
C MET M 243 17.74 -54.22 20.85
N ASN M 244 17.15 -53.07 21.09
CA ASN M 244 16.81 -52.63 22.43
C ASN M 244 15.41 -53.13 22.80
N ALA M 245 14.95 -52.72 23.98
CA ALA M 245 13.63 -53.13 24.43
C ALA M 245 12.53 -52.52 23.57
N GLN M 246 12.67 -51.25 23.23
CA GLN M 246 11.60 -50.54 22.56
C GLN M 246 11.30 -51.12 21.20
N GLU M 247 12.21 -51.93 20.66
CA GLU M 247 12.02 -52.50 19.34
C GLU M 247 11.59 -53.95 19.42
N LEU M 248 12.14 -54.70 20.38
CA LEU M 248 11.69 -56.06 20.59
C LEU M 248 10.24 -56.10 21.03
N GLU M 249 9.86 -55.20 21.92
CA GLU M 249 8.48 -55.14 22.37
C GLU M 249 7.55 -54.88 21.20
N GLN M 250 8.07 -54.30 20.14
CA GLN M 250 7.26 -53.95 18.99
C GLN M 250 7.15 -55.11 18.01
N ILE M 251 8.30 -55.59 17.53
CA ILE M 251 8.30 -56.52 16.41
C ILE M 251 7.50 -57.77 16.71
N PHE M 252 7.38 -58.13 17.98
CA PHE M 252 6.88 -59.44 18.37
C PHE M 252 5.55 -59.44 19.10
N ILE M 253 5.03 -58.28 19.52
CA ILE M 253 3.93 -58.24 20.47
C ILE M 253 2.93 -57.14 20.14
N GLU M 254 1.69 -57.38 20.54
CA GLU M 254 0.60 -56.42 20.47
C GLU M 254 0.36 -55.80 21.84
N SER M 255 -0.31 -54.65 21.85
CA SER M 255 -0.42 -53.86 23.07
C SER M 255 -1.82 -53.32 23.34
N ASN M 256 -2.82 -53.66 22.54
CA ASN M 256 -4.16 -53.08 22.69
C ASN M 256 -5.18 -54.08 23.23
N GLU M 257 -4.72 -55.17 23.85
CA GLU M 257 -5.63 -56.21 24.30
C GLU M 257 -6.00 -56.05 25.76
N HIS M 258 -6.83 -56.98 26.22
CA HIS M 258 -7.21 -57.05 27.63
C HIS M 258 -6.05 -57.49 28.50
N ASN M 259 -5.21 -58.38 28.00
CA ASN M 259 -4.18 -59.03 28.79
C ASN M 259 -2.81 -58.88 28.14
N SER M 260 -2.45 -57.65 27.80
CA SER M 260 -1.13 -57.40 27.23
C SER M 260 -0.07 -57.33 28.32
N HIS M 261 -0.38 -56.62 29.40
CA HIS M 261 0.58 -56.43 30.47
C HIS M 261 1.11 -57.76 30.98
N ASN M 262 0.21 -58.69 31.23
CA ASN M 262 0.55 -59.93 31.90
C ASN M 262 1.21 -60.93 30.97
N GLN M 263 1.50 -60.53 29.74
CA GLN M 263 2.32 -61.34 28.85
C GLN M 263 3.63 -60.67 28.52
N ILE M 264 3.61 -59.35 28.37
CA ILE M 264 4.86 -58.61 28.24
C ILE M 264 5.72 -58.82 29.46
N SER M 265 5.13 -58.69 30.63
CA SER M 265 5.86 -58.79 31.88
C SER M 265 6.37 -60.19 32.14
N GLN M 266 6.12 -61.13 31.24
CA GLN M 266 6.71 -62.44 31.33
C GLN M 266 7.64 -62.73 30.18
N PHE M 267 7.40 -62.13 29.03
CA PHE M 267 8.37 -62.24 27.94
C PHE M 267 9.69 -61.63 28.35
N ARG M 268 9.63 -60.51 29.08
CA ARG M 268 10.87 -59.92 29.58
C ARG M 268 11.67 -60.93 30.35
N HIS M 269 11.03 -61.56 31.32
CA HIS M 269 11.72 -62.53 32.17
C HIS M 269 12.22 -63.69 31.36
N ALA M 270 11.48 -64.07 30.32
CA ALA M 270 11.88 -65.21 29.51
C ALA M 270 13.18 -64.90 28.79
N VAL M 271 13.29 -63.71 28.22
CA VAL M 271 14.50 -63.35 27.51
C VAL M 271 15.66 -63.22 28.49
N VAL M 272 15.42 -62.55 29.60
CA VAL M 272 16.48 -62.37 30.58
C VAL M 272 17.05 -63.71 31.00
N ARG M 273 16.19 -64.69 31.18
CA ARG M 273 16.66 -65.99 31.59
C ARG M 273 17.40 -66.68 30.45
N ASN M 274 16.81 -66.68 29.26
CA ASN M 274 17.41 -67.39 28.15
C ASN M 274 18.77 -66.82 27.81
N LYS M 275 19.03 -65.58 28.23
CA LYS M 275 20.30 -64.96 27.91
C LYS M 275 21.42 -65.54 28.75
N CYS M 276 21.11 -66.03 29.95
CA CYS M 276 22.15 -66.53 30.83
C CYS M 276 22.66 -67.88 30.36
N LYS M 277 21.75 -68.84 30.18
CA LYS M 277 22.15 -70.21 29.88
C LYS M 277 23.21 -70.27 28.79
N HIS M 278 23.00 -69.53 27.71
CA HIS M 278 23.95 -69.53 26.60
C HIS M 278 25.03 -68.47 26.74
N ASN M 279 25.03 -67.71 27.83
CA ASN M 279 26.11 -66.78 28.14
C ASN M 279 26.32 -66.78 29.64
N PRO M 280 26.85 -67.88 30.18
CA PRO M 280 26.96 -68.01 31.64
C PRO M 280 28.11 -67.20 32.23
N THR M 281 29.24 -67.18 31.55
CA THR M 281 30.44 -66.56 32.11
C THR M 281 30.13 -65.19 32.71
N LEU M 282 29.32 -64.40 32.01
CA LEU M 282 29.10 -63.04 32.42
C LEU M 282 28.10 -62.97 33.56
N THR M 283 27.91 -61.76 34.08
CA THR M 283 26.93 -61.47 35.10
C THR M 283 26.28 -60.13 34.80
N ASN M 284 25.44 -59.67 35.71
CA ASN M 284 24.74 -58.40 35.58
C ASN M 284 24.07 -58.26 34.22
N LEU M 285 23.66 -59.38 33.64
CA LEU M 285 22.93 -59.35 32.40
C LEU M 285 21.59 -58.65 32.59
N SER M 286 21.18 -57.91 31.58
CA SER M 286 19.89 -57.24 31.61
C SER M 286 19.24 -57.34 30.25
N PHE M 287 17.91 -57.25 30.26
CA PHE M 287 17.10 -57.37 29.06
C PHE M 287 17.75 -56.75 27.84
N ASP M 288 18.32 -55.56 28.00
CA ASP M 288 18.78 -54.79 26.85
C ASP M 288 20.20 -55.15 26.44
N THR M 289 20.96 -55.83 27.28
CA THR M 289 22.37 -56.05 26.95
C THR M 289 22.50 -56.99 25.76
N PRO M 290 23.27 -56.62 24.75
CA PRO M 290 23.54 -57.52 23.62
C PRO M 290 24.37 -58.75 23.94
N VAL M 291 23.68 -59.87 24.00
CA VAL M 291 24.27 -61.19 23.96
C VAL M 291 23.32 -62.08 23.16
N TYR M 292 23.77 -63.28 22.87
CA TYR M 292 23.04 -64.18 21.98
C TYR M 292 21.94 -64.91 22.72
N PHE M 293 20.84 -65.15 22.02
CA PHE M 293 19.75 -65.95 22.56
C PHE M 293 18.81 -66.40 21.46
N SER M 294 18.01 -67.41 21.78
CA SER M 294 17.18 -68.10 20.81
C SER M 294 15.71 -67.81 21.10
N ILE M 295 14.99 -67.39 20.06
CA ILE M 295 13.57 -67.09 20.21
C ILE M 295 12.76 -68.38 20.25
N ASP M 296 13.28 -69.43 19.63
CA ASP M 296 12.57 -70.70 19.61
C ASP M 296 12.37 -71.22 21.03
N GLU M 297 13.41 -71.14 21.84
CA GLU M 297 13.30 -71.55 23.22
C GLU M 297 12.27 -70.72 23.95
N VAL M 298 12.17 -69.44 23.59
CA VAL M 298 11.20 -68.56 24.23
C VAL M 298 9.80 -69.05 23.94
N VAL M 299 9.54 -69.37 22.67
CA VAL M 299 8.23 -69.88 22.32
C VAL M 299 7.94 -71.16 23.09
N THR M 300 8.94 -72.01 23.20
CA THR M 300 8.73 -73.27 23.90
C THR M 300 8.37 -73.03 25.35
N TYR M 301 9.03 -72.07 25.98
CA TYR M 301 8.80 -71.80 27.38
C TYR M 301 7.42 -71.20 27.60
N LEU M 302 7.05 -70.25 26.76
CA LEU M 302 5.75 -69.63 26.92
C LEU M 302 4.64 -70.60 26.56
N GLU M 303 4.98 -71.67 25.84
CA GLU M 303 3.98 -72.68 25.54
C GLU M 303 3.81 -73.63 26.70
N ASN M 304 4.92 -73.97 27.36
CA ASN M 304 4.83 -74.83 28.53
C ASN M 304 4.13 -74.13 29.67
N MET M 305 4.29 -72.81 29.77
CA MET M 305 3.72 -72.08 30.89
C MET M 305 2.21 -72.02 30.83
N ASN M 306 1.63 -72.34 29.68
CA ASN M 306 0.19 -72.17 29.52
C ASN M 306 -0.56 -73.39 30.02
N ASN M 307 -0.03 -74.57 29.75
CA ASN M 307 -0.73 -75.81 30.02
C ASN M 307 -0.44 -76.40 31.38
N GLU M 308 0.47 -75.82 32.15
CA GLU M 308 0.94 -76.48 33.36
C GLU M 308 -0.12 -76.49 34.45
N VAL M 309 -0.31 -77.67 35.04
CA VAL M 309 -1.18 -77.86 36.19
C VAL M 309 -0.31 -78.23 37.37
N ILE M 310 -0.54 -77.57 38.50
CA ILE M 310 0.31 -77.72 39.67
C ILE M 310 -0.34 -78.69 40.64
N GLY M 311 0.45 -79.63 41.16
CA GLY M 311 -0.03 -80.54 42.16
C GLY M 311 -0.17 -79.86 43.51
N LYS M 312 -1.40 -79.76 44.01
CA LYS M 312 -1.68 -79.18 45.31
C LYS M 312 -1.61 -80.21 46.43
N LEU M 313 -1.16 -81.43 46.13
CA LEU M 313 -1.12 -82.48 47.14
C LEU M 313 -0.19 -82.10 48.27
N ALA M 314 -0.48 -82.63 49.45
CA ALA M 314 0.28 -82.30 50.64
C ALA M 314 1.77 -82.57 50.43
N GLY M 315 2.59 -81.56 50.66
CA GLY M 315 4.01 -81.69 50.47
C GLY M 315 4.46 -81.77 49.04
N GLU M 316 3.55 -81.60 48.08
CA GLU M 316 3.88 -81.60 46.66
C GLU M 316 3.50 -80.28 46.01
N GLY M 317 3.63 -79.19 46.76
CA GLY M 317 3.19 -77.89 46.28
C GLY M 317 4.13 -77.28 45.27
N LYS M 318 4.33 -77.97 44.15
CA LYS M 318 5.12 -77.42 43.05
C LYS M 318 4.65 -78.07 41.76
N PRO M 319 4.97 -77.47 40.63
CA PRO M 319 4.50 -78.01 39.34
C PRO M 319 4.79 -79.48 39.15
N LYS M 320 3.75 -80.27 38.97
CA LYS M 320 3.87 -81.71 38.81
C LYS M 320 3.97 -82.07 37.34
N LEU M 321 4.75 -83.11 37.07
CA LEU M 321 4.91 -83.62 35.72
C LEU M 321 3.93 -84.76 35.49
N ALA M 322 3.86 -85.20 34.23
CA ALA M 322 2.89 -86.22 33.86
C ALA M 322 3.28 -87.58 34.42
N ASN M 323 4.57 -87.91 34.40
CA ASN M 323 5.04 -89.23 34.82
C ASN M 323 5.43 -89.18 36.30
N GLU M 324 4.41 -88.98 37.13
CA GLU M 324 4.54 -89.01 38.59
C GLU M 324 5.86 -88.40 39.03
N THR M 325 6.06 -87.13 38.70
CA THR M 325 7.29 -86.45 39.01
C THR M 325 7.01 -84.99 39.32
N LEU M 326 7.99 -84.34 39.95
CA LEU M 326 7.91 -82.93 40.32
C LEU M 326 9.02 -82.16 39.64
N VAL M 327 8.78 -80.89 39.40
CA VAL M 327 9.73 -80.04 38.70
C VAL M 327 10.39 -79.14 39.73
N SER M 328 11.64 -79.45 40.07
CA SER M 328 12.36 -78.64 41.04
C SER M 328 12.52 -77.21 40.55
N ASP M 329 13.10 -77.05 39.36
CA ASP M 329 13.38 -75.73 38.81
C ASP M 329 13.03 -75.73 37.32
N ARG M 330 12.24 -74.75 36.91
CA ARG M 330 11.81 -74.68 35.52
C ARG M 330 13.00 -74.50 34.60
N ASP M 331 13.95 -73.66 34.99
CA ASP M 331 14.98 -73.20 34.06
C ASP M 331 15.71 -74.36 33.40
N GLU M 332 15.69 -75.53 34.02
CA GLU M 332 16.48 -76.63 33.51
C GLU M 332 15.72 -77.46 32.50
N LEU M 333 14.39 -77.51 32.60
CA LEU M 333 13.57 -78.40 31.80
C LEU M 333 12.80 -77.68 30.71
N TYR M 334 11.98 -76.70 31.08
CA TYR M 334 11.04 -76.11 30.14
C TYR M 334 11.70 -75.70 28.84
N PHE M 335 12.90 -75.14 28.92
CA PHE M 335 13.58 -74.68 27.72
C PHE M 335 13.89 -75.81 26.77
N ASP M 336 14.03 -77.02 27.28
CA ASP M 336 14.45 -78.14 26.44
C ASP M 336 13.43 -78.42 25.34
N ALA M 337 12.23 -78.85 25.73
CA ALA M 337 11.20 -79.17 24.78
C ALA M 337 9.88 -79.34 25.51
N VAL M 338 8.80 -79.45 24.72
CA VAL M 338 7.47 -79.53 25.30
C VAL M 338 7.38 -80.72 26.25
N GLN M 339 6.42 -80.65 27.17
CA GLN M 339 6.26 -81.66 28.18
C GLN M 339 4.78 -81.87 28.48
N SER M 340 4.41 -83.12 28.69
CA SER M 340 3.06 -83.46 29.06
C SER M 340 2.87 -83.32 30.56
N PHE M 341 1.62 -83.40 31.00
CA PHE M 341 1.25 -83.08 32.37
C PHE M 341 0.20 -84.06 32.85
N ILE M 342 -0.36 -83.77 34.01
CA ILE M 342 -1.38 -84.61 34.62
C ILE M 342 -2.75 -83.99 34.39
N VAL M 343 -3.78 -84.80 34.61
CA VAL M 343 -5.15 -84.31 34.54
C VAL M 343 -5.49 -83.59 35.82
N ALA M 344 -6.21 -82.49 35.68
CA ALA M 344 -6.60 -81.68 36.82
C ALA M 344 -7.87 -82.23 37.46
N SER M 345 -8.05 -81.92 38.73
CA SER M 345 -9.24 -82.35 39.45
C SER M 345 -9.32 -81.63 40.78
N GLN M 346 -10.52 -81.61 41.34
CA GLN M 346 -10.78 -81.08 42.66
C GLN M 346 -10.96 -82.17 43.70
N ALA M 347 -10.99 -83.43 43.28
CA ALA M 347 -11.29 -84.53 44.18
C ALA M 347 -10.08 -84.85 45.06
N ALA M 348 -10.36 -85.53 46.17
CA ALA M 348 -9.33 -85.87 47.14
C ALA M 348 -8.35 -86.92 46.63
N ALA M 349 -8.60 -87.49 45.45
CA ALA M 349 -7.69 -88.51 44.93
C ALA M 349 -6.34 -87.92 44.60
N THR M 350 -6.31 -86.92 43.72
CA THR M 350 -5.07 -86.24 43.34
C THR M 350 -5.42 -84.78 43.11
N LYS M 351 -5.18 -83.96 44.11
CA LYS M 351 -5.57 -82.56 44.06
C LYS M 351 -4.54 -81.80 43.25
N ALA M 352 -4.78 -81.70 41.95
CA ALA M 352 -3.94 -80.93 41.04
C ALA M 352 -4.82 -79.91 40.35
N SER M 353 -4.43 -78.65 40.43
CA SER M 353 -5.25 -77.56 39.91
C SER M 353 -4.49 -76.80 38.82
N ASN M 354 -5.11 -75.72 38.36
CA ASN M 354 -4.60 -75.01 37.20
C ASN M 354 -3.43 -74.11 37.58
N GLY M 355 -2.44 -74.05 36.70
CA GLY M 355 -1.37 -73.11 36.85
C GLY M 355 -1.89 -71.69 36.95
N PRO M 356 -0.99 -70.76 37.23
CA PRO M 356 -1.40 -69.39 37.49
C PRO M 356 -1.57 -68.54 36.25
N PHE M 357 -0.78 -68.85 35.22
CA PHE M 357 -0.80 -68.12 33.97
C PHE M 357 -1.60 -68.83 32.88
N ASN M 358 -2.28 -69.93 33.22
CA ASN M 358 -2.89 -70.76 32.20
C ASN M 358 -3.86 -69.97 31.35
N GLY M 359 -3.95 -70.36 30.09
CA GLY M 359 -4.97 -69.86 29.20
C GLY M 359 -4.85 -68.39 28.86
N GLU M 360 -3.83 -67.71 29.36
CA GLU M 360 -3.65 -66.31 29.08
C GLU M 360 -2.81 -66.06 27.84
N PHE M 361 -2.07 -67.06 27.37
CA PHE M 361 -1.12 -66.89 26.28
C PHE M 361 -1.45 -67.79 25.09
N ASP M 362 -2.73 -67.97 24.78
CA ASP M 362 -3.10 -68.90 23.73
C ASP M 362 -2.85 -68.32 22.36
N ARG M 363 -3.13 -67.04 22.18
CA ARG M 363 -3.07 -66.43 20.86
C ARG M 363 -1.65 -66.08 20.44
N MET M 364 -0.86 -65.53 21.36
CA MET M 364 0.48 -65.10 21.02
C MET M 364 1.30 -66.24 20.46
N ILE M 365 1.12 -67.44 21.00
CA ILE M 365 1.88 -68.58 20.54
C ILE M 365 1.50 -68.93 19.12
N LEU M 366 0.25 -68.70 18.77
CA LEU M 366 -0.20 -69.02 17.41
C LEU M 366 0.21 -67.93 16.43
N ARG M 367 0.41 -66.72 16.94
CA ARG M 367 0.76 -65.61 16.09
C ARG M 367 2.24 -65.55 15.77
N LEU M 368 3.08 -65.90 16.76
CA LEU M 368 4.52 -65.84 16.52
C LEU M 368 4.94 -66.85 15.47
N HIS M 369 4.41 -68.07 15.55
CA HIS M 369 4.78 -69.10 14.60
C HIS M 369 4.46 -68.66 13.19
N THR M 370 3.47 -67.79 13.03
CA THR M 370 3.16 -67.25 11.71
C THR M 370 4.11 -66.13 11.34
N ARG M 371 4.28 -65.15 12.22
CA ARG M 371 5.08 -63.98 11.89
C ARG M 371 6.55 -64.33 11.72
N LEU M 372 6.94 -65.52 12.13
CA LEU M 372 8.36 -65.84 12.19
C LEU M 372 8.87 -66.39 10.85
N ALA M 373 8.10 -67.25 10.21
CA ALA M 373 8.55 -67.97 9.03
C ALA M 373 8.22 -67.24 7.74
N ASP M 374 7.92 -65.95 7.81
CA ASP M 374 7.77 -65.16 6.60
C ASP M 374 9.13 -65.02 5.92
N PRO M 375 9.32 -65.59 4.73
CA PRO M 375 10.68 -65.63 4.16
C PRO M 375 11.30 -64.28 3.97
N ARG M 376 10.52 -63.26 3.64
CA ARG M 376 11.06 -61.94 3.41
C ARG M 376 11.93 -61.48 4.57
N LEU M 377 11.71 -62.06 5.75
CA LEU M 377 12.40 -61.66 6.97
C LEU M 377 13.24 -62.79 7.54
N GLN M 378 13.81 -63.63 6.69
CA GLN M 378 14.72 -64.66 7.18
C GLN M 378 16.00 -64.04 7.73
N PHE M 379 16.63 -63.17 6.94
CA PHE M 379 17.94 -62.64 7.32
C PHE M 379 17.95 -62.04 8.71
N LEU M 380 16.85 -61.47 9.16
CA LEU M 380 16.82 -60.83 10.47
C LEU M 380 16.54 -61.80 11.60
N PHE M 381 15.88 -62.91 11.31
CA PHE M 381 15.49 -63.86 12.34
C PHE M 381 16.44 -65.04 12.43
N TYR M 382 16.65 -65.75 11.33
CA TYR M 382 17.64 -66.81 11.26
C TYR M 382 18.85 -66.31 10.48
N PRO M 383 19.86 -65.78 11.14
CA PRO M 383 21.03 -65.29 10.42
C PRO M 383 22.05 -66.39 10.18
N LYS M 384 22.55 -66.47 8.95
CA LYS M 384 23.47 -67.52 8.56
C LYS M 384 24.82 -66.94 8.22
N LYS M 385 25.87 -67.52 8.80
CA LYS M 385 27.23 -67.12 8.46
C LYS M 385 27.57 -67.57 7.05
N GLU M 386 28.70 -67.08 6.55
CA GLU M 386 29.13 -67.45 5.22
C GLU M 386 29.27 -68.96 5.08
N ASP M 387 29.82 -69.60 6.11
CA ASP M 387 29.98 -71.04 6.06
C ASP M 387 28.62 -71.75 6.03
N GLY M 388 27.69 -71.32 6.86
CA GLY M 388 26.37 -71.92 6.91
C GLY M 388 25.86 -72.12 8.33
N GLU M 389 26.74 -71.97 9.31
CA GLU M 389 26.36 -72.16 10.70
C GLU M 389 25.68 -70.91 11.25
N ASP M 390 25.24 -71.02 12.49
CA ASP M 390 24.60 -69.90 13.17
C ASP M 390 25.63 -69.07 13.92
N LEU M 391 25.27 -67.81 14.16
CA LEU M 391 26.19 -66.88 14.77
C LEU M 391 26.27 -67.09 16.28
N ALA M 392 27.15 -66.33 16.91
CA ALA M 392 27.40 -66.41 18.32
C ALA M 392 27.81 -65.04 18.82
N THR M 393 28.20 -64.97 20.10
CA THR M 393 28.46 -63.69 20.73
C THR M 393 29.74 -63.06 20.21
N GLY M 394 30.81 -63.84 20.14
CA GLY M 394 32.10 -63.29 19.78
C GLY M 394 32.06 -62.55 18.47
N ASP M 395 31.26 -63.02 17.52
CA ASP M 395 31.23 -62.42 16.21
C ASP M 395 30.67 -61.02 16.21
N PHE M 396 30.17 -60.56 17.36
CA PHE M 396 29.56 -59.24 17.44
C PHE M 396 30.42 -58.19 16.76
N ALA M 397 31.70 -58.22 17.07
CA ALA M 397 32.62 -57.25 16.48
C ALA M 397 32.40 -57.13 14.99
N ASP M 398 32.54 -58.25 14.28
CA ASP M 398 32.46 -58.20 12.82
C ASP M 398 31.15 -57.57 12.37
N VAL M 399 30.07 -57.86 13.09
CA VAL M 399 28.76 -57.41 12.64
C VAL M 399 28.65 -55.90 12.71
N VAL M 400 29.40 -55.28 13.62
CA VAL M 400 29.40 -53.83 13.70
C VAL M 400 30.34 -53.22 12.67
N ARG M 401 31.29 -54.02 12.18
CA ARG M 401 32.28 -53.51 11.25
C ARG M 401 31.68 -53.27 9.88
N GLN M 402 30.79 -54.16 9.47
CA GLN M 402 30.26 -54.16 8.11
C GLN M 402 29.86 -52.76 7.66
N PHE M 403 29.11 -52.06 8.49
CA PHE M 403 28.49 -50.82 8.08
C PHE M 403 29.45 -49.65 8.09
N VAL M 404 30.56 -49.75 8.80
CA VAL M 404 31.47 -48.62 8.94
C VAL M 404 32.67 -48.75 8.02
N GLY M 405 32.67 -49.73 7.13
CA GLY M 405 33.70 -49.83 6.12
C GLY M 405 35.05 -50.28 6.61
N TYR M 406 35.13 -50.92 7.77
CA TYR M 406 36.40 -51.37 8.32
C TYR M 406 36.64 -52.86 8.11
N MET M 407 35.83 -53.53 7.31
CA MET M 407 36.01 -54.96 7.08
C MET M 407 37.08 -55.22 6.02
N THR M 408 36.82 -54.81 4.78
CA THR M 408 37.70 -55.06 3.66
C THR M 408 38.47 -53.80 3.29
N LYS M 409 38.87 -53.04 4.31
CA LYS M 409 39.65 -51.83 4.12
C LYS M 409 39.07 -50.97 3.00
N SER M 410 37.75 -50.89 2.96
CA SER M 410 37.07 -50.03 2.01
C SER M 410 36.75 -48.68 2.65
N ASN M 411 36.24 -47.78 1.83
CA ASN M 411 35.90 -46.43 2.25
C ASN M 411 34.41 -46.16 2.19
N VAL M 412 33.80 -46.33 1.03
CA VAL M 412 32.39 -46.08 0.83
C VAL M 412 31.62 -47.38 0.99
N SER M 413 30.44 -47.29 1.60
CA SER M 413 29.53 -48.40 1.76
C SER M 413 28.19 -48.04 1.15
N ILE M 414 27.50 -49.05 0.63
CA ILE M 414 26.23 -48.84 -0.05
C ILE M 414 25.23 -49.91 0.39
N ILE M 415 23.96 -49.53 0.42
CA ILE M 415 22.86 -50.40 0.84
C ILE M 415 21.87 -50.47 -0.31
N ASP M 416 21.64 -51.67 -0.82
CA ASP M 416 20.70 -51.87 -1.89
C ASP M 416 19.31 -52.14 -1.33
N LEU M 417 18.34 -51.33 -1.73
CA LEU M 417 16.95 -51.45 -1.34
C LEU M 417 16.06 -51.28 -2.56
N SER M 418 16.37 -52.03 -3.62
CA SER M 418 15.78 -51.79 -4.93
C SER M 418 14.26 -51.79 -4.87
N GLY M 419 13.67 -52.91 -4.49
CA GLY M 419 12.23 -53.08 -4.59
C GLY M 419 11.60 -53.68 -3.36
N ILE M 420 12.33 -53.64 -2.25
CA ILE M 420 11.80 -54.12 -0.98
C ILE M 420 10.57 -53.27 -0.64
N PRO M 421 9.55 -53.85 -0.02
CA PRO M 421 8.39 -53.07 0.39
C PRO M 421 8.67 -52.23 1.63
N PHE M 422 7.63 -51.51 2.05
CA PHE M 422 7.77 -50.61 3.19
C PHE M 422 7.81 -51.37 4.50
N GLU M 423 7.09 -52.47 4.60
CA GLU M 423 7.02 -53.21 5.86
C GLU M 423 8.39 -53.66 6.32
N VAL M 424 9.25 -54.04 5.39
CA VAL M 424 10.52 -54.67 5.72
C VAL M 424 11.66 -53.77 5.28
N LEU M 425 11.44 -52.47 5.35
CA LEU M 425 12.45 -51.48 5.09
C LEU M 425 12.77 -50.63 6.30
N SER M 426 11.77 -50.33 7.11
CA SER M 426 11.93 -49.48 8.27
C SER M 426 12.79 -50.13 9.33
N ILE M 427 12.59 -51.42 9.57
CA ILE M 427 13.40 -52.15 10.53
C ILE M 427 14.87 -52.06 10.13
N VAL M 428 15.15 -52.37 8.87
CA VAL M 428 16.53 -52.34 8.39
C VAL M 428 17.13 -50.97 8.59
N VAL M 429 16.46 -49.94 8.09
CA VAL M 429 17.00 -48.60 8.18
C VAL M 429 17.23 -48.19 9.63
N SER M 430 16.24 -48.45 10.49
CA SER M 430 16.32 -47.99 11.86
C SER M 430 17.47 -48.65 12.60
N LEU M 431 17.57 -49.97 12.51
CA LEU M 431 18.67 -50.66 13.17
C LEU M 431 20.02 -50.20 12.63
N ILE M 432 20.12 -50.06 11.30
CA ILE M 432 21.40 -49.71 10.71
C ILE M 432 21.81 -48.30 11.09
N SER M 433 20.85 -47.45 11.46
CA SER M 433 21.21 -46.12 11.91
C SER M 433 21.59 -46.11 13.38
N ARG M 434 20.81 -46.81 14.19
CA ARG M 434 21.07 -46.85 15.62
C ARG M 434 22.46 -47.38 15.90
N MET M 435 22.86 -48.41 15.15
CA MET M 435 24.18 -48.99 15.39
C MET M 435 25.27 -47.96 15.19
N ILE M 436 25.19 -47.20 14.10
CA ILE M 436 26.20 -46.19 13.83
C ILE M 436 26.23 -45.17 14.94
N PHE M 437 25.06 -44.74 15.39
CA PHE M 437 25.04 -43.68 16.39
C PHE M 437 25.64 -44.15 17.70
N ASP M 438 25.32 -45.38 18.10
CA ASP M 438 25.87 -45.89 19.35
C ASP M 438 27.36 -46.10 19.26
N PHE M 439 27.84 -46.53 18.09
CA PHE M 439 29.27 -46.72 17.90
C PHE M 439 30.00 -45.42 18.08
N GLY M 440 29.54 -44.38 17.38
CA GLY M 440 30.17 -43.08 17.52
C GLY M 440 30.11 -42.57 18.94
N PHE M 441 29.01 -42.86 19.64
CA PHE M 441 28.85 -42.42 21.02
C PHE M 441 29.96 -42.98 21.90
N HIS M 442 30.03 -44.30 21.95
CA HIS M 442 30.99 -44.93 22.83
C HIS M 442 32.41 -44.59 22.44
N TYR M 443 32.68 -44.52 21.15
CA TYR M 443 34.04 -44.24 20.70
C TYR M 443 34.42 -42.82 21.03
N SER M 444 33.44 -41.94 21.11
CA SER M 444 33.73 -40.55 21.45
C SER M 444 34.00 -40.42 22.93
N LYS M 445 33.33 -41.22 23.74
CA LYS M 445 33.57 -41.11 25.18
C LYS M 445 34.95 -41.67 25.54
N ASN M 446 35.27 -42.85 25.01
CA ASN M 446 36.56 -43.46 25.33
C ASN M 446 37.71 -42.55 24.98
N ARG M 447 37.47 -41.56 24.11
CA ARG M 447 38.54 -40.66 23.70
C ARG M 447 38.44 -39.31 24.41
N HIS M 448 37.22 -38.84 24.69
CA HIS M 448 37.09 -37.67 25.56
C HIS M 448 37.82 -37.89 26.86
N VAL M 449 37.85 -39.14 27.33
CA VAL M 449 38.64 -39.45 28.52
C VAL M 449 40.05 -38.88 28.38
N GLY M 450 40.76 -39.31 27.34
CA GLY M 450 42.10 -38.80 27.13
C GLY M 450 42.14 -37.30 26.96
N GLY M 451 41.10 -36.73 26.35
CA GLY M 451 41.04 -35.29 26.16
C GLY M 451 41.12 -34.83 24.72
N ALA M 452 40.53 -35.57 23.79
CA ALA M 452 40.53 -35.17 22.39
C ALA M 452 39.26 -35.65 21.71
N VAL M 453 38.94 -34.99 20.60
CA VAL M 453 37.74 -35.31 19.84
C VAL M 453 38.03 -36.47 18.90
N SER M 454 36.95 -37.07 18.39
CA SER M 454 37.06 -38.27 17.58
C SER M 454 37.82 -37.99 16.29
N ASP M 455 38.38 -39.05 15.72
CA ASP M 455 39.11 -38.99 14.46
C ASP M 455 38.51 -39.90 13.40
N VAL M 456 37.30 -40.39 13.63
CA VAL M 456 36.65 -41.29 12.68
C VAL M 456 35.23 -40.81 12.42
N PRO M 457 35.04 -39.79 11.61
CA PRO M 457 33.71 -39.30 11.30
C PRO M 457 32.97 -40.21 10.35
N ILE M 458 31.69 -39.93 10.19
CA ILE M 458 30.81 -40.68 9.32
C ILE M 458 29.77 -39.74 8.73
N LEU M 459 29.50 -39.91 7.45
CA LEU M 459 28.44 -39.20 6.77
C LEU M 459 27.41 -40.18 6.26
N VAL M 460 26.14 -39.77 6.29
CA VAL M 460 25.02 -40.62 5.90
C VAL M 460 24.19 -39.87 4.87
N VAL M 461 24.27 -40.31 3.62
CA VAL M 461 23.42 -39.77 2.57
C VAL M 461 22.13 -40.57 2.52
N CYS M 462 21.01 -39.86 2.63
CA CYS M 462 19.69 -40.46 2.71
C CYS M 462 18.91 -40.02 1.48
N GLU M 463 18.98 -40.83 0.43
CA GLU M 463 18.32 -40.51 -0.81
C GLU M 463 16.85 -40.92 -0.78
N GLU M 464 16.05 -40.20 -1.54
CA GLU M 464 14.62 -40.43 -1.62
C GLU M 464 14.01 -40.56 -0.24
N ALA M 465 14.24 -39.51 0.56
CA ALA M 465 13.72 -39.50 1.92
C ALA M 465 12.21 -39.42 1.95
N HIS M 466 11.59 -39.08 0.83
CA HIS M 466 10.14 -38.92 0.81
C HIS M 466 9.40 -40.23 1.06
N ASN M 467 10.09 -41.35 1.04
CA ASN M 467 9.46 -42.64 1.28
C ASN M 467 9.77 -43.25 2.65
N TYR M 468 10.67 -42.66 3.42
CA TYR M 468 10.90 -43.15 4.78
C TYR M 468 11.15 -42.06 5.81
N LEU M 469 10.72 -40.83 5.56
CA LEU M 469 10.84 -39.76 6.53
C LEU M 469 9.80 -38.68 6.27
N PRO M 470 8.52 -39.03 6.24
CA PRO M 470 7.50 -38.05 5.87
C PRO M 470 7.00 -37.20 7.01
N ARG M 471 6.48 -36.03 6.64
CA ARG M 471 5.84 -35.14 7.59
C ARG M 471 4.47 -35.66 7.99
N SER M 472 3.56 -35.74 7.02
CA SER M 472 2.18 -36.13 7.28
C SER M 472 2.07 -37.63 7.14
N GLY M 473 2.20 -38.33 8.27
CA GLY M 473 2.11 -39.78 8.25
C GLY M 473 1.53 -40.29 9.55
N GLY M 474 1.23 -41.58 9.55
CA GLY M 474 0.67 -42.25 10.70
C GLY M 474 1.74 -42.92 11.54
N ALA M 475 1.29 -43.84 12.39
CA ALA M 475 2.20 -44.48 13.31
C ALA M 475 3.20 -45.37 12.60
N ALA M 476 2.85 -45.86 11.41
CA ALA M 476 3.73 -46.79 10.73
C ALA M 476 5.04 -46.14 10.32
N TYR M 477 5.07 -44.82 10.26
CA TYR M 477 6.27 -44.09 9.92
C TYR M 477 7.08 -43.70 11.16
N ASP M 478 6.69 -44.19 12.33
CA ASP M 478 7.37 -43.78 13.55
C ASP M 478 8.71 -44.47 13.72
N ALA M 479 8.77 -45.76 13.40
CA ALA M 479 9.98 -46.52 13.67
C ALA M 479 11.19 -45.93 12.99
N SER M 480 10.98 -45.14 11.94
CA SER M 480 12.09 -44.63 11.18
C SER M 480 12.53 -43.26 11.70
N ARG M 481 11.62 -42.28 11.62
CA ARG M 481 11.96 -40.89 11.90
C ARG M 481 12.84 -40.77 13.13
N LYS M 482 12.36 -41.30 14.25
CA LYS M 482 13.06 -41.14 15.51
C LYS M 482 14.54 -41.40 15.34
N SER M 483 14.88 -42.56 14.79
CA SER M 483 16.28 -42.90 14.59
C SER M 483 17.02 -41.77 13.90
N ILE M 484 16.57 -41.41 12.70
CA ILE M 484 17.24 -40.34 11.97
C ILE M 484 17.19 -39.05 12.75
N GLU M 485 16.08 -38.80 13.44
CA GLU M 485 15.99 -37.59 14.23
C GLU M 485 17.11 -37.51 15.25
N ARG M 486 17.47 -38.66 15.82
CA ARG M 486 18.47 -38.66 16.87
C ARG M 486 19.82 -38.23 16.34
N ILE M 487 20.00 -38.22 15.02
CA ILE M 487 21.27 -37.78 14.46
C ILE M 487 21.25 -36.29 14.19
N ALA M 488 20.07 -35.71 14.02
CA ALA M 488 20.00 -34.29 13.76
C ALA M 488 20.23 -33.48 15.02
N LYS M 489 19.69 -33.96 16.13
CA LYS M 489 19.76 -33.22 17.38
C LYS M 489 21.08 -33.45 18.08
N GLU M 490 21.45 -34.70 18.27
CA GLU M 490 22.53 -35.08 19.16
C GLU M 490 23.52 -35.99 18.47
N GLY M 491 23.88 -35.65 17.24
CA GLY M 491 24.85 -36.45 16.51
C GLY M 491 26.19 -35.77 16.38
N ARG M 492 26.15 -34.47 16.10
CA ARG M 492 27.36 -33.71 15.82
C ARG M 492 28.52 -34.05 16.74
N LYS M 493 28.29 -33.96 18.04
CA LYS M 493 29.40 -34.01 18.98
C LYS M 493 30.14 -35.33 18.91
N TYR M 494 29.48 -36.36 18.41
CA TYR M 494 30.05 -37.70 18.46
C TYR M 494 30.58 -38.20 17.14
N GLY M 495 30.34 -37.47 16.04
CA GLY M 495 31.01 -37.74 14.81
C GLY M 495 30.18 -38.29 13.67
N VAL M 496 28.87 -38.11 13.69
CA VAL M 496 27.98 -38.61 12.65
C VAL M 496 27.14 -37.47 12.14
N THR M 497 27.15 -37.26 10.83
CA THR M 497 26.33 -36.23 10.21
C THR M 497 25.58 -36.79 9.01
N LEU M 498 24.66 -35.99 8.51
CA LEU M 498 23.70 -36.41 7.50
C LEU M 498 23.83 -35.58 6.22
N MET M 499 23.10 -36.04 5.21
CA MET M 499 22.94 -35.31 3.96
C MET M 499 21.68 -35.84 3.30
N VAL M 500 20.67 -34.97 3.20
CA VAL M 500 19.34 -35.34 2.77
C VAL M 500 19.06 -34.75 1.40
N VAL M 501 18.25 -35.46 0.62
CA VAL M 501 17.85 -35.05 -0.71
C VAL M 501 16.39 -35.43 -0.91
N SER M 502 15.58 -34.47 -1.35
CA SER M 502 14.15 -34.70 -1.49
C SER M 502 13.56 -33.75 -2.51
N GLN M 503 12.70 -34.29 -3.36
CA GLN M 503 12.19 -33.54 -4.51
C GLN M 503 11.51 -32.25 -4.09
N ARG M 504 11.06 -32.17 -2.84
CA ARG M 504 10.37 -30.98 -2.41
C ARG M 504 10.40 -30.91 -0.89
N PRO M 505 10.56 -29.74 -0.34
CA PRO M 505 10.85 -29.62 1.09
C PRO M 505 9.71 -30.00 2.01
N SER M 506 8.54 -29.40 1.75
CA SER M 506 7.43 -29.50 2.68
C SER M 506 7.18 -30.94 3.11
N GLU M 507 7.31 -31.87 2.19
CA GLU M 507 7.04 -33.28 2.49
C GLU M 507 8.31 -33.98 2.97
N VAL M 508 8.95 -33.34 3.95
CA VAL M 508 9.97 -33.96 4.76
C VAL M 508 9.77 -33.47 6.19
N SER M 509 10.09 -34.34 7.14
CA SER M 509 9.93 -34.00 8.54
C SER M 509 10.55 -32.65 8.86
N GLU M 510 10.01 -32.00 9.88
CA GLU M 510 10.43 -30.65 10.20
C GLU M 510 11.68 -30.63 11.05
N THR M 511 11.82 -31.60 11.94
CA THR M 511 12.96 -31.60 12.84
C THR M 511 14.27 -31.57 12.08
N ILE M 512 14.31 -32.25 10.93
CA ILE M 512 15.54 -32.30 10.16
C ILE M 512 15.87 -30.92 9.61
N PHE M 513 15.00 -30.39 8.76
CA PHE M 513 15.30 -29.13 8.10
C PHE M 513 15.40 -27.98 9.08
N SER M 514 14.84 -28.12 10.28
CA SER M 514 14.95 -27.07 11.26
C SER M 514 16.38 -26.93 11.75
N GLN M 515 17.17 -27.98 11.62
CA GLN M 515 18.56 -27.99 12.05
C GLN M 515 19.52 -28.29 10.91
N CYS M 516 19.08 -28.10 9.67
CA CYS M 516 19.93 -28.25 8.50
C CYS M 516 20.49 -26.89 8.15
N SER M 517 21.79 -26.71 8.34
CA SER M 517 22.38 -25.38 8.27
C SER M 517 22.42 -24.83 6.86
N ASN M 518 23.22 -25.44 6.01
CA ASN M 518 23.46 -24.97 4.67
C ASN M 518 22.54 -25.66 3.66
N PHE M 519 22.08 -24.89 2.68
CA PHE M 519 21.14 -25.36 1.67
C PHE M 519 21.71 -25.18 0.28
N ILE M 520 21.42 -26.15 -0.58
CA ILE M 520 21.79 -26.16 -1.99
C ILE M 520 20.51 -26.36 -2.77
N SER M 521 19.97 -25.28 -3.33
CA SER M 521 18.69 -25.31 -4.02
C SER M 521 18.92 -25.24 -5.52
N LEU M 522 18.42 -26.23 -6.22
CA LEU M 522 18.34 -26.27 -7.65
C LEU M 522 16.95 -25.81 -8.08
N ARG M 523 16.60 -26.09 -9.33
CA ARG M 523 15.38 -25.56 -9.91
C ARG M 523 14.14 -25.99 -9.12
N LEU M 524 13.16 -25.10 -9.06
CA LEU M 524 11.88 -25.37 -8.47
C LEU M 524 10.83 -24.52 -9.17
N THR M 525 9.59 -24.95 -9.08
CA THR M 525 8.52 -24.31 -9.84
C THR M 525 7.34 -23.87 -8.97
N ASN M 526 6.94 -24.65 -7.99
CA ASN M 526 5.81 -24.29 -7.16
C ASN M 526 6.15 -23.09 -6.28
N ALA M 527 5.10 -22.39 -5.84
CA ALA M 527 5.28 -21.18 -5.06
C ALA M 527 5.51 -21.50 -3.58
N VAL M 528 4.73 -22.41 -3.03
CA VAL M 528 4.92 -22.80 -1.64
C VAL M 528 6.32 -23.32 -1.42
N ASP M 529 6.86 -24.04 -2.41
CA ASP M 529 8.23 -24.51 -2.30
C ASP M 529 9.22 -23.38 -2.52
N GLN M 530 8.76 -22.28 -3.13
CA GLN M 530 9.65 -21.17 -3.42
C GLN M 530 9.87 -20.30 -2.20
N THR M 531 8.80 -20.00 -1.49
CA THR M 531 8.90 -19.09 -0.36
C THR M 531 9.75 -19.69 0.74
N TYR M 532 9.69 -21.00 0.93
CA TYR M 532 10.49 -21.65 1.95
C TYR M 532 11.97 -21.40 1.73
N VAL M 533 12.39 -21.32 0.47
CA VAL M 533 13.79 -21.05 0.18
C VAL M 533 14.06 -19.57 0.25
N LYS M 534 13.16 -18.75 -0.30
CA LYS M 534 13.37 -17.30 -0.24
C LYS M 534 13.49 -16.82 1.19
N SER M 535 12.94 -17.58 2.14
CA SER M 535 12.98 -17.15 3.53
C SER M 535 14.40 -17.13 4.05
N LEU M 536 15.15 -18.21 3.87
CA LEU M 536 16.47 -18.32 4.47
C LEU M 536 17.42 -17.25 3.98
N LEU M 537 17.14 -16.63 2.85
CA LEU M 537 18.02 -15.62 2.32
C LEU M 537 17.95 -14.36 3.17
N PRO M 538 19.00 -13.56 3.16
CA PRO M 538 18.98 -12.31 3.91
C PRO M 538 18.19 -11.24 3.19
N ASP M 539 17.53 -10.40 3.98
CA ASP M 539 16.69 -9.35 3.41
C ASP M 539 17.48 -8.49 2.44
N LEU M 540 18.78 -8.36 2.67
CA LEU M 540 19.60 -7.47 1.85
C LEU M 540 19.52 -7.82 0.38
N SER M 541 19.21 -9.09 0.07
CA SER M 541 19.28 -9.58 -1.30
C SER M 541 18.18 -10.60 -1.52
N ALA M 542 17.25 -10.28 -2.41
CA ALA M 542 16.23 -11.21 -2.85
C ALA M 542 16.19 -11.33 -4.36
N GLY M 543 17.14 -10.72 -5.06
CA GLY M 543 17.18 -10.83 -6.50
C GLY M 543 17.53 -12.23 -6.95
N LEU M 544 18.40 -12.89 -6.20
CA LEU M 544 18.81 -14.24 -6.58
C LEU M 544 17.63 -15.20 -6.58
N GLY M 545 16.59 -14.88 -5.81
CA GLY M 545 15.47 -15.80 -5.70
C GLY M 545 14.66 -15.89 -6.97
N ASP M 546 14.49 -14.76 -7.65
CA ASP M 546 13.67 -14.72 -8.84
C ASP M 546 14.24 -15.54 -9.98
N LEU M 547 15.47 -16.02 -9.84
CA LEU M 547 16.09 -16.80 -10.90
C LEU M 547 15.70 -18.28 -10.81
N LEU M 548 15.30 -18.74 -9.63
CA LEU M 548 14.98 -20.14 -9.41
C LEU M 548 14.09 -20.76 -10.49
N PRO M 549 13.04 -20.11 -10.97
CA PRO M 549 12.10 -20.79 -11.86
C PRO M 549 12.72 -21.34 -13.13
N ASN M 550 13.69 -20.64 -13.71
CA ASN M 550 14.27 -21.04 -14.99
C ASN M 550 15.78 -21.09 -14.89
N LEU M 551 16.30 -21.73 -13.85
CA LEU M 551 17.71 -22.04 -13.81
C LEU M 551 18.01 -23.17 -14.77
N ALA M 552 19.22 -23.16 -15.30
CA ALA M 552 19.60 -24.18 -16.25
C ALA M 552 19.72 -25.53 -15.57
N GLN M 553 20.11 -26.52 -16.34
CA GLN M 553 20.13 -27.91 -15.90
C GLN M 553 21.49 -28.18 -15.28
N GLY M 554 21.66 -27.71 -14.06
CA GLY M 554 22.87 -27.94 -13.31
C GLY M 554 23.24 -26.81 -12.37
N GLU M 555 22.61 -25.66 -12.55
CA GLU M 555 22.93 -24.53 -11.69
C GLU M 555 22.42 -24.76 -10.27
N PHE M 556 23.06 -24.07 -9.33
CA PHE M 556 22.73 -24.23 -7.93
C PHE M 556 22.90 -22.92 -7.20
N LEU M 557 21.96 -22.65 -6.30
CA LEU M 557 21.98 -21.50 -5.42
C LEU M 557 22.30 -21.99 -4.03
N ILE M 558 23.33 -21.42 -3.43
CA ILE M 558 23.88 -21.90 -2.17
C ILE M 558 23.68 -20.84 -1.12
N VAL M 559 23.17 -21.28 0.03
CA VAL M 559 22.84 -20.41 1.15
C VAL M 559 23.33 -21.05 2.42
N GLY M 560 23.75 -20.22 3.36
CA GLY M 560 24.16 -20.70 4.66
C GLY M 560 25.42 -20.01 5.11
N ASP M 561 26.10 -20.69 6.04
CA ASP M 561 27.29 -20.13 6.65
C ASP M 561 28.55 -20.49 5.88
N ALA M 562 28.58 -21.65 5.25
CA ALA M 562 29.78 -22.08 4.54
C ALA M 562 30.21 -21.08 3.48
N PRO M 563 29.34 -20.60 2.61
CA PRO M 563 29.78 -19.66 1.58
C PRO M 563 30.00 -18.27 2.12
N LEU M 564 30.89 -17.56 1.43
CA LEU M 564 31.17 -16.17 1.78
C LEU M 564 30.01 -15.27 1.43
N MET M 565 29.04 -15.79 0.69
CA MET M 565 27.80 -15.08 0.39
C MET M 565 26.91 -16.02 -0.41
N PRO M 566 25.60 -15.84 -0.34
CA PRO M 566 24.71 -16.73 -1.09
C PRO M 566 24.95 -16.56 -2.57
N THR M 567 25.33 -17.65 -3.23
CA THR M 567 25.88 -17.49 -4.56
C THR M 567 25.34 -18.54 -5.52
N VAL M 568 25.57 -18.27 -6.80
CA VAL M 568 25.14 -19.14 -7.89
C VAL M 568 26.35 -19.84 -8.47
N GLY M 569 26.14 -21.06 -8.96
CA GLY M 569 27.22 -21.76 -9.62
C GLY M 569 26.72 -22.87 -10.51
N HIS M 570 27.65 -23.44 -11.27
CA HIS M 570 27.42 -24.60 -12.11
C HIS M 570 28.12 -25.81 -11.52
N PHE M 571 27.97 -26.92 -12.22
CA PHE M 571 28.61 -28.17 -11.90
C PHE M 571 29.12 -28.83 -13.17
N ALA M 572 30.13 -29.66 -13.04
CA ALA M 572 30.60 -30.45 -14.16
C ALA M 572 30.03 -31.85 -14.08
N LEU M 573 29.74 -32.42 -15.23
CA LEU M 573 29.12 -33.72 -15.26
C LEU M 573 29.98 -34.73 -14.50
N PRO M 574 29.40 -35.60 -13.71
CA PRO M 574 30.21 -36.56 -12.96
C PRO M 574 30.71 -37.68 -13.84
N VAL M 575 31.94 -38.11 -13.58
CA VAL M 575 32.62 -39.12 -14.35
C VAL M 575 33.07 -40.22 -13.40
N PRO M 576 32.60 -41.46 -13.56
CA PRO M 576 31.59 -41.92 -14.49
C PRO M 576 30.20 -41.44 -14.14
N GLU M 577 29.29 -41.51 -15.07
CA GLU M 577 27.93 -41.10 -14.80
C GLU M 577 27.13 -42.25 -14.22
N PRO M 578 26.25 -41.99 -13.27
CA PRO M 578 25.32 -43.00 -12.81
C PRO M 578 24.16 -43.19 -13.77
N HIS M 579 23.53 -44.35 -13.65
CA HIS M 579 22.43 -44.73 -14.54
C HIS M 579 21.15 -44.02 -14.08
N SER M 580 21.10 -42.73 -14.40
CA SER M 580 19.94 -41.90 -14.12
C SER M 580 19.54 -41.13 -15.36
N ARG M 581 19.91 -41.62 -16.53
CA ARG M 581 19.71 -40.88 -17.76
C ARG M 581 18.25 -40.79 -18.13
N SER M 582 17.93 -39.75 -18.87
CA SER M 582 16.60 -39.52 -19.41
C SER M 582 16.57 -39.99 -20.85
N VAL M 583 15.60 -40.83 -21.17
CA VAL M 583 15.54 -41.42 -22.50
C VAL M 583 14.99 -40.42 -23.49
N ASN M 584 15.65 -40.31 -24.64
CA ASN M 584 15.18 -39.45 -25.70
C ASN M 584 14.03 -40.14 -26.40
N TYR M 585 12.87 -39.49 -26.43
CA TYR M 585 11.64 -40.12 -26.84
C TYR M 585 11.45 -40.06 -28.35
N LEU M 586 11.39 -38.85 -28.89
CA LEU M 586 11.08 -38.69 -30.30
C LEU M 586 12.03 -39.48 -31.19
N GLN M 587 13.17 -39.89 -30.67
CA GLN M 587 14.09 -40.69 -31.47
C GLN M 587 13.64 -42.15 -31.52
N GLU M 588 13.09 -42.64 -30.41
CA GLU M 588 12.68 -44.03 -30.34
C GLU M 588 11.28 -44.24 -30.91
N TRP M 589 10.43 -43.23 -30.81
CA TRP M 589 9.16 -43.29 -31.51
C TRP M 589 9.34 -43.47 -33.00
N ASN M 590 10.45 -43.01 -33.54
CA ASN M 590 10.66 -42.95 -34.99
C ASN M 590 11.46 -44.10 -35.54
N SER M 591 11.93 -44.99 -34.69
CA SER M 591 12.52 -46.24 -35.14
C SER M 591 11.42 -47.23 -35.49
N GLY M 592 11.78 -48.48 -35.67
CA GLY M 592 10.82 -49.50 -36.01
C GLY M 592 10.29 -50.22 -34.80
N TRP M 593 9.18 -50.92 -35.01
CA TRP M 593 8.59 -51.72 -33.95
C TRP M 593 9.60 -52.74 -33.44
N ARG M 594 9.76 -52.78 -32.12
CA ARG M 594 10.79 -53.57 -31.50
C ARG M 594 10.17 -54.70 -30.68
N HIS M 595 10.92 -55.78 -30.56
CA HIS M 595 10.43 -57.03 -30.01
C HIS M 595 10.92 -57.18 -28.57
N VAL M 596 9.98 -57.31 -27.65
CA VAL M 596 10.27 -57.42 -26.24
C VAL M 596 9.94 -58.83 -25.77
N ASP M 597 10.84 -59.42 -25.01
CA ASP M 597 10.64 -60.74 -24.43
C ASP M 597 9.97 -60.55 -23.08
N PHE M 598 8.65 -60.67 -23.05
CA PHE M 598 7.91 -60.47 -21.82
C PHE M 598 8.20 -61.57 -20.80
N ASP M 599 8.62 -62.74 -21.28
CA ASP M 599 8.75 -63.88 -20.39
C ASP M 599 9.85 -63.66 -19.36
N SER M 600 11.00 -63.17 -19.81
CA SER M 600 12.11 -62.95 -18.88
C SER M 600 11.75 -61.89 -17.85
N VAL M 601 11.10 -60.82 -18.30
CA VAL M 601 10.69 -59.77 -17.39
C VAL M 601 9.75 -60.32 -16.34
N ILE M 602 8.74 -61.08 -16.76
CA ILE M 602 7.78 -61.64 -15.82
C ILE M 602 8.47 -62.59 -14.86
N ASP M 603 9.49 -63.30 -15.34
CA ASP M 603 10.23 -64.20 -14.48
C ASP M 603 10.93 -63.44 -13.38
N ARG M 604 11.64 -62.37 -13.76
CA ARG M 604 12.31 -61.56 -12.76
C ARG M 604 11.32 -60.96 -11.78
N TRP M 605 10.13 -60.65 -12.24
CA TRP M 605 9.15 -60.00 -11.37
C TRP M 605 8.81 -60.87 -10.17
N ARG M 606 8.52 -62.14 -10.42
CA ARG M 606 8.12 -63.04 -9.35
C ARG M 606 9.25 -63.33 -8.38
N GLY M 607 10.46 -62.88 -8.66
CA GLY M 607 11.55 -63.10 -7.75
C GLY M 607 11.80 -64.57 -7.52
N LYS M 608 11.82 -64.95 -6.25
CA LYS M 608 12.02 -66.35 -5.87
C LYS M 608 13.40 -66.81 -6.34
N MET N 1 20.78 -10.61 -42.34
CA MET N 1 21.66 -10.90 -43.46
C MET N 1 21.11 -10.39 -44.80
N PRO N 2 19.88 -10.77 -45.15
CA PRO N 2 19.28 -10.29 -46.40
C PRO N 2 18.63 -8.92 -46.26
N ASP N 3 19.26 -7.91 -46.86
CA ASP N 3 18.64 -6.61 -47.15
C ASP N 3 17.63 -6.18 -46.10
N LEU N 4 18.10 -5.84 -44.90
CA LEU N 4 17.19 -5.54 -43.81
C LEU N 4 16.26 -4.38 -44.14
N GLY N 5 16.65 -3.51 -45.04
CA GLY N 5 15.75 -2.51 -45.56
C GLY N 5 15.96 -1.13 -44.96
N THR N 6 14.95 -0.31 -45.17
CA THR N 6 14.97 1.05 -44.66
C THR N 6 14.56 1.08 -43.20
N PRO N 7 15.06 2.04 -42.45
CA PRO N 7 14.73 2.15 -41.03
C PRO N 7 13.47 2.96 -40.81
N ILE N 8 12.87 2.74 -39.64
CA ILE N 8 11.60 3.36 -39.33
C ILE N 8 11.76 4.32 -38.17
N GLY N 9 12.57 3.95 -37.19
CA GLY N 9 12.70 4.76 -36.01
C GLY N 9 14.05 4.68 -35.36
N SER N 10 14.11 5.17 -34.13
CA SER N 10 15.36 5.30 -33.40
C SER N 10 15.08 5.20 -31.91
N VAL N 11 16.11 4.88 -31.15
CA VAL N 11 15.98 4.65 -29.72
C VAL N 11 15.97 5.97 -28.97
N THR N 12 15.30 5.95 -27.81
CA THR N 12 15.21 7.12 -26.94
C THR N 12 15.28 6.71 -25.46
N ASP N 13 15.65 5.47 -25.19
CA ASP N 13 15.74 4.94 -23.83
C ASP N 13 16.27 3.52 -23.93
N SER N 14 16.62 2.97 -22.78
CA SER N 14 17.18 1.62 -22.77
C SER N 14 17.23 1.08 -21.35
N SER N 15 17.37 -0.22 -21.29
CA SER N 15 17.49 -0.98 -20.06
C SER N 15 17.88 -2.39 -20.45
N PRO N 16 18.15 -3.27 -19.50
CA PRO N 16 18.33 -4.69 -19.84
C PRO N 16 17.02 -5.45 -19.95
N SER N 17 15.88 -4.82 -19.67
CA SER N 17 14.60 -5.51 -19.83
C SER N 17 13.50 -4.61 -20.40
N LEU N 18 13.83 -3.49 -21.01
CA LEU N 18 12.81 -2.63 -21.61
C LEU N 18 13.48 -1.66 -22.58
N ILE N 19 13.11 -1.76 -23.83
CA ILE N 19 13.54 -0.82 -24.86
C ILE N 19 12.34 -0.01 -25.32
N ARG N 20 12.62 1.20 -25.82
CA ARG N 20 11.57 2.18 -26.13
C ARG N 20 11.96 2.96 -27.38
N ILE N 21 11.28 2.67 -28.49
CA ILE N 21 11.52 3.34 -29.76
C ILE N 21 10.50 4.44 -29.97
N GLU N 22 10.88 5.44 -30.77
CA GLU N 22 10.11 6.68 -30.87
C GLU N 22 10.13 7.14 -32.33
N ILE N 23 8.99 7.01 -32.99
CA ILE N 23 8.80 7.58 -34.33
C ILE N 23 8.21 8.97 -34.21
N SER N 24 8.60 9.84 -35.14
CA SER N 24 8.18 11.22 -35.17
C SER N 24 7.86 11.65 -36.60
N SER N 25 7.17 10.80 -37.33
CA SER N 25 6.73 11.14 -38.69
C SER N 25 5.56 10.24 -39.06
N ALA N 26 4.41 10.84 -39.32
CA ALA N 26 3.18 10.08 -39.50
C ALA N 26 3.29 9.12 -40.66
N GLU N 27 3.63 9.64 -41.84
CA GLU N 27 3.67 8.83 -43.04
C GLU N 27 4.38 7.51 -42.79
N ASP N 28 5.42 7.53 -41.97
CA ASP N 28 6.16 6.30 -41.70
C ASP N 28 5.31 5.31 -40.92
N PHE N 29 4.65 5.78 -39.86
CA PHE N 29 3.86 4.90 -39.03
C PHE N 29 2.61 4.43 -39.74
N GLU N 30 2.21 5.12 -40.79
CA GLU N 30 1.09 4.63 -41.59
C GLU N 30 1.55 3.63 -42.61
N LYS N 31 2.76 3.78 -43.12
CA LYS N 31 3.28 2.83 -44.09
C LYS N 31 3.69 1.52 -43.43
N TYR N 32 4.06 1.55 -42.16
CA TYR N 32 4.59 0.38 -41.48
C TYR N 32 3.75 -0.02 -40.27
N LYS N 33 2.42 -0.03 -40.43
CA LYS N 33 1.56 -0.23 -39.27
C LYS N 33 1.24 -1.69 -39.05
N SER N 34 0.87 -2.41 -40.11
CA SER N 34 0.41 -3.77 -39.96
C SER N 34 1.42 -4.69 -39.32
N MET N 35 2.65 -4.23 -39.13
CA MET N 35 3.70 -4.99 -38.49
C MET N 35 4.16 -4.31 -37.21
N LEU N 36 3.21 -3.74 -36.48
CA LEU N 36 3.48 -3.06 -35.22
C LEU N 36 2.42 -3.43 -34.20
N GLY N 37 2.05 -4.70 -34.15
CA GLY N 37 1.13 -5.19 -33.17
C GLY N 37 1.81 -6.02 -32.10
N VAL N 38 1.04 -6.35 -31.07
CA VAL N 38 1.55 -7.12 -29.94
C VAL N 38 1.89 -8.52 -30.43
N GLY N 39 3.16 -8.87 -30.36
CA GLY N 39 3.61 -10.19 -30.74
C GLY N 39 4.73 -10.15 -31.74
N GLN N 40 4.65 -9.21 -32.67
CA GLN N 40 5.60 -9.17 -33.78
C GLN N 40 6.99 -8.80 -33.29
N TYR N 41 7.95 -8.93 -34.19
CA TYR N 41 9.37 -8.88 -33.87
C TYR N 41 10.06 -7.73 -34.60
N LEU N 42 11.19 -7.31 -34.02
CA LEU N 42 12.03 -6.27 -34.60
C LEU N 42 13.49 -6.61 -34.38
N LEU N 43 14.37 -5.92 -35.11
CA LEU N 43 15.76 -6.32 -35.30
C LEU N 43 16.72 -5.16 -34.99
N VAL N 44 16.62 -4.62 -33.79
CA VAL N 44 17.41 -3.44 -33.41
C VAL N 44 18.88 -3.70 -33.67
N ALA N 45 19.64 -2.63 -33.87
CA ALA N 45 21.05 -2.71 -34.22
C ALA N 45 21.89 -2.19 -33.07
N SER N 46 22.69 -3.09 -32.48
CA SER N 46 23.53 -2.76 -31.33
C SER N 46 24.91 -3.29 -31.66
N GLY N 47 25.65 -2.51 -32.42
CA GLY N 47 26.95 -2.92 -32.87
C GLY N 47 27.10 -2.67 -34.36
N ASN N 48 28.28 -2.99 -34.89
CA ASN N 48 28.53 -2.72 -36.29
C ASN N 48 28.15 -3.89 -37.18
N ASN N 49 28.12 -5.10 -36.62
CA ASN N 49 27.71 -6.27 -37.39
C ASN N 49 26.87 -7.25 -36.59
N LEU N 50 26.20 -6.79 -35.54
CA LEU N 50 25.29 -7.61 -34.77
C LEU N 50 23.90 -7.00 -34.79
N TYR N 51 22.92 -7.81 -34.39
CA TYR N 51 21.55 -7.36 -34.29
C TYR N 51 20.88 -8.04 -33.13
N LEU N 52 19.94 -7.35 -32.51
CA LEU N 52 19.20 -7.84 -31.35
C LEU N 52 17.73 -7.97 -31.69
N LEU N 53 17.18 -9.15 -31.44
CA LEU N 53 15.79 -9.43 -31.77
C LEU N 53 14.91 -9.18 -30.57
N ALA N 54 13.82 -8.46 -30.79
CA ALA N 54 12.98 -7.98 -29.70
C ALA N 54 11.51 -8.18 -30.05
N SER N 55 10.71 -8.31 -29.00
CA SER N 55 9.28 -8.56 -29.09
C SER N 55 8.52 -7.40 -28.49
N ILE N 56 7.45 -6.99 -29.18
CA ILE N 56 6.71 -5.81 -28.77
C ILE N 56 5.78 -6.14 -27.62
N THR N 57 5.59 -5.18 -26.73
CA THR N 57 4.71 -5.33 -25.59
C THR N 57 3.90 -4.07 -25.34
N GLY N 58 3.80 -3.17 -26.31
CA GLY N 58 3.00 -1.99 -26.16
C GLY N 58 3.24 -0.94 -27.21
N VAL N 59 2.19 -0.22 -27.56
CA VAL N 59 2.25 0.84 -28.56
C VAL N 59 1.42 2.01 -28.07
N ARG N 60 1.85 3.22 -28.42
CA ARG N 60 1.15 4.40 -27.97
C ARG N 60 1.33 5.55 -28.95
N ALA N 61 0.40 6.49 -28.85
CA ALA N 61 0.40 7.71 -29.64
C ALA N 61 -0.06 8.85 -28.75
N THR N 62 0.24 10.08 -29.19
CA THR N 62 -0.09 11.26 -28.41
C THR N 62 -0.22 12.45 -29.34
N HIS N 63 -0.57 13.58 -28.74
CA HIS N 63 -0.51 14.87 -29.40
C HIS N 63 -0.35 15.93 -28.32
N VAL N 64 -0.25 17.18 -28.76
CA VAL N 64 -0.14 18.30 -27.82
C VAL N 64 -1.08 19.43 -28.22
N ASN N 87 3.41 18.34 -32.04
CA ASN N 87 3.78 17.19 -32.85
C ASN N 87 3.21 15.91 -32.26
N PHE N 88 3.57 14.77 -32.85
CA PHE N 88 2.87 13.52 -32.62
C PHE N 88 3.50 12.63 -31.56
N ARG N 89 4.77 12.27 -31.71
CA ARG N 89 5.50 11.51 -30.69
C ARG N 89 4.88 10.13 -30.45
N PHE N 90 5.02 9.26 -31.44
CA PHE N 90 4.62 7.87 -31.23
C PHE N 90 5.54 7.20 -30.21
N GLN N 91 5.22 5.95 -29.88
CA GLN N 91 6.04 5.17 -28.98
C GLN N 91 5.79 3.69 -29.18
N ILE N 92 6.85 2.89 -29.09
CA ILE N 92 6.80 1.45 -29.26
C ILE N 92 7.71 0.84 -28.20
N ASP N 93 7.11 0.19 -27.21
CA ASP N 93 7.90 -0.52 -26.22
C ASP N 93 8.26 -1.92 -26.72
N THR N 94 9.31 -2.49 -26.14
CA THR N 94 9.85 -3.75 -26.62
C THR N 94 10.63 -4.42 -25.51
N GLN N 95 10.75 -5.74 -25.63
CA GLN N 95 11.43 -6.62 -24.70
C GLN N 95 12.45 -7.46 -25.44
N PRO N 96 13.59 -7.76 -24.81
CA PRO N 96 14.67 -8.43 -25.53
C PRO N 96 14.68 -9.94 -25.38
N ILE N 97 15.24 -10.59 -26.38
CA ILE N 97 15.32 -12.03 -26.43
C ILE N 97 16.75 -12.50 -26.63
N GLY N 98 17.34 -12.16 -27.77
CA GLY N 98 18.63 -12.70 -28.12
C GLY N 98 19.29 -11.94 -29.25
N THR N 99 20.42 -12.49 -29.71
CA THR N 99 21.30 -11.83 -30.64
C THR N 99 21.50 -12.69 -31.89
N LEU N 100 21.65 -12.01 -33.02
CA LEU N 100 21.85 -12.63 -34.32
C LEU N 100 22.97 -11.89 -35.03
N SER N 101 23.97 -12.65 -35.49
CA SER N 101 25.08 -12.10 -36.22
C SER N 101 24.84 -12.21 -37.72
N GLU N 102 25.85 -11.78 -38.49
CA GLU N 102 25.75 -11.82 -39.94
C GLU N 102 25.93 -13.24 -40.47
N ASP N 103 27.01 -13.91 -40.06
CA ASP N 103 27.24 -15.28 -40.50
C ASP N 103 26.02 -16.15 -40.27
N GLY N 104 25.34 -15.95 -39.15
CA GLY N 104 24.06 -16.57 -38.92
C GLY N 104 23.85 -17.02 -37.49
N GLU N 105 24.89 -16.94 -36.67
CA GLU N 105 24.81 -17.49 -35.34
C GLU N 105 23.77 -16.76 -34.50
N PHE N 106 22.95 -17.53 -33.81
CA PHE N 106 22.03 -17.03 -32.80
C PHE N 106 22.60 -17.34 -31.43
N SER N 107 22.64 -16.33 -30.57
CA SER N 107 23.08 -16.50 -29.19
C SER N 107 22.02 -15.94 -28.26
N ARG N 108 21.58 -16.79 -27.33
CA ARG N 108 20.55 -16.41 -26.38
C ARG N 108 21.13 -15.60 -25.24
N GLY N 109 20.32 -14.71 -24.70
CA GLY N 109 20.72 -13.89 -23.58
C GLY N 109 20.85 -12.42 -23.96
N SER N 110 20.46 -11.56 -23.02
CA SER N 110 20.66 -10.12 -23.15
C SER N 110 22.13 -9.79 -22.92
N HIS N 111 22.96 -10.22 -23.88
CA HIS N 111 24.39 -10.06 -23.75
C HIS N 111 24.84 -8.61 -23.92
N SER N 112 24.08 -7.83 -24.68
CA SER N 112 24.44 -6.45 -24.97
C SER N 112 23.27 -5.53 -24.72
N LEU N 113 23.54 -4.39 -24.12
CA LEU N 113 22.55 -3.33 -23.98
C LEU N 113 22.79 -2.30 -25.07
N PRO N 114 21.83 -2.07 -25.96
CA PRO N 114 22.11 -1.21 -27.10
C PRO N 114 22.19 0.25 -26.72
N VAL N 115 23.08 0.96 -27.38
CA VAL N 115 23.28 2.38 -27.14
C VAL N 115 22.24 3.19 -27.89
N PRO N 116 21.87 4.35 -27.39
CA PRO N 116 20.88 5.18 -28.07
C PRO N 116 21.36 5.70 -29.42
N THR N 117 20.45 6.40 -30.09
CA THR N 117 20.66 6.89 -31.44
C THR N 117 21.02 5.77 -32.39
N GLU N 118 20.69 4.54 -32.04
CA GLU N 118 20.90 3.39 -32.89
C GLU N 118 19.59 2.99 -33.55
N TYR N 119 19.67 2.69 -34.84
CA TYR N 119 18.49 2.50 -35.65
C TYR N 119 17.78 1.21 -35.30
N ALA N 120 16.50 1.17 -35.66
CA ALA N 120 15.68 -0.02 -35.55
C ALA N 120 15.26 -0.46 -36.94
N TYR N 121 14.96 -1.75 -37.05
CA TYR N 121 14.60 -2.33 -38.33
C TYR N 121 13.52 -3.38 -38.16
N VAL N 122 12.82 -3.64 -39.25
CA VAL N 122 11.75 -4.62 -39.31
C VAL N 122 12.33 -5.98 -39.66
N THR N 123 11.54 -7.03 -39.43
CA THR N 123 12.03 -8.39 -39.50
C THR N 123 11.42 -9.13 -40.68
N PRO N 124 12.21 -9.67 -41.58
CA PRO N 124 11.69 -10.60 -42.56
C PRO N 124 11.43 -11.96 -41.94
N PRO N 125 10.44 -12.70 -42.46
CA PRO N 125 10.10 -13.98 -41.85
C PRO N 125 11.20 -15.02 -41.96
N ALA N 126 11.94 -15.00 -43.06
CA ALA N 126 12.95 -16.02 -43.29
C ALA N 126 13.90 -16.15 -42.13
N VAL N 127 14.25 -15.02 -41.51
CA VAL N 127 15.16 -15.05 -40.37
C VAL N 127 14.54 -15.82 -39.23
N LEU N 128 13.27 -15.57 -38.93
CA LEU N 128 12.60 -16.29 -37.87
C LEU N 128 12.56 -17.78 -38.17
N GLU N 129 12.26 -18.12 -39.43
CA GLU N 129 12.23 -19.53 -39.82
C GLU N 129 13.57 -20.19 -39.57
N GLY N 130 14.65 -19.53 -39.96
CA GLY N 130 15.97 -20.12 -39.77
C GLY N 130 16.30 -20.28 -38.31
N ILE N 131 16.00 -19.25 -37.51
CA ILE N 131 16.27 -19.32 -36.09
C ILE N 131 15.58 -20.53 -35.48
N PHE N 132 14.31 -20.72 -35.81
CA PHE N 132 13.58 -21.83 -35.20
C PHE N 132 14.05 -23.17 -35.72
N SER N 133 14.40 -23.24 -37.01
CA SER N 133 14.73 -24.54 -37.60
C SER N 133 16.09 -25.02 -37.13
N HIS N 134 17.12 -24.20 -37.32
CA HIS N 134 18.47 -24.71 -37.24
C HIS N 134 18.89 -25.02 -35.81
N GLN N 135 18.56 -24.15 -34.85
CA GLN N 135 19.07 -24.27 -33.50
C GLN N 135 18.14 -25.02 -32.57
N ILE N 136 17.30 -25.90 -33.10
CA ILE N 136 16.51 -26.82 -32.30
C ILE N 136 17.04 -28.23 -32.52
N LYS N 137 17.55 -28.84 -31.45
CA LYS N 137 18.27 -30.09 -31.59
C LYS N 137 17.39 -31.18 -32.21
N SER N 138 16.33 -31.57 -31.51
CA SER N 138 15.36 -32.51 -32.02
C SER N 138 14.02 -31.82 -32.16
N PRO N 139 13.43 -31.80 -33.34
CA PRO N 139 12.29 -30.92 -33.60
C PRO N 139 10.95 -31.58 -33.41
N PHE N 140 9.92 -30.77 -33.19
CA PHE N 140 8.55 -31.25 -33.15
C PHE N 140 7.63 -30.12 -33.57
N ALA N 141 6.76 -30.42 -34.52
CA ALA N 141 5.86 -29.43 -35.12
C ALA N 141 4.58 -29.36 -34.31
N LEU N 142 4.46 -28.32 -33.50
CA LEU N 142 3.29 -28.18 -32.64
C LEU N 142 2.19 -27.39 -33.28
N GLY N 143 2.53 -26.33 -34.01
CA GLY N 143 1.51 -25.49 -34.61
C GLY N 143 2.13 -24.25 -35.23
N THR N 144 1.28 -23.25 -35.41
CA THR N 144 1.64 -22.03 -36.11
C THR N 144 1.44 -20.83 -35.22
N LEU N 145 2.34 -19.86 -35.35
CA LEU N 145 2.27 -18.67 -34.50
C LEU N 145 1.04 -17.84 -34.82
N GLY N 146 0.47 -17.25 -33.78
CA GLY N 146 -0.66 -16.36 -33.99
C GLY N 146 -0.27 -15.09 -34.70
N ILE N 147 1.01 -14.77 -34.72
CA ILE N 147 1.48 -13.58 -35.42
C ILE N 147 1.34 -13.75 -36.92
N SER N 148 2.08 -14.71 -37.48
CA SER N 148 2.09 -14.97 -38.91
C SER N 148 1.81 -16.43 -39.17
N PRO N 149 0.63 -16.78 -39.67
CA PRO N 149 0.27 -18.21 -39.79
C PRO N 149 1.19 -19.01 -40.68
N ASP N 150 1.92 -18.38 -41.60
CA ASP N 150 2.77 -19.13 -42.50
C ASP N 150 3.88 -19.84 -41.73
N ILE N 151 4.48 -19.14 -40.76
CA ILE N 151 5.58 -19.73 -40.02
C ILE N 151 5.12 -20.94 -39.23
N LYS N 152 6.04 -21.87 -39.04
CA LYS N 152 5.79 -23.13 -38.36
C LYS N 152 6.60 -23.17 -37.07
N LEU N 153 5.94 -23.47 -35.97
CA LEU N 153 6.64 -23.51 -34.69
C LEU N 153 7.22 -24.89 -34.45
N LYS N 154 8.24 -24.93 -33.61
CA LYS N 154 9.00 -26.15 -33.40
C LYS N 154 9.54 -26.18 -31.98
N ILE N 155 9.34 -27.30 -31.31
CA ILE N 155 9.73 -27.46 -29.92
C ILE N 155 10.63 -28.67 -29.79
N ASP N 156 11.45 -28.65 -28.74
CA ASP N 156 12.36 -29.75 -28.46
C ASP N 156 11.58 -30.94 -27.92
N GLY N 157 11.75 -32.09 -28.57
CA GLY N 157 10.94 -33.25 -28.22
C GLY N 157 11.44 -33.94 -26.97
N ASP N 158 12.72 -34.34 -26.99
CA ASP N 158 13.24 -35.17 -25.92
C ASP N 158 13.01 -34.53 -24.56
N ARG N 159 12.78 -33.22 -24.52
CA ARG N 159 12.52 -32.54 -23.26
C ARG N 159 11.03 -32.36 -23.01
N PHE N 160 10.22 -32.35 -24.07
CA PHE N 160 8.80 -32.11 -23.90
C PHE N 160 8.15 -33.28 -23.19
N PHE N 161 8.34 -34.48 -23.72
CA PHE N 161 7.66 -35.66 -23.20
C PHE N 161 8.45 -36.36 -22.10
N SER N 162 9.75 -36.53 -22.29
CA SER N 162 10.55 -37.27 -21.30
C SER N 162 10.25 -36.78 -19.91
N LYS N 163 10.08 -35.48 -19.76
CA LYS N 163 9.58 -34.89 -18.55
C LYS N 163 8.10 -34.60 -18.70
N HIS N 164 7.42 -34.44 -17.58
CA HIS N 164 5.98 -34.38 -17.58
C HIS N 164 5.46 -33.19 -18.37
N VAL N 165 4.23 -33.34 -18.82
CA VAL N 165 3.50 -32.31 -19.54
C VAL N 165 2.19 -32.07 -18.81
N ALA N 166 1.70 -30.84 -18.89
CA ALA N 166 0.53 -30.42 -18.13
C ALA N 166 -0.28 -29.46 -18.97
N VAL N 167 -1.55 -29.78 -19.15
CA VAL N 167 -2.49 -28.95 -19.90
C VAL N 167 -3.61 -28.53 -18.98
N VAL N 168 -3.91 -27.24 -18.99
CA VAL N 168 -4.94 -26.67 -18.13
C VAL N 168 -5.65 -25.60 -18.93
N GLY N 169 -6.97 -25.65 -18.95
CA GLY N 169 -7.74 -24.68 -19.70
C GLY N 169 -9.16 -24.61 -19.20
N SER N 170 -9.83 -23.53 -19.59
CA SER N 170 -11.18 -23.25 -19.16
C SER N 170 -12.18 -23.87 -20.11
N THR N 171 -13.45 -23.86 -19.70
CA THR N 171 -14.48 -24.54 -20.44
C THR N 171 -14.66 -23.90 -21.81
N GLY N 172 -15.03 -24.73 -22.77
CA GLY N 172 -15.22 -24.30 -24.13
C GLY N 172 -13.95 -23.91 -24.85
N SER N 173 -12.80 -24.03 -24.20
CA SER N 173 -11.52 -23.73 -24.82
C SER N 173 -10.95 -24.94 -25.56
N GLY N 174 -11.71 -26.02 -25.63
CA GLY N 174 -11.30 -27.17 -26.41
C GLY N 174 -9.93 -27.71 -26.07
N LYS N 175 -9.80 -28.26 -24.87
CA LYS N 175 -8.59 -28.98 -24.52
C LYS N 175 -8.51 -30.29 -25.28
N SER N 176 -9.66 -30.90 -25.52
CA SER N 176 -9.70 -32.23 -26.09
C SER N 176 -9.11 -32.25 -27.48
N CYS N 177 -9.56 -31.33 -28.34
CA CYS N 177 -9.03 -31.26 -29.69
C CYS N 177 -7.53 -31.03 -29.68
N ALA N 178 -7.05 -30.22 -28.73
CA ALA N 178 -5.63 -29.91 -28.69
C ALA N 178 -4.83 -31.16 -28.36
N VAL N 179 -5.26 -31.90 -27.34
CA VAL N 179 -4.58 -33.13 -27.00
C VAL N 179 -4.60 -34.08 -28.19
N ALA N 180 -5.73 -34.11 -28.90
CA ALA N 180 -5.86 -35.03 -30.01
C ALA N 180 -4.86 -34.68 -31.11
N LYS N 181 -4.69 -33.40 -31.37
CA LYS N 181 -3.74 -32.98 -32.39
C LYS N 181 -2.31 -33.29 -31.97
N ILE N 182 -1.98 -33.00 -30.71
CA ILE N 182 -0.64 -33.26 -30.24
C ILE N 182 -0.30 -34.72 -30.34
N LEU N 183 -1.31 -35.59 -30.21
CA LEU N 183 -1.05 -37.01 -30.36
C LEU N 183 -0.96 -37.41 -31.82
N GLN N 184 -1.85 -36.88 -32.64
CA GLN N 184 -1.86 -37.20 -34.06
C GLN N 184 -0.51 -36.92 -34.68
N THR N 185 0.06 -35.76 -34.38
CA THR N 185 1.33 -35.40 -34.99
C THR N 185 2.42 -36.39 -34.63
N ALA N 186 2.24 -37.14 -33.55
CA ALA N 186 3.27 -38.05 -33.10
C ALA N 186 3.05 -39.45 -33.66
N VAL N 187 1.80 -39.87 -33.77
CA VAL N 187 1.51 -41.19 -34.31
C VAL N 187 1.49 -41.14 -35.83
N GLY N 188 1.87 -40.00 -36.40
CA GLY N 188 2.03 -39.86 -37.82
C GLY N 188 0.77 -39.49 -38.57
N ILE N 189 -0.40 -39.80 -38.01
CA ILE N 189 -1.65 -39.56 -38.69
C ILE N 189 -1.74 -38.10 -39.11
N GLU N 190 -2.31 -37.87 -40.29
CA GLU N 190 -2.50 -36.53 -40.81
C GLU N 190 -3.45 -36.57 -41.99
N SER N 191 -4.48 -35.73 -41.95
CA SER N 191 -5.40 -35.56 -43.07
C SER N 191 -5.94 -36.91 -43.54
N LYS N 192 -6.28 -37.76 -42.59
CA LYS N 192 -6.82 -39.10 -42.82
C LYS N 192 -5.82 -40.02 -43.48
N ALA N 193 -4.57 -39.62 -43.63
CA ALA N 193 -3.58 -40.41 -44.34
C ALA N 193 -2.44 -40.77 -43.40
N ASN N 194 -2.26 -42.06 -43.16
CA ASN N 194 -1.09 -42.56 -42.44
C ASN N 194 0.07 -42.74 -43.40
N ALA N 195 1.08 -41.89 -43.27
CA ALA N 195 2.28 -42.05 -44.08
C ALA N 195 2.97 -43.37 -43.77
N HIS N 196 2.79 -43.89 -42.57
CA HIS N 196 3.52 -45.06 -42.10
C HIS N 196 2.69 -46.33 -42.22
N LYS N 197 2.42 -46.75 -43.46
CA LYS N 197 1.71 -48.00 -43.67
C LYS N 197 2.66 -49.17 -43.76
N ALA N 198 3.76 -49.00 -44.50
CA ALA N 198 4.64 -50.13 -44.79
C ALA N 198 5.19 -50.74 -43.51
N ALA N 199 5.87 -49.94 -42.70
CA ALA N 199 6.53 -50.40 -41.50
C ALA N 199 6.00 -49.63 -40.30
N GLN N 200 5.61 -50.36 -39.27
CA GLN N 200 4.99 -49.78 -38.10
C GLN N 200 6.05 -49.41 -37.07
N LYS N 201 5.84 -48.25 -36.44
CA LYS N 201 6.86 -47.63 -35.60
C LYS N 201 6.68 -48.06 -34.15
N ASN N 202 7.38 -47.37 -33.24
CA ASN N 202 7.42 -47.72 -31.84
C ASN N 202 6.76 -46.67 -30.96
N SER N 203 5.70 -46.03 -31.45
CA SER N 203 4.96 -45.06 -30.66
C SER N 203 3.87 -45.75 -29.86
N HIS N 204 4.07 -45.81 -28.55
CA HIS N 204 3.13 -46.40 -27.62
C HIS N 204 2.47 -45.30 -26.80
N ILE N 205 1.21 -45.53 -26.44
CA ILE N 205 0.40 -44.56 -25.72
C ILE N 205 -0.67 -45.29 -24.94
N VAL N 206 -1.14 -44.66 -23.87
CA VAL N 206 -2.31 -45.10 -23.14
C VAL N 206 -3.13 -43.87 -22.76
N ILE N 207 -4.45 -44.01 -22.79
CA ILE N 207 -5.36 -42.89 -22.59
C ILE N 207 -6.48 -43.34 -21.67
N PHE N 208 -6.69 -42.62 -20.58
CA PHE N 208 -7.88 -42.80 -19.78
C PHE N 208 -9.00 -41.94 -20.37
N ASP N 209 -10.22 -42.47 -20.36
CA ASP N 209 -11.37 -41.79 -20.95
C ASP N 209 -12.58 -41.97 -20.04
N ILE N 210 -13.03 -40.86 -19.46
CA ILE N 210 -14.22 -40.89 -18.63
C ILE N 210 -15.46 -40.64 -19.48
N HIS N 211 -15.33 -39.82 -20.50
CA HIS N 211 -16.44 -39.46 -21.36
C HIS N 211 -16.52 -40.30 -22.63
N ALA N 212 -15.47 -41.04 -22.97
CA ALA N 212 -15.45 -41.91 -24.15
C ALA N 212 -15.45 -41.10 -25.44
N GLU N 213 -14.69 -40.02 -25.48
CA GLU N 213 -14.68 -39.17 -26.65
C GLU N 213 -13.61 -39.57 -27.65
N TYR N 214 -12.39 -39.82 -27.18
CA TYR N 214 -11.23 -39.90 -28.05
C TYR N 214 -11.23 -41.10 -28.96
N ALA N 215 -12.22 -41.97 -28.86
CA ALA N 215 -12.23 -43.19 -29.65
C ALA N 215 -12.10 -42.87 -31.14
N ALA N 216 -12.86 -41.89 -31.61
CA ALA N 216 -12.93 -41.64 -33.03
C ALA N 216 -11.85 -40.69 -33.52
N ALA N 217 -11.16 -40.01 -32.61
CA ALA N 217 -10.05 -39.16 -33.02
C ALA N 217 -9.03 -39.97 -33.81
N PHE N 218 -9.02 -41.28 -33.61
CA PHE N 218 -8.17 -42.20 -34.35
C PHE N 218 -9.06 -43.33 -34.86
N ASN N 219 -9.72 -43.09 -35.98
CA ASN N 219 -10.53 -44.12 -36.64
C ASN N 219 -10.60 -43.77 -38.11
N LEU N 220 -9.70 -44.35 -38.88
CA LEU N 220 -9.66 -44.15 -40.32
C LEU N 220 -10.14 -45.40 -41.03
N GLU N 221 -10.34 -45.26 -42.34
CA GLU N 221 -10.76 -46.40 -43.14
C GLU N 221 -9.72 -47.51 -43.08
N ALA N 222 -10.18 -48.73 -43.25
CA ALA N 222 -9.30 -49.89 -43.07
C ALA N 222 -8.18 -49.89 -44.08
N GLY N 223 -8.39 -49.25 -45.23
CA GLY N 223 -7.36 -49.22 -46.25
C GLY N 223 -6.03 -48.72 -45.71
N GLU N 224 -6.08 -47.78 -44.78
CA GLU N 224 -4.87 -47.19 -44.24
C GLU N 224 -4.21 -48.03 -43.17
N ALA N 225 -4.90 -49.06 -42.66
CA ALA N 225 -4.28 -50.07 -41.81
C ALA N 225 -3.69 -49.46 -40.53
N PHE N 226 -4.60 -48.95 -39.69
CA PHE N 226 -4.26 -48.53 -38.34
C PHE N 226 -5.14 -49.31 -37.37
N THR N 227 -4.52 -50.18 -36.59
CA THR N 227 -5.22 -51.03 -35.65
C THR N 227 -5.15 -50.46 -34.24
N LEU N 228 -6.22 -50.62 -33.49
CA LEU N 228 -6.34 -50.11 -32.13
C LEU N 228 -6.53 -51.26 -31.15
N ASN N 229 -6.68 -50.88 -29.88
CA ASN N 229 -6.98 -51.80 -28.79
C ASN N 229 -7.98 -51.11 -27.88
N LEU N 230 -9.26 -51.34 -28.13
CA LEU N 230 -10.32 -50.71 -27.35
C LEU N 230 -10.75 -51.69 -26.27
N LEU N 231 -10.30 -51.44 -25.05
CA LEU N 231 -10.54 -52.31 -23.91
C LEU N 231 -11.57 -51.64 -23.01
N GLY N 232 -12.76 -52.23 -22.94
CA GLY N 232 -13.81 -51.72 -22.08
C GLY N 232 -14.06 -52.62 -20.89
N VAL N 233 -15.08 -52.24 -20.11
CA VAL N 233 -15.36 -52.93 -18.87
C VAL N 233 -15.65 -54.40 -19.09
N ASP N 234 -16.26 -54.74 -20.23
CA ASP N 234 -16.64 -56.12 -20.47
C ASP N 234 -15.42 -56.98 -20.78
N ASN N 235 -14.64 -56.59 -21.78
CA ASN N 235 -13.54 -57.40 -22.28
C ASN N 235 -12.27 -57.22 -21.48
N LEU N 236 -12.35 -56.56 -20.33
CA LEU N 236 -11.16 -56.28 -19.54
C LEU N 236 -10.91 -57.39 -18.55
N ARG N 237 -9.72 -57.94 -18.60
CA ARG N 237 -9.31 -59.02 -17.73
C ARG N 237 -8.36 -58.48 -16.67
N LEU N 238 -8.83 -58.43 -15.45
CA LEU N 238 -8.01 -58.02 -14.30
C LEU N 238 -8.36 -58.95 -13.16
N PRO N 239 -7.46 -59.84 -12.79
CA PRO N 239 -7.74 -60.77 -11.70
C PRO N 239 -7.34 -60.21 -10.35
N TYR N 240 -8.05 -60.67 -9.32
CA TYR N 240 -7.80 -60.17 -7.98
C TYR N 240 -6.40 -60.55 -7.51
N TRP N 241 -5.95 -61.74 -7.85
CA TRP N 241 -4.73 -62.27 -7.25
C TRP N 241 -3.51 -61.50 -7.68
N LEU N 242 -3.70 -60.47 -8.49
CA LEU N 242 -2.60 -59.60 -8.86
C LEU N 242 -2.71 -58.30 -8.08
N MET N 243 -2.41 -58.39 -6.79
CA MET N 243 -2.40 -57.23 -5.93
C MET N 243 -1.29 -57.37 -4.91
N ASN N 244 -0.83 -56.23 -4.42
CA ASN N 244 0.14 -56.19 -3.33
C ASN N 244 -0.58 -56.17 -2.01
N ALA N 245 0.19 -56.20 -0.92
CA ALA N 245 -0.39 -56.33 0.41
C ALA N 245 -1.39 -55.21 0.69
N GLN N 246 -0.90 -53.98 0.70
CA GLN N 246 -1.75 -52.85 1.07
C GLN N 246 -3.08 -52.88 0.34
N GLU N 247 -3.08 -53.33 -0.90
CA GLU N 247 -4.31 -53.34 -1.67
C GLU N 247 -5.26 -54.40 -1.17
N LEU N 248 -4.72 -55.60 -0.91
CA LEU N 248 -5.56 -56.68 -0.42
C LEU N 248 -6.18 -56.31 0.92
N GLU N 249 -5.42 -55.63 1.76
CA GLU N 249 -5.98 -55.20 3.04
C GLU N 249 -6.98 -54.07 2.85
N GLN N 250 -6.78 -53.23 1.85
CA GLN N 250 -7.69 -52.11 1.61
C GLN N 250 -9.04 -52.60 1.15
N ILE N 251 -9.07 -53.68 0.39
CA ILE N 251 -10.31 -54.09 -0.26
C ILE N 251 -11.30 -54.63 0.76
N PHE N 252 -10.94 -55.72 1.45
CA PHE N 252 -11.88 -56.52 2.22
C PHE N 252 -12.05 -56.07 3.66
N ILE N 253 -10.94 -55.90 4.37
CA ILE N 253 -10.93 -55.76 5.82
C ILE N 253 -11.00 -54.29 6.18
N GLU N 254 -12.08 -53.88 6.83
CA GLU N 254 -12.18 -52.54 7.36
C GLU N 254 -11.46 -52.43 8.68
N SER N 255 -10.75 -51.31 8.87
CA SER N 255 -9.93 -51.12 10.06
C SER N 255 -10.65 -50.40 11.17
N ASN N 256 -11.84 -49.86 10.90
CA ASN N 256 -12.62 -49.15 11.91
C ASN N 256 -13.36 -50.16 12.80
N GLU N 257 -12.58 -51.06 13.39
CA GLU N 257 -13.10 -52.10 14.26
C GLU N 257 -12.03 -52.48 15.26
N HIS N 258 -12.44 -52.65 16.51
CA HIS N 258 -11.51 -52.87 17.60
C HIS N 258 -10.60 -54.05 17.39
N ASN N 259 -10.95 -54.97 16.50
CA ASN N 259 -10.30 -56.26 16.41
C ASN N 259 -9.81 -56.53 14.99
N SER N 260 -9.19 -55.53 14.37
CA SER N 260 -8.71 -55.70 13.01
C SER N 260 -7.41 -56.48 12.98
N HIS N 261 -6.58 -56.28 14.00
CA HIS N 261 -5.25 -56.87 14.01
C HIS N 261 -5.33 -58.37 13.79
N ASN N 262 -6.10 -59.05 14.62
CA ASN N 262 -6.19 -60.50 14.54
C ASN N 262 -6.74 -60.95 13.20
N GLN N 263 -7.78 -60.28 12.73
CA GLN N 263 -8.34 -60.58 11.42
C GLN N 263 -7.26 -60.60 10.35
N ILE N 264 -6.54 -59.48 10.20
CA ILE N 264 -5.53 -59.39 9.16
C ILE N 264 -4.46 -60.44 9.37
N SER N 265 -4.10 -60.67 10.63
CA SER N 265 -2.99 -61.57 10.91
C SER N 265 -3.30 -62.97 10.42
N GLN N 266 -4.55 -63.41 10.57
CA GLN N 266 -4.88 -64.74 10.10
C GLN N 266 -5.17 -64.77 8.61
N PHE N 267 -5.73 -63.68 8.08
CA PHE N 267 -5.92 -63.58 6.65
C PHE N 267 -4.62 -63.82 5.92
N ARG N 268 -3.53 -63.29 6.47
CA ARG N 268 -2.24 -63.43 5.81
C ARG N 268 -1.86 -64.89 5.68
N HIS N 269 -1.97 -65.63 6.78
CA HIS N 269 -1.58 -67.03 6.76
C HIS N 269 -2.47 -67.80 5.80
N ALA N 270 -3.75 -67.44 5.76
CA ALA N 270 -4.65 -68.14 4.86
C ALA N 270 -4.21 -67.97 3.42
N VAL N 271 -4.01 -66.72 3.01
CA VAL N 271 -3.60 -66.47 1.63
C VAL N 271 -2.31 -67.19 1.32
N VAL N 272 -1.34 -67.11 2.22
CA VAL N 272 -0.03 -67.69 1.94
C VAL N 272 -0.17 -69.19 1.70
N ARG N 273 -0.85 -69.87 2.60
CA ARG N 273 -0.89 -71.31 2.47
C ARG N 273 -1.71 -71.74 1.26
N ASN N 274 -2.75 -70.97 0.93
CA ASN N 274 -3.52 -71.31 -0.26
C ASN N 274 -2.69 -71.12 -1.50
N LYS N 275 -1.78 -70.13 -1.49
CA LYS N 275 -0.87 -69.98 -2.61
C LYS N 275 0.07 -71.17 -2.70
N CYS N 276 0.61 -71.58 -1.56
CA CYS N 276 1.56 -72.68 -1.58
C CYS N 276 0.93 -73.95 -2.11
N LYS N 277 -0.37 -74.14 -1.85
CA LYS N 277 -1.01 -75.40 -2.21
C LYS N 277 -1.08 -75.59 -3.72
N HIS N 278 -1.80 -74.70 -4.40
CA HIS N 278 -2.06 -74.91 -5.82
C HIS N 278 -0.77 -74.93 -6.63
N ASN N 279 0.18 -74.09 -6.26
CA ASN N 279 1.42 -73.97 -7.01
C ASN N 279 2.58 -74.60 -6.24
N PRO N 280 2.76 -75.91 -6.34
CA PRO N 280 3.79 -76.58 -5.54
C PRO N 280 5.20 -76.32 -6.01
N THR N 281 5.42 -76.46 -7.32
CA THR N 281 6.78 -76.51 -7.85
C THR N 281 7.61 -75.36 -7.31
N LEU N 282 6.98 -74.21 -7.11
CA LEU N 282 7.69 -73.06 -6.59
C LEU N 282 7.85 -73.18 -5.07
N THR N 283 9.00 -72.72 -4.60
CA THR N 283 9.25 -72.52 -3.18
C THR N 283 9.53 -71.05 -2.94
N ASN N 284 9.58 -70.67 -1.67
CA ASN N 284 9.81 -69.29 -1.29
C ASN N 284 8.71 -68.37 -1.82
N LEU N 285 7.49 -68.63 -1.38
CA LEU N 285 6.32 -67.88 -1.79
C LEU N 285 6.01 -66.83 -0.73
N SER N 286 6.05 -65.56 -1.11
CA SER N 286 5.73 -64.48 -0.20
C SER N 286 4.32 -63.98 -0.44
N PHE N 287 3.74 -63.41 0.62
CA PHE N 287 2.34 -63.01 0.60
C PHE N 287 2.05 -61.99 -0.49
N ASP N 288 3.08 -61.36 -1.03
CA ASP N 288 2.90 -60.37 -2.08
C ASP N 288 3.22 -60.93 -3.45
N THR N 289 3.59 -62.19 -3.54
CA THR N 289 3.95 -62.77 -4.82
C THR N 289 2.69 -63.05 -5.64
N PRO N 290 2.64 -62.60 -6.89
CA PRO N 290 1.45 -62.85 -7.72
C PRO N 290 1.33 -64.24 -8.28
N VAL N 291 0.44 -65.03 -7.69
CA VAL N 291 0.06 -66.33 -8.22
C VAL N 291 -1.36 -66.63 -7.77
N TYR N 292 -1.92 -67.72 -8.28
CA TYR N 292 -3.32 -68.05 -8.03
C TYR N 292 -3.57 -68.23 -6.54
N PHE N 293 -4.78 -67.88 -6.13
CA PHE N 293 -5.31 -68.31 -4.85
C PHE N 293 -6.81 -68.11 -4.82
N SER N 294 -7.55 -69.19 -4.62
CA SER N 294 -8.99 -69.11 -4.62
C SER N 294 -9.50 -68.47 -3.34
N ILE N 295 -10.52 -67.65 -3.48
CA ILE N 295 -11.00 -66.86 -2.37
C ILE N 295 -12.02 -67.65 -1.57
N ASP N 296 -12.75 -68.51 -2.26
CA ASP N 296 -13.80 -69.28 -1.58
C ASP N 296 -13.18 -70.22 -0.57
N GLU N 297 -12.04 -70.80 -0.90
CA GLU N 297 -11.36 -71.67 0.05
C GLU N 297 -10.89 -70.88 1.26
N VAL N 298 -10.43 -69.66 1.03
CA VAL N 298 -9.98 -68.83 2.13
C VAL N 298 -11.14 -68.57 3.08
N VAL N 299 -12.30 -68.28 2.51
CA VAL N 299 -13.46 -68.01 3.35
C VAL N 299 -13.87 -69.26 4.10
N THR N 300 -13.82 -70.41 3.43
CA THR N 300 -14.18 -71.65 4.09
C THR N 300 -13.26 -71.91 5.27
N TYR N 301 -11.99 -71.57 5.12
CA TYR N 301 -11.03 -71.82 6.21
C TYR N 301 -11.31 -70.89 7.38
N LEU N 302 -11.43 -69.61 7.11
CA LEU N 302 -11.74 -68.68 8.18
C LEU N 302 -13.02 -69.08 8.88
N GLU N 303 -13.98 -69.61 8.14
CA GLU N 303 -15.24 -69.98 8.75
C GLU N 303 -15.09 -71.25 9.57
N ASN N 304 -14.24 -72.17 9.11
CA ASN N 304 -13.98 -73.37 9.87
C ASN N 304 -13.31 -73.03 11.18
N MET N 305 -12.66 -71.87 11.23
CA MET N 305 -12.02 -71.45 12.46
C MET N 305 -12.96 -70.67 13.36
N ASN N 306 -13.89 -69.93 12.78
CA ASN N 306 -14.75 -69.09 13.58
C ASN N 306 -15.60 -69.89 14.57
N ASN N 307 -15.64 -71.21 14.42
CA ASN N 307 -16.55 -72.02 15.21
C ASN N 307 -15.92 -73.17 15.95
N GLU N 308 -14.65 -73.50 15.71
CA GLU N 308 -14.09 -74.75 16.19
C GLU N 308 -14.04 -74.80 17.71
N VAL N 309 -13.83 -76.00 18.22
CA VAL N 309 -13.72 -76.27 19.64
C VAL N 309 -12.75 -77.43 19.81
N ILE N 310 -11.84 -77.32 20.77
CA ILE N 310 -10.76 -78.29 20.94
C ILE N 310 -10.95 -79.05 22.24
N GLY N 311 -10.70 -80.35 22.19
CA GLY N 311 -10.79 -81.16 23.39
C GLY N 311 -9.50 -81.15 24.18
N LYS N 312 -9.63 -81.41 25.47
CA LYS N 312 -8.50 -81.33 26.39
C LYS N 312 -8.16 -82.66 27.02
N LEU N 313 -8.84 -83.73 26.64
CA LEU N 313 -8.59 -85.03 27.24
C LEU N 313 -7.13 -85.43 27.04
N ALA N 314 -6.75 -86.50 27.73
CA ALA N 314 -5.36 -86.94 27.71
C ALA N 314 -5.01 -87.52 26.35
N GLY N 315 -4.03 -86.91 25.69
CA GLY N 315 -3.62 -87.36 24.37
C GLY N 315 -4.52 -86.91 23.25
N GLU N 316 -5.30 -85.84 23.47
CA GLU N 316 -6.15 -85.26 22.43
C GLU N 316 -6.03 -83.76 22.44
N GLY N 317 -4.81 -83.24 22.44
CA GLY N 317 -4.60 -81.81 22.38
C GLY N 317 -4.72 -81.27 20.96
N LYS N 318 -5.68 -81.79 20.22
CA LYS N 318 -5.93 -81.39 18.85
C LYS N 318 -7.43 -81.21 18.63
N PRO N 319 -7.84 -80.68 17.49
CA PRO N 319 -9.26 -80.44 17.26
C PRO N 319 -10.01 -81.73 16.99
N LYS N 320 -11.26 -81.76 17.43
CA LYS N 320 -12.12 -82.93 17.32
C LYS N 320 -13.21 -82.69 16.29
N LEU N 321 -13.45 -83.69 15.45
CA LEU N 321 -14.49 -83.62 14.46
C LEU N 321 -15.81 -84.16 15.02
N ALA N 322 -16.89 -83.87 14.29
CA ALA N 322 -18.22 -84.32 14.72
C ALA N 322 -18.28 -85.83 14.85
N ASN N 323 -17.39 -86.54 14.16
CA ASN N 323 -17.33 -87.99 14.25
C ASN N 323 -16.27 -88.45 15.24
N GLU N 324 -15.91 -87.59 16.18
CA GLU N 324 -14.90 -87.91 17.18
C GLU N 324 -13.62 -88.38 16.50
N THR N 325 -13.15 -87.58 15.55
CA THR N 325 -11.91 -87.85 14.84
C THR N 325 -11.01 -86.62 14.92
N LEU N 326 -9.71 -86.86 14.98
CA LEU N 326 -8.76 -85.81 15.27
C LEU N 326 -8.24 -85.14 14.01
N VAL N 327 -7.91 -83.87 14.13
CA VAL N 327 -7.39 -83.06 13.03
C VAL N 327 -5.92 -82.81 13.31
N SER N 328 -5.05 -83.56 12.63
CA SER N 328 -3.62 -83.41 12.87
C SER N 328 -3.08 -82.13 12.25
N ASP N 329 -3.31 -81.92 10.96
CA ASP N 329 -2.81 -80.77 10.23
C ASP N 329 -3.96 -79.95 9.69
N ARG N 330 -3.95 -78.65 9.98
CA ARG N 330 -5.04 -77.79 9.57
C ARG N 330 -5.02 -77.55 8.07
N ASP N 331 -3.84 -77.42 7.49
CA ASP N 331 -3.73 -76.97 6.11
C ASP N 331 -4.33 -77.95 5.13
N GLU N 332 -4.56 -79.19 5.56
CA GLU N 332 -5.01 -80.23 4.65
C GLU N 332 -6.51 -80.42 4.64
N LEU N 333 -7.22 -79.90 5.65
CA LEU N 333 -8.65 -80.15 5.80
C LEU N 333 -9.49 -78.89 5.70
N TYR N 334 -9.14 -77.85 6.46
CA TYR N 334 -9.94 -76.64 6.49
C TYR N 334 -10.20 -76.05 5.12
N PHE N 335 -9.45 -76.46 4.11
CA PHE N 335 -9.62 -75.89 2.78
C PHE N 335 -10.66 -76.63 1.98
N ASP N 336 -10.83 -77.93 2.21
CA ASP N 336 -11.70 -78.73 1.38
C ASP N 336 -13.13 -78.23 1.43
N ALA N 337 -13.76 -78.32 2.60
CA ALA N 337 -15.15 -77.92 2.74
C ALA N 337 -15.43 -77.66 4.21
N VAL N 338 -16.67 -77.31 4.49
CA VAL N 338 -17.08 -76.99 5.85
C VAL N 338 -17.08 -78.25 6.68
N GLN N 339 -16.84 -78.09 7.98
CA GLN N 339 -16.75 -79.21 8.89
C GLN N 339 -17.73 -79.05 10.05
N SER N 340 -17.93 -80.15 10.76
CA SER N 340 -18.77 -80.19 11.95
C SER N 340 -17.95 -80.67 13.13
N PHE N 341 -18.11 -80.02 14.26
CA PHE N 341 -17.32 -80.28 15.46
C PHE N 341 -18.22 -80.78 16.59
N ILE N 342 -17.61 -80.98 17.75
CA ILE N 342 -18.30 -81.44 18.95
C ILE N 342 -18.87 -80.29 19.75
N VAL N 343 -19.69 -80.63 20.73
CA VAL N 343 -20.28 -79.64 21.62
C VAL N 343 -19.31 -79.33 22.74
N ALA N 344 -19.32 -78.08 23.18
CA ALA N 344 -18.45 -77.61 24.25
C ALA N 344 -19.08 -77.94 25.59
N SER N 345 -18.32 -78.61 26.45
CA SER N 345 -18.82 -79.03 27.74
C SER N 345 -17.65 -79.25 28.68
N GLN N 346 -17.94 -79.21 29.97
CA GLN N 346 -16.92 -79.37 31.00
C GLN N 346 -16.99 -80.71 31.68
N ALA N 347 -17.87 -81.58 31.21
CA ALA N 347 -17.90 -82.94 31.72
C ALA N 347 -16.55 -83.60 31.46
N ALA N 348 -16.10 -84.38 32.43
CA ALA N 348 -14.78 -84.98 32.32
C ALA N 348 -14.71 -85.99 31.19
N ALA N 349 -15.84 -86.62 30.87
CA ALA N 349 -15.84 -87.61 29.80
C ALA N 349 -15.83 -86.97 28.42
N THR N 350 -16.39 -85.77 28.29
CA THR N 350 -16.52 -85.08 27.02
C THR N 350 -16.12 -83.62 27.17
N LYS N 351 -14.96 -83.37 27.77
CA LYS N 351 -14.53 -82.02 28.00
C LYS N 351 -13.99 -81.40 26.72
N ALA N 352 -14.34 -80.15 26.48
CA ALA N 352 -13.85 -79.43 25.32
C ALA N 352 -14.01 -77.94 25.56
N SER N 353 -12.96 -77.19 25.23
CA SER N 353 -12.93 -75.75 25.41
C SER N 353 -12.86 -75.08 24.04
N ASN N 354 -13.43 -73.89 23.97
CA ASN N 354 -13.41 -73.16 22.74
C ASN N 354 -11.98 -72.79 22.38
N GLY N 355 -11.82 -72.25 21.19
CA GLY N 355 -10.52 -71.99 20.66
C GLY N 355 -10.09 -70.55 20.78
N PRO N 356 -8.95 -70.25 20.20
CA PRO N 356 -8.39 -68.91 20.31
C PRO N 356 -9.24 -67.84 19.64
N PHE N 357 -9.54 -68.02 18.37
CA PHE N 357 -10.23 -67.01 17.57
C PHE N 357 -11.72 -67.26 17.48
N ASN N 358 -12.27 -68.11 18.33
CA ASN N 358 -13.69 -68.40 18.28
C ASN N 358 -14.51 -67.16 18.56
N GLY N 359 -15.59 -67.01 17.81
CA GLY N 359 -16.55 -65.95 18.03
C GLY N 359 -16.13 -64.59 17.53
N GLU N 360 -14.86 -64.39 17.22
CA GLU N 360 -14.40 -63.08 16.80
C GLU N 360 -14.77 -62.79 15.36
N PHE N 361 -14.62 -63.78 14.49
CA PHE N 361 -14.81 -63.58 13.06
C PHE N 361 -16.25 -63.89 12.68
N ASP N 362 -17.15 -63.02 13.11
CA ASP N 362 -18.58 -63.17 12.87
C ASP N 362 -19.09 -62.26 11.77
N ARG N 363 -18.75 -60.98 11.84
CA ARG N 363 -19.26 -60.02 10.86
C ARG N 363 -18.48 -60.06 9.56
N MET N 364 -17.20 -60.40 9.64
CA MET N 364 -16.35 -60.36 8.47
C MET N 364 -16.80 -61.36 7.42
N ILE N 365 -17.21 -62.55 7.86
CA ILE N 365 -17.66 -63.58 6.93
C ILE N 365 -18.82 -63.07 6.11
N LEU N 366 -19.82 -62.49 6.77
CA LEU N 366 -20.99 -61.99 6.07
C LEU N 366 -20.61 -60.86 5.13
N ARG N 367 -19.85 -59.90 5.63
CA ARG N 367 -19.45 -58.78 4.77
C ARG N 367 -18.78 -59.27 3.50
N LEU N 368 -17.91 -60.27 3.62
CA LEU N 368 -17.15 -60.73 2.47
C LEU N 368 -18.02 -61.52 1.51
N HIS N 369 -18.81 -62.45 2.04
CA HIS N 369 -19.77 -63.16 1.21
C HIS N 369 -20.63 -62.20 0.41
N THR N 370 -21.03 -61.09 1.03
CA THR N 370 -21.83 -60.10 0.33
C THR N 370 -21.03 -59.46 -0.78
N ARG N 371 -19.89 -58.86 -0.43
CA ARG N 371 -19.08 -58.18 -1.41
C ARG N 371 -18.86 -59.02 -2.65
N LEU N 372 -18.69 -60.34 -2.47
CA LEU N 372 -18.37 -61.17 -3.62
C LEU N 372 -19.52 -61.22 -4.61
N ALA N 373 -20.75 -61.21 -4.12
CA ALA N 373 -21.89 -61.42 -4.99
C ALA N 373 -22.25 -60.19 -5.83
N ASP N 374 -21.72 -59.04 -5.50
CA ASP N 374 -22.11 -57.81 -6.19
C ASP N 374 -21.79 -57.93 -7.68
N PRO N 375 -22.79 -57.86 -8.56
CA PRO N 375 -22.51 -58.08 -9.98
C PRO N 375 -21.64 -57.01 -10.59
N ARG N 376 -21.73 -55.78 -10.10
CA ARG N 376 -20.96 -54.68 -10.68
C ARG N 376 -19.49 -55.04 -10.84
N LEU N 377 -18.99 -55.93 -10.00
CA LEU N 377 -17.57 -56.25 -9.96
C LEU N 377 -17.25 -57.65 -10.46
N GLN N 378 -18.20 -58.33 -11.08
CA GLN N 378 -18.00 -59.71 -11.48
C GLN N 378 -16.85 -59.88 -12.45
N PHE N 379 -16.31 -58.78 -12.95
CA PHE N 379 -15.20 -58.86 -13.88
C PHE N 379 -13.86 -58.99 -13.21
N LEU N 380 -13.80 -58.87 -11.90
CA LEU N 380 -12.55 -58.94 -11.16
C LEU N 380 -12.42 -60.19 -10.31
N PHE N 381 -13.51 -60.62 -9.67
CA PHE N 381 -13.44 -61.78 -8.79
C PHE N 381 -13.49 -63.09 -9.56
N TYR N 382 -14.51 -63.26 -10.41
CA TYR N 382 -14.74 -64.51 -11.13
C TYR N 382 -14.59 -64.29 -12.62
N PRO N 383 -13.36 -64.17 -13.11
CA PRO N 383 -13.11 -63.93 -14.53
C PRO N 383 -13.02 -65.21 -15.34
N LYS N 384 -13.03 -65.02 -16.66
CA LYS N 384 -12.91 -66.11 -17.60
C LYS N 384 -12.29 -65.60 -18.88
N LYS N 385 -11.74 -66.52 -19.66
CA LYS N 385 -11.17 -66.20 -20.97
C LYS N 385 -12.26 -66.31 -22.03
N GLU N 386 -11.86 -66.21 -23.30
CA GLU N 386 -12.81 -66.43 -24.37
C GLU N 386 -13.44 -67.81 -24.28
N ASP N 387 -12.65 -68.81 -23.88
CA ASP N 387 -13.19 -70.15 -23.71
C ASP N 387 -14.18 -70.21 -22.56
N GLY N 388 -14.13 -69.24 -21.65
CA GLY N 388 -14.88 -69.31 -20.42
C GLY N 388 -14.19 -70.04 -19.30
N GLU N 389 -12.92 -70.43 -19.48
CA GLU N 389 -12.17 -71.16 -18.48
C GLU N 389 -11.30 -70.20 -17.67
N ASP N 390 -11.18 -70.48 -16.38
CA ASP N 390 -10.51 -69.57 -15.47
C ASP N 390 -9.03 -69.44 -15.82
N LEU N 391 -8.37 -68.48 -15.17
CA LEU N 391 -7.01 -68.10 -15.49
C LEU N 391 -6.03 -68.71 -14.52
N ALA N 392 -4.92 -69.22 -15.04
CA ALA N 392 -3.88 -69.84 -14.26
C ALA N 392 -2.65 -68.94 -14.21
N THR N 393 -1.57 -69.48 -13.66
CA THR N 393 -0.34 -68.70 -13.49
C THR N 393 0.30 -68.38 -14.83
N GLY N 394 0.49 -69.40 -15.65
CA GLY N 394 1.18 -69.23 -16.92
C GLY N 394 0.60 -68.16 -17.82
N ASP N 395 -0.60 -67.69 -17.51
CA ASP N 395 -1.29 -66.72 -18.33
C ASP N 395 -0.97 -65.28 -17.93
N PHE N 396 -0.26 -65.08 -16.83
CA PHE N 396 0.04 -63.73 -16.37
C PHE N 396 0.58 -62.87 -17.48
N ALA N 397 1.43 -63.43 -18.33
CA ALA N 397 2.05 -62.65 -19.38
C ALA N 397 1.00 -61.94 -20.22
N ASP N 398 -0.03 -62.67 -20.63
CA ASP N 398 -1.05 -62.09 -21.48
C ASP N 398 -1.70 -60.89 -20.80
N VAL N 399 -1.91 -61.00 -19.49
CA VAL N 399 -2.58 -59.94 -18.77
C VAL N 399 -1.81 -58.65 -18.85
N VAL N 400 -0.49 -58.73 -19.07
CA VAL N 400 0.32 -57.52 -19.16
C VAL N 400 0.42 -57.05 -20.59
N ARG N 401 0.11 -57.90 -21.56
CA ARG N 401 0.17 -57.49 -22.95
C ARG N 401 -1.05 -56.66 -23.35
N GLN N 402 -2.13 -56.75 -22.59
CA GLN N 402 -3.33 -55.99 -22.92
C GLN N 402 -3.02 -54.51 -22.99
N PHE N 403 -2.35 -53.99 -21.97
CA PHE N 403 -2.26 -52.56 -21.77
C PHE N 403 -1.35 -51.91 -22.82
N VAL N 404 -0.07 -52.28 -22.79
CA VAL N 404 0.89 -51.66 -23.70
C VAL N 404 0.42 -51.80 -25.14
N GLY N 405 -0.12 -52.96 -25.50
CA GLY N 405 -0.71 -53.15 -26.80
C GLY N 405 -0.02 -54.18 -27.66
N TYR N 406 0.76 -55.06 -27.05
CA TYR N 406 1.55 -56.02 -27.80
C TYR N 406 0.80 -57.30 -28.12
N MET N 407 -0.48 -57.37 -27.80
CA MET N 407 -1.27 -58.56 -28.13
C MET N 407 -1.92 -58.42 -29.49
N THR N 408 -2.26 -57.19 -29.90
CA THR N 408 -2.89 -56.93 -31.17
C THR N 408 -2.15 -55.90 -32.01
N LYS N 409 -0.97 -55.46 -31.58
CA LYS N 409 -0.13 -54.55 -32.34
C LYS N 409 -0.86 -53.23 -32.63
N SER N 410 -1.11 -52.53 -31.54
CA SER N 410 -1.77 -51.23 -31.58
C SER N 410 -0.87 -50.20 -30.92
N ASN N 411 -0.65 -49.10 -31.63
CA ASN N 411 0.13 -48.01 -31.08
C ASN N 411 -0.65 -47.18 -30.09
N VAL N 412 -1.95 -47.41 -29.96
CA VAL N 412 -2.81 -46.62 -29.08
C VAL N 412 -3.83 -47.53 -28.42
N SER N 413 -3.93 -47.43 -27.10
CA SER N 413 -4.93 -48.12 -26.31
C SER N 413 -5.82 -47.09 -25.61
N ILE N 414 -7.09 -47.42 -25.44
CA ILE N 414 -8.08 -46.52 -24.87
C ILE N 414 -8.97 -47.31 -23.94
N ILE N 415 -8.84 -47.06 -22.64
CA ILE N 415 -9.77 -47.62 -21.67
C ILE N 415 -11.02 -46.77 -21.62
N ASP N 416 -12.16 -47.43 -21.40
CA ASP N 416 -13.44 -46.76 -21.24
C ASP N 416 -13.87 -46.87 -19.80
N LEU N 417 -14.14 -45.74 -19.18
CA LEU N 417 -14.49 -45.67 -17.77
C LEU N 417 -15.76 -44.85 -17.57
N SER N 418 -16.72 -44.98 -18.48
CA SER N 418 -17.90 -44.15 -18.44
C SER N 418 -18.94 -44.71 -17.48
N GLY N 419 -19.43 -45.91 -17.76
CA GLY N 419 -20.54 -46.44 -16.98
C GLY N 419 -20.16 -46.82 -15.56
N ILE N 420 -18.87 -46.95 -15.29
CA ILE N 420 -18.46 -47.45 -13.97
C ILE N 420 -18.92 -46.46 -12.91
N PRO N 421 -19.29 -46.93 -11.72
CA PRO N 421 -19.65 -46.00 -10.64
C PRO N 421 -18.49 -45.17 -10.12
N PHE N 422 -18.78 -44.44 -9.05
CA PHE N 422 -17.83 -43.54 -8.43
C PHE N 422 -17.04 -44.19 -7.33
N GLU N 423 -17.32 -45.45 -7.02
CA GLU N 423 -16.71 -46.14 -5.88
C GLU N 423 -16.05 -47.45 -6.27
N VAL N 424 -16.13 -47.85 -7.54
CA VAL N 424 -15.45 -49.05 -8.02
C VAL N 424 -14.60 -48.69 -9.22
N LEU N 425 -14.11 -47.45 -9.26
CA LEU N 425 -13.22 -46.98 -10.30
C LEU N 425 -11.78 -46.86 -9.84
N SER N 426 -11.58 -46.47 -8.58
CA SER N 426 -10.25 -46.24 -8.07
C SER N 426 -9.43 -47.52 -8.10
N ILE N 427 -10.07 -48.63 -7.77
CA ILE N 427 -9.42 -49.93 -7.84
C ILE N 427 -8.77 -50.10 -9.21
N VAL N 428 -9.59 -49.99 -10.24
CA VAL N 428 -9.12 -50.21 -11.61
C VAL N 428 -7.99 -49.26 -11.94
N VAL N 429 -8.21 -47.97 -11.74
CA VAL N 429 -7.24 -46.98 -12.13
C VAL N 429 -5.89 -47.27 -11.48
N SER N 430 -5.91 -47.43 -10.16
CA SER N 430 -4.68 -47.69 -9.43
C SER N 430 -3.99 -48.94 -9.92
N LEU N 431 -4.75 -50.01 -10.07
CA LEU N 431 -4.17 -51.28 -10.47
C LEU N 431 -3.43 -51.16 -11.78
N ILE N 432 -4.07 -50.56 -12.79
CA ILE N 432 -3.45 -50.47 -14.10
C ILE N 432 -2.22 -49.58 -14.04
N SER N 433 -2.34 -48.44 -13.37
CA SER N 433 -1.23 -47.51 -13.31
C SER N 433 -0.03 -48.13 -12.63
N ARG N 434 -0.27 -49.03 -11.68
CA ARG N 434 0.84 -49.68 -11.00
C ARG N 434 1.48 -50.74 -11.87
N MET N 435 0.65 -51.48 -12.60
CA MET N 435 1.21 -52.55 -13.42
C MET N 435 2.14 -51.98 -14.48
N ILE N 436 1.72 -50.90 -15.13
CA ILE N 436 2.55 -50.30 -16.17
C ILE N 436 3.93 -49.97 -15.61
N PHE N 437 3.95 -49.31 -14.46
CA PHE N 437 5.20 -48.81 -13.91
C PHE N 437 6.08 -49.95 -13.45
N ASP N 438 5.48 -51.00 -12.90
CA ASP N 438 6.29 -52.14 -12.49
C ASP N 438 6.93 -52.80 -13.69
N PHE N 439 6.19 -52.87 -14.79
CA PHE N 439 6.72 -53.49 -16.00
C PHE N 439 7.92 -52.69 -16.50
N GLY N 440 7.74 -51.39 -16.65
CA GLY N 440 8.83 -50.57 -17.12
C GLY N 440 10.03 -50.68 -16.21
N PHE N 441 9.78 -50.73 -14.90
CA PHE N 441 10.84 -50.86 -13.92
C PHE N 441 11.67 -52.08 -14.21
N HIS N 442 11.01 -53.24 -14.29
CA HIS N 442 11.74 -54.48 -14.41
C HIS N 442 12.47 -54.56 -15.74
N TYR N 443 11.85 -54.06 -16.81
CA TYR N 443 12.49 -54.17 -18.11
C TYR N 443 13.72 -53.29 -18.17
N SER N 444 13.63 -52.09 -17.61
CA SER N 444 14.79 -51.21 -17.63
C SER N 444 15.90 -51.78 -16.78
N LYS N 445 15.55 -52.48 -15.72
CA LYS N 445 16.62 -53.07 -14.91
C LYS N 445 17.25 -54.25 -15.64
N ASN N 446 16.49 -54.95 -16.47
CA ASN N 446 17.10 -56.00 -17.29
C ASN N 446 18.00 -55.39 -18.36
N ARG N 447 17.71 -54.16 -18.77
CA ARG N 447 18.54 -53.54 -19.79
C ARG N 447 19.82 -52.96 -19.19
N HIS N 448 19.71 -52.35 -18.01
CA HIS N 448 20.85 -51.65 -17.43
C HIS N 448 22.09 -52.53 -17.37
N VAL N 449 21.89 -53.84 -17.28
CA VAL N 449 23.01 -54.77 -17.28
C VAL N 449 23.80 -54.61 -18.57
N GLY N 450 23.11 -54.41 -19.69
CA GLY N 450 23.78 -54.31 -20.97
C GLY N 450 24.52 -53.01 -21.18
N GLY N 451 24.18 -51.98 -20.42
CA GLY N 451 24.83 -50.69 -20.58
C GLY N 451 24.09 -49.76 -21.52
N ALA N 452 22.79 -49.57 -21.28
CA ALA N 452 22.01 -48.66 -22.10
C ALA N 452 20.69 -48.39 -21.42
N VAL N 453 19.87 -47.57 -22.07
CA VAL N 453 18.60 -47.11 -21.53
C VAL N 453 17.47 -47.73 -22.34
N SER N 454 16.26 -47.56 -21.85
CA SER N 454 15.11 -48.28 -22.39
C SER N 454 14.85 -47.94 -23.84
N ASP N 455 13.95 -48.71 -24.43
CA ASP N 455 13.52 -48.54 -25.81
C ASP N 455 12.03 -48.77 -25.98
N VAL N 456 11.27 -48.72 -24.90
CA VAL N 456 9.84 -48.97 -24.95
C VAL N 456 9.11 -47.95 -24.08
N PRO N 457 9.15 -46.68 -24.45
CA PRO N 457 8.47 -45.66 -23.67
C PRO N 457 6.97 -45.85 -23.61
N ILE N 458 6.36 -45.20 -22.63
CA ILE N 458 4.92 -45.21 -22.44
C ILE N 458 4.50 -43.85 -21.92
N LEU N 459 3.42 -43.32 -22.47
CA LEU N 459 2.85 -42.04 -22.09
C LEU N 459 1.41 -42.25 -21.70
N VAL N 460 1.09 -41.87 -20.47
CA VAL N 460 -0.25 -42.03 -19.91
C VAL N 460 -0.93 -40.67 -19.92
N VAL N 461 -1.97 -40.55 -20.73
CA VAL N 461 -2.78 -39.35 -20.78
C VAL N 461 -3.97 -39.54 -19.86
N CYS N 462 -4.18 -38.59 -18.97
CA CYS N 462 -5.31 -38.60 -18.06
C CYS N 462 -6.29 -37.52 -18.45
N GLU N 463 -7.56 -37.87 -18.41
CA GLU N 463 -8.65 -36.97 -18.79
C GLU N 463 -9.51 -36.69 -17.57
N GLU N 464 -9.93 -35.44 -17.45
CA GLU N 464 -10.79 -35.00 -16.37
C GLU N 464 -10.25 -35.47 -15.01
N ALA N 465 -9.06 -34.95 -14.70
CA ALA N 465 -8.37 -35.37 -13.49
C ALA N 465 -9.09 -34.89 -12.24
N HIS N 466 -9.71 -33.72 -12.29
CA HIS N 466 -10.32 -33.15 -11.10
C HIS N 466 -11.32 -34.09 -10.46
N ASN N 467 -11.77 -35.10 -11.19
CA ASN N 467 -12.75 -36.03 -10.64
C ASN N 467 -12.10 -37.03 -9.71
N TYR N 468 -11.03 -37.68 -10.15
CA TYR N 468 -10.46 -38.81 -9.44
C TYR N 468 -9.06 -38.51 -8.92
N LEU N 469 -8.84 -37.30 -8.45
CA LEU N 469 -7.58 -36.94 -7.82
C LEU N 469 -7.76 -35.65 -7.04
N PRO N 470 -8.59 -35.66 -6.01
CA PRO N 470 -8.87 -34.42 -5.29
C PRO N 470 -7.69 -33.98 -4.46
N ARG N 471 -7.60 -32.66 -4.29
CA ARG N 471 -6.59 -32.08 -3.41
C ARG N 471 -6.95 -32.30 -1.96
N SER N 472 -8.19 -32.01 -1.60
CA SER N 472 -8.73 -32.19 -0.26
C SER N 472 -9.87 -33.17 -0.39
N GLY N 473 -9.55 -34.46 -0.29
CA GLY N 473 -10.54 -35.50 -0.46
C GLY N 473 -10.37 -36.57 0.60
N GLY N 474 -11.40 -37.39 0.71
CA GLY N 474 -11.42 -38.44 1.71
C GLY N 474 -10.66 -39.66 1.27
N ALA N 475 -10.47 -40.56 2.22
CA ALA N 475 -9.74 -41.78 1.95
C ALA N 475 -10.35 -42.57 0.80
N ALA N 476 -11.61 -42.29 0.46
CA ALA N 476 -12.25 -43.04 -0.61
C ALA N 476 -11.49 -42.89 -1.91
N TYR N 477 -10.66 -41.87 -2.02
CA TYR N 477 -9.84 -41.64 -3.19
C TYR N 477 -8.38 -41.45 -2.83
N ASP N 478 -7.94 -42.10 -1.75
CA ASP N 478 -6.53 -42.12 -1.39
C ASP N 478 -5.81 -43.33 -1.94
N ALA N 479 -6.52 -44.24 -2.59
CA ALA N 479 -5.90 -45.43 -3.15
C ALA N 479 -5.43 -45.17 -4.56
N SER N 480 -6.01 -44.19 -5.24
CA SER N 480 -5.62 -43.87 -6.60
C SER N 480 -4.41 -42.95 -6.63
N ARG N 481 -4.55 -41.80 -5.99
CA ARG N 481 -3.51 -40.78 -5.97
C ARG N 481 -2.12 -41.39 -5.90
N LYS N 482 -1.91 -42.25 -4.91
CA LYS N 482 -0.57 -42.80 -4.69
C LYS N 482 -0.09 -43.56 -5.92
N SER N 483 -0.90 -44.51 -6.39
CA SER N 483 -0.55 -45.25 -7.59
C SER N 483 -0.15 -44.31 -8.72
N ILE N 484 -0.76 -43.14 -8.76
CA ILE N 484 -0.49 -42.19 -9.83
C ILE N 484 0.42 -41.06 -9.39
N GLU N 485 0.70 -40.93 -8.10
CA GLU N 485 1.68 -39.95 -7.65
C GLU N 485 3.09 -40.49 -7.86
N ARG N 486 3.23 -41.80 -7.76
CA ARG N 486 4.52 -42.45 -7.94
C ARG N 486 5.17 -42.00 -9.24
N ILE N 487 4.44 -42.10 -10.35
CA ILE N 487 4.98 -41.76 -11.65
C ILE N 487 5.53 -40.34 -11.65
N ALA N 488 4.92 -39.45 -10.88
CA ALA N 488 5.32 -38.06 -10.91
C ALA N 488 6.64 -37.84 -10.23
N LYS N 489 7.07 -38.79 -9.41
CA LYS N 489 8.31 -38.65 -8.67
C LYS N 489 9.41 -39.50 -9.28
N GLU N 490 9.14 -40.77 -9.51
CA GLU N 490 10.15 -41.76 -9.84
C GLU N 490 9.75 -42.54 -11.08
N GLY N 491 9.38 -41.84 -12.13
CA GLY N 491 8.80 -42.48 -13.29
C GLY N 491 9.55 -42.23 -14.57
N ARG N 492 10.44 -41.25 -14.55
CA ARG N 492 11.22 -40.87 -15.70
C ARG N 492 12.42 -41.77 -15.95
N LYS N 493 13.00 -42.33 -14.90
CA LYS N 493 14.14 -43.23 -15.09
C LYS N 493 13.76 -44.42 -15.93
N TYR N 494 12.49 -44.80 -15.91
CA TYR N 494 12.05 -46.08 -16.41
C TYR N 494 11.04 -45.92 -17.54
N GLY N 495 11.13 -44.82 -18.26
CA GLY N 495 10.44 -44.68 -19.52
C GLY N 495 8.95 -44.40 -19.43
N VAL N 496 8.41 -44.18 -18.25
CA VAL N 496 7.01 -43.85 -18.07
C VAL N 496 6.87 -42.35 -17.88
N THR N 497 5.96 -41.75 -18.62
CA THR N 497 5.67 -40.33 -18.51
C THR N 497 4.17 -40.08 -18.52
N LEU N 498 3.80 -38.85 -18.17
CA LEU N 498 2.41 -38.47 -18.00
C LEU N 498 2.02 -37.28 -18.86
N MET N 499 0.72 -37.11 -19.03
CA MET N 499 0.11 -35.92 -19.61
C MET N 499 -1.20 -35.69 -18.88
N VAL N 500 -1.25 -34.64 -18.08
CA VAL N 500 -2.32 -34.40 -17.14
C VAL N 500 -3.20 -33.28 -17.68
N VAL N 501 -4.48 -33.59 -17.84
CA VAL N 501 -5.47 -32.65 -18.35
C VAL N 501 -6.44 -32.33 -17.23
N SER N 502 -6.74 -31.04 -17.06
CA SER N 502 -7.65 -30.59 -16.04
C SER N 502 -8.21 -29.24 -16.43
N GLN N 503 -9.35 -28.91 -15.86
CA GLN N 503 -10.01 -27.63 -16.10
C GLN N 503 -9.61 -26.62 -15.02
N ARG N 504 -9.89 -26.95 -13.78
CA ARG N 504 -9.57 -26.10 -12.65
C ARG N 504 -8.33 -26.64 -11.97
N PRO N 505 -7.19 -25.93 -12.05
CA PRO N 505 -5.94 -26.47 -11.51
C PRO N 505 -5.82 -26.41 -10.01
N SER N 506 -6.63 -25.61 -9.32
CA SER N 506 -6.53 -25.55 -7.87
C SER N 506 -6.99 -26.84 -7.23
N GLU N 507 -7.80 -27.63 -7.93
CA GLU N 507 -8.34 -28.84 -7.37
C GLU N 507 -7.39 -30.02 -7.51
N VAL N 508 -6.54 -30.00 -8.55
CA VAL N 508 -5.62 -31.10 -8.76
C VAL N 508 -4.63 -31.16 -7.61
N SER N 509 -4.26 -32.38 -7.25
CA SER N 509 -3.25 -32.57 -6.21
C SER N 509 -2.03 -31.72 -6.49
N GLU N 510 -1.37 -31.29 -5.42
CA GLU N 510 -0.26 -30.37 -5.57
C GLU N 510 0.98 -31.09 -6.06
N THR N 511 1.11 -32.38 -5.75
CA THR N 511 2.31 -33.11 -6.10
C THR N 511 2.41 -33.31 -7.61
N ILE N 512 1.28 -33.58 -8.27
CA ILE N 512 1.32 -33.88 -9.69
C ILE N 512 1.74 -32.65 -10.48
N PHE N 513 1.46 -31.46 -9.96
CA PHE N 513 1.77 -30.23 -10.65
C PHE N 513 3.01 -29.54 -10.10
N SER N 514 3.56 -30.02 -9.00
CA SER N 514 4.80 -29.46 -8.50
C SER N 514 5.95 -29.85 -9.40
N GLN N 515 5.92 -31.07 -9.92
CA GLN N 515 7.02 -31.56 -10.72
C GLN N 515 6.80 -31.36 -12.21
N CYS N 516 5.55 -31.20 -12.63
CA CYS N 516 5.28 -30.91 -14.03
C CYS N 516 6.06 -29.69 -14.48
N SER N 517 6.90 -29.87 -15.49
CA SER N 517 7.76 -28.81 -15.96
C SER N 517 7.07 -27.89 -16.95
N ASN N 518 6.67 -28.42 -18.10
CA ASN N 518 6.18 -27.63 -19.21
C ASN N 518 4.67 -27.51 -19.16
N PHE N 519 4.17 -26.33 -19.49
CA PHE N 519 2.77 -25.98 -19.37
C PHE N 519 2.25 -25.42 -20.68
N ILE N 520 1.01 -25.77 -21.00
CA ILE N 520 0.26 -25.20 -22.10
C ILE N 520 -0.99 -24.58 -21.52
N SER N 521 -1.23 -23.31 -21.83
CA SER N 521 -2.30 -22.55 -21.22
C SER N 521 -3.18 -21.95 -22.30
N LEU N 522 -4.44 -22.33 -22.28
CA LEU N 522 -5.49 -21.68 -23.05
C LEU N 522 -6.16 -20.62 -22.18
N ARG N 523 -7.33 -20.16 -22.61
CA ARG N 523 -8.05 -19.12 -21.88
C ARG N 523 -8.38 -19.58 -20.47
N LEU N 524 -7.92 -18.81 -19.49
CA LEU N 524 -8.17 -19.07 -18.07
C LEU N 524 -8.66 -17.78 -17.43
N THR N 525 -9.91 -17.78 -16.99
CA THR N 525 -10.52 -16.57 -16.46
C THR N 525 -10.25 -16.40 -14.97
N ASN N 526 -10.55 -17.43 -14.17
CA ASN N 526 -10.42 -17.33 -12.73
C ASN N 526 -9.11 -16.69 -12.34
N ALA N 527 -9.17 -15.75 -11.39
CA ALA N 527 -7.99 -15.02 -10.99
C ALA N 527 -7.01 -15.93 -10.28
N VAL N 528 -7.52 -16.81 -9.42
CA VAL N 528 -6.63 -17.65 -8.63
C VAL N 528 -5.87 -18.61 -9.52
N ASP N 529 -6.46 -19.00 -10.64
CA ASP N 529 -5.80 -19.99 -11.50
C ASP N 529 -4.56 -19.40 -12.15
N GLN N 530 -4.63 -18.15 -12.60
CA GLN N 530 -3.45 -17.51 -13.18
C GLN N 530 -2.24 -17.75 -12.31
N THR N 531 -2.42 -17.66 -10.99
CA THR N 531 -1.29 -17.62 -10.07
C THR N 531 -0.25 -18.68 -10.43
N TYR N 532 -0.69 -19.90 -10.69
CA TYR N 532 0.26 -20.97 -10.90
C TYR N 532 1.18 -20.68 -12.08
N VAL N 533 0.60 -20.50 -13.26
CA VAL N 533 1.39 -20.22 -14.44
C VAL N 533 2.16 -18.92 -14.25
N LYS N 534 1.44 -17.84 -13.98
CA LYS N 534 2.04 -16.54 -13.77
C LYS N 534 3.30 -16.64 -12.94
N SER N 535 3.28 -17.48 -11.90
CA SER N 535 4.48 -17.69 -11.10
C SER N 535 5.51 -18.50 -11.87
N LEU N 536 5.06 -19.52 -12.59
CA LEU N 536 6.02 -20.30 -13.36
C LEU N 536 6.71 -19.44 -14.39
N LEU N 537 6.07 -18.35 -14.79
CA LEU N 537 6.64 -17.45 -15.77
C LEU N 537 7.70 -16.58 -15.09
N PRO N 538 8.85 -16.37 -15.72
CA PRO N 538 9.89 -15.56 -15.09
C PRO N 538 9.49 -14.10 -15.03
N ASP N 539 10.41 -13.30 -14.48
CA ASP N 539 10.14 -11.88 -14.26
C ASP N 539 10.11 -11.11 -15.56
N LEU N 540 10.97 -11.48 -16.51
CA LEU N 540 11.01 -10.76 -17.78
C LEU N 540 9.65 -10.78 -18.45
N SER N 541 9.09 -11.97 -18.66
CA SER N 541 7.88 -12.13 -19.47
C SER N 541 6.58 -11.96 -18.70
N ALA N 542 6.62 -11.34 -17.52
CA ALA N 542 5.40 -11.14 -16.75
C ALA N 542 4.31 -10.49 -17.58
N GLY N 543 4.69 -9.67 -18.57
CA GLY N 543 3.70 -9.02 -19.40
C GLY N 543 2.82 -10.01 -20.13
N LEU N 544 3.36 -11.20 -20.43
CA LEU N 544 2.61 -12.17 -21.18
C LEU N 544 1.38 -12.66 -20.42
N GLY N 545 1.30 -12.36 -19.14
CA GLY N 545 0.20 -12.87 -18.34
C GLY N 545 -1.12 -12.21 -18.68
N ASP N 546 -1.11 -10.92 -18.95
CA ASP N 546 -2.34 -10.18 -19.17
C ASP N 546 -3.14 -10.74 -20.32
N LEU N 547 -2.54 -11.59 -21.15
CA LEU N 547 -3.20 -12.14 -22.31
C LEU N 547 -3.95 -13.43 -22.03
N LEU N 548 -3.69 -14.06 -20.89
CA LEU N 548 -4.33 -15.34 -20.60
C LEU N 548 -5.85 -15.26 -20.66
N PRO N 549 -6.49 -14.21 -20.17
CA PRO N 549 -7.96 -14.15 -20.20
C PRO N 549 -8.55 -13.47 -21.43
N ASN N 550 -7.74 -13.11 -22.43
CA ASN N 550 -8.24 -12.53 -23.66
C ASN N 550 -7.82 -13.34 -24.88
N LEU N 551 -7.29 -14.54 -24.70
CA LEU N 551 -6.86 -15.34 -25.82
C LEU N 551 -8.06 -15.79 -26.65
N ALA N 552 -7.83 -15.90 -27.95
CA ALA N 552 -8.84 -16.38 -28.88
C ALA N 552 -8.95 -17.89 -28.85
N GLN N 553 -9.93 -18.41 -29.59
CA GLN N 553 -10.09 -19.85 -29.68
C GLN N 553 -8.97 -20.43 -30.51
N GLY N 554 -8.34 -21.46 -29.97
CA GLY N 554 -7.21 -22.08 -30.58
C GLY N 554 -5.88 -21.57 -30.08
N GLU N 555 -5.87 -20.39 -29.48
CA GLU N 555 -4.64 -19.78 -29.04
C GLU N 555 -4.14 -20.43 -27.76
N PHE N 556 -2.83 -20.40 -27.57
CA PHE N 556 -2.21 -21.12 -26.49
C PHE N 556 -0.84 -20.55 -26.20
N LEU N 557 -0.48 -20.52 -24.93
CA LEU N 557 0.80 -20.02 -24.45
C LEU N 557 1.61 -21.18 -23.92
N ILE N 558 2.86 -21.25 -24.31
CA ILE N 558 3.74 -22.32 -23.85
C ILE N 558 4.72 -21.75 -22.85
N VAL N 559 4.97 -22.51 -21.80
CA VAL N 559 5.91 -22.11 -20.76
C VAL N 559 6.75 -23.30 -20.37
N GLY N 560 8.02 -23.05 -20.17
CA GLY N 560 8.95 -24.05 -19.71
C GLY N 560 10.20 -24.15 -20.55
N ASP N 561 10.89 -25.27 -20.36
CA ASP N 561 12.24 -25.45 -20.91
C ASP N 561 12.23 -25.84 -22.37
N ALA N 562 11.13 -26.38 -22.88
CA ALA N 562 11.16 -26.97 -24.21
C ALA N 562 11.38 -25.91 -25.28
N PRO N 563 10.53 -24.92 -25.44
CA PRO N 563 10.75 -23.91 -26.47
C PRO N 563 11.99 -23.09 -26.22
N LEU N 564 12.41 -22.39 -27.27
CA LEU N 564 13.52 -21.47 -27.15
C LEU N 564 13.14 -20.28 -26.30
N MET N 565 11.83 -20.03 -26.16
CA MET N 565 11.36 -18.85 -25.48
C MET N 565 9.85 -18.92 -25.38
N PRO N 566 9.25 -18.37 -24.33
CA PRO N 566 7.80 -18.33 -24.25
C PRO N 566 7.20 -17.72 -25.50
N THR N 567 6.01 -18.18 -25.85
CA THR N 567 5.42 -17.83 -27.12
C THR N 567 4.00 -18.35 -27.19
N VAL N 568 3.21 -17.71 -28.05
CA VAL N 568 1.80 -18.02 -28.24
C VAL N 568 1.59 -18.47 -29.67
N GLY N 569 0.75 -19.49 -29.84
CA GLY N 569 0.42 -20.03 -31.14
C GLY N 569 -1.04 -20.38 -31.23
N HIS N 570 -1.43 -20.97 -32.37
CA HIS N 570 -2.80 -21.38 -32.59
C HIS N 570 -2.82 -22.72 -33.30
N PHE N 571 -3.89 -23.47 -33.03
CA PHE N 571 -4.00 -24.87 -33.43
C PHE N 571 -4.99 -25.01 -34.57
N ALA N 572 -4.62 -25.83 -35.55
CA ALA N 572 -5.53 -26.16 -36.62
C ALA N 572 -6.44 -27.31 -36.19
N LEU N 573 -7.70 -27.20 -36.54
CA LEU N 573 -8.67 -28.20 -36.16
C LEU N 573 -8.22 -29.56 -36.66
N PRO N 574 -8.21 -30.58 -35.81
CA PRO N 574 -7.74 -31.89 -36.24
C PRO N 574 -8.83 -32.71 -36.90
N VAL N 575 -8.63 -33.05 -38.17
CA VAL N 575 -9.58 -33.85 -38.93
C VAL N 575 -9.00 -35.26 -39.02
N PRO N 576 -9.70 -36.28 -38.51
CA PRO N 576 -11.04 -36.34 -37.93
C PRO N 576 -11.14 -35.78 -36.52
N GLU N 577 -12.35 -35.44 -36.13
CA GLU N 577 -12.59 -34.85 -34.82
C GLU N 577 -13.14 -35.88 -33.85
N PRO N 578 -13.03 -35.59 -32.55
CA PRO N 578 -13.72 -36.41 -31.55
C PRO N 578 -15.12 -35.91 -31.26
N HIS N 579 -16.06 -36.83 -31.13
CA HIS N 579 -17.48 -36.47 -31.07
C HIS N 579 -18.15 -36.89 -29.78
N SER N 580 -18.04 -38.14 -29.38
CA SER N 580 -18.85 -38.68 -28.30
C SER N 580 -18.13 -38.59 -26.96
N ASP N 599 -43.83 -42.57 -27.56
CA ASP N 599 -44.95 -43.43 -27.20
C ASP N 599 -44.43 -44.71 -26.54
N SER N 600 -43.77 -45.55 -27.33
CA SER N 600 -43.11 -46.74 -26.82
C SER N 600 -41.62 -46.53 -26.63
N VAL N 601 -41.14 -45.30 -26.75
CA VAL N 601 -39.72 -45.03 -26.63
C VAL N 601 -39.20 -45.56 -25.31
N ILE N 602 -39.84 -45.18 -24.22
CA ILE N 602 -39.38 -45.58 -22.89
C ILE N 602 -39.96 -46.95 -22.60
N ASP N 603 -39.34 -47.98 -23.15
CA ASP N 603 -39.64 -49.36 -22.81
C ASP N 603 -38.67 -49.93 -21.79
N ARG N 604 -37.81 -49.08 -21.21
CA ARG N 604 -36.82 -49.50 -20.23
C ARG N 604 -37.28 -49.09 -18.85
N TRP N 605 -38.12 -49.93 -18.25
CA TRP N 605 -38.46 -49.78 -16.84
C TRP N 605 -37.25 -50.11 -15.97
N ARG N 606 -36.38 -51.00 -16.43
CA ARG N 606 -35.14 -51.30 -15.73
C ARG N 606 -34.34 -50.03 -15.47
N GLY N 607 -34.48 -49.03 -16.31
CA GLY N 607 -33.78 -47.77 -16.11
C GLY N 607 -32.27 -47.89 -16.13
N LYS N 608 -31.75 -48.69 -17.05
CA LYS N 608 -30.30 -48.89 -17.15
C LYS N 608 -29.85 -48.74 -18.60
N MET O 1 -22.52 3.28 -43.51
CA MET O 1 -22.73 3.38 -44.94
C MET O 1 -23.44 4.68 -45.31
N PRO O 2 -24.48 5.04 -44.56
CA PRO O 2 -25.20 6.28 -44.87
C PRO O 2 -24.52 7.52 -44.35
N ASP O 3 -25.20 8.65 -44.50
CA ASP O 3 -24.70 9.93 -44.01
C ASP O 3 -24.74 9.93 -42.49
N LEU O 4 -23.59 9.77 -41.86
CA LEU O 4 -23.54 9.75 -40.40
C LEU O 4 -23.92 11.10 -39.84
N GLY O 5 -23.38 12.18 -40.39
CA GLY O 5 -23.75 13.50 -39.98
C GLY O 5 -22.59 14.40 -39.69
N THR O 6 -22.71 15.17 -38.65
CA THR O 6 -21.67 16.05 -38.19
C THR O 6 -21.02 15.48 -36.95
N PRO O 7 -19.70 15.53 -36.86
CA PRO O 7 -19.01 14.81 -35.81
C PRO O 7 -19.06 15.44 -34.44
N ILE O 8 -18.33 14.86 -33.51
CA ILE O 8 -18.26 15.32 -32.14
C ILE O 8 -16.89 15.89 -31.81
N GLY O 9 -15.83 15.10 -32.02
CA GLY O 9 -14.49 15.57 -31.69
C GLY O 9 -13.44 14.59 -32.15
N SER O 10 -12.20 15.05 -32.09
CA SER O 10 -11.05 14.29 -32.52
C SER O 10 -10.50 13.42 -31.40
N VAL O 11 -9.50 12.63 -31.75
CA VAL O 11 -8.82 11.75 -30.82
C VAL O 11 -7.58 12.44 -30.28
N THR O 12 -7.17 12.03 -29.10
CA THR O 12 -6.04 12.62 -28.40
C THR O 12 -5.17 11.59 -27.72
N ASP O 13 -5.51 10.31 -27.82
CA ASP O 13 -4.69 9.24 -27.27
C ASP O 13 -5.28 7.92 -27.71
N SER O 14 -4.39 7.00 -28.08
CA SER O 14 -4.78 5.78 -28.76
C SER O 14 -3.95 4.61 -28.27
N SER O 15 -4.56 3.45 -28.31
CA SER O 15 -3.93 2.18 -27.99
C SER O 15 -4.91 1.05 -28.21
N PRO O 16 -4.44 -0.20 -28.21
CA PRO O 16 -5.37 -1.33 -28.39
C PRO O 16 -6.31 -1.50 -27.23
N SER O 17 -5.87 -1.18 -26.02
CA SER O 17 -6.70 -1.40 -24.85
C SER O 17 -7.56 -0.18 -24.54
N LEU O 18 -7.09 1.01 -24.89
CA LEU O 18 -7.78 2.24 -24.54
C LEU O 18 -7.75 3.22 -25.69
N ILE O 19 -8.76 4.10 -25.69
CA ILE O 19 -8.87 5.22 -26.62
C ILE O 19 -9.48 6.38 -25.85
N ARG O 20 -9.12 7.60 -26.26
CA ARG O 20 -9.54 8.79 -25.53
C ARG O 20 -9.97 9.90 -26.48
N ILE O 21 -11.26 10.24 -26.45
CA ILE O 21 -11.81 11.33 -27.26
C ILE O 21 -12.06 12.54 -26.38
N GLU O 22 -12.09 13.71 -27.02
CA GLU O 22 -12.10 14.99 -26.32
C GLU O 22 -13.03 15.96 -27.04
N ILE O 23 -14.05 16.41 -26.34
CA ILE O 23 -14.99 17.41 -26.84
C ILE O 23 -14.75 18.74 -26.14
N SER O 24 -15.04 19.82 -26.86
CA SER O 24 -14.77 21.17 -26.41
C SER O 24 -15.92 22.13 -26.73
N SER O 25 -17.10 21.60 -27.00
CA SER O 25 -18.29 22.40 -27.23
C SER O 25 -19.45 21.84 -26.42
N ALA O 26 -20.10 22.70 -25.64
CA ALA O 26 -21.21 22.26 -24.82
C ALA O 26 -22.48 22.07 -25.64
N GLU O 27 -22.71 22.98 -26.58
CA GLU O 27 -23.88 22.85 -27.45
C GLU O 27 -23.86 21.54 -28.21
N ASP O 28 -22.67 21.00 -28.49
CA ASP O 28 -22.58 19.72 -29.19
C ASP O 28 -22.89 18.56 -28.25
N PHE O 29 -22.48 18.67 -26.99
CA PHE O 29 -22.67 17.58 -26.05
C PHE O 29 -24.11 17.49 -25.59
N GLU O 30 -24.72 18.62 -25.25
CA GLU O 30 -26.08 18.60 -24.75
C GLU O 30 -27.05 18.08 -25.80
N LYS O 31 -26.71 18.27 -27.07
CA LYS O 31 -27.60 17.82 -28.13
C LYS O 31 -27.66 16.30 -28.20
N TYR O 32 -26.55 15.63 -27.94
CA TYR O 32 -26.46 14.19 -28.12
C TYR O 32 -26.19 13.51 -26.79
N LYS O 33 -26.61 14.18 -25.71
CA LYS O 33 -26.40 13.67 -24.37
C LYS O 33 -26.92 12.25 -24.18
N SER O 34 -27.94 11.87 -24.93
CA SER O 34 -28.61 10.60 -24.66
C SER O 34 -27.83 9.43 -25.23
N MET O 35 -27.14 9.64 -26.33
CA MET O 35 -26.43 8.54 -26.96
C MET O 35 -25.06 8.33 -26.33
N LEU O 36 -24.35 9.42 -26.04
CA LEU O 36 -23.00 9.31 -25.52
C LEU O 36 -22.94 8.68 -24.15
N GLY O 37 -24.08 8.34 -23.56
CA GLY O 37 -24.06 7.67 -22.28
C GLY O 37 -23.40 6.31 -22.35
N VAL O 38 -23.18 5.76 -21.16
CA VAL O 38 -22.39 4.54 -21.06
C VAL O 38 -23.13 3.38 -21.70
N GLY O 39 -22.36 2.39 -22.15
CA GLY O 39 -22.87 1.21 -22.78
C GLY O 39 -23.05 1.33 -24.27
N GLN O 40 -23.46 2.49 -24.74
CA GLN O 40 -23.71 2.71 -26.15
C GLN O 40 -22.40 2.80 -26.93
N TYR O 41 -22.54 2.97 -28.24
CA TYR O 41 -21.46 2.75 -29.18
C TYR O 41 -21.14 4.01 -29.98
N LEU O 42 -19.91 4.07 -30.48
CA LEU O 42 -19.41 5.17 -31.27
C LEU O 42 -18.60 4.65 -32.44
N LEU O 43 -18.49 5.46 -33.48
CA LEU O 43 -17.76 5.13 -34.68
C LEU O 43 -16.52 5.99 -34.80
N VAL O 44 -15.40 5.37 -35.16
CA VAL O 44 -14.14 6.07 -35.38
C VAL O 44 -13.61 5.69 -36.74
N ALA O 45 -12.79 6.57 -37.30
CA ALA O 45 -12.13 6.33 -38.56
C ALA O 45 -10.75 5.74 -38.33
N SER O 46 -10.36 4.85 -39.23
CA SER O 46 -9.10 4.14 -39.17
C SER O 46 -8.52 4.05 -40.57
N GLY O 47 -8.64 5.14 -41.31
CA GLY O 47 -8.31 5.17 -42.70
C GLY O 47 -9.54 5.35 -43.57
N ASN O 48 -9.27 5.50 -44.86
CA ASN O 48 -10.34 5.71 -45.81
C ASN O 48 -11.07 4.42 -46.10
N ASN O 49 -12.39 4.49 -46.09
CA ASN O 49 -13.24 3.34 -46.38
C ASN O 49 -13.06 2.23 -45.35
N LEU O 50 -13.00 2.61 -44.09
CA LEU O 50 -13.22 1.68 -42.99
C LEU O 50 -13.77 2.45 -41.80
N TYR O 51 -14.20 1.70 -40.79
CA TYR O 51 -14.68 2.28 -39.57
C TYR O 51 -14.51 1.27 -38.44
N LEU O 52 -14.45 1.79 -37.23
CA LEU O 52 -14.17 1.01 -36.04
C LEU O 52 -15.22 1.33 -34.98
N LEU O 53 -15.77 0.29 -34.37
CA LEU O 53 -16.79 0.47 -33.34
C LEU O 53 -16.16 0.43 -31.96
N ALA O 54 -16.63 1.33 -31.09
CA ALA O 54 -16.11 1.43 -29.74
C ALA O 54 -17.24 1.55 -28.75
N SER O 55 -16.99 1.06 -27.54
CA SER O 55 -17.97 1.08 -26.46
C SER O 55 -17.55 2.09 -25.41
N ILE O 56 -18.45 3.02 -25.10
CA ILE O 56 -18.12 4.07 -24.16
C ILE O 56 -17.92 3.48 -22.77
N THR O 57 -16.76 3.76 -22.19
CA THR O 57 -16.45 3.36 -20.83
C THR O 57 -15.73 4.51 -20.15
N GLY O 58 -16.50 5.41 -19.57
CA GLY O 58 -15.95 6.51 -18.81
C GLY O 58 -16.17 7.86 -19.43
N VAL O 59 -16.75 8.77 -18.66
CA VAL O 59 -16.98 10.15 -19.06
C VAL O 59 -16.49 11.08 -17.97
N ARG O 60 -16.04 12.26 -18.37
CA ARG O 60 -15.59 13.27 -17.44
C ARG O 60 -15.80 14.65 -18.02
N ALA O 61 -16.20 15.59 -17.16
CA ALA O 61 -16.46 16.97 -17.53
C ALA O 61 -15.71 17.87 -16.57
N THR O 62 -15.00 18.86 -17.11
CA THR O 62 -14.24 19.79 -16.28
C THR O 62 -14.39 21.21 -16.79
N HIS O 63 -14.21 22.15 -15.86
CA HIS O 63 -14.37 23.58 -16.10
C HIS O 63 -13.13 24.32 -15.60
N VAL O 64 -12.28 24.74 -16.53
CA VAL O 64 -11.11 25.53 -16.20
C VAL O 64 -10.99 26.64 -17.22
N ASN O 87 -12.60 27.56 -19.99
CA ASN O 87 -13.51 26.91 -20.90
C ASN O 87 -13.74 25.48 -20.46
N PHE O 88 -14.64 24.79 -21.17
CA PHE O 88 -15.00 23.42 -20.81
C PHE O 88 -14.03 22.44 -21.44
N ARG O 89 -13.97 21.25 -20.85
CA ARG O 89 -13.20 20.15 -21.42
C ARG O 89 -13.89 18.85 -21.05
N PHE O 90 -14.37 18.12 -22.05
CA PHE O 90 -14.93 16.81 -21.87
C PHE O 90 -13.92 15.73 -22.20
N GLN O 91 -14.23 14.52 -21.76
CA GLN O 91 -13.41 13.35 -22.04
C GLN O 91 -14.28 12.12 -22.07
N ILE O 92 -14.08 11.31 -23.10
CA ILE O 92 -14.81 10.08 -23.32
C ILE O 92 -13.78 8.98 -23.53
N ASP O 93 -13.67 8.07 -22.57
CA ASP O 93 -12.82 6.92 -22.73
C ASP O 93 -13.57 5.79 -23.42
N THR O 94 -12.88 5.07 -24.29
CA THR O 94 -13.51 4.04 -25.09
C THR O 94 -12.57 2.86 -25.26
N GLN O 95 -13.17 1.74 -25.67
CA GLN O 95 -12.52 0.47 -25.90
C GLN O 95 -13.03 -0.11 -27.21
N PRO O 96 -12.18 -0.79 -27.98
CA PRO O 96 -12.58 -1.27 -29.29
C PRO O 96 -13.08 -2.71 -29.30
N ILE O 97 -14.07 -2.94 -30.15
CA ILE O 97 -14.65 -4.27 -30.32
C ILE O 97 -14.29 -4.81 -31.69
N GLY O 98 -14.76 -4.15 -32.74
CA GLY O 98 -14.54 -4.67 -34.06
C GLY O 98 -14.60 -3.61 -35.15
N THR O 99 -14.60 -4.08 -36.38
CA THR O 99 -14.48 -3.25 -37.56
C THR O 99 -15.65 -3.44 -38.51
N LEU O 100 -15.90 -2.41 -39.31
CA LEU O 100 -17.01 -2.36 -40.24
C LEU O 100 -16.56 -1.61 -41.48
N SER O 101 -17.01 -2.09 -42.64
CA SER O 101 -16.66 -1.49 -43.91
C SER O 101 -17.78 -0.59 -44.42
N GLU O 102 -17.60 -0.10 -45.64
CA GLU O 102 -18.63 0.70 -46.29
C GLU O 102 -19.63 -0.18 -47.01
N ASP O 103 -19.19 -1.37 -47.44
CA ASP O 103 -20.13 -2.34 -47.96
C ASP O 103 -21.22 -2.65 -46.94
N GLY O 104 -20.83 -2.94 -45.71
CA GLY O 104 -21.77 -3.24 -44.65
C GLY O 104 -21.27 -4.33 -43.73
N GLU O 105 -20.28 -5.07 -44.19
CA GLU O 105 -19.80 -6.23 -43.45
C GLU O 105 -19.20 -5.83 -42.11
N PHE O 106 -19.49 -6.63 -41.10
CA PHE O 106 -18.98 -6.42 -39.74
C PHE O 106 -18.07 -7.58 -39.38
N SER O 107 -16.79 -7.30 -39.29
CA SER O 107 -15.84 -8.32 -38.86
C SER O 107 -15.73 -8.27 -37.34
N ARG O 108 -14.70 -8.92 -36.82
CA ARG O 108 -14.44 -8.84 -35.39
C ARG O 108 -12.97 -9.14 -35.15
N GLY O 109 -12.43 -8.55 -34.09
CA GLY O 109 -11.03 -8.64 -33.80
C GLY O 109 -10.25 -7.44 -34.34
N SER O 110 -9.70 -6.64 -33.43
CA SER O 110 -9.02 -5.41 -33.85
C SER O 110 -7.78 -5.71 -34.66
N HIS O 111 -7.59 -4.92 -35.71
CA HIS O 111 -6.40 -4.98 -36.54
C HIS O 111 -5.95 -3.59 -36.94
N SER O 112 -6.19 -2.59 -36.10
CA SER O 112 -5.80 -1.23 -36.45
C SER O 112 -5.80 -0.36 -35.21
N LEU O 113 -4.80 0.53 -35.15
CA LEU O 113 -4.76 1.60 -34.17
C LEU O 113 -5.03 2.92 -34.87
N PRO O 114 -6.05 3.68 -34.46
CA PRO O 114 -6.38 4.91 -35.17
C PRO O 114 -5.48 6.06 -34.75
N VAL O 115 -5.02 6.81 -35.73
CA VAL O 115 -4.13 7.94 -35.49
C VAL O 115 -4.93 9.15 -35.03
N PRO O 116 -4.30 10.11 -34.38
CA PRO O 116 -4.98 11.33 -34.00
C PRO O 116 -5.41 12.14 -35.20
N THR O 117 -6.04 13.27 -34.91
CA THR O 117 -6.64 14.12 -35.92
C THR O 117 -7.57 13.31 -36.81
N GLU O 118 -8.15 12.25 -36.25
CA GLU O 118 -9.17 11.45 -36.91
C GLU O 118 -10.49 11.66 -36.19
N TYR O 119 -11.55 11.80 -36.99
CA TYR O 119 -12.83 12.22 -36.46
C TYR O 119 -13.59 11.04 -35.87
N ALA O 120 -14.64 11.38 -35.14
CA ALA O 120 -15.53 10.41 -34.53
C ALA O 120 -16.98 10.81 -34.79
N TYR O 121 -17.85 9.81 -34.86
CA TYR O 121 -19.26 10.01 -35.10
C TYR O 121 -20.09 9.16 -34.16
N VAL O 122 -21.36 9.51 -34.09
CA VAL O 122 -22.34 8.85 -33.23
C VAL O 122 -23.08 7.79 -34.03
N THR O 123 -23.40 6.70 -33.37
CA THR O 123 -23.98 5.53 -34.03
C THR O 123 -25.48 5.67 -34.19
N PRO O 124 -25.99 5.79 -35.40
CA PRO O 124 -27.42 5.87 -35.58
C PRO O 124 -28.06 4.50 -35.48
N PRO O 125 -29.38 4.45 -35.31
CA PRO O 125 -30.04 3.15 -35.24
C PRO O 125 -30.03 2.43 -36.57
N ALA O 126 -30.31 3.15 -37.66
CA ALA O 126 -30.47 2.52 -38.96
C ALA O 126 -29.31 1.58 -39.25
N VAL O 127 -28.09 2.03 -38.98
CA VAL O 127 -26.93 1.19 -39.20
C VAL O 127 -27.00 -0.06 -38.34
N LEU O 128 -27.43 0.09 -37.10
CA LEU O 128 -27.51 -1.06 -36.21
C LEU O 128 -28.54 -2.05 -36.69
N GLU O 129 -29.64 -1.55 -37.23
CA GLU O 129 -30.70 -2.43 -37.72
C GLU O 129 -30.21 -3.18 -38.96
N GLY O 130 -29.55 -2.46 -39.85
CA GLY O 130 -28.99 -3.12 -41.02
C GLY O 130 -28.02 -4.21 -40.64
N ILE O 131 -27.14 -3.93 -39.68
CA ILE O 131 -26.16 -4.93 -39.26
C ILE O 131 -26.87 -6.08 -38.57
N PHE O 132 -27.95 -5.80 -37.88
CA PHE O 132 -28.65 -6.84 -37.15
C PHE O 132 -29.32 -7.81 -38.09
N SER O 133 -30.00 -7.29 -39.11
CA SER O 133 -30.86 -8.13 -39.92
C SER O 133 -30.04 -9.15 -40.70
N HIS O 134 -29.16 -8.67 -41.56
CA HIS O 134 -28.52 -9.55 -42.53
C HIS O 134 -27.68 -10.62 -41.84
N GLN O 135 -26.64 -10.21 -41.15
CA GLN O 135 -25.66 -11.14 -40.62
C GLN O 135 -26.19 -12.02 -39.50
N ILE O 136 -27.46 -11.92 -39.15
CA ILE O 136 -28.06 -12.78 -38.14
C ILE O 136 -28.77 -13.94 -38.83
N LYS O 137 -28.36 -15.16 -38.48
CA LYS O 137 -28.90 -16.36 -39.11
C LYS O 137 -30.39 -16.53 -38.85
N SER O 138 -30.77 -16.72 -37.59
CA SER O 138 -32.15 -16.92 -37.22
C SER O 138 -32.50 -15.96 -36.08
N PRO O 139 -33.59 -15.20 -36.23
CA PRO O 139 -33.89 -14.16 -35.25
C PRO O 139 -34.67 -14.64 -34.04
N PHE O 140 -34.33 -14.06 -32.89
CA PHE O 140 -35.13 -14.14 -31.67
C PHE O 140 -35.12 -12.75 -31.04
N ALA O 141 -36.31 -12.20 -30.82
CA ALA O 141 -36.43 -10.87 -30.24
C ALA O 141 -36.28 -10.93 -28.73
N LEU O 142 -35.63 -9.92 -28.16
CA LEU O 142 -35.37 -9.88 -26.72
C LEU O 142 -35.47 -8.45 -26.22
N GLY O 143 -36.45 -7.72 -26.72
CA GLY O 143 -36.77 -6.41 -26.22
C GLY O 143 -36.42 -5.30 -27.19
N THR O 144 -36.18 -4.13 -26.62
CA THR O 144 -35.91 -2.93 -27.39
C THR O 144 -34.79 -2.15 -26.72
N LEU O 145 -33.92 -1.57 -27.53
CA LEU O 145 -32.86 -0.72 -27.03
C LEU O 145 -33.44 0.51 -26.34
N GLY O 146 -32.59 1.21 -25.61
CA GLY O 146 -33.01 2.36 -24.84
C GLY O 146 -33.09 3.63 -25.65
N ILE O 147 -32.06 3.87 -26.47
CA ILE O 147 -32.03 5.08 -27.29
C ILE O 147 -33.32 5.22 -28.07
N SER O 148 -33.85 4.11 -28.57
CA SER O 148 -35.04 4.14 -29.39
C SER O 148 -35.95 2.95 -29.04
N PRO O 149 -37.17 3.20 -28.57
CA PRO O 149 -38.05 2.08 -28.26
C PRO O 149 -38.63 1.42 -29.49
N ASP O 150 -38.81 2.16 -30.58
CA ASP O 150 -39.37 1.60 -31.80
C ASP O 150 -38.31 0.87 -32.62
N ILE O 151 -37.59 -0.01 -31.94
CA ILE O 151 -36.60 -0.87 -32.56
C ILE O 151 -36.49 -2.13 -31.71
N LYS O 152 -36.19 -3.24 -32.37
CA LYS O 152 -36.25 -4.55 -31.73
C LYS O 152 -34.88 -5.21 -31.79
N LEU O 153 -34.34 -5.54 -30.63
CA LEU O 153 -33.07 -6.22 -30.55
C LEU O 153 -33.23 -7.71 -30.76
N LYS O 154 -32.32 -8.27 -31.55
CA LYS O 154 -32.41 -9.64 -31.99
C LYS O 154 -31.11 -10.37 -31.69
N ILE O 155 -31.24 -11.69 -31.55
CA ILE O 155 -30.09 -12.56 -31.40
C ILE O 155 -30.35 -13.82 -32.22
N ASP O 156 -29.34 -14.69 -32.28
CA ASP O 156 -29.47 -15.89 -33.09
C ASP O 156 -30.52 -16.82 -32.50
N GLY O 157 -31.39 -17.34 -33.37
CA GLY O 157 -32.49 -18.17 -32.90
C GLY O 157 -32.02 -19.43 -32.21
N ASP O 158 -30.91 -20.01 -32.69
CA ASP O 158 -30.50 -21.32 -32.20
C ASP O 158 -29.45 -21.24 -31.11
N ARG O 159 -28.64 -20.19 -31.08
CA ARG O 159 -27.53 -20.13 -30.14
C ARG O 159 -28.03 -19.96 -28.72
N PHE O 160 -29.18 -19.33 -28.55
CA PHE O 160 -29.61 -18.89 -27.22
C PHE O 160 -30.26 -20.02 -26.44
N PHE O 161 -31.37 -20.54 -26.95
CA PHE O 161 -32.14 -21.53 -26.22
C PHE O 161 -31.58 -22.93 -26.30
N SER O 162 -30.44 -23.11 -26.97
CA SER O 162 -29.74 -24.40 -26.98
C SER O 162 -28.46 -24.33 -26.17
N LYS O 163 -28.39 -23.40 -25.22
CA LYS O 163 -27.19 -23.24 -24.42
C LYS O 163 -27.58 -22.60 -23.09
N HIS O 164 -26.60 -22.52 -22.20
CA HIS O 164 -26.83 -22.29 -20.77
C HIS O 164 -26.85 -20.80 -20.46
N VAL O 165 -28.03 -20.31 -20.07
CA VAL O 165 -28.28 -18.91 -19.72
C VAL O 165 -28.10 -18.71 -18.22
N ALA O 166 -28.03 -17.46 -17.79
CA ALA O 166 -27.97 -17.13 -16.38
C ALA O 166 -28.57 -15.75 -16.16
N VAL O 167 -28.95 -15.49 -14.92
CA VAL O 167 -29.50 -14.21 -14.49
C VAL O 167 -29.02 -13.90 -13.09
N VAL O 168 -28.84 -12.63 -12.80
CA VAL O 168 -28.45 -12.15 -11.49
C VAL O 168 -28.97 -10.74 -11.33
N GLY O 169 -29.74 -10.51 -10.27
CA GLY O 169 -30.34 -9.21 -10.06
C GLY O 169 -30.63 -8.88 -8.62
N SER O 170 -30.39 -7.63 -8.24
CA SER O 170 -30.69 -7.18 -6.90
C SER O 170 -32.19 -7.04 -6.73
N THR O 171 -32.60 -7.01 -5.47
CA THR O 171 -34.01 -7.04 -5.16
C THR O 171 -34.71 -5.80 -5.69
N GLY O 172 -35.84 -6.02 -6.36
CA GLY O 172 -36.58 -4.97 -7.01
C GLY O 172 -36.21 -4.74 -8.44
N SER O 173 -35.17 -5.41 -8.94
CA SER O 173 -34.70 -5.18 -10.29
C SER O 173 -35.56 -5.84 -11.34
N GLY O 174 -36.61 -6.53 -10.94
CA GLY O 174 -37.53 -7.10 -11.89
C GLY O 174 -36.95 -8.27 -12.63
N LYS O 175 -36.56 -9.30 -11.90
CA LYS O 175 -36.03 -10.50 -12.53
C LYS O 175 -37.17 -11.41 -12.97
N SER O 176 -38.14 -11.62 -12.10
CA SER O 176 -39.19 -12.58 -12.36
C SER O 176 -39.99 -12.19 -13.60
N CYS O 177 -40.34 -10.91 -13.72
CA CYS O 177 -41.11 -10.47 -14.86
C CYS O 177 -40.35 -10.69 -16.16
N ALA O 178 -39.06 -10.37 -16.17
CA ALA O 178 -38.27 -10.55 -17.38
C ALA O 178 -38.19 -12.02 -17.76
N VAL O 179 -37.95 -12.89 -16.79
CA VAL O 179 -37.90 -14.31 -17.08
C VAL O 179 -39.24 -14.77 -17.63
N ALA O 180 -40.33 -14.27 -17.09
CA ALA O 180 -41.64 -14.66 -17.56
C ALA O 180 -41.84 -14.24 -19.00
N LYS O 181 -41.34 -13.06 -19.34
CA LYS O 181 -41.46 -12.59 -20.71
C LYS O 181 -40.69 -13.50 -21.66
N ILE O 182 -39.45 -13.81 -21.31
CA ILE O 182 -38.66 -14.70 -22.13
C ILE O 182 -39.41 -15.99 -22.38
N LEU O 183 -39.93 -16.58 -21.32
CA LEU O 183 -40.62 -17.86 -21.48
C LEU O 183 -41.85 -17.71 -22.35
N GLN O 184 -42.63 -16.66 -22.12
CA GLN O 184 -43.83 -16.47 -22.93
C GLN O 184 -43.49 -16.45 -24.40
N THR O 185 -42.42 -15.74 -24.76
CA THR O 185 -42.02 -15.72 -26.17
C THR O 185 -41.59 -17.12 -26.60
N ALA O 186 -40.93 -17.86 -25.72
CA ALA O 186 -40.48 -19.19 -26.09
C ALA O 186 -41.66 -20.13 -26.30
N VAL O 187 -42.83 -19.80 -25.75
CA VAL O 187 -44.01 -20.63 -25.86
C VAL O 187 -45.08 -19.98 -26.72
N GLY O 188 -44.73 -18.93 -27.45
CA GLY O 188 -45.67 -18.33 -28.37
C GLY O 188 -46.87 -17.70 -27.72
N ILE O 189 -46.65 -16.96 -26.64
CA ILE O 189 -47.69 -16.22 -25.95
C ILE O 189 -47.37 -14.75 -26.06
N GLU O 190 -48.28 -13.99 -26.68
CA GLU O 190 -48.14 -12.55 -26.77
C GLU O 190 -49.47 -11.87 -26.46
N LYS O 201 -43.31 -23.35 -32.72
CA LYS O 201 -42.53 -24.55 -32.49
C LYS O 201 -42.87 -25.14 -31.12
N ASN O 202 -42.96 -26.46 -31.07
CA ASN O 202 -43.29 -27.12 -29.81
C ASN O 202 -42.06 -27.22 -28.93
N SER O 203 -42.18 -26.74 -27.69
CA SER O 203 -41.06 -26.67 -26.77
C SER O 203 -41.51 -27.12 -25.39
N HIS O 204 -40.61 -27.79 -24.68
CA HIS O 204 -40.88 -28.35 -23.37
C HIS O 204 -40.07 -27.59 -22.33
N ILE O 205 -40.71 -27.22 -21.23
CA ILE O 205 -40.05 -26.44 -20.20
C ILE O 205 -40.62 -26.82 -18.84
N VAL O 206 -39.74 -26.90 -17.85
CA VAL O 206 -40.10 -27.12 -16.46
C VAL O 206 -39.55 -25.95 -15.66
N ILE O 207 -40.34 -25.46 -14.70
CA ILE O 207 -40.03 -24.27 -13.93
C ILE O 207 -40.21 -24.61 -12.46
N PHE O 208 -39.11 -24.77 -11.74
CA PHE O 208 -39.21 -24.99 -10.31
C PHE O 208 -39.51 -23.69 -9.59
N ASP O 209 -40.40 -23.77 -8.62
CA ASP O 209 -40.87 -22.60 -7.88
C ASP O 209 -40.63 -22.79 -6.39
N ILE O 210 -40.53 -21.66 -5.70
CA ILE O 210 -40.28 -21.63 -4.27
C ILE O 210 -41.19 -20.59 -3.62
N HIS O 211 -41.91 -19.83 -4.43
CA HIS O 211 -42.73 -18.74 -3.95
C HIS O 211 -44.15 -18.79 -4.48
N ALA O 212 -44.48 -19.76 -5.33
CA ALA O 212 -45.78 -19.82 -5.98
C ALA O 212 -46.07 -18.54 -6.75
N GLU O 213 -45.23 -18.30 -7.76
CA GLU O 213 -45.24 -17.03 -8.47
C GLU O 213 -45.57 -17.18 -9.95
N TYR O 214 -44.89 -18.07 -10.64
CA TYR O 214 -45.00 -18.16 -12.09
C TYR O 214 -46.24 -18.90 -12.55
N ALA O 215 -47.20 -19.15 -11.66
CA ALA O 215 -48.36 -19.91 -12.06
C ALA O 215 -49.31 -19.09 -12.92
N ALA O 216 -49.50 -17.83 -12.56
CA ALA O 216 -50.49 -17.00 -13.24
C ALA O 216 -49.97 -16.42 -14.54
N ALA O 217 -48.66 -16.39 -14.72
CA ALA O 217 -48.10 -15.81 -15.93
C ALA O 217 -48.45 -16.61 -17.16
N PHE O 218 -49.18 -17.70 -17.00
CA PHE O 218 -49.55 -18.57 -18.11
C PHE O 218 -51.04 -18.89 -18.10
N ASN O 219 -51.82 -18.16 -17.31
CA ASN O 219 -53.24 -18.44 -17.16
C ASN O 219 -54.07 -17.65 -18.18
N LEU O 220 -53.79 -17.92 -19.44
CA LEU O 220 -54.60 -17.39 -20.52
C LEU O 220 -55.93 -18.14 -20.58
N GLU O 221 -56.79 -17.69 -21.49
CA GLU O 221 -58.06 -18.37 -21.70
C GLU O 221 -57.81 -19.81 -22.15
N ALA O 222 -58.68 -20.70 -21.70
CA ALA O 222 -58.49 -22.13 -21.95
C ALA O 222 -58.38 -22.43 -23.44
N GLY O 223 -59.05 -21.63 -24.28
CA GLY O 223 -59.07 -21.91 -25.71
C GLY O 223 -57.74 -21.73 -26.42
N GLU O 224 -56.70 -21.29 -25.71
CA GLU O 224 -55.43 -21.01 -26.37
C GLU O 224 -54.78 -22.26 -26.91
N ALA O 225 -55.08 -23.42 -26.33
CA ALA O 225 -54.57 -24.71 -26.81
C ALA O 225 -53.05 -24.81 -26.63
N PHE O 226 -52.60 -24.60 -25.38
CA PHE O 226 -51.23 -24.92 -24.97
C PHE O 226 -51.31 -25.51 -23.56
N THR O 227 -50.92 -26.76 -23.44
CA THR O 227 -51.16 -27.50 -22.21
C THR O 227 -50.43 -26.88 -21.03
N LEU O 228 -51.03 -27.00 -19.85
CA LEU O 228 -50.47 -26.50 -18.61
C LEU O 228 -50.79 -27.50 -17.51
N ASN O 229 -49.75 -28.10 -16.94
CA ASN O 229 -49.88 -29.07 -15.86
C ASN O 229 -49.34 -28.44 -14.59
N LEU O 230 -50.23 -27.96 -13.75
CA LEU O 230 -49.86 -27.41 -12.46
C LEU O 230 -49.80 -28.52 -11.43
N LEU O 231 -48.73 -28.54 -10.65
CA LEU O 231 -48.50 -29.57 -9.67
C LEU O 231 -48.26 -28.96 -8.30
N GLY O 232 -48.34 -29.80 -7.28
CA GLY O 232 -48.24 -29.35 -5.91
C GLY O 232 -47.91 -30.49 -4.99
N VAL O 233 -48.31 -30.32 -3.73
CA VAL O 233 -48.03 -31.34 -2.73
C VAL O 233 -49.16 -32.35 -2.65
N ASP O 234 -50.35 -31.97 -3.13
CA ASP O 234 -51.50 -32.86 -3.04
C ASP O 234 -51.52 -33.86 -4.18
N ASN O 235 -51.18 -33.43 -5.39
CA ASN O 235 -51.36 -34.24 -6.59
C ASN O 235 -50.08 -34.83 -7.14
N LEU O 236 -48.92 -34.44 -6.65
CA LEU O 236 -47.68 -34.97 -7.16
C LEU O 236 -47.53 -36.43 -6.80
N ARG O 237 -47.09 -37.23 -7.76
CA ARG O 237 -46.86 -38.65 -7.59
C ARG O 237 -45.42 -38.96 -7.94
N LEU O 238 -44.71 -39.58 -7.03
CA LEU O 238 -43.27 -39.66 -7.12
C LEU O 238 -42.75 -40.74 -6.17
N PRO O 239 -42.83 -42.00 -6.53
CA PRO O 239 -42.48 -43.07 -5.59
C PRO O 239 -41.06 -42.93 -5.09
N TYR O 240 -40.80 -43.64 -3.99
CA TYR O 240 -39.51 -43.61 -3.32
C TYR O 240 -38.55 -44.67 -3.82
N TRP O 241 -39.02 -45.59 -4.65
CA TRP O 241 -38.11 -46.61 -5.16
C TRP O 241 -37.30 -46.13 -6.34
N LEU O 242 -37.59 -44.94 -6.86
CA LEU O 242 -36.83 -44.39 -7.97
C LEU O 242 -35.50 -43.82 -7.53
N MET O 243 -35.26 -43.76 -6.23
CA MET O 243 -34.08 -43.07 -5.73
C MET O 243 -32.80 -43.81 -6.13
N ASN O 244 -31.72 -43.06 -6.16
CA ASN O 244 -30.39 -43.60 -6.27
C ASN O 244 -29.91 -43.97 -4.87
N ALA O 245 -28.61 -44.23 -4.73
CA ALA O 245 -28.10 -44.73 -3.47
C ALA O 245 -28.02 -43.61 -2.44
N GLN O 246 -27.57 -42.43 -2.86
CA GLN O 246 -27.33 -41.36 -1.91
C GLN O 246 -28.62 -40.92 -1.24
N GLU O 247 -29.70 -40.82 -2.01
CA GLU O 247 -30.96 -40.34 -1.45
C GLU O 247 -31.53 -41.33 -0.46
N LEU O 248 -31.57 -42.60 -0.83
CA LEU O 248 -32.08 -43.62 0.09
C LEU O 248 -31.27 -43.62 1.36
N GLU O 249 -29.95 -43.54 1.24
CA GLU O 249 -29.12 -43.54 2.42
C GLU O 249 -29.32 -42.28 3.24
N GLN O 250 -29.74 -41.19 2.60
CA GLN O 250 -29.80 -39.93 3.30
C GLN O 250 -31.10 -39.75 4.06
N ILE O 251 -32.20 -40.28 3.53
CA ILE O 251 -33.50 -40.02 4.15
C ILE O 251 -33.60 -40.77 5.47
N PHE O 252 -33.25 -42.05 5.47
CA PHE O 252 -33.55 -42.94 6.58
C PHE O 252 -32.39 -43.16 7.52
N ILE O 253 -31.23 -42.56 7.28
CA ILE O 253 -30.03 -42.89 8.03
C ILE O 253 -29.19 -41.65 8.23
N GLU O 254 -28.47 -41.61 9.35
CA GLU O 254 -27.44 -40.63 9.61
C GLU O 254 -26.21 -41.38 10.12
N SER O 255 -25.06 -41.14 9.49
CA SER O 255 -23.85 -41.92 9.72
C SER O 255 -22.87 -41.24 10.66
N ASN O 256 -23.36 -40.45 11.60
CA ASN O 256 -22.47 -39.69 12.47
C ASN O 256 -21.87 -40.56 13.57
N GLU O 257 -22.66 -41.48 14.11
CA GLU O 257 -22.27 -42.21 15.31
C GLU O 257 -21.23 -43.27 14.98
N HIS O 258 -20.92 -44.09 15.99
CA HIS O 258 -19.99 -45.21 15.82
C HIS O 258 -20.65 -46.41 15.14
N ASN O 259 -21.97 -46.47 15.11
CA ASN O 259 -22.69 -47.57 14.49
C ASN O 259 -22.96 -47.32 13.01
N SER O 260 -22.25 -46.38 12.39
CA SER O 260 -22.52 -46.03 11.00
C SER O 260 -22.12 -47.13 10.04
N HIS O 261 -21.17 -47.98 10.42
CA HIS O 261 -20.69 -49.01 9.51
C HIS O 261 -21.77 -50.05 9.22
N ASN O 262 -22.17 -50.78 10.27
CA ASN O 262 -22.90 -52.02 10.08
C ASN O 262 -24.30 -51.76 9.52
N GLN O 263 -24.91 -50.67 9.95
CA GLN O 263 -26.25 -50.34 9.51
C GLN O 263 -26.33 -50.34 7.99
N ILE O 264 -25.37 -49.69 7.34
CA ILE O 264 -25.43 -49.54 5.89
C ILE O 264 -25.32 -50.89 5.21
N SER O 265 -24.34 -51.69 5.62
CA SER O 265 -24.17 -53.01 5.04
C SER O 265 -25.45 -53.81 5.08
N GLN O 266 -25.98 -54.02 6.29
CA GLN O 266 -27.15 -54.88 6.38
C GLN O 266 -28.39 -54.24 5.78
N PHE O 267 -28.45 -52.93 5.74
CA PHE O 267 -29.53 -52.26 5.06
C PHE O 267 -29.52 -52.57 3.59
N ARG O 268 -28.34 -52.48 2.98
CA ARG O 268 -28.22 -52.81 1.57
C ARG O 268 -28.62 -54.24 1.30
N HIS O 269 -28.10 -55.15 2.11
CA HIS O 269 -28.46 -56.56 1.97
C HIS O 269 -29.96 -56.73 2.01
N ALA O 270 -30.61 -56.06 2.95
CA ALA O 270 -32.04 -56.27 3.12
C ALA O 270 -32.80 -55.73 1.94
N VAL O 271 -32.43 -54.54 1.48
CA VAL O 271 -33.18 -53.91 0.40
C VAL O 271 -33.05 -54.75 -0.86
N VAL O 272 -31.86 -55.26 -1.11
CA VAL O 272 -31.67 -56.10 -2.29
C VAL O 272 -32.52 -57.35 -2.17
N ARG O 273 -32.32 -58.11 -1.09
CA ARG O 273 -33.02 -59.38 -0.97
C ARG O 273 -34.53 -59.20 -1.04
N ASN O 274 -35.02 -58.01 -0.68
CA ASN O 274 -36.45 -57.76 -0.81
C ASN O 274 -36.82 -57.31 -2.19
N LYS O 275 -35.84 -56.82 -2.96
CA LYS O 275 -36.16 -56.33 -4.29
C LYS O 275 -36.55 -57.47 -5.21
N CYS O 276 -35.88 -58.61 -5.08
CA CYS O 276 -36.13 -59.72 -6.00
C CYS O 276 -37.48 -60.38 -5.74
N LYS O 277 -37.73 -60.75 -4.49
CA LYS O 277 -38.95 -61.48 -4.15
C LYS O 277 -40.17 -60.89 -4.82
N HIS O 278 -40.21 -59.57 -4.96
CA HIS O 278 -41.35 -58.90 -5.56
C HIS O 278 -41.17 -58.69 -7.06
N ASN O 279 -39.97 -58.90 -7.59
CA ASN O 279 -39.71 -58.79 -9.02
C ASN O 279 -38.82 -59.96 -9.44
N PRO O 280 -39.40 -61.15 -9.59
CA PRO O 280 -38.57 -62.32 -9.86
C PRO O 280 -38.05 -62.39 -11.27
N THR O 281 -38.90 -62.08 -12.25
CA THR O 281 -38.57 -62.32 -13.65
C THR O 281 -37.19 -61.79 -13.99
N LEU O 282 -36.93 -60.53 -13.67
CA LEU O 282 -35.71 -59.87 -14.11
C LEU O 282 -34.50 -60.56 -13.50
N THR O 283 -33.32 -60.08 -13.89
CA THR O 283 -32.06 -60.75 -13.58
C THR O 283 -30.98 -59.74 -13.27
N ASN O 284 -30.00 -60.17 -12.48
CA ASN O 284 -28.80 -59.39 -12.20
C ASN O 284 -29.15 -58.02 -11.65
N LEU O 285 -29.97 -58.00 -10.60
CA LEU O 285 -30.36 -56.76 -9.97
C LEU O 285 -29.28 -56.27 -9.01
N SER O 286 -29.33 -54.98 -8.72
CA SER O 286 -28.39 -54.34 -7.82
C SER O 286 -29.11 -53.28 -7.01
N PHE O 287 -28.39 -52.70 -6.05
CA PHE O 287 -28.99 -51.75 -5.12
C PHE O 287 -29.66 -50.61 -5.86
N ASP O 288 -29.05 -50.17 -6.97
CA ASP O 288 -29.50 -48.98 -7.66
C ASP O 288 -30.70 -49.26 -8.57
N THR O 289 -30.74 -50.42 -9.18
CA THR O 289 -31.78 -50.71 -10.16
C THR O 289 -33.16 -50.47 -9.56
N PRO O 290 -34.02 -49.70 -10.20
CA PRO O 290 -35.33 -49.41 -9.64
C PRO O 290 -36.42 -50.43 -9.95
N VAL O 291 -37.05 -50.94 -8.90
CA VAL O 291 -38.30 -51.68 -9.00
C VAL O 291 -38.99 -51.59 -7.65
N TYR O 292 -40.27 -51.90 -7.63
CA TYR O 292 -41.04 -51.86 -6.39
C TYR O 292 -40.32 -52.61 -5.28
N PHE O 293 -40.37 -52.04 -4.08
CA PHE O 293 -39.84 -52.72 -2.91
C PHE O 293 -40.41 -52.05 -1.67
N SER O 294 -41.23 -52.78 -0.93
CA SER O 294 -41.86 -52.22 0.25
C SER O 294 -40.80 -51.83 1.27
N ILE O 295 -41.22 -51.03 2.24
CA ILE O 295 -40.32 -50.50 3.25
C ILE O 295 -40.67 -51.05 4.61
N ASP O 296 -41.96 -51.15 4.90
CA ASP O 296 -42.38 -51.72 6.17
C ASP O 296 -41.81 -53.12 6.34
N GLU O 297 -41.70 -53.87 5.24
CA GLU O 297 -41.13 -55.19 5.31
C GLU O 297 -39.67 -55.12 5.69
N VAL O 298 -38.97 -54.11 5.19
CA VAL O 298 -37.57 -53.97 5.52
C VAL O 298 -37.42 -53.63 6.99
N VAL O 299 -38.37 -52.86 7.52
CA VAL O 299 -38.33 -52.53 8.93
C VAL O 299 -38.53 -53.79 9.75
N THR O 300 -39.48 -54.61 9.33
CA THR O 300 -39.74 -55.85 10.05
C THR O 300 -38.50 -56.73 10.06
N TYR O 301 -37.80 -56.77 8.93
CA TYR O 301 -36.61 -57.61 8.86
C TYR O 301 -35.54 -57.10 9.80
N LEU O 302 -35.30 -55.79 9.77
CA LEU O 302 -34.27 -55.23 10.62
C LEU O 302 -34.59 -55.49 12.09
N GLU O 303 -35.85 -55.31 12.47
CA GLU O 303 -36.23 -55.58 13.83
C GLU O 303 -35.97 -57.04 14.19
N ASN O 304 -36.55 -57.96 13.40
CA ASN O 304 -36.36 -59.38 13.69
C ASN O 304 -34.90 -59.73 13.79
N MET O 305 -34.03 -58.96 13.15
CA MET O 305 -32.62 -59.24 13.24
C MET O 305 -32.02 -58.64 14.49
N ASN O 306 -32.68 -57.63 15.06
CA ASN O 306 -32.19 -57.06 16.31
C ASN O 306 -32.21 -58.06 17.45
N ASN O 307 -33.17 -58.98 17.46
CA ASN O 307 -33.42 -59.84 18.62
C ASN O 307 -33.02 -61.28 18.41
N GLU O 308 -32.17 -61.58 17.45
CA GLU O 308 -31.88 -62.97 17.13
C GLU O 308 -31.08 -63.63 18.23
N VAL O 309 -31.25 -64.93 18.36
CA VAL O 309 -30.52 -65.75 19.33
C VAL O 309 -30.24 -67.09 18.68
N ILE O 310 -28.98 -67.48 18.67
CA ILE O 310 -28.56 -68.65 17.92
C ILE O 310 -28.37 -69.82 18.87
N GLY O 311 -28.41 -71.03 18.31
CA GLY O 311 -28.21 -72.26 19.06
C GLY O 311 -26.92 -72.93 18.60
N LYS O 312 -26.20 -73.48 19.57
CA LYS O 312 -24.87 -74.04 19.33
C LYS O 312 -24.82 -75.54 19.59
N LEU O 313 -25.96 -76.20 19.73
CA LEU O 313 -25.97 -77.63 19.96
C LEU O 313 -25.55 -78.37 18.70
N ALA O 314 -25.57 -79.69 18.80
CA ALA O 314 -25.06 -80.53 17.73
C ALA O 314 -25.94 -80.44 16.50
N GLY O 315 -25.32 -80.32 15.34
CA GLY O 315 -26.04 -80.20 14.09
C GLY O 315 -27.10 -79.13 14.13
N GLU O 316 -26.89 -78.11 14.95
CA GLU O 316 -27.81 -77.01 15.09
C GLU O 316 -27.07 -75.69 15.00
N GLY O 317 -26.15 -75.59 14.05
CA GLY O 317 -25.43 -74.35 13.84
C GLY O 317 -26.27 -73.32 13.12
N LYS O 318 -27.43 -73.00 13.69
CA LYS O 318 -28.36 -72.08 13.07
C LYS O 318 -29.26 -71.51 14.15
N PRO O 319 -30.12 -70.56 13.80
CA PRO O 319 -31.00 -69.96 14.79
C PRO O 319 -32.02 -70.93 15.36
N LYS O 320 -32.76 -70.45 16.35
CA LYS O 320 -33.76 -71.22 17.05
C LYS O 320 -34.85 -70.29 17.53
N LEU O 321 -36.09 -70.65 17.25
CA LEU O 321 -37.23 -69.82 17.57
C LEU O 321 -37.80 -70.21 18.93
N ALA O 322 -39.00 -69.72 19.23
CA ALA O 322 -39.66 -70.04 20.48
C ALA O 322 -40.18 -71.48 20.51
N ASN O 323 -40.44 -72.07 19.35
CA ASN O 323 -41.05 -73.38 19.28
C ASN O 323 -40.08 -74.48 18.87
N GLU O 324 -38.80 -74.31 19.16
CA GLU O 324 -37.79 -75.33 18.87
C GLU O 324 -37.86 -75.78 17.42
N THR O 325 -37.52 -74.85 16.54
CA THR O 325 -37.52 -75.12 15.11
C THR O 325 -36.44 -74.28 14.45
N LEU O 326 -35.48 -74.94 13.82
CA LEU O 326 -34.35 -74.27 13.21
C LEU O 326 -34.77 -73.55 11.94
N VAL O 327 -33.81 -72.87 11.33
CA VAL O 327 -34.03 -72.07 10.12
C VAL O 327 -32.86 -72.28 9.18
N SER O 328 -33.15 -72.34 7.89
CA SER O 328 -32.14 -72.57 6.87
C SER O 328 -31.81 -71.29 6.10
N ASP O 329 -32.81 -70.67 5.47
CA ASP O 329 -32.63 -69.48 4.67
C ASP O 329 -33.41 -68.34 5.31
N ARG O 330 -32.68 -67.30 5.73
CA ARG O 330 -33.32 -66.23 6.48
C ARG O 330 -34.43 -65.57 5.69
N ASP O 331 -34.22 -65.40 4.38
CA ASP O 331 -35.09 -64.54 3.59
C ASP O 331 -36.51 -65.07 3.50
N GLU O 332 -36.78 -66.27 4.02
CA GLU O 332 -38.06 -66.90 3.75
C GLU O 332 -39.11 -66.53 4.78
N LEU O 333 -38.71 -66.14 5.98
CA LEU O 333 -39.65 -65.97 7.07
C LEU O 333 -39.52 -64.62 7.74
N TYR O 334 -38.29 -64.08 7.75
CA TYR O 334 -38.04 -62.88 8.54
C TYR O 334 -38.92 -61.72 8.10
N PHE O 335 -39.30 -61.68 6.83
CA PHE O 335 -40.06 -60.54 6.32
C PHE O 335 -41.51 -60.59 6.75
N ASP O 336 -42.11 -61.77 6.77
CA ASP O 336 -43.55 -61.89 6.92
C ASP O 336 -44.04 -61.19 8.18
N ALA O 337 -43.59 -61.66 9.34
CA ALA O 337 -44.06 -61.11 10.59
C ALA O 337 -42.99 -61.26 11.66
N VAL O 338 -43.04 -60.38 12.65
CA VAL O 338 -42.11 -60.45 13.76
C VAL O 338 -42.17 -61.82 14.40
N GLN O 339 -41.06 -62.24 14.97
CA GLN O 339 -40.97 -63.52 15.65
C GLN O 339 -40.22 -63.37 16.95
N SER O 340 -40.51 -64.27 17.88
CA SER O 340 -39.85 -64.30 19.19
C SER O 340 -39.02 -65.58 19.31
N PHE O 341 -37.85 -65.44 19.92
CA PHE O 341 -36.94 -66.56 20.13
C PHE O 341 -36.74 -66.81 21.61
N ILE O 342 -36.16 -67.97 21.91
CA ILE O 342 -35.86 -68.37 23.28
C ILE O 342 -34.81 -67.47 23.88
N VAL O 343 -34.63 -67.59 25.18
CA VAL O 343 -33.71 -66.75 25.92
C VAL O 343 -32.31 -67.33 25.85
N ALA O 344 -31.31 -66.46 25.95
CA ALA O 344 -29.92 -66.89 25.97
C ALA O 344 -29.67 -67.73 27.20
N SER O 345 -28.96 -68.84 27.02
CA SER O 345 -28.67 -69.75 28.11
C SER O 345 -27.43 -70.55 27.79
N GLN O 346 -26.82 -71.10 28.83
CA GLN O 346 -25.54 -71.77 28.72
C GLN O 346 -25.60 -73.24 29.12
N ALA O 347 -26.77 -73.75 29.45
CA ALA O 347 -26.90 -75.16 29.78
C ALA O 347 -26.29 -76.03 28.69
N ALA O 348 -25.73 -77.17 29.10
CA ALA O 348 -25.23 -78.13 28.13
C ALA O 348 -26.35 -78.73 27.30
N ALA O 349 -27.56 -78.78 27.87
CA ALA O 349 -28.71 -79.29 27.12
C ALA O 349 -29.31 -78.20 26.25
N THR O 350 -29.55 -77.03 26.82
CA THR O 350 -30.10 -75.88 26.10
C THR O 350 -29.01 -74.83 25.98
N LYS O 351 -28.20 -74.93 24.93
CA LYS O 351 -27.08 -74.02 24.70
C LYS O 351 -27.50 -72.98 23.67
N ALA O 352 -27.76 -71.77 24.13
CA ALA O 352 -28.16 -70.68 23.26
C ALA O 352 -27.27 -69.47 23.53
N SER O 353 -26.70 -68.93 22.46
CA SER O 353 -25.85 -67.75 22.53
C SER O 353 -26.51 -66.61 21.79
N ASN O 354 -25.94 -65.42 21.97
CA ASN O 354 -26.53 -64.25 21.36
C ASN O 354 -26.03 -64.08 19.94
N GLY O 355 -26.79 -63.31 19.20
CA GLY O 355 -26.54 -63.14 17.80
C GLY O 355 -25.47 -62.12 17.53
N PRO O 356 -25.05 -62.07 16.29
CA PRO O 356 -24.00 -61.14 15.92
C PRO O 356 -24.42 -59.69 16.00
N PHE O 357 -25.56 -59.37 15.41
CA PHE O 357 -25.98 -57.99 15.25
C PHE O 357 -27.08 -57.60 16.23
N ASN O 358 -27.21 -58.33 17.32
CA ASN O 358 -28.22 -57.98 18.32
C ASN O 358 -27.82 -56.72 19.05
N GLY O 359 -28.80 -55.85 19.28
CA GLY O 359 -28.57 -54.67 20.09
C GLY O 359 -28.27 -53.42 19.32
N GLU O 360 -27.40 -53.54 18.31
CA GLU O 360 -26.91 -52.34 17.63
C GLU O 360 -28.05 -51.50 17.09
N PHE O 361 -28.90 -52.11 16.27
CA PHE O 361 -29.94 -51.37 15.55
C PHE O 361 -31.16 -51.22 16.45
N ASP O 362 -31.19 -50.10 17.16
CA ASP O 362 -32.31 -49.71 18.01
C ASP O 362 -32.91 -48.38 17.61
N ARG O 363 -32.07 -47.41 17.27
CA ARG O 363 -32.53 -46.05 17.03
C ARG O 363 -33.18 -45.90 15.66
N MET O 364 -32.45 -46.28 14.62
CA MET O 364 -32.94 -46.03 13.27
C MET O 364 -34.32 -46.62 13.06
N ILE O 365 -34.70 -47.62 13.85
CA ILE O 365 -36.03 -48.18 13.73
C ILE O 365 -37.07 -47.15 14.10
N LEU O 366 -36.86 -46.46 15.22
CA LEU O 366 -37.81 -45.46 15.64
C LEU O 366 -37.76 -44.27 14.71
N ARG O 367 -36.57 -43.91 14.25
CA ARG O 367 -36.45 -42.80 13.33
C ARG O 367 -37.26 -43.04 12.07
N LEU O 368 -37.21 -44.28 11.57
CA LEU O 368 -37.95 -44.60 10.36
C LEU O 368 -39.44 -44.68 10.63
N HIS O 369 -39.83 -45.26 11.75
CA HIS O 369 -41.24 -45.27 12.10
C HIS O 369 -41.78 -43.86 12.17
N THR O 370 -40.96 -42.93 12.63
CA THR O 370 -41.36 -41.53 12.70
C THR O 370 -41.56 -40.98 11.30
N ARG O 371 -40.48 -40.95 10.52
CA ARG O 371 -40.57 -40.38 9.17
C ARG O 371 -41.77 -40.94 8.42
N LEU O 372 -42.02 -42.25 8.54
CA LEU O 372 -43.19 -42.81 7.88
C LEU O 372 -44.47 -42.35 8.57
N ALA O 373 -44.39 -42.01 9.85
CA ALA O 373 -45.56 -41.54 10.56
C ALA O 373 -45.97 -40.14 10.12
N ASP O 374 -45.13 -39.47 9.36
CA ASP O 374 -45.39 -38.09 9.00
C ASP O 374 -46.54 -38.03 8.00
N PRO O 375 -47.58 -37.24 8.26
CA PRO O 375 -48.63 -37.08 7.24
C PRO O 375 -48.20 -36.20 6.09
N ARG O 376 -47.50 -35.10 6.37
CA ARG O 376 -47.19 -34.13 5.34
C ARG O 376 -46.34 -34.73 4.23
N LEU O 377 -45.62 -35.80 4.51
CA LEU O 377 -44.76 -36.45 3.53
C LEU O 377 -45.43 -37.63 2.85
N GLN O 378 -46.73 -37.82 3.07
CA GLN O 378 -47.41 -39.01 2.58
C GLN O 378 -47.20 -39.24 1.10
N PHE O 379 -46.94 -38.18 0.35
CA PHE O 379 -46.85 -38.31 -1.10
C PHE O 379 -45.66 -39.13 -1.54
N LEU O 380 -44.70 -39.35 -0.65
CA LEU O 380 -43.47 -40.04 -1.01
C LEU O 380 -43.46 -41.49 -0.52
N PHE O 381 -43.88 -41.71 0.72
CA PHE O 381 -43.89 -43.04 1.29
C PHE O 381 -45.11 -43.85 0.84
N TYR O 382 -46.32 -43.38 1.14
CA TYR O 382 -47.55 -44.14 0.92
C TYR O 382 -48.42 -43.44 -0.12
N PRO O 383 -48.02 -43.49 -1.39
CA PRO O 383 -48.80 -42.87 -2.44
C PRO O 383 -49.87 -43.79 -2.99
N LYS O 384 -50.78 -43.21 -3.75
CA LYS O 384 -51.95 -43.90 -4.29
C LYS O 384 -52.20 -43.49 -5.73
N LYS O 385 -52.53 -44.47 -6.56
CA LYS O 385 -53.00 -44.21 -7.91
C LYS O 385 -54.36 -43.50 -7.85
N GLU O 386 -54.82 -43.07 -9.02
CA GLU O 386 -56.11 -42.41 -9.11
C GLU O 386 -57.21 -43.27 -8.51
N ASP O 387 -57.28 -44.53 -8.91
CA ASP O 387 -58.37 -45.39 -8.47
C ASP O 387 -58.38 -45.53 -6.96
N GLY O 388 -57.20 -45.68 -6.37
CA GLY O 388 -57.10 -45.83 -4.94
C GLY O 388 -56.02 -46.83 -4.56
N GLU O 389 -55.73 -47.75 -5.46
CA GLU O 389 -54.69 -48.73 -5.21
C GLU O 389 -53.31 -48.08 -5.22
N ASP O 390 -52.38 -48.74 -4.55
CA ASP O 390 -51.00 -48.27 -4.54
C ASP O 390 -50.35 -48.52 -5.88
N LEU O 391 -49.18 -47.91 -6.07
CA LEU O 391 -48.49 -47.97 -7.34
C LEU O 391 -47.92 -49.36 -7.60
N ALA O 392 -47.40 -49.54 -8.80
CA ALA O 392 -46.83 -50.81 -9.23
C ALA O 392 -45.62 -50.52 -10.12
N THR O 393 -44.89 -51.58 -10.41
CA THR O 393 -43.62 -51.43 -11.12
C THR O 393 -43.79 -50.82 -12.49
N GLY O 394 -44.97 -50.98 -13.09
CA GLY O 394 -45.12 -50.62 -14.48
C GLY O 394 -45.49 -49.17 -14.71
N ASP O 395 -46.09 -48.52 -13.72
CA ASP O 395 -46.55 -47.15 -13.90
C ASP O 395 -45.41 -46.16 -14.05
N PHE O 396 -44.16 -46.65 -14.06
CA PHE O 396 -43.01 -45.78 -14.26
C PHE O 396 -43.26 -44.80 -15.39
N ALA O 397 -43.75 -45.31 -16.52
CA ALA O 397 -43.98 -44.46 -17.68
C ALA O 397 -44.79 -43.24 -17.29
N ASP O 398 -45.95 -43.46 -16.68
CA ASP O 398 -46.83 -42.35 -16.36
C ASP O 398 -46.14 -41.36 -15.43
N VAL O 399 -45.27 -41.85 -14.56
CA VAL O 399 -44.59 -40.97 -13.63
C VAL O 399 -43.87 -39.86 -14.35
N VAL O 400 -43.42 -40.12 -15.59
CA VAL O 400 -42.71 -39.11 -16.34
C VAL O 400 -43.66 -38.27 -17.17
N ARG O 401 -44.79 -38.83 -17.56
CA ARG O 401 -45.76 -38.10 -18.37
C ARG O 401 -46.01 -36.71 -17.79
N GLN O 402 -46.11 -36.64 -16.47
CA GLN O 402 -46.43 -35.37 -15.82
C GLN O 402 -45.44 -34.30 -16.22
N PHE O 403 -44.15 -34.64 -16.19
CA PHE O 403 -43.13 -33.69 -16.59
C PHE O 403 -43.09 -33.55 -18.10
N VAL O 404 -43.39 -34.62 -18.83
CA VAL O 404 -43.32 -34.58 -20.28
C VAL O 404 -44.61 -34.03 -20.86
N GLY O 405 -45.71 -34.75 -20.66
CA GLY O 405 -46.98 -34.30 -21.16
C GLY O 405 -47.21 -34.68 -22.61
N TYR O 406 -48.11 -33.94 -23.24
CA TYR O 406 -48.34 -34.09 -24.66
C TYR O 406 -47.06 -33.80 -25.44
N MET O 407 -46.89 -34.51 -26.56
CA MET O 407 -45.62 -34.54 -27.25
C MET O 407 -45.51 -33.43 -28.30
N THR O 408 -46.55 -33.26 -29.10
CA THR O 408 -46.52 -32.38 -30.26
C THR O 408 -47.04 -30.97 -29.94
N LYS O 409 -46.97 -30.56 -28.68
CA LYS O 409 -47.37 -29.22 -28.29
C LYS O 409 -46.63 -28.82 -27.02
N SER O 410 -46.53 -27.52 -26.80
CA SER O 410 -45.86 -27.02 -25.61
C SER O 410 -46.61 -27.45 -24.36
N ASN O 411 -45.86 -27.83 -23.32
CA ASN O 411 -46.42 -28.40 -22.12
C ASN O 411 -45.74 -27.87 -20.87
N VAL O 412 -45.55 -26.57 -20.77
CA VAL O 412 -44.88 -25.97 -19.62
C VAL O 412 -45.51 -26.51 -18.34
N SER O 413 -44.68 -27.05 -17.46
CA SER O 413 -45.11 -27.53 -16.16
C SER O 413 -44.50 -26.67 -15.06
N ILE O 414 -45.27 -26.46 -14.00
CA ILE O 414 -44.91 -25.55 -12.93
C ILE O 414 -44.98 -26.35 -11.63
N ILE O 415 -43.85 -26.92 -11.23
CA ILE O 415 -43.76 -27.58 -9.94
C ILE O 415 -43.81 -26.55 -8.83
N ASP O 416 -44.41 -26.93 -7.71
CA ASP O 416 -44.47 -26.12 -6.52
C ASP O 416 -43.76 -26.84 -5.40
N LEU O 417 -43.15 -26.08 -4.52
CA LEU O 417 -42.26 -26.61 -3.51
C LEU O 417 -42.39 -25.91 -2.17
N SER O 418 -43.35 -25.00 -2.05
CA SER O 418 -43.52 -24.30 -0.78
C SER O 418 -44.02 -25.26 0.29
N GLY O 419 -45.03 -26.07 -0.03
CA GLY O 419 -45.58 -26.99 0.93
C GLY O 419 -44.59 -28.05 1.35
N ILE O 420 -43.59 -28.32 0.53
CA ILE O 420 -42.61 -29.35 0.89
C ILE O 420 -41.78 -28.86 2.06
N PRO O 421 -41.43 -29.72 3.01
CA PRO O 421 -40.56 -29.31 4.11
C PRO O 421 -39.18 -28.90 3.62
N PHE O 422 -38.35 -28.49 4.59
CA PHE O 422 -37.04 -27.99 4.27
C PHE O 422 -36.00 -29.09 4.18
N GLU O 423 -36.33 -30.29 4.63
CA GLU O 423 -35.33 -31.35 4.71
C GLU O 423 -35.33 -32.23 3.47
N VAL O 424 -36.46 -32.30 2.75
CA VAL O 424 -36.61 -33.19 1.62
C VAL O 424 -36.50 -32.46 0.30
N LEU O 425 -36.16 -31.17 0.34
CA LEU O 425 -36.16 -30.37 -0.88
C LEU O 425 -35.07 -30.84 -1.83
N SER O 426 -33.87 -31.04 -1.31
CA SER O 426 -32.77 -31.48 -2.16
C SER O 426 -33.09 -32.82 -2.80
N ILE O 427 -33.67 -33.73 -2.03
CA ILE O 427 -34.01 -35.04 -2.54
C ILE O 427 -35.00 -34.90 -3.68
N VAL O 428 -36.07 -34.15 -3.45
CA VAL O 428 -37.09 -33.98 -4.47
C VAL O 428 -36.48 -33.46 -5.75
N VAL O 429 -35.60 -32.46 -5.62
CA VAL O 429 -35.07 -31.83 -6.82
C VAL O 429 -34.19 -32.80 -7.57
N SER O 430 -33.34 -33.52 -6.85
CA SER O 430 -32.45 -34.46 -7.50
C SER O 430 -33.23 -35.50 -8.28
N LEU O 431 -34.29 -36.03 -7.67
CA LEU O 431 -35.04 -37.07 -8.35
C LEU O 431 -35.72 -36.51 -9.59
N ILE O 432 -36.32 -35.32 -9.47
CA ILE O 432 -37.07 -34.78 -10.59
C ILE O 432 -36.15 -34.40 -11.72
N SER O 433 -34.87 -34.16 -11.44
CA SER O 433 -33.94 -33.83 -12.51
C SER O 433 -33.41 -35.09 -13.18
N ARG O 434 -32.98 -36.06 -12.38
CA ARG O 434 -32.44 -37.28 -12.95
C ARG O 434 -33.48 -37.95 -13.83
N MET O 435 -34.74 -37.92 -13.39
CA MET O 435 -35.79 -38.55 -14.18
C MET O 435 -35.91 -37.92 -15.56
N ILE O 436 -35.41 -36.69 -15.71
CA ILE O 436 -35.50 -36.03 -17.00
C ILE O 436 -34.26 -36.32 -17.82
N PHE O 437 -33.10 -36.35 -17.17
CA PHE O 437 -31.87 -36.63 -17.91
C PHE O 437 -31.92 -38.02 -18.53
N ASP O 438 -32.39 -38.99 -17.75
CA ASP O 438 -32.51 -40.34 -18.29
C ASP O 438 -33.34 -40.36 -19.56
N PHE O 439 -34.47 -39.66 -19.55
CA PHE O 439 -35.34 -39.62 -20.71
C PHE O 439 -34.65 -38.98 -21.89
N GLY O 440 -33.87 -37.95 -21.62
CA GLY O 440 -33.18 -37.26 -22.67
C GLY O 440 -32.21 -38.19 -23.37
N PHE O 441 -31.34 -38.82 -22.58
CA PHE O 441 -30.40 -39.78 -23.16
C PHE O 441 -31.11 -40.88 -23.90
N HIS O 442 -32.23 -41.34 -23.38
CA HIS O 442 -32.91 -42.46 -24.02
C HIS O 442 -33.43 -42.08 -25.39
N TYR O 443 -33.99 -40.89 -25.52
CA TYR O 443 -34.51 -40.47 -26.81
C TYR O 443 -33.41 -40.02 -27.75
N SER O 444 -32.32 -39.53 -27.19
CA SER O 444 -31.13 -39.22 -27.98
C SER O 444 -30.58 -40.47 -28.63
N LYS O 445 -30.47 -41.57 -27.87
CA LYS O 445 -30.05 -42.84 -28.45
C LYS O 445 -31.07 -43.33 -29.48
N ASN O 446 -32.35 -43.30 -29.11
CA ASN O 446 -33.38 -43.81 -30.02
C ASN O 446 -33.33 -43.07 -31.35
N ARG O 447 -32.89 -41.83 -31.35
CA ARG O 447 -32.75 -41.09 -32.60
C ARG O 447 -31.38 -41.27 -33.23
N HIS O 448 -30.34 -41.49 -32.42
CA HIS O 448 -29.03 -41.79 -32.98
C HIS O 448 -29.08 -43.05 -33.84
N VAL O 449 -29.85 -44.05 -33.41
CA VAL O 449 -30.00 -45.26 -34.22
C VAL O 449 -30.53 -44.91 -35.60
N GLY O 450 -31.47 -43.95 -35.67
CA GLY O 450 -32.01 -43.55 -36.96
C GLY O 450 -31.10 -42.65 -37.75
N GLY O 451 -30.39 -41.76 -37.07
CA GLY O 451 -29.50 -40.82 -37.72
C GLY O 451 -29.99 -39.39 -37.82
N ALA O 452 -31.11 -39.07 -37.18
CA ALA O 452 -31.65 -37.71 -37.17
C ALA O 452 -31.56 -37.13 -35.75
N VAL O 453 -31.30 -35.84 -35.67
CA VAL O 453 -31.19 -35.19 -34.37
C VAL O 453 -32.59 -35.07 -33.75
N SER O 454 -32.63 -35.09 -32.41
CA SER O 454 -33.90 -35.03 -31.71
C SER O 454 -34.56 -33.67 -31.90
N ASP O 455 -35.88 -33.69 -32.11
CA ASP O 455 -36.68 -32.48 -32.26
C ASP O 455 -37.44 -32.12 -31.00
N VAL O 456 -37.13 -32.75 -29.88
CA VAL O 456 -37.81 -32.50 -28.61
C VAL O 456 -36.84 -31.82 -27.66
N PRO O 457 -36.89 -30.50 -27.52
CA PRO O 457 -36.02 -29.80 -26.58
C PRO O 457 -36.69 -29.60 -25.23
N ILE O 458 -35.88 -29.58 -24.18
CA ILE O 458 -36.35 -29.49 -22.81
C ILE O 458 -35.51 -28.45 -22.07
N LEU O 459 -36.18 -27.50 -21.44
CA LEU O 459 -35.53 -26.47 -20.66
C LEU O 459 -35.91 -26.62 -19.19
N VAL O 460 -34.93 -26.37 -18.33
CA VAL O 460 -35.12 -26.40 -16.89
C VAL O 460 -34.86 -25.00 -16.36
N VAL O 461 -35.72 -24.55 -15.45
CA VAL O 461 -35.60 -23.24 -14.85
C VAL O 461 -35.51 -23.41 -13.34
N CYS O 462 -34.39 -22.96 -12.77
CA CYS O 462 -34.08 -23.12 -11.36
C CYS O 462 -34.05 -21.75 -10.71
N GLU O 463 -35.04 -21.48 -9.87
CA GLU O 463 -35.21 -20.20 -9.22
C GLU O 463 -34.71 -20.24 -7.79
N GLU O 464 -34.30 -19.08 -7.29
CA GLU O 464 -33.66 -18.92 -6.00
C GLU O 464 -32.70 -20.07 -5.74
N ALA O 465 -31.76 -20.23 -6.66
CA ALA O 465 -30.82 -21.34 -6.60
C ALA O 465 -29.96 -21.29 -5.35
N HIS O 466 -29.76 -20.12 -4.78
CA HIS O 466 -28.82 -19.97 -3.69
C HIS O 466 -29.27 -20.69 -2.44
N ASN O 467 -30.48 -21.23 -2.42
CA ASN O 467 -30.94 -21.96 -1.25
C ASN O 467 -30.47 -23.40 -1.28
N TYR O 468 -30.58 -24.04 -2.43
CA TYR O 468 -30.29 -25.47 -2.55
C TYR O 468 -29.19 -25.75 -3.56
N LEU O 469 -28.24 -24.86 -3.71
CA LEU O 469 -27.04 -25.15 -4.46
C LEU O 469 -25.86 -24.41 -3.87
N PRO O 470 -25.64 -24.53 -2.57
CA PRO O 470 -24.64 -23.67 -1.92
C PRO O 470 -23.22 -24.06 -2.31
N ARG O 471 -22.40 -23.02 -2.47
CA ARG O 471 -20.98 -23.22 -2.70
C ARG O 471 -20.22 -23.37 -1.39
N SER O 472 -20.68 -22.70 -0.35
CA SER O 472 -20.15 -22.86 0.99
C SER O 472 -20.80 -24.01 1.74
N GLY O 473 -21.78 -24.67 1.14
CA GLY O 473 -22.47 -25.75 1.82
C GLY O 473 -21.69 -27.04 1.82
N GLY O 474 -22.05 -27.91 2.75
CA GLY O 474 -21.39 -29.19 2.93
C GLY O 474 -22.25 -30.34 2.45
N ALA O 475 -22.26 -31.42 3.24
CA ALA O 475 -23.00 -32.62 2.85
C ALA O 475 -24.50 -32.46 3.00
N ALA O 476 -24.94 -31.50 3.81
CA ALA O 476 -26.38 -31.32 4.05
C ALA O 476 -27.18 -31.22 2.77
N TYR O 477 -26.53 -30.88 1.66
CA TYR O 477 -27.19 -30.70 0.37
C TYR O 477 -26.47 -31.45 -0.73
N ASP O 478 -25.56 -32.36 -0.37
CA ASP O 478 -24.69 -32.98 -1.36
C ASP O 478 -25.48 -33.63 -2.48
N ALA O 479 -26.70 -34.02 -2.21
CA ALA O 479 -27.46 -34.80 -3.19
C ALA O 479 -27.98 -33.93 -4.31
N SER O 480 -28.08 -32.62 -4.08
CA SER O 480 -28.67 -31.74 -5.07
C SER O 480 -27.66 -31.39 -6.15
N ARG O 481 -26.52 -30.83 -5.75
CA ARG O 481 -25.54 -30.33 -6.69
C ARG O 481 -25.38 -31.27 -7.88
N LYS O 482 -25.14 -32.53 -7.59
CA LYS O 482 -24.75 -33.46 -8.64
C LYS O 482 -25.87 -33.61 -9.66
N SER O 483 -27.10 -33.74 -9.18
CA SER O 483 -28.22 -33.91 -10.10
C SER O 483 -28.30 -32.78 -11.11
N ILE O 484 -27.71 -31.64 -10.79
CA ILE O 484 -27.66 -30.53 -11.74
C ILE O 484 -26.31 -30.47 -12.44
N GLU O 485 -25.24 -30.81 -11.73
CA GLU O 485 -23.92 -30.76 -12.34
C GLU O 485 -23.90 -31.48 -13.67
N ARG O 486 -24.58 -32.62 -13.74
CA ARG O 486 -24.61 -33.39 -14.97
C ARG O 486 -25.10 -32.52 -16.12
N ILE O 487 -26.24 -31.85 -15.93
CA ILE O 487 -26.78 -31.04 -17.02
C ILE O 487 -25.79 -29.95 -17.37
N ALA O 488 -25.04 -29.47 -16.38
CA ALA O 488 -24.07 -28.42 -16.65
C ALA O 488 -23.06 -28.87 -17.68
N LYS O 489 -22.66 -30.13 -17.63
CA LYS O 489 -21.63 -30.64 -18.52
C LYS O 489 -22.25 -31.35 -19.70
N GLU O 490 -22.99 -32.42 -19.44
CA GLU O 490 -23.46 -33.26 -20.53
C GLU O 490 -24.65 -32.63 -21.25
N GLY O 491 -25.62 -32.14 -20.50
CA GLY O 491 -26.96 -31.93 -21.04
C GLY O 491 -26.98 -31.46 -22.49
N ARG O 492 -26.01 -30.63 -22.87
CA ARG O 492 -26.06 -29.97 -24.17
C ARG O 492 -26.14 -30.98 -25.29
N LYS O 493 -25.30 -32.00 -25.23
CA LYS O 493 -25.27 -33.02 -26.27
C LYS O 493 -26.59 -33.76 -26.36
N TYR O 494 -27.27 -33.95 -25.23
CA TYR O 494 -28.40 -34.87 -25.21
C TYR O 494 -29.69 -34.18 -25.62
N GLY O 495 -29.92 -32.94 -25.18
CA GLY O 495 -31.15 -32.25 -25.54
C GLY O 495 -31.85 -31.44 -24.46
N VAL O 496 -31.23 -31.28 -23.29
CA VAL O 496 -31.82 -30.52 -22.19
C VAL O 496 -30.85 -29.43 -21.77
N THR O 497 -31.37 -28.22 -21.55
CA THR O 497 -30.55 -27.08 -21.14
C THR O 497 -31.10 -26.45 -19.88
N LEU O 498 -30.24 -25.70 -19.18
CA LEU O 498 -30.59 -25.05 -17.92
C LEU O 498 -30.85 -23.56 -18.07
N MET O 499 -31.38 -22.98 -17.00
CA MET O 499 -31.57 -21.53 -16.83
C MET O 499 -31.60 -21.27 -15.34
N VAL O 500 -30.54 -20.69 -14.83
CA VAL O 500 -30.35 -20.44 -13.42
C VAL O 500 -30.76 -19.02 -13.11
N VAL O 501 -31.40 -18.82 -11.96
CA VAL O 501 -31.78 -17.50 -11.49
C VAL O 501 -31.38 -17.37 -10.04
N SER O 502 -30.85 -16.21 -9.68
CA SER O 502 -30.40 -15.95 -8.32
C SER O 502 -30.37 -14.45 -8.09
N GLN O 503 -30.08 -14.08 -6.85
CA GLN O 503 -30.02 -12.69 -6.44
C GLN O 503 -28.85 -12.40 -5.54
N ARG O 504 -28.05 -13.40 -5.22
CA ARG O 504 -26.86 -13.26 -4.37
C ARG O 504 -25.83 -14.21 -4.92
N PRO O 505 -25.27 -13.89 -6.09
CA PRO O 505 -24.51 -14.89 -6.85
C PRO O 505 -23.23 -15.31 -6.18
N SER O 506 -22.78 -14.61 -5.17
CA SER O 506 -21.55 -15.00 -4.50
C SER O 506 -21.73 -16.35 -3.81
N GLU O 507 -22.86 -16.54 -3.15
CA GLU O 507 -23.14 -17.78 -2.43
C GLU O 507 -23.89 -18.75 -3.33
N VAL O 508 -23.28 -19.02 -4.48
CA VAL O 508 -23.80 -19.97 -5.45
C VAL O 508 -22.63 -20.75 -6.03
N SER O 509 -22.94 -21.92 -6.58
CA SER O 509 -21.91 -22.86 -7.00
C SER O 509 -21.03 -22.26 -8.09
N GLU O 510 -19.71 -22.43 -7.94
CA GLU O 510 -18.78 -21.92 -8.92
C GLU O 510 -18.89 -22.66 -10.24
N THR O 511 -19.38 -23.89 -10.21
CA THR O 511 -19.38 -24.73 -11.40
C THR O 511 -20.63 -24.52 -12.23
N ILE O 512 -21.74 -24.10 -11.62
CA ILE O 512 -22.98 -24.01 -12.37
C ILE O 512 -22.97 -22.78 -13.26
N PHE O 513 -22.24 -21.75 -12.88
CA PHE O 513 -22.12 -20.58 -13.74
C PHE O 513 -21.14 -20.84 -14.88
N SER O 514 -19.90 -21.16 -14.53
CA SER O 514 -18.82 -21.23 -15.51
C SER O 514 -19.25 -21.94 -16.79
N GLN O 515 -20.19 -22.86 -16.69
CA GLN O 515 -20.74 -23.54 -17.85
C GLN O 515 -21.83 -22.75 -18.53
N CYS O 516 -22.05 -21.49 -18.13
CA CYS O 516 -23.06 -20.65 -18.74
C CYS O 516 -22.43 -19.79 -19.81
N SER O 517 -22.96 -19.88 -21.02
CA SER O 517 -22.38 -19.25 -22.19
C SER O 517 -22.89 -17.84 -22.44
N ASN O 518 -23.95 -17.41 -21.76
CA ASN O 518 -24.54 -16.10 -21.96
C ASN O 518 -24.94 -15.54 -20.61
N PHE O 519 -24.83 -14.22 -20.45
CA PHE O 519 -25.18 -13.58 -19.19
C PHE O 519 -26.07 -12.37 -19.40
N ILE O 520 -27.11 -12.29 -18.59
CA ILE O 520 -27.99 -11.15 -18.48
C ILE O 520 -27.80 -10.58 -17.09
N SER O 521 -27.35 -9.34 -17.02
CA SER O 521 -27.13 -8.67 -15.75
C SER O 521 -28.11 -7.52 -15.62
N LEU O 522 -28.96 -7.61 -14.62
CA LEU O 522 -29.79 -6.50 -14.19
C LEU O 522 -29.13 -5.82 -13.00
N ARG O 523 -29.87 -4.94 -12.34
CA ARG O 523 -29.29 -4.10 -11.30
C ARG O 523 -28.69 -4.93 -10.19
N LEU O 524 -27.48 -4.57 -9.80
CA LEU O 524 -26.78 -5.15 -8.67
C LEU O 524 -26.10 -4.03 -7.90
N THR O 525 -26.19 -4.07 -6.58
CA THR O 525 -25.64 -3.03 -5.73
C THR O 525 -24.56 -3.53 -4.80
N ASN O 526 -24.78 -4.64 -4.11
CA ASN O 526 -23.84 -5.12 -3.13
C ASN O 526 -22.46 -5.30 -3.75
N ALA O 527 -21.45 -4.76 -3.09
CA ALA O 527 -20.13 -4.65 -3.69
C ALA O 527 -19.54 -6.01 -4.02
N VAL O 528 -19.44 -6.87 -3.01
CA VAL O 528 -18.81 -8.17 -3.21
C VAL O 528 -19.44 -8.88 -4.40
N ASP O 529 -20.74 -8.70 -4.58
CA ASP O 529 -21.41 -9.28 -5.74
C ASP O 529 -20.86 -8.66 -7.02
N GLN O 530 -20.60 -7.37 -7.02
CA GLN O 530 -20.02 -6.73 -8.18
C GLN O 530 -18.67 -7.35 -8.49
N THR O 531 -17.84 -7.51 -7.47
CA THR O 531 -16.53 -8.09 -7.67
C THR O 531 -16.64 -9.47 -8.32
N TYR O 532 -17.46 -10.34 -7.74
CA TYR O 532 -17.57 -11.70 -8.24
C TYR O 532 -18.08 -11.73 -9.67
N VAL O 533 -19.15 -10.96 -9.95
CA VAL O 533 -19.75 -11.02 -11.28
C VAL O 533 -18.90 -10.30 -12.30
N LYS O 534 -17.98 -9.44 -11.84
CA LYS O 534 -17.04 -8.82 -12.75
C LYS O 534 -15.93 -9.79 -13.10
N SER O 535 -15.41 -10.49 -12.10
CA SER O 535 -14.40 -11.50 -12.33
C SER O 535 -14.90 -12.53 -13.32
N LEU O 536 -15.92 -13.29 -12.92
CA LEU O 536 -16.39 -14.40 -13.75
C LEU O 536 -16.60 -13.97 -15.18
N LEU O 537 -16.98 -12.74 -15.39
CA LEU O 537 -17.42 -12.32 -16.71
C LEU O 537 -16.30 -11.57 -17.40
N PRO O 538 -15.90 -11.98 -18.61
CA PRO O 538 -14.59 -11.57 -19.13
C PRO O 538 -14.45 -10.13 -19.55
N ASP O 539 -15.32 -9.68 -20.44
CA ASP O 539 -15.15 -8.40 -21.13
C ASP O 539 -15.79 -7.28 -20.30
N LEU O 540 -15.21 -7.04 -19.13
CA LEU O 540 -15.73 -6.07 -18.18
C LEU O 540 -14.58 -5.28 -17.56
N SER O 541 -14.38 -4.08 -18.07
CA SER O 541 -13.45 -3.14 -17.48
C SER O 541 -14.19 -2.34 -16.41
N ALA O 542 -13.58 -1.23 -15.98
CA ALA O 542 -14.15 -0.46 -14.88
C ALA O 542 -15.52 0.11 -15.24
N GLY O 543 -15.69 0.55 -16.48
CA GLY O 543 -16.93 1.22 -16.85
C GLY O 543 -18.11 0.28 -16.90
N LEU O 544 -17.92 -0.91 -17.49
CA LEU O 544 -19.02 -1.86 -17.57
C LEU O 544 -19.47 -2.28 -16.18
N GLY O 545 -18.64 -2.05 -15.18
CA GLY O 545 -19.06 -2.25 -13.81
C GLY O 545 -19.69 -1.01 -13.22
N ASP O 546 -19.23 0.16 -13.65
CA ASP O 546 -19.86 1.40 -13.24
C ASP O 546 -21.25 1.56 -13.82
N LEU O 547 -21.65 0.69 -14.73
CA LEU O 547 -22.98 0.75 -15.31
C LEU O 547 -23.99 -0.10 -14.57
N LEU O 548 -23.54 -1.14 -13.88
CA LEU O 548 -24.48 -2.02 -13.18
C LEU O 548 -25.29 -1.29 -12.12
N PRO O 549 -24.68 -0.50 -11.26
CA PRO O 549 -25.43 0.02 -10.10
C PRO O 549 -26.19 1.29 -10.36
N ASN O 550 -26.39 1.64 -11.63
CA ASN O 550 -27.19 2.80 -11.98
C ASN O 550 -28.24 2.48 -13.03
N LEU O 551 -28.48 1.22 -13.32
CA LEU O 551 -29.50 0.86 -14.30
C LEU O 551 -30.88 1.16 -13.75
N ALA O 552 -31.81 1.42 -14.66
CA ALA O 552 -33.17 1.74 -14.29
C ALA O 552 -33.99 0.47 -14.13
N GLN O 553 -35.25 0.67 -13.82
CA GLN O 553 -36.17 -0.45 -13.62
C GLN O 553 -36.73 -0.88 -14.96
N GLY O 554 -36.35 -2.08 -15.40
CA GLY O 554 -36.76 -2.62 -16.67
C GLY O 554 -35.61 -2.80 -17.63
N GLU O 555 -34.45 -2.27 -17.31
CA GLU O 555 -33.30 -2.34 -18.18
C GLU O 555 -32.46 -3.57 -17.85
N PHE O 556 -31.45 -3.79 -18.68
CA PHE O 556 -30.57 -4.94 -18.51
C PHE O 556 -29.37 -4.82 -19.43
N LEU O 557 -28.40 -5.67 -19.18
CA LEU O 557 -27.18 -5.76 -19.97
C LEU O 557 -27.01 -7.18 -20.42
N ILE O 558 -26.49 -7.35 -21.64
CA ILE O 558 -26.38 -8.66 -22.25
C ILE O 558 -24.96 -8.84 -22.76
N VAL O 559 -24.38 -9.99 -22.44
CA VAL O 559 -22.98 -10.28 -22.66
C VAL O 559 -22.83 -11.76 -23.03
N GLY O 560 -22.43 -12.03 -24.26
CA GLY O 560 -22.16 -13.40 -24.65
C GLY O 560 -22.16 -13.56 -26.16
N ASP O 561 -22.53 -14.77 -26.57
CA ASP O 561 -22.43 -15.18 -27.97
C ASP O 561 -23.74 -15.03 -28.72
N ALA O 562 -24.87 -15.00 -28.03
CA ALA O 562 -26.14 -14.81 -28.70
C ALA O 562 -26.21 -13.49 -29.44
N PRO O 563 -25.60 -12.42 -28.96
CA PRO O 563 -25.53 -11.18 -29.72
C PRO O 563 -24.25 -11.10 -30.53
N LEU O 564 -24.23 -10.15 -31.47
CA LEU O 564 -22.99 -9.80 -32.12
C LEU O 564 -22.03 -9.17 -31.13
N MET O 565 -22.56 -8.34 -30.24
CA MET O 565 -21.74 -7.54 -29.35
C MET O 565 -22.53 -7.20 -28.10
N PRO O 566 -21.85 -6.83 -27.02
CA PRO O 566 -22.55 -6.45 -25.78
C PRO O 566 -23.62 -5.42 -26.04
N THR O 567 -24.63 -5.37 -25.17
CA THR O 567 -25.69 -4.42 -25.45
C THR O 567 -26.50 -4.11 -24.19
N VAL O 568 -27.09 -2.92 -24.20
CA VAL O 568 -27.96 -2.44 -23.14
C VAL O 568 -29.38 -2.42 -23.68
N GLY O 569 -30.32 -2.97 -22.91
CA GLY O 569 -31.66 -3.18 -23.40
C GLY O 569 -32.71 -2.87 -22.36
N HIS O 570 -33.95 -2.85 -22.83
CA HIS O 570 -35.12 -2.47 -22.06
C HIS O 570 -36.25 -3.42 -22.41
N PHE O 571 -37.04 -3.76 -21.41
CA PHE O 571 -38.14 -4.70 -21.55
C PHE O 571 -39.46 -4.01 -21.30
N ALA O 572 -40.52 -4.74 -21.59
CA ALA O 572 -41.87 -4.35 -21.24
C ALA O 572 -42.45 -5.32 -20.23
N LEU O 573 -43.51 -4.87 -19.57
CA LEU O 573 -44.17 -5.71 -18.60
C LEU O 573 -44.77 -6.93 -19.26
N PRO O 574 -44.80 -8.06 -18.59
CA PRO O 574 -45.43 -9.25 -19.16
C PRO O 574 -46.93 -9.27 -18.89
N VAL O 575 -47.62 -10.02 -19.73
CA VAL O 575 -49.07 -10.15 -19.60
C VAL O 575 -49.47 -11.60 -19.76
N PRO O 576 -50.20 -12.18 -18.80
CA PRO O 576 -50.55 -11.62 -17.50
C PRO O 576 -49.40 -11.75 -16.50
N GLU O 577 -49.38 -10.91 -15.48
CA GLU O 577 -48.26 -10.84 -14.57
C GLU O 577 -48.37 -11.86 -13.44
N PRO O 578 -47.24 -12.20 -12.82
CA PRO O 578 -47.25 -13.04 -11.62
C PRO O 578 -47.53 -12.22 -10.37
N HIS O 579 -48.39 -12.75 -9.52
CA HIS O 579 -48.85 -12.04 -8.32
C HIS O 579 -48.43 -12.66 -6.99
N SER O 580 -48.51 -13.99 -6.87
CA SER O 580 -48.12 -14.68 -5.65
C SER O 580 -48.82 -14.08 -4.44
N ARG O 581 -50.14 -14.20 -4.43
CA ARG O 581 -50.96 -13.66 -3.35
C ARG O 581 -50.33 -13.98 -2.00
N SER O 582 -50.37 -13.02 -1.10
CA SER O 582 -49.72 -13.15 0.20
C SER O 582 -50.60 -12.54 1.26
N VAL O 583 -50.22 -12.78 2.51
CA VAL O 583 -50.98 -12.30 3.66
C VAL O 583 -50.55 -10.87 3.96
N ASN O 584 -51.48 -9.94 3.81
CA ASN O 584 -51.23 -8.57 4.23
C ASN O 584 -51.46 -8.46 5.73
N TYR O 585 -50.54 -7.77 6.40
CA TYR O 585 -50.51 -7.76 7.86
C TYR O 585 -51.12 -6.48 8.45
N LEU O 586 -50.63 -5.32 8.03
CA LEU O 586 -51.13 -4.08 8.60
C LEU O 586 -52.58 -3.84 8.19
N GLN O 587 -52.92 -4.18 6.95
CA GLN O 587 -54.29 -4.01 6.51
C GLN O 587 -55.23 -4.94 7.25
N GLU O 588 -54.68 -6.01 7.83
CA GLU O 588 -55.49 -6.94 8.59
C GLU O 588 -55.56 -6.54 10.05
N TRP O 589 -54.52 -5.90 10.57
CA TRP O 589 -54.54 -5.48 11.96
C TRP O 589 -55.63 -4.46 12.21
N ASN O 590 -55.87 -3.57 11.24
CA ASN O 590 -56.87 -2.53 11.39
C ASN O 590 -58.28 -3.08 11.46
N SER O 591 -58.48 -4.35 11.16
CA SER O 591 -59.79 -4.97 11.24
C SER O 591 -60.10 -5.30 12.70
N GLY O 592 -61.15 -6.10 12.91
CA GLY O 592 -61.57 -6.44 14.26
C GLY O 592 -60.85 -7.64 14.83
N TRP O 593 -61.13 -7.89 16.11
CA TRP O 593 -60.52 -8.98 16.87
C TRP O 593 -61.25 -10.29 16.56
N ARG O 594 -61.04 -10.76 15.33
CA ARG O 594 -61.77 -11.92 14.85
C ARG O 594 -61.65 -13.09 15.81
N HIS O 595 -62.80 -13.66 16.18
CA HIS O 595 -62.83 -14.80 17.07
C HIS O 595 -62.22 -16.02 16.39
N VAL O 596 -60.99 -16.37 16.78
CA VAL O 596 -60.36 -17.60 16.32
C VAL O 596 -61.03 -18.75 17.06
N ASP O 597 -61.90 -19.48 16.36
CA ASP O 597 -62.58 -20.60 16.98
C ASP O 597 -61.59 -21.72 17.20
N PHE O 598 -60.66 -21.51 18.13
CA PHE O 598 -59.64 -22.50 18.41
C PHE O 598 -60.23 -23.90 18.49
N ASP O 599 -61.46 -24.00 19.00
CA ASP O 599 -62.12 -25.29 19.13
C ASP O 599 -62.16 -26.03 17.80
N SER O 600 -62.64 -25.38 16.76
CA SER O 600 -62.82 -26.05 15.49
C SER O 600 -61.49 -26.40 14.86
N VAL O 601 -60.51 -25.50 14.99
CA VAL O 601 -59.19 -25.74 14.43
C VAL O 601 -58.56 -26.96 15.06
N ILE O 602 -58.43 -26.94 16.39
CA ILE O 602 -57.85 -28.07 17.08
C ILE O 602 -58.65 -29.34 16.83
N ASP O 603 -59.98 -29.21 16.74
CA ASP O 603 -60.80 -30.39 16.49
C ASP O 603 -60.39 -31.06 15.19
N ARG O 604 -60.39 -30.28 14.11
CA ARG O 604 -59.92 -30.81 12.83
C ARG O 604 -58.48 -31.32 12.96
N TRP O 605 -57.72 -30.74 13.89
CA TRP O 605 -56.33 -31.11 14.11
C TRP O 605 -56.30 -32.44 14.85
N ARG O 606 -56.45 -33.51 14.07
CA ARG O 606 -56.40 -34.84 14.65
C ARG O 606 -54.97 -35.24 14.98
N GLY O 607 -54.12 -35.30 13.96
CA GLY O 607 -52.74 -35.69 14.15
C GLY O 607 -52.60 -36.97 14.94
N LYS O 608 -53.51 -37.91 14.70
CA LYS O 608 -53.50 -39.18 15.41
C LYS O 608 -53.05 -40.31 14.49
N MET P 1 -40.99 20.66 -6.88
CA MET P 1 -41.93 21.56 -7.50
C MET P 1 -41.94 22.91 -6.80
N PRO P 2 -42.01 22.92 -5.47
CA PRO P 2 -42.00 24.19 -4.75
C PRO P 2 -40.75 24.98 -5.01
N ASP P 3 -40.83 26.28 -4.81
CA ASP P 3 -39.64 27.12 -4.88
C ASP P 3 -38.66 26.60 -3.85
N LEU P 4 -37.57 26.00 -4.32
CA LEU P 4 -36.64 25.35 -3.43
C LEU P 4 -35.95 26.36 -2.52
N GLY P 5 -35.47 27.44 -3.09
CA GLY P 5 -34.76 28.46 -2.37
C GLY P 5 -33.49 28.83 -3.05
N THR P 6 -32.71 29.66 -2.38
CA THR P 6 -31.46 30.09 -2.94
C THR P 6 -30.48 28.93 -3.03
N PRO P 7 -29.57 28.95 -3.98
CA PRO P 7 -28.65 27.85 -4.17
C PRO P 7 -27.49 27.90 -3.20
N ILE P 8 -26.67 26.87 -3.25
CA ILE P 8 -25.56 26.71 -2.31
C ILE P 8 -24.28 26.37 -3.03
N GLY P 9 -24.22 26.61 -4.33
CA GLY P 9 -22.98 26.44 -5.03
C GLY P 9 -23.18 26.04 -6.47
N SER P 10 -22.17 25.34 -6.98
CA SER P 10 -22.10 24.97 -8.38
C SER P 10 -21.13 23.81 -8.52
N VAL P 11 -21.31 23.06 -9.59
CA VAL P 11 -20.51 21.88 -9.85
C VAL P 11 -19.18 22.28 -10.47
N THR P 12 -18.17 21.44 -10.25
CA THR P 12 -16.85 21.65 -10.82
C THR P 12 -16.22 20.35 -11.28
N ASP P 13 -16.99 19.27 -11.32
CA ASP P 13 -16.58 17.99 -11.84
C ASP P 13 -17.85 17.16 -11.99
N SER P 14 -17.77 16.13 -12.83
CA SER P 14 -18.96 15.34 -13.07
C SER P 14 -18.56 13.94 -13.53
N SER P 15 -19.42 13.01 -13.24
CA SER P 15 -19.32 11.63 -13.65
C SER P 15 -20.53 10.87 -13.15
N PRO P 16 -20.81 9.71 -13.71
CA PRO P 16 -21.96 8.93 -13.24
C PRO P 16 -21.81 8.44 -11.83
N SER P 17 -20.58 8.17 -11.41
CA SER P 17 -20.33 7.63 -10.08
C SER P 17 -20.11 8.73 -9.05
N LEU P 18 -19.55 9.87 -9.45
CA LEU P 18 -19.13 10.89 -8.50
C LEU P 18 -19.51 12.28 -9.01
N ILE P 19 -19.79 13.16 -8.05
CA ILE P 19 -20.05 14.56 -8.29
C ILE P 19 -19.35 15.36 -7.20
N ARG P 20 -18.98 16.59 -7.52
CA ARG P 20 -18.16 17.41 -6.64
C ARG P 20 -18.65 18.85 -6.68
N ILE P 21 -19.32 19.27 -5.62
CA ILE P 21 -19.80 20.64 -5.49
C ILE P 21 -18.78 21.45 -4.70
N GLU P 22 -18.81 22.76 -4.94
CA GLU P 22 -17.83 23.69 -4.39
C GLU P 22 -18.53 24.95 -3.91
N ILE P 23 -18.24 25.34 -2.68
CA ILE P 23 -18.72 26.57 -2.12
C ILE P 23 -17.55 27.50 -1.85
N SER P 24 -17.85 28.81 -1.90
CA SER P 24 -16.84 29.84 -1.85
C SER P 24 -17.18 30.96 -0.87
N SER P 25 -18.28 30.87 -0.15
CA SER P 25 -18.62 31.82 0.91
C SER P 25 -18.89 31.07 2.20
N ALA P 26 -18.51 31.69 3.31
CA ALA P 26 -18.57 31.00 4.60
C ALA P 26 -19.94 31.16 5.24
N GLU P 27 -20.59 32.29 5.01
CA GLU P 27 -21.90 32.53 5.60
C GLU P 27 -22.87 31.41 5.25
N ASP P 28 -22.84 30.96 3.99
CA ASP P 28 -23.79 29.95 3.56
C ASP P 28 -23.52 28.62 4.26
N PHE P 29 -22.24 28.27 4.40
CA PHE P 29 -21.91 27.02 5.07
C PHE P 29 -22.32 27.08 6.53
N GLU P 30 -22.14 28.23 7.17
CA GLU P 30 -22.57 28.34 8.56
C GLU P 30 -24.09 28.28 8.66
N LYS P 31 -24.78 28.75 7.63
CA LYS P 31 -26.23 28.77 7.65
C LYS P 31 -26.81 27.38 7.42
N TYR P 32 -26.11 26.54 6.67
CA TYR P 32 -26.65 25.25 6.26
C TYR P 32 -25.80 24.08 6.75
N LYS P 33 -25.01 24.31 7.77
CA LYS P 33 -24.18 23.26 8.34
C LYS P 33 -24.98 22.08 8.85
N SER P 34 -26.22 22.31 9.29
CA SER P 34 -26.96 21.25 9.95
C SER P 34 -27.36 20.14 8.99
N MET P 35 -27.82 20.50 7.80
CA MET P 35 -28.36 19.52 6.87
C MET P 35 -27.31 18.87 5.99
N LEU P 36 -26.14 19.49 5.81
CA LEU P 36 -25.16 19.02 4.85
C LEU P 36 -24.24 17.96 5.41
N GLY P 37 -24.69 17.23 6.40
CA GLY P 37 -23.90 16.16 6.93
C GLY P 37 -24.09 14.87 6.18
N VAL P 38 -23.25 13.89 6.51
CA VAL P 38 -23.25 12.64 5.78
C VAL P 38 -24.57 11.94 5.95
N GLY P 39 -25.02 11.30 4.87
CA GLY P 39 -26.24 10.56 4.83
C GLY P 39 -27.41 11.33 4.27
N GLN P 40 -27.42 12.64 4.43
CA GLN P 40 -28.53 13.45 3.95
C GLN P 40 -28.44 13.58 2.44
N TYR P 41 -29.29 14.41 1.88
CA TYR P 41 -29.59 14.36 0.46
C TYR P 41 -29.57 15.76 -0.14
N LEU P 42 -29.14 15.85 -1.38
CA LEU P 42 -29.07 17.11 -2.10
C LEU P 42 -29.67 16.96 -3.49
N LEU P 43 -30.07 18.09 -4.05
CA LEU P 43 -30.67 18.14 -5.36
C LEU P 43 -29.78 18.91 -6.32
N VAL P 44 -29.73 18.44 -7.56
CA VAL P 44 -28.94 19.05 -8.61
C VAL P 44 -29.77 19.14 -9.88
N ALA P 45 -29.46 20.13 -10.71
CA ALA P 45 -30.21 20.38 -11.92
C ALA P 45 -29.51 19.79 -13.13
N SER P 46 -30.29 19.15 -13.98
CA SER P 46 -29.81 18.60 -15.25
C SER P 46 -30.98 18.78 -16.20
N GLY P 47 -30.98 19.89 -16.89
CA GLY P 47 -32.06 20.26 -17.77
C GLY P 47 -32.87 21.39 -17.17
N ASN P 48 -33.83 21.84 -17.97
CA ASN P 48 -34.69 22.93 -17.54
C ASN P 48 -35.63 22.45 -16.45
N ASN P 49 -36.35 21.36 -16.70
CA ASN P 49 -37.35 20.83 -15.77
C ASN P 49 -37.02 19.38 -15.48
N LEU P 50 -36.08 19.18 -14.56
CA LEU P 50 -35.78 17.90 -13.94
C LEU P 50 -34.85 18.18 -12.78
N TYR P 51 -34.66 17.15 -11.96
CA TYR P 51 -33.74 17.24 -10.85
C TYR P 51 -33.18 15.87 -10.55
N LEU P 52 -32.06 15.85 -9.84
CA LEU P 52 -31.34 14.64 -9.52
C LEU P 52 -31.06 14.63 -8.02
N LEU P 53 -31.31 13.48 -7.40
CA LEU P 53 -31.07 13.31 -5.97
C LEU P 53 -29.79 12.55 -5.76
N ALA P 54 -28.89 13.15 -4.97
CA ALA P 54 -27.60 12.57 -4.66
C ALA P 54 -27.38 12.54 -3.17
N SER P 55 -26.48 11.66 -2.76
CA SER P 55 -26.15 11.41 -1.36
C SER P 55 -24.72 11.83 -1.09
N ILE P 56 -24.49 12.38 0.09
CA ILE P 56 -23.18 12.88 0.46
C ILE P 56 -22.31 11.73 0.94
N THR P 57 -21.03 11.80 0.58
CA THR P 57 -20.04 10.82 0.97
C THR P 57 -18.74 11.51 1.31
N GLY P 58 -18.82 12.73 1.79
CA GLY P 58 -17.62 13.45 2.17
C GLY P 58 -17.67 14.95 2.05
N VAL P 59 -17.13 15.60 3.07
CA VAL P 59 -16.99 17.05 3.13
C VAL P 59 -15.52 17.39 3.25
N ARG P 60 -15.21 18.66 3.05
CA ARG P 60 -13.85 19.13 3.27
C ARG P 60 -13.81 20.65 3.18
N ALA P 61 -12.85 21.24 3.90
CA ALA P 61 -12.78 22.68 4.08
C ALA P 61 -11.32 23.10 4.21
N THR P 62 -10.84 23.89 3.27
CA THR P 62 -9.46 24.33 3.26
C THR P 62 -9.35 25.85 3.19
N HIS P 63 -8.20 26.35 3.66
CA HIS P 63 -7.87 27.77 3.68
C HIS P 63 -6.49 27.97 3.08
N VAL P 64 -6.38 28.93 2.17
CA VAL P 64 -5.13 29.22 1.51
C VAL P 64 -4.19 29.99 2.41
N ASN P 87 -8.44 32.81 -0.08
CA ASN P 87 -9.72 32.76 0.58
C ASN P 87 -10.11 31.30 0.79
N PHE P 88 -11.33 31.05 1.24
CA PHE P 88 -11.70 29.72 1.67
C PHE P 88 -12.13 28.86 0.49
N ARG P 89 -12.19 27.55 0.74
CA ARG P 89 -12.67 26.60 -0.25
C ARG P 89 -13.40 25.49 0.46
N PHE P 90 -14.65 25.23 0.05
CA PHE P 90 -15.45 24.17 0.63
C PHE P 90 -15.81 23.17 -0.46
N GLN P 91 -15.58 21.89 -0.20
CA GLN P 91 -15.86 20.83 -1.15
C GLN P 91 -16.81 19.81 -0.55
N ILE P 92 -17.71 19.31 -1.40
CA ILE P 92 -18.69 18.32 -1.02
C ILE P 92 -18.76 17.27 -2.12
N ASP P 93 -18.39 16.05 -1.80
CA ASP P 93 -18.53 14.95 -2.74
C ASP P 93 -19.93 14.37 -2.65
N THR P 94 -20.34 13.70 -3.72
CA THR P 94 -21.70 13.17 -3.80
C THR P 94 -21.73 12.00 -4.77
N GLN P 95 -22.74 11.18 -4.59
CA GLN P 95 -22.97 10.00 -5.43
C GLN P 95 -24.44 9.94 -5.81
N PRO P 96 -24.76 9.85 -7.09
CA PRO P 96 -26.14 9.98 -7.51
C PRO P 96 -26.94 8.75 -7.20
N ILE P 97 -28.23 8.96 -6.95
CA ILE P 97 -29.17 7.90 -6.64
C ILE P 97 -30.39 7.95 -7.55
N GLY P 98 -31.02 9.11 -7.65
CA GLY P 98 -32.32 9.12 -8.32
C GLY P 98 -32.58 10.33 -9.18
N THR P 99 -33.71 10.27 -9.88
CA THR P 99 -34.13 11.29 -10.84
C THR P 99 -35.55 11.72 -10.49
N LEU P 100 -35.69 12.96 -10.07
CA LEU P 100 -36.98 13.51 -9.65
C LEU P 100 -37.51 14.39 -10.76
N SER P 101 -38.67 14.02 -11.29
CA SER P 101 -39.31 14.80 -12.33
C SER P 101 -40.04 15.99 -11.74
N GLU P 102 -40.69 16.74 -12.62
CA GLU P 102 -41.42 17.91 -12.18
C GLU P 102 -42.82 17.55 -11.72
N ASP P 103 -43.42 16.53 -12.33
CA ASP P 103 -44.74 16.10 -11.91
C ASP P 103 -44.72 15.60 -10.47
N GLY P 104 -43.62 14.95 -10.07
CA GLY P 104 -43.41 14.60 -8.69
C GLY P 104 -43.16 13.14 -8.43
N GLU P 105 -42.66 12.43 -9.43
CA GLU P 105 -42.37 11.02 -9.27
C GLU P 105 -40.94 10.83 -8.80
N PHE P 106 -40.51 9.58 -8.63
CA PHE P 106 -39.15 9.28 -8.24
C PHE P 106 -38.74 7.99 -8.93
N SER P 107 -38.12 8.13 -10.09
CA SER P 107 -37.66 7.00 -10.86
C SER P 107 -36.21 6.71 -10.49
N ARG P 108 -35.99 5.61 -9.79
CA ARG P 108 -34.65 5.25 -9.38
C ARG P 108 -33.77 5.04 -10.61
N GLY P 109 -32.51 5.39 -10.48
CA GLY P 109 -31.58 5.28 -11.58
C GLY P 109 -31.51 6.51 -12.44
N SER P 110 -30.29 6.99 -12.68
CA SER P 110 -30.06 8.24 -13.39
C SER P 110 -29.07 7.99 -14.51
N HIS P 111 -29.57 7.89 -15.73
CA HIS P 111 -28.73 7.71 -16.91
C HIS P 111 -28.29 9.03 -17.51
N SER P 112 -28.61 10.14 -16.85
CA SER P 112 -28.23 11.46 -17.35
C SER P 112 -26.83 11.81 -16.85
N LEU P 113 -26.45 13.05 -17.03
CA LEU P 113 -25.19 13.57 -16.54
C LEU P 113 -25.28 15.09 -16.45
N PRO P 114 -25.07 15.66 -15.27
CA PRO P 114 -25.16 17.12 -15.15
C PRO P 114 -23.92 17.79 -15.69
N VAL P 115 -24.14 18.96 -16.27
CA VAL P 115 -23.06 19.75 -16.84
C VAL P 115 -22.59 20.78 -15.82
N PRO P 116 -21.33 21.17 -15.86
CA PRO P 116 -20.84 22.21 -14.95
C PRO P 116 -21.52 23.54 -15.17
N THR P 117 -21.11 24.51 -14.37
CA THR P 117 -21.71 25.83 -14.32
C THR P 117 -23.16 25.78 -13.90
N GLU P 118 -23.59 24.65 -13.34
CA GLU P 118 -24.98 24.42 -13.02
C GLU P 118 -25.16 24.33 -11.52
N TYR P 119 -26.38 24.55 -11.08
CA TYR P 119 -26.67 24.90 -9.70
C TYR P 119 -27.05 23.68 -8.87
N ALA P 120 -27.06 23.88 -7.56
CA ALA P 120 -27.44 22.87 -6.59
C ALA P 120 -28.39 23.47 -5.57
N TYR P 121 -29.02 22.58 -4.80
CA TYR P 121 -29.99 23.02 -3.81
C TYR P 121 -30.10 21.98 -2.69
N VAL P 122 -30.58 22.45 -1.56
CA VAL P 122 -30.79 21.66 -0.36
C VAL P 122 -32.16 21.00 -0.42
N THR P 123 -32.31 19.92 0.32
CA THR P 123 -33.54 19.14 0.31
C THR P 123 -34.56 19.71 1.28
N PRO P 124 -35.67 20.26 0.79
CA PRO P 124 -36.69 20.72 1.71
C PRO P 124 -37.50 19.56 2.24
N PRO P 125 -38.14 19.73 3.40
CA PRO P 125 -38.88 18.60 3.98
C PRO P 125 -40.14 18.26 3.24
N ALA P 126 -40.95 19.26 2.88
CA ALA P 126 -42.23 18.98 2.27
C ALA P 126 -42.07 18.20 0.99
N VAL P 127 -40.97 18.41 0.27
CA VAL P 127 -40.69 17.61 -0.90
C VAL P 127 -40.67 16.14 -0.55
N LEU P 128 -39.89 15.79 0.47
CA LEU P 128 -39.81 14.41 0.90
C LEU P 128 -41.15 13.94 1.44
N GLU P 129 -41.93 14.85 2.01
CA GLU P 129 -43.21 14.46 2.55
C GLU P 129 -44.14 14.01 1.43
N GLY P 130 -44.17 14.76 0.34
CA GLY P 130 -44.98 14.35 -0.79
C GLY P 130 -44.47 13.08 -1.41
N ILE P 131 -43.16 13.00 -1.62
CA ILE P 131 -42.54 11.80 -2.17
C ILE P 131 -42.94 10.60 -1.35
N PHE P 132 -43.04 10.76 -0.04
CA PHE P 132 -43.34 9.65 0.84
C PHE P 132 -44.83 9.40 0.93
N SER P 133 -45.66 10.40 0.61
CA SER P 133 -47.10 10.22 0.68
C SER P 133 -47.64 9.55 -0.58
N HIS P 134 -47.47 10.22 -1.72
CA HIS P 134 -48.12 9.75 -2.93
C HIS P 134 -47.77 8.31 -3.24
N GLN P 135 -46.48 8.00 -3.33
CA GLN P 135 -46.06 6.71 -3.85
C GLN P 135 -46.30 5.58 -2.84
N ILE P 136 -45.90 5.79 -1.59
CA ILE P 136 -46.02 4.73 -0.60
C ILE P 136 -47.47 4.31 -0.49
N LYS P 137 -47.72 3.01 -0.66
CA LYS P 137 -49.08 2.51 -0.70
C LYS P 137 -49.76 2.63 0.66
N SER P 138 -49.23 1.91 1.65
CA SER P 138 -49.83 1.88 2.97
C SER P 138 -48.77 2.30 3.98
N PRO P 139 -49.10 3.21 4.88
CA PRO P 139 -48.07 3.79 5.73
C PRO P 139 -47.90 3.14 7.10
N PHE P 140 -46.68 3.23 7.60
CA PHE P 140 -46.36 2.93 9.00
C PHE P 140 -45.30 3.92 9.40
N ALA P 141 -45.52 4.60 10.52
CA ALA P 141 -44.63 5.66 10.96
C ALA P 141 -43.47 5.08 11.74
N LEU P 142 -42.27 5.58 11.46
CA LEU P 142 -41.08 5.08 12.15
C LEU P 142 -40.02 6.19 12.14
N GLY P 143 -39.95 6.91 13.24
CA GLY P 143 -38.86 7.82 13.47
C GLY P 143 -39.14 9.23 13.01
N THR P 144 -38.08 10.03 13.07
CA THR P 144 -38.14 11.43 12.71
C THR P 144 -36.82 11.83 12.09
N LEU P 145 -36.89 12.63 11.03
CA LEU P 145 -35.70 13.18 10.41
C LEU P 145 -35.21 14.38 11.19
N GLY P 146 -33.88 14.57 11.17
CA GLY P 146 -33.29 15.58 12.04
C GLY P 146 -33.65 17.01 11.63
N ILE P 147 -33.69 17.26 10.33
CA ILE P 147 -33.89 18.64 9.85
C ILE P 147 -35.19 19.21 10.39
N SER P 148 -36.26 18.42 10.36
CA SER P 148 -37.57 18.85 10.82
C SER P 148 -38.06 17.89 11.89
N PRO P 149 -37.73 18.12 13.16
CA PRO P 149 -38.13 17.17 14.21
C PRO P 149 -39.61 16.84 14.23
N ASP P 150 -40.44 17.64 13.53
CA ASP P 150 -41.87 17.36 13.49
C ASP P 150 -42.19 16.35 12.39
N ILE P 151 -41.48 16.41 11.26
CA ILE P 151 -41.79 15.54 10.15
C ILE P 151 -41.50 14.09 10.53
N LYS P 152 -42.16 13.17 9.85
CA LYS P 152 -42.13 11.77 10.20
C LYS P 152 -41.87 10.92 8.97
N LEU P 153 -40.99 9.95 9.12
CA LEU P 153 -40.70 8.99 8.07
C LEU P 153 -41.69 7.85 8.10
N LYS P 154 -41.91 7.27 6.93
CA LYS P 154 -42.92 6.26 6.75
C LYS P 154 -42.39 5.12 5.90
N ILE P 155 -43.04 3.96 6.03
CA ILE P 155 -42.62 2.75 5.35
C ILE P 155 -43.84 1.89 5.05
N ASP P 156 -43.65 0.93 4.15
CA ASP P 156 -44.74 0.09 3.67
C ASP P 156 -44.89 -1.11 4.58
N GLY P 157 -45.64 -0.93 5.66
CA GLY P 157 -45.75 -1.98 6.66
C GLY P 157 -46.13 -3.32 6.05
N ASP P 158 -46.87 -3.28 4.94
CA ASP P 158 -47.28 -4.52 4.29
C ASP P 158 -46.10 -5.30 3.78
N ARG P 159 -44.94 -4.67 3.66
CA ARG P 159 -43.72 -5.36 3.32
C ARG P 159 -42.87 -5.63 4.55
N PHE P 160 -42.90 -4.71 5.51
CA PHE P 160 -42.10 -4.83 6.71
C PHE P 160 -42.52 -6.05 7.51
N PHE P 161 -43.77 -6.06 7.96
CA PHE P 161 -44.23 -7.10 8.85
C PHE P 161 -44.58 -8.39 8.14
N SER P 162 -44.67 -8.38 6.80
CA SER P 162 -45.03 -9.59 6.08
C SER P 162 -43.83 -10.52 5.97
N LYS P 163 -42.68 -9.97 5.64
CA LYS P 163 -41.43 -10.69 5.64
C LYS P 163 -40.67 -10.40 6.93
N HIS P 164 -39.72 -11.27 7.23
CA HIS P 164 -39.03 -11.20 8.51
C HIS P 164 -38.23 -9.92 8.63
N VAL P 165 -37.68 -9.72 9.83
CA VAL P 165 -37.02 -8.48 10.21
C VAL P 165 -35.82 -8.80 11.08
N ALA P 166 -34.97 -7.79 11.27
CA ALA P 166 -33.75 -7.95 12.05
C ALA P 166 -33.31 -6.62 12.61
N VAL P 167 -32.76 -6.64 13.81
CA VAL P 167 -32.22 -5.47 14.48
C VAL P 167 -30.90 -5.85 15.11
N VAL P 168 -29.86 -5.10 14.82
CA VAL P 168 -28.52 -5.36 15.30
C VAL P 168 -27.95 -4.08 15.90
N GLY P 169 -27.27 -4.23 17.03
CA GLY P 169 -26.68 -3.09 17.70
C GLY P 169 -25.62 -3.54 18.68
N SER P 170 -25.00 -2.57 19.32
CA SER P 170 -23.97 -2.81 20.32
C SER P 170 -24.45 -2.34 21.68
N THR P 171 -23.74 -2.77 22.71
CA THR P 171 -24.13 -2.46 24.07
C THR P 171 -24.13 -0.95 24.30
N GLY P 172 -25.24 -0.45 24.81
CA GLY P 172 -25.38 0.97 25.08
C GLY P 172 -26.00 1.77 23.96
N SER P 173 -26.55 1.10 22.94
CA SER P 173 -27.11 1.78 21.79
C SER P 173 -28.62 1.87 21.84
N GLY P 174 -29.25 1.11 22.73
CA GLY P 174 -30.67 1.23 22.96
C GLY P 174 -31.54 0.46 22.00
N LYS P 175 -31.22 -0.81 21.82
CA LYS P 175 -32.06 -1.68 21.01
C LYS P 175 -33.41 -1.87 21.67
N SER P 176 -33.41 -2.05 22.98
CA SER P 176 -34.63 -2.39 23.70
C SER P 176 -35.68 -1.32 23.51
N CYS P 177 -35.29 -0.07 23.68
CA CYS P 177 -36.23 1.03 23.52
C CYS P 177 -36.76 1.06 22.09
N ALA P 178 -35.93 0.70 21.13
CA ALA P 178 -36.35 0.72 19.74
C ALA P 178 -37.44 -0.31 19.49
N VAL P 179 -37.21 -1.53 19.95
CA VAL P 179 -38.21 -2.57 19.80
C VAL P 179 -39.51 -2.14 20.46
N ALA P 180 -39.39 -1.57 21.66
CA ALA P 180 -40.58 -1.14 22.37
C ALA P 180 -41.33 -0.09 21.57
N LYS P 181 -40.61 0.80 20.92
CA LYS P 181 -41.26 1.89 20.21
C LYS P 181 -41.98 1.36 18.98
N ILE P 182 -41.33 0.48 18.24
CA ILE P 182 -41.99 -0.09 17.07
C ILE P 182 -43.26 -0.81 17.46
N LEU P 183 -43.15 -1.73 18.41
CA LEU P 183 -44.31 -2.51 18.80
C LEU P 183 -45.41 -1.62 19.35
N GLN P 184 -45.04 -0.56 20.05
CA GLN P 184 -46.03 0.37 20.56
C GLN P 184 -46.79 1.02 19.42
N THR P 185 -46.05 1.58 18.46
CA THR P 185 -46.70 2.20 17.32
C THR P 185 -47.61 1.21 16.62
N ALA P 186 -47.29 -0.07 16.69
CA ALA P 186 -48.12 -1.05 16.05
C ALA P 186 -49.42 -1.25 16.80
N VAL P 187 -49.34 -1.47 18.11
CA VAL P 187 -50.53 -1.85 18.85
C VAL P 187 -51.47 -0.66 19.00
N GLY P 188 -50.92 0.54 19.09
CA GLY P 188 -51.75 1.73 19.13
C GLY P 188 -51.31 2.79 20.11
N ILE P 189 -50.48 2.42 21.08
CA ILE P 189 -50.15 3.34 22.14
C ILE P 189 -49.29 4.47 21.59
N GLU P 190 -49.63 5.70 21.98
CA GLU P 190 -48.89 6.89 21.58
C GLU P 190 -48.98 7.92 22.69
N SER P 191 -47.84 8.26 23.28
CA SER P 191 -47.76 9.29 24.32
C SER P 191 -48.66 8.94 25.51
N LYS P 192 -48.44 7.74 26.06
CA LYS P 192 -49.18 7.27 27.24
C LYS P 192 -50.69 7.41 27.03
N ALA P 193 -51.14 7.19 25.80
CA ALA P 193 -52.55 7.29 25.47
C ALA P 193 -52.94 6.15 24.55
N ASN P 194 -54.19 5.72 24.66
CA ASN P 194 -54.73 4.66 23.83
C ASN P 194 -55.32 5.26 22.56
N ALA P 195 -54.93 4.70 21.42
CA ALA P 195 -55.46 5.19 20.15
C ALA P 195 -56.85 4.60 19.87
N HIS P 196 -57.10 3.40 20.37
CA HIS P 196 -58.35 2.68 20.10
C HIS P 196 -58.84 2.02 21.38
N LYS P 197 -59.68 2.72 22.14
CA LYS P 197 -60.32 2.12 23.30
C LYS P 197 -61.70 1.57 22.98
N ALA P 198 -62.48 2.30 22.16
CA ALA P 198 -63.82 1.85 21.84
C ALA P 198 -63.78 0.53 21.07
N ALA P 199 -62.85 0.40 20.14
CA ALA P 199 -62.69 -0.80 19.32
C ALA P 199 -61.33 -1.42 19.59
N GLN P 200 -61.28 -2.75 19.56
CA GLN P 200 -60.05 -3.49 19.81
C GLN P 200 -59.35 -3.81 18.50
N LYS P 201 -58.05 -3.57 18.45
CA LYS P 201 -57.25 -3.81 17.26
C LYS P 201 -56.81 -5.27 17.19
N ASN P 202 -56.50 -5.73 15.98
CA ASN P 202 -56.17 -7.12 15.73
C ASN P 202 -54.69 -7.41 15.83
N SER P 203 -53.95 -6.64 16.63
CA SER P 203 -52.52 -6.84 16.73
C SER P 203 -52.23 -8.09 17.53
N HIS P 204 -51.35 -8.94 16.99
CA HIS P 204 -50.87 -10.11 17.70
C HIS P 204 -49.36 -10.09 17.79
N ILE P 205 -48.85 -10.55 18.92
CA ILE P 205 -47.42 -10.51 19.23
C ILE P 205 -47.13 -11.60 20.22
N VAL P 206 -45.89 -12.08 20.22
CA VAL P 206 -45.39 -12.96 21.25
C VAL P 206 -43.92 -12.62 21.48
N ILE P 207 -43.60 -12.19 22.69
CA ILE P 207 -42.28 -11.68 23.02
C ILE P 207 -41.56 -12.68 23.90
N PHE P 208 -40.29 -12.92 23.61
CA PHE P 208 -39.41 -13.68 24.48
C PHE P 208 -38.52 -12.71 25.24
N ASP P 209 -38.67 -12.66 26.55
CA ASP P 209 -37.90 -11.78 27.41
C ASP P 209 -37.03 -12.62 28.33
N ILE P 210 -35.74 -12.33 28.33
CA ILE P 210 -34.82 -13.01 29.24
C ILE P 210 -34.52 -12.17 30.47
N HIS P 211 -34.44 -10.85 30.31
CA HIS P 211 -34.05 -9.96 31.37
C HIS P 211 -35.22 -9.21 32.01
N ALA P 212 -36.45 -9.58 31.66
CA ALA P 212 -37.63 -9.00 32.28
C ALA P 212 -37.67 -7.49 32.08
N GLU P 213 -37.58 -7.05 30.83
CA GLU P 213 -37.53 -5.64 30.50
C GLU P 213 -38.85 -5.11 29.96
N TYR P 214 -39.35 -5.71 28.89
CA TYR P 214 -40.44 -5.12 28.13
C TYR P 214 -41.78 -5.21 28.83
N ALA P 215 -41.81 -5.70 30.06
CA ALA P 215 -43.08 -5.89 30.73
C ALA P 215 -43.69 -4.58 31.20
N ALA P 216 -42.90 -3.53 31.29
CA ALA P 216 -43.36 -2.28 31.87
C ALA P 216 -43.90 -1.32 30.84
N ALA P 217 -43.22 -1.22 29.69
CA ALA P 217 -43.55 -0.16 28.73
C ALA P 217 -45.01 -0.21 28.32
N PHE P 218 -45.67 -1.34 28.50
CA PHE P 218 -47.03 -1.53 28.03
C PHE P 218 -48.07 -1.39 29.14
N ASN P 219 -47.66 -1.04 30.36
CA ASN P 219 -48.56 -1.03 31.51
C ASN P 219 -49.16 0.35 31.68
N LEU P 220 -50.33 0.55 31.10
CA LEU P 220 -51.09 1.77 31.31
C LEU P 220 -51.91 1.63 32.58
N GLU P 221 -52.26 2.77 33.17
CA GLU P 221 -52.83 2.81 34.51
C GLU P 221 -54.28 3.31 34.47
N ALA P 222 -55.20 2.38 34.22
CA ALA P 222 -56.60 2.55 34.60
C ALA P 222 -57.33 3.61 33.79
N GLY P 223 -56.60 4.40 33.01
CA GLY P 223 -57.22 5.45 32.21
C GLY P 223 -57.39 5.01 30.78
N GLU P 224 -56.39 4.31 30.25
CA GLU P 224 -56.47 3.80 28.90
C GLU P 224 -57.20 2.46 28.86
N ALA P 225 -57.23 1.74 29.98
CA ALA P 225 -57.95 0.47 30.07
C ALA P 225 -57.50 -0.52 28.99
N PHE P 226 -56.19 -0.65 28.84
CA PHE P 226 -55.59 -1.54 27.85
C PHE P 226 -54.88 -2.67 28.59
N THR P 227 -55.41 -3.89 28.46
CA THR P 227 -54.95 -5.04 29.22
C THR P 227 -53.88 -5.82 28.45
N LEU P 228 -53.21 -6.71 29.17
CA LEU P 228 -52.16 -7.53 28.59
C LEU P 228 -51.88 -8.73 29.48
N ASN P 229 -51.36 -9.78 28.86
CA ASN P 229 -51.24 -11.10 29.47
C ASN P 229 -49.77 -11.39 29.76
N LEU P 230 -49.39 -11.28 31.02
CA LEU P 230 -48.10 -11.76 31.44
C LEU P 230 -48.11 -13.26 31.63
N LEU P 231 -46.94 -13.81 31.87
CA LEU P 231 -46.77 -15.21 32.22
C LEU P 231 -45.41 -15.33 32.91
N GLY P 232 -45.07 -16.55 33.32
CA GLY P 232 -43.80 -16.77 33.96
C GLY P 232 -43.76 -18.10 34.67
N VAL P 233 -42.73 -18.23 35.52
CA VAL P 233 -42.50 -19.45 36.26
C VAL P 233 -43.57 -19.69 37.31
N ASP P 234 -44.48 -18.75 37.48
CA ASP P 234 -45.51 -18.88 38.50
C ASP P 234 -46.80 -19.47 37.93
N ASN P 235 -47.31 -18.88 36.86
CA ASN P 235 -48.62 -19.23 36.34
C ASN P 235 -48.59 -19.97 35.01
N LEU P 236 -47.42 -20.25 34.47
CA LEU P 236 -47.36 -20.90 33.17
C LEU P 236 -47.69 -22.38 33.29
N ARG P 237 -48.41 -22.88 32.29
CA ARG P 237 -48.82 -24.27 32.20
C ARG P 237 -48.34 -24.84 30.88
N LEU P 238 -47.61 -25.95 30.95
CA LEU P 238 -46.97 -26.50 29.77
C LEU P 238 -46.58 -27.96 30.00
N PRO P 239 -47.52 -28.86 29.96
CA PRO P 239 -47.25 -30.24 30.37
C PRO P 239 -46.20 -30.96 29.54
N TYR P 240 -45.89 -32.18 29.94
CA TYR P 240 -44.86 -32.99 29.31
C TYR P 240 -45.39 -33.90 28.23
N TRP P 241 -46.70 -34.15 28.16
CA TRP P 241 -47.23 -35.02 27.13
C TRP P 241 -47.47 -34.29 25.84
N LEU P 242 -46.78 -33.18 25.64
CA LEU P 242 -46.79 -32.46 24.39
C LEU P 242 -45.44 -32.52 23.69
N MET P 243 -44.50 -33.28 24.22
CA MET P 243 -43.16 -33.31 23.69
C MET P 243 -42.96 -34.41 22.67
N ASN P 244 -41.90 -34.26 21.91
CA ASN P 244 -41.43 -35.23 20.93
C ASN P 244 -40.41 -36.15 21.57
N ALA P 245 -39.70 -36.92 20.74
CA ALA P 245 -38.81 -37.94 21.25
C ALA P 245 -37.55 -37.33 21.83
N GLN P 246 -36.91 -36.45 21.08
CA GLN P 246 -35.63 -35.89 21.50
C GLN P 246 -35.75 -35.20 22.85
N GLU P 247 -36.77 -34.37 23.00
CA GLU P 247 -36.92 -33.63 24.24
C GLU P 247 -37.14 -34.57 25.41
N LEU P 248 -37.86 -35.66 25.20
CA LEU P 248 -38.13 -36.58 26.27
C LEU P 248 -36.93 -37.43 26.62
N GLU P 249 -36.02 -37.62 25.67
CA GLU P 249 -34.79 -38.34 25.95
C GLU P 249 -33.69 -37.43 26.43
N GLN P 250 -33.96 -36.14 26.48
CA GLN P 250 -33.00 -35.17 27.00
C GLN P 250 -33.37 -34.64 28.37
N ILE P 251 -34.66 -34.52 28.66
CA ILE P 251 -35.07 -33.96 29.94
C ILE P 251 -34.81 -34.95 31.05
N PHE P 252 -35.06 -36.23 30.80
CA PHE P 252 -34.99 -37.25 31.83
C PHE P 252 -33.68 -38.03 31.80
N ILE P 253 -33.38 -38.66 30.68
CA ILE P 253 -32.22 -39.53 30.55
C ILE P 253 -31.07 -38.72 29.98
N GLU P 254 -30.10 -38.40 30.83
CA GLU P 254 -28.90 -37.69 30.37
C GLU P 254 -28.12 -38.56 29.40
N SER P 255 -27.23 -37.90 28.64
CA SER P 255 -26.48 -38.58 27.60
C SER P 255 -25.50 -39.59 28.18
N ASN P 256 -25.23 -39.54 29.48
CA ASN P 256 -24.20 -40.38 30.06
C ASN P 256 -24.65 -41.84 30.08
N GLU P 257 -23.71 -42.71 30.46
CA GLU P 257 -23.96 -44.15 30.57
C GLU P 257 -24.43 -44.72 29.22
N HIS P 258 -23.50 -44.70 28.27
CA HIS P 258 -23.77 -45.21 26.94
C HIS P 258 -24.38 -46.61 26.97
N ASN P 259 -24.16 -47.35 28.05
CA ASN P 259 -24.73 -48.69 28.18
C ASN P 259 -26.23 -48.52 28.47
N SER P 260 -26.95 -48.13 27.42
CA SER P 260 -28.35 -47.72 27.55
C SER P 260 -29.25 -48.52 26.64
N HIS P 261 -28.70 -49.52 25.94
CA HIS P 261 -29.50 -50.35 25.04
C HIS P 261 -30.78 -50.80 25.72
N ASN P 262 -30.65 -51.40 26.90
CA ASN P 262 -31.81 -51.90 27.60
C ASN P 262 -32.68 -50.75 28.10
N GLN P 263 -32.05 -49.72 28.66
CA GLN P 263 -32.78 -48.66 29.31
C GLN P 263 -33.75 -48.00 28.35
N ILE P 264 -33.24 -47.52 27.22
CA ILE P 264 -34.08 -46.74 26.33
C ILE P 264 -35.20 -47.60 25.77
N SER P 265 -34.86 -48.82 25.39
CA SER P 265 -35.86 -49.70 24.79
C SER P 265 -37.01 -49.92 25.75
N GLN P 266 -36.70 -50.32 26.99
CA GLN P 266 -37.77 -50.60 27.92
C GLN P 266 -38.52 -49.35 28.33
N PHE P 267 -37.83 -48.21 28.36
CA PHE P 267 -38.50 -46.94 28.64
C PHE P 267 -39.59 -46.68 27.62
N ARG P 268 -39.23 -46.75 26.34
CA ARG P 268 -40.21 -46.51 25.30
C ARG P 268 -41.34 -47.53 25.39
N HIS P 269 -40.99 -48.79 25.63
CA HIS P 269 -41.99 -49.82 25.72
C HIS P 269 -42.92 -49.60 26.90
N ALA P 270 -42.49 -48.85 27.90
CA ALA P 270 -43.35 -48.56 29.03
C ALA P 270 -44.26 -47.39 28.72
N VAL P 271 -43.70 -46.35 28.12
CA VAL P 271 -44.48 -45.16 27.82
C VAL P 271 -45.62 -45.51 26.88
N VAL P 272 -45.35 -46.40 25.93
CA VAL P 272 -46.37 -46.72 24.94
C VAL P 272 -47.60 -47.30 25.62
N ARG P 273 -47.38 -48.26 26.52
CA ARG P 273 -48.49 -48.93 27.16
C ARG P 273 -49.20 -47.99 28.13
N ASN P 274 -48.43 -47.17 28.86
CA ASN P 274 -49.08 -46.23 29.77
C ASN P 274 -49.96 -45.28 29.00
N LYS P 275 -49.57 -44.95 27.77
CA LYS P 275 -50.39 -44.09 26.95
C LYS P 275 -51.65 -44.82 26.50
N CYS P 276 -51.48 -46.05 26.06
CA CYS P 276 -52.63 -46.80 25.56
C CYS P 276 -53.68 -46.95 26.64
N LYS P 277 -53.24 -47.06 27.89
CA LYS P 277 -54.19 -47.34 28.97
C LYS P 277 -55.14 -46.17 29.21
N HIS P 278 -54.61 -44.97 29.41
CA HIS P 278 -55.41 -43.84 29.84
C HIS P 278 -56.11 -43.14 28.70
N ASN P 279 -55.94 -43.60 27.47
CA ASN P 279 -56.61 -43.02 26.32
C ASN P 279 -56.95 -44.14 25.35
N PRO P 280 -57.99 -44.91 25.65
CA PRO P 280 -58.29 -46.09 24.84
C PRO P 280 -59.08 -45.78 23.60
N THR P 281 -59.95 -44.78 23.66
CA THR P 281 -60.81 -44.46 22.53
C THR P 281 -60.02 -44.36 21.24
N LEU P 282 -58.78 -43.90 21.33
CA LEU P 282 -57.95 -43.72 20.16
C LEU P 282 -57.26 -45.02 19.77
N THR P 283 -56.60 -44.99 18.61
CA THR P 283 -55.94 -46.15 18.06
C THR P 283 -54.64 -45.73 17.41
N ASN P 284 -53.79 -46.71 17.16
CA ASN P 284 -52.50 -46.50 16.51
C ASN P 284 -51.71 -45.41 17.21
N LEU P 285 -51.40 -45.67 18.48
CA LEU P 285 -50.61 -44.75 19.27
C LEU P 285 -49.12 -45.03 19.06
N SER P 286 -48.29 -44.13 19.58
CA SER P 286 -46.87 -44.19 19.36
C SER P 286 -46.14 -43.62 20.56
N PHE P 287 -44.82 -43.51 20.43
CA PHE P 287 -44.00 -42.83 21.42
C PHE P 287 -44.34 -41.36 21.51
N ASP P 288 -44.28 -40.64 20.40
CA ASP P 288 -44.38 -39.20 20.38
C ASP P 288 -45.81 -38.70 20.34
N THR P 289 -46.78 -39.57 20.21
CA THR P 289 -48.16 -39.14 20.10
C THR P 289 -48.57 -38.36 21.35
N PRO P 290 -49.07 -37.15 21.21
CA PRO P 290 -49.47 -36.37 22.38
C PRO P 290 -50.74 -36.85 23.06
N VAL P 291 -50.60 -37.83 23.94
CA VAL P 291 -51.64 -38.16 24.91
C VAL P 291 -51.01 -38.31 26.28
N TYR P 292 -51.87 -38.32 27.29
CA TYR P 292 -51.44 -38.23 28.67
C TYR P 292 -50.72 -39.49 29.13
N PHE P 293 -49.90 -39.34 30.17
CA PHE P 293 -49.28 -40.48 30.83
C PHE P 293 -48.70 -40.05 32.16
N SER P 294 -48.71 -40.98 33.11
CA SER P 294 -48.31 -40.72 34.48
C SER P 294 -46.87 -41.16 34.67
N ILE P 295 -45.96 -40.19 34.78
CA ILE P 295 -44.56 -40.50 34.87
C ILE P 295 -44.27 -41.29 36.12
N ASP P 296 -45.07 -41.07 37.17
CA ASP P 296 -44.90 -41.83 38.40
C ASP P 296 -45.14 -43.30 38.15
N GLU P 297 -46.12 -43.61 37.32
CA GLU P 297 -46.39 -45.00 37.01
C GLU P 297 -45.25 -45.60 36.21
N VAL P 298 -44.63 -44.79 35.36
CA VAL P 298 -43.46 -45.26 34.64
C VAL P 298 -42.37 -45.64 35.62
N VAL P 299 -42.20 -44.82 36.66
CA VAL P 299 -41.19 -45.13 37.66
C VAL P 299 -41.53 -46.43 38.36
N THR P 300 -42.78 -46.58 38.77
CA THR P 300 -43.18 -47.80 39.46
C THR P 300 -42.88 -49.03 38.60
N TYR P 301 -43.16 -48.94 37.32
CA TYR P 301 -42.92 -50.08 36.43
C TYR P 301 -41.44 -50.38 36.33
N LEU P 302 -40.64 -49.35 36.09
CA LEU P 302 -39.20 -49.56 35.98
C LEU P 302 -38.64 -50.18 37.25
N GLU P 303 -39.19 -49.82 38.40
CA GLU P 303 -38.70 -50.39 39.64
C GLU P 303 -39.09 -51.85 39.76
N ASN P 304 -40.36 -52.14 39.51
CA ASN P 304 -40.82 -53.52 39.52
C ASN P 304 -39.93 -54.37 38.64
N MET P 305 -39.41 -53.77 37.57
CA MET P 305 -38.47 -54.48 36.73
C MET P 305 -37.12 -54.61 37.41
N ASN P 306 -36.67 -53.55 38.07
CA ASN P 306 -35.35 -53.56 38.69
C ASN P 306 -35.25 -54.68 39.71
N ASN P 307 -36.36 -55.03 40.35
CA ASN P 307 -36.36 -56.10 41.34
C ASN P 307 -37.08 -57.34 40.85
N GLU P 308 -37.15 -57.53 39.54
CA GLU P 308 -37.86 -58.69 39.01
C GLU P 308 -37.13 -59.97 39.35
N VAL P 309 -37.89 -60.96 39.81
CA VAL P 309 -37.37 -62.29 40.11
C VAL P 309 -38.32 -63.30 39.52
N ILE P 310 -37.81 -64.22 38.73
CA ILE P 310 -38.63 -65.15 37.97
C ILE P 310 -38.45 -66.55 38.54
N GLY P 311 -39.56 -67.18 38.89
CA GLY P 311 -39.50 -68.57 39.32
C GLY P 311 -39.00 -69.45 38.19
N LYS P 312 -38.10 -70.37 38.52
CA LYS P 312 -37.57 -71.31 37.55
C LYS P 312 -38.16 -72.70 37.72
N LEU P 313 -39.13 -72.86 38.61
CA LEU P 313 -39.76 -74.15 38.80
C LEU P 313 -40.49 -74.57 37.53
N ALA P 314 -40.97 -75.81 37.55
CA ALA P 314 -41.55 -76.42 36.37
C ALA P 314 -42.81 -75.70 35.95
N GLY P 315 -42.77 -75.03 34.80
CA GLY P 315 -43.90 -74.26 34.32
C GLY P 315 -43.99 -72.88 34.91
N GLU P 316 -43.00 -72.46 35.70
CA GLU P 316 -43.00 -71.15 36.34
C GLU P 316 -42.10 -70.16 35.61
N GLY P 317 -41.89 -70.34 34.32
CA GLY P 317 -41.03 -69.44 33.57
C GLY P 317 -41.63 -68.08 33.38
N LYS P 318 -42.02 -67.46 34.50
CA LYS P 318 -42.69 -66.17 34.52
C LYS P 318 -42.43 -65.55 35.88
N PRO P 319 -42.79 -64.31 36.10
CA PRO P 319 -42.61 -63.72 37.42
C PRO P 319 -43.75 -64.16 38.32
N LYS P 320 -43.44 -65.05 39.25
CA LYS P 320 -44.45 -65.51 40.19
C LYS P 320 -44.45 -64.59 41.40
N LEU P 321 -45.64 -64.20 41.83
CA LEU P 321 -45.77 -63.25 42.94
C LEU P 321 -44.95 -63.71 44.13
N ALA P 322 -44.35 -62.74 44.80
CA ALA P 322 -43.54 -63.04 45.97
C ALA P 322 -44.27 -63.97 46.91
N ASN P 323 -45.53 -63.68 47.21
CA ASN P 323 -46.23 -64.42 48.24
C ASN P 323 -46.35 -65.89 47.90
N GLU P 324 -47.23 -66.23 46.95
CA GLU P 324 -47.29 -67.58 46.43
C GLU P 324 -47.62 -67.61 44.94
N THR P 325 -48.12 -66.49 44.41
CA THR P 325 -48.94 -66.51 43.22
C THR P 325 -48.10 -66.28 41.96
N LEU P 326 -48.73 -66.53 40.82
CA LEU P 326 -48.15 -66.33 39.51
C LEU P 326 -48.69 -65.06 38.86
N VAL P 327 -47.90 -64.48 37.95
CA VAL P 327 -48.30 -63.32 37.17
C VAL P 327 -48.39 -63.73 35.71
N SER P 328 -49.40 -63.23 35.03
CA SER P 328 -49.64 -63.59 33.63
C SER P 328 -49.17 -62.50 32.68
N ASP P 329 -49.66 -61.27 32.86
CA ASP P 329 -49.32 -60.15 31.99
C ASP P 329 -48.92 -58.96 32.87
N ARG P 330 -47.77 -58.38 32.55
CA ARG P 330 -47.19 -57.35 33.41
C ARG P 330 -48.07 -56.11 33.43
N ASP P 331 -48.72 -55.80 32.31
CA ASP P 331 -49.51 -54.59 32.22
C ASP P 331 -50.58 -54.54 33.28
N GLU P 332 -51.01 -55.70 33.76
CA GLU P 332 -52.16 -55.76 34.65
C GLU P 332 -51.92 -54.97 35.94
N LEU P 333 -50.77 -55.18 36.57
CA LEU P 333 -50.57 -54.75 37.94
C LEU P 333 -49.24 -54.06 38.20
N TYR P 334 -48.27 -54.17 37.30
CA TYR P 334 -46.97 -53.58 37.58
C TYR P 334 -47.04 -52.07 37.76
N PHE P 335 -48.06 -51.43 37.18
CA PHE P 335 -48.13 -49.97 37.22
C PHE P 335 -48.77 -49.46 38.50
N ASP P 336 -49.69 -50.25 39.07
CA ASP P 336 -50.46 -49.76 40.22
C ASP P 336 -49.57 -49.39 41.38
N ALA P 337 -48.84 -50.37 41.93
CA ALA P 337 -47.99 -50.13 43.07
C ALA P 337 -46.84 -51.11 43.06
N VAL P 338 -45.84 -50.83 43.88
CA VAL P 338 -44.68 -51.70 43.96
C VAL P 338 -45.09 -53.04 44.53
N GLN P 339 -44.52 -54.10 43.99
CA GLN P 339 -44.83 -55.46 44.42
C GLN P 339 -43.56 -56.20 44.77
N SER P 340 -43.69 -57.12 45.73
CA SER P 340 -42.56 -57.90 46.19
C SER P 340 -42.19 -58.94 45.14
N PHE P 341 -41.26 -59.82 45.52
CA PHE P 341 -40.84 -60.90 44.67
C PHE P 341 -40.34 -62.04 45.54
N ILE P 342 -40.39 -63.26 44.98
CA ILE P 342 -39.87 -64.40 45.71
C ILE P 342 -38.36 -64.27 45.88
N VAL P 343 -37.82 -65.07 46.79
CA VAL P 343 -36.39 -65.09 47.02
C VAL P 343 -35.76 -66.09 46.07
N ALA P 344 -34.71 -65.67 45.38
CA ALA P 344 -34.09 -66.51 44.36
C ALA P 344 -33.42 -67.71 45.01
N SER P 345 -33.56 -68.87 44.38
CA SER P 345 -32.98 -70.09 44.91
C SER P 345 -32.54 -70.99 43.77
N GLN P 346 -31.58 -71.85 44.09
CA GLN P 346 -31.04 -72.83 43.16
C GLN P 346 -31.43 -74.24 43.57
N ALA P 347 -32.42 -74.37 44.45
CA ALA P 347 -32.85 -75.68 44.90
C ALA P 347 -33.78 -76.32 43.89
N ALA P 348 -33.67 -77.65 43.77
CA ALA P 348 -34.51 -78.37 42.82
C ALA P 348 -35.99 -78.11 43.06
N ALA P 349 -36.38 -77.93 44.31
CA ALA P 349 -37.77 -77.68 44.67
C ALA P 349 -38.10 -76.20 44.84
N THR P 350 -37.09 -75.32 44.83
CA THR P 350 -37.31 -73.89 45.01
C THR P 350 -36.62 -73.07 43.92
N LYS P 351 -36.24 -73.70 42.80
CA LYS P 351 -35.55 -73.00 41.72
C LYS P 351 -36.22 -71.67 41.39
N ALA P 352 -35.45 -70.60 41.48
CA ALA P 352 -35.94 -69.26 41.17
C ALA P 352 -34.74 -68.40 40.83
N SER P 353 -34.73 -67.81 39.64
CA SER P 353 -33.59 -67.05 39.16
C SER P 353 -33.95 -65.57 39.07
N ASN P 354 -32.93 -64.78 38.77
CA ASN P 354 -33.09 -63.34 38.72
C ASN P 354 -33.80 -62.93 37.44
N GLY P 355 -34.15 -61.64 37.38
CA GLY P 355 -34.73 -61.06 36.21
C GLY P 355 -33.66 -60.66 35.22
N PRO P 356 -33.99 -60.70 33.92
CA PRO P 356 -32.97 -60.43 32.90
C PRO P 356 -32.27 -59.10 33.08
N PHE P 357 -33.00 -58.07 33.50
CA PHE P 357 -32.45 -56.75 33.68
C PHE P 357 -32.10 -56.43 35.12
N ASN P 358 -32.31 -57.39 36.03
CA ASN P 358 -32.17 -57.12 37.45
C ASN P 358 -30.86 -56.40 37.75
N GLY P 359 -30.98 -55.19 38.27
CA GLY P 359 -29.85 -54.40 38.65
C GLY P 359 -29.41 -53.39 37.62
N GLU P 360 -29.84 -53.52 36.38
CA GLU P 360 -29.42 -52.59 35.36
C GLU P 360 -29.91 -51.18 35.62
N PHE P 361 -31.05 -51.04 36.31
CA PHE P 361 -31.79 -49.79 36.38
C PHE P 361 -31.74 -49.15 37.76
N ASP P 362 -30.58 -49.14 38.41
CA ASP P 362 -30.51 -48.64 39.78
C ASP P 362 -30.40 -47.12 39.82
N ARG P 363 -29.76 -46.51 38.83
CA ARG P 363 -29.36 -45.12 38.92
C ARG P 363 -30.33 -44.16 38.23
N MET P 364 -30.88 -44.58 37.10
CA MET P 364 -31.85 -43.75 36.41
C MET P 364 -33.02 -43.43 37.31
N ILE P 365 -33.45 -44.40 38.11
CA ILE P 365 -34.54 -44.17 39.03
C ILE P 365 -34.20 -43.05 39.99
N LEU P 366 -32.97 -43.03 40.47
CA LEU P 366 -32.54 -42.00 41.39
C LEU P 366 -32.62 -40.64 40.73
N ARG P 367 -32.01 -40.53 39.55
CA ARG P 367 -32.00 -39.24 38.87
C ARG P 367 -33.42 -38.76 38.63
N LEU P 368 -34.32 -39.69 38.34
CA LEU P 368 -35.70 -39.31 38.02
C LEU P 368 -36.42 -38.83 39.28
N HIS P 369 -36.34 -39.61 40.35
CA HIS P 369 -36.95 -39.17 41.61
C HIS P 369 -36.41 -37.82 42.03
N THR P 370 -35.17 -37.52 41.66
CA THR P 370 -34.60 -36.25 42.06
C THR P 370 -35.11 -35.12 41.19
N ARG P 371 -35.34 -35.40 39.91
CA ARG P 371 -35.87 -34.37 39.03
C ARG P 371 -37.30 -34.02 39.39
N LEU P 372 -38.15 -35.03 39.56
CA LEU P 372 -39.56 -34.78 39.79
C LEU P 372 -39.82 -33.95 41.04
N ALA P 373 -38.81 -33.66 41.83
CA ALA P 373 -39.03 -32.92 43.06
C ALA P 373 -38.69 -31.45 42.92
N ASP P 374 -37.85 -31.09 41.96
CA ASP P 374 -37.40 -29.71 41.83
C ASP P 374 -38.60 -28.77 41.79
N PRO P 375 -38.76 -27.91 42.78
CA PRO P 375 -39.92 -27.02 42.80
C PRO P 375 -39.96 -26.05 41.64
N ARG P 376 -38.81 -25.46 41.29
CA ARG P 376 -38.78 -24.53 40.17
C ARG P 376 -39.37 -25.14 38.92
N LEU P 377 -39.24 -26.44 38.75
CA LEU P 377 -39.68 -27.13 37.55
C LEU P 377 -41.10 -27.65 37.66
N GLN P 378 -41.78 -27.34 38.76
CA GLN P 378 -43.08 -27.93 39.02
C GLN P 378 -44.02 -27.76 37.84
N PHE P 379 -43.98 -26.60 37.20
CA PHE P 379 -44.92 -26.35 36.12
C PHE P 379 -44.78 -27.38 35.01
N LEU P 380 -43.57 -27.75 34.68
CA LEU P 380 -43.35 -28.70 33.60
C LEU P 380 -43.52 -30.14 34.05
N PHE P 381 -43.97 -30.36 35.29
CA PHE P 381 -44.12 -31.71 35.81
C PHE P 381 -45.40 -31.96 36.58
N TYR P 382 -46.06 -30.92 37.08
CA TYR P 382 -47.22 -31.11 37.94
C TYR P 382 -48.15 -29.92 37.83
N PRO P 383 -48.67 -29.64 36.65
CA PRO P 383 -49.51 -28.46 36.46
C PRO P 383 -50.94 -28.69 36.92
N LYS P 384 -51.56 -27.59 37.32
CA LYS P 384 -52.93 -27.61 37.82
C LYS P 384 -53.73 -26.51 37.15
N LYS P 385 -55.04 -26.73 37.06
CA LYS P 385 -55.96 -25.70 36.64
C LYS P 385 -56.27 -24.79 37.82
N GLU P 386 -57.30 -23.95 37.67
CA GLU P 386 -57.70 -23.10 38.77
C GLU P 386 -58.28 -23.92 39.92
N ASP P 387 -59.06 -24.94 39.59
CA ASP P 387 -59.71 -25.75 40.63
C ASP P 387 -58.67 -26.48 41.47
N GLY P 388 -57.68 -27.08 40.81
CA GLY P 388 -56.62 -27.79 41.50
C GLY P 388 -56.28 -29.12 40.87
N GLU P 389 -57.17 -29.61 40.01
CA GLU P 389 -56.96 -30.90 39.38
C GLU P 389 -55.85 -30.83 38.33
N ASP P 390 -55.30 -31.99 38.02
CA ASP P 390 -54.26 -32.10 37.01
C ASP P 390 -54.86 -32.17 35.62
N LEU P 391 -54.10 -31.71 34.64
CA LEU P 391 -54.60 -31.61 33.28
C LEU P 391 -54.78 -33.00 32.67
N ALA P 392 -55.62 -33.05 31.65
CA ALA P 392 -55.85 -34.25 30.86
C ALA P 392 -56.06 -33.84 29.41
N THR P 393 -56.38 -34.82 28.57
CA THR P 393 -56.33 -34.61 27.14
C THR P 393 -57.29 -33.52 26.70
N GLY P 394 -58.55 -33.60 27.13
CA GLY P 394 -59.56 -32.69 26.63
C GLY P 394 -59.29 -31.22 26.89
N ASP P 395 -58.17 -30.89 27.53
CA ASP P 395 -57.83 -29.51 27.84
C ASP P 395 -56.76 -28.96 26.92
N PHE P 396 -56.40 -29.70 25.87
CA PHE P 396 -55.36 -29.27 24.95
C PHE P 396 -55.53 -27.82 24.58
N ALA P 397 -56.71 -27.47 24.08
CA ALA P 397 -56.93 -26.13 23.56
C ALA P 397 -56.52 -25.07 24.55
N ASP P 398 -56.80 -25.30 25.83
CA ASP P 398 -56.46 -24.31 26.84
C ASP P 398 -54.99 -23.97 26.75
N VAL P 399 -54.14 -25.00 26.75
CA VAL P 399 -52.70 -24.78 26.79
C VAL P 399 -52.25 -23.93 25.62
N VAL P 400 -53.05 -23.89 24.56
CA VAL P 400 -52.69 -23.10 23.40
C VAL P 400 -53.32 -21.71 23.46
N ARG P 401 -54.56 -21.64 23.93
CA ARG P 401 -55.25 -20.36 24.00
C ARG P 401 -54.49 -19.37 24.86
N GLN P 402 -53.49 -19.85 25.58
CA GLN P 402 -52.71 -19.02 26.49
C GLN P 402 -51.63 -18.25 25.75
N PHE P 403 -51.00 -18.89 24.78
CA PHE P 403 -49.87 -18.26 24.11
C PHE P 403 -50.33 -17.30 23.03
N VAL P 404 -51.31 -17.70 22.23
CA VAL P 404 -51.78 -16.85 21.14
C VAL P 404 -52.28 -15.53 21.67
N GLY P 405 -53.30 -15.58 22.54
CA GLY P 405 -53.73 -14.40 23.24
C GLY P 405 -55.23 -14.21 23.31
N TYR P 406 -55.98 -15.24 22.92
CA TYR P 406 -57.44 -15.15 22.89
C TYR P 406 -58.11 -15.75 24.11
N MET P 407 -57.33 -16.22 25.09
CA MET P 407 -57.94 -16.77 26.29
C MET P 407 -58.39 -15.68 27.24
N THR P 408 -57.57 -14.65 27.43
CA THR P 408 -57.90 -13.53 28.30
C THR P 408 -58.23 -12.28 27.51
N LYS P 409 -58.52 -12.42 26.22
CA LYS P 409 -58.88 -11.31 25.35
C LYS P 409 -57.93 -10.13 25.54
N SER P 410 -56.67 -10.37 25.19
CA SER P 410 -55.72 -9.28 25.05
C SER P 410 -54.64 -9.75 24.09
N ASN P 411 -53.87 -8.79 23.58
CA ASN P 411 -53.05 -9.04 22.39
C ASN P 411 -51.62 -9.45 22.72
N VAL P 412 -50.86 -8.58 23.35
CA VAL P 412 -49.44 -8.83 23.59
C VAL P 412 -49.28 -9.78 24.76
N SER P 413 -48.66 -10.92 24.51
CA SER P 413 -48.33 -11.89 25.54
C SER P 413 -46.83 -11.88 25.75
N ILE P 414 -46.41 -11.48 26.95
CA ILE P 414 -45.00 -11.33 27.29
C ILE P 414 -44.64 -12.48 28.22
N ILE P 415 -43.72 -13.31 27.78
CA ILE P 415 -43.24 -14.42 28.57
C ILE P 415 -41.99 -14.01 29.32
N ASP P 416 -41.83 -14.54 30.53
CA ASP P 416 -40.66 -14.33 31.35
C ASP P 416 -39.91 -15.65 31.47
N LEU P 417 -38.69 -15.69 30.96
CA LEU P 417 -37.88 -16.88 30.96
C LEU P 417 -36.75 -16.79 31.97
N SER P 418 -36.67 -15.70 32.71
CA SER P 418 -35.57 -15.50 33.63
C SER P 418 -35.53 -16.58 34.69
N GLY P 419 -36.60 -16.71 35.46
CA GLY P 419 -36.64 -17.70 36.52
C GLY P 419 -36.41 -19.11 36.05
N ILE P 420 -36.65 -19.38 34.77
CA ILE P 420 -36.45 -20.73 34.27
C ILE P 420 -34.97 -21.07 34.31
N PRO P 421 -34.60 -22.29 34.71
CA PRO P 421 -33.19 -22.64 34.78
C PRO P 421 -32.52 -22.63 33.42
N PHE P 422 -31.23 -22.96 33.45
CA PHE P 422 -30.40 -22.89 32.26
C PHE P 422 -30.50 -24.14 31.41
N GLU P 423 -31.03 -25.23 31.95
CA GLU P 423 -31.00 -26.50 31.24
C GLU P 423 -32.25 -26.71 30.39
N VAL P 424 -33.39 -26.24 30.85
CA VAL P 424 -34.66 -26.56 30.21
C VAL P 424 -35.11 -25.46 29.27
N LEU P 425 -34.29 -24.44 29.11
CA LEU P 425 -34.70 -23.26 28.34
C LEU P 425 -34.93 -23.62 26.88
N SER P 426 -33.98 -24.33 26.27
CA SER P 426 -34.10 -24.71 24.89
C SER P 426 -35.37 -25.52 24.67
N ILE P 427 -35.60 -26.51 25.52
CA ILE P 427 -36.77 -27.34 25.41
C ILE P 427 -38.03 -26.49 25.47
N VAL P 428 -38.07 -25.57 26.41
CA VAL P 428 -39.26 -24.74 26.57
C VAL P 428 -39.53 -23.97 25.30
N VAL P 429 -38.50 -23.35 24.75
CA VAL P 429 -38.70 -22.49 23.59
C VAL P 429 -39.14 -23.31 22.39
N SER P 430 -38.51 -24.46 22.18
CA SER P 430 -38.91 -25.31 21.07
C SER P 430 -40.37 -25.68 21.20
N LEU P 431 -40.79 -26.05 22.40
CA LEU P 431 -42.17 -26.50 22.59
C LEU P 431 -43.14 -25.35 22.41
N ILE P 432 -42.74 -24.13 22.73
CA ILE P 432 -43.64 -23.01 22.59
C ILE P 432 -43.75 -22.56 21.14
N SER P 433 -42.71 -22.79 20.35
CA SER P 433 -42.75 -22.36 18.96
C SER P 433 -43.45 -23.37 18.06
N ARG P 434 -43.18 -24.65 18.27
CA ARG P 434 -43.78 -25.69 17.45
C ARG P 434 -45.29 -25.58 17.46
N MET P 435 -45.86 -25.25 18.62
CA MET P 435 -47.31 -25.15 18.73
C MET P 435 -47.86 -24.05 17.84
N ILE P 436 -47.25 -22.87 17.92
CA ILE P 436 -47.66 -21.77 17.08
C ILE P 436 -47.67 -22.18 15.62
N PHE P 437 -46.56 -22.76 15.17
CA PHE P 437 -46.47 -23.06 13.75
C PHE P 437 -47.53 -24.06 13.33
N ASP P 438 -47.74 -25.09 14.16
CA ASP P 438 -48.69 -26.12 13.77
C ASP P 438 -50.10 -25.54 13.74
N PHE P 439 -50.38 -24.57 14.61
CA PHE P 439 -51.69 -23.96 14.62
C PHE P 439 -51.91 -23.15 13.36
N GLY P 440 -50.93 -22.33 13.03
CA GLY P 440 -51.02 -21.57 11.80
C GLY P 440 -51.25 -22.48 10.61
N PHE P 441 -50.64 -23.66 10.64
CA PHE P 441 -50.77 -24.58 9.52
C PHE P 441 -52.20 -25.09 9.41
N HIS P 442 -52.70 -25.64 10.52
CA HIS P 442 -54.02 -26.23 10.48
C HIS P 442 -55.08 -25.19 10.20
N TYR P 443 -54.77 -23.91 10.41
CA TYR P 443 -55.73 -22.86 10.15
C TYR P 443 -55.67 -22.41 8.70
N SER P 444 -54.47 -22.32 8.16
CA SER P 444 -54.32 -21.96 6.76
C SER P 444 -55.01 -22.98 5.88
N LYS P 445 -54.96 -24.25 6.27
CA LYS P 445 -55.65 -25.26 5.48
C LYS P 445 -57.13 -24.94 5.37
N ASN P 446 -57.76 -24.60 6.50
CA ASN P 446 -59.19 -24.37 6.50
C ASN P 446 -59.55 -23.14 5.69
N ARG P 447 -58.86 -22.04 5.92
CA ARG P 447 -59.23 -20.83 5.19
C ARG P 447 -58.86 -20.92 3.72
N HIS P 448 -57.92 -21.81 3.35
CA HIS P 448 -57.64 -22.03 1.94
C HIS P 448 -58.75 -22.85 1.30
N VAL P 449 -59.22 -23.89 2.00
CA VAL P 449 -60.42 -24.59 1.54
C VAL P 449 -61.55 -23.61 1.31
N GLY P 450 -61.76 -22.70 2.26
CA GLY P 450 -62.76 -21.68 2.07
C GLY P 450 -62.45 -20.75 0.92
N GLY P 451 -61.19 -20.66 0.53
CA GLY P 451 -60.76 -19.82 -0.56
C GLY P 451 -60.17 -18.50 -0.14
N ALA P 452 -60.11 -18.20 1.15
CA ALA P 452 -59.62 -16.93 1.66
C ALA P 452 -58.28 -17.11 2.34
N VAL P 453 -57.39 -16.12 2.18
CA VAL P 453 -56.09 -16.18 2.82
C VAL P 453 -56.24 -15.89 4.31
N SER P 454 -55.18 -16.20 5.06
CA SER P 454 -55.23 -16.09 6.50
C SER P 454 -55.47 -14.65 6.93
N ASP P 455 -55.90 -14.51 8.18
CA ASP P 455 -56.25 -13.23 8.76
C ASP P 455 -55.75 -13.08 10.19
N VAL P 456 -55.01 -14.05 10.69
CA VAL P 456 -54.54 -14.03 12.06
C VAL P 456 -53.02 -14.13 12.07
N PRO P 457 -52.33 -13.04 11.78
CA PRO P 457 -50.87 -13.06 11.76
C PRO P 457 -50.26 -13.05 13.15
N ILE P 458 -49.00 -13.45 13.20
CA ILE P 458 -48.26 -13.53 14.45
C ILE P 458 -46.83 -13.08 14.21
N LEU P 459 -46.29 -12.36 15.18
CA LEU P 459 -44.92 -11.87 15.17
C LEU P 459 -44.23 -12.33 16.43
N VAL P 460 -43.20 -13.13 16.27
CA VAL P 460 -42.43 -13.67 17.38
C VAL P 460 -41.17 -12.85 17.52
N VAL P 461 -41.09 -12.11 18.60
CA VAL P 461 -39.92 -11.30 18.89
C VAL P 461 -38.99 -12.10 19.79
N CYS P 462 -37.73 -12.19 19.37
CA CYS P 462 -36.72 -12.96 20.07
C CYS P 462 -35.58 -12.04 20.45
N GLU P 463 -35.20 -12.08 21.73
CA GLU P 463 -34.16 -11.25 22.29
C GLU P 463 -32.98 -12.11 22.70
N GLU P 464 -31.82 -11.46 22.80
CA GLU P 464 -30.56 -12.11 23.14
C GLU P 464 -30.51 -13.50 22.51
N ALA P 465 -30.68 -13.52 21.19
CA ALA P 465 -30.74 -14.78 20.47
C ALA P 465 -29.51 -15.63 20.74
N HIS P 466 -28.34 -15.01 20.86
CA HIS P 466 -27.11 -15.79 20.94
C HIS P 466 -27.00 -16.60 22.20
N ASN P 467 -27.97 -16.49 23.11
CA ASN P 467 -27.94 -17.33 24.31
C ASN P 467 -28.67 -18.64 24.09
N TYR P 468 -29.57 -18.71 23.10
CA TYR P 468 -30.34 -19.91 22.84
C TYR P 468 -30.45 -20.18 21.36
N LEU P 469 -29.40 -19.87 20.62
CA LEU P 469 -29.30 -20.23 19.21
C LEU P 469 -27.84 -20.15 18.77
N PRO P 470 -27.00 -21.05 19.24
CA PRO P 470 -25.57 -20.92 18.97
C PRO P 470 -25.19 -21.33 17.56
N ARG P 471 -24.06 -20.79 17.12
CA ARG P 471 -23.51 -21.15 15.83
C ARG P 471 -22.55 -22.32 15.95
N SER P 472 -21.71 -22.30 16.98
CA SER P 472 -20.80 -23.39 17.30
C SER P 472 -21.20 -23.90 18.68
N GLY P 473 -22.05 -24.92 18.70
CA GLY P 473 -22.58 -25.42 19.95
C GLY P 473 -22.95 -26.87 19.85
N GLY P 474 -23.23 -27.47 21.02
CA GLY P 474 -23.48 -28.89 21.09
C GLY P 474 -24.91 -29.25 20.80
N ALA P 475 -25.13 -30.55 20.66
CA ALA P 475 -26.46 -31.06 20.39
C ALA P 475 -27.43 -30.73 21.51
N ALA P 476 -26.92 -30.37 22.69
CA ALA P 476 -27.79 -29.95 23.77
C ALA P 476 -28.67 -28.80 23.34
N TYR P 477 -28.17 -27.94 22.45
CA TYR P 477 -28.94 -26.83 21.88
C TYR P 477 -29.34 -27.12 20.45
N ASP P 478 -29.75 -28.34 20.15
CA ASP P 478 -30.24 -28.71 18.84
C ASP P 478 -31.75 -28.80 18.76
N ALA P 479 -32.43 -28.66 19.89
CA ALA P 479 -33.89 -28.71 19.88
C ALA P 479 -34.49 -27.38 19.48
N SER P 480 -33.75 -26.29 19.72
CA SER P 480 -34.26 -24.97 19.38
C SER P 480 -33.89 -24.58 17.96
N ARG P 481 -32.60 -24.63 17.64
CA ARG P 481 -32.14 -24.16 16.35
C ARG P 481 -32.86 -24.82 15.20
N LYS P 482 -33.55 -25.93 15.46
CA LYS P 482 -34.35 -26.56 14.42
C LYS P 482 -35.72 -25.92 14.34
N SER P 483 -36.46 -25.93 15.45
CA SER P 483 -37.84 -25.48 15.43
C SER P 483 -37.96 -24.09 14.86
N ILE P 484 -37.23 -23.13 15.45
CA ILE P 484 -37.30 -21.76 14.99
C ILE P 484 -36.99 -21.68 13.51
N GLU P 485 -36.09 -22.54 13.04
CA GLU P 485 -35.68 -22.47 11.66
C GLU P 485 -36.84 -22.75 10.72
N ARG P 486 -37.74 -23.64 11.14
CA ARG P 486 -38.89 -23.96 10.30
C ARG P 486 -39.69 -22.72 9.98
N ILE P 487 -39.60 -21.70 10.82
CA ILE P 487 -40.38 -20.49 10.60
C ILE P 487 -39.75 -19.65 9.52
N ALA P 488 -38.42 -19.66 9.43
CA ALA P 488 -37.75 -18.83 8.45
C ALA P 488 -38.07 -19.26 7.04
N LYS P 489 -38.08 -20.56 6.79
CA LYS P 489 -38.18 -21.06 5.43
C LYS P 489 -39.62 -21.22 4.97
N GLU P 490 -40.51 -21.55 5.89
CA GLU P 490 -41.88 -21.90 5.55
C GLU P 490 -42.88 -21.12 6.37
N GLY P 491 -42.62 -19.84 6.58
CA GLY P 491 -43.51 -19.04 7.39
C GLY P 491 -44.45 -18.13 6.64
N ARG P 492 -43.91 -17.40 5.67
CA ARG P 492 -44.68 -16.36 5.01
C ARG P 492 -46.06 -16.84 4.62
N LYS P 493 -46.15 -18.09 4.21
CA LYS P 493 -47.40 -18.61 3.68
C LYS P 493 -48.45 -18.74 4.76
N TYR P 494 -48.08 -19.33 5.88
CA TYR P 494 -49.04 -19.75 6.87
C TYR P 494 -49.29 -18.71 7.95
N GLY P 495 -48.62 -17.57 7.87
CA GLY P 495 -48.86 -16.50 8.81
C GLY P 495 -48.04 -16.54 10.07
N VAL P 496 -46.72 -16.56 9.93
CA VAL P 496 -45.83 -16.43 11.08
C VAL P 496 -44.56 -15.71 10.68
N THR P 497 -44.26 -14.61 11.34
CA THR P 497 -43.04 -13.85 11.07
C THR P 497 -42.23 -13.69 12.35
N LEU P 498 -40.94 -13.46 12.16
CA LEU P 498 -40.00 -13.30 13.26
C LEU P 498 -39.45 -11.89 13.33
N MET P 499 -38.82 -11.59 14.46
CA MET P 499 -38.06 -10.37 14.67
C MET P 499 -36.93 -10.69 15.64
N VAL P 500 -35.72 -10.77 15.11
CA VAL P 500 -34.54 -11.13 15.88
C VAL P 500 -33.87 -9.87 16.39
N VAL P 501 -33.39 -9.91 17.62
CA VAL P 501 -32.66 -8.81 18.21
C VAL P 501 -31.48 -9.38 18.96
N SER P 502 -30.28 -9.13 18.46
CA SER P 502 -29.06 -9.63 19.07
C SER P 502 -27.97 -8.59 18.97
N GLN P 503 -27.06 -8.62 19.93
CA GLN P 503 -26.02 -7.62 20.07
C GLN P 503 -24.69 -8.09 19.51
N ARG P 504 -24.67 -9.22 18.84
CA ARG P 504 -23.43 -9.77 18.35
C ARG P 504 -23.77 -10.83 17.31
N PRO P 505 -24.18 -10.42 16.11
CA PRO P 505 -24.72 -11.36 15.14
C PRO P 505 -23.77 -12.45 14.72
N SER P 506 -22.46 -12.20 14.78
CA SER P 506 -21.50 -13.21 14.34
C SER P 506 -21.70 -14.52 15.09
N GLU P 507 -22.17 -14.43 16.33
CA GLU P 507 -22.35 -15.63 17.12
C GLU P 507 -23.64 -16.35 16.75
N VAL P 508 -24.63 -15.63 16.27
CA VAL P 508 -25.92 -16.23 15.93
C VAL P 508 -25.82 -16.89 14.57
N SER P 509 -26.56 -17.97 14.40
CA SER P 509 -26.42 -18.82 13.23
C SER P 509 -26.57 -18.02 11.95
N GLU P 510 -26.01 -18.57 10.87
CA GLU P 510 -26.00 -17.89 9.59
C GLU P 510 -27.26 -18.19 8.80
N THR P 511 -27.87 -19.33 9.05
CA THR P 511 -29.04 -19.73 8.28
C THR P 511 -30.19 -18.76 8.50
N ILE P 512 -30.27 -18.16 9.68
CA ILE P 512 -31.42 -17.32 9.99
C ILE P 512 -31.31 -15.97 9.31
N PHE P 513 -30.21 -15.25 9.55
CA PHE P 513 -30.10 -13.90 9.03
C PHE P 513 -30.25 -13.87 7.52
N SER P 514 -29.92 -14.96 6.86
CA SER P 514 -29.94 -14.97 5.40
C SER P 514 -31.33 -14.64 4.87
N GLN P 515 -32.34 -15.35 5.36
CA GLN P 515 -33.68 -15.13 4.86
C GLN P 515 -34.26 -13.81 5.33
N CYS P 516 -33.68 -13.22 6.37
CA CYS P 516 -34.15 -11.93 6.83
C CYS P 516 -33.92 -10.89 5.75
N SER P 517 -34.97 -10.11 5.48
CA SER P 517 -34.95 -9.17 4.36
C SER P 517 -34.61 -7.75 4.80
N ASN P 518 -35.44 -7.16 5.64
CA ASN P 518 -35.26 -5.77 6.07
C ASN P 518 -34.40 -5.71 7.32
N PHE P 519 -33.45 -4.78 7.33
CA PHE P 519 -32.45 -4.66 8.38
C PHE P 519 -32.48 -3.27 8.96
N ILE P 520 -32.39 -3.21 10.29
CA ILE P 520 -32.24 -1.97 11.03
C ILE P 520 -30.94 -2.06 11.78
N SER P 521 -30.10 -1.06 11.62
CA SER P 521 -28.77 -1.07 12.20
C SER P 521 -28.54 0.19 13.00
N LEU P 522 -27.95 0.00 14.16
CA LEU P 522 -27.51 1.07 15.04
C LEU P 522 -25.99 0.97 15.21
N ARG P 523 -25.46 1.74 16.16
CA ARG P 523 -24.03 1.77 16.38
C ARG P 523 -23.46 0.38 16.56
N LEU P 524 -22.33 0.14 15.93
CA LEU P 524 -21.59 -1.10 16.06
C LEU P 524 -20.12 -0.77 16.30
N THR P 525 -19.49 -1.53 17.19
CA THR P 525 -18.12 -1.26 17.58
C THR P 525 -17.16 -2.35 17.16
N ASN P 526 -17.39 -3.60 17.57
CA ASN P 526 -16.50 -4.68 17.21
C ASN P 526 -16.27 -4.72 15.72
N ALA P 527 -15.17 -5.36 15.32
CA ALA P 527 -14.76 -5.34 13.92
C ALA P 527 -15.33 -6.52 13.16
N VAL P 528 -15.41 -7.68 13.80
CA VAL P 528 -15.84 -8.88 13.10
C VAL P 528 -17.28 -8.73 12.63
N ASP P 529 -18.16 -8.33 13.55
CA ASP P 529 -19.56 -8.20 13.21
C ASP P 529 -19.78 -7.23 12.06
N GLN P 530 -18.94 -6.19 11.99
CA GLN P 530 -19.08 -5.21 10.93
C GLN P 530 -18.95 -5.86 9.57
N THR P 531 -17.98 -6.76 9.40
CA THR P 531 -17.74 -7.35 8.11
C THR P 531 -18.93 -8.20 7.68
N TYR P 532 -19.43 -9.02 8.58
CA TYR P 532 -20.56 -9.87 8.25
C TYR P 532 -21.78 -9.04 7.90
N VAL P 533 -22.05 -8.00 8.69
CA VAL P 533 -23.21 -7.17 8.42
C VAL P 533 -23.04 -6.43 7.10
N LYS P 534 -21.81 -6.14 6.73
CA LYS P 534 -21.56 -5.46 5.47
C LYS P 534 -21.71 -6.42 4.31
N SER P 535 -21.56 -7.71 4.57
CA SER P 535 -21.77 -8.70 3.53
C SER P 535 -23.25 -9.00 3.31
N LEU P 536 -24.01 -9.18 4.39
CA LEU P 536 -25.40 -9.58 4.24
C LEU P 536 -26.29 -8.44 3.79
N LEU P 537 -26.09 -7.25 4.34
CA LEU P 537 -26.91 -6.11 3.96
C LEU P 537 -26.90 -5.93 2.44
N PRO P 538 -28.06 -5.91 1.79
CA PRO P 538 -28.09 -5.99 0.33
C PRO P 538 -27.61 -4.74 -0.39
N ASP P 539 -28.17 -3.59 -0.02
CA ASP P 539 -28.03 -2.39 -0.83
C ASP P 539 -27.22 -1.32 -0.12
N LEU P 540 -26.10 -1.72 0.48
CA LEU P 540 -25.28 -0.81 1.25
C LEU P 540 -24.23 -0.22 0.34
N SER P 541 -24.45 1.02 -0.09
CA SER P 541 -23.45 1.75 -0.85
C SER P 541 -22.29 2.13 0.06
N ALA P 542 -21.07 1.86 -0.40
CA ALA P 542 -19.89 2.04 0.42
C ALA P 542 -19.91 3.37 1.17
N GLY P 543 -20.56 4.38 0.62
CA GLY P 543 -20.59 5.67 1.28
C GLY P 543 -21.32 5.63 2.61
N LEU P 544 -22.30 4.74 2.73
CA LEU P 544 -23.11 4.69 3.94
C LEU P 544 -22.44 3.86 5.03
N GLY P 545 -21.79 2.77 4.66
CA GLY P 545 -21.34 1.82 5.66
C GLY P 545 -20.41 2.43 6.68
N ASP P 546 -19.54 3.34 6.23
CA ASP P 546 -18.54 3.89 7.13
C ASP P 546 -19.17 4.60 8.33
N LEU P 547 -20.46 4.88 8.29
CA LEU P 547 -21.11 5.61 9.37
C LEU P 547 -21.45 4.72 10.56
N LEU P 548 -21.45 3.40 10.38
CA LEU P 548 -21.93 2.50 11.41
C LEU P 548 -21.35 2.77 12.78
N PRO P 549 -20.04 2.91 12.94
CA PRO P 549 -19.44 3.04 14.28
C PRO P 549 -19.42 4.45 14.83
N ASN P 550 -19.69 5.45 14.01
CA ASN P 550 -19.75 6.83 14.44
C ASN P 550 -21.16 7.29 14.73
N LEU P 551 -22.13 6.42 14.57
CA LEU P 551 -23.52 6.80 14.81
C LEU P 551 -23.66 7.39 16.20
N ALA P 552 -24.46 8.44 16.29
CA ALA P 552 -24.72 9.09 17.57
C ALA P 552 -25.69 8.24 18.36
N GLN P 553 -26.19 8.81 19.45
CA GLN P 553 -27.15 8.12 20.31
C GLN P 553 -28.53 8.20 19.68
N GLY P 554 -29.00 7.07 19.14
CA GLY P 554 -30.34 6.98 18.61
C GLY P 554 -30.45 6.87 17.11
N GLU P 555 -29.38 7.17 16.38
CA GLU P 555 -29.46 7.14 14.94
C GLU P 555 -29.64 5.70 14.45
N PHE P 556 -30.36 5.57 13.34
CA PHE P 556 -30.63 4.26 12.77
C PHE P 556 -30.56 4.33 11.26
N LEU P 557 -30.12 3.20 10.69
CA LEU P 557 -29.98 3.02 9.25
C LEU P 557 -30.81 1.81 8.84
N ILE P 558 -31.75 2.02 7.94
CA ILE P 558 -32.65 0.97 7.49
C ILE P 558 -32.30 0.59 6.07
N VAL P 559 -32.48 -0.69 5.75
CA VAL P 559 -32.13 -1.19 4.43
C VAL P 559 -33.04 -2.35 4.06
N GLY P 560 -33.57 -2.31 2.87
CA GLY P 560 -34.40 -3.37 2.36
C GLY P 560 -35.40 -2.84 1.35
N ASP P 561 -36.50 -3.58 1.22
CA ASP P 561 -37.57 -3.18 0.31
C ASP P 561 -38.54 -2.22 0.94
N ALA P 562 -38.76 -2.33 2.25
CA ALA P 562 -39.75 -1.49 2.91
C ALA P 562 -39.53 -0.01 2.66
N PRO P 563 -38.31 0.50 2.74
CA PRO P 563 -38.10 1.92 2.48
C PRO P 563 -37.97 2.22 1.01
N LEU P 564 -38.42 3.41 0.64
CA LEU P 564 -38.30 3.86 -0.73
C LEU P 564 -36.84 4.02 -1.12
N MET P 565 -35.96 4.08 -0.13
CA MET P 565 -34.53 4.24 -0.35
C MET P 565 -33.84 4.22 1.00
N PRO P 566 -32.54 4.00 1.01
CA PRO P 566 -31.76 4.11 2.23
C PRO P 566 -32.02 5.41 2.96
N THR P 567 -31.99 5.35 4.28
CA THR P 567 -32.26 6.52 5.10
C THR P 567 -31.49 6.43 6.40
N VAL P 568 -31.25 7.58 6.99
CA VAL P 568 -30.67 7.70 8.31
C VAL P 568 -31.57 8.58 9.14
N GLY P 569 -32.01 8.07 10.29
CA GLY P 569 -33.04 8.76 11.03
C GLY P 569 -32.81 8.69 12.52
N HIS P 570 -33.65 9.42 13.24
CA HIS P 570 -33.57 9.52 14.70
C HIS P 570 -34.90 9.10 15.30
N PHE P 571 -34.82 8.49 16.47
CA PHE P 571 -35.97 8.14 17.26
C PHE P 571 -36.05 9.10 18.45
N ALA P 572 -37.01 8.82 19.33
CA ALA P 572 -37.18 9.59 20.54
C ALA P 572 -37.42 8.63 21.69
N LEU P 573 -37.39 9.18 22.90
CA LEU P 573 -37.52 8.35 24.08
C LEU P 573 -38.93 7.76 24.15
N PRO P 574 -39.06 6.48 24.47
CA PRO P 574 -40.40 5.89 24.62
C PRO P 574 -40.95 6.06 26.02
N VAL P 575 -42.24 6.35 26.11
CA VAL P 575 -42.91 6.56 27.38
C VAL P 575 -44.09 5.59 27.46
N PRO P 576 -44.11 4.66 28.42
CA PRO P 576 -43.04 4.37 29.39
C PRO P 576 -41.83 3.68 28.77
N GLU P 577 -40.80 3.52 29.58
CA GLU P 577 -39.52 2.93 29.17
C GLU P 577 -39.45 1.48 29.60
N PRO P 578 -38.52 0.72 29.04
CA PRO P 578 -38.17 -0.56 29.64
C PRO P 578 -37.45 -0.36 30.96
N HIS P 579 -38.11 -0.76 32.05
CA HIS P 579 -37.59 -0.48 33.39
C HIS P 579 -36.32 -1.27 33.66
N SER P 580 -36.27 -2.51 33.19
CA SER P 580 -35.13 -3.39 33.40
C SER P 580 -34.68 -3.36 34.86
N ARG P 581 -35.64 -3.51 35.76
CA ARG P 581 -35.35 -3.45 37.18
C ARG P 581 -34.35 -4.52 37.56
N SER P 582 -33.25 -4.11 38.19
CA SER P 582 -32.19 -5.04 38.57
C SER P 582 -31.46 -4.47 39.77
N VAL P 583 -30.71 -5.35 40.45
CA VAL P 583 -29.99 -4.94 41.64
C VAL P 583 -28.86 -3.99 41.26
N ASN P 584 -28.77 -2.88 41.97
CA ASN P 584 -27.69 -1.92 41.79
C ASN P 584 -26.76 -2.04 42.99
N TYR P 585 -25.50 -2.39 42.72
CA TYR P 585 -24.58 -2.80 43.78
C TYR P 585 -23.96 -1.60 44.49
N LEU P 586 -23.09 -0.87 43.79
CA LEU P 586 -22.40 0.27 44.41
C LEU P 586 -23.38 1.37 44.79
N GLN P 587 -24.35 1.66 43.92
CA GLN P 587 -25.34 2.68 44.23
C GLN P 587 -26.10 2.36 45.52
N GLU P 588 -26.10 1.10 45.93
CA GLU P 588 -26.88 0.63 47.07
C GLU P 588 -26.03 0.15 48.24
N TRP P 589 -24.71 0.10 48.08
CA TRP P 589 -23.87 -0.31 49.19
C TRP P 589 -23.90 0.69 50.33
N ASN P 590 -24.30 1.93 50.06
CA ASN P 590 -24.41 2.93 51.12
C ASN P 590 -25.65 2.62 51.93
N SER P 591 -25.47 1.86 53.00
CA SER P 591 -26.56 1.45 53.87
C SER P 591 -25.93 0.87 55.13
N GLY P 592 -26.78 0.52 56.09
CA GLY P 592 -26.32 -0.04 57.34
C GLY P 592 -26.50 -1.54 57.37
N TRP P 593 -25.57 -2.20 58.07
CA TRP P 593 -25.66 -3.62 58.32
C TRP P 593 -27.09 -4.02 58.67
N ARG P 594 -27.52 -5.15 58.13
CA ARG P 594 -28.93 -5.52 58.09
C ARG P 594 -29.22 -6.67 59.04
N HIS P 595 -30.27 -6.51 59.84
CA HIS P 595 -30.76 -7.59 60.70
C HIS P 595 -31.62 -8.54 59.87
N VAL P 596 -31.28 -9.82 59.92
CA VAL P 596 -31.87 -10.82 59.04
C VAL P 596 -32.58 -11.86 59.90
N ASP P 597 -33.87 -12.05 59.65
CA ASP P 597 -34.63 -13.13 60.27
C ASP P 597 -34.24 -14.43 59.58
N PHE P 598 -33.07 -14.94 59.95
CA PHE P 598 -32.61 -16.18 59.37
C PHE P 598 -33.62 -17.29 59.55
N ASP P 599 -34.48 -17.17 60.57
CA ASP P 599 -35.45 -18.22 60.81
C ASP P 599 -36.39 -18.39 59.63
N SER P 600 -36.88 -17.28 59.08
CA SER P 600 -37.77 -17.37 57.93
C SER P 600 -37.04 -17.91 56.72
N VAL P 601 -35.80 -17.48 56.54
CA VAL P 601 -35.01 -17.98 55.42
C VAL P 601 -34.89 -19.49 55.50
N ILE P 602 -34.60 -20.01 56.69
CA ILE P 602 -34.46 -21.45 56.85
C ILE P 602 -35.80 -22.13 56.63
N ASP P 603 -36.86 -21.56 57.20
CA ASP P 603 -38.19 -22.16 57.04
C ASP P 603 -38.52 -22.33 55.58
N ARG P 604 -38.33 -21.27 54.79
CA ARG P 604 -38.52 -21.39 53.35
C ARG P 604 -37.54 -22.39 52.78
N TRP P 605 -36.41 -22.58 53.46
CA TRP P 605 -35.35 -23.44 52.94
C TRP P 605 -35.73 -24.91 53.07
N ARG P 606 -36.37 -25.29 54.17
CA ARG P 606 -36.73 -26.70 54.36
C ARG P 606 -37.74 -27.13 53.31
N GLY P 607 -38.84 -26.39 53.19
CA GLY P 607 -39.85 -26.68 52.21
C GLY P 607 -40.29 -28.13 52.24
N LYS P 608 -40.41 -28.67 53.44
CA LYS P 608 -40.86 -30.05 53.64
C LYS P 608 -42.18 -30.29 52.93
N MET Q 1 -15.33 25.66 30.50
CA MET Q 1 -16.15 26.60 31.21
C MET Q 1 -15.33 27.53 32.10
N PRO Q 2 -14.45 26.97 32.93
CA PRO Q 2 -13.57 27.82 33.74
C PRO Q 2 -12.29 28.27 33.05
N ASP Q 3 -12.27 29.52 32.60
CA ASP Q 3 -11.06 30.21 32.17
C ASP Q 3 -10.10 29.27 31.43
N LEU Q 4 -10.57 28.83 30.27
CA LEU Q 4 -9.77 27.92 29.47
C LEU Q 4 -8.37 28.47 29.25
N GLY Q 5 -8.23 29.78 29.16
CA GLY Q 5 -6.94 30.42 29.07
C GLY Q 5 -6.63 30.89 27.66
N THR Q 6 -5.35 31.17 27.45
CA THR Q 6 -4.88 31.67 26.17
C THR Q 6 -4.88 30.57 25.11
N PRO Q 7 -4.82 30.96 23.84
CA PRO Q 7 -4.83 29.98 22.76
C PRO Q 7 -3.44 29.52 22.34
N ILE Q 8 -3.42 28.56 21.42
CA ILE Q 8 -2.19 27.99 20.91
C ILE Q 8 -2.09 28.05 19.40
N GLY Q 9 -3.19 28.15 18.68
CA GLY Q 9 -3.13 28.15 17.24
C GLY Q 9 -4.52 28.14 16.62
N SER Q 10 -4.55 27.81 15.34
CA SER Q 10 -5.75 27.88 14.54
C SER Q 10 -5.87 26.64 13.68
N VAL Q 11 -7.05 26.47 13.08
CA VAL Q 11 -7.37 25.31 12.26
C VAL Q 11 -7.10 25.64 10.81
N THR Q 12 -6.67 24.63 10.05
CA THR Q 12 -6.28 24.82 8.67
C THR Q 12 -6.76 23.70 7.76
N ASP Q 13 -7.42 22.69 8.27
CA ASP Q 13 -7.95 21.60 7.47
C ASP Q 13 -8.88 20.78 8.32
N SER Q 14 -10.04 20.46 7.77
CA SER Q 14 -11.15 19.92 8.53
C SER Q 14 -11.79 18.76 7.81
N SER Q 15 -12.37 17.88 8.60
CA SER Q 15 -13.15 16.75 8.14
C SER Q 15 -13.68 16.01 9.36
N PRO Q 16 -14.76 15.25 9.21
CA PRO Q 16 -15.25 14.47 10.34
C PRO Q 16 -14.25 13.45 10.84
N SER Q 17 -13.35 13.01 9.97
CA SER Q 17 -12.36 12.03 10.37
C SER Q 17 -11.15 12.68 11.04
N LEU Q 18 -10.67 13.81 10.51
CA LEU Q 18 -9.46 14.43 11.03
C LEU Q 18 -9.59 15.94 11.05
N ILE Q 19 -8.72 16.55 11.85
CA ILE Q 19 -8.57 18.00 11.93
C ILE Q 19 -7.08 18.29 12.04
N ARG Q 20 -6.69 19.48 11.58
CA ARG Q 20 -5.29 19.83 11.48
C ARG Q 20 -5.04 21.23 12.02
N ILE Q 21 -4.25 21.33 13.07
CA ILE Q 21 -3.87 22.59 13.69
C ILE Q 21 -2.42 22.91 13.34
N GLU Q 22 -2.09 24.19 13.37
CA GLU Q 22 -0.82 24.69 12.88
C GLU Q 22 -0.35 25.83 13.76
N ILE Q 23 0.75 25.61 14.47
CA ILE Q 23 1.39 26.64 15.26
C ILE Q 23 2.51 27.28 14.47
N SER Q 24 2.70 28.58 14.70
CA SER Q 24 3.64 29.39 13.93
C SER Q 24 4.61 30.17 14.81
N SER Q 25 4.73 29.80 16.08
CA SER Q 25 5.69 30.43 16.97
C SER Q 25 6.29 29.38 17.89
N ALA Q 26 7.57 29.57 18.22
CA ALA Q 26 8.26 28.61 19.07
C ALA Q 26 8.05 28.89 20.55
N GLU Q 27 7.92 30.17 20.91
CA GLU Q 27 7.72 30.51 22.31
C GLU Q 27 6.44 29.89 22.84
N ASP Q 28 5.42 29.79 22.00
CA ASP Q 28 4.15 29.22 22.44
C ASP Q 28 4.25 27.71 22.55
N PHE Q 29 4.97 27.08 21.63
CA PHE Q 29 5.06 25.63 21.63
C PHE Q 29 6.00 25.11 22.69
N GLU Q 30 6.91 25.95 23.18
CA GLU Q 30 7.85 25.50 24.20
C GLU Q 30 7.21 25.46 25.57
N LYS Q 31 6.19 26.27 25.78
CA LYS Q 31 5.56 26.34 27.09
C LYS Q 31 4.63 25.17 27.35
N TYR Q 32 4.10 24.56 26.30
CA TYR Q 32 2.99 23.63 26.40
C TYR Q 32 3.36 22.20 26.01
N LYS Q 33 4.65 21.91 25.88
CA LYS Q 33 5.05 20.62 25.33
C LYS Q 33 4.53 19.48 26.19
N SER Q 34 4.50 19.67 27.50
CA SER Q 34 4.13 18.59 28.40
C SER Q 34 2.67 18.20 28.26
N MET Q 35 1.88 18.96 27.52
CA MET Q 35 0.46 18.68 27.35
C MET Q 35 0.08 18.46 25.89
N LEU Q 36 1.02 18.54 24.97
CA LEU Q 36 0.73 18.35 23.55
C LEU Q 36 1.31 17.05 23.01
N GLY Q 37 1.55 16.09 23.86
CA GLY Q 37 1.97 14.79 23.40
C GLY Q 37 0.81 13.91 23.03
N VAL Q 38 1.14 12.71 22.56
CA VAL Q 38 0.12 11.80 22.09
C VAL Q 38 -0.76 11.36 23.24
N GLY Q 39 -1.97 10.90 22.91
CA GLY Q 39 -2.92 10.41 23.85
C GLY Q 39 -3.74 11.50 24.52
N GLN Q 40 -3.17 12.68 24.70
CA GLN Q 40 -3.83 13.76 25.42
C GLN Q 40 -4.98 14.32 24.58
N TYR Q 41 -5.60 15.37 25.10
CA TYR Q 41 -6.82 15.91 24.53
C TYR Q 41 -6.78 17.41 24.42
N LEU Q 42 -7.39 17.93 23.36
CA LEU Q 42 -7.45 19.36 23.08
C LEU Q 42 -8.89 19.76 22.81
N LEU Q 43 -9.13 21.07 22.82
CA LEU Q 43 -10.47 21.60 22.68
C LEU Q 43 -10.50 22.65 21.58
N VAL Q 44 -11.33 22.42 20.58
CA VAL Q 44 -11.48 23.32 19.46
C VAL Q 44 -12.80 24.05 19.58
N ALA Q 45 -12.83 25.29 19.13
CA ALA Q 45 -14.04 26.09 19.20
C ALA Q 45 -14.85 25.91 17.93
N SER Q 46 -16.13 25.61 18.10
CA SER Q 46 -17.04 25.35 16.99
C SER Q 46 -18.28 26.19 17.25
N GLY Q 47 -18.22 27.44 16.84
CA GLY Q 47 -19.30 28.35 17.07
C GLY Q 47 -19.34 28.82 18.49
N ASN Q 48 -20.05 29.92 18.70
CA ASN Q 48 -20.15 30.49 20.02
C ASN Q 48 -20.87 29.53 20.96
N ASN Q 49 -20.28 29.32 22.12
CA ASN Q 49 -20.91 28.57 23.20
C ASN Q 49 -21.01 27.08 22.88
N LEU Q 50 -19.96 26.57 22.26
CA LEU Q 50 -19.77 25.14 22.07
C LEU Q 50 -18.29 24.86 21.99
N TYR Q 51 -17.92 23.63 22.32
CA TYR Q 51 -16.54 23.21 22.20
C TYR Q 51 -16.51 21.75 21.78
N LEU Q 52 -15.40 21.36 21.17
CA LEU Q 52 -15.23 20.03 20.59
C LEU Q 52 -13.95 19.43 21.13
N LEU Q 53 -14.06 18.24 21.70
CA LEU Q 53 -12.92 17.57 22.29
C LEU Q 53 -12.31 16.59 21.30
N ALA Q 54 -10.99 16.63 21.17
CA ALA Q 54 -10.31 15.83 20.19
C ALA Q 54 -9.07 15.20 20.79
N SER Q 55 -8.75 14.02 20.28
CA SER Q 55 -7.60 13.24 20.71
C SER Q 55 -6.48 13.34 19.69
N ILE Q 56 -5.27 13.63 20.16
CA ILE Q 56 -4.13 13.75 19.28
C ILE Q 56 -3.73 12.38 18.75
N THR Q 57 -3.20 12.38 17.53
CA THR Q 57 -2.67 11.17 16.92
C THR Q 57 -1.34 11.40 16.22
N GLY Q 58 -0.94 12.64 15.97
CA GLY Q 58 0.29 12.91 15.28
C GLY Q 58 0.77 14.32 15.49
N VAL Q 59 2.07 14.46 15.73
CA VAL Q 59 2.73 15.74 15.91
C VAL Q 59 3.90 15.79 14.96
N ARG Q 60 4.18 16.97 14.41
CA ARG Q 60 5.24 17.08 13.43
C ARG Q 60 5.75 18.51 13.37
N ALA Q 61 6.99 18.63 12.91
CA ALA Q 61 7.68 19.91 12.85
C ALA Q 61 8.60 19.92 11.64
N THR Q 62 8.99 21.13 11.24
CA THR Q 62 9.77 21.33 10.03
C THR Q 62 10.57 22.61 10.18
N HIS Q 63 11.20 23.02 9.08
CA HIS Q 63 11.83 24.32 8.96
C HIS Q 63 12.09 24.62 7.50
N VAL Q 64 11.94 25.90 7.14
CA VAL Q 64 12.12 26.33 5.77
C VAL Q 64 13.58 26.62 5.49
N ASN Q 87 9.74 31.46 10.91
CA ASN Q 87 9.80 30.63 9.72
C ASN Q 87 9.51 29.17 10.02
N PHE Q 88 9.20 28.87 11.28
CA PHE Q 88 8.85 27.52 11.67
C PHE Q 88 7.39 27.25 11.40
N ARG Q 89 7.04 25.97 11.33
CA ARG Q 89 5.70 25.53 10.98
C ARG Q 89 5.44 24.19 11.66
N PHE Q 90 4.79 24.22 12.82
CA PHE Q 90 4.40 23.00 13.50
C PHE Q 90 3.06 22.50 12.96
N GLN Q 91 2.78 21.23 13.21
CA GLN Q 91 1.52 20.63 12.82
C GLN Q 91 1.08 19.62 13.85
N ILE Q 92 -0.22 19.60 14.09
CA ILE Q 92 -0.87 18.63 14.96
C ILE Q 92 -2.09 18.08 14.26
N ASP Q 93 -2.25 16.77 14.31
CA ASP Q 93 -3.38 16.08 13.72
C ASP Q 93 -4.25 15.50 14.83
N THR Q 94 -5.56 15.62 14.66
CA THR Q 94 -6.49 15.23 15.70
C THR Q 94 -7.69 14.51 15.11
N GLN Q 95 -8.38 13.78 15.99
CA GLN Q 95 -9.56 13.00 15.67
C GLN Q 95 -10.67 13.34 16.66
N PRO Q 96 -11.90 13.48 16.20
CA PRO Q 96 -12.97 13.99 17.07
C PRO Q 96 -13.76 12.91 17.76
N ILE Q 97 -14.17 13.22 18.99
CA ILE Q 97 -14.90 12.26 19.81
C ILE Q 97 -16.14 12.83 20.45
N GLY Q 98 -16.32 14.14 20.55
CA GLY Q 98 -17.52 14.63 21.19
C GLY Q 98 -17.54 16.13 21.36
N THR Q 99 -18.67 16.58 21.88
CA THR Q 99 -18.99 17.98 22.04
C THR Q 99 -19.37 18.28 23.47
N LEU Q 100 -19.10 19.50 23.89
CA LEU Q 100 -19.34 19.95 25.25
C LEU Q 100 -19.86 21.38 25.22
N SER Q 101 -20.90 21.63 26.00
CA SER Q 101 -21.50 22.94 26.11
C SER Q 101 -20.81 23.76 27.19
N GLU Q 102 -21.19 25.02 27.28
CA GLU Q 102 -20.67 25.88 28.32
C GLU Q 102 -21.13 25.41 29.69
N ASP Q 103 -22.27 24.72 29.74
CA ASP Q 103 -22.81 24.28 31.02
C ASP Q 103 -22.00 23.12 31.58
N GLY Q 104 -21.80 22.09 30.78
CA GLY Q 104 -21.15 20.88 31.24
C GLY Q 104 -21.72 19.66 30.56
N GLU Q 105 -22.79 19.85 29.80
CA GLU Q 105 -23.40 18.76 29.07
C GLU Q 105 -22.44 18.21 28.03
N PHE Q 106 -22.32 16.89 27.98
CA PHE Q 106 -21.48 16.19 27.03
C PHE Q 106 -22.35 15.42 26.06
N SER Q 107 -21.92 15.36 24.81
CA SER Q 107 -22.57 14.57 23.79
C SER Q 107 -21.52 13.93 22.92
N ARG Q 108 -21.86 12.79 22.35
CA ARG Q 108 -20.97 12.11 21.42
C ARG Q 108 -21.49 12.22 20.00
N GLY Q 109 -20.60 11.96 19.05
CA GLY Q 109 -20.92 12.09 17.65
C GLY Q 109 -20.37 13.37 17.06
N SER Q 110 -19.52 13.25 16.04
CA SER Q 110 -18.91 14.44 15.45
C SER Q 110 -19.95 15.17 14.61
N HIS Q 111 -20.97 15.68 15.28
CA HIS Q 111 -22.08 16.29 14.57
C HIS Q 111 -21.63 17.50 13.78
N SER Q 112 -20.85 18.37 14.41
CA SER Q 112 -20.58 19.71 13.90
C SER Q 112 -19.13 19.84 13.50
N LEU Q 113 -18.88 20.12 12.24
CA LEU Q 113 -17.54 20.40 11.78
C LEU Q 113 -17.14 21.81 12.18
N PRO Q 114 -15.85 22.06 12.35
CA PRO Q 114 -15.38 23.41 12.63
C PRO Q 114 -14.99 24.16 11.37
N VAL Q 115 -15.00 25.48 11.50
CA VAL Q 115 -14.63 26.35 10.39
C VAL Q 115 -13.20 26.83 10.60
N PRO Q 116 -12.43 26.96 9.53
CA PRO Q 116 -11.07 27.47 9.65
C PRO Q 116 -11.02 28.84 10.29
N THR Q 117 -9.88 29.14 10.87
CA THR Q 117 -9.67 30.36 11.64
C THR Q 117 -10.55 30.39 12.87
N GLU Q 118 -10.60 29.26 13.56
CA GLU Q 118 -11.21 29.16 14.88
C GLU Q 118 -10.16 28.65 15.86
N TYR Q 119 -9.99 29.39 16.94
CA TYR Q 119 -8.91 29.12 17.87
C TYR Q 119 -9.06 27.77 18.55
N ALA Q 120 -7.92 27.22 18.95
CA ALA Q 120 -7.84 26.00 19.72
C ALA Q 120 -7.36 26.30 21.13
N TYR Q 121 -7.44 25.28 21.99
CA TYR Q 121 -7.10 25.44 23.39
C TYR Q 121 -6.66 24.10 23.97
N VAL Q 122 -5.92 24.21 25.06
CA VAL Q 122 -5.42 23.06 25.81
C VAL Q 122 -6.39 22.76 26.94
N THR Q 123 -6.39 21.51 27.38
CA THR Q 123 -7.35 21.07 28.36
C THR Q 123 -6.76 21.09 29.76
N PRO Q 124 -7.49 21.62 30.74
CA PRO Q 124 -7.08 21.48 32.11
C PRO Q 124 -7.69 20.23 32.73
N PRO Q 125 -7.07 19.69 33.76
CA PRO Q 125 -7.55 18.44 34.35
C PRO Q 125 -8.99 18.51 34.79
N ALA Q 126 -9.43 19.66 35.27
CA ALA Q 126 -10.75 19.77 35.87
C ALA Q 126 -11.84 19.37 34.89
N VAL Q 127 -11.87 20.02 33.74
CA VAL Q 127 -12.93 19.77 32.77
C VAL Q 127 -12.89 18.33 32.31
N LEU Q 128 -11.70 17.76 32.19
CA LEU Q 128 -11.59 16.38 31.75
C LEU Q 128 -12.23 15.45 32.77
N GLU Q 129 -11.89 15.63 34.04
CA GLU Q 129 -12.47 14.78 35.06
C GLU Q 129 -13.97 14.95 35.12
N GLY Q 130 -14.44 16.18 34.93
CA GLY Q 130 -15.87 16.40 34.90
C GLY Q 130 -16.55 15.62 33.79
N ILE Q 131 -16.04 15.76 32.57
CA ILE Q 131 -16.63 15.07 31.43
C ILE Q 131 -16.59 13.57 31.67
N PHE Q 132 -15.54 13.10 32.32
CA PHE Q 132 -15.41 11.67 32.55
C PHE Q 132 -16.46 11.16 33.52
N SER Q 133 -16.64 11.87 34.63
CA SER Q 133 -17.42 11.32 35.73
C SER Q 133 -18.86 11.82 35.77
N HIS Q 134 -19.03 13.14 35.80
CA HIS Q 134 -20.32 13.72 36.18
C HIS Q 134 -21.50 12.98 35.60
N GLN Q 135 -21.35 12.43 34.40
CA GLN Q 135 -22.46 11.75 33.74
C GLN Q 135 -22.89 10.51 34.52
N ILE Q 136 -21.94 9.64 34.84
CA ILE Q 136 -22.25 8.47 35.64
C ILE Q 136 -22.78 8.90 37.00
N LYS Q 137 -23.52 8.00 37.65
CA LYS Q 137 -24.16 8.33 38.91
C LYS Q 137 -23.28 7.95 40.10
N SER Q 138 -22.93 6.68 40.22
CA SER Q 138 -22.17 6.17 41.36
C SER Q 138 -20.76 5.82 40.92
N PRO Q 139 -19.76 6.60 41.29
CA PRO Q 139 -18.42 6.38 40.76
C PRO Q 139 -17.56 5.49 41.64
N PHE Q 140 -16.53 4.92 41.01
CA PHE Q 140 -15.55 4.09 41.69
C PHE Q 140 -14.19 4.51 41.17
N ALA Q 141 -13.34 4.99 42.07
CA ALA Q 141 -12.01 5.41 41.70
C ALA Q 141 -11.09 4.20 41.60
N LEU Q 142 -10.24 4.21 40.58
CA LEU Q 142 -9.38 3.07 40.32
C LEU Q 142 -7.90 3.40 40.43
N GLY Q 143 -7.45 4.43 39.72
CA GLY Q 143 -6.06 4.82 39.79
C GLY Q 143 -5.75 5.90 38.77
N THR Q 144 -4.46 6.04 38.51
CA THR Q 144 -3.98 7.08 37.62
C THR Q 144 -4.08 6.64 36.17
N LEU Q 145 -4.24 7.62 35.29
CA LEU Q 145 -4.29 7.40 33.86
C LEU Q 145 -2.90 7.56 33.26
N GLY Q 146 -2.41 6.50 32.61
CA GLY Q 146 -1.02 6.49 32.17
C GLY Q 146 -0.65 7.67 31.32
N ILE Q 147 -1.57 8.13 30.47
CA ILE Q 147 -1.32 9.28 29.62
C ILE Q 147 -1.14 10.54 30.44
N SER Q 148 -1.55 10.52 31.71
CA SER Q 148 -1.42 11.68 32.58
C SER Q 148 -1.47 11.25 34.03
N PRO Q 149 -0.33 11.11 34.69
CA PRO Q 149 -0.35 10.65 36.10
C PRO Q 149 -1.05 11.61 37.04
N ASP Q 150 -1.45 12.79 36.58
CA ASP Q 150 -2.10 13.74 37.47
C ASP Q 150 -3.55 13.36 37.69
N ILE Q 151 -4.26 13.02 36.64
CA ILE Q 151 -5.69 12.77 36.73
C ILE Q 151 -5.95 11.49 37.50
N LYS Q 152 -7.19 11.33 37.94
CA LYS Q 152 -7.66 10.14 38.63
C LYS Q 152 -8.77 9.51 37.79
N LEU Q 153 -8.66 8.21 37.57
CA LEU Q 153 -9.63 7.50 36.74
C LEU Q 153 -10.79 6.99 37.56
N LYS Q 154 -11.98 7.17 37.02
CA LYS Q 154 -13.21 6.75 37.65
C LYS Q 154 -14.01 5.92 36.67
N ILE Q 155 -14.82 5.00 37.22
CA ILE Q 155 -15.60 4.10 36.41
C ILE Q 155 -16.97 3.89 37.05
N ASP Q 156 -17.93 3.56 36.20
CA ASP Q 156 -19.27 3.19 36.66
C ASP Q 156 -19.17 1.94 37.50
N GLY Q 157 -19.36 2.08 38.80
CA GLY Q 157 -19.23 0.98 39.72
C GLY Q 157 -20.47 0.15 39.87
N ASP Q 158 -21.50 0.47 39.11
CA ASP Q 158 -22.73 -0.30 39.15
C ASP Q 158 -22.74 -1.37 38.07
N ARG Q 159 -22.45 -0.98 36.84
CA ARG Q 159 -22.20 -1.98 35.80
C ARG Q 159 -21.07 -2.88 36.24
N PHE Q 160 -20.14 -2.32 36.99
CA PHE Q 160 -19.11 -3.07 37.67
C PHE Q 160 -19.64 -3.52 39.02
N PHE Q 161 -19.02 -4.55 39.56
CA PHE Q 161 -19.46 -5.08 40.85
C PHE Q 161 -20.84 -5.72 40.75
N SER Q 162 -21.45 -5.66 39.57
CA SER Q 162 -22.75 -6.27 39.31
C SER Q 162 -22.69 -7.28 38.19
N LYS Q 163 -22.11 -6.91 37.06
CA LYS Q 163 -21.77 -7.86 36.03
C LYS Q 163 -20.42 -8.47 36.36
N HIS Q 164 -20.24 -9.72 35.95
CA HIS Q 164 -19.10 -10.48 36.41
C HIS Q 164 -17.81 -9.99 35.78
N VAL Q 165 -16.79 -9.84 36.61
CA VAL Q 165 -15.50 -9.28 36.23
C VAL Q 165 -14.44 -10.36 36.37
N ALA Q 166 -13.36 -10.20 35.61
CA ALA Q 166 -12.30 -11.20 35.56
C ALA Q 166 -10.95 -10.51 35.42
N VAL Q 167 -9.90 -11.25 35.81
CA VAL Q 167 -8.54 -10.77 35.76
C VAL Q 167 -7.65 -11.90 35.25
N VAL Q 168 -6.76 -11.57 34.34
CA VAL Q 168 -5.81 -12.52 33.78
C VAL Q 168 -4.47 -11.84 33.67
N GLY Q 169 -3.40 -12.58 33.96
CA GLY Q 169 -2.09 -11.98 33.97
C GLY Q 169 -0.97 -12.97 34.23
N SER Q 170 0.19 -12.65 33.70
CA SER Q 170 1.36 -13.48 33.87
C SER Q 170 1.94 -13.31 35.28
N THR Q 171 3.02 -14.03 35.51
CA THR Q 171 3.64 -14.06 36.83
C THR Q 171 4.48 -12.80 37.04
N GLY Q 172 4.06 -11.98 37.98
CA GLY Q 172 4.76 -10.77 38.30
C GLY Q 172 4.13 -9.52 37.75
N SER Q 173 2.87 -9.59 37.37
CA SER Q 173 2.17 -8.46 36.78
C SER Q 173 1.33 -7.69 37.77
N GLY Q 174 1.07 -8.26 38.94
CA GLY Q 174 0.37 -7.53 39.98
C GLY Q 174 -1.12 -7.80 40.00
N LYS Q 175 -1.49 -9.07 40.02
CA LYS Q 175 -2.90 -9.42 40.05
C LYS Q 175 -3.46 -9.32 41.46
N SER Q 176 -2.86 -10.06 42.39
CA SER Q 176 -3.40 -10.13 43.73
C SER Q 176 -3.37 -8.78 44.40
N CYS Q 177 -2.33 -8.00 44.15
CA CYS Q 177 -2.24 -6.68 44.74
C CYS Q 177 -3.38 -5.80 44.25
N ALA Q 178 -3.67 -5.84 42.96
CA ALA Q 178 -4.74 -5.02 42.42
C ALA Q 178 -6.08 -5.46 42.97
N VAL Q 179 -6.28 -6.76 43.10
CA VAL Q 179 -7.53 -7.24 43.67
C VAL Q 179 -7.67 -6.74 45.09
N ALA Q 180 -6.58 -6.75 45.84
CA ALA Q 180 -6.63 -6.29 47.22
C ALA Q 180 -6.94 -4.80 47.27
N LYS Q 181 -6.39 -4.04 46.34
CA LYS Q 181 -6.66 -2.61 46.30
C LYS Q 181 -8.13 -2.34 46.02
N ILE Q 182 -8.68 -3.04 45.04
CA ILE Q 182 -10.08 -2.87 44.70
C ILE Q 182 -10.95 -3.18 45.91
N LEU Q 183 -10.68 -4.31 46.56
CA LEU Q 183 -11.45 -4.68 47.73
C LEU Q 183 -11.35 -3.62 48.82
N GLN Q 184 -10.13 -3.17 49.10
CA GLN Q 184 -9.92 -2.21 50.17
C GLN Q 184 -10.68 -0.92 49.90
N THR Q 185 -10.66 -0.47 48.66
CA THR Q 185 -11.37 0.75 48.33
C THR Q 185 -12.87 0.53 48.34
N ALA Q 186 -13.31 -0.70 48.11
CA ALA Q 186 -14.73 -0.98 48.10
C ALA Q 186 -15.30 -0.98 49.51
N VAL Q 187 -14.59 -1.59 50.44
CA VAL Q 187 -15.12 -1.70 51.80
C VAL Q 187 -14.90 -0.43 52.61
N GLY Q 188 -13.86 0.34 52.33
CA GLY Q 188 -13.68 1.63 52.97
C GLY Q 188 -12.33 1.88 53.60
N ILE Q 189 -11.33 1.10 53.24
CA ILE Q 189 -9.97 1.27 53.79
C ILE Q 189 -9.28 2.28 52.88
N GLU Q 190 -9.51 3.56 53.17
CA GLU Q 190 -8.89 4.65 52.45
C GLU Q 190 -7.71 5.16 53.25
N SER Q 191 -6.50 4.90 52.76
CA SER Q 191 -5.27 5.34 53.43
C SER Q 191 -5.22 4.83 54.87
N LYS Q 192 -5.55 3.55 55.04
CA LYS Q 192 -5.55 2.90 56.35
C LYS Q 192 -6.54 3.56 57.30
N ALA Q 193 -7.63 4.11 56.76
CA ALA Q 193 -8.69 4.73 57.54
C ALA Q 193 -10.02 4.15 57.09
N ASN Q 194 -10.85 3.73 58.05
CA ASN Q 194 -12.14 3.11 57.78
C ASN Q 194 -13.24 4.04 58.26
N ALA Q 195 -13.91 4.70 57.31
CA ALA Q 195 -15.03 5.57 57.67
C ALA Q 195 -16.24 4.76 58.14
N HIS Q 196 -16.43 3.57 57.57
CA HIS Q 196 -17.56 2.71 57.94
C HIS Q 196 -17.14 1.86 59.14
N LYS Q 197 -16.94 2.54 60.27
CA LYS Q 197 -16.39 1.88 61.45
C LYS Q 197 -17.36 0.85 62.02
N ALA Q 198 -18.64 0.94 61.68
CA ALA Q 198 -19.63 0.05 62.29
C ALA Q 198 -19.41 -1.39 61.87
N ALA Q 199 -19.55 -1.67 60.57
CA ALA Q 199 -19.41 -3.02 60.06
C ALA Q 199 -19.35 -2.96 58.54
N GLN Q 200 -19.38 -4.13 57.89
CA GLN Q 200 -19.45 -4.18 56.44
C GLN Q 200 -20.66 -3.38 55.98
N LYS Q 201 -20.41 -2.30 55.24
CA LYS Q 201 -21.46 -1.35 54.86
C LYS Q 201 -22.15 -1.85 53.59
N ASN Q 202 -22.92 -2.91 53.75
CA ASN Q 202 -23.77 -3.42 52.69
C ASN Q 202 -22.96 -3.76 51.45
N SER Q 203 -21.84 -4.45 51.65
CA SER Q 203 -21.10 -5.05 50.53
C SER Q 203 -20.25 -6.16 51.13
N HIS Q 204 -20.67 -7.39 50.91
CA HIS Q 204 -20.13 -8.54 51.60
C HIS Q 204 -19.36 -9.42 50.62
N ILE Q 205 -18.34 -10.10 51.13
CA ILE Q 205 -17.34 -10.74 50.30
C ILE Q 205 -17.02 -12.13 50.80
N VAL Q 206 -16.50 -12.95 49.90
CA VAL Q 206 -15.95 -14.25 50.23
C VAL Q 206 -14.79 -14.53 49.31
N ILE Q 207 -13.62 -14.76 49.89
CA ILE Q 207 -12.37 -14.89 49.15
C ILE Q 207 -11.86 -16.31 49.33
N PHE Q 208 -11.98 -17.12 48.30
CA PHE Q 208 -11.32 -18.42 48.34
C PHE Q 208 -9.82 -18.20 48.23
N ASP Q 209 -9.07 -19.12 48.82
CA ASP Q 209 -7.62 -19.01 48.81
C ASP Q 209 -7.01 -20.40 48.82
N ILE Q 210 -5.77 -20.46 48.32
CA ILE Q 210 -4.98 -21.67 48.34
C ILE Q 210 -3.57 -21.42 48.87
N HIS Q 211 -3.22 -20.18 49.16
CA HIS Q 211 -1.86 -19.83 49.55
C HIS Q 211 -1.79 -19.00 50.84
N ALA Q 212 -2.88 -18.85 51.56
CA ALA Q 212 -2.89 -18.07 52.80
C ALA Q 212 -2.25 -16.70 52.55
N GLU Q 213 -2.94 -15.91 51.74
CA GLU Q 213 -2.39 -14.69 51.18
C GLU Q 213 -3.06 -13.42 51.67
N TYR Q 214 -4.37 -13.31 51.48
CA TYR Q 214 -5.08 -12.05 51.68
C TYR Q 214 -5.39 -11.76 53.14
N ALA Q 215 -4.90 -12.59 54.06
CA ALA Q 215 -5.19 -12.37 55.47
C ALA Q 215 -4.66 -11.03 55.94
N ALA Q 216 -3.56 -10.58 55.34
CA ALA Q 216 -2.94 -9.34 55.78
C ALA Q 216 -3.50 -8.12 55.09
N ALA Q 217 -3.96 -8.26 53.85
CA ALA Q 217 -4.48 -7.12 53.14
C ALA Q 217 -5.55 -6.41 53.96
N PHE Q 218 -6.23 -7.14 54.82
CA PHE Q 218 -7.25 -6.60 55.71
C PHE Q 218 -6.93 -7.05 57.13
N ASN Q 219 -6.06 -6.29 57.81
CA ASN Q 219 -5.75 -6.55 59.21
C ASN Q 219 -5.07 -5.30 59.76
N LEU Q 220 -5.83 -4.50 60.48
CA LEU Q 220 -5.35 -3.22 60.99
C LEU Q 220 -5.29 -3.25 62.52
N GLU Q 221 -4.95 -2.11 63.09
CA GLU Q 221 -4.75 -2.02 64.53
C GLU Q 221 -6.09 -2.05 65.27
N ALA Q 222 -6.02 -2.38 66.56
CA ALA Q 222 -7.23 -2.52 67.36
C ALA Q 222 -8.03 -1.22 67.40
N GLY Q 223 -7.35 -0.10 67.61
CA GLY Q 223 -8.05 1.17 67.61
C GLY Q 223 -8.86 1.38 66.35
N GLU Q 224 -8.40 0.83 65.22
CA GLU Q 224 -9.14 0.92 63.98
C GLU Q 224 -10.36 0.01 63.97
N ALA Q 225 -10.44 -0.93 64.90
CA ALA Q 225 -11.56 -1.86 65.03
C ALA Q 225 -11.68 -2.77 63.82
N PHE Q 226 -10.66 -2.83 62.98
CA PHE Q 226 -10.73 -3.57 61.72
C PHE Q 226 -10.44 -5.04 61.98
N THR Q 227 -11.51 -5.78 62.26
CA THR Q 227 -11.43 -7.24 62.43
C THR Q 227 -11.87 -7.94 61.17
N LEU Q 228 -11.57 -9.24 61.10
CA LEU Q 228 -11.82 -10.05 59.92
C LEU Q 228 -12.25 -11.44 60.36
N ASN Q 229 -13.43 -11.86 59.94
CA ASN Q 229 -13.96 -13.19 60.26
C ASN Q 229 -13.23 -14.22 59.42
N LEU Q 230 -12.19 -14.81 60.00
CA LEU Q 230 -11.46 -15.85 59.31
C LEU Q 230 -12.20 -17.17 59.45
N LEU Q 231 -11.62 -18.19 58.81
CA LEU Q 231 -12.10 -19.55 58.87
C LEU Q 231 -10.95 -20.43 58.44
N GLY Q 232 -10.94 -21.66 58.93
CA GLY Q 232 -9.79 -22.51 58.66
C GLY Q 232 -10.08 -23.97 58.90
N VAL Q 233 -9.14 -24.80 58.44
CA VAL Q 233 -9.30 -26.24 58.51
C VAL Q 233 -9.58 -26.68 59.93
N ASP Q 234 -8.93 -26.03 60.88
CA ASP Q 234 -9.11 -26.42 62.27
C ASP Q 234 -10.53 -26.11 62.74
N ASN Q 235 -11.09 -25.00 62.29
CA ASN Q 235 -12.35 -24.49 62.79
C ASN Q 235 -13.36 -24.29 61.67
N LEU Q 236 -13.36 -25.19 60.69
CA LEU Q 236 -14.31 -25.13 59.59
C LEU Q 236 -15.44 -26.10 59.88
N ARG Q 237 -16.62 -25.54 60.14
CA ARG Q 237 -17.81 -26.34 60.44
C ARG Q 237 -18.53 -26.66 59.13
N LEU Q 238 -18.13 -27.76 58.50
CA LEU Q 238 -18.71 -28.19 57.23
C LEU Q 238 -19.36 -29.55 57.44
N PRO Q 239 -20.66 -29.58 57.72
CA PRO Q 239 -21.32 -30.86 57.99
C PRO Q 239 -21.28 -31.80 56.81
N TYR Q 240 -21.25 -33.09 57.12
CA TYR Q 240 -21.21 -34.13 56.13
C TYR Q 240 -22.56 -34.76 55.89
N TRP Q 241 -23.63 -34.10 56.31
CA TRP Q 241 -24.98 -34.51 55.97
C TRP Q 241 -25.70 -33.47 55.12
N LEU Q 242 -24.99 -32.48 54.61
CA LEU Q 242 -25.55 -31.47 53.73
C LEU Q 242 -25.28 -31.78 52.28
N MET Q 243 -24.65 -32.90 52.00
CA MET Q 243 -24.25 -33.21 50.63
C MET Q 243 -25.42 -33.72 49.82
N ASN Q 244 -25.32 -33.55 48.52
CA ASN Q 244 -26.29 -34.06 47.57
C ASN Q 244 -25.98 -35.52 47.26
N ALA Q 245 -26.57 -36.04 46.20
CA ALA Q 245 -26.59 -37.48 45.99
C ALA Q 245 -25.24 -38.00 45.54
N GLN Q 246 -24.56 -37.25 44.68
CA GLN Q 246 -23.35 -37.76 44.07
C GLN Q 246 -22.15 -37.60 44.98
N GLU Q 247 -22.13 -36.54 45.77
CA GLU Q 247 -20.98 -36.28 46.62
C GLU Q 247 -20.76 -37.41 47.60
N LEU Q 248 -21.83 -37.94 48.17
CA LEU Q 248 -21.68 -39.03 49.12
C LEU Q 248 -21.15 -40.27 48.44
N GLU Q 249 -21.71 -40.60 47.27
CA GLU Q 249 -21.21 -41.73 46.52
C GLU Q 249 -19.75 -41.53 46.16
N GLN Q 250 -19.31 -40.27 46.16
CA GLN Q 250 -17.92 -40.00 45.81
C GLN Q 250 -17.01 -40.18 47.00
N ILE Q 251 -17.43 -39.69 48.16
CA ILE Q 251 -16.57 -39.73 49.34
C ILE Q 251 -16.66 -41.09 50.02
N PHE Q 252 -17.85 -41.43 50.52
CA PHE Q 252 -17.98 -42.61 51.35
C PHE Q 252 -17.85 -43.90 50.56
N ILE Q 253 -17.76 -43.82 49.24
CA ILE Q 253 -17.46 -44.96 48.41
C ILE Q 253 -16.26 -44.60 47.54
N GLU Q 254 -15.33 -45.54 47.40
CA GLU Q 254 -14.08 -45.29 46.69
C GLU Q 254 -14.23 -45.72 45.22
N SER Q 255 -15.16 -45.06 44.53
CA SER Q 255 -15.40 -45.31 43.11
C SER Q 255 -15.26 -46.79 42.84
N ASN Q 256 -15.96 -47.61 43.63
CA ASN Q 256 -15.67 -49.03 43.72
C ASN Q 256 -16.36 -49.85 42.64
N GLU Q 257 -16.05 -49.57 41.37
CA GLU Q 257 -16.43 -50.49 40.31
C GLU Q 257 -17.93 -50.71 40.29
N HIS Q 258 -18.70 -49.74 39.83
CA HIS Q 258 -20.14 -49.74 40.00
C HIS Q 258 -20.83 -50.88 39.25
N ASN Q 259 -20.09 -51.88 38.77
CA ASN Q 259 -20.74 -53.11 38.30
C ASN Q 259 -21.44 -53.85 39.43
N SER Q 260 -21.16 -53.48 40.68
CA SER Q 260 -21.78 -54.12 41.83
C SER Q 260 -23.12 -53.48 42.12
N HIS Q 261 -24.15 -54.30 42.30
CA HIS Q 261 -25.49 -53.79 42.57
C HIS Q 261 -25.78 -53.74 44.06
N ASN Q 262 -25.77 -54.89 44.73
CA ASN Q 262 -26.23 -54.98 46.10
C ASN Q 262 -25.43 -54.06 47.01
N GLN Q 263 -24.12 -54.06 46.83
CA GLN Q 263 -23.24 -53.24 47.64
C GLN Q 263 -23.75 -51.81 47.73
N ILE Q 264 -24.37 -51.32 46.66
CA ILE Q 264 -24.80 -49.94 46.61
C ILE Q 264 -26.27 -49.82 46.96
N SER Q 265 -27.05 -50.80 46.52
CA SER Q 265 -28.49 -50.77 46.78
C SER Q 265 -28.76 -50.72 48.27
N GLN Q 266 -28.19 -51.66 49.01
CA GLN Q 266 -28.48 -51.70 50.44
C GLN Q 266 -27.90 -50.47 51.13
N PHE Q 267 -26.84 -49.91 50.58
CA PHE Q 267 -26.32 -48.68 51.14
C PHE Q 267 -27.33 -47.56 51.01
N ARG Q 268 -27.91 -47.41 49.81
CA ARG Q 268 -28.85 -46.32 49.63
C ARG Q 268 -30.13 -46.60 50.39
N HIS Q 269 -30.39 -47.86 50.70
CA HIS Q 269 -31.57 -48.22 51.46
C HIS Q 269 -31.36 -48.00 52.95
N ALA Q 270 -30.11 -47.94 53.39
CA ALA Q 270 -29.83 -47.74 54.80
C ALA Q 270 -30.11 -46.33 55.23
N VAL Q 271 -29.37 -45.38 54.65
CA VAL Q 271 -29.43 -44.00 55.11
C VAL Q 271 -30.86 -43.49 55.09
N VAL Q 272 -31.64 -43.90 54.10
CA VAL Q 272 -32.99 -43.38 53.97
C VAL Q 272 -33.81 -43.73 55.19
N ARG Q 273 -33.55 -44.91 55.76
CA ARG Q 273 -34.23 -45.27 57.00
C ARG Q 273 -33.58 -44.60 58.20
N ASN Q 274 -32.26 -44.73 58.30
CA ASN Q 274 -31.55 -44.14 59.42
C ASN Q 274 -31.98 -42.71 59.65
N LYS Q 275 -32.35 -42.03 58.58
CA LYS Q 275 -32.77 -40.64 58.72
C LYS Q 275 -34.10 -40.55 59.47
N CYS Q 276 -34.96 -41.54 59.28
CA CYS Q 276 -36.29 -41.44 59.85
C CYS Q 276 -36.26 -41.59 61.36
N LYS Q 277 -35.22 -42.25 61.88
CA LYS Q 277 -35.16 -42.51 63.31
C LYS Q 277 -34.91 -41.23 64.10
N HIS Q 278 -34.02 -40.37 63.60
CA HIS Q 278 -33.61 -39.20 64.36
C HIS Q 278 -34.44 -37.97 64.05
N ASN Q 279 -35.17 -37.97 62.95
CA ASN Q 279 -35.96 -36.82 62.52
C ASN Q 279 -37.38 -37.28 62.23
N PRO Q 280 -38.09 -37.74 63.27
CA PRO Q 280 -39.46 -38.23 63.07
C PRO Q 280 -40.45 -37.11 62.77
N THR Q 281 -40.18 -35.90 63.23
CA THR Q 281 -41.11 -34.81 63.04
C THR Q 281 -41.41 -34.60 61.57
N LEU Q 282 -40.43 -34.82 60.71
CA LEU Q 282 -40.58 -34.57 59.29
C LEU Q 282 -41.26 -35.75 58.59
N THR Q 283 -41.49 -35.58 57.29
CA THR Q 283 -42.12 -36.60 56.47
C THR Q 283 -41.57 -36.52 55.06
N ASN Q 284 -41.63 -37.64 54.34
CA ASN Q 284 -41.28 -37.70 52.93
C ASN Q 284 -39.79 -37.54 52.70
N LEU Q 285 -38.98 -38.05 53.63
CA LEU Q 285 -37.55 -37.88 53.51
C LEU Q 285 -37.03 -38.71 52.34
N SER Q 286 -35.95 -38.21 51.74
CA SER Q 286 -35.35 -38.87 50.60
C SER Q 286 -33.85 -38.91 50.79
N PHE Q 287 -33.23 -39.81 50.03
CA PHE Q 287 -31.79 -40.00 50.09
C PHE Q 287 -31.03 -38.67 50.11
N ASP Q 288 -31.55 -37.65 49.45
CA ASP Q 288 -30.79 -36.44 49.20
C ASP Q 288 -31.23 -35.27 50.07
N THR Q 289 -32.27 -35.42 50.85
CA THR Q 289 -32.71 -34.31 51.66
C THR Q 289 -31.75 -34.08 52.83
N PRO Q 290 -31.42 -32.84 53.13
CA PRO Q 290 -30.46 -32.58 54.21
C PRO Q 290 -31.02 -32.71 55.60
N VAL Q 291 -30.69 -33.80 56.27
CA VAL Q 291 -30.96 -33.96 57.69
C VAL Q 291 -29.88 -34.83 58.31
N TYR Q 292 -29.95 -35.03 59.62
CA TYR Q 292 -28.91 -35.76 60.33
C TYR Q 292 -28.85 -37.20 59.89
N PHE Q 293 -27.66 -37.79 60.02
CA PHE Q 293 -27.50 -39.23 59.92
C PHE Q 293 -26.08 -39.61 60.27
N SER Q 294 -25.94 -40.60 61.16
CA SER Q 294 -24.65 -41.06 61.65
C SER Q 294 -24.14 -42.20 60.78
N ILE Q 295 -22.94 -42.03 60.25
CA ILE Q 295 -22.38 -43.03 59.35
C ILE Q 295 -21.90 -44.25 60.11
N ASP Q 296 -21.45 -44.07 61.35
CA ASP Q 296 -20.95 -45.20 62.12
C ASP Q 296 -22.05 -46.21 62.33
N GLU Q 297 -23.27 -45.73 62.57
CA GLU Q 297 -24.39 -46.63 62.68
C GLU Q 297 -24.58 -47.41 61.39
N VAL Q 298 -24.33 -46.75 60.26
CA VAL Q 298 -24.49 -47.43 58.98
C VAL Q 298 -23.43 -48.51 58.85
N VAL Q 299 -22.25 -48.26 59.39
CA VAL Q 299 -21.20 -49.27 59.37
C VAL Q 299 -21.64 -50.47 60.18
N THR Q 300 -22.12 -50.21 61.39
CA THR Q 300 -22.56 -51.30 62.25
C THR Q 300 -23.68 -52.08 61.59
N TYR Q 301 -24.52 -51.40 60.82
CA TYR Q 301 -25.65 -52.06 60.20
C TYR Q 301 -25.19 -52.96 59.07
N LEU Q 302 -24.43 -52.39 58.14
CA LEU Q 302 -23.88 -53.18 57.06
C LEU Q 302 -23.12 -54.37 57.61
N GLU Q 303 -22.58 -54.24 58.83
CA GLU Q 303 -21.93 -55.36 59.47
C GLU Q 303 -22.95 -56.39 59.88
N ASN Q 304 -23.84 -56.00 60.78
CA ASN Q 304 -24.78 -56.93 61.37
C ASN Q 304 -25.55 -57.70 60.31
N MET Q 305 -25.64 -57.15 59.11
CA MET Q 305 -26.43 -57.82 58.10
C MET Q 305 -25.71 -59.01 57.49
N ASN Q 306 -24.40 -59.12 57.71
CA ASN Q 306 -23.64 -60.15 57.02
C ASN Q 306 -23.80 -61.50 57.71
N ASN Q 307 -23.56 -61.55 59.01
CA ASN Q 307 -23.52 -62.80 59.74
C ASN Q 307 -24.90 -63.28 60.16
N GLU Q 308 -25.95 -62.63 59.70
CA GLU Q 308 -27.31 -63.00 60.10
C GLU Q 308 -27.72 -64.31 59.47
N VAL Q 309 -28.50 -65.08 60.22
CA VAL Q 309 -29.02 -66.37 59.77
C VAL Q 309 -30.53 -66.37 59.97
N ILE Q 310 -31.25 -66.69 58.91
CA ILE Q 310 -32.70 -66.72 58.96
C ILE Q 310 -33.17 -68.04 59.54
N GLY Q 311 -34.27 -67.97 60.29
CA GLY Q 311 -34.89 -69.17 60.83
C GLY Q 311 -35.87 -69.74 59.83
N LYS Q 312 -35.75 -71.05 59.58
CA LYS Q 312 -36.63 -71.75 58.67
C LYS Q 312 -37.63 -72.63 59.40
N LEU Q 313 -37.77 -72.44 60.71
CA LEU Q 313 -38.71 -73.25 61.47
C LEU Q 313 -40.13 -72.75 61.23
N ALA Q 314 -41.09 -73.52 61.76
CA ALA Q 314 -42.50 -73.23 61.51
C ALA Q 314 -42.85 -71.85 62.03
N GLY Q 315 -43.34 -71.00 61.13
CA GLY Q 315 -43.68 -69.64 61.51
C GLY Q 315 -42.52 -68.86 62.08
N GLU Q 316 -41.30 -69.18 61.67
CA GLU Q 316 -40.11 -68.49 62.11
C GLU Q 316 -39.34 -67.92 60.92
N GLY Q 317 -40.07 -67.52 59.87
CA GLY Q 317 -39.43 -67.01 58.68
C GLY Q 317 -38.86 -65.63 58.92
N LYS Q 318 -37.85 -65.57 59.76
CA LYS Q 318 -37.33 -64.30 60.24
C LYS Q 318 -35.95 -64.51 60.85
N PRO Q 319 -35.29 -63.45 61.32
CA PRO Q 319 -33.99 -63.64 61.97
C PRO Q 319 -34.11 -64.43 63.25
N LYS Q 320 -33.05 -65.17 63.56
CA LYS Q 320 -32.98 -66.01 64.75
C LYS Q 320 -31.74 -65.60 65.54
N LEU Q 321 -31.94 -64.97 66.69
CA LEU Q 321 -30.84 -64.45 67.46
C LEU Q 321 -30.11 -65.57 68.19
N ALA Q 322 -28.90 -65.24 68.64
CA ALA Q 322 -28.07 -66.21 69.33
C ALA Q 322 -28.70 -66.68 70.64
N ASN Q 323 -29.66 -65.94 71.18
CA ASN Q 323 -30.29 -66.27 72.46
C ASN Q 323 -31.75 -66.68 72.29
N GLU Q 324 -32.04 -67.44 71.23
CA GLU Q 324 -33.38 -67.95 70.98
C GLU Q 324 -34.41 -66.84 71.08
N THR Q 325 -34.23 -65.79 70.28
CA THR Q 325 -35.09 -64.62 70.32
C THR Q 325 -35.18 -64.03 68.92
N LEU Q 326 -36.29 -64.29 68.24
CA LEU Q 326 -36.50 -63.75 66.91
C LEU Q 326 -36.40 -62.22 66.90
N VAL Q 327 -36.42 -61.65 65.70
CA VAL Q 327 -36.37 -60.21 65.50
C VAL Q 327 -37.57 -59.82 64.66
N SER Q 328 -38.46 -59.01 65.25
CA SER Q 328 -39.66 -58.60 64.53
C SER Q 328 -39.34 -57.52 63.51
N ASP Q 329 -38.53 -56.53 63.90
CA ASP Q 329 -38.19 -55.42 63.03
C ASP Q 329 -36.68 -55.25 63.01
N ARG Q 330 -36.15 -54.88 61.84
CA ARG Q 330 -34.72 -54.69 61.70
C ARG Q 330 -34.31 -53.28 62.09
N ASP Q 331 -35.12 -52.29 61.71
CA ASP Q 331 -34.80 -50.90 61.99
C ASP Q 331 -34.73 -50.63 63.49
N GLU Q 332 -35.25 -51.54 64.31
CA GLU Q 332 -35.27 -51.29 65.74
C GLU Q 332 -33.92 -51.58 66.37
N LEU Q 333 -33.33 -52.72 66.03
CA LEU Q 333 -32.17 -53.25 66.74
C LEU Q 333 -30.86 -52.93 66.06
N TYR Q 334 -30.70 -53.35 64.81
CA TYR Q 334 -29.41 -53.33 64.14
C TYR Q 334 -28.62 -52.07 64.46
N PHE Q 335 -29.26 -50.91 64.34
CA PHE Q 335 -28.51 -49.66 64.39
C PHE Q 335 -27.91 -49.41 65.76
N ASP Q 336 -28.46 -50.02 66.80
CA ASP Q 336 -28.03 -49.68 68.15
C ASP Q 336 -26.65 -50.25 68.46
N ALA Q 337 -26.53 -51.58 68.42
CA ALA Q 337 -25.29 -52.23 68.80
C ALA Q 337 -25.23 -53.59 68.15
N VAL Q 338 -24.00 -54.10 68.05
CA VAL Q 338 -23.78 -55.34 67.33
C VAL Q 338 -24.53 -56.48 68.00
N GLN Q 339 -24.71 -57.56 67.26
CA GLN Q 339 -25.33 -58.76 67.76
C GLN Q 339 -24.52 -59.96 67.31
N SER Q 340 -24.64 -61.04 68.08
CA SER Q 340 -24.15 -62.35 67.68
C SER Q 340 -25.35 -63.24 67.35
N PHE Q 341 -25.11 -64.22 66.49
CA PHE Q 341 -26.17 -65.03 65.92
C PHE Q 341 -26.02 -66.48 66.34
N ILE Q 342 -26.91 -67.31 65.81
CA ILE Q 342 -26.93 -68.75 66.09
C ILE Q 342 -25.96 -69.47 65.18
N VAL Q 343 -25.71 -70.74 65.47
CA VAL Q 343 -24.93 -71.61 64.59
C VAL Q 343 -25.91 -72.34 63.68
N ALA Q 344 -25.71 -72.22 62.37
CA ALA Q 344 -26.64 -72.79 61.42
C ALA Q 344 -26.66 -74.31 61.54
N SER Q 345 -27.84 -74.88 61.34
CA SER Q 345 -28.03 -76.32 61.44
C SER Q 345 -28.98 -76.79 60.35
N GLN Q 346 -28.53 -77.74 59.54
CA GLN Q 346 -29.39 -78.33 58.55
C GLN Q 346 -30.38 -79.31 59.17
N ALA Q 347 -30.10 -79.78 60.38
CA ALA Q 347 -30.99 -80.72 61.04
C ALA Q 347 -32.37 -80.11 61.24
N ALA Q 348 -33.40 -80.94 61.11
CA ALA Q 348 -34.77 -80.46 61.26
C ALA Q 348 -35.03 -79.93 62.66
N ALA Q 349 -34.24 -80.37 63.64
CA ALA Q 349 -34.43 -79.90 65.01
C ALA Q 349 -34.28 -78.39 65.09
N THR Q 350 -33.34 -77.83 64.34
CA THR Q 350 -33.07 -76.40 64.31
C THR Q 350 -32.95 -76.01 62.84
N LYS Q 351 -34.07 -75.66 62.23
CA LYS Q 351 -34.13 -75.40 60.80
C LYS Q 351 -33.85 -73.93 60.56
N ALA Q 352 -32.62 -73.62 60.12
CA ALA Q 352 -32.21 -72.25 59.91
C ALA Q 352 -30.99 -72.24 59.01
N SER Q 353 -30.97 -71.29 58.09
CA SER Q 353 -29.91 -71.21 57.09
C SER Q 353 -29.41 -69.78 56.94
N ASN Q 354 -28.23 -69.65 56.36
CA ASN Q 354 -27.59 -68.36 56.24
C ASN Q 354 -28.51 -67.37 55.55
N GLY Q 355 -28.23 -66.09 55.75
CA GLY Q 355 -29.05 -65.06 55.20
C GLY Q 355 -28.95 -65.00 53.69
N PRO Q 356 -29.64 -64.05 53.12
CA PRO Q 356 -29.58 -63.86 51.68
C PRO Q 356 -28.29 -63.16 51.28
N PHE Q 357 -27.89 -62.19 52.10
CA PHE Q 357 -26.72 -61.37 51.84
C PHE Q 357 -25.52 -61.80 52.65
N ASN Q 358 -25.50 -63.05 53.10
CA ASN Q 358 -24.42 -63.56 53.93
C ASN Q 358 -23.08 -63.46 53.22
N GLY Q 359 -22.22 -62.58 53.70
CA GLY Q 359 -20.86 -62.50 53.18
C GLY Q 359 -20.73 -61.65 51.93
N GLU Q 360 -21.79 -61.59 51.13
CA GLU Q 360 -21.74 -60.83 49.88
C GLU Q 360 -21.15 -59.45 50.08
N PHE Q 361 -21.18 -58.92 51.30
CA PHE Q 361 -20.70 -57.59 51.60
C PHE Q 361 -19.41 -57.62 52.39
N ASP Q 362 -18.82 -58.80 52.60
CA ASP Q 362 -17.64 -58.91 53.43
C ASP Q 362 -16.56 -57.93 52.97
N ARG Q 363 -16.09 -58.09 51.74
CA ARG Q 363 -15.06 -57.20 51.23
C ARG Q 363 -15.50 -55.75 51.35
N MET Q 364 -16.78 -55.48 51.10
CA MET Q 364 -17.28 -54.13 51.22
C MET Q 364 -17.21 -53.65 52.66
N ILE Q 365 -17.58 -54.51 53.60
CA ILE Q 365 -17.50 -54.14 55.00
C ILE Q 365 -16.08 -53.76 55.35
N LEU Q 366 -15.13 -54.59 54.93
CA LEU Q 366 -13.73 -54.35 55.27
C LEU Q 366 -13.27 -53.04 54.69
N ARG Q 367 -13.46 -52.86 53.39
CA ARG Q 367 -12.99 -51.65 52.73
C ARG Q 367 -13.61 -50.41 53.36
N LEU Q 368 -14.92 -50.42 53.52
CA LEU Q 368 -15.63 -49.23 53.95
C LEU Q 368 -15.28 -48.90 55.39
N HIS Q 369 -15.27 -49.89 56.27
CA HIS Q 369 -14.85 -49.63 57.65
C HIS Q 369 -13.43 -49.14 57.69
N THR Q 370 -12.60 -49.60 56.76
CA THR Q 370 -11.21 -49.18 56.77
C THR Q 370 -11.11 -47.71 56.44
N ARG Q 371 -11.81 -47.27 55.40
CA ARG Q 371 -11.54 -45.95 54.87
C ARG Q 371 -11.70 -44.86 55.92
N LEU Q 372 -12.61 -45.06 56.87
CA LEU Q 372 -12.84 -44.03 57.87
C LEU Q 372 -11.63 -43.83 58.76
N ALA Q 373 -10.68 -44.76 58.73
CA ALA Q 373 -9.54 -44.69 59.62
C ALA Q 373 -8.64 -43.51 59.33
N ASP Q 374 -8.82 -42.84 58.20
CA ASP Q 374 -7.92 -41.76 57.83
C ASP Q 374 -8.05 -40.62 58.82
N PRO Q 375 -6.96 -40.10 59.35
CA PRO Q 375 -7.05 -39.01 60.35
C PRO Q 375 -7.17 -37.65 59.70
N ARG Q 376 -6.63 -37.52 58.49
CA ARG Q 376 -6.60 -36.23 57.84
C ARG Q 376 -8.00 -35.72 57.54
N LEU Q 377 -8.92 -36.63 57.25
CA LEU Q 377 -10.30 -36.26 56.98
C LEU Q 377 -11.09 -36.03 58.26
N GLN Q 378 -10.44 -36.17 59.41
CA GLN Q 378 -11.10 -36.05 60.70
C GLN Q 378 -11.91 -34.77 60.84
N PHE Q 379 -11.68 -33.78 59.99
CA PHE Q 379 -12.37 -32.50 60.13
C PHE Q 379 -13.79 -32.53 59.58
N LEU Q 380 -14.13 -33.50 58.74
CA LEU Q 380 -15.43 -33.60 58.13
C LEU Q 380 -16.36 -34.57 58.86
N PHE Q 381 -15.86 -35.76 59.14
CA PHE Q 381 -16.72 -36.82 59.66
C PHE Q 381 -17.24 -36.48 61.06
N TYR Q 382 -16.37 -36.05 61.97
CA TYR Q 382 -16.68 -35.94 63.39
C TYR Q 382 -16.49 -34.51 63.88
N PRO Q 383 -17.35 -33.59 63.46
CA PRO Q 383 -17.23 -32.20 63.92
C PRO Q 383 -17.87 -31.98 65.29
N LYS Q 384 -17.40 -30.91 65.93
CA LYS Q 384 -17.84 -30.51 67.26
C LYS Q 384 -18.19 -29.02 67.26
N LYS Q 385 -18.98 -28.63 68.25
CA LYS Q 385 -19.39 -27.25 68.39
C LYS Q 385 -18.43 -26.51 69.32
N GLU Q 386 -18.80 -25.27 69.67
CA GLU Q 386 -18.02 -24.52 70.64
C GLU Q 386 -18.15 -25.10 72.03
N ASP Q 387 -19.35 -25.58 72.39
CA ASP Q 387 -19.56 -26.22 73.68
C ASP Q 387 -18.98 -27.62 73.74
N GLY Q 388 -18.58 -28.18 72.60
CA GLY Q 388 -18.06 -29.52 72.53
C GLY Q 388 -19.05 -30.55 72.02
N GLU Q 389 -20.34 -30.26 72.11
CA GLU Q 389 -21.36 -31.18 71.63
C GLU Q 389 -21.43 -31.17 70.11
N ASP Q 390 -21.97 -32.26 69.56
CA ASP Q 390 -22.12 -32.39 68.12
C ASP Q 390 -23.34 -31.63 67.62
N LEU Q 391 -23.36 -31.39 66.32
CA LEU Q 391 -24.41 -30.58 65.70
C LEU Q 391 -25.66 -31.41 65.45
N ALA Q 392 -26.78 -30.71 65.26
CA ALA Q 392 -28.07 -31.32 64.97
C ALA Q 392 -28.81 -30.48 63.95
N THR Q 393 -29.69 -31.15 63.20
CA THR Q 393 -30.34 -30.52 62.05
C THR Q 393 -30.87 -29.14 62.39
N GLY Q 394 -31.21 -28.89 63.65
CA GLY Q 394 -31.65 -27.56 64.02
C GLY Q 394 -30.51 -26.56 64.04
N ASP Q 395 -29.31 -27.03 64.34
CA ASP Q 395 -28.14 -26.16 64.37
C ASP Q 395 -27.84 -25.56 63.01
N PHE Q 396 -28.42 -26.14 61.95
CA PHE Q 396 -28.14 -25.70 60.58
C PHE Q 396 -28.14 -24.19 60.47
N ALA Q 397 -29.11 -23.53 61.06
CA ALA Q 397 -29.30 -22.11 60.82
C ALA Q 397 -28.03 -21.33 61.07
N ASP Q 398 -27.22 -21.76 62.04
CA ASP Q 398 -26.04 -20.97 62.39
C ASP Q 398 -24.94 -21.15 61.36
N VAL Q 399 -24.83 -22.35 60.79
CA VAL Q 399 -23.80 -22.60 59.80
C VAL Q 399 -23.87 -21.60 58.66
N VAL Q 400 -25.09 -21.30 58.20
CA VAL Q 400 -25.25 -20.42 57.06
C VAL Q 400 -24.81 -19.01 57.39
N ARG Q 401 -24.74 -18.66 58.68
CA ARG Q 401 -24.27 -17.35 59.06
C ARG Q 401 -22.76 -17.27 59.05
N GLN Q 402 -22.10 -18.42 59.09
CA GLN Q 402 -20.64 -18.45 59.11
C GLN Q 402 -20.07 -17.91 57.81
N PHE Q 403 -20.38 -18.58 56.70
CA PHE Q 403 -19.85 -18.16 55.42
C PHE Q 403 -20.22 -16.74 55.07
N VAL Q 404 -21.37 -16.28 55.54
CA VAL Q 404 -21.93 -15.02 55.10
C VAL Q 404 -21.53 -13.87 56.04
N GLY Q 405 -20.51 -14.08 56.84
CA GLY Q 405 -19.92 -13.00 57.62
C GLY Q 405 -20.83 -12.36 58.63
N TYR Q 406 -22.07 -12.81 58.75
CA TYR Q 406 -22.99 -12.27 59.74
C TYR Q 406 -22.75 -12.83 61.13
N MET Q 407 -21.73 -13.66 61.31
CA MET Q 407 -21.46 -14.25 62.61
C MET Q 407 -20.75 -13.27 63.54
N THR Q 408 -19.72 -12.57 63.04
CA THR Q 408 -18.93 -11.68 63.87
C THR Q 408 -18.86 -10.25 63.34
N LYS Q 409 -19.51 -9.95 62.22
CA LYS Q 409 -19.68 -8.57 61.76
C LYS Q 409 -18.34 -7.92 61.40
N SER Q 410 -17.39 -8.71 60.96
CA SER Q 410 -16.08 -8.19 60.58
C SER Q 410 -16.12 -7.52 59.22
N ASN Q 411 -14.96 -7.21 58.67
CA ASN Q 411 -14.87 -6.50 57.40
C ASN Q 411 -15.00 -7.42 56.19
N VAL Q 412 -14.42 -8.62 56.23
CA VAL Q 412 -14.51 -9.56 55.12
C VAL Q 412 -14.24 -10.95 55.66
N SER Q 413 -14.81 -11.95 55.00
CA SER Q 413 -14.58 -13.34 55.33
C SER Q 413 -13.50 -13.94 54.43
N ILE Q 414 -12.91 -15.02 54.91
CA ILE Q 414 -11.86 -15.72 54.19
C ILE Q 414 -11.95 -17.21 54.49
N ILE Q 415 -11.55 -18.02 53.53
CA ILE Q 415 -11.53 -19.46 53.64
C ILE Q 415 -10.14 -19.92 53.23
N ASP Q 416 -9.36 -20.39 54.20
CA ASP Q 416 -8.09 -21.01 53.91
C ASP Q 416 -8.29 -22.48 53.57
N LEU Q 417 -7.51 -22.96 52.62
CA LEU Q 417 -7.50 -24.35 52.20
C LEU Q 417 -6.06 -24.79 52.01
N SER Q 418 -5.25 -24.48 53.01
CA SER Q 418 -3.80 -24.56 52.92
C SER Q 418 -3.30 -25.83 52.27
N GLY Q 419 -3.55 -26.96 52.92
CA GLY Q 419 -2.83 -28.18 52.59
C GLY Q 419 -3.74 -29.38 52.43
N ILE Q 420 -5.03 -29.13 52.24
CA ILE Q 420 -6.00 -30.19 52.06
C ILE Q 420 -5.62 -31.01 50.84
N PRO Q 421 -5.80 -32.32 50.86
CA PRO Q 421 -5.59 -33.12 49.66
C PRO Q 421 -6.64 -32.81 48.61
N PHE Q 422 -6.27 -33.02 47.35
CA PHE Q 422 -7.17 -32.60 46.29
C PHE Q 422 -8.45 -33.42 46.32
N GLU Q 423 -8.36 -34.67 46.77
CA GLU Q 423 -9.51 -35.55 46.76
C GLU Q 423 -10.73 -34.93 47.44
N VAL Q 424 -10.53 -33.93 48.28
CA VAL Q 424 -11.63 -33.40 49.08
C VAL Q 424 -11.75 -31.89 48.94
N LEU Q 425 -11.32 -31.33 47.81
CA LEU Q 425 -11.39 -29.90 47.58
C LEU Q 425 -12.56 -29.48 46.71
N SER Q 426 -12.82 -30.21 45.64
CA SER Q 426 -13.94 -29.87 44.78
C SER Q 426 -15.23 -29.81 45.58
N ILE Q 427 -15.45 -30.81 46.43
CA ILE Q 427 -16.64 -30.88 47.24
C ILE Q 427 -16.70 -29.70 48.20
N VAL Q 428 -15.57 -29.39 48.83
CA VAL Q 428 -15.55 -28.32 49.80
C VAL Q 428 -15.85 -26.99 49.13
N VAL Q 429 -15.57 -26.89 47.84
CA VAL Q 429 -15.92 -25.68 47.12
C VAL Q 429 -17.40 -25.69 46.76
N SER Q 430 -17.88 -26.84 46.31
CA SER Q 430 -19.24 -26.91 45.79
C SER Q 430 -20.25 -26.66 46.88
N LEU Q 431 -20.08 -27.31 48.03
CA LEU Q 431 -21.04 -27.13 49.10
C LEU Q 431 -21.19 -25.66 49.43
N ILE Q 432 -20.09 -24.94 49.51
CA ILE Q 432 -20.15 -23.56 49.93
C ILE Q 432 -20.82 -22.72 48.87
N SER Q 433 -20.48 -22.97 47.61
CA SER Q 433 -21.06 -22.15 46.56
C SER Q 433 -22.55 -22.37 46.49
N ARG Q 434 -22.97 -23.61 46.63
CA ARG Q 434 -24.39 -23.94 46.56
C ARG Q 434 -25.14 -23.34 47.72
N MET Q 435 -24.55 -23.37 48.91
CA MET Q 435 -25.18 -22.79 50.06
C MET Q 435 -25.42 -21.30 49.84
N ILE Q 436 -24.41 -20.62 49.30
CA ILE Q 436 -24.53 -19.18 49.12
C ILE Q 436 -25.63 -18.88 48.11
N PHE Q 437 -25.62 -19.61 46.99
CA PHE Q 437 -26.59 -19.34 45.96
C PHE Q 437 -28.00 -19.60 46.46
N ASP Q 438 -28.18 -20.64 47.26
CA ASP Q 438 -29.51 -20.96 47.74
C ASP Q 438 -29.99 -19.93 48.74
N PHE Q 439 -29.10 -19.48 49.61
CA PHE Q 439 -29.47 -18.42 50.54
C PHE Q 439 -29.93 -17.19 49.78
N GLY Q 440 -29.24 -16.87 48.70
CA GLY Q 440 -29.62 -15.71 47.93
C GLY Q 440 -30.95 -15.89 47.25
N PHE Q 441 -31.18 -17.09 46.72
CA PHE Q 441 -32.43 -17.35 46.03
C PHE Q 441 -33.60 -17.18 46.98
N HIS Q 442 -33.52 -17.80 48.14
CA HIS Q 442 -34.64 -17.74 49.07
C HIS Q 442 -34.83 -16.33 49.62
N TYR Q 443 -33.75 -15.59 49.79
CA TYR Q 443 -33.89 -14.21 50.25
C TYR Q 443 -34.62 -13.38 49.20
N SER Q 444 -34.19 -13.49 47.95
CA SER Q 444 -34.84 -12.73 46.90
C SER Q 444 -36.29 -13.13 46.78
N LYS Q 445 -36.58 -14.41 46.98
CA LYS Q 445 -37.97 -14.88 46.87
C LYS Q 445 -38.84 -14.26 47.95
N ASN Q 446 -38.40 -14.34 49.21
CA ASN Q 446 -39.19 -13.75 50.27
C ASN Q 446 -39.31 -12.25 50.10
N ARG Q 447 -38.28 -11.61 49.54
CA ARG Q 447 -38.36 -10.17 49.35
C ARG Q 447 -39.35 -9.83 48.25
N HIS Q 448 -39.32 -10.58 47.15
CA HIS Q 448 -40.28 -10.38 46.09
C HIS Q 448 -41.69 -10.57 46.61
N VAL Q 449 -41.90 -11.56 47.48
CA VAL Q 449 -43.16 -11.66 48.20
C VAL Q 449 -43.39 -10.38 48.98
N GLY Q 450 -42.32 -9.75 49.46
CA GLY Q 450 -42.44 -8.46 50.08
C GLY Q 450 -42.60 -7.34 49.08
N GLY Q 451 -41.97 -7.47 47.91
CA GLY Q 451 -42.08 -6.48 46.85
C GLY Q 451 -40.83 -5.69 46.57
N ALA Q 452 -39.65 -6.18 46.96
CA ALA Q 452 -38.42 -5.44 46.80
C ALA Q 452 -37.30 -6.36 46.33
N VAL Q 453 -36.24 -5.76 45.83
CA VAL Q 453 -35.05 -6.49 45.41
C VAL Q 453 -34.19 -6.77 46.64
N SER Q 454 -33.19 -7.63 46.48
CA SER Q 454 -32.34 -8.01 47.59
C SER Q 454 -31.43 -6.86 47.98
N ASP Q 455 -31.32 -6.61 49.29
CA ASP Q 455 -30.43 -5.56 49.78
C ASP Q 455 -29.07 -6.12 50.12
N VAL Q 456 -28.97 -7.42 50.35
CA VAL Q 456 -27.73 -8.06 50.75
C VAL Q 456 -27.05 -8.62 49.51
N PRO Q 457 -26.07 -7.93 48.94
CA PRO Q 457 -25.25 -8.52 47.87
C PRO Q 457 -24.09 -9.34 48.41
N ILE Q 458 -23.41 -10.00 47.48
CA ILE Q 458 -22.30 -10.87 47.78
C ILE Q 458 -21.40 -10.94 46.57
N LEU Q 459 -20.11 -10.74 46.80
CA LEU Q 459 -19.08 -10.98 45.80
C LEU Q 459 -18.24 -12.18 46.22
N VAL Q 460 -17.85 -12.97 45.24
CA VAL Q 460 -17.12 -14.21 45.47
C VAL Q 460 -15.84 -14.14 44.64
N VAL Q 461 -14.71 -13.95 45.30
CA VAL Q 461 -13.42 -13.94 44.62
C VAL Q 461 -12.87 -15.35 44.63
N CYS Q 462 -12.47 -15.81 43.45
CA CYS Q 462 -11.90 -17.13 43.25
C CYS Q 462 -10.49 -16.98 42.70
N GLU Q 463 -9.53 -17.24 43.57
CA GLU Q 463 -8.12 -17.25 43.19
C GLU Q 463 -7.71 -18.65 42.77
N GLU Q 464 -6.54 -18.72 42.14
CA GLU Q 464 -5.95 -19.97 41.67
C GLU Q 464 -7.02 -20.86 41.05
N ALA Q 465 -7.63 -20.34 40.01
CA ALA Q 465 -8.72 -21.05 39.34
C ALA Q 465 -8.25 -22.39 38.79
N HIS Q 466 -7.08 -22.43 38.17
CA HIS Q 466 -6.67 -23.62 37.45
C HIS Q 466 -6.63 -24.83 38.36
N ASN Q 467 -6.53 -24.62 39.67
CA ASN Q 467 -6.48 -25.74 40.59
C ASN Q 467 -7.84 -26.42 40.71
N TYR Q 468 -8.92 -25.65 40.72
CA TYR Q 468 -10.23 -26.20 41.06
C TYR Q 468 -11.34 -25.78 40.09
N LEU Q 469 -11.02 -25.47 38.84
CA LEU Q 469 -12.03 -25.34 37.80
C LEU Q 469 -11.40 -25.53 36.44
N PRO Q 470 -10.82 -26.69 36.17
CA PRO Q 470 -10.04 -26.86 34.95
C PRO Q 470 -10.90 -27.21 33.74
N ARG Q 471 -10.31 -26.97 32.58
CA ARG Q 471 -10.94 -27.34 31.32
C ARG Q 471 -10.87 -28.83 31.10
N SER Q 472 -9.65 -29.37 31.02
CA SER Q 472 -9.43 -30.79 30.78
C SER Q 472 -9.45 -31.50 32.12
N GLY Q 473 -10.62 -31.99 32.49
CA GLY Q 473 -10.78 -32.68 33.75
C GLY Q 473 -11.93 -33.67 33.68
N GLY Q 474 -11.91 -34.62 34.60
CA GLY Q 474 -12.91 -35.64 34.67
C GLY Q 474 -13.87 -35.44 35.82
N ALA Q 475 -14.61 -36.50 36.13
CA ALA Q 475 -15.60 -36.42 37.20
C ALA Q 475 -14.97 -35.93 38.49
N ALA Q 476 -13.69 -36.23 38.71
CA ALA Q 476 -13.05 -35.86 39.96
C ALA Q 476 -13.08 -34.36 40.16
N TYR Q 477 -13.18 -33.61 39.07
CA TYR Q 477 -13.27 -32.16 39.13
C TYR Q 477 -14.64 -31.63 38.74
N ASP Q 478 -15.55 -32.52 38.31
CA ASP Q 478 -16.76 -32.07 37.64
C ASP Q 478 -17.68 -31.34 38.58
N ALA Q 479 -18.00 -31.97 39.71
CA ALA Q 479 -19.04 -31.44 40.59
C ALA Q 479 -18.88 -29.93 40.77
N SER Q 480 -17.65 -29.48 40.97
CA SER Q 480 -17.43 -28.09 41.28
C SER Q 480 -18.00 -27.20 40.19
N ARG Q 481 -17.61 -27.46 38.95
CA ARG Q 481 -18.16 -26.71 37.84
C ARG Q 481 -19.67 -26.65 37.94
N LYS Q 482 -20.30 -27.81 38.09
CA LYS Q 482 -21.75 -27.88 37.99
C LYS Q 482 -22.43 -26.93 38.96
N SER Q 483 -21.69 -26.45 39.96
CA SER Q 483 -22.26 -25.47 40.87
C SER Q 483 -21.89 -24.06 40.45
N ILE Q 484 -20.59 -23.81 40.29
CA ILE Q 484 -20.12 -22.45 40.10
C ILE Q 484 -20.71 -21.87 38.83
N GLU Q 485 -20.85 -22.70 37.79
CA GLU Q 485 -21.38 -22.24 36.52
C GLU Q 485 -22.70 -21.53 36.73
N ARG Q 486 -23.48 -21.95 37.72
CA ARG Q 486 -24.78 -21.37 37.93
C ARG Q 486 -24.65 -19.89 38.23
N ILE Q 487 -23.73 -19.54 39.12
CA ILE Q 487 -23.55 -18.15 39.48
C ILE Q 487 -23.22 -17.32 38.26
N ALA Q 488 -22.77 -17.96 37.19
CA ALA Q 488 -22.39 -17.23 35.99
C ALA Q 488 -23.61 -16.89 35.16
N LYS Q 489 -24.58 -17.79 35.13
CA LYS Q 489 -25.76 -17.57 34.32
C LYS Q 489 -26.85 -16.85 35.10
N GLU Q 490 -27.30 -17.45 36.20
CA GLU Q 490 -28.50 -17.02 36.88
C GLU Q 490 -28.22 -16.43 38.26
N GLY Q 491 -27.11 -15.73 38.40
CA GLY Q 491 -26.77 -15.12 39.66
C GLY Q 491 -27.20 -13.68 39.80
N ARG Q 492 -27.05 -12.91 38.72
CA ARG Q 492 -27.18 -11.46 38.83
C ARG Q 492 -28.53 -11.05 39.39
N LYS Q 493 -29.60 -11.71 38.95
CA LYS Q 493 -30.93 -11.36 39.43
C LYS Q 493 -30.99 -11.43 40.95
N TYR Q 494 -30.31 -12.40 41.53
CA TYR Q 494 -30.55 -12.79 42.90
C TYR Q 494 -29.51 -12.25 43.87
N GLY Q 495 -28.49 -11.57 43.36
CA GLY Q 495 -27.59 -10.82 44.21
C GLY Q 495 -26.24 -11.42 44.48
N VAL Q 496 -25.91 -12.55 43.88
CA VAL Q 496 -24.60 -13.18 44.02
C VAL Q 496 -23.80 -12.91 42.76
N THR Q 497 -22.51 -12.58 42.93
CA THR Q 497 -21.65 -12.26 41.80
C THR Q 497 -20.25 -12.81 42.01
N LEU Q 498 -19.50 -12.82 40.93
CA LEU Q 498 -18.25 -13.56 40.86
C LEU Q 498 -17.12 -12.69 40.31
N MET Q 499 -15.90 -13.00 40.75
CA MET Q 499 -14.69 -12.39 40.20
C MET Q 499 -13.57 -13.41 40.36
N VAL Q 500 -13.01 -13.86 39.26
CA VAL Q 500 -12.05 -14.95 39.25
C VAL Q 500 -10.76 -14.45 38.62
N VAL Q 501 -9.63 -14.92 39.16
CA VAL Q 501 -8.32 -14.51 38.69
C VAL Q 501 -7.54 -15.74 38.31
N SER Q 502 -6.98 -15.74 37.11
CA SER Q 502 -6.26 -16.88 36.58
C SER Q 502 -4.95 -16.43 35.96
N GLN Q 503 -4.01 -17.37 35.91
CA GLN Q 503 -2.68 -17.06 35.41
C GLN Q 503 -2.68 -16.99 33.89
N ARG Q 504 -3.52 -17.80 33.28
CA ARG Q 504 -3.82 -17.75 31.86
C ARG Q 504 -5.28 -18.08 31.64
N PRO Q 505 -5.89 -17.51 30.59
CA PRO Q 505 -7.32 -17.71 30.38
C PRO Q 505 -7.66 -19.09 29.88
N SER Q 506 -6.90 -19.60 28.92
CA SER Q 506 -7.22 -20.89 28.33
C SER Q 506 -7.36 -21.98 29.38
N GLU Q 507 -6.67 -21.84 30.50
CA GLU Q 507 -6.77 -22.82 31.58
C GLU Q 507 -7.90 -22.47 32.52
N VAL Q 508 -9.07 -22.22 31.94
CA VAL Q 508 -10.31 -22.04 32.68
C VAL Q 508 -11.45 -22.44 31.77
N SER Q 509 -12.57 -22.82 32.37
CA SER Q 509 -13.72 -23.26 31.61
C SER Q 509 -14.17 -22.17 30.66
N GLU Q 510 -14.63 -22.58 29.48
CA GLU Q 510 -15.05 -21.63 28.47
C GLU Q 510 -16.41 -21.04 28.77
N THR Q 511 -17.12 -21.62 29.73
CA THR Q 511 -18.44 -21.10 30.08
C THR Q 511 -18.33 -19.83 30.90
N ILE Q 512 -17.53 -19.87 31.96
CA ILE Q 512 -17.42 -18.73 32.87
C ILE Q 512 -17.02 -17.48 32.10
N PHE Q 513 -15.85 -17.52 31.46
CA PHE Q 513 -15.34 -16.34 30.80
C PHE Q 513 -16.31 -15.80 29.77
N SER Q 514 -17.03 -16.68 29.09
CA SER Q 514 -17.94 -16.23 28.04
C SER Q 514 -18.93 -15.22 28.57
N GLN Q 515 -19.35 -15.38 29.82
CA GLN Q 515 -20.38 -14.55 30.41
C GLN Q 515 -19.80 -13.45 31.28
N CYS Q 516 -18.49 -13.22 31.19
CA CYS Q 516 -17.81 -12.21 31.99
C CYS Q 516 -17.71 -10.95 31.17
N SER Q 517 -18.30 -9.86 31.68
CA SER Q 517 -18.43 -8.66 30.87
C SER Q 517 -17.11 -7.95 30.70
N ASN Q 518 -16.58 -7.42 31.79
CA ASN Q 518 -15.39 -6.59 31.74
C ASN Q 518 -14.14 -7.39 32.06
N PHE Q 519 -13.07 -7.07 31.34
CA PHE Q 519 -11.79 -7.73 31.45
C PHE Q 519 -10.73 -6.73 31.87
N ILE Q 520 -9.89 -7.13 32.80
CA ILE Q 520 -8.74 -6.37 33.27
C ILE Q 520 -7.51 -7.15 32.88
N SER Q 521 -6.79 -6.67 31.89
CA SER Q 521 -5.70 -7.41 31.27
C SER Q 521 -4.39 -6.78 31.66
N LEU Q 522 -3.55 -7.59 32.28
CA LEU Q 522 -2.19 -7.22 32.64
C LEU Q 522 -1.22 -7.89 31.67
N ARG Q 523 0.05 -7.83 32.01
CA ARG Q 523 1.09 -8.31 31.11
C ARG Q 523 0.85 -9.75 30.70
N LEU Q 524 1.00 -10.01 29.41
CA LEU Q 524 0.90 -11.34 28.84
C LEU Q 524 1.86 -11.43 27.67
N THR Q 525 2.45 -12.60 27.49
CA THR Q 525 3.52 -12.77 26.54
C THR Q 525 3.20 -13.72 25.40
N ASN Q 526 2.66 -14.89 25.69
CA ASN Q 526 2.34 -15.84 24.65
C ASN Q 526 1.36 -15.23 23.65
N ALA Q 527 1.36 -15.77 22.44
CA ALA Q 527 0.54 -15.22 21.38
C ALA Q 527 -0.89 -15.72 21.48
N VAL Q 528 -1.06 -16.97 21.89
CA VAL Q 528 -2.40 -17.53 22.03
C VAL Q 528 -3.21 -16.69 23.01
N ASP Q 529 -2.67 -16.50 24.21
CA ASP Q 529 -3.35 -15.68 25.20
C ASP Q 529 -3.58 -14.26 24.67
N GLN Q 530 -2.66 -13.77 23.86
CA GLN Q 530 -2.80 -12.42 23.33
C GLN Q 530 -3.96 -12.33 22.35
N THR Q 531 -4.23 -13.41 21.63
CA THR Q 531 -5.30 -13.39 20.64
C THR Q 531 -6.64 -13.10 21.28
N TYR Q 532 -6.96 -13.81 22.36
CA TYR Q 532 -8.22 -13.62 23.04
C TYR Q 532 -8.42 -12.16 23.40
N VAL Q 533 -7.40 -11.54 23.99
CA VAL Q 533 -7.56 -10.19 24.49
C VAL Q 533 -7.62 -9.21 23.34
N LYS Q 534 -6.85 -9.45 22.28
CA LYS Q 534 -6.88 -8.56 21.14
C LYS Q 534 -8.23 -8.58 20.47
N SER Q 535 -8.87 -9.75 20.40
CA SER Q 535 -10.11 -9.86 19.66
C SER Q 535 -11.18 -8.98 20.28
N LEU Q 536 -11.28 -9.01 21.60
CA LEU Q 536 -12.39 -8.36 22.28
C LEU Q 536 -12.43 -6.87 22.04
N LEU Q 537 -11.28 -6.25 21.75
CA LEU Q 537 -11.23 -4.82 21.67
C LEU Q 537 -11.90 -4.32 20.39
N PRO Q 538 -12.40 -3.09 20.40
CA PRO Q 538 -12.92 -2.50 19.17
C PRO Q 538 -11.82 -2.19 18.17
N ASP Q 539 -12.22 -1.54 17.09
CA ASP Q 539 -11.36 -1.28 15.95
C ASP Q 539 -10.88 0.16 15.94
N LEU Q 540 -11.74 1.10 16.30
CA LEU Q 540 -11.35 2.50 16.32
C LEU Q 540 -10.07 2.71 17.11
N SER Q 541 -9.95 2.03 18.25
CA SER Q 541 -8.77 2.09 19.11
C SER Q 541 -8.37 0.66 19.42
N ALA Q 542 -7.51 0.09 18.58
CA ALA Q 542 -7.09 -1.29 18.71
C ALA Q 542 -5.59 -1.45 18.86
N GLY Q 543 -4.81 -0.46 18.46
CA GLY Q 543 -3.37 -0.57 18.60
C GLY Q 543 -2.95 -0.79 20.03
N LEU Q 544 -3.80 -0.42 20.98
CA LEU Q 544 -3.45 -0.52 22.39
C LEU Q 544 -3.01 -1.93 22.74
N GLY Q 545 -3.38 -2.92 21.93
CA GLY Q 545 -2.96 -4.27 22.19
C GLY Q 545 -1.50 -4.52 21.90
N ASP Q 546 -0.89 -3.66 21.10
CA ASP Q 546 0.53 -3.81 20.80
C ASP Q 546 1.40 -3.60 22.03
N LEU Q 547 0.86 -3.02 23.09
CA LEU Q 547 1.65 -2.72 24.27
C LEU Q 547 1.71 -3.87 25.24
N LEU Q 548 0.73 -4.78 25.21
CA LEU Q 548 0.67 -5.89 26.13
C LEU Q 548 2.01 -6.57 26.38
N PRO Q 549 2.79 -6.91 25.36
CA PRO Q 549 3.99 -7.72 25.62
C PRO Q 549 4.98 -7.06 26.55
N ASN Q 550 4.94 -5.75 26.71
CA ASN Q 550 5.92 -5.03 27.51
C ASN Q 550 5.24 -4.00 28.41
N LEU Q 551 4.15 -4.39 29.04
CA LEU Q 551 3.57 -3.54 30.07
C LEU Q 551 4.31 -3.72 31.39
N ALA Q 552 4.48 -2.63 32.10
CA ALA Q 552 5.28 -2.61 33.32
C ALA Q 552 4.61 -3.36 34.46
N GLN Q 553 5.25 -3.31 35.62
CA GLN Q 553 4.80 -4.04 36.81
C GLN Q 553 3.72 -3.23 37.50
N GLY Q 554 2.50 -3.37 37.01
CA GLY Q 554 1.37 -2.70 37.59
C GLY Q 554 0.36 -2.16 36.60
N GLU Q 555 0.77 -2.01 35.35
CA GLU Q 555 -0.11 -1.45 34.35
C GLU Q 555 -1.24 -2.41 33.99
N PHE Q 556 -2.36 -1.83 33.60
CA PHE Q 556 -3.53 -2.63 33.27
C PHE Q 556 -4.31 -1.94 32.16
N LEU Q 557 -4.86 -2.77 31.27
CA LEU Q 557 -5.73 -2.32 30.20
C LEU Q 557 -7.13 -2.82 30.51
N ILE Q 558 -8.12 -1.96 30.29
CA ILE Q 558 -9.47 -2.26 30.72
C ILE Q 558 -10.37 -2.33 29.50
N VAL Q 559 -11.25 -3.33 29.46
CA VAL Q 559 -12.23 -3.42 28.39
C VAL Q 559 -13.56 -3.88 28.96
N GLY Q 560 -14.63 -3.44 28.32
CA GLY Q 560 -15.97 -3.75 28.75
C GLY Q 560 -16.89 -2.56 28.58
N ASP Q 561 -17.83 -2.42 29.51
CA ASP Q 561 -18.85 -1.40 29.45
C ASP Q 561 -18.68 -0.34 30.52
N ALA Q 562 -18.25 -0.73 31.72
CA ALA Q 562 -18.12 0.20 32.82
C ALA Q 562 -17.37 1.48 32.45
N PRO Q 563 -16.27 1.44 31.71
CA PRO Q 563 -15.56 2.66 31.36
C PRO Q 563 -16.14 3.35 30.13
N LEU Q 564 -15.84 4.65 30.02
CA LEU Q 564 -16.33 5.42 28.89
C LEU Q 564 -15.63 5.00 27.61
N MET Q 565 -14.42 4.50 27.72
CA MET Q 565 -13.69 3.96 26.59
C MET Q 565 -12.42 3.28 27.08
N PRO Q 566 -11.97 2.24 26.41
CA PRO Q 566 -10.84 1.46 26.92
C PRO Q 566 -9.65 2.36 27.19
N THR Q 567 -8.86 1.96 28.19
CA THR Q 567 -7.75 2.79 28.60
C THR Q 567 -6.77 1.96 29.41
N VAL Q 568 -5.60 2.56 29.58
CA VAL Q 568 -4.50 2.00 30.34
C VAL Q 568 -4.39 2.74 31.66
N GLY Q 569 -3.79 2.09 32.64
CA GLY Q 569 -3.63 2.75 33.91
C GLY Q 569 -2.62 2.07 34.80
N HIS Q 570 -2.15 2.84 35.78
CA HIS Q 570 -1.31 2.36 36.86
C HIS Q 570 -2.13 2.21 38.12
N PHE Q 571 -1.71 1.30 38.97
CA PHE Q 571 -2.26 1.12 40.30
C PHE Q 571 -1.15 1.36 41.31
N ALA Q 572 -1.43 2.17 42.31
CA ALA Q 572 -0.50 2.35 43.40
C ALA Q 572 -0.60 1.19 44.37
N LEU Q 573 0.52 0.86 45.01
CA LEU Q 573 0.57 -0.35 45.79
C LEU Q 573 -0.42 -0.29 46.95
N PRO Q 574 -0.91 -1.41 47.40
CA PRO Q 574 -1.86 -1.41 48.51
C PRO Q 574 -1.18 -1.48 49.85
N VAL Q 575 -1.55 -0.59 50.76
CA VAL Q 575 -1.00 -0.55 52.11
C VAL Q 575 -2.08 -1.03 53.07
N PRO Q 576 -1.91 -2.17 53.73
CA PRO Q 576 -0.80 -3.13 53.66
C PRO Q 576 -0.81 -4.02 52.44
N GLU Q 577 0.20 -4.87 52.33
CA GLU Q 577 0.32 -5.78 51.21
C GLU Q 577 0.10 -7.22 51.65
N PRO Q 578 -0.42 -8.05 50.75
CA PRO Q 578 -0.50 -9.48 51.01
C PRO Q 578 0.82 -10.15 50.69
N HIS Q 579 1.25 -11.04 51.58
CA HIS Q 579 2.58 -11.63 51.45
C HIS Q 579 2.71 -12.35 50.12
N SER Q 580 3.44 -11.73 49.19
CA SER Q 580 3.74 -12.35 47.90
C SER Q 580 5.14 -11.96 47.41
N ARG Q 581 5.99 -11.51 48.31
CA ARG Q 581 7.23 -10.85 47.89
C ARG Q 581 8.11 -11.80 47.09
N SER Q 582 8.86 -11.23 46.16
CA SER Q 582 9.76 -11.99 45.31
C SER Q 582 11.15 -12.02 45.93
N VAL Q 583 11.73 -13.21 46.00
CA VAL Q 583 13.06 -13.36 46.58
C VAL Q 583 14.06 -12.56 45.76
N ASN Q 584 14.94 -11.84 46.44
CA ASN Q 584 16.04 -11.16 45.78
C ASN Q 584 17.22 -12.12 45.70
N TYR Q 585 17.58 -12.50 44.48
CA TYR Q 585 18.44 -13.65 44.26
C TYR Q 585 19.92 -13.27 44.31
N LEU Q 586 20.30 -12.21 43.63
CA LEU Q 586 21.73 -11.88 43.55
C LEU Q 586 22.21 -11.20 44.82
N GLN Q 587 21.32 -10.55 45.55
CA GLN Q 587 21.71 -10.00 46.84
C GLN Q 587 21.92 -11.11 47.86
N GLU Q 588 21.02 -12.08 47.88
CA GLU Q 588 21.18 -13.23 48.76
C GLU Q 588 22.31 -14.13 48.31
N TRP Q 589 22.76 -13.98 47.07
CA TRP Q 589 23.87 -14.77 46.55
C TRP Q 589 25.21 -14.08 46.77
N ASN Q 590 25.25 -13.04 47.58
CA ASN Q 590 26.50 -12.37 47.94
C ASN Q 590 26.67 -12.26 49.45
N SER Q 591 25.98 -13.10 50.21
CA SER Q 591 26.21 -13.23 51.64
C SER Q 591 26.94 -14.53 51.93
N GLY Q 592 27.34 -14.71 53.19
CA GLY Q 592 28.01 -15.93 53.58
C GLY Q 592 27.05 -17.11 53.68
N TRP Q 593 27.62 -18.31 53.56
CA TRP Q 593 26.84 -19.51 53.67
C TRP Q 593 26.06 -19.52 54.97
N ARG Q 594 24.76 -19.80 54.87
CA ARG Q 594 23.85 -19.79 56.00
C ARG Q 594 23.57 -21.21 56.46
N HIS Q 595 23.26 -21.33 57.76
CA HIS Q 595 23.03 -22.62 58.40
C HIS Q 595 21.54 -22.83 58.56
N VAL Q 596 21.07 -24.03 58.21
CA VAL Q 596 19.65 -24.36 58.23
C VAL Q 596 19.44 -25.51 59.20
N ASP Q 597 18.68 -25.25 60.26
CA ASP Q 597 18.35 -26.32 61.20
C ASP Q 597 17.37 -27.27 60.55
N PHE Q 598 17.88 -28.30 59.91
CA PHE Q 598 16.99 -29.22 59.21
C PHE Q 598 15.95 -29.78 60.15
N ASP Q 599 16.34 -30.09 61.40
CA ASP Q 599 15.37 -30.63 62.34
C ASP Q 599 14.03 -29.93 62.20
N SER Q 600 14.06 -28.61 62.09
CA SER Q 600 12.84 -27.83 61.99
C SER Q 600 12.10 -28.14 60.69
N VAL Q 601 12.78 -27.97 59.57
CA VAL Q 601 12.14 -28.15 58.26
C VAL Q 601 11.60 -29.57 58.12
N ILE Q 602 12.35 -30.55 58.58
CA ILE Q 602 11.96 -31.95 58.43
C ILE Q 602 10.75 -32.24 59.30
N ASP Q 603 10.81 -31.83 60.57
CA ASP Q 603 9.68 -32.08 61.46
C ASP Q 603 8.42 -31.46 60.89
N ARG Q 604 8.51 -30.21 60.45
CA ARG Q 604 7.32 -29.58 59.88
C ARG Q 604 6.86 -30.34 58.65
N TRP Q 605 7.82 -30.83 57.87
CA TRP Q 605 7.47 -31.69 56.74
C TRP Q 605 6.73 -32.92 57.23
N ARG Q 606 7.11 -33.42 58.40
CA ARG Q 606 6.55 -34.69 58.88
C ARG Q 606 5.04 -34.63 58.91
N GLY Q 607 4.49 -33.47 59.25
CA GLY Q 607 3.05 -33.31 59.39
C GLY Q 607 2.39 -34.40 60.22
N MET R 1 27.01 15.01 30.92
CA MET R 1 28.45 15.09 31.09
C MET R 1 29.15 13.84 30.64
N PRO R 2 30.48 13.91 30.45
CA PRO R 2 31.36 15.08 30.42
C PRO R 2 31.89 15.46 29.04
N ASP R 3 32.03 16.75 28.80
CA ASP R 3 32.83 17.27 27.70
C ASP R 3 32.52 16.54 26.38
N LEU R 4 31.29 16.71 25.92
CA LEU R 4 30.89 16.07 24.68
C LEU R 4 31.63 16.63 23.48
N GLY R 5 32.03 17.88 23.56
CA GLY R 5 32.85 18.45 22.51
C GLY R 5 32.05 19.10 21.40
N THR R 6 32.73 19.29 20.29
CA THR R 6 32.14 19.96 19.16
C THR R 6 31.05 19.11 18.52
N PRO R 7 30.01 19.72 18.02
CA PRO R 7 28.91 18.99 17.40
C PRO R 7 29.13 18.67 15.93
N ILE R 8 28.09 18.13 15.30
CA ILE R 8 28.19 17.71 13.91
C ILE R 8 27.11 18.36 13.05
N GLY R 9 26.00 18.74 13.65
CA GLY R 9 24.96 19.39 12.89
C GLY R 9 23.64 19.47 13.65
N SER R 10 22.69 20.10 12.99
CA SER R 10 21.40 20.44 13.57
C SER R 10 20.28 19.67 12.89
N VAL R 11 19.13 19.67 13.54
CA VAL R 11 17.98 18.92 13.08
C VAL R 11 17.23 19.70 12.01
N THR R 12 16.45 18.98 11.21
CA THR R 12 15.65 19.57 10.16
C THR R 12 14.30 18.88 10.03
N ASP R 13 13.90 18.11 11.03
CA ASP R 13 12.59 17.51 11.10
C ASP R 13 12.48 16.80 12.44
N SER R 14 11.26 16.64 12.91
CA SER R 14 11.06 16.10 14.25
C SER R 14 9.74 15.35 14.32
N SER R 15 9.75 14.31 15.13
CA SER R 15 8.58 13.51 15.43
C SER R 15 8.97 12.48 16.49
N PRO R 16 7.99 11.97 17.22
CA PRO R 16 8.31 10.95 18.23
C PRO R 16 8.96 9.72 17.64
N SER R 17 8.64 9.40 16.39
CA SER R 17 9.10 8.16 15.80
C SER R 17 10.45 8.30 15.13
N LEU R 18 10.62 9.35 14.33
CA LEU R 18 11.85 9.51 13.56
C LEU R 18 12.40 10.92 13.71
N ILE R 19 13.72 11.02 13.60
CA ILE R 19 14.43 12.28 13.60
C ILE R 19 15.40 12.29 12.43
N ARG R 20 15.61 13.48 11.88
CA ARG R 20 16.40 13.66 10.67
C ARG R 20 17.45 14.74 10.92
N ILE R 21 18.69 14.30 11.03
CA ILE R 21 19.81 15.20 11.22
C ILE R 21 20.48 15.47 9.88
N GLU R 22 21.15 16.61 9.79
CA GLU R 22 21.74 17.09 8.56
C GLU R 22 23.18 17.51 8.82
N ILE R 23 24.02 17.31 7.81
CA ILE R 23 25.40 17.76 7.85
C ILE R 23 25.77 18.31 6.48
N SER R 24 26.62 19.34 6.51
CA SER R 24 26.95 20.07 5.29
C SER R 24 28.46 20.30 5.15
N SER R 25 29.28 19.57 5.89
CA SER R 25 30.72 19.60 5.72
C SER R 25 31.23 18.18 5.52
N ALA R 26 32.33 18.06 4.78
CA ALA R 26 32.87 16.75 4.46
C ALA R 26 33.87 16.27 5.51
N GLU R 27 34.79 17.14 5.89
CA GLU R 27 35.83 16.76 6.84
C GLU R 27 35.24 16.15 8.10
N ASP R 28 34.14 16.72 8.59
CA ASP R 28 33.52 16.20 9.80
C ASP R 28 33.10 14.75 9.62
N PHE R 29 32.43 14.46 8.51
CA PHE R 29 31.98 13.11 8.25
C PHE R 29 33.15 12.16 8.09
N GLU R 30 34.17 12.58 7.36
CA GLU R 30 35.32 11.71 7.16
C GLU R 30 36.02 11.43 8.47
N LYS R 31 35.95 12.37 9.41
CA LYS R 31 36.66 12.21 10.66
C LYS R 31 35.87 11.39 11.67
N TYR R 32 34.55 11.38 11.54
CA TYR R 32 33.70 10.70 12.50
C TYR R 32 32.95 9.51 11.90
N LYS R 33 33.39 9.05 10.74
CA LYS R 33 32.72 7.94 10.06
C LYS R 33 32.54 6.74 10.97
N SER R 34 33.58 6.37 11.71
CA SER R 34 33.54 5.11 12.45
C SER R 34 32.33 5.04 13.37
N MET R 35 32.00 6.14 14.04
CA MET R 35 30.91 6.19 14.99
C MET R 35 29.61 6.72 14.39
N LEU R 36 29.47 6.67 13.07
CA LEU R 36 28.26 7.14 12.41
C LEU R 36 27.62 6.05 11.57
N GLY R 37 27.81 4.82 11.97
CA GLY R 37 27.20 3.71 11.28
C GLY R 37 25.94 3.23 11.94
N VAL R 38 25.26 2.31 11.26
CA VAL R 38 24.02 1.77 11.79
C VAL R 38 24.29 1.06 13.11
N GLY R 39 23.38 1.25 14.05
CA GLY R 39 23.45 0.64 15.36
C GLY R 39 24.00 1.57 16.42
N GLN R 40 24.89 2.48 16.04
CA GLN R 40 25.54 3.34 17.00
C GLN R 40 24.53 4.32 17.58
N TYR R 41 25.03 5.19 18.46
CA TYR R 41 24.19 6.03 19.28
C TYR R 41 24.62 7.49 19.16
N LEU R 42 23.66 8.38 19.42
CA LEU R 42 23.89 9.81 19.37
C LEU R 42 23.03 10.49 20.41
N LEU R 43 23.43 11.71 20.77
CA LEU R 43 22.74 12.50 21.78
C LEU R 43 22.27 13.82 21.19
N VAL R 44 20.96 14.03 21.17
CA VAL R 44 20.37 15.26 20.67
C VAL R 44 19.87 16.08 21.83
N ALA R 45 20.20 17.36 21.82
CA ALA R 45 19.78 18.25 22.89
C ALA R 45 18.30 18.57 22.75
N SER R 46 17.57 18.43 23.86
CA SER R 46 16.12 18.61 23.89
C SER R 46 15.76 19.44 25.10
N GLY R 47 16.47 20.54 25.28
CA GLY R 47 16.31 21.37 26.44
C GLY R 47 17.65 21.80 27.00
N ASN R 48 17.62 22.78 27.89
CA ASN R 48 18.84 23.34 28.44
C ASN R 48 19.79 22.27 28.98
N ASN R 49 19.35 21.54 29.99
CA ASN R 49 19.96 20.53 30.86
C ASN R 49 19.30 19.17 30.72
N LEU R 50 19.04 18.74 29.50
CA LEU R 50 18.64 17.38 29.20
C LEU R 50 19.27 16.93 27.90
N TYR R 51 19.05 15.66 27.58
CA TYR R 51 19.57 15.08 26.36
C TYR R 51 18.74 13.86 26.00
N LEU R 52 18.69 13.54 24.71
CA LEU R 52 17.86 12.47 24.19
C LEU R 52 18.73 11.48 23.43
N LEU R 53 18.56 10.20 23.71
CA LEU R 53 19.36 9.16 23.09
C LEU R 53 18.69 8.67 21.82
N ALA R 54 19.49 8.51 20.77
CA ALA R 54 18.96 8.07 19.49
C ALA R 54 19.85 7.00 18.89
N SER R 55 19.21 6.05 18.22
CA SER R 55 19.87 4.93 17.56
C SER R 55 19.68 5.05 16.05
N ILE R 56 20.80 5.11 15.32
CA ILE R 56 20.73 5.35 13.89
C ILE R 56 19.94 4.25 13.20
N THR R 57 19.24 4.63 12.14
CA THR R 57 18.51 3.68 11.32
C THR R 57 18.64 3.99 9.84
N GLY R 58 19.41 5.00 9.46
CA GLY R 58 19.68 5.22 8.06
C GLY R 58 20.59 6.38 7.75
N VAL R 59 21.30 6.29 6.63
CA VAL R 59 22.26 7.29 6.21
C VAL R 59 22.13 7.52 4.71
N ARG R 60 22.35 8.76 4.28
CA ARG R 60 22.35 9.08 2.87
C ARG R 60 23.27 10.27 2.60
N ALA R 61 23.78 10.32 1.37
CA ALA R 61 24.69 11.36 0.93
C ALA R 61 24.35 11.76 -0.50
N THR R 62 24.65 13.01 -0.83
CA THR R 62 24.30 13.53 -2.14
C THR R 62 25.15 14.74 -2.49
N HIS R 63 25.24 15.00 -3.79
CA HIS R 63 25.86 16.19 -4.35
C HIS R 63 24.82 17.01 -5.08
N VAL R 64 25.05 18.31 -5.16
CA VAL R 64 24.17 19.21 -5.89
C VAL R 64 24.98 20.30 -6.58
N ASN R 87 27.16 21.82 -3.42
CA ASN R 87 27.94 21.39 -2.27
C ASN R 87 27.38 20.08 -1.76
N PHE R 88 28.10 19.42 -0.86
CA PHE R 88 27.67 18.12 -0.39
C PHE R 88 26.48 18.25 0.55
N ARG R 89 25.82 17.12 0.78
CA ARG R 89 24.77 17.04 1.79
C ARG R 89 24.72 15.63 2.35
N PHE R 90 24.55 15.54 3.68
CA PHE R 90 24.42 14.26 4.37
C PHE R 90 23.19 14.28 5.25
N GLN R 91 22.42 13.21 5.21
CA GLN R 91 21.22 13.05 6.01
C GLN R 91 21.31 11.78 6.85
N ILE R 92 20.79 11.88 8.07
CA ILE R 92 20.80 10.78 9.02
C ILE R 92 19.40 10.62 9.59
N ASP R 93 18.93 9.39 9.65
CA ASP R 93 17.61 9.06 10.18
C ASP R 93 17.77 8.19 11.42
N THR R 94 17.27 8.69 12.54
CA THR R 94 17.46 8.08 13.84
C THR R 94 16.12 7.91 14.54
N GLN R 95 16.14 7.10 15.60
CA GLN R 95 14.98 6.70 16.37
C GLN R 95 15.25 6.83 17.86
N PRO R 96 14.29 7.34 18.64
CA PRO R 96 14.56 7.67 20.03
C PRO R 96 14.29 6.58 21.05
N ILE R 97 15.20 6.45 22.00
CA ILE R 97 15.05 5.52 23.11
C ILE R 97 14.48 6.23 24.32
N GLY R 98 15.25 7.16 24.87
CA GLY R 98 14.88 7.77 26.13
C GLY R 98 15.62 9.06 26.40
N THR R 99 15.46 9.54 27.63
CA THR R 99 15.96 10.83 28.05
C THR R 99 16.91 10.68 29.21
N LEU R 100 17.99 11.45 29.17
CA LEU R 100 19.06 11.39 30.14
C LEU R 100 19.41 12.81 30.57
N SER R 101 19.60 12.98 31.87
CA SER R 101 19.90 14.27 32.45
C SER R 101 21.39 14.42 32.71
N GLU R 102 21.74 15.52 33.36
CA GLU R 102 23.13 15.78 33.68
C GLU R 102 23.52 15.14 35.00
N ASP R 103 22.59 15.06 35.93
CA ASP R 103 22.85 14.34 37.17
C ASP R 103 23.22 12.90 36.87
N GLY R 104 22.45 12.23 36.01
CA GLY R 104 22.75 10.88 35.58
C GLY R 104 21.52 10.04 35.35
N GLU R 105 20.36 10.57 35.74
CA GLU R 105 19.12 9.81 35.63
C GLU R 105 18.74 9.59 34.17
N PHE R 106 18.07 8.46 33.92
CA PHE R 106 17.66 8.06 32.60
C PHE R 106 16.29 7.42 32.67
N SER R 107 15.41 7.81 31.76
CA SER R 107 14.03 7.35 31.78
C SER R 107 13.54 7.15 30.36
N ARG R 108 12.93 5.98 30.12
CA ARG R 108 12.26 5.74 28.86
C ARG R 108 10.92 6.45 28.83
N GLY R 109 10.56 6.94 27.65
CA GLY R 109 9.34 7.69 27.46
C GLY R 109 9.60 9.17 27.44
N SER R 110 9.70 9.75 26.24
CA SER R 110 10.11 11.13 26.05
C SER R 110 9.07 11.83 25.21
N HIS R 111 8.08 12.42 25.88
CA HIS R 111 7.15 13.28 25.18
C HIS R 111 7.88 14.44 24.54
N SER R 112 9.08 14.73 25.00
CA SER R 112 9.81 15.91 24.57
C SER R 112 10.34 15.72 23.16
N LEU R 113 9.74 16.41 22.21
CA LEU R 113 10.23 16.40 20.85
C LEU R 113 11.27 17.50 20.67
N PRO R 114 12.48 17.17 20.25
CA PRO R 114 13.50 18.20 20.12
C PRO R 114 13.13 19.20 19.03
N VAL R 115 13.24 20.48 19.37
CA VAL R 115 12.96 21.54 18.42
C VAL R 115 14.16 21.70 17.50
N PRO R 116 13.95 22.09 16.25
CA PRO R 116 15.06 22.30 15.33
C PRO R 116 16.03 23.36 15.81
N THR R 117 17.07 23.55 15.01
CA THR R 117 18.20 24.39 15.34
C THR R 117 18.91 23.94 16.61
N GLU R 118 18.63 22.73 17.05
CA GLU R 118 19.32 22.14 18.19
C GLU R 118 20.41 21.22 17.70
N TYR R 119 21.51 21.20 18.45
CA TYR R 119 22.70 20.51 18.02
C TYR R 119 22.66 19.04 18.42
N ALA R 120 23.44 18.25 17.71
CA ALA R 120 23.67 16.86 18.01
C ALA R 120 25.11 16.63 18.42
N TYR R 121 25.33 15.59 19.21
CA TYR R 121 26.65 15.22 19.67
C TYR R 121 26.83 13.72 19.60
N VAL R 122 28.09 13.32 19.55
CA VAL R 122 28.49 11.92 19.43
C VAL R 122 28.83 11.38 20.80
N THR R 123 28.46 10.14 21.04
CA THR R 123 28.55 9.57 22.37
C THR R 123 29.95 9.03 22.63
N PRO R 124 30.61 9.49 23.69
CA PRO R 124 31.84 8.85 24.10
C PRO R 124 31.54 7.60 24.90
N PRO R 125 32.40 6.59 24.79
CA PRO R 125 32.13 5.33 25.49
C PRO R 125 31.81 5.50 26.96
N ALA R 126 32.52 6.39 27.63
CA ALA R 126 32.40 6.52 29.08
C ALA R 126 30.95 6.70 29.49
N VAL R 127 30.20 7.48 28.74
CA VAL R 127 28.84 7.78 29.11
C VAL R 127 27.94 6.57 28.93
N LEU R 128 28.11 5.85 27.82
CA LEU R 128 27.29 4.67 27.60
C LEU R 128 27.62 3.60 28.62
N GLU R 129 28.82 3.65 29.17
CA GLU R 129 29.17 2.74 30.25
C GLU R 129 28.47 3.14 31.53
N GLY R 130 28.66 4.38 31.96
CA GLY R 130 28.03 4.83 33.19
C GLY R 130 26.53 4.68 33.15
N ILE R 131 25.93 4.82 31.98
CA ILE R 131 24.48 4.70 31.86
C ILE R 131 24.01 3.38 32.42
N PHE R 132 24.69 2.30 32.03
CA PHE R 132 24.34 0.98 32.55
C PHE R 132 24.89 0.76 33.94
N SER R 133 25.99 1.42 34.29
CA SER R 133 26.63 1.16 35.57
C SER R 133 25.81 1.69 36.72
N HIS R 134 25.32 2.92 36.61
CA HIS R 134 24.75 3.62 37.75
C HIS R 134 23.23 3.66 37.75
N GLN R 135 22.59 3.55 36.60
CA GLN R 135 21.13 3.50 36.58
C GLN R 135 20.61 2.21 37.21
N ILE R 136 21.20 1.07 36.85
CA ILE R 136 20.70 -0.22 37.26
C ILE R 136 21.49 -0.71 38.47
N LYS R 137 20.76 -1.13 39.49
CA LYS R 137 21.36 -1.77 40.65
C LYS R 137 21.42 -3.27 40.47
N SER R 138 22.31 -3.90 41.23
CA SER R 138 22.48 -5.35 41.20
C SER R 138 22.76 -5.82 39.78
N PRO R 139 23.91 -5.48 39.23
CA PRO R 139 24.20 -5.79 37.83
C PRO R 139 24.80 -7.16 37.64
N PHE R 140 24.71 -7.63 36.39
CA PHE R 140 25.20 -8.96 36.02
C PHE R 140 25.89 -8.83 34.67
N ALA R 141 27.21 -8.78 34.68
CA ALA R 141 27.96 -8.62 33.46
C ALA R 141 27.72 -9.82 32.54
N LEU R 142 27.41 -9.54 31.29
CA LEU R 142 27.10 -10.59 30.33
C LEU R 142 28.11 -10.67 29.19
N GLY R 143 28.31 -9.59 28.45
CA GLY R 143 29.28 -9.62 27.39
C GLY R 143 29.31 -8.32 26.61
N THR R 144 29.87 -8.40 25.42
CA THR R 144 30.09 -7.24 24.59
C THR R 144 28.89 -6.95 23.69
N LEU R 145 28.70 -5.68 23.38
CA LEU R 145 27.69 -5.28 22.42
C LEU R 145 28.21 -5.42 21.00
N GLY R 146 27.30 -5.71 20.08
CA GLY R 146 27.68 -5.93 18.70
C GLY R 146 27.95 -4.65 17.96
N ILE R 147 27.41 -3.54 18.45
CA ILE R 147 27.67 -2.25 17.82
C ILE R 147 29.12 -1.85 18.02
N SER R 148 29.60 -1.98 19.25
CA SER R 148 30.99 -1.70 19.58
C SER R 148 31.52 -2.84 20.43
N PRO R 149 32.68 -3.41 20.09
CA PRO R 149 33.14 -4.60 20.81
C PRO R 149 33.64 -4.30 22.21
N ASP R 150 34.24 -3.13 22.42
CA ASP R 150 34.91 -2.86 23.68
C ASP R 150 33.91 -2.75 24.83
N ILE R 151 32.78 -2.09 24.59
CA ILE R 151 31.84 -1.82 25.67
C ILE R 151 31.40 -3.09 26.35
N LYS R 152 31.03 -2.97 27.62
CA LYS R 152 30.52 -4.07 28.42
C LYS R 152 29.03 -3.89 28.66
N LEU R 153 28.34 -5.01 28.78
CA LEU R 153 26.90 -5.02 28.94
C LEU R 153 26.51 -5.66 30.26
N LYS R 154 25.49 -5.08 30.88
CA LYS R 154 25.03 -5.48 32.19
C LYS R 154 23.51 -5.42 32.23
N ILE R 155 22.93 -6.21 33.12
CA ILE R 155 21.49 -6.31 33.25
C ILE R 155 21.13 -6.55 34.71
N ASP R 156 19.88 -6.26 35.03
CA ASP R 156 19.36 -6.42 36.37
C ASP R 156 19.36 -7.88 36.78
N GLY R 157 20.16 -8.20 37.81
CA GLY R 157 20.26 -9.57 38.24
C GLY R 157 19.12 -9.97 39.15
N ASP R 158 18.59 -9.02 39.91
CA ASP R 158 17.48 -9.32 40.80
C ASP R 158 16.22 -9.63 40.03
N ARG R 159 16.19 -9.29 38.75
CA ARG R 159 15.07 -9.62 37.88
C ARG R 159 15.34 -10.86 37.06
N PHE R 160 16.52 -10.94 36.47
CA PHE R 160 16.90 -12.09 35.66
C PHE R 160 16.60 -13.39 36.36
N PHE R 161 17.25 -13.62 37.49
CA PHE R 161 17.14 -14.88 38.20
C PHE R 161 15.92 -14.97 39.09
N SER R 162 15.12 -13.92 39.17
CA SER R 162 13.91 -13.98 39.98
C SER R 162 12.73 -14.50 39.16
N LYS R 163 12.71 -14.17 37.89
CA LYS R 163 11.72 -14.67 36.97
C LYS R 163 12.37 -15.60 35.96
N HIS R 164 11.63 -16.62 35.58
CA HIS R 164 12.17 -17.72 34.81
C HIS R 164 12.80 -17.26 33.50
N VAL R 165 13.97 -17.82 33.21
CA VAL R 165 14.77 -17.49 32.04
C VAL R 165 14.72 -18.66 31.07
N ALA R 166 14.87 -18.38 29.79
CA ALA R 166 14.78 -19.38 28.74
C ALA R 166 15.77 -19.11 27.62
N VAL R 167 16.43 -20.16 27.16
CA VAL R 167 17.36 -20.11 26.04
C VAL R 167 16.86 -21.05 24.96
N VAL R 168 16.79 -20.55 23.74
CA VAL R 168 16.40 -21.33 22.58
C VAL R 168 17.38 -21.05 21.46
N GLY R 169 17.97 -22.11 20.92
CA GLY R 169 18.98 -21.95 19.90
C GLY R 169 19.21 -23.19 19.07
N SER R 170 19.48 -22.99 17.79
CA SER R 170 19.67 -24.11 16.88
C SER R 170 21.04 -24.72 17.07
N THR R 171 21.32 -25.70 16.23
CA THR R 171 22.56 -26.45 16.35
C THR R 171 23.74 -25.61 15.91
N GLY R 172 24.83 -25.71 16.66
CA GLY R 172 26.03 -24.99 16.35
C GLY R 172 26.05 -23.55 16.81
N SER R 173 24.97 -23.06 17.38
CA SER R 173 24.92 -21.71 17.90
C SER R 173 25.46 -21.62 19.31
N GLY R 174 25.82 -22.73 19.91
CA GLY R 174 26.49 -22.71 21.19
C GLY R 174 25.64 -22.15 22.29
N LYS R 175 24.63 -22.90 22.68
CA LYS R 175 23.82 -22.54 23.83
C LYS R 175 24.54 -22.87 25.12
N SER R 176 25.19 -24.04 25.15
CA SER R 176 25.77 -24.53 26.38
C SER R 176 26.95 -23.68 26.82
N CYS R 177 27.76 -23.23 25.88
CA CYS R 177 28.89 -22.38 26.24
C CYS R 177 28.40 -21.09 26.87
N ALA R 178 27.30 -20.55 26.34
CA ALA R 178 26.74 -19.33 26.90
C ALA R 178 26.23 -19.56 28.31
N VAL R 179 25.52 -20.67 28.51
CA VAL R 179 25.02 -20.99 29.84
C VAL R 179 26.18 -21.11 30.81
N ALA R 180 27.28 -21.69 30.35
CA ALA R 180 28.40 -21.89 31.23
C ALA R 180 29.06 -20.57 31.58
N LYS R 181 29.13 -19.66 30.62
CA LYS R 181 29.66 -18.34 30.92
C LYS R 181 28.82 -17.63 31.95
N ILE R 182 27.50 -17.70 31.78
CA ILE R 182 26.60 -17.10 32.74
C ILE R 182 26.86 -17.66 34.13
N LEU R 183 26.86 -18.97 34.26
CA LEU R 183 27.02 -19.58 35.57
C LEU R 183 28.37 -19.25 36.18
N GLN R 184 29.42 -19.23 35.36
CA GLN R 184 30.73 -18.86 35.87
C GLN R 184 30.72 -17.45 36.44
N THR R 185 30.20 -16.50 35.67
CA THR R 185 30.10 -15.14 36.17
C THR R 185 29.27 -15.07 37.43
N ALA R 186 28.33 -16.00 37.58
CA ALA R 186 27.47 -15.97 38.76
C ALA R 186 28.20 -16.47 39.99
N VAL R 187 29.04 -17.49 39.83
CA VAL R 187 29.74 -18.08 40.96
C VAL R 187 31.10 -17.44 41.20
N GLY R 188 31.58 -16.63 40.27
CA GLY R 188 32.79 -15.86 40.46
C GLY R 188 34.00 -16.39 39.72
N ILE R 189 33.95 -17.61 39.24
CA ILE R 189 35.12 -18.21 38.60
C ILE R 189 35.40 -17.44 37.33
N GLU R 190 36.48 -16.65 37.34
CA GLU R 190 36.89 -15.86 36.19
C GLU R 190 38.39 -16.05 35.96
N SER R 191 38.77 -16.23 34.70
CA SER R 191 40.17 -16.34 34.31
C SER R 191 40.87 -17.47 35.06
N LYS R 192 40.13 -18.56 35.30
CA LYS R 192 40.67 -19.72 36.02
C LYS R 192 41.28 -19.29 37.36
N ALA R 193 40.64 -18.31 38.00
CA ALA R 193 41.14 -17.79 39.26
C ALA R 193 39.93 -17.50 40.16
N ASN R 194 39.62 -18.44 41.04
CA ASN R 194 38.54 -18.24 42.00
C ASN R 194 38.84 -17.03 42.87
N ALA R 195 37.99 -16.01 42.77
CA ALA R 195 38.20 -14.79 43.54
C ALA R 195 37.82 -14.98 45.00
N HIS R 196 36.77 -15.76 45.26
CA HIS R 196 36.28 -15.98 46.62
C HIS R 196 36.89 -17.26 47.21
N LYS R 197 38.22 -17.23 47.37
CA LYS R 197 38.92 -18.38 47.93
C LYS R 197 38.87 -18.37 49.45
N ALA R 198 39.21 -17.25 50.07
CA ALA R 198 39.31 -17.21 51.52
C ALA R 198 37.94 -17.41 52.18
N ALA R 199 36.94 -16.70 51.68
CA ALA R 199 35.58 -16.79 52.19
C ALA R 199 34.64 -17.20 51.07
N GLN R 200 33.62 -17.97 51.43
CA GLN R 200 32.65 -18.48 50.48
C GLN R 200 31.36 -17.67 50.55
N LYS R 201 30.74 -17.51 49.39
CA LYS R 201 29.47 -16.80 49.26
C LYS R 201 28.37 -17.80 48.92
N ASN R 202 27.19 -17.27 48.63
CA ASN R 202 26.00 -18.09 48.43
C ASN R 202 25.64 -18.13 46.95
N SER R 203 25.52 -19.35 46.42
CA SER R 203 25.03 -19.57 45.06
C SER R 203 24.67 -21.05 44.94
N HIS R 204 23.48 -21.35 44.46
CA HIS R 204 22.98 -22.72 44.45
C HIS R 204 22.35 -23.05 43.12
N ILE R 205 22.93 -24.02 42.43
CA ILE R 205 22.51 -24.45 41.11
C ILE R 205 22.41 -25.96 41.06
N VAL R 206 21.53 -26.44 40.20
CA VAL R 206 21.34 -27.87 39.98
C VAL R 206 21.12 -28.08 38.49
N ILE R 207 22.07 -28.72 37.83
CA ILE R 207 22.05 -28.92 36.39
C ILE R 207 21.65 -30.36 36.11
N PHE R 208 20.71 -30.54 35.20
CA PHE R 208 20.38 -31.85 34.68
C PHE R 208 21.09 -32.03 33.35
N ASP R 209 22.18 -32.79 33.35
CA ASP R 209 22.99 -33.00 32.16
C ASP R 209 22.80 -34.42 31.65
N ILE R 210 22.47 -34.54 30.38
CA ILE R 210 22.26 -35.87 29.80
C ILE R 210 23.58 -36.48 29.37
N HIS R 211 24.49 -35.67 28.84
CA HIS R 211 25.74 -36.17 28.26
C HIS R 211 26.95 -35.46 28.82
N ALA R 212 27.04 -35.39 30.15
CA ALA R 212 28.29 -35.07 30.87
C ALA R 212 29.00 -33.87 30.28
N GLU R 213 28.25 -32.98 29.65
CA GLU R 213 28.87 -31.86 28.96
C GLU R 213 29.43 -30.83 29.92
N TYR R 214 28.68 -30.50 30.96
CA TYR R 214 29.04 -29.41 31.85
C TYR R 214 29.95 -29.86 32.98
N ALA R 215 30.27 -31.13 33.07
CA ALA R 215 31.02 -31.64 34.21
C ALA R 215 32.43 -31.11 34.26
N ALA R 216 32.87 -30.41 33.21
CA ALA R 216 34.24 -29.94 33.13
C ALA R 216 34.35 -28.43 33.05
N ALA R 217 33.26 -27.72 32.81
CA ALA R 217 33.33 -26.27 32.79
C ALA R 217 33.70 -25.74 34.17
N PHE R 218 33.47 -26.53 35.20
CA PHE R 218 33.87 -26.19 36.56
C PHE R 218 34.76 -27.32 37.08
N ASN R 219 36.03 -27.25 36.74
CA ASN R 219 37.04 -28.17 37.28
C ASN R 219 38.34 -27.38 37.37
N LEU R 220 38.54 -26.71 38.49
CA LEU R 220 39.72 -25.88 38.66
C LEU R 220 40.80 -26.65 39.40
N GLU R 221 42.00 -26.07 39.41
CA GLU R 221 43.12 -26.68 40.10
C GLU R 221 42.88 -26.62 41.61
N ALA R 222 43.59 -27.47 42.35
CA ALA R 222 43.38 -27.57 43.78
C ALA R 222 43.61 -26.24 44.47
N GLY R 223 44.55 -25.44 43.96
CA GLY R 223 44.83 -24.16 44.58
C GLY R 223 43.59 -23.27 44.68
N GLU R 224 42.69 -23.38 43.70
CA GLU R 224 41.50 -22.55 43.71
C GLU R 224 40.57 -22.91 44.86
N ALA R 225 40.76 -24.06 45.48
CA ALA R 225 39.97 -24.48 46.62
C ALA R 225 38.47 -24.40 46.30
N PHE R 226 38.07 -25.20 45.32
CA PHE R 226 36.70 -25.27 44.87
C PHE R 226 36.17 -26.68 45.12
N THR R 227 35.06 -26.78 45.83
CA THR R 227 34.44 -28.06 46.16
C THR R 227 33.22 -28.25 45.28
N LEU R 228 33.27 -29.26 44.43
CA LEU R 228 32.22 -29.55 43.46
C LEU R 228 31.62 -30.92 43.75
N ASN R 229 30.30 -31.00 43.69
CA ASN R 229 29.59 -32.25 43.87
C ASN R 229 29.20 -32.80 42.52
N LEU R 230 29.64 -34.03 42.25
CA LEU R 230 29.40 -34.68 40.97
C LEU R 230 28.76 -36.03 41.25
N LEU R 231 27.49 -36.17 40.89
CA LEU R 231 26.72 -37.35 41.19
C LEU R 231 26.41 -38.11 39.91
N GLY R 232 26.17 -39.41 40.08
CA GLY R 232 25.87 -40.29 38.98
C GLY R 232 25.02 -41.46 39.42
N VAL R 233 24.72 -42.32 38.47
CA VAL R 233 23.87 -43.47 38.74
C VAL R 233 24.46 -44.32 39.86
N ASP R 234 25.78 -44.50 39.83
CA ASP R 234 26.40 -45.42 40.77
C ASP R 234 26.36 -44.91 42.20
N ASN R 235 26.34 -43.59 42.38
CA ASN R 235 26.45 -42.99 43.70
C ASN R 235 25.22 -42.20 44.12
N LEU R 236 24.12 -42.35 43.42
CA LEU R 236 22.90 -41.60 43.73
C LEU R 236 22.08 -42.36 44.75
N ARG R 237 21.72 -41.67 45.82
CA ARG R 237 20.95 -42.24 46.91
C ARG R 237 19.57 -41.63 46.88
N LEU R 238 18.65 -42.33 46.22
CA LEU R 238 17.26 -41.92 46.12
C LEU R 238 16.41 -43.15 46.40
N PRO R 239 15.91 -43.33 47.61
CA PRO R 239 15.16 -44.53 47.95
C PRO R 239 13.71 -44.44 47.51
N TYR R 240 12.97 -45.50 47.82
CA TYR R 240 11.58 -45.57 47.44
C TYR R 240 10.64 -45.09 48.51
N TRP R 241 11.07 -45.01 49.76
CA TRP R 241 10.17 -44.59 50.82
C TRP R 241 9.98 -43.09 50.81
N LEU R 242 10.32 -42.43 49.73
CA LEU R 242 10.23 -40.99 49.61
C LEU R 242 9.45 -40.64 48.36
N MET R 243 8.66 -41.58 47.89
CA MET R 243 7.81 -41.38 46.73
C MET R 243 6.36 -41.25 47.18
N ASN R 244 5.65 -40.32 46.57
CA ASN R 244 4.25 -40.11 46.88
C ASN R 244 3.38 -41.14 46.17
N ALA R 245 2.08 -40.99 46.31
CA ALA R 245 1.15 -42.03 45.92
C ALA R 245 1.28 -42.37 44.45
N GLN R 246 0.97 -41.41 43.58
CA GLN R 246 0.84 -41.72 42.16
C GLN R 246 2.09 -42.41 41.65
N GLU R 247 3.23 -42.05 42.20
CA GLU R 247 4.48 -42.64 41.75
C GLU R 247 4.52 -44.12 42.03
N LEU R 248 4.17 -44.51 43.25
CA LEU R 248 4.15 -45.93 43.59
C LEU R 248 3.09 -46.65 42.79
N GLU R 249 1.92 -46.04 42.67
CA GLU R 249 0.84 -46.69 41.94
C GLU R 249 1.22 -46.88 40.49
N GLN R 250 2.20 -46.11 40.01
CA GLN R 250 2.68 -46.31 38.65
C GLN R 250 3.78 -47.36 38.59
N ILE R 251 4.66 -47.39 39.59
CA ILE R 251 5.85 -48.21 39.50
C ILE R 251 5.64 -49.65 39.92
N PHE R 252 4.74 -49.92 40.86
CA PHE R 252 4.54 -51.26 41.39
C PHE R 252 3.33 -51.94 40.79
N ILE R 253 2.19 -51.26 40.76
CA ILE R 253 0.96 -51.82 40.24
C ILE R 253 0.83 -51.44 38.77
N GLU R 254 0.73 -52.45 37.91
CA GLU R 254 0.60 -52.26 36.46
C GLU R 254 -0.47 -53.21 35.96
N SER R 255 -1.71 -52.73 35.87
CA SER R 255 -2.82 -53.53 35.39
C SER R 255 -3.99 -52.64 35.05
N ASN R 256 -4.55 -52.83 33.85
CA ASN R 256 -5.87 -52.30 33.53
C ASN R 256 -6.03 -50.93 34.12
N GLU R 257 -5.36 -49.93 33.53
CA GLU R 257 -4.81 -48.78 34.26
C GLU R 257 -5.61 -48.42 35.50
N HIS R 258 -6.94 -48.33 35.40
CA HIS R 258 -7.79 -48.25 36.59
C HIS R 258 -8.84 -49.34 36.51
N ASN R 259 -8.46 -50.56 36.85
CA ASN R 259 -9.41 -51.62 37.10
C ASN R 259 -8.93 -52.61 38.16
N SER R 260 -8.38 -52.12 39.27
CA SER R 260 -7.72 -53.00 40.25
C SER R 260 -8.08 -52.57 41.66
N HIS R 261 -9.38 -52.35 41.90
CA HIS R 261 -9.79 -51.66 43.10
C HIS R 261 -9.52 -52.48 44.35
N ASN R 262 -9.45 -53.80 44.23
CA ASN R 262 -9.17 -54.65 45.36
C ASN R 262 -7.69 -54.64 45.72
N GLN R 263 -6.85 -55.00 44.76
CA GLN R 263 -5.43 -55.08 45.00
C GLN R 263 -4.87 -53.76 45.45
N ILE R 264 -5.31 -52.67 44.82
CA ILE R 264 -4.80 -51.36 45.18
C ILE R 264 -5.02 -51.11 46.66
N SER R 265 -6.25 -51.32 47.11
CA SER R 265 -6.60 -50.99 48.49
C SER R 265 -5.84 -51.87 49.45
N GLN R 266 -5.70 -53.15 49.13
CA GLN R 266 -5.04 -54.04 50.07
C GLN R 266 -3.55 -53.71 50.15
N PHE R 267 -2.96 -53.37 49.02
CA PHE R 267 -1.59 -52.90 49.00
C PHE R 267 -1.43 -51.72 49.91
N ARG R 268 -2.35 -50.75 49.82
CA ARG R 268 -2.24 -49.56 50.62
C ARG R 268 -2.33 -49.91 52.09
N HIS R 269 -3.23 -50.83 52.42
CA HIS R 269 -3.40 -51.21 53.81
C HIS R 269 -2.13 -51.85 54.32
N ALA R 270 -1.48 -52.66 53.48
CA ALA R 270 -0.28 -53.34 53.91
C ALA R 270 0.81 -52.33 54.23
N VAL R 271 1.03 -51.39 53.32
CA VAL R 271 2.07 -50.40 53.55
C VAL R 271 1.76 -49.57 54.78
N VAL R 272 0.50 -49.16 54.92
CA VAL R 272 0.15 -48.25 56.01
C VAL R 272 0.34 -48.93 57.35
N ARG R 273 -0.03 -50.19 57.45
CA ARG R 273 0.09 -50.88 58.73
C ARG R 273 1.48 -51.38 58.97
N ASN R 274 2.32 -51.44 57.94
CA ASN R 274 3.71 -51.82 58.13
C ASN R 274 4.56 -50.64 58.56
N LYS R 275 4.24 -49.45 58.09
CA LYS R 275 5.06 -48.30 58.43
C LYS R 275 5.09 -48.07 59.93
N CYS R 276 3.99 -48.37 60.61
CA CYS R 276 3.92 -48.09 62.03
C CYS R 276 4.78 -49.04 62.83
N LYS R 277 5.11 -50.20 62.28
CA LYS R 277 5.92 -51.16 63.00
C LYS R 277 7.36 -50.70 63.12
N HIS R 278 7.93 -50.20 62.03
CA HIS R 278 9.35 -49.88 61.99
C HIS R 278 9.65 -48.45 62.41
N ASN R 279 8.66 -47.60 62.58
CA ASN R 279 8.84 -46.28 63.18
C ASN R 279 7.74 -46.02 64.20
N PRO R 280 7.70 -46.79 65.28
CA PRO R 280 6.56 -46.74 66.19
C PRO R 280 6.40 -45.45 66.96
N THR R 281 7.42 -44.60 67.01
CA THR R 281 7.31 -43.40 67.83
C THR R 281 6.37 -42.38 67.23
N LEU R 282 6.32 -42.29 65.90
CA LEU R 282 5.53 -41.27 65.24
C LEU R 282 4.04 -41.59 65.32
N THR R 283 3.23 -40.56 65.17
CA THR R 283 1.78 -40.65 65.29
C THR R 283 1.09 -40.24 63.99
N ASN R 284 -0.13 -40.75 63.84
CA ASN R 284 -0.97 -40.45 62.69
C ASN R 284 -0.20 -40.53 61.38
N LEU R 285 0.31 -41.72 61.08
CA LEU R 285 0.99 -41.96 59.83
C LEU R 285 0.00 -42.33 58.74
N SER R 286 0.23 -41.80 57.55
CA SER R 286 -0.59 -42.07 56.37
C SER R 286 0.24 -42.69 55.26
N PHE R 287 -0.46 -43.18 54.24
CA PHE R 287 0.20 -43.76 53.08
C PHE R 287 1.27 -42.81 52.54
N ASP R 288 0.85 -41.64 52.11
CA ASP R 288 1.74 -40.73 51.39
C ASP R 288 2.88 -40.22 52.25
N THR R 289 2.95 -40.61 53.50
CA THR R 289 3.94 -40.04 54.38
C THR R 289 5.31 -40.67 54.11
N PRO R 290 6.37 -39.88 54.07
CA PRO R 290 7.71 -40.41 53.80
C PRO R 290 8.45 -40.96 55.01
N VAL R 291 8.26 -42.23 55.32
CA VAL R 291 9.12 -42.93 56.27
C VAL R 291 9.41 -44.32 55.75
N TYR R 292 10.37 -44.98 56.40
CA TYR R 292 10.82 -46.29 55.95
C TYR R 292 9.67 -47.28 55.84
N PHE R 293 9.76 -48.16 54.84
CA PHE R 293 8.79 -49.23 54.67
C PHE R 293 9.39 -50.30 53.77
N SER R 294 9.45 -51.52 54.27
CA SER R 294 10.10 -52.59 53.53
C SER R 294 9.11 -53.25 52.58
N ILE R 295 9.59 -53.60 51.40
CA ILE R 295 8.72 -54.15 50.38
C ILE R 295 8.70 -55.67 50.43
N ASP R 296 9.81 -56.28 50.82
CA ASP R 296 9.85 -57.73 50.92
C ASP R 296 8.85 -58.22 51.94
N GLU R 297 8.74 -57.50 53.05
CA GLU R 297 7.76 -57.85 54.06
C GLU R 297 6.35 -57.80 53.49
N VAL R 298 6.06 -56.81 52.65
CA VAL R 298 4.73 -56.67 52.10
C VAL R 298 4.44 -57.80 51.13
N VAL R 299 5.42 -58.15 50.32
CA VAL R 299 5.27 -59.25 49.39
C VAL R 299 4.94 -60.53 50.14
N THR R 300 5.69 -60.82 51.19
CA THR R 300 5.44 -62.06 51.91
C THR R 300 4.11 -61.99 52.65
N TYR R 301 3.71 -60.79 53.06
CA TYR R 301 2.42 -60.63 53.71
C TYR R 301 1.28 -61.02 52.79
N LEU R 302 1.31 -60.51 51.57
CA LEU R 302 0.27 -60.87 50.61
C LEU R 302 0.37 -62.34 50.24
N GLU R 303 1.59 -62.86 50.14
CA GLU R 303 1.76 -64.25 49.80
C GLU R 303 1.19 -65.12 50.91
N ASN R 304 1.11 -64.59 52.11
CA ASN R 304 0.48 -65.32 53.19
C ASN R 304 -1.03 -65.23 53.10
N MET R 305 -1.54 -64.01 52.89
CA MET R 305 -2.99 -63.86 52.74
C MET R 305 -3.52 -64.78 51.67
N ASN R 306 -2.70 -65.08 50.66
CA ASN R 306 -3.16 -65.92 49.56
C ASN R 306 -3.68 -67.26 50.06
N ASN R 307 -2.88 -67.95 50.87
CA ASN R 307 -3.19 -69.32 51.29
C ASN R 307 -3.85 -69.38 52.66
N GLU R 308 -4.68 -68.40 52.99
CA GLU R 308 -5.34 -68.38 54.29
C GLU R 308 -6.52 -69.34 54.30
N VAL R 309 -6.71 -69.99 55.43
CA VAL R 309 -7.84 -70.90 55.64
C VAL R 309 -8.33 -70.75 57.07
N ILE R 310 -9.50 -70.18 57.25
CA ILE R 310 -9.97 -69.88 58.59
C ILE R 310 -10.52 -71.14 59.22
N GLY R 311 -10.17 -71.34 60.49
CA GLY R 311 -10.61 -72.50 61.25
C GLY R 311 -11.99 -72.28 61.83
N LYS R 312 -13.01 -72.40 61.00
CA LYS R 312 -14.35 -72.04 61.42
C LYS R 312 -14.88 -73.00 62.47
N LEU R 313 -14.78 -72.59 63.74
CA LEU R 313 -15.31 -73.37 64.85
C LEU R 313 -15.83 -72.43 65.91
N ALA R 314 -16.52 -72.99 66.89
CA ALA R 314 -17.08 -72.19 67.97
C ALA R 314 -16.01 -71.35 68.63
N GLY R 315 -16.20 -70.04 68.61
CA GLY R 315 -15.22 -69.15 69.18
C GLY R 315 -13.86 -69.23 68.52
N GLU R 316 -13.82 -69.68 67.28
CA GLU R 316 -12.58 -69.80 66.50
C GLU R 316 -12.71 -69.06 65.17
N GLY R 317 -13.23 -67.84 65.22
CA GLY R 317 -13.50 -67.10 64.00
C GLY R 317 -12.33 -66.31 63.46
N LYS R 318 -11.18 -66.96 63.29
CA LYS R 318 -9.97 -66.30 62.85
C LYS R 318 -8.99 -67.36 62.32
N PRO R 319 -7.85 -66.96 61.79
CA PRO R 319 -6.98 -67.93 61.10
C PRO R 319 -6.42 -69.00 62.00
N LYS R 320 -5.96 -70.07 61.37
CA LYS R 320 -5.40 -71.24 62.04
C LYS R 320 -4.16 -71.69 61.31
N LEU R 321 -3.05 -71.80 62.04
CA LEU R 321 -1.79 -72.25 61.49
C LEU R 321 -1.67 -73.75 61.61
N ALA R 322 -0.56 -74.29 61.11
CA ALA R 322 -0.37 -75.74 61.10
C ALA R 322 -0.50 -76.33 62.50
N ASN R 323 0.00 -75.62 63.50
CA ASN R 323 -0.01 -76.11 64.87
C ASN R 323 -1.31 -75.78 65.60
N GLU R 324 -2.34 -75.35 64.89
CA GLU R 324 -3.65 -75.10 65.44
C GLU R 324 -3.71 -73.89 66.36
N THR R 325 -2.62 -73.14 66.46
CA THR R 325 -2.60 -71.93 67.28
C THR R 325 -3.16 -70.78 66.46
N LEU R 326 -4.34 -70.32 66.82
CA LEU R 326 -5.00 -69.26 66.09
C LEU R 326 -4.20 -67.96 66.20
N VAL R 327 -4.72 -66.93 65.54
CA VAL R 327 -4.07 -65.64 65.44
C VAL R 327 -5.10 -64.55 65.72
N SER R 328 -4.67 -63.46 66.34
CA SER R 328 -5.55 -62.35 66.69
C SER R 328 -5.23 -61.07 65.94
N ASP R 329 -3.97 -60.81 65.59
CA ASP R 329 -3.58 -59.60 64.87
C ASP R 329 -2.65 -59.99 63.75
N ARG R 330 -3.18 -60.02 62.53
CA ARG R 330 -2.41 -60.49 61.39
C ARG R 330 -1.09 -59.72 61.27
N ASP R 331 -1.11 -58.45 61.66
CA ASP R 331 0.04 -57.59 61.45
C ASP R 331 1.25 -58.00 62.27
N GLU R 332 1.13 -59.07 63.06
CA GLU R 332 2.19 -59.45 63.97
C GLU R 332 3.01 -60.65 63.49
N LEU R 333 2.48 -61.41 62.56
CA LEU R 333 3.12 -62.65 62.18
C LEU R 333 3.36 -62.79 60.68
N TYR R 334 2.45 -62.30 59.85
CA TYR R 334 2.62 -62.45 58.41
C TYR R 334 3.82 -61.65 57.91
N PHE R 335 4.15 -60.55 58.58
CA PHE R 335 5.16 -59.63 58.07
C PHE R 335 6.55 -60.21 58.14
N ASP R 336 6.76 -61.24 58.94
CA ASP R 336 8.11 -61.71 59.25
C ASP R 336 8.50 -62.94 58.46
N ALA R 337 7.60 -63.91 58.35
CA ALA R 337 7.95 -65.15 57.72
C ALA R 337 6.70 -65.77 57.11
N VAL R 338 6.92 -66.60 56.09
CA VAL R 338 5.84 -67.36 55.48
C VAL R 338 5.34 -68.41 56.46
N GLN R 339 4.03 -68.64 56.45
CA GLN R 339 3.42 -69.65 57.28
C GLN R 339 2.78 -70.72 56.42
N SER R 340 2.65 -71.91 56.98
CA SER R 340 2.01 -73.04 56.32
C SER R 340 0.62 -73.22 56.92
N PHE R 341 -0.39 -72.82 56.18
CA PHE R 341 -1.75 -72.84 56.68
C PHE R 341 -2.31 -74.26 56.64
N ILE R 342 -3.34 -74.49 57.46
CA ILE R 342 -3.97 -75.80 57.56
C ILE R 342 -5.02 -75.99 56.48
N VAL R 343 -5.52 -77.23 56.38
CA VAL R 343 -6.42 -77.59 55.31
C VAL R 343 -7.82 -77.02 55.56
N ALA R 344 -8.65 -77.09 54.53
CA ALA R 344 -10.03 -76.67 54.59
C ALA R 344 -10.94 -77.87 54.36
N SER R 345 -12.12 -77.83 54.95
CA SER R 345 -13.11 -78.87 54.76
C SER R 345 -14.38 -78.49 55.50
N GLN R 346 -15.47 -79.11 55.10
CA GLN R 346 -16.78 -78.85 55.67
C GLN R 346 -17.14 -79.83 56.76
N ALA R 347 -16.26 -80.80 57.03
CA ALA R 347 -16.51 -81.75 58.10
C ALA R 347 -16.78 -81.02 59.41
N ALA R 348 -17.84 -81.46 60.10
CA ALA R 348 -18.26 -80.76 61.32
C ALA R 348 -17.19 -80.82 62.40
N ALA R 349 -16.26 -81.76 62.29
CA ALA R 349 -15.24 -81.90 63.33
C ALA R 349 -14.13 -80.87 63.16
N THR R 350 -13.67 -80.68 61.93
CA THR R 350 -12.54 -79.81 61.61
C THR R 350 -12.94 -78.79 60.56
N LYS R 351 -14.07 -78.13 60.79
CA LYS R 351 -14.62 -77.22 59.80
C LYS R 351 -13.70 -76.03 59.61
N ALA R 352 -13.10 -75.95 58.42
CA ALA R 352 -12.19 -74.86 58.09
C ALA R 352 -12.56 -74.35 56.71
N SER R 353 -13.06 -73.13 56.66
CA SER R 353 -13.56 -72.52 55.44
C SER R 353 -12.52 -71.59 54.84
N ASN R 354 -12.57 -71.45 53.51
CA ASN R 354 -11.50 -70.75 52.84
C ASN R 354 -11.55 -69.28 53.16
N GLY R 355 -10.46 -68.62 52.84
CA GLY R 355 -10.30 -67.23 53.15
C GLY R 355 -11.00 -66.36 52.14
N PRO R 356 -11.15 -65.10 52.50
CA PRO R 356 -11.85 -64.18 51.61
C PRO R 356 -11.12 -63.93 50.31
N PHE R 357 -9.85 -63.57 50.38
CA PHE R 357 -9.11 -63.08 49.22
C PHE R 357 -8.27 -64.15 48.54
N ASN R 358 -8.44 -65.41 48.90
CA ASN R 358 -7.64 -66.44 48.27
C ASN R 358 -7.86 -66.43 46.77
N GLY R 359 -6.84 -66.89 46.05
CA GLY R 359 -6.89 -66.97 44.62
C GLY R 359 -6.79 -65.65 43.91
N GLU R 360 -7.15 -64.57 44.57
CA GLU R 360 -7.21 -63.27 43.90
C GLU R 360 -5.82 -62.82 43.46
N PHE R 361 -4.81 -63.15 44.24
CA PHE R 361 -3.50 -62.54 44.13
C PHE R 361 -2.44 -63.51 43.62
N ASP R 362 -2.85 -64.66 43.10
CA ASP R 362 -1.91 -65.70 42.72
C ASP R 362 -0.81 -65.22 41.77
N ARG R 363 -0.96 -64.03 41.18
CA ARG R 363 -0.07 -63.60 40.12
C ARG R 363 0.66 -62.31 40.43
N MET R 364 0.13 -61.47 41.31
CA MET R 364 0.79 -60.21 41.62
C MET R 364 2.16 -60.45 42.21
N ILE R 365 2.29 -61.48 43.05
CA ILE R 365 3.56 -61.77 43.67
C ILE R 365 4.59 -62.16 42.63
N LEU R 366 4.17 -62.94 41.64
CA LEU R 366 5.12 -63.41 40.64
C LEU R 366 5.45 -62.32 39.66
N ARG R 367 4.55 -61.35 39.52
CA ARG R 367 4.87 -60.20 38.69
C ARG R 367 5.82 -59.25 39.40
N LEU R 368 5.71 -59.14 40.72
CA LEU R 368 6.58 -58.24 41.45
C LEU R 368 7.97 -58.79 41.60
N HIS R 369 8.09 -60.04 42.07
CA HIS R 369 9.40 -60.62 42.29
C HIS R 369 10.32 -60.42 41.09
N THR R 370 9.74 -60.23 39.91
CA THR R 370 10.53 -59.95 38.73
C THR R 370 11.15 -58.56 38.80
N ARG R 371 10.29 -57.55 38.78
CA ARG R 371 10.74 -56.16 38.89
C ARG R 371 11.73 -56.00 40.05
N LEU R 372 11.34 -56.43 41.24
CA LEU R 372 12.18 -56.22 42.40
C LEU R 372 13.54 -56.89 42.27
N ALA R 373 13.75 -57.67 41.21
CA ALA R 373 15.01 -58.35 40.99
C ALA R 373 15.72 -57.81 39.76
N ASP R 374 15.28 -56.69 39.27
CA ASP R 374 15.97 -56.06 38.15
C ASP R 374 17.19 -55.31 38.66
N PRO R 375 18.32 -55.46 38.00
CA PRO R 375 19.56 -54.88 38.52
C PRO R 375 19.75 -53.44 38.09
N ARG R 376 19.21 -53.11 36.92
CA ARG R 376 19.37 -51.75 36.42
C ARG R 376 18.82 -50.73 37.39
N LEU R 377 17.77 -51.08 38.12
CA LEU R 377 17.14 -50.19 39.06
C LEU R 377 17.52 -50.49 40.48
N GLN R 378 18.57 -51.28 40.70
CA GLN R 378 18.99 -51.63 42.05
C GLN R 378 19.32 -50.40 42.89
N PHE R 379 19.45 -49.24 42.27
CA PHE R 379 19.73 -48.03 43.03
C PHE R 379 18.50 -47.41 43.64
N LEU R 380 17.33 -48.03 43.49
CA LEU R 380 16.10 -47.52 44.05
C LEU R 380 15.36 -48.52 44.92
N PHE R 381 15.62 -49.81 44.75
CA PHE R 381 14.92 -50.83 45.52
C PHE R 381 15.78 -51.40 46.64
N TYR R 382 17.08 -51.18 46.63
CA TYR R 382 18.00 -51.79 47.58
C TYR R 382 19.13 -50.82 47.88
N PRO R 383 18.79 -49.69 48.48
CA PRO R 383 19.81 -48.68 48.75
C PRO R 383 20.76 -49.12 49.86
N LYS R 384 21.98 -48.60 49.78
CA LYS R 384 23.02 -48.95 50.73
C LYS R 384 23.76 -47.70 51.16
N LYS R 385 24.27 -47.74 52.38
CA LYS R 385 25.12 -46.69 52.92
C LYS R 385 26.58 -47.00 52.62
N GLU R 386 27.43 -45.99 52.80
CA GLU R 386 28.85 -46.17 52.59
C GLU R 386 29.37 -47.38 53.36
N ASP R 387 28.84 -47.62 54.56
CA ASP R 387 29.21 -48.78 55.36
C ASP R 387 28.35 -49.98 55.05
N GLY R 388 27.76 -50.04 53.86
CA GLY R 388 26.99 -51.18 53.45
C GLY R 388 25.85 -51.52 54.39
N GLU R 389 24.92 -50.58 54.53
CA GLU R 389 23.75 -50.82 55.36
C GLU R 389 22.56 -50.06 54.78
N ASP R 390 21.38 -50.36 55.31
CA ASP R 390 20.16 -49.75 54.83
C ASP R 390 19.84 -48.51 55.65
N LEU R 391 19.27 -47.52 54.97
CA LEU R 391 18.97 -46.25 55.60
C LEU R 391 17.78 -46.37 56.55
N ALA R 392 17.76 -45.51 57.55
CA ALA R 392 16.72 -45.46 58.55
C ALA R 392 15.95 -44.15 58.47
N THR R 393 14.84 -44.10 59.20
CA THR R 393 13.93 -42.98 59.13
C THR R 393 14.54 -41.68 59.60
N GLY R 394 15.76 -41.71 60.11
CA GLY R 394 16.43 -40.52 60.57
C GLY R 394 17.50 -40.02 59.64
N ASP R 395 17.83 -40.76 58.60
CA ASP R 395 18.82 -40.35 57.63
C ASP R 395 18.23 -39.45 56.57
N PHE R 396 16.92 -39.22 56.62
CA PHE R 396 16.25 -38.46 55.58
C PHE R 396 17.00 -37.18 55.29
N ALA R 397 17.40 -36.48 56.34
CA ALA R 397 18.04 -35.19 56.18
C ALA R 397 19.17 -35.29 55.16
N ASP R 398 20.07 -36.25 55.35
CA ASP R 398 21.23 -36.33 54.48
C ASP R 398 20.80 -36.47 53.02
N VAL R 399 19.77 -37.29 52.78
CA VAL R 399 19.34 -37.55 51.41
C VAL R 399 19.04 -36.25 50.69
N VAL R 400 18.74 -35.20 51.45
CA VAL R 400 18.39 -33.93 50.84
C VAL R 400 19.63 -33.08 50.66
N ARG R 401 20.49 -33.05 51.68
CA ARG R 401 21.66 -32.18 51.66
C ARG R 401 22.34 -32.20 50.31
N GLN R 402 22.58 -33.39 49.78
CA GLN R 402 23.37 -33.51 48.57
C GLN R 402 22.70 -32.80 47.41
N PHE R 403 21.41 -33.07 47.21
CA PHE R 403 20.71 -32.44 46.10
C PHE R 403 20.76 -30.93 46.18
N VAL R 404 21.22 -30.38 47.30
CA VAL R 404 21.33 -28.94 47.49
C VAL R 404 22.78 -28.55 47.78
N GLY R 405 23.71 -29.50 47.71
CA GLY R 405 25.11 -29.17 47.88
C GLY R 405 25.53 -28.79 49.28
N TYR R 406 24.74 -29.10 50.30
CA TYR R 406 25.12 -28.77 51.66
C TYR R 406 26.01 -29.81 52.31
N MET R 407 26.08 -31.03 51.77
CA MET R 407 26.98 -32.03 52.32
C MET R 407 28.43 -31.61 52.14
N THR R 408 28.87 -31.49 50.90
CA THR R 408 30.25 -31.17 50.57
C THR R 408 30.51 -29.67 50.48
N LYS R 409 29.52 -28.85 50.85
CA LYS R 409 29.64 -27.40 50.74
C LYS R 409 30.01 -26.99 49.32
N SER R 410 29.39 -27.64 48.35
CA SER R 410 29.58 -27.33 46.94
C SER R 410 28.41 -26.49 46.45
N ASN R 411 28.70 -25.26 46.05
CA ASN R 411 27.65 -24.40 45.54
C ASN R 411 26.90 -25.04 44.39
N VAL R 412 27.56 -25.91 43.63
CA VAL R 412 27.03 -26.49 42.42
C VAL R 412 26.89 -28.00 42.60
N SER R 413 25.81 -28.54 42.06
CA SER R 413 25.60 -29.98 41.93
C SER R 413 25.26 -30.29 40.49
N ILE R 414 25.85 -31.36 39.96
CA ILE R 414 25.71 -31.73 38.56
C ILE R 414 25.26 -33.18 38.50
N ILE R 415 24.05 -33.40 38.05
CA ILE R 415 23.51 -34.74 37.88
C ILE R 415 23.83 -35.25 36.49
N ASP R 416 24.02 -36.56 36.38
CA ASP R 416 24.18 -37.25 35.13
C ASP R 416 23.04 -38.25 34.97
N LEU R 417 22.46 -38.29 33.77
CA LEU R 417 21.28 -39.10 33.50
C LEU R 417 21.47 -39.97 32.28
N SER R 418 22.71 -40.16 31.82
CA SER R 418 22.95 -40.99 30.65
C SER R 418 22.69 -42.46 30.96
N GLY R 419 23.44 -43.01 31.92
CA GLY R 419 23.34 -44.44 32.20
C GLY R 419 21.94 -44.88 32.57
N ILE R 420 21.15 -43.97 33.14
CA ILE R 420 19.78 -44.29 33.54
C ILE R 420 19.02 -44.80 32.31
N PRO R 421 18.02 -45.66 32.47
CA PRO R 421 17.21 -46.07 31.33
C PRO R 421 16.17 -45.02 30.99
N PHE R 422 15.43 -45.31 29.93
CA PHE R 422 14.37 -44.41 29.52
C PHE R 422 13.13 -44.56 30.40
N GLU R 423 12.93 -45.73 30.99
CA GLU R 423 11.65 -46.01 31.63
C GLU R 423 11.56 -45.46 33.04
N VAL R 424 12.69 -45.16 33.68
CA VAL R 424 12.69 -44.68 35.05
C VAL R 424 13.20 -43.25 35.17
N LEU R 425 13.76 -42.69 34.11
CA LEU R 425 14.22 -41.31 34.15
C LEU R 425 13.06 -40.35 34.42
N SER R 426 11.91 -40.64 33.85
CA SER R 426 10.77 -39.74 33.97
C SER R 426 10.37 -39.56 35.41
N ILE R 427 10.63 -40.57 36.24
CA ILE R 427 10.27 -40.47 37.66
C ILE R 427 11.46 -40.00 38.46
N VAL R 428 12.67 -40.41 38.07
CA VAL R 428 13.86 -39.96 38.76
C VAL R 428 14.02 -38.46 38.70
N VAL R 429 13.51 -37.82 37.66
CA VAL R 429 13.58 -36.36 37.59
C VAL R 429 12.49 -35.74 38.43
N SER R 430 11.29 -36.29 38.34
CA SER R 430 10.15 -35.75 39.08
C SER R 430 10.44 -35.75 40.57
N LEU R 431 11.05 -36.82 41.05
CA LEU R 431 11.28 -36.96 42.48
C LEU R 431 12.26 -35.91 42.98
N ILE R 432 13.33 -35.69 42.23
CA ILE R 432 14.31 -34.67 42.61
C ILE R 432 13.66 -33.30 42.63
N SER R 433 12.91 -32.98 41.58
CA SER R 433 12.25 -31.69 41.53
C SER R 433 11.33 -31.52 42.74
N ARG R 434 10.62 -32.58 43.09
CA ARG R 434 9.68 -32.50 44.19
C ARG R 434 10.39 -32.25 45.50
N MET R 435 11.53 -32.93 45.70
CA MET R 435 12.28 -32.75 46.94
C MET R 435 12.74 -31.32 47.07
N ILE R 436 13.31 -30.79 46.00
CA ILE R 436 13.79 -29.41 46.02
C ILE R 436 12.65 -28.48 46.37
N PHE R 437 11.48 -28.71 45.77
CA PHE R 437 10.36 -27.81 45.98
C PHE R 437 9.88 -27.87 47.40
N ASP R 438 9.78 -29.07 47.96
CA ASP R 438 9.26 -29.20 49.31
C ASP R 438 10.18 -28.51 50.30
N PHE R 439 11.48 -28.73 50.15
CA PHE R 439 12.43 -28.06 51.02
C PHE R 439 12.25 -26.56 50.94
N GLY R 440 12.21 -26.03 49.73
CA GLY R 440 12.13 -24.59 49.58
C GLY R 440 10.85 -24.04 50.17
N PHE R 441 9.75 -24.72 49.92
CA PHE R 441 8.46 -24.25 50.41
C PHE R 441 8.47 -24.16 51.92
N HIS R 442 8.85 -25.23 52.58
CA HIS R 442 8.71 -25.27 54.02
C HIS R 442 9.68 -24.29 54.67
N TYR R 443 10.88 -24.14 54.11
CA TYR R 443 11.81 -23.21 54.73
C TYR R 443 11.38 -21.77 54.50
N SER R 444 10.91 -21.47 53.30
CA SER R 444 10.47 -20.11 53.03
C SER R 444 9.28 -19.74 53.90
N LYS R 445 8.41 -20.70 54.20
CA LYS R 445 7.26 -20.40 55.03
C LYS R 445 7.65 -20.24 56.49
N ASN R 446 8.50 -21.14 57.00
CA ASN R 446 8.97 -20.98 58.37
C ASN R 446 9.75 -19.68 58.54
N ARG R 447 10.29 -19.14 57.45
CA ARG R 447 10.93 -17.84 57.54
C ARG R 447 9.90 -16.72 57.45
N HIS R 448 8.89 -16.91 56.62
CA HIS R 448 7.83 -15.91 56.50
C HIS R 448 7.11 -15.71 57.81
N VAL R 449 7.02 -16.75 58.62
CA VAL R 449 6.43 -16.62 59.96
C VAL R 449 7.02 -15.38 60.66
N GLY R 450 8.31 -15.12 60.43
CA GLY R 450 8.91 -13.93 61.01
C GLY R 450 8.72 -12.69 60.17
N GLY R 451 8.63 -12.86 58.85
CA GLY R 451 8.44 -11.76 57.92
C GLY R 451 9.54 -11.64 56.88
N ALA R 452 10.75 -12.09 57.19
CA ALA R 452 11.84 -11.95 56.24
C ALA R 452 11.65 -12.87 55.04
N VAL R 453 12.33 -12.54 53.95
CA VAL R 453 12.26 -13.32 52.73
C VAL R 453 13.30 -14.44 52.78
N SER R 454 13.06 -15.48 51.99
CA SER R 454 13.97 -16.62 51.97
C SER R 454 15.37 -16.20 51.57
N ASP R 455 16.35 -16.99 52.00
CA ASP R 455 17.75 -16.70 51.75
C ASP R 455 18.52 -17.89 51.20
N VAL R 456 17.85 -18.97 50.82
CA VAL R 456 18.50 -20.12 50.20
C VAL R 456 17.90 -20.35 48.84
N PRO R 457 18.11 -19.45 47.89
CA PRO R 457 17.55 -19.62 46.55
C PRO R 457 18.20 -20.78 45.81
N ILE R 458 17.52 -21.20 44.74
CA ILE R 458 17.97 -22.33 43.92
C ILE R 458 17.61 -22.07 42.48
N LEU R 459 18.56 -22.38 41.59
CA LEU R 459 18.35 -22.31 40.16
C LEU R 459 18.51 -23.70 39.55
N VAL R 460 17.49 -24.14 38.84
CA VAL R 460 17.46 -25.46 38.22
C VAL R 460 17.64 -25.28 36.72
N VAL R 461 18.73 -25.81 36.20
CA VAL R 461 19.02 -25.78 34.78
C VAL R 461 18.57 -27.09 34.16
N CYS R 462 17.66 -26.98 33.20
CA CYS R 462 17.10 -28.12 32.48
C CYS R 462 17.64 -28.11 31.06
N GLU R 463 18.54 -29.05 30.79
CA GLU R 463 19.16 -29.23 29.50
C GLU R 463 18.46 -30.32 28.73
N GLU R 464 18.55 -30.26 27.41
CA GLU R 464 17.91 -31.21 26.51
C GLU R 464 16.50 -31.52 26.99
N ALA R 465 15.74 -30.45 27.18
CA ALA R 465 14.38 -30.58 27.69
C ALA R 465 13.52 -31.43 26.77
N HIS R 466 13.77 -31.35 25.46
CA HIS R 466 12.88 -31.96 24.51
C HIS R 466 12.80 -33.48 24.65
N ASN R 467 13.56 -34.06 25.58
CA ASN R 467 13.51 -35.50 25.76
C ASN R 467 12.44 -35.89 26.77
N TYR R 468 12.28 -35.11 27.84
CA TYR R 468 11.37 -35.45 28.92
C TYR R 468 10.37 -34.35 29.20
N LEU R 469 9.97 -33.59 28.18
CA LEU R 469 8.89 -32.64 28.33
C LEU R 469 8.22 -32.39 26.99
N PRO R 470 7.73 -33.42 26.33
CA PRO R 470 7.11 -33.22 25.03
C PRO R 470 5.83 -32.43 25.12
N ARG R 471 5.48 -31.78 24.02
CA ARG R 471 4.22 -31.07 23.94
C ARG R 471 3.06 -32.05 23.83
N SER R 472 3.18 -33.00 22.92
CA SER R 472 2.20 -34.06 22.72
C SER R 472 2.88 -35.37 23.07
N GLY R 473 2.58 -35.87 24.27
CA GLY R 473 3.19 -37.11 24.71
C GLY R 473 2.21 -37.90 25.56
N GLY R 474 2.49 -39.19 25.67
CA GLY R 474 1.67 -40.07 26.46
C GLY R 474 2.02 -40.01 27.93
N ALA R 475 1.17 -40.67 28.72
CA ALA R 475 1.37 -40.69 30.16
C ALA R 475 2.74 -41.20 30.53
N ALA R 476 3.41 -41.91 29.62
CA ALA R 476 4.74 -42.43 29.91
C ALA R 476 5.69 -41.31 30.32
N TYR R 477 5.32 -40.07 30.08
CA TYR R 477 6.11 -38.92 30.44
C TYR R 477 5.46 -38.07 31.53
N ASP R 478 4.16 -38.19 31.73
CA ASP R 478 3.41 -37.16 32.43
C ASP R 478 3.99 -36.89 33.81
N ALA R 479 4.44 -37.95 34.48
CA ALA R 479 4.88 -37.80 35.86
C ALA R 479 5.90 -36.67 36.01
N SER R 480 6.58 -36.32 34.93
CA SER R 480 7.56 -35.24 35.01
C SER R 480 6.89 -33.90 34.79
N ARG R 481 6.12 -33.78 33.72
CA ARG R 481 5.59 -32.49 33.31
C ARG R 481 4.90 -31.79 34.47
N LYS R 482 4.26 -32.55 35.34
CA LYS R 482 3.56 -31.94 36.46
C LYS R 482 4.54 -31.25 37.38
N SER R 483 5.53 -31.99 37.87
CA SER R 483 6.47 -31.44 38.84
C SER R 483 7.02 -30.11 38.35
N ILE R 484 7.74 -30.15 37.23
CA ILE R 484 8.33 -28.94 36.70
C ILE R 484 7.26 -27.87 36.49
N GLU R 485 6.08 -28.28 36.03
CA GLU R 485 5.05 -27.30 35.73
C GLU R 485 4.71 -26.49 36.96
N ARG R 486 4.73 -27.13 38.12
CA ARG R 486 4.47 -26.43 39.37
C ARG R 486 5.40 -25.24 39.51
N ILE R 487 6.70 -25.47 39.33
CA ILE R 487 7.67 -24.39 39.50
C ILE R 487 7.37 -23.26 38.56
N ALA R 488 6.71 -23.54 37.45
CA ALA R 488 6.47 -22.51 36.46
C ALA R 488 5.33 -21.60 36.87
N LYS R 489 4.45 -22.09 37.73
CA LYS R 489 3.31 -21.31 38.16
C LYS R 489 3.55 -20.66 39.51
N GLU R 490 3.88 -21.47 40.52
CA GLU R 490 3.93 -21.02 41.91
C GLU R 490 5.23 -21.42 42.58
N GLY R 491 6.35 -21.05 41.99
CA GLY R 491 7.64 -21.34 42.59
C GLY R 491 8.32 -20.07 43.05
N ARG R 492 8.08 -19.00 42.31
CA ARG R 492 8.72 -17.72 42.61
C ARG R 492 8.54 -17.35 44.07
N LYS R 493 7.33 -17.49 44.59
CA LYS R 493 7.04 -17.04 45.93
C LYS R 493 7.91 -17.73 46.95
N TYR R 494 8.40 -18.93 46.63
CA TYR R 494 8.99 -19.82 47.62
C TYR R 494 10.49 -19.98 47.48
N GLY R 495 11.08 -19.53 46.38
CA GLY R 495 12.52 -19.51 46.25
C GLY R 495 13.14 -20.49 45.28
N VAL R 496 12.49 -20.81 44.18
CA VAL R 496 13.05 -21.69 43.16
C VAL R 496 12.80 -21.08 41.80
N THR R 497 13.80 -21.17 40.93
CA THR R 497 13.64 -20.70 39.57
C THR R 497 14.24 -21.68 38.58
N LEU R 498 13.81 -21.55 37.34
CA LEU R 498 14.16 -22.45 36.26
C LEU R 498 14.97 -21.75 35.18
N MET R 499 15.67 -22.56 34.40
CA MET R 499 16.37 -22.11 33.20
C MET R 499 16.36 -23.26 32.22
N VAL R 500 15.55 -23.15 31.16
CA VAL R 500 15.37 -24.20 30.18
C VAL R 500 16.25 -23.88 28.97
N VAL R 501 16.88 -24.90 28.42
CA VAL R 501 17.62 -24.76 27.17
C VAL R 501 17.11 -25.81 26.20
N SER R 502 16.56 -25.37 25.08
CA SER R 502 15.94 -26.25 24.11
C SER R 502 16.31 -25.84 22.70
N GLN R 503 16.30 -26.81 21.80
CA GLN R 503 16.68 -26.61 20.42
C GLN R 503 15.52 -26.21 19.55
N ARG R 504 14.30 -26.47 19.99
CA ARG R 504 13.11 -26.32 19.17
C ARG R 504 11.94 -26.03 20.11
N PRO R 505 11.51 -24.77 20.21
CA PRO R 505 10.49 -24.43 21.20
C PRO R 505 9.20 -25.19 21.04
N SER R 506 8.63 -25.20 19.84
CA SER R 506 7.30 -25.78 19.66
C SER R 506 7.22 -27.21 20.15
N GLU R 507 8.35 -27.81 20.52
CA GLU R 507 8.31 -29.13 21.13
C GLU R 507 8.19 -29.04 22.64
N VAL R 508 8.73 -27.98 23.24
CA VAL R 508 8.63 -27.82 24.68
C VAL R 508 7.20 -27.44 25.05
N SER R 509 6.82 -27.78 26.27
CA SER R 509 5.47 -27.51 26.74
C SER R 509 5.12 -26.05 26.56
N GLU R 510 3.82 -25.78 26.63
CA GLU R 510 3.35 -24.43 26.37
C GLU R 510 3.22 -23.64 27.67
N THR R 511 2.81 -24.29 28.74
CA THR R 511 2.71 -23.61 30.02
C THR R 511 4.06 -23.07 30.45
N ILE R 512 5.11 -23.88 30.30
CA ILE R 512 6.43 -23.50 30.77
C ILE R 512 6.93 -22.27 30.03
N PHE R 513 6.87 -22.31 28.71
CA PHE R 513 7.33 -21.21 27.90
C PHE R 513 6.25 -20.18 27.65
N SER R 514 5.20 -20.20 28.44
CA SER R 514 4.23 -19.12 28.43
C SER R 514 4.47 -18.14 29.55
N GLN R 515 5.09 -18.58 30.64
CA GLN R 515 5.31 -17.75 31.80
C GLN R 515 6.70 -17.12 31.84
N CYS R 516 7.69 -17.72 31.20
CA CYS R 516 9.05 -17.20 31.24
C CYS R 516 9.07 -15.74 30.85
N SER R 517 9.98 -14.98 31.47
CA SER R 517 10.00 -13.53 31.31
C SER R 517 11.37 -13.02 30.93
N ASN R 518 12.15 -13.82 30.21
CA ASN R 518 13.42 -13.37 29.65
C ASN R 518 13.88 -14.38 28.62
N PHE R 519 14.02 -13.96 27.37
CA PHE R 519 14.37 -14.85 26.28
C PHE R 519 15.72 -14.45 25.70
N ILE R 520 16.61 -15.44 25.60
CA ILE R 520 17.89 -15.31 24.95
C ILE R 520 17.82 -16.13 23.67
N SER R 521 17.75 -15.44 22.54
CA SER R 521 17.58 -16.07 21.25
C SER R 521 18.91 -16.05 20.51
N LEU R 522 19.43 -17.23 20.25
CA LEU R 522 20.55 -17.41 19.34
C LEU R 522 20.00 -17.73 17.96
N ARG R 523 20.86 -18.22 17.07
CA ARG R 523 20.44 -18.42 15.68
C ARG R 523 19.29 -19.40 15.58
N LEU R 524 18.35 -19.07 14.71
CA LEU R 524 17.18 -19.90 14.45
C LEU R 524 16.83 -19.80 12.97
N THR R 525 16.51 -20.95 12.36
CA THR R 525 16.38 -21.01 10.91
C THR R 525 14.94 -20.91 10.45
N ASN R 526 14.10 -21.85 10.84
CA ASN R 526 12.73 -21.92 10.35
C ASN R 526 11.93 -20.73 10.87
N ALA R 527 10.80 -20.48 10.20
CA ALA R 527 10.01 -19.30 10.49
C ALA R 527 8.92 -19.62 11.50
N VAL R 528 8.45 -20.87 11.52
CA VAL R 528 7.39 -21.23 12.45
C VAL R 528 7.86 -21.07 13.88
N ASP R 529 9.15 -21.31 14.12
CA ASP R 529 9.71 -21.15 15.46
C ASP R 529 10.07 -19.71 15.77
N GLN R 530 10.26 -18.89 14.75
CA GLN R 530 10.58 -17.49 14.98
C GLN R 530 9.47 -16.79 15.74
N THR R 531 8.22 -17.16 15.46
CA THR R 531 7.08 -16.41 15.98
C THR R 531 7.23 -16.08 17.45
N TYR R 532 7.67 -17.05 18.25
CA TYR R 532 7.69 -16.85 19.70
C TYR R 532 8.57 -15.67 20.08
N VAL R 533 9.72 -15.54 19.42
CA VAL R 533 10.62 -14.43 19.71
C VAL R 533 10.15 -13.17 19.02
N LYS R 534 9.81 -13.28 17.74
CA LYS R 534 9.42 -12.12 16.97
C LYS R 534 8.17 -11.46 17.53
N SER R 535 7.44 -12.15 18.40
CA SER R 535 6.29 -11.55 19.04
C SER R 535 6.72 -10.61 20.16
N LEU R 536 7.39 -11.17 21.17
CA LEU R 536 7.74 -10.42 22.36
C LEU R 536 8.31 -9.05 22.03
N LEU R 537 8.93 -8.91 20.89
CA LEU R 537 9.49 -7.64 20.52
C LEU R 537 8.39 -6.70 20.03
N PRO R 538 8.35 -5.47 20.49
CA PRO R 538 7.31 -4.54 20.05
C PRO R 538 7.50 -4.00 18.65
N ASP R 539 6.65 -3.05 18.27
CA ASP R 539 6.56 -2.61 16.89
C ASP R 539 7.75 -1.75 16.49
N LEU R 540 7.93 -0.61 17.15
CA LEU R 540 8.98 0.30 16.73
C LEU R 540 10.36 -0.33 16.85
N SER R 541 10.53 -1.25 17.79
CA SER R 541 11.78 -1.97 17.90
C SER R 541 11.92 -3.01 16.80
N ALA R 542 10.81 -3.47 16.26
CA ALA R 542 10.84 -4.51 15.23
C ALA R 542 11.79 -4.10 14.12
N GLY R 543 12.31 -5.11 13.44
CA GLY R 543 13.31 -4.91 12.42
C GLY R 543 14.50 -5.79 12.73
N LEU R 544 14.62 -6.16 13.99
CA LEU R 544 15.68 -7.06 14.41
C LEU R 544 15.29 -8.51 14.23
N GLY R 545 14.00 -8.83 14.31
CA GLY R 545 13.54 -10.18 14.12
C GLY R 545 13.94 -10.79 12.80
N ASP R 546 14.51 -10.00 11.90
CA ASP R 546 15.00 -10.50 10.63
C ASP R 546 16.46 -10.88 10.67
N LEU R 547 17.17 -10.51 11.73
CA LEU R 547 18.58 -10.83 11.83
C LEU R 547 18.81 -12.27 12.26
N LEU R 548 17.78 -12.96 12.69
CA LEU R 548 17.94 -14.30 13.26
C LEU R 548 18.68 -15.25 12.35
N PRO R 549 18.33 -15.40 11.07
CA PRO R 549 18.95 -16.42 10.24
C PRO R 549 20.35 -16.08 9.73
N ASN R 550 20.94 -15.00 10.20
CA ASN R 550 22.31 -14.65 9.81
C ASN R 550 23.23 -14.52 11.01
N LEU R 551 22.73 -14.76 12.21
CA LEU R 551 23.55 -14.57 13.40
C LEU R 551 24.77 -15.46 13.34
N ALA R 552 25.92 -14.86 13.54
CA ALA R 552 27.17 -15.60 13.56
C ALA R 552 27.24 -16.46 14.81
N GLN R 553 28.39 -17.07 15.02
CA GLN R 553 28.53 -18.04 16.09
C GLN R 553 28.83 -17.32 17.39
N GLY R 554 27.95 -17.48 18.36
CA GLY R 554 28.14 -16.95 19.69
C GLY R 554 27.28 -15.77 20.02
N GLU R 555 26.64 -15.16 19.03
CA GLU R 555 25.86 -13.96 19.25
C GLU R 555 24.49 -14.30 19.84
N PHE R 556 23.81 -13.25 20.31
CA PHE R 556 22.50 -13.40 20.92
C PHE R 556 21.70 -12.13 20.74
N LEU R 557 20.40 -12.27 20.93
CA LEU R 557 19.45 -11.16 20.88
C LEU R 557 18.55 -11.27 22.11
N ILE R 558 18.65 -10.32 22.99
CA ILE R 558 18.00 -10.44 24.29
C ILE R 558 16.62 -9.79 24.23
N VAL R 559 15.70 -10.32 25.04
CA VAL R 559 14.37 -9.74 25.14
C VAL R 559 13.81 -10.03 26.52
N GLY R 560 12.99 -9.10 27.01
CA GLY R 560 12.31 -9.26 28.27
C GLY R 560 12.32 -7.98 29.06
N ASP R 561 12.28 -8.13 30.38
CA ASP R 561 12.25 -7.01 31.31
C ASP R 561 13.61 -6.64 31.84
N ALA R 562 14.47 -7.62 32.03
CA ALA R 562 15.79 -7.35 32.61
C ALA R 562 16.54 -6.22 31.93
N PRO R 563 16.60 -6.15 30.60
CA PRO R 563 17.49 -5.20 29.96
C PRO R 563 16.89 -3.81 29.82
N LEU R 564 17.77 -2.86 29.52
CA LEU R 564 17.36 -1.49 29.32
C LEU R 564 16.72 -1.32 27.94
N MET R 565 16.98 -2.25 27.05
CA MET R 565 16.34 -2.28 25.74
C MET R 565 16.85 -3.50 24.98
N PRO R 566 16.06 -4.01 24.05
CA PRO R 566 16.50 -5.16 23.26
C PRO R 566 17.80 -4.87 22.55
N THR R 567 18.73 -5.82 22.65
CA THR R 567 20.07 -5.59 22.16
C THR R 567 20.66 -6.89 21.64
N VAL R 568 21.61 -6.70 20.73
CA VAL R 568 22.39 -7.77 20.15
C VAL R 568 23.74 -7.79 20.83
N GLY R 569 24.18 -8.98 21.22
CA GLY R 569 25.43 -9.13 21.91
C GLY R 569 26.25 -10.28 21.36
N HIS R 570 27.52 -10.30 21.74
CA HIS R 570 28.45 -11.33 21.33
C HIS R 570 29.13 -11.86 22.57
N PHE R 571 29.33 -13.17 22.60
CA PHE R 571 29.79 -13.88 23.79
C PHE R 571 31.28 -14.10 23.74
N ALA R 572 31.81 -14.52 24.87
CA ALA R 572 33.20 -14.87 25.04
C ALA R 572 33.37 -16.36 25.22
N LEU R 573 34.59 -16.81 25.00
CA LEU R 573 34.90 -18.22 25.13
C LEU R 573 35.04 -18.57 26.61
N PRO R 574 34.26 -19.50 27.15
CA PRO R 574 34.34 -19.82 28.58
C PRO R 574 35.48 -20.77 28.87
N VAL R 575 36.42 -20.32 29.67
CA VAL R 575 37.60 -21.11 30.04
C VAL R 575 37.45 -21.51 31.50
N PRO R 576 37.48 -22.80 31.82
CA PRO R 576 37.58 -23.95 30.93
C PRO R 576 36.30 -24.23 30.17
N GLU R 577 36.41 -24.95 29.07
CA GLU R 577 35.31 -25.20 28.16
C GLU R 577 34.63 -26.52 28.44
N PRO R 578 33.38 -26.66 28.03
CA PRO R 578 32.74 -27.98 28.05
C PRO R 578 33.00 -28.72 26.75
N HIS R 579 33.36 -30.01 26.82
CA HIS R 579 33.80 -30.72 25.64
C HIS R 579 32.61 -30.95 24.72
N SER R 580 32.43 -30.02 23.78
CA SER R 580 31.40 -30.13 22.77
C SER R 580 31.94 -29.66 21.42
N ARG R 581 33.25 -29.67 21.27
CA ARG R 581 33.86 -29.16 20.05
C ARG R 581 33.55 -30.06 18.87
N SER R 582 33.23 -29.44 17.75
CA SER R 582 32.93 -30.18 16.54
C SER R 582 34.20 -30.73 15.92
N VAL R 583 34.06 -31.89 15.27
CA VAL R 583 35.19 -32.51 14.60
C VAL R 583 35.54 -31.69 13.37
N ASN R 584 36.82 -31.44 13.17
CA ASN R 584 37.28 -30.83 11.93
C ASN R 584 37.36 -31.92 10.89
N TYR R 585 36.30 -32.05 10.09
CA TYR R 585 36.12 -33.25 9.28
C TYR R 585 37.20 -33.38 8.22
N LEU R 586 37.48 -32.31 7.51
CA LEU R 586 38.34 -32.43 6.33
C LEU R 586 39.79 -32.61 6.70
N GLN R 587 40.23 -32.01 7.81
CA GLN R 587 41.60 -32.23 8.26
C GLN R 587 41.81 -33.71 8.57
N GLU R 588 40.74 -34.41 8.94
CA GLU R 588 40.84 -35.82 9.27
C GLU R 588 40.64 -36.71 8.05
N TRP R 589 39.87 -36.27 7.08
CA TRP R 589 39.73 -37.05 5.86
C TRP R 589 41.02 -37.10 5.05
N ASN R 590 41.88 -36.10 5.19
CA ASN R 590 43.08 -36.00 4.38
C ASN R 590 44.29 -36.66 5.02
N SER R 591 44.20 -37.03 6.28
CA SER R 591 45.27 -37.79 6.91
C SER R 591 45.15 -39.25 6.52
N GLY R 592 45.94 -40.10 7.15
CA GLY R 592 45.96 -41.50 6.79
C GLY R 592 44.96 -42.33 7.56
N TRP R 593 44.68 -43.49 6.99
CA TRP R 593 43.78 -44.45 7.62
C TRP R 593 44.16 -44.65 9.07
N ARG R 594 43.16 -44.98 9.88
CA ARG R 594 43.32 -45.10 11.32
C ARG R 594 42.91 -46.50 11.77
N HIS R 595 43.70 -47.05 12.68
CA HIS R 595 43.54 -48.43 13.14
C HIS R 595 42.78 -48.43 14.45
N VAL R 596 41.46 -48.24 14.36
CA VAL R 596 40.63 -48.23 15.55
C VAL R 596 40.67 -49.59 16.22
N ASP R 597 40.43 -49.60 17.52
CA ASP R 597 40.40 -50.82 18.31
C ASP R 597 38.94 -51.13 18.63
N PHE R 598 38.28 -51.79 17.69
CA PHE R 598 36.86 -52.10 17.85
C PHE R 598 36.60 -52.83 19.16
N ASP R 599 37.56 -53.62 19.61
CA ASP R 599 37.31 -54.54 20.73
C ASP R 599 36.97 -53.77 22.00
N SER R 600 37.77 -52.76 22.33
CA SER R 600 37.56 -52.04 23.57
C SER R 600 36.22 -51.31 23.54
N VAL R 601 35.89 -50.71 22.41
CA VAL R 601 34.61 -50.04 22.26
C VAL R 601 33.47 -51.02 22.53
N ILE R 602 33.45 -52.12 21.77
CA ILE R 602 32.40 -53.11 21.94
C ILE R 602 32.31 -53.56 23.38
N ASP R 603 33.46 -53.74 24.03
CA ASP R 603 33.45 -54.16 25.42
C ASP R 603 32.76 -53.13 26.29
N ARG R 604 33.02 -51.86 26.03
CA ARG R 604 32.37 -50.82 26.82
C ARG R 604 30.88 -50.79 26.58
N TRP R 605 30.45 -51.15 25.38
CA TRP R 605 29.02 -51.16 25.08
C TRP R 605 28.27 -51.97 26.11
N ARG R 606 28.71 -53.19 26.34
CA ARG R 606 28.03 -54.07 27.28
C ARG R 606 28.02 -53.46 28.68
N GLY R 607 29.15 -52.91 29.10
CA GLY R 607 29.22 -52.28 30.42
C GLY R 607 28.71 -53.16 31.53
N LYS R 608 28.92 -54.45 31.43
CA LYS R 608 28.47 -55.41 32.43
C LYS R 608 28.80 -54.95 33.84
PG AGS U . 14.84 -37.73 -9.47
S1G AGS U . 16.17 -38.80 -8.29
O2G AGS U . 14.24 -36.49 -8.65
O3G AGS U . 13.77 -38.60 -9.97
PB AGS U . 17.19 -36.80 -10.41
O1B AGS U . 17.26 -35.58 -9.53
O2B AGS U . 17.92 -38.06 -10.03
O3B AGS U . 15.66 -37.13 -10.68
PA AGS U . 19.18 -35.96 -12.04
O1A AGS U . 19.32 -34.60 -11.42
O2A AGS U . 20.00 -37.13 -11.56
O3A AGS U . 17.66 -36.37 -11.87
O5' AGS U . 19.28 -35.86 -13.65
C5' AGS U . 20.51 -36.12 -14.31
C4' AGS U . 20.43 -35.76 -15.78
O4' AGS U . 20.58 -34.37 -15.97
C3' AGS U . 21.52 -36.44 -16.56
O3' AGS U . 20.99 -37.00 -17.76
C2' AGS U . 22.50 -35.34 -16.86
O2' AGS U . 23.10 -35.51 -18.16
C1' AGS U . 21.69 -34.09 -16.81
N9 AGS U . 22.52 -33.03 -16.24
C8 AGS U . 22.19 -32.25 -15.21
N7 AGS U . 23.19 -31.37 -14.94
C5 AGS U . 24.17 -31.62 -15.81
C6 AGS U . 25.51 -31.06 -16.08
N6 AGS U . 25.97 -30.04 -15.32
N1 AGS U . 26.22 -31.59 -17.08
C2 AGS U . 25.75 -32.60 -17.83
N3 AGS U . 24.54 -33.15 -17.64
C4 AGS U . 23.72 -32.71 -16.67
HOG2 AGS U . 13.87 -36.60 -7.76
H5'1 AGS U . 20.76 -37.17 -14.19
H5'2 AGS U . 21.30 -35.54 -13.84
H4' AGS U . 19.47 -36.09 -16.18
H3' AGS U . 22.01 -37.19 -15.94
HO3' AGS U . 21.68 -37.51 -18.21
H2' AGS U . 23.25 -35.30 -16.08
HO2' AGS U . 23.65 -36.31 -18.15
H1' AGS U . 21.36 -33.84 -17.81
H8 AGS U . 21.25 -32.29 -14.67
HN61 AGS U . 26.89 -29.66 -15.50
HN62 AGS U . 25.42 -29.67 -14.57
H2 AGS U . 26.37 -32.98 -18.64
MG MG V . 18.32 -39.16 -8.17
PG AGS W . -15.00 -29.70 -21.68
S1G AGS W . -14.10 -31.53 -22.07
O2G AGS W . -14.62 -29.21 -20.20
O3G AGS W . -16.47 -29.83 -21.80
PB AGS W . -13.58 -29.26 -23.93
O1B AGS W . -12.12 -29.00 -23.62
O2B AGS W . -14.07 -30.64 -24.20
O3B AGS W . -14.45 -28.64 -22.74
PA AGS W . -14.17 -29.18 -26.56
O1A AGS W . -12.85 -29.82 -26.91
O2A AGS W . -15.40 -30.04 -26.39
O3A AGS W . -13.96 -28.36 -25.20
O5' AGS W . -14.49 -28.02 -27.60
C5' AGS W . -15.04 -28.37 -28.87
C4' AGS W . -15.47 -27.12 -29.61
O4' AGS W . -14.43 -26.14 -29.59
C3' AGS W . -15.78 -27.45 -31.05
O3' AGS W . -17.11 -27.08 -31.36
C2' AGS W . -14.78 -26.64 -31.85
O2' AGS W . -15.38 -26.07 -33.01
C1' AGS W . -14.31 -25.58 -30.89
N9 AGS W . -12.90 -25.19 -31.15
C8 AGS W . -12.02 -24.83 -30.22
N7 AGS W . -10.83 -24.51 -30.79
C5 AGS W . -10.97 -24.66 -32.11
C6 AGS W . -10.10 -24.49 -33.29
N6 AGS W . -8.82 -24.10 -33.16
N1 AGS W . -10.63 -24.75 -34.50
C2 AGS W . -11.90 -25.15 -34.64
N3 AGS W . -12.74 -25.32 -33.61
C4 AGS W . -12.33 -25.10 -32.34
HOG2 AGS W . -14.97 -29.69 -19.44
H5'1 AGS W . -15.90 -29.03 -28.72
H5'2 AGS W . -14.29 -28.91 -29.45
H4' AGS W . -16.38 -26.70 -29.16
H3' AGS W . -15.62 -28.51 -31.22
HO3' AGS W . -17.33 -27.41 -32.24
H2' AGS W . -13.92 -27.27 -32.11
HO2' AGS W . -15.63 -26.76 -33.62
H1' AGS W . -14.96 -24.71 -30.97
H8 AGS W . -12.22 -24.81 -29.15
HN61 AGS W . -8.25 -23.98 -33.98
HN62 AGS W . -8.44 -23.90 -32.25
H2 AGS W . -12.28 -25.34 -35.64
MG MG X . -13.08 -33.18 -23.40
PG AGS Y . -37.73 -10.10 -6.33
S1G AGS Y . -38.62 -11.96 -6.42
O2G AGS Y . -36.24 -10.23 -5.76
O3G AGS Y . -38.52 -9.22 -5.43
PB AGS Y . -39.04 -9.64 -8.67
O1B AGS Y . -38.74 -10.56 -9.81
O2B AGS Y . -40.16 -9.96 -7.71
O3B AGS Y . -37.72 -9.46 -7.79
PA AGS Y . -40.83 -7.79 -9.52
O1A AGS Y . -41.37 -8.70 -10.60
O2A AGS Y . -41.48 -7.76 -8.16
O3A AGS Y . -39.31 -8.18 -9.26
O5' AGS Y . -40.79 -6.29 -10.07
C5' AGS Y . -41.71 -5.38 -9.48
C4' AGS Y . -42.08 -4.22 -10.39
O4' AGS Y . -41.16 -3.95 -11.45
C3' AGS Y . -43.41 -4.48 -11.07
O3' AGS Y . -44.47 -3.96 -10.28
C2' AGS Y . -43.28 -3.77 -12.40
O2' AGS Y . -44.30 -2.76 -12.55
C1' AGS Y . -41.90 -3.15 -12.38
N9 AGS Y . -41.36 -3.10 -13.75
C8 AGS Y . -40.60 -4.01 -14.38
N7 AGS Y . -40.30 -3.59 -15.64
C5 AGS Y . -40.87 -2.39 -15.82
C6 AGS Y . -40.95 -1.39 -16.91
N6 AGS Y . -40.34 -1.61 -18.10
N1 AGS Y . -41.66 -0.27 -16.68
C2 AGS Y . -42.28 -0.04 -15.51
N3 AGS Y . -42.24 -0.91 -14.49
C4 AGS Y . -41.57 -2.07 -14.57
HOG2 AGS Y . -36.10 -10.56 -4.86
H5'1 AGS Y . -41.29 -4.99 -8.57
H5'2 AGS Y . -42.61 -5.92 -9.23
H4' AGS Y . -42.18 -3.33 -9.76
H3' AGS Y . -43.52 -5.56 -11.24
HO3' AGS Y . -45.32 -4.28 -10.63
H2' AGS Y . -43.34 -4.51 -13.22
HO2' AGS Y . -45.17 -3.18 -12.57
H1' AGS Y . -41.99 -2.14 -11.99
H8 AGS Y . -40.28 -4.94 -13.94
HN61 AGS Y . -40.41 -0.91 -18.83
HN62 AGS Y . -39.81 -2.45 -18.26
H2 AGS Y . -42.82 0.88 -15.38
MG MG Z . -39.86 -12.69 -8.16
PG AGS AA . -28.53 -4.13 25.99
S1G AGS AA . -30.24 -4.96 26.80
O2G AGS AA . -28.59 -4.35 24.40
O3G AGS AA . -27.32 -4.78 26.54
PB AGS AA . -29.78 -1.68 25.86
O1B AGS AA . -29.53 -1.11 24.49
O2B AGS AA . -31.02 -2.47 26.15
O3B AGS AA . -28.50 -2.56 26.27
PA AGS AA . -31.02 0.46 27.00
O1A AGS AA . -31.84 0.20 25.77
O2A AGS AA . -31.64 0.26 28.36
O3A AGS AA . -29.71 -0.45 26.88
O5' AGS AA . -30.41 1.95 26.93
C5' AGS AA . -31.22 3.04 27.34
C4' AGS AA . -30.42 4.33 27.42
O4' AGS AA . -30.10 4.82 26.11
C3' AGS AA . -31.25 5.40 28.11
O3' AGS AA . -30.50 5.98 29.18
C2' AGS AA . -31.56 6.43 27.05
O2' AGS AA . -31.43 7.75 27.55
C1' AGS AA . -30.57 6.16 25.93
N9 AGS AA . -31.21 6.29 24.61
C8 AGS AA . -30.94 5.53 23.55
N7 AGS AA . -31.69 5.89 22.49
C5 AGS AA . -32.47 6.91 22.87
C6 AGS AA . -33.50 7.76 22.24
N6 AGS AA . -33.85 7.58 20.95
N1 AGS AA . -34.07 8.72 23.00
C2 AGS AA . -33.73 8.91 24.28
N3 AGS AA . -32.80 8.17 24.91
C4 AGS AA . -32.14 7.18 24.27
HOG2 AGS AA . -28.75 -5.24 24.05
H5'1 AGS AA . -31.64 2.82 28.33
H5'2 AGS AA . -32.05 3.17 26.65
H4' AGS AA . -29.51 4.16 27.99
H3' AGS AA . -32.18 4.96 28.48
HO3' AGS AA . -31.07 6.56 29.69
H2' AGS AA . -32.57 6.24 26.68
HO2' AGS AA . -32.10 7.90 28.25
H1' AGS AA . -29.73 6.87 26.03
H8 AGS AA . -30.22 4.72 23.54
HN61 AGS AA . -34.56 8.18 20.53
HN62 AGS AA . -33.41 6.86 20.41
H2 AGS AA . -34.21 9.71 24.84
MG MG BA . -32.56 -4.56 27.54
PG AGS CA . 1.14 -15.02 41.38
S1G AGS CA . -0.32 -14.79 42.83
O2G AGS CA . 0.63 -16.04 40.26
O3G AGS CA . 2.36 -15.55 42.00
PB AGS CA . 0.79 -12.34 41.46
O1B AGS CA . -0.35 -11.83 40.62
O2B AGS CA . 0.56 -12.73 42.89
O3B AGS CA . 1.42 -13.61 40.72
PA AGS CA . 1.90 -10.22 42.64
O1A AGS CA . 0.64 -9.42 42.46
O2A AGS CA . 2.12 -11.00 43.91
O3A AGS CA . 1.95 -11.25 41.44
O5' AGS CA . 3.19 -9.29 42.43
C5' AGS CA . 3.77 -8.71 43.58
C4' AGS CA . 4.98 -7.85 43.28
O4' AGS CA . 4.65 -6.81 42.37
C3' AGS CA . 5.50 -7.21 44.54
O3' AGS CA . 6.82 -7.67 44.84
C2' AGS CA . 5.49 -5.72 44.28
O2' AGS CA . 6.74 -5.12 44.65
C1' AGS CA . 5.24 -5.59 42.80
N9 AGS CA . 4.32 -4.49 42.58
C8 AGS CA . 2.99 -4.60 42.54
N7 AGS CA . 2.41 -3.41 42.31
C5 AGS CA . 3.38 -2.51 42.21
C6 AGS CA . 3.44 -1.06 41.99
N6 AGS CA . 2.30 -0.37 41.82
N1 AGS CA . 4.65 -0.47 41.95
C2 AGS CA . 5.78 -1.19 42.12
N3 AGS CA . 5.79 -2.51 42.33
C4 AGS CA . 4.64 -3.21 42.39
HOG2 AGS CA . 0.51 -16.96 40.48
H5'1 AGS CA . 4.07 -9.52 44.26
H5'2 AGS CA . 3.03 -8.10 44.10
H4' AGS CA . 5.78 -8.46 42.85
H3' AGS CA . 4.81 -7.44 45.36
HO3' AGS CA . 7.07 -7.36 45.72
H2' AGS CA . 4.65 -5.26 44.81
HO2' AGS CA . 6.82 -5.13 45.62
H1' AGS CA . 6.19 -5.42 42.30
H8 AGS CA . 2.47 -5.55 42.67
HN61 AGS CA . 2.33 0.63 41.66
HN62 AGS CA . 1.41 -0.86 41.86
H2 AGS CA . 6.73 -0.66 42.08
MG MG DA . -2.03 -14.32 44.08
PG AGS EA . 23.83 -28.33 21.41
S1G AGS EA . 24.54 -28.72 23.31
O2G AGS EA . 22.28 -27.91 21.52
O3G AGS EA . 23.99 -29.53 20.56
PB AGS EA . 25.73 -26.39 21.74
O1B AGS EA . 25.10 -25.14 22.32
O2B AGS EA . 26.36 -27.41 22.64
O3B AGS EA . 24.65 -27.11 20.80
PA AGS EA . 28.33 -25.85 21.30
O1A AGS EA . 28.30 -24.92 22.49
O2A AGS EA . 28.83 -27.26 21.49
O3A AGS EA . 26.86 -25.92 20.71
O5' AGS EA . 29.18 -25.15 20.14
C5' AGS EA . 30.18 -24.21 20.52
C4' AGS EA . 31.12 -23.91 19.37
O4' AGS EA . 30.97 -22.54 19.01
C3' AGS EA . 32.54 -24.14 19.78
O3' AGS EA . 33.22 -24.91 18.79
C2' AGS EA . 33.14 -22.77 19.91
O2' AGS EA . 34.48 -22.70 19.41
C1' AGS EA . 32.21 -21.85 19.13
N9 AGS EA . 32.04 -20.58 19.87
C8 AGS EA . 30.90 -20.11 20.40
N7 AGS EA . 31.10 -18.92 21.01
C5 AGS EA . 32.40 -18.62 20.86
C6 AGS EA . 33.28 -17.50 21.27
N6 AGS EA . 32.79 -16.45 21.97
N1 AGS EA . 34.58 -17.57 20.91
C2 AGS EA . 35.08 -18.60 20.22
N3 AGS EA . 34.32 -19.64 19.82
C4 AGS EA . 33.01 -19.71 20.11
HOG2 AGS EA . 21.67 -28.48 22.02
H5'1 AGS EA . 30.71 -24.59 21.37
H5'2 AGS EA . 29.69 -23.27 20.81
H4' AGS EA . 30.89 -24.56 18.53
H3' AGS EA . 32.60 -24.66 20.74
HO3' AGS EA . 34.09 -25.16 19.14
H2' AGS EA . 33.10 -22.46 20.97
HO2' AGS EA . 35.05 -23.24 19.98
H1' AGS EA . 32.64 -21.65 18.14
H8 AGS EA . 29.96 -20.62 20.36
HN61 AGS EA . 33.41 -15.70 22.23
HN62 AGS EA . 31.81 -16.41 22.22
H2 AGS EA . 36.12 -18.60 19.97
MG MG FA . 24.60 -28.92 25.52
#